data_7SGL
#
_entry.id   7SGL
#
_cell.length_a   1.00
_cell.length_b   1.00
_cell.length_c   1.00
_cell.angle_alpha   90.00
_cell.angle_beta   90.00
_cell.angle_gamma   90.00
#
_symmetry.space_group_name_H-M   'P 1'
#
loop_
_entity.id
_entity.type
_entity.pdbx_description
1 polymer 'DNA-dependent protein kinase catalytic subunit'
2 polymer 'X-ray repair cross-complementing protein 6'
3 polymer 'X-ray repair cross-complementing protein 5'
4 polymer 'Protein artemis'
5 polymer Hairpin_1
6 non-polymer 'MAGNESIUM ION'
7 non-polymer "ADENOSINE-5'-TRIPHOSPHATE"
8 non-polymer 'INOSITOL HEXAKISPHOSPHATE'
9 non-polymer 'ZINC ION'
#
loop_
_entity_poly.entity_id
_entity_poly.type
_entity_poly.pdbx_seq_one_letter_code
_entity_poly.pdbx_strand_id
1 'polypeptide(L)'
;MAGSGAGVRCSLLRLQETLSAADRCGAALAGHQLIRGLGQECVLSSSPAVLALQTSLVFSRDFGLLVFVRKSLNSIEFRE
CREEILKFLCIFLEKMGQKIAPYSVEIKNTCTSVYTKDRAAKCKIPALDLLIKLLQTFRSSRLMDEFKIGELFSKFYGEL
ALKKKIPDTVLEKVYELLGLLGEVHPSEMINNAENLFRAFLGELKTQMTSAVREPKLPVLAGCLKGLSSLLCNFTKSMEE
DPQTSREIFNFVLKAIRPQIDLKRYAVPSAGLRLFALHASQFSTCLLDNYVSLFEVLLKWCAHTNVELKKAALSALESFL
KQVSNMVAKNAEMHKNKLQYFMEQFYGIIRNVDSNNKELSIAIRGYGLFAGPCKVINAKDVDFMYVELIQRCKQMFLTQT
DTGDDRVYQMPSFLQSVASVLLYLDTVPEVYTPVLEHLVVMQIDSFPQYSPKMQLVCCRAIVKVFLALAAKGPVLRNCIS
TVVHQGLIRICSKPVVLPKGPESESEDHRASGEVRTGKWKVPTYKDYVDLFRHLLSSDQMMDSILADEAFFSVNSSSESL
NHLLYDEFVKSVLKIVEKLDLTLEIQTVGEQENGDEAPGVWMIPTSDPAANLHPAKPKDFSAFINLVEFCREILPEKQAE
FFEPWVYSFSYELILQSTRLPLISGFYKLLSITVRNAKKIKYFEGVSPKSLKHSPEDPEKYSCFALFVKFGKEVAVKMKQ
YKDELLASCLTFLLSLPHNIIELDVRAYVPALQMAFKLGLSYTPLAEVGLNALEEWSIYIDRHVMQPYYKDILPCLDGYL
KTSALSDETKNNWEVSALSRAAQKGFNKVVLKHLKKTKNLSSNEAISLEEIRIRVVQMLGSLGGQINKNLLTVTSSDEMM
KSYVAWDREKRLSFAVPFREMKPVIFLDVFLPRVTELALTASDRQTKVAACELLHSMVMFMLGKATQMPEGGQGAPPMYQ
LYKRTFPVLLRLACDVDQVTRQLYEPLVMQLIHWFTNNKKFESQDTVALLEAILDGIVDPVDSTLRDFCGRCIREFLKWS
IKQITPQQQEKSPVNTKSLFKRLYSLALHPNAFKRLGASLAFNNIYREFREEESLVEQFVFEALVIYMESLALAHADEKS
LGTIQQCCDAIDHLCRIIEKKHVSLNKAKKRRLPRGFPPSASLCLLDLVKWLLAHCGRPQTECRHKSIELFYKFVPLLPG
NRSPNLWLKDVLKEEGVSFLINTFEGGGCGQPSGILAQPTLLYLRGPFSLQATLCWLDLLLAALECYNTFIGERTVGALQ
VLGTEAQSSLLKAVAFFLESIAMHDIIAAEKCFGTGAAGNRTSPQEGERYNYSKCTVVVRIMEFTTTLLNTSPEGWKLLK
KDLCNTHLMRVLVQTLCEPASIGFNIGDVQVMAHLPDVCVNLMKALKMSPYKDILETHLREKITAQSIEELCAVNLYGPD
AQVDRSRLAAVVSACKQLHRAGLLHNILPSQSTDLHHSVGTELLSLVYKGIAPGDERQCLPSLDLSCKQLASGLLELAFA
FGGLCERLVSLLLNPAVLSTASLGSSQGSVIHFSHGEYFYSLFSETINTELLKNLDLAVLELMQSSVDNTKMVSAVLNGM
LDQSFRERANQKHQGLKLATTILQHWKKCDSWWAKDSPLETKMAVLALLAKILQIDSSVSFNTSHGSFPEVFTTYISLLA
DTKLDLHLKGQAVTLLPFFTSLTGGSLEELRRVLEQLIVAHFPMQSREFPPGTPRFNNYVDCMKKFLDALELSQSPMLLE
LMTEVLCREQQHVMEELFQSSFRRIARRGSCVTQVGLLESVYEMFRKDDPRLSFTRQSFVDRSLLTLLWHCSLDALREFF
STIVVDAIDVLKSRFTKLNESTFDTQITKKMGYYKILDVMYSRLPKDDVHAKESKINQVFHGSCITEGNELTKTLIKLCY
DAFTENMAGENQLLERRRLYHCAAYNCAISVICCVFNELKFYQGFLFSEKPEKNLLIFENLIDLKRRYNFPVEVEVPMER
KKKYIEIRKEAREAANGDSDGPSYMSSLSYLADSTLSEEMSQFDFSTGVQSYSYSSQDPRPATGRFRRREQRDPTVHDDV
LELEMDELNRHECMAPLTALVKHMHRSLGPPQGEEDSVPRDLPSWMKFLHGKLGNPIVPLNIRLFLAKLVINTEEVFRPY
AKHWLSPLLQLAASENNGGEGIHYMVVEIVATILSWTGLATPTGVPKDEVLANRLLNFLMKHVFHPKRAVFRHNLEIIKT
LVECWKDCLSIPYRLIFEKFSGKDPNSKDNSVGIQLLGIVMANDLPPYDPQCGIQSSEYFQALVNNMSFVRYKEVYAAAA
EVLGLILRYVMERKNILEESLCELVAKQLKQHQNTMEDKFIVCLNKVTKSFPPLADRFMNAVFFLLPKFHGVLKTLCLEV
VLCRVEGMTELYFQLKSKDFVQVMRHRDDERQKVCLDIIYKMMPKLKPVELRELLNPVVEFVSHPSTTCREQMYNILMWI
HDNYRDPESETDNDSQEIFKLAKDVLIQGLIDENPGLQLIIRNFWSHETRLPSNTLDRLLALNSLYSPKIEVHFLSLATN
FLLEMTSMSPDYPNPMFEHPLSECEFQEYTIDSDWRFRSTVLTPMFVE(TPO)QASQGTLQTRTQEGSLSARWPVAGQIR
A(TPO)QQQHDF(TPO)L(TPO)QTADGRSSFDWLTGSSTDPLVDHTSPSSDSLLFAHKRSERLQRAPLKSVGPDFGKKR
LGLPGDEVDNKVKGAAGRTDLLRLRRRFMRDQEKLSLMYARKGVAEQKREKEIKSELKMKQDAQVVLYRSYRHGDLPDIQ
IKHSSLITPLQAVAQRDPIIAKQLFSSLFSGILKEMDKFKTLSEKNNITQKLLQDFNRFLNTTFSFFPPFVSCIQDISCQ
HAALLSLDPAAVSAGCLASLQQPVGIRLLEEALLRLLPAELPAKRVRGKARLPPDVLRWVELAKLYRSIGEYDVLRGIFT
SEIGTKQITQSALLAEARSDYSEAAKQYDEALNKQDWVDGEPTEAEKDFWELASLDCYNHLAEWKSLEYCSTASIDSENP
PDLNKIWSEPFYQETYLPYMIRSKLKLLLQGEADQSLLTFIDKAMHGELQKAILELHYSQELSLLYLLQDDVDRAKYYIQ
NGIQSFMQNYSSIDVLLHQSRLTKLQSVQALTEIQEFISFISKQGNLSSQVPLKRLLNTWTNRYPDAKMDPMNIWDDIIT
NRCFFLSKIEEKLTPLPEDNSMNVDQDGDPSDRMEVQEQEEDISSLIRSCKFSMKMKMIDSARKQNNFSLAMKLLKELHK
ESKTRDDWLVSWVQSYCRLSHCRSRSQGCSEQVLTVLKTVSLLDENNVSSYLSKNILAFRDQNILLGTTYRIIANALSSE
PACLAEIEEDKARRILELSGSSSEDSEKVIAGLYQRAFQHLSEAVQAAEEEAQPPSWSCGPAAGVIDAYMTLADFCDQQL
RKEEENASVIDSAELQAYPALVVEKMLKALKLNSNEARLKFPRLLQIIERYPEETLSLMTKEISSVPCWQFISWISHMVA
LLDKDQAVAVQHSVEEITDNYPQAIVYPFIISSESYSFKDTSTGHKNKEFVARIKSKLDQGGVIQDFINALDQLSNPELL
FKDWSNDVRAELAKTPVNKKNIEKMYERMYAALGDPKAPGLGAFRRKFIQTFGKEFDKHFGKGGSKLLRMKLSDFNDITN
MLLLKMNKDSKPPGNLKECSPWMSDFKVEFLRNELEIPGQYDGRGKPLPEYHVRIAGFDERVTVMASLRRPKRIIIRGHD
EREHPFLVKGGEDLRQDQRVEQLFQVMNGILAQDSACSQRALQLRTYSVVPMTSRLGLIEWLENTVTLKDLLLNTMSQEE
KAAYLSDPRAPPCEYKDWLTKMSGKHDVGAYMLMYKGANRTETVTSFRKRESKVPADLLKRAFVRMSTSPEAFLALRSHF
ASSHALICISHWILGIGDRHLNNFMVAMETGGVIGIDFGHAFGSATQFLPVPELMPFRLTRQFINLMLPMKETGLMYSIM
VHALRAFRSDPGLLTNTMDVFVKEPSFDWKNFEQKMLKKGGSWIQEINVAEKNWYPRQKICYAKRKLAGANPAVITCDEL
LLGHEKAPAFRDYVAVARGSKDHNIRAQEPESGLSEETQVKCLMDQATDPNILGRTWEGWEPWM
;
A
2 'polypeptide(L)'
;GPVMSGWESYYKTEGDEEAEEEQEENLEASGDYKYSGRDSLIFLVDASKAMFESQSEDELTPFDMSIQCIQSVYISKIIS
SDRDLLAVVFYGTEKDKNSVNFKNIYVLQELDNPGAKRILELDQFKGQQGQKRFQDMMGHGSDYSLSEVLWVCANLFSDV
QFKMSHKRIMLFTNEDNPHGNDSAKASRARTKAGDLRDTGIFLDLMHLKKPGGFDISLFYRDIISIAEDEDLRVHFEESS
KLEDLLRKVRAKETRKRALSRLKLKLNKDIVISVGIYNLVQKALKPPPIKLYRETNEPVKTKTRTFNTSTGGLLLPSDTK
RSQIYGSRQIILEKEETEELKRFDDPGLMLMGFKPLVLLKKHHYLRPSLFVYPEESLVIGSSTLFSALLIKCLEKEVAAL
CRYTPRRNIPPYFVALVPQEEELDDQKIQVTPPGFQLVFLPFADDKRKMPFTEKIMATPEQVGKMKAIVEKLRFTYRSDS
FENPVLQQHFRNLEALALDLMEPEQAVDLTLPKVEAMNKRLGSLVDEFKELVYPPDYNPEGKVTKRKHDNEGSGSKRPKV
EYSEEELKTHISKGTLGKFTVPMLKEACRAYGLKSGLKKQELLEALTKHFQD
;
B
3 'polypeptide(L)'
;MVRSGNKAAVVLCMDVGFTMSNSIPGIESPFEQAKKVITMFVQRQVFAENKDEIALVLFGTDGTDNPLSGGDQYQNITVH
RHLMLPDFDLLEDIESKIQPGSQQADFLDALIVSMDVIQHETIGKKFEKRHIEIFTDLSSRFSKSQLDIIIHSLKKCDIS
LQFFLPFSLGKEDGSGDRGDGPFRLGGHGPSFPLKGITEQQKEGLEIVKMVMISLEGEDGLDEIYSFSESLRKLCVFKKI
ERHSIHWPCRLTIGSNLSIRIAAYKSILQERVKKTWTVVDAKTLKKEDIQKETVYCLNDDDETEVLKEDIIQGFRYGSDI
VPFSKVDEEQMKYKSEGKCFSVLGFCKSSQVQRRFFMGNQVLKVFAARDDEAAAVALSSLIHALDDLDMVAIVRYAYDKR
ANPQVGVAFPHIKHNYECLVYVQLPFMEDLRQYMFSSLKNSKKYAPTEAQLNAVDALIDSMSLAKKDEKTDTLEDLFPTT
KIPNPRFQRLFQCLLHRALHPREPLPPIQQHIWNMLNPPAEVTTKSQIPLSKIKTLFPLIEAKKKDQVTAQEIFQDNHED
GPTAKKLKTEQGGAHFSVSSLAEGSVTSVGSVNPAENFRVLVKQKKASFEEASNQLINHIEQFLDTNETPYFMKSIDCIR
AFREEAIKFSEEQRFNNFLKALQEKVEIKQLNHFWEIVVQDGITLITKEEASGSSVTAEEAKKFLAPKDKPSGDTAAVFE
EGGDVDDLLDMI
;
C
4 'polypeptide(L)'
;MSSFEGQMAEYPTISIDRFDRENLRARAYFLSHCHKDHMKGLRAPTLKRRLECSLKVYLYCSPVTKELLLTSPKYRFWKK
RIISIEIETPTQISLVDEASGEKEEIVVTLLPAGHCPGSVMFLFQGNNGTVLYTGDFRLAQGEAARMELLHSGGRVKDIQ
SVYLDTTFCDPRFYQIPSREECLSGVLELVRSWITRSPYHVVWLNCKAAYGYEYLFTNLSEELGVQVHVNKLDMFRNMPE
ILHHLTTDRNTQIHACRHPKAEEYFQWSKLPCGITSRNRIPLHIISIKPSTMWFGERSRKTNVIVRTGESSYRACFSFHS
SYSEIKDFLSYLCPVNAYPNVIPVGTTMDKVVEILKPLCRSSQSTEPKYKPLGKLKRARTVHRDSEEEDDYLFDDPLPIP
LRHKVPYPETFHPEVFSMTAVSEKQPEKLRQTPGCCRAECMQSSRFTNFVDCEESNSESEEEVGIPASLQGDLGSVLHLQ
KADGDVPQWEVFFKRNDEITDESLENFPSSTVAGGSQSPKLFSDSDGESTHISSQNSSQSTHITEQGSQGWDSQSDTVLL
SSQERNSGDITSLDKADYRPTIKENIPASLMEQNVICPKDTYSDLKSRDKDVTIVPSTGEPTTLSSETHIPEEKSLLNLS
TNADSQSSSDFEVPSTPEAELPKREHLQYLYEKLATGESIAVKKRKCSLLDTAAALEVLFQ
;
D
5 'polydeoxyribonucleotide'
;(DT)(DC)(DA)(DG)(DA)(DA)(DG)(DC)(DA)(DG)(DT)(DA)(DG)(DA)(DG)(DC)(DA)(DT)(DG)(DC)
(DA)(DT)(DA)(DT)(DA)(DT)(DG)(DC)(DA)(DT)(DG)(DC)(DT)(DC)(DT)(DA)(DC)(DT)(DG)(DC)
(DT)(DT)(DC)(DT)(DG)(DA)(DC)(DG)(DA)(DT)(DA)(DT)(DC)(DG)
;
E,F
#
# COMPACT_ATOMS: atom_id res chain seq x y z
N MET A 1 -30.37 -0.41 -25.57
CA MET A 1 -31.70 -0.09 -25.07
C MET A 1 -31.61 0.93 -23.95
N ALA A 2 -32.71 1.68 -23.74
CA ALA A 2 -32.72 2.72 -22.72
C ALA A 2 -32.54 2.17 -21.31
N GLY A 3 -32.77 0.87 -21.11
CA GLY A 3 -32.58 0.28 -19.80
C GLY A 3 -31.12 0.02 -19.47
N SER A 4 -30.30 1.06 -19.53
CA SER A 4 -28.87 0.94 -19.29
C SER A 4 -28.51 1.02 -17.82
N GLY A 5 -29.44 1.38 -16.94
CA GLY A 5 -29.16 1.34 -15.52
C GLY A 5 -28.80 -0.06 -15.04
N ALA A 6 -29.59 -1.05 -15.44
CA ALA A 6 -29.28 -2.45 -15.21
C ALA A 6 -28.94 -3.06 -16.57
N GLY A 7 -27.63 -3.19 -16.85
CA GLY A 7 -27.20 -3.66 -18.15
C GLY A 7 -27.69 -5.06 -18.48
N VAL A 8 -28.01 -5.85 -17.46
CA VAL A 8 -28.51 -7.20 -17.70
C VAL A 8 -29.84 -7.16 -18.43
N ARG A 9 -30.72 -6.23 -18.05
CA ARG A 9 -32.05 -6.17 -18.65
C ARG A 9 -31.97 -5.76 -20.11
N CYS A 10 -31.19 -4.73 -20.42
CA CYS A 10 -31.05 -4.30 -21.81
C CYS A 10 -30.32 -5.34 -22.64
N SER A 11 -29.35 -6.05 -22.04
CA SER A 11 -28.69 -7.13 -22.75
C SER A 11 -29.67 -8.24 -23.09
N LEU A 12 -30.55 -8.59 -22.15
CA LEU A 12 -31.56 -9.61 -22.41
C LEU A 12 -32.54 -9.15 -23.47
N LEU A 13 -32.92 -7.88 -23.45
CA LEU A 13 -33.83 -7.35 -24.48
C LEU A 13 -33.19 -7.40 -25.86
N ARG A 14 -31.92 -7.02 -25.97
CA ARG A 14 -31.24 -7.08 -27.27
C ARG A 14 -31.06 -8.52 -27.72
N LEU A 15 -30.77 -9.43 -26.79
CA LEU A 15 -30.68 -10.85 -27.15
C LEU A 15 -32.02 -11.39 -27.63
N GLN A 16 -33.12 -10.94 -27.03
CA GLN A 16 -34.43 -11.39 -27.47
C GLN A 16 -34.77 -10.82 -28.86
N GLU A 17 -34.44 -9.55 -29.09
CA GLU A 17 -34.68 -8.96 -30.40
C GLU A 17 -33.76 -9.54 -31.47
N THR A 18 -32.63 -10.14 -31.07
CA THR A 18 -31.73 -10.77 -32.03
C THR A 18 -32.42 -11.86 -32.83
N LEU A 19 -33.28 -12.66 -32.19
CA LEU A 19 -33.95 -13.78 -32.84
C LEU A 19 -34.82 -13.34 -34.01
N SER A 20 -35.15 -12.06 -34.12
CA SER A 20 -35.96 -11.56 -35.22
C SER A 20 -35.14 -10.91 -36.33
N ALA A 21 -33.82 -11.01 -36.28
CA ALA A 21 -32.95 -10.39 -37.28
C ALA A 21 -32.69 -11.36 -38.43
N ALA A 22 -33.79 -11.89 -38.97
CA ALA A 22 -33.81 -12.76 -40.14
C ALA A 22 -33.01 -14.05 -39.96
N ASP A 23 -32.59 -14.36 -38.73
CA ASP A 23 -31.82 -15.57 -38.43
C ASP A 23 -30.56 -15.66 -39.30
N ARG A 24 -29.69 -14.69 -39.10
CA ARG A 24 -28.43 -14.58 -39.84
C ARG A 24 -27.26 -14.89 -38.92
N CYS A 25 -26.09 -15.08 -39.54
CA CYS A 25 -24.90 -15.42 -38.76
C CYS A 25 -24.38 -14.22 -37.98
N GLY A 26 -24.44 -13.02 -38.58
CA GLY A 26 -24.04 -11.84 -37.84
C GLY A 26 -24.89 -11.60 -36.61
N ALA A 27 -26.20 -11.84 -36.72
CA ALA A 27 -27.07 -11.77 -35.56
C ALA A 27 -26.65 -12.82 -34.51
N ALA A 28 -26.24 -14.01 -34.97
CA ALA A 28 -25.78 -15.03 -34.04
C ALA A 28 -24.53 -14.58 -33.31
N LEU A 29 -23.60 -13.93 -34.02
CA LEU A 29 -22.39 -13.45 -33.38
C LEU A 29 -22.70 -12.34 -32.37
N ALA A 30 -23.58 -11.41 -32.74
CA ALA A 30 -23.98 -10.36 -31.82
C ALA A 30 -24.65 -10.94 -30.58
N GLY A 31 -25.51 -11.95 -30.77
CA GLY A 31 -26.15 -12.59 -29.63
C GLY A 31 -25.17 -13.31 -28.73
N HIS A 32 -24.19 -13.99 -29.33
CA HIS A 32 -23.16 -14.66 -28.53
C HIS A 32 -22.35 -13.65 -27.73
N GLN A 33 -22.01 -12.52 -28.35
CA GLN A 33 -21.28 -11.48 -27.63
C GLN A 33 -22.10 -10.92 -26.47
N LEU A 34 -23.39 -10.67 -26.71
CA LEU A 34 -24.26 -10.17 -25.65
C LEU A 34 -24.40 -11.19 -24.52
N ILE A 35 -24.48 -12.47 -24.88
CA ILE A 35 -24.59 -13.52 -23.88
C ILE A 35 -23.33 -13.57 -23.02
N ARG A 36 -22.16 -13.55 -23.64
CA ARG A 36 -20.91 -13.56 -22.88
C ARG A 36 -20.80 -12.33 -22.00
N GLY A 37 -21.22 -11.17 -22.51
CA GLY A 37 -21.18 -9.95 -21.71
C GLY A 37 -22.06 -10.02 -20.49
N LEU A 38 -23.34 -10.42 -20.68
CA LEU A 38 -24.23 -10.53 -19.54
C LEU A 38 -23.78 -11.61 -18.56
N GLY A 39 -23.16 -12.69 -19.07
CA GLY A 39 -22.67 -13.72 -18.18
C GLY A 39 -21.52 -13.23 -17.31
N GLN A 40 -20.51 -12.62 -17.94
CA GLN A 40 -19.39 -12.09 -17.16
C GLN A 40 -19.83 -10.93 -16.27
N GLU A 41 -20.94 -10.27 -16.58
CA GLU A 41 -21.46 -9.22 -15.70
C GLU A 41 -22.13 -9.83 -14.48
N CYS A 42 -22.99 -10.84 -14.70
CA CYS A 42 -23.68 -11.48 -13.60
C CYS A 42 -22.74 -12.29 -12.70
N VAL A 43 -21.59 -12.72 -13.23
CA VAL A 43 -20.64 -13.48 -12.42
C VAL A 43 -19.90 -12.59 -11.44
N LEU A 44 -19.49 -11.39 -11.86
CA LEU A 44 -18.70 -10.54 -10.98
C LEU A 44 -19.55 -9.91 -9.88
N SER A 45 -20.87 -10.00 -9.99
CA SER A 45 -21.76 -9.41 -8.98
C SER A 45 -21.56 -10.11 -7.64
N SER A 46 -21.50 -9.31 -6.58
CA SER A 46 -21.26 -9.82 -5.22
C SER A 46 -22.32 -9.39 -4.23
N SER A 47 -22.91 -8.21 -4.39
CA SER A 47 -23.93 -7.75 -3.46
C SER A 47 -25.19 -8.59 -3.60
N PRO A 48 -25.78 -9.05 -2.50
CA PRO A 48 -26.92 -9.97 -2.62
C PRO A 48 -28.17 -9.33 -3.21
N ALA A 49 -28.38 -8.03 -3.04
CA ALA A 49 -29.56 -7.38 -3.59
C ALA A 49 -29.53 -7.36 -5.11
N VAL A 50 -28.45 -6.80 -5.68
CA VAL A 50 -28.31 -6.80 -7.13
C VAL A 50 -28.17 -8.22 -7.65
N LEU A 51 -27.66 -9.14 -6.83
CA LEU A 51 -27.56 -10.53 -7.24
C LEU A 51 -28.95 -11.14 -7.42
N ALA A 52 -29.84 -10.91 -6.45
CA ALA A 52 -31.22 -11.39 -6.58
C ALA A 52 -31.93 -10.70 -7.74
N LEU A 53 -31.67 -9.40 -7.94
CA LEU A 53 -32.25 -8.70 -9.07
C LEU A 53 -31.84 -9.35 -10.38
N GLN A 54 -30.55 -9.65 -10.53
CA GLN A 54 -30.06 -10.26 -11.77
C GLN A 54 -30.60 -11.68 -11.94
N THR A 55 -30.67 -12.47 -10.86
CA THR A 55 -31.18 -13.82 -11.00
C THR A 55 -32.68 -13.84 -11.25
N SER A 56 -33.38 -12.76 -10.90
CA SER A 56 -34.79 -12.65 -11.27
C SER A 56 -34.95 -12.17 -12.70
N LEU A 57 -34.02 -11.34 -13.18
CA LEU A 57 -34.09 -10.84 -14.55
C LEU A 57 -33.76 -11.95 -15.55
N VAL A 58 -32.69 -12.70 -15.30
CA VAL A 58 -32.24 -13.69 -16.27
C VAL A 58 -33.19 -14.87 -16.37
N PHE A 59 -34.00 -15.10 -15.34
CA PHE A 59 -34.95 -16.21 -15.35
C PHE A 59 -36.39 -15.74 -15.52
N SER A 60 -36.61 -14.54 -16.06
CA SER A 60 -37.96 -14.06 -16.29
C SER A 60 -38.61 -14.85 -17.42
N ARG A 61 -39.94 -14.87 -17.43
CA ARG A 61 -40.70 -15.64 -18.41
C ARG A 61 -41.02 -14.86 -19.67
N ASP A 62 -40.42 -13.70 -19.88
CA ASP A 62 -40.66 -12.90 -21.08
C ASP A 62 -39.40 -12.71 -21.92
N PHE A 63 -38.28 -12.32 -21.30
CA PHE A 63 -37.02 -12.16 -22.02
C PHE A 63 -35.89 -12.94 -21.35
N GLY A 64 -36.22 -13.98 -20.60
CA GLY A 64 -35.21 -14.76 -19.92
C GLY A 64 -34.41 -15.65 -20.87
N LEU A 65 -33.46 -16.38 -20.29
CA LEU A 65 -32.62 -17.26 -21.09
C LEU A 65 -33.35 -18.54 -21.47
N LEU A 66 -34.20 -19.05 -20.59
CA LEU A 66 -34.91 -20.29 -20.87
C LEU A 66 -35.88 -20.11 -22.03
N VAL A 67 -36.66 -19.03 -22.02
CA VAL A 67 -37.58 -18.76 -23.13
C VAL A 67 -36.80 -18.44 -24.39
N PHE A 68 -35.61 -17.87 -24.25
CA PHE A 68 -34.77 -17.61 -25.42
C PHE A 68 -34.31 -18.91 -26.07
N VAL A 69 -33.89 -19.89 -25.26
CA VAL A 69 -33.43 -21.16 -25.81
C VAL A 69 -34.60 -21.96 -26.37
N ARG A 70 -35.75 -21.90 -25.68
CA ARG A 70 -36.91 -22.67 -26.12
C ARG A 70 -37.41 -22.22 -27.49
N LYS A 71 -37.28 -20.92 -27.80
CA LYS A 71 -37.70 -20.40 -29.09
C LYS A 71 -36.59 -20.41 -30.14
N SER A 72 -35.33 -20.55 -29.72
CA SER A 72 -34.21 -20.61 -30.66
C SER A 72 -33.71 -22.03 -30.91
N LEU A 73 -34.40 -23.04 -30.37
CA LEU A 73 -33.97 -24.41 -30.57
C LEU A 73 -34.23 -24.91 -31.99
N ASN A 74 -35.16 -24.28 -32.70
CA ASN A 74 -35.45 -24.64 -34.09
C ASN A 74 -34.51 -23.99 -35.08
N SER A 75 -33.53 -23.22 -34.62
CA SER A 75 -32.58 -22.52 -35.48
C SER A 75 -31.20 -23.10 -35.24
N ILE A 76 -30.59 -23.65 -36.30
CA ILE A 76 -29.25 -24.23 -36.18
C ILE A 76 -28.19 -23.16 -36.12
N GLU A 77 -28.51 -21.92 -36.49
CA GLU A 77 -27.53 -20.86 -36.52
C GLU A 77 -27.10 -20.41 -35.13
N PHE A 78 -27.90 -20.72 -34.11
CA PHE A 78 -27.61 -20.31 -32.73
C PHE A 78 -27.12 -21.46 -31.87
N ARG A 79 -26.31 -22.35 -32.44
CA ARG A 79 -25.79 -23.48 -31.66
C ARG A 79 -24.83 -23.00 -30.57
N GLU A 80 -23.86 -22.16 -30.94
CA GLU A 80 -22.91 -21.64 -29.96
C GLU A 80 -23.62 -20.78 -28.91
N CYS A 81 -24.69 -20.08 -29.30
CA CYS A 81 -25.42 -19.26 -28.35
C CYS A 81 -26.06 -20.11 -27.25
N ARG A 82 -26.74 -21.18 -27.64
CA ARG A 82 -27.36 -22.06 -26.65
C ARG A 82 -26.31 -22.74 -25.78
N GLU A 83 -25.18 -23.10 -26.37
CA GLU A 83 -24.10 -23.71 -25.60
C GLU A 83 -23.57 -22.75 -24.54
N GLU A 84 -23.31 -21.50 -24.93
CA GLU A 84 -22.84 -20.52 -23.96
C GLU A 84 -23.90 -20.22 -22.91
N ILE A 85 -25.18 -20.23 -23.30
CA ILE A 85 -26.26 -20.04 -22.34
C ILE A 85 -26.24 -21.15 -21.30
N LEU A 86 -26.12 -22.39 -21.75
CA LEU A 86 -26.11 -23.52 -20.81
C LEU A 86 -24.87 -23.49 -19.93
N LYS A 87 -23.72 -23.10 -20.47
CA LYS A 87 -22.52 -22.99 -19.65
C LYS A 87 -22.67 -21.90 -18.59
N PHE A 88 -23.23 -20.75 -18.97
CA PHE A 88 -23.46 -19.69 -17.99
C PHE A 88 -24.47 -20.12 -16.94
N LEU A 89 -25.49 -20.87 -17.33
CA LEU A 89 -26.46 -21.35 -16.36
C LEU A 89 -25.83 -22.35 -15.39
N CYS A 90 -24.94 -23.20 -15.89
CA CYS A 90 -24.22 -24.12 -15.00
C CYS A 90 -23.34 -23.34 -14.02
N ILE A 91 -22.61 -22.34 -14.51
CA ILE A 91 -21.77 -21.53 -13.63
C ILE A 91 -22.62 -20.80 -12.60
N PHE A 92 -23.80 -20.32 -13.02
CA PHE A 92 -24.67 -19.60 -12.10
C PHE A 92 -25.21 -20.52 -11.02
N LEU A 93 -25.67 -21.72 -11.41
CA LEU A 93 -26.12 -22.70 -10.43
C LEU A 93 -24.98 -23.08 -9.48
N GLU A 94 -23.75 -23.13 -9.98
CA GLU A 94 -22.61 -23.34 -9.09
C GLU A 94 -22.44 -22.18 -8.13
N LYS A 95 -22.72 -20.95 -8.59
CA LYS A 95 -22.55 -19.79 -7.73
C LYS A 95 -23.63 -19.72 -6.66
N MET A 96 -24.89 -19.67 -7.06
CA MET A 96 -26.03 -19.66 -6.13
C MET A 96 -26.75 -21.00 -6.27
N GLY A 97 -26.36 -21.96 -5.45
CA GLY A 97 -26.93 -23.29 -5.50
C GLY A 97 -28.38 -23.37 -5.07
N GLN A 98 -28.64 -23.12 -3.79
CA GLN A 98 -29.99 -23.27 -3.26
C GLN A 98 -30.87 -22.05 -3.53
N LYS A 99 -30.30 -20.96 -4.04
CA LYS A 99 -31.10 -19.76 -4.26
C LYS A 99 -32.09 -19.94 -5.40
N ILE A 100 -31.83 -20.88 -6.31
CA ILE A 100 -32.75 -21.13 -7.42
C ILE A 100 -33.78 -22.16 -6.97
N ALA A 101 -34.78 -21.73 -6.23
CA ALA A 101 -35.86 -22.60 -5.78
C ALA A 101 -36.96 -22.79 -6.82
N PRO A 102 -37.51 -21.72 -7.42
CA PRO A 102 -38.68 -21.92 -8.30
C PRO A 102 -38.33 -22.23 -9.74
N TYR A 103 -37.12 -21.88 -10.20
CA TYR A 103 -36.75 -22.04 -11.60
C TYR A 103 -36.12 -23.40 -11.89
N SER A 104 -35.97 -24.26 -10.89
CA SER A 104 -35.30 -25.54 -11.10
C SER A 104 -36.09 -26.44 -12.02
N VAL A 105 -37.41 -26.47 -11.86
CA VAL A 105 -38.25 -27.31 -12.71
C VAL A 105 -38.19 -26.84 -14.16
N GLU A 106 -38.24 -25.53 -14.38
CA GLU A 106 -38.15 -25.01 -15.74
C GLU A 106 -36.78 -25.24 -16.34
N ILE A 107 -35.72 -25.14 -15.55
CA ILE A 107 -34.38 -25.42 -16.05
C ILE A 107 -34.26 -26.89 -16.45
N LYS A 108 -34.82 -27.78 -15.63
CA LYS A 108 -34.80 -29.20 -15.97
C LYS A 108 -35.59 -29.48 -17.25
N ASN A 109 -36.76 -28.83 -17.40
CA ASN A 109 -37.55 -29.01 -18.60
C ASN A 109 -36.82 -28.52 -19.84
N THR A 110 -36.16 -27.35 -19.73
CA THR A 110 -35.39 -26.84 -20.86
C THR A 110 -34.21 -27.74 -21.19
N CYS A 111 -33.53 -28.29 -20.18
CA CYS A 111 -32.43 -29.20 -20.43
C CYS A 111 -32.92 -30.45 -21.15
N THR A 112 -34.05 -31.01 -20.71
CA THR A 112 -34.60 -32.19 -21.37
C THR A 112 -35.01 -31.88 -22.81
N SER A 113 -35.61 -30.71 -23.03
CA SER A 113 -36.04 -30.35 -24.38
C SER A 113 -34.84 -30.15 -25.30
N VAL A 114 -33.76 -29.53 -24.79
CA VAL A 114 -32.56 -29.35 -25.58
C VAL A 114 -31.91 -30.70 -25.88
N TYR A 115 -31.92 -31.61 -24.90
CA TYR A 115 -31.33 -32.93 -25.12
C TYR A 115 -32.13 -33.73 -26.14
N THR A 116 -33.45 -33.56 -26.16
CA THR A 116 -34.30 -34.35 -27.05
C THR A 116 -34.31 -33.79 -28.46
N LYS A 117 -34.60 -32.50 -28.61
CA LYS A 117 -34.84 -31.94 -29.94
C LYS A 117 -33.56 -31.65 -30.69
N ASP A 118 -32.45 -31.39 -29.99
CA ASP A 118 -31.19 -31.05 -30.63
C ASP A 118 -30.35 -32.30 -30.87
N ARG A 119 -29.36 -32.16 -31.75
CA ARG A 119 -28.53 -33.28 -32.17
C ARG A 119 -27.04 -33.05 -31.96
N ALA A 120 -26.58 -31.81 -31.90
CA ALA A 120 -25.15 -31.53 -31.77
C ALA A 120 -24.69 -31.80 -30.34
N ALA A 121 -23.61 -32.57 -30.20
CA ALA A 121 -23.08 -32.89 -28.88
C ALA A 121 -22.51 -31.66 -28.18
N LYS A 122 -22.03 -30.67 -28.94
CA LYS A 122 -21.50 -29.46 -28.31
C LYS A 122 -22.61 -28.67 -27.62
N CYS A 123 -23.85 -28.79 -28.09
CA CYS A 123 -25.01 -28.20 -27.44
C CYS A 123 -25.77 -29.23 -26.62
N LYS A 124 -25.16 -30.38 -26.35
CA LYS A 124 -25.79 -31.47 -25.62
C LYS A 124 -25.05 -31.86 -24.35
N ILE A 125 -23.72 -31.75 -24.32
CA ILE A 125 -22.93 -32.01 -23.12
C ILE A 125 -23.34 -31.04 -22.01
N PRO A 126 -23.42 -29.72 -22.26
CA PRO A 126 -23.91 -28.84 -21.19
C PRO A 126 -25.35 -29.10 -20.79
N ALA A 127 -26.19 -29.57 -21.73
CA ALA A 127 -27.57 -29.89 -21.41
C ALA A 127 -27.69 -31.00 -20.38
N LEU A 128 -26.69 -31.89 -20.28
CA LEU A 128 -26.66 -32.89 -19.23
C LEU A 128 -25.83 -32.47 -18.02
N ASP A 129 -24.80 -31.65 -18.25
CA ASP A 129 -24.01 -31.15 -17.11
C ASP A 129 -24.86 -30.28 -16.20
N LEU A 130 -25.73 -29.45 -16.78
CA LEU A 130 -26.60 -28.61 -15.97
C LEU A 130 -27.61 -29.44 -15.18
N LEU A 131 -28.12 -30.52 -15.78
CA LEU A 131 -29.04 -31.39 -15.07
C LEU A 131 -28.35 -32.13 -13.94
N ILE A 132 -27.11 -32.57 -14.18
CA ILE A 132 -26.33 -33.22 -13.13
C ILE A 132 -26.07 -32.25 -11.98
N LYS A 133 -25.76 -30.99 -12.31
CA LYS A 133 -25.56 -29.98 -11.28
C LYS A 133 -26.85 -29.73 -10.50
N LEU A 134 -27.98 -29.69 -11.19
CA LEU A 134 -29.28 -29.55 -10.52
C LEU A 134 -29.51 -30.68 -9.54
N LEU A 135 -29.28 -31.92 -9.98
CA LEU A 135 -29.53 -33.07 -9.12
C LEU A 135 -28.57 -33.10 -7.94
N GLN A 136 -27.32 -32.70 -8.15
CA GLN A 136 -26.36 -32.68 -7.06
C GLN A 136 -26.58 -31.53 -6.09
N THR A 137 -27.22 -30.45 -6.54
CA THR A 137 -27.46 -29.32 -5.67
C THR A 137 -28.70 -29.50 -4.81
N PHE A 138 -29.72 -30.18 -5.34
CA PHE A 138 -30.99 -30.37 -4.64
C PHE A 138 -31.22 -31.83 -4.29
N ARG A 139 -30.17 -32.52 -3.82
CA ARG A 139 -30.29 -33.94 -3.51
C ARG A 139 -31.23 -34.17 -2.33
N SER A 140 -31.09 -33.39 -1.27
CA SER A 140 -31.89 -33.58 -0.06
C SER A 140 -33.14 -32.72 -0.03
N SER A 141 -33.21 -31.70 -0.88
CA SER A 141 -34.37 -30.81 -0.88
C SER A 141 -35.62 -31.55 -1.37
N ARG A 142 -36.78 -31.00 -1.02
CA ARG A 142 -38.05 -31.59 -1.42
C ARG A 142 -38.39 -31.35 -2.88
N LEU A 143 -37.51 -30.68 -3.64
CA LEU A 143 -37.78 -30.44 -5.05
C LEU A 143 -37.61 -31.71 -5.89
N MET A 144 -37.17 -32.81 -5.28
CA MET A 144 -36.99 -34.08 -5.98
C MET A 144 -38.30 -34.77 -6.32
N ASP A 145 -39.45 -34.19 -6.00
CA ASP A 145 -40.74 -34.79 -6.32
C ASP A 145 -41.29 -34.31 -7.66
N GLU A 146 -41.09 -33.05 -8.02
CA GLU A 146 -41.55 -32.54 -9.29
C GLU A 146 -40.58 -32.81 -10.43
N PHE A 147 -39.37 -33.30 -10.13
CA PHE A 147 -38.41 -33.61 -11.18
C PHE A 147 -38.77 -34.87 -11.95
N LYS A 148 -39.60 -35.73 -11.38
CA LYS A 148 -40.01 -36.99 -12.02
C LYS A 148 -38.80 -37.85 -12.35
N ILE A 149 -38.11 -38.27 -11.29
CA ILE A 149 -36.89 -39.07 -11.45
C ILE A 149 -37.20 -40.39 -12.16
N GLY A 150 -38.36 -40.97 -11.87
CA GLY A 150 -38.73 -42.22 -12.52
C GLY A 150 -38.87 -42.09 -14.01
N GLU A 151 -39.61 -41.07 -14.46
CA GLU A 151 -39.79 -40.85 -15.89
C GLU A 151 -38.47 -40.48 -16.57
N LEU A 152 -37.63 -39.69 -15.91
CA LEU A 152 -36.34 -39.35 -16.49
C LEU A 152 -35.47 -40.59 -16.66
N PHE A 153 -35.43 -41.44 -15.63
CA PHE A 153 -34.67 -42.68 -15.73
C PHE A 153 -35.21 -43.57 -16.84
N SER A 154 -36.54 -43.66 -16.95
CA SER A 154 -37.14 -44.47 -17.99
C SER A 154 -36.76 -43.95 -19.38
N LYS A 155 -36.79 -42.63 -19.56
CA LYS A 155 -36.43 -42.04 -20.84
C LYS A 155 -34.97 -42.33 -21.19
N PHE A 156 -34.07 -42.13 -20.22
CA PHE A 156 -32.65 -42.34 -20.51
C PHE A 156 -32.33 -43.82 -20.72
N TYR A 157 -33.05 -44.71 -20.02
CA TYR A 157 -32.82 -46.14 -20.21
C TYR A 157 -33.36 -46.60 -21.56
N GLY A 158 -34.50 -46.06 -21.97
CA GLY A 158 -35.00 -46.35 -23.31
C GLY A 158 -34.09 -45.82 -24.39
N GLU A 159 -33.44 -44.67 -24.15
CA GLU A 159 -32.44 -44.18 -25.08
C GLU A 159 -31.22 -45.09 -25.11
N LEU A 160 -30.83 -45.63 -23.96
CA LEU A 160 -29.72 -46.57 -23.93
C LEU A 160 -30.03 -47.83 -24.75
N ALA A 161 -31.28 -48.29 -24.71
CA ALA A 161 -31.68 -49.47 -25.46
C ALA A 161 -32.05 -49.11 -26.88
N LEU A 162 -31.16 -48.45 -27.60
CA LEU A 162 -31.37 -48.07 -28.99
C LEU A 162 -30.17 -48.51 -29.80
N LYS A 163 -30.43 -49.14 -30.96
CA LYS A 163 -29.33 -49.60 -31.81
C LYS A 163 -28.59 -48.43 -32.44
N LYS A 164 -29.25 -47.29 -32.60
CA LYS A 164 -28.57 -46.08 -33.05
C LYS A 164 -27.59 -45.60 -31.98
N LYS A 165 -26.34 -45.43 -32.37
CA LYS A 165 -25.27 -45.11 -31.43
C LYS A 165 -25.12 -43.60 -31.29
N ILE A 166 -24.96 -43.15 -30.05
CA ILE A 166 -24.72 -41.74 -29.73
C ILE A 166 -23.23 -41.54 -29.55
N PRO A 167 -22.70 -40.31 -29.69
CA PRO A 167 -21.26 -40.11 -29.52
C PRO A 167 -20.72 -40.52 -28.15
N ASP A 168 -19.41 -40.65 -28.05
CA ASP A 168 -18.80 -41.17 -26.82
C ASP A 168 -18.94 -40.18 -25.68
N THR A 169 -18.76 -38.88 -25.96
CA THR A 169 -18.80 -37.87 -24.92
C THR A 169 -20.16 -37.74 -24.26
N VAL A 170 -21.25 -37.91 -25.00
CA VAL A 170 -22.57 -37.82 -24.41
C VAL A 170 -22.95 -39.09 -23.65
N LEU A 171 -22.40 -40.24 -24.06
CA LEU A 171 -22.68 -41.48 -23.35
C LEU A 171 -22.07 -41.45 -21.95
N GLU A 172 -20.92 -40.80 -21.80
CA GLU A 172 -20.32 -40.62 -20.48
C GLU A 172 -21.25 -39.87 -19.56
N LYS A 173 -21.80 -38.74 -20.04
CA LYS A 173 -22.71 -37.96 -19.22
C LYS A 173 -24.01 -38.71 -18.95
N VAL A 174 -24.48 -39.50 -19.92
CA VAL A 174 -25.69 -40.30 -19.71
C VAL A 174 -25.47 -41.32 -18.61
N TYR A 175 -24.33 -42.02 -18.64
CA TYR A 175 -24.03 -43.00 -17.60
C TYR A 175 -23.86 -42.32 -16.25
N GLU A 176 -23.19 -41.17 -16.21
CA GLU A 176 -23.02 -40.46 -14.96
C GLU A 176 -24.36 -40.02 -14.38
N LEU A 177 -25.27 -39.54 -15.24
CA LEU A 177 -26.58 -39.12 -14.78
C LEU A 177 -27.41 -40.31 -14.29
N LEU A 178 -27.33 -41.44 -14.99
CA LEU A 178 -28.06 -42.63 -14.56
C LEU A 178 -27.54 -43.14 -13.23
N GLY A 179 -26.23 -43.05 -13.01
CA GLY A 179 -25.68 -43.42 -11.72
C GLY A 179 -26.11 -42.46 -10.61
N LEU A 180 -26.14 -41.15 -10.94
CA LEU A 180 -26.53 -40.16 -9.95
C LEU A 180 -28.01 -40.27 -9.58
N LEU A 181 -28.84 -40.72 -10.51
CA LEU A 181 -30.27 -40.86 -10.24
C LEU A 181 -30.56 -41.78 -9.06
N GLY A 182 -29.68 -42.75 -8.80
CA GLY A 182 -29.88 -43.66 -7.68
C GLY A 182 -29.38 -43.09 -6.37
N GLU A 183 -28.51 -42.08 -6.43
CA GLU A 183 -27.94 -41.50 -5.23
C GLU A 183 -28.84 -40.40 -4.66
N VAL A 184 -29.30 -39.49 -5.52
CA VAL A 184 -30.03 -38.33 -5.03
C VAL A 184 -31.45 -38.71 -4.63
N HIS A 185 -32.02 -39.74 -5.25
CA HIS A 185 -33.39 -40.17 -4.97
C HIS A 185 -33.47 -41.69 -5.09
N PRO A 186 -32.99 -42.40 -4.08
CA PRO A 186 -33.01 -43.87 -4.15
C PRO A 186 -34.37 -44.48 -3.92
N SER A 187 -35.35 -43.70 -3.44
CA SER A 187 -36.67 -44.25 -3.17
C SER A 187 -37.35 -44.72 -4.46
N GLU A 188 -37.19 -43.97 -5.54
CA GLU A 188 -37.77 -44.30 -6.83
C GLU A 188 -36.84 -45.14 -7.69
N MET A 189 -35.74 -45.65 -7.13
CA MET A 189 -34.78 -46.45 -7.88
C MET A 189 -34.66 -47.88 -7.35
N ILE A 190 -35.51 -48.28 -6.40
CA ILE A 190 -35.42 -49.63 -5.84
C ILE A 190 -35.80 -50.68 -6.88
N ASN A 191 -36.65 -50.32 -7.84
CA ASN A 191 -37.07 -51.26 -8.87
C ASN A 191 -36.20 -51.21 -10.11
N ASN A 192 -35.17 -50.37 -10.14
CA ASN A 192 -34.33 -50.20 -11.32
C ASN A 192 -32.84 -50.35 -11.05
N ALA A 193 -32.41 -50.39 -9.79
CA ALA A 193 -30.98 -50.49 -9.51
C ALA A 193 -30.42 -51.83 -9.95
N GLU A 194 -31.19 -52.91 -9.75
CA GLU A 194 -30.73 -54.23 -10.17
C GLU A 194 -30.55 -54.28 -11.68
N ASN A 195 -31.44 -53.61 -12.42
CA ASN A 195 -31.31 -53.58 -13.88
C ASN A 195 -30.13 -52.71 -14.31
N LEU A 196 -29.94 -51.57 -13.63
CA LEU A 196 -28.87 -50.66 -14.02
C LEU A 196 -27.49 -51.21 -13.70
N PHE A 197 -27.38 -52.03 -12.64
CA PHE A 197 -26.09 -52.63 -12.33
C PHE A 197 -25.63 -53.56 -13.44
N ARG A 198 -26.56 -54.33 -14.01
CA ARG A 198 -26.21 -55.20 -15.13
C ARG A 198 -25.73 -54.39 -16.32
N ALA A 199 -26.39 -53.25 -16.58
CA ALA A 199 -25.96 -52.37 -17.68
C ALA A 199 -24.55 -51.86 -17.46
N PHE A 200 -24.28 -51.35 -16.25
CA PHE A 200 -22.94 -50.85 -15.93
C PHE A 200 -21.90 -51.94 -16.08
N LEU A 201 -22.18 -53.14 -15.54
CA LEU A 201 -21.20 -54.22 -15.61
C LEU A 201 -20.97 -54.67 -17.05
N GLY A 202 -22.03 -54.76 -17.86
CA GLY A 202 -21.86 -55.15 -19.24
C GLY A 202 -21.07 -54.13 -20.04
N GLU A 203 -21.34 -52.83 -19.81
CA GLU A 203 -20.58 -51.82 -20.52
C GLU A 203 -19.11 -51.82 -20.10
N LEU A 204 -18.85 -52.00 -18.80
CA LEU A 204 -17.46 -52.06 -18.34
C LEU A 204 -16.74 -53.26 -18.92
N LYS A 205 -17.41 -54.41 -18.99
CA LYS A 205 -16.79 -55.59 -19.57
C LYS A 205 -16.54 -55.41 -21.06
N THR A 206 -17.48 -54.75 -21.76
CA THR A 206 -17.28 -54.50 -23.19
C THR A 206 -16.13 -53.54 -23.42
N GLN A 207 -15.96 -52.55 -22.56
CA GLN A 207 -14.92 -51.55 -22.75
C GLN A 207 -13.56 -51.99 -22.23
N MET A 208 -13.50 -52.98 -21.35
CA MET A 208 -12.23 -53.42 -20.78
C MET A 208 -11.88 -54.87 -21.07
N THR A 209 -12.73 -55.61 -21.77
CA THR A 209 -12.44 -56.98 -22.14
C THR A 209 -12.79 -57.20 -23.61
N SER A 210 -12.35 -56.28 -24.46
CA SER A 210 -12.59 -56.33 -25.89
C SER A 210 -11.30 -56.68 -26.60
N ALA A 211 -11.32 -57.76 -27.38
CA ALA A 211 -10.15 -58.20 -28.15
C ALA A 211 -10.24 -57.84 -29.62
N VAL A 212 -11.28 -57.13 -30.04
CA VAL A 212 -11.46 -56.76 -31.44
C VAL A 212 -11.53 -55.26 -31.66
N ARG A 213 -11.54 -54.46 -30.60
CA ARG A 213 -11.75 -53.03 -30.75
C ARG A 213 -11.03 -52.29 -29.63
N GLU A 214 -10.57 -51.08 -29.93
CA GLU A 214 -9.92 -50.26 -28.94
C GLU A 214 -10.94 -49.73 -27.93
N PRO A 215 -10.53 -49.51 -26.69
CA PRO A 215 -11.47 -49.02 -25.67
C PRO A 215 -11.84 -47.56 -25.90
N LYS A 216 -12.85 -47.12 -25.15
CA LYS A 216 -13.34 -45.74 -25.19
C LYS A 216 -13.25 -45.18 -23.77
N LEU A 217 -12.22 -44.38 -23.53
CA LEU A 217 -11.97 -43.86 -22.18
C LEU A 217 -13.08 -42.97 -21.64
N PRO A 218 -13.73 -42.09 -22.42
CA PRO A 218 -14.85 -41.32 -21.85
C PRO A 218 -15.98 -42.20 -21.33
N VAL A 219 -16.35 -43.23 -22.10
CA VAL A 219 -17.39 -44.16 -21.64
C VAL A 219 -16.94 -44.88 -20.38
N LEU A 220 -15.65 -45.21 -20.29
CA LEU A 220 -15.12 -45.87 -19.10
C LEU A 220 -15.26 -44.97 -17.88
N ALA A 221 -14.84 -43.70 -18.01
CA ALA A 221 -14.94 -42.77 -16.89
C ALA A 221 -16.40 -42.54 -16.50
N GLY A 222 -17.28 -42.45 -17.49
CA GLY A 222 -18.70 -42.28 -17.19
C GLY A 222 -19.28 -43.47 -16.45
N CYS A 223 -18.94 -44.68 -16.88
CA CYS A 223 -19.43 -45.87 -16.19
C CYS A 223 -18.86 -45.96 -14.78
N LEU A 224 -17.59 -45.61 -14.60
CA LEU A 224 -16.99 -45.64 -13.27
C LEU A 224 -17.67 -44.66 -12.33
N LYS A 225 -17.92 -43.43 -12.81
CA LYS A 225 -18.60 -42.46 -11.97
C LYS A 225 -20.05 -42.86 -11.68
N GLY A 226 -20.74 -43.41 -12.68
CA GLY A 226 -22.09 -43.89 -12.43
C GLY A 226 -22.14 -45.02 -11.42
N LEU A 227 -21.17 -45.91 -11.47
CA LEU A 227 -21.11 -47.00 -10.49
C LEU A 227 -20.77 -46.46 -9.10
N SER A 228 -19.83 -45.52 -9.02
CA SER A 228 -19.48 -44.92 -7.74
C SER A 228 -20.63 -44.13 -7.14
N SER A 229 -21.52 -43.59 -7.97
CA SER A 229 -22.70 -42.89 -7.47
C SER A 229 -23.87 -43.81 -7.18
N LEU A 230 -23.97 -44.96 -7.85
CA LEU A 230 -25.06 -45.88 -7.60
C LEU A 230 -24.78 -46.78 -6.40
N LEU A 231 -23.51 -47.10 -6.14
CA LEU A 231 -23.19 -47.96 -5.01
C LEU A 231 -23.36 -47.25 -3.67
N CYS A 232 -23.67 -45.94 -3.70
CA CYS A 232 -23.84 -45.20 -2.45
C CYS A 232 -25.03 -45.66 -1.65
N ASN A 233 -26.10 -46.12 -2.31
CA ASN A 233 -27.30 -46.56 -1.62
C ASN A 233 -27.64 -48.02 -1.87
N PHE A 234 -27.50 -48.50 -3.09
CA PHE A 234 -27.77 -49.90 -3.43
C PHE A 234 -26.47 -50.69 -3.38
N THR A 235 -25.97 -50.89 -2.17
CA THR A 235 -24.70 -51.55 -1.97
C THR A 235 -24.79 -53.03 -2.33
N LYS A 236 -23.65 -53.59 -2.72
CA LYS A 236 -23.52 -55.02 -3.02
C LYS A 236 -22.19 -55.49 -2.43
N SER A 237 -22.26 -56.07 -1.23
CA SER A 237 -21.07 -56.51 -0.53
C SER A 237 -20.77 -57.98 -0.82
N MET A 238 -19.57 -58.41 -0.42
CA MET A 238 -19.19 -59.80 -0.61
C MET A 238 -20.05 -60.73 0.25
N GLU A 239 -20.43 -60.28 1.44
CA GLU A 239 -21.30 -61.04 2.31
C GLU A 239 -22.76 -60.97 1.89
N GLU A 240 -23.07 -60.23 0.82
CA GLU A 240 -24.41 -60.16 0.26
C GLU A 240 -24.53 -60.94 -1.04
N ASP A 241 -23.60 -60.71 -1.98
CA ASP A 241 -23.52 -61.43 -3.23
C ASP A 241 -22.07 -61.38 -3.69
N PRO A 242 -21.40 -62.52 -3.85
CA PRO A 242 -19.97 -62.51 -4.14
C PRO A 242 -19.64 -62.20 -5.59
N GLN A 243 -20.49 -62.63 -6.52
CA GLN A 243 -20.18 -62.49 -7.94
C GLN A 243 -20.09 -61.03 -8.36
N THR A 244 -21.13 -60.25 -8.08
CA THR A 244 -21.15 -58.86 -8.49
C THR A 244 -20.10 -58.05 -7.73
N SER A 245 -20.01 -58.25 -6.42
CA SER A 245 -19.04 -57.52 -5.61
C SER A 245 -17.60 -57.88 -5.98
N ARG A 246 -17.38 -59.05 -6.60
CA ARG A 246 -16.05 -59.43 -7.04
C ARG A 246 -15.74 -58.89 -8.44
N GLU A 247 -16.72 -58.93 -9.35
CA GLU A 247 -16.46 -58.40 -10.68
C GLU A 247 -16.33 -56.88 -10.66
N ILE A 248 -17.07 -56.20 -9.78
CA ILE A 248 -16.89 -54.76 -9.63
C ILE A 248 -15.48 -54.45 -9.12
N PHE A 249 -14.99 -55.24 -8.16
CA PHE A 249 -13.65 -55.03 -7.64
C PHE A 249 -12.60 -55.30 -8.72
N ASN A 250 -12.82 -56.32 -9.54
CA ASN A 250 -11.89 -56.61 -10.63
C ASN A 250 -11.87 -55.49 -11.65
N PHE A 251 -13.04 -54.92 -11.96
CA PHE A 251 -13.09 -53.79 -12.88
C PHE A 251 -12.38 -52.57 -12.29
N VAL A 252 -12.54 -52.33 -10.99
CA VAL A 252 -11.84 -51.23 -10.33
C VAL A 252 -10.33 -51.46 -10.39
N LEU A 253 -9.90 -52.70 -10.17
CA LEU A 253 -8.48 -53.02 -10.29
C LEU A 253 -7.96 -52.72 -11.69
N LYS A 254 -8.65 -53.22 -12.72
CA LYS A 254 -8.22 -52.99 -14.09
C LYS A 254 -8.24 -51.51 -14.44
N ALA A 255 -9.12 -50.73 -13.82
CA ALA A 255 -9.17 -49.31 -14.10
C ALA A 255 -7.97 -48.59 -13.49
N ILE A 256 -7.61 -48.92 -12.26
CA ILE A 256 -6.53 -48.25 -11.55
C ILE A 256 -5.20 -48.93 -11.88
N ARG A 257 -5.24 -49.95 -12.74
CA ARG A 257 -4.02 -50.68 -13.08
C ARG A 257 -3.23 -49.91 -14.13
N PRO A 258 -1.99 -49.51 -13.85
CA PRO A 258 -1.15 -48.85 -14.85
C PRO A 258 -0.44 -49.82 -15.79
N GLN A 259 -1.22 -50.72 -16.39
CA GLN A 259 -0.67 -51.68 -17.33
C GLN A 259 -0.04 -50.98 -18.53
N ILE A 260 -0.80 -50.11 -19.19
CA ILE A 260 -0.32 -49.29 -20.29
C ILE A 260 -0.41 -47.83 -19.86
N ASP A 261 0.76 -47.19 -19.72
CA ASP A 261 0.80 -45.80 -19.28
C ASP A 261 0.17 -44.89 -20.33
N LEU A 262 -0.75 -44.05 -19.88
CA LEU A 262 -1.49 -43.15 -20.75
C LEU A 262 -1.16 -41.70 -20.39
N LYS A 263 -1.84 -40.78 -21.06
CA LYS A 263 -1.69 -39.35 -20.82
C LYS A 263 -2.88 -38.72 -20.11
N ARG A 264 -4.08 -39.20 -20.35
CA ARG A 264 -5.26 -38.74 -19.64
C ARG A 264 -5.53 -39.64 -18.45
N TYR A 265 -5.90 -39.02 -17.32
CA TYR A 265 -6.04 -39.74 -16.06
C TYR A 265 -7.48 -39.77 -15.56
N ALA A 266 -8.46 -39.53 -16.44
CA ALA A 266 -9.85 -39.52 -16.02
C ALA A 266 -10.29 -40.88 -15.52
N VAL A 267 -9.98 -41.93 -16.26
CA VAL A 267 -10.38 -43.29 -15.91
C VAL A 267 -9.71 -43.74 -14.61
N PRO A 268 -8.39 -43.61 -14.44
CA PRO A 268 -7.80 -44.00 -13.15
C PRO A 268 -8.26 -43.13 -12.00
N SER A 269 -8.52 -41.84 -12.23
CA SER A 269 -9.03 -40.99 -11.16
C SER A 269 -10.42 -41.45 -10.72
N ALA A 270 -11.29 -41.76 -11.68
CA ALA A 270 -12.62 -42.26 -11.33
C ALA A 270 -12.52 -43.61 -10.63
N GLY A 271 -11.60 -44.48 -11.06
CA GLY A 271 -11.43 -45.75 -10.38
C GLY A 271 -10.95 -45.60 -8.95
N LEU A 272 -10.00 -44.69 -8.72
CA LEU A 272 -9.51 -44.43 -7.37
C LEU A 272 -10.61 -43.85 -6.50
N ARG A 273 -11.42 -42.95 -7.05
CA ARG A 273 -12.53 -42.40 -6.28
C ARG A 273 -13.56 -43.47 -5.93
N LEU A 274 -13.84 -44.37 -6.88
CA LEU A 274 -14.77 -45.47 -6.60
C LEU A 274 -14.21 -46.38 -5.53
N PHE A 275 -12.90 -46.65 -5.57
CA PHE A 275 -12.29 -47.50 -4.54
C PHE A 275 -12.32 -46.82 -3.18
N ALA A 276 -12.13 -45.50 -3.15
CA ALA A 276 -12.13 -44.78 -1.89
C ALA A 276 -13.53 -44.69 -1.30
N LEU A 277 -14.56 -44.58 -2.15
CA LEU A 277 -15.92 -44.39 -1.65
C LEU A 277 -16.46 -45.66 -1.00
N HIS A 278 -16.30 -46.80 -1.65
CA HIS A 278 -16.97 -48.03 -1.24
C HIS A 278 -15.99 -49.19 -1.09
N ALA A 279 -14.87 -48.96 -0.38
CA ALA A 279 -13.95 -50.05 -0.11
C ALA A 279 -14.48 -51.00 0.95
N SER A 280 -15.51 -50.59 1.69
CA SER A 280 -16.04 -51.38 2.79
C SER A 280 -16.92 -52.52 2.30
N GLN A 281 -17.23 -52.54 1.01
CA GLN A 281 -18.06 -53.59 0.42
C GLN A 281 -17.25 -54.79 -0.06
N PHE A 282 -16.06 -54.55 -0.60
CA PHE A 282 -15.19 -55.62 -1.09
C PHE A 282 -14.40 -56.24 0.06
N SER A 283 -15.12 -56.97 0.91
CA SER A 283 -14.56 -57.50 2.15
C SER A 283 -13.39 -58.44 1.90
N THR A 284 -13.64 -59.57 1.23
CA THR A 284 -12.57 -60.55 1.03
C THR A 284 -11.73 -60.21 -0.19
N CYS A 285 -12.20 -59.28 -1.02
CA CYS A 285 -11.48 -58.95 -2.25
C CYS A 285 -10.13 -58.29 -1.95
N LEU A 286 -10.15 -57.19 -1.21
CA LEU A 286 -8.91 -56.46 -0.94
C LEU A 286 -7.99 -57.20 0.02
N LEU A 287 -8.46 -58.27 0.64
CA LEU A 287 -7.66 -59.04 1.58
C LEU A 287 -6.91 -60.18 0.92
N ASP A 288 -6.97 -60.29 -0.40
CA ASP A 288 -6.25 -61.32 -1.16
C ASP A 288 -5.14 -60.75 -2.01
N ASN A 289 -5.42 -59.71 -2.78
CA ASN A 289 -4.41 -58.99 -3.57
C ASN A 289 -3.94 -57.72 -2.87
N TYR A 290 -3.86 -57.77 -1.54
CA TYR A 290 -3.50 -56.59 -0.76
C TYR A 290 -2.10 -56.11 -1.09
N VAL A 291 -1.19 -57.02 -1.44
CA VAL A 291 0.18 -56.63 -1.79
C VAL A 291 0.17 -55.73 -3.02
N SER A 292 -0.44 -56.21 -4.12
CA SER A 292 -0.51 -55.42 -5.33
C SER A 292 -1.31 -54.15 -5.12
N LEU A 293 -2.36 -54.21 -4.30
CA LEU A 293 -3.15 -53.01 -4.01
C LEU A 293 -2.30 -51.96 -3.33
N PHE A 294 -1.56 -52.35 -2.30
CA PHE A 294 -0.71 -51.40 -1.58
C PHE A 294 0.38 -50.85 -2.50
N GLU A 295 0.96 -51.70 -3.35
CA GLU A 295 1.98 -51.25 -4.28
C GLU A 295 1.43 -50.20 -5.25
N VAL A 296 0.28 -50.48 -5.85
CA VAL A 296 -0.27 -49.56 -6.84
C VAL A 296 -0.78 -48.28 -6.17
N LEU A 297 -1.23 -48.37 -4.92
CA LEU A 297 -1.67 -47.17 -4.22
C LEU A 297 -0.50 -46.29 -3.83
N LEU A 298 0.62 -46.91 -3.42
CA LEU A 298 1.83 -46.12 -3.19
C LEU A 298 2.36 -45.52 -4.49
N LYS A 299 2.18 -46.23 -5.61
CA LYS A 299 2.63 -45.70 -6.90
C LYS A 299 1.79 -44.51 -7.33
N TRP A 300 0.46 -44.58 -7.13
CA TRP A 300 -0.39 -43.49 -7.57
C TRP A 300 -0.35 -42.30 -6.63
N CYS A 301 -0.06 -42.52 -5.34
CA CYS A 301 0.00 -41.41 -4.40
C CYS A 301 1.15 -40.45 -4.68
N ALA A 302 2.17 -40.90 -5.39
CA ALA A 302 3.32 -40.07 -5.73
C ALA A 302 3.21 -39.48 -7.14
N HIS A 303 2.05 -39.52 -7.76
CA HIS A 303 1.89 -39.03 -9.12
C HIS A 303 1.97 -37.50 -9.14
N THR A 304 2.28 -36.96 -10.33
CA THR A 304 2.45 -35.51 -10.47
C THR A 304 1.13 -34.77 -10.42
N ASN A 305 0.03 -35.43 -10.76
CA ASN A 305 -1.27 -34.78 -10.75
C ASN A 305 -1.69 -34.46 -9.32
N VAL A 306 -2.66 -33.55 -9.20
CA VAL A 306 -3.16 -33.11 -7.89
C VAL A 306 -4.45 -33.83 -7.53
N GLU A 307 -5.45 -33.80 -8.42
CA GLU A 307 -6.70 -34.51 -8.14
C GLU A 307 -6.47 -36.02 -8.09
N LEU A 308 -5.65 -36.55 -8.99
CA LEU A 308 -5.29 -37.96 -8.93
C LEU A 308 -4.56 -38.30 -7.65
N LYS A 309 -3.69 -37.39 -7.19
CA LYS A 309 -2.98 -37.61 -5.93
C LYS A 309 -3.95 -37.66 -4.76
N LYS A 310 -4.92 -36.74 -4.73
CA LYS A 310 -5.90 -36.73 -3.64
C LYS A 310 -6.76 -37.98 -3.67
N ALA A 311 -7.18 -38.40 -4.86
CA ALA A 311 -7.99 -39.62 -4.97
C ALA A 311 -7.21 -40.84 -4.52
N ALA A 312 -5.93 -40.93 -4.93
CA ALA A 312 -5.10 -42.05 -4.51
C ALA A 312 -4.87 -42.04 -3.01
N LEU A 313 -4.70 -40.86 -2.42
CA LEU A 313 -4.51 -40.77 -0.98
C LEU A 313 -5.76 -41.22 -0.23
N SER A 314 -6.93 -40.77 -0.68
CA SER A 314 -8.17 -41.20 -0.04
C SER A 314 -8.38 -42.71 -0.17
N ALA A 315 -8.10 -43.26 -1.36
CA ALA A 315 -8.24 -44.69 -1.56
C ALA A 315 -7.28 -45.48 -0.68
N LEU A 316 -6.04 -45.00 -0.56
CA LEU A 316 -5.07 -45.68 0.29
C LEU A 316 -5.48 -45.62 1.75
N GLU A 317 -6.02 -44.48 2.20
CA GLU A 317 -6.47 -44.37 3.57
C GLU A 317 -7.62 -45.33 3.85
N SER A 318 -8.60 -45.38 2.95
CA SER A 318 -9.73 -46.29 3.13
C SER A 318 -9.27 -47.75 3.12
N PHE A 319 -8.36 -48.08 2.20
CA PHE A 319 -7.85 -49.45 2.13
C PHE A 319 -7.10 -49.83 3.39
N LEU A 320 -6.24 -48.94 3.89
CA LEU A 320 -5.50 -49.21 5.12
C LEU A 320 -6.44 -49.38 6.30
N LYS A 321 -7.47 -48.52 6.40
CA LYS A 321 -8.43 -48.65 7.48
C LYS A 321 -9.14 -49.99 7.43
N GLN A 322 -9.63 -50.38 6.25
CA GLN A 322 -10.37 -51.63 6.12
C GLN A 322 -9.48 -52.83 6.43
N VAL A 323 -8.25 -52.84 5.90
CA VAL A 323 -7.34 -53.96 6.12
C VAL A 323 -6.93 -54.04 7.59
N SER A 324 -6.71 -52.89 8.24
CA SER A 324 -6.38 -52.90 9.65
C SER A 324 -7.52 -53.45 10.48
N ASN A 325 -8.75 -53.03 10.17
CA ASN A 325 -9.92 -53.58 10.87
C ASN A 325 -10.00 -55.09 10.70
N MET A 326 -9.82 -55.56 9.46
CA MET A 326 -9.94 -56.99 9.20
C MET A 326 -8.83 -57.80 9.87
N VAL A 327 -7.62 -57.22 9.95
CA VAL A 327 -6.50 -57.94 10.53
C VAL A 327 -6.51 -57.85 12.04
N ALA A 328 -7.21 -56.88 12.62
CA ALA A 328 -7.29 -56.73 14.06
C ALA A 328 -8.54 -57.36 14.65
N LYS A 329 -9.53 -57.68 13.82
CA LYS A 329 -10.75 -58.33 14.30
C LYS A 329 -10.61 -59.84 14.48
N ASN A 330 -9.89 -60.51 13.58
CA ASN A 330 -9.71 -61.95 13.64
C ASN A 330 -8.25 -62.28 13.87
N ALA A 331 -8.00 -63.53 14.28
CA ALA A 331 -6.66 -63.97 14.65
C ALA A 331 -5.94 -64.75 13.55
N GLU A 332 -6.62 -65.06 12.44
CA GLU A 332 -6.00 -65.81 11.36
C GLU A 332 -5.35 -64.92 10.31
N MET A 333 -5.50 -63.59 10.42
CA MET A 333 -4.89 -62.67 9.46
C MET A 333 -3.58 -62.08 9.96
N HIS A 334 -3.22 -62.33 11.22
CA HIS A 334 -2.03 -61.72 11.81
C HIS A 334 -0.76 -62.20 11.11
N LYS A 335 -0.51 -63.51 11.16
CA LYS A 335 0.80 -64.08 10.81
C LYS A 335 1.32 -63.64 9.46
N ASN A 336 0.44 -63.33 8.50
CA ASN A 336 0.91 -62.85 7.20
C ASN A 336 0.75 -61.34 7.07
N LYS A 337 -0.49 -60.86 7.19
CA LYS A 337 -0.78 -59.47 6.86
C LYS A 337 -0.19 -58.50 7.87
N LEU A 338 -0.26 -58.84 9.17
CA LEU A 338 0.28 -57.96 10.19
C LEU A 338 1.77 -57.73 9.98
N GLN A 339 2.54 -58.80 9.84
CA GLN A 339 3.97 -58.67 9.66
C GLN A 339 4.30 -58.02 8.32
N TYR A 340 3.52 -58.31 7.27
CA TYR A 340 3.76 -57.68 5.99
C TYR A 340 3.62 -56.17 6.07
N PHE A 341 2.49 -55.70 6.64
CA PHE A 341 2.26 -54.27 6.72
C PHE A 341 3.25 -53.59 7.68
N MET A 342 3.61 -54.27 8.77
CA MET A 342 4.59 -53.68 9.67
C MET A 342 5.96 -53.56 9.01
N GLU A 343 6.37 -54.58 8.26
CA GLU A 343 7.63 -54.50 7.53
C GLU A 343 7.60 -53.39 6.48
N GLN A 344 6.47 -53.25 5.78
CA GLN A 344 6.35 -52.19 4.79
C GLN A 344 6.46 -50.82 5.44
N PHE A 345 5.75 -50.61 6.56
CA PHE A 345 5.80 -49.31 7.23
C PHE A 345 7.19 -49.03 7.77
N TYR A 346 7.84 -50.03 8.34
CA TYR A 346 9.20 -49.83 8.87
C TYR A 346 10.18 -49.52 7.75
N GLY A 347 10.06 -50.20 6.61
CA GLY A 347 10.93 -49.89 5.49
C GLY A 347 10.68 -48.50 4.93
N ILE A 348 9.43 -48.05 4.92
CA ILE A 348 9.13 -46.69 4.48
C ILE A 348 9.73 -45.68 5.45
N ILE A 349 9.65 -45.97 6.75
CA ILE A 349 10.14 -45.02 7.75
C ILE A 349 11.66 -44.95 7.73
N ARG A 350 12.34 -46.09 7.87
CA ARG A 350 13.78 -46.09 7.97
C ARG A 350 14.48 -45.75 6.66
N ASN A 351 13.75 -45.64 5.56
CA ASN A 351 14.36 -45.25 4.30
C ASN A 351 14.84 -43.80 4.37
N VAL A 352 16.00 -43.55 3.79
CA VAL A 352 16.60 -42.22 3.85
C VAL A 352 15.99 -41.29 2.80
N ASP A 353 15.63 -41.82 1.63
CA ASP A 353 15.04 -41.02 0.55
C ASP A 353 13.54 -41.25 0.59
N SER A 354 12.85 -40.48 1.44
CA SER A 354 11.40 -40.59 1.58
C SER A 354 10.89 -39.24 2.06
N ASN A 355 10.14 -38.54 1.21
CA ASN A 355 9.61 -37.23 1.57
C ASN A 355 8.51 -37.35 2.61
N ASN A 356 7.93 -36.20 3.00
CA ASN A 356 6.95 -36.18 4.09
C ASN A 356 5.69 -36.96 3.77
N LYS A 357 5.34 -37.12 2.48
CA LYS A 357 4.14 -37.85 2.13
C LYS A 357 4.22 -39.30 2.57
N GLU A 358 5.30 -40.00 2.20
CA GLU A 358 5.44 -41.41 2.57
C GLU A 358 5.57 -41.57 4.08
N LEU A 359 6.26 -40.65 4.75
CA LEU A 359 6.39 -40.74 6.20
C LEU A 359 5.04 -40.58 6.88
N SER A 360 4.24 -39.61 6.44
CA SER A 360 2.92 -39.41 7.02
C SER A 360 2.02 -40.62 6.75
N ILE A 361 2.08 -41.17 5.54
CA ILE A 361 1.29 -42.35 5.21
C ILE A 361 1.69 -43.52 6.10
N ALA A 362 2.99 -43.71 6.29
CA ALA A 362 3.47 -44.81 7.13
C ALA A 362 3.03 -44.64 8.57
N ILE A 363 3.08 -43.41 9.09
CA ILE A 363 2.68 -43.17 10.46
C ILE A 363 1.18 -43.41 10.63
N ARG A 364 0.36 -42.91 9.69
CA ARG A 364 -1.07 -43.13 9.78
C ARG A 364 -1.42 -44.61 9.68
N GLY A 365 -0.73 -45.35 8.80
CA GLY A 365 -0.99 -46.77 8.70
C GLY A 365 -0.57 -47.53 9.93
N TYR A 366 0.61 -47.21 10.48
CA TYR A 366 1.04 -47.85 11.72
C TYR A 366 0.06 -47.59 12.84
N GLY A 367 -0.45 -46.37 12.94
CA GLY A 367 -1.47 -46.07 13.93
C GLY A 367 -2.71 -46.92 13.72
N LEU A 368 -3.29 -46.86 12.52
CA LEU A 368 -4.53 -47.56 12.24
C LEU A 368 -4.39 -49.08 12.42
N PHE A 369 -3.19 -49.62 12.25
CA PHE A 369 -2.97 -51.05 12.39
C PHE A 369 -2.67 -51.45 13.83
N ALA A 370 -1.59 -50.91 14.41
CA ALA A 370 -1.20 -51.28 15.76
C ALA A 370 -2.14 -50.76 16.84
N GLY A 371 -3.11 -49.92 16.48
CA GLY A 371 -4.06 -49.43 17.46
C GLY A 371 -4.99 -50.52 17.95
N PRO A 372 -5.87 -51.00 17.07
CA PRO A 372 -6.79 -52.09 17.47
C PRO A 372 -6.10 -53.43 17.64
N CYS A 373 -5.02 -53.68 16.88
CA CYS A 373 -4.38 -54.99 16.95
C CYS A 373 -3.66 -55.21 18.27
N LYS A 374 -3.29 -54.13 18.97
CA LYS A 374 -2.57 -54.21 20.24
C LYS A 374 -1.25 -54.97 20.08
N VAL A 375 -0.45 -54.52 19.13
CA VAL A 375 0.85 -55.09 18.83
C VAL A 375 1.98 -54.08 19.04
N ILE A 376 1.67 -52.94 19.66
CA ILE A 376 2.67 -51.90 19.87
C ILE A 376 3.82 -52.43 20.72
N ASN A 377 5.04 -52.18 20.26
CA ASN A 377 6.24 -52.58 20.98
C ASN A 377 7.19 -51.38 21.03
N ALA A 378 7.64 -51.01 22.22
CA ALA A 378 8.41 -49.79 22.39
C ALA A 378 9.78 -49.89 21.72
N LYS A 379 10.24 -51.09 21.40
CA LYS A 379 11.55 -51.26 20.78
C LYS A 379 11.59 -50.78 19.33
N ASP A 380 10.43 -50.51 18.73
CA ASP A 380 10.37 -49.95 17.38
C ASP A 380 9.69 -48.60 17.32
N VAL A 381 8.77 -48.30 18.24
CA VAL A 381 8.17 -46.98 18.31
C VAL A 381 9.23 -45.94 18.64
N ASP A 382 10.09 -46.25 19.62
CA ASP A 382 11.21 -45.36 19.92
C ASP A 382 12.17 -45.27 18.73
N PHE A 383 12.32 -46.36 17.99
CA PHE A 383 13.16 -46.35 16.80
C PHE A 383 12.65 -45.35 15.77
N MET A 384 11.37 -45.44 15.42
CA MET A 384 10.82 -44.49 14.44
C MET A 384 10.78 -43.07 14.99
N TYR A 385 10.61 -42.92 16.30
CA TYR A 385 10.64 -41.59 16.90
C TYR A 385 12.01 -40.95 16.75
N VAL A 386 13.07 -41.70 17.08
CA VAL A 386 14.43 -41.20 16.91
C VAL A 386 14.72 -40.93 15.44
N GLU A 387 14.24 -41.80 14.56
CA GLU A 387 14.44 -41.58 13.12
C GLU A 387 13.81 -40.27 12.66
N LEU A 388 12.55 -40.03 13.03
CA LEU A 388 11.87 -38.80 12.63
C LEU A 388 12.56 -37.58 13.22
N ILE A 389 12.98 -37.67 14.48
CA ILE A 389 13.62 -36.52 15.12
C ILE A 389 14.95 -36.21 14.45
N GLN A 390 15.78 -37.22 14.20
CA GLN A 390 17.03 -37.00 13.51
C GLN A 390 16.83 -36.47 12.09
N ARG A 391 15.83 -36.96 11.38
CA ARG A 391 15.56 -36.46 10.03
C ARG A 391 15.12 -35.00 10.06
N CYS A 392 14.25 -34.64 11.00
CA CYS A 392 13.83 -33.25 11.13
C CYS A 392 15.00 -32.36 11.51
N LYS A 393 15.90 -32.84 12.38
CA LYS A 393 17.04 -32.04 12.78
C LYS A 393 18.00 -31.83 11.61
N GLN A 394 18.28 -32.88 10.85
CA GLN A 394 19.19 -32.75 9.71
C GLN A 394 18.55 -32.03 8.53
N MET A 395 17.21 -31.91 8.51
CA MET A 395 16.54 -31.27 7.39
C MET A 395 16.27 -29.78 7.65
N PHE A 396 15.90 -29.43 8.88
CA PHE A 396 15.50 -28.06 9.19
C PHE A 396 16.46 -27.32 10.10
N LEU A 397 16.98 -27.98 11.14
CA LEU A 397 17.79 -27.29 12.14
C LEU A 397 19.24 -27.10 11.67
N THR A 398 19.94 -28.20 11.39
CA THR A 398 21.34 -28.10 11.00
C THR A 398 21.48 -27.57 9.58
N GLN A 399 20.58 -27.97 8.68
CA GLN A 399 20.63 -27.57 7.28
C GLN A 399 20.13 -26.13 7.18
N THR A 400 21.04 -25.18 7.39
CA THR A 400 20.72 -23.75 7.33
C THR A 400 21.12 -23.24 5.95
N ASP A 401 20.28 -23.56 4.97
CA ASP A 401 20.51 -23.16 3.58
C ASP A 401 19.17 -22.74 2.98
N THR A 402 19.14 -22.65 1.64
CA THR A 402 17.95 -22.21 0.92
C THR A 402 16.91 -23.33 0.90
N GLY A 403 16.19 -23.45 2.02
CA GLY A 403 15.11 -24.43 2.12
C GLY A 403 13.83 -23.92 1.51
N ASP A 404 13.77 -23.91 0.18
CA ASP A 404 12.61 -23.34 -0.51
C ASP A 404 11.34 -24.15 -0.24
N ASP A 405 11.47 -25.47 -0.14
CA ASP A 405 10.31 -26.33 0.07
C ASP A 405 10.23 -26.90 1.48
N ARG A 406 11.31 -26.84 2.25
CA ARG A 406 11.32 -27.45 3.58
C ARG A 406 10.29 -26.80 4.50
N VAL A 407 10.17 -25.47 4.43
CA VAL A 407 9.22 -24.77 5.29
C VAL A 407 7.78 -25.16 4.94
N TYR A 408 7.50 -25.38 3.66
CA TYR A 408 6.15 -25.75 3.24
C TYR A 408 5.82 -27.20 3.54
N GLN A 409 6.73 -27.97 4.14
CA GLN A 409 6.45 -29.34 4.52
C GLN A 409 6.80 -29.62 5.97
N MET A 410 7.32 -28.64 6.70
CA MET A 410 7.58 -28.81 8.13
C MET A 410 6.34 -29.14 8.95
N PRO A 411 5.16 -28.56 8.68
CA PRO A 411 3.98 -28.94 9.49
C PRO A 411 3.64 -30.42 9.42
N SER A 412 3.82 -31.05 8.26
CA SER A 412 3.56 -32.49 8.16
C SER A 412 4.55 -33.27 9.03
N PHE A 413 5.81 -32.87 9.03
CA PHE A 413 6.80 -33.50 9.90
C PHE A 413 6.41 -33.34 11.37
N LEU A 414 5.94 -32.14 11.75
CA LEU A 414 5.54 -31.93 13.14
C LEU A 414 4.35 -32.78 13.51
N GLN A 415 3.37 -32.90 12.61
CA GLN A 415 2.19 -33.73 12.89
C GLN A 415 2.59 -35.19 13.05
N SER A 416 3.48 -35.68 12.18
CA SER A 416 3.95 -37.06 12.30
C SER A 416 4.72 -37.27 13.60
N VAL A 417 5.56 -36.31 13.97
CA VAL A 417 6.34 -36.42 15.20
C VAL A 417 5.41 -36.46 16.41
N ALA A 418 4.35 -35.65 16.39
CA ALA A 418 3.39 -35.66 17.49
C ALA A 418 2.63 -36.98 17.55
N SER A 419 2.20 -37.49 16.38
CA SER A 419 1.49 -38.76 16.35
C SER A 419 2.36 -39.89 16.88
N VAL A 420 3.66 -39.86 16.59
CA VAL A 420 4.56 -40.89 17.10
C VAL A 420 4.79 -40.70 18.60
N LEU A 421 5.03 -39.46 19.03
CA LEU A 421 5.33 -39.19 20.43
C LEU A 421 4.16 -39.55 21.34
N LEU A 422 2.92 -39.42 20.85
CA LEU A 422 1.79 -39.77 21.68
C LEU A 422 1.70 -41.27 21.95
N TYR A 423 2.40 -42.09 21.16
CA TYR A 423 2.33 -43.54 21.32
C TYR A 423 3.29 -44.04 22.39
N LEU A 424 4.58 -43.77 22.24
CA LEU A 424 5.56 -44.26 23.21
C LEU A 424 5.39 -43.57 24.56
N ASP A 425 5.68 -44.32 25.62
CA ASP A 425 5.52 -43.81 26.98
C ASP A 425 6.84 -43.37 27.60
N THR A 426 7.97 -43.94 27.18
CA THR A 426 9.28 -43.58 27.70
C THR A 426 9.96 -42.67 26.68
N VAL A 427 9.70 -41.38 26.80
CA VAL A 427 10.28 -40.40 25.87
C VAL A 427 11.74 -40.17 26.24
N PRO A 428 12.69 -40.35 25.30
CA PRO A 428 14.09 -40.07 25.61
C PRO A 428 14.31 -38.59 25.90
N GLU A 429 14.91 -38.30 27.05
CA GLU A 429 15.09 -36.91 27.48
C GLU A 429 16.14 -36.18 26.66
N VAL A 430 16.99 -36.91 25.94
CA VAL A 430 18.01 -36.25 25.12
C VAL A 430 17.40 -35.62 23.88
N TYR A 431 16.22 -36.09 23.45
CA TYR A 431 15.57 -35.58 22.25
C TYR A 431 14.49 -34.55 22.56
N THR A 432 14.42 -34.06 23.80
CA THR A 432 13.48 -33.02 24.16
C THR A 432 13.92 -31.63 23.68
N PRO A 433 15.22 -31.25 23.82
CA PRO A 433 15.63 -29.96 23.24
C PRO A 433 15.36 -29.88 21.75
N VAL A 434 15.91 -30.81 20.98
CA VAL A 434 15.74 -30.81 19.53
C VAL A 434 14.27 -30.54 19.21
N LEU A 435 13.35 -31.25 19.86
CA LEU A 435 11.93 -30.93 19.76
C LEU A 435 11.41 -29.55 20.13
N GLU A 436 11.80 -29.04 21.31
CA GLU A 436 11.37 -27.69 21.70
C GLU A 436 11.89 -26.64 20.73
N HIS A 437 13.18 -26.70 20.42
CA HIS A 437 13.76 -25.79 19.43
C HIS A 437 13.14 -25.98 18.05
N LEU A 438 12.77 -27.21 17.71
CA LEU A 438 12.12 -27.45 16.42
C LEU A 438 10.76 -26.75 16.36
N VAL A 439 9.98 -26.86 17.43
CA VAL A 439 8.69 -26.18 17.47
C VAL A 439 8.87 -24.67 17.48
N VAL A 440 9.92 -24.19 18.14
CA VAL A 440 10.22 -22.75 18.15
C VAL A 440 10.51 -22.27 16.74
N MET A 441 11.39 -22.98 16.02
CA MET A 441 11.73 -22.60 14.66
C MET A 441 10.55 -22.74 13.71
N GLN A 442 9.63 -23.68 13.98
CA GLN A 442 8.42 -23.77 13.18
C GLN A 442 7.50 -22.58 13.43
N ILE A 443 7.41 -22.15 14.69
CA ILE A 443 6.65 -20.94 15.00
C ILE A 443 7.27 -19.72 14.31
N ASP A 444 8.62 -19.69 14.24
CA ASP A 444 9.29 -18.56 13.62
C ASP A 444 8.98 -18.46 12.14
N SER A 445 8.74 -19.60 11.48
CA SER A 445 8.48 -19.64 10.05
C SER A 445 7.02 -19.40 9.70
N PHE A 446 6.21 -18.97 10.67
CA PHE A 446 4.78 -18.75 10.43
C PHE A 446 4.48 -17.72 9.35
N PRO A 447 5.11 -16.53 9.33
CA PRO A 447 4.75 -15.55 8.29
C PRO A 447 5.07 -16.00 6.87
N GLN A 448 5.85 -17.07 6.70
CA GLN A 448 6.20 -17.57 5.38
C GLN A 448 5.17 -18.53 4.81
N TYR A 449 3.93 -18.49 5.29
CA TYR A 449 2.90 -19.43 4.86
C TYR A 449 1.73 -18.68 4.23
N SER A 450 1.00 -19.41 3.37
CA SER A 450 -0.23 -18.88 2.80
C SER A 450 -1.33 -18.87 3.86
N PRO A 451 -2.43 -18.15 3.62
CA PRO A 451 -3.53 -18.15 4.60
C PRO A 451 -4.05 -19.53 4.96
N LYS A 452 -3.91 -20.52 4.08
CA LYS A 452 -4.31 -21.88 4.43
C LYS A 452 -3.16 -22.65 5.06
N MET A 453 -1.93 -22.43 4.57
CA MET A 453 -0.77 -23.03 5.21
C MET A 453 -0.57 -22.50 6.62
N GLN A 454 -1.03 -21.27 6.89
CA GLN A 454 -0.98 -20.76 8.26
C GLN A 454 -1.92 -21.54 9.17
N LEU A 455 -3.12 -21.85 8.70
CA LEU A 455 -4.03 -22.69 9.48
C LEU A 455 -3.47 -24.09 9.65
N VAL A 456 -2.80 -24.62 8.63
CA VAL A 456 -2.17 -25.94 8.76
C VAL A 456 -1.08 -25.90 9.82
N CYS A 457 -0.28 -24.83 9.84
CA CYS A 457 0.77 -24.68 10.85
C CYS A 457 0.16 -24.56 12.25
N CYS A 458 -0.94 -23.82 12.37
CA CYS A 458 -1.60 -23.71 13.67
C CYS A 458 -2.12 -25.06 14.13
N ARG A 459 -2.70 -25.84 13.21
CA ARG A 459 -3.17 -27.18 13.56
C ARG A 459 -2.00 -28.06 14.00
N ALA A 460 -0.86 -27.96 13.32
CA ALA A 460 0.30 -28.76 13.70
C ALA A 460 0.80 -28.38 15.10
N ILE A 461 0.83 -27.08 15.39
CA ILE A 461 1.28 -26.63 16.71
C ILE A 461 0.33 -27.10 17.80
N VAL A 462 -0.98 -26.99 17.54
CA VAL A 462 -1.96 -27.45 18.52
C VAL A 462 -1.85 -28.96 18.72
N LYS A 463 -1.58 -29.69 17.65
CA LYS A 463 -1.41 -31.14 17.74
C LYS A 463 -0.21 -31.50 18.60
N VAL A 464 0.91 -30.79 18.38
CA VAL A 464 2.10 -31.03 19.20
C VAL A 464 1.82 -30.70 20.66
N PHE A 465 1.11 -29.60 20.91
CA PHE A 465 0.79 -29.23 22.29
C PHE A 465 -0.11 -30.27 22.96
N LEU A 466 -1.08 -30.80 22.22
CA LEU A 466 -1.94 -31.84 22.77
C LEU A 466 -1.15 -33.12 23.03
N ALA A 467 -0.20 -33.44 22.16
CA ALA A 467 0.65 -34.60 22.38
C ALA A 467 1.60 -34.42 23.56
N LEU A 468 1.95 -33.18 23.89
CA LEU A 468 2.84 -32.91 25.01
C LEU A 468 2.09 -32.71 26.33
N ALA A 469 0.81 -32.36 26.28
CA ALA A 469 0.02 -32.10 27.48
C ALA A 469 -0.71 -33.34 27.98
N ALA A 470 -0.22 -34.54 27.65
CA ALA A 470 -0.85 -35.78 28.09
C ALA A 470 0.13 -36.78 28.68
N LYS A 471 1.43 -36.59 28.52
CA LYS A 471 2.40 -37.55 29.02
C LYS A 471 2.68 -37.34 30.51
N GLY A 472 3.16 -36.16 30.87
CA GLY A 472 3.48 -35.85 32.25
C GLY A 472 4.01 -34.44 32.40
N PRO A 473 4.27 -34.02 33.64
CA PRO A 473 4.76 -32.65 33.86
C PRO A 473 6.12 -32.39 33.23
N VAL A 474 6.97 -33.43 33.12
CA VAL A 474 8.28 -33.26 32.51
C VAL A 474 8.17 -32.86 31.05
N LEU A 475 7.04 -33.17 30.40
CA LEU A 475 6.79 -32.73 29.03
C LEU A 475 5.79 -31.59 28.94
N ARG A 476 5.02 -31.33 30.00
CA ARG A 476 4.20 -30.14 30.04
C ARG A 476 5.02 -28.89 30.28
N ASN A 477 6.17 -29.02 30.94
CA ASN A 477 7.11 -27.90 31.04
C ASN A 477 7.68 -27.56 29.67
N CYS A 478 7.68 -28.52 28.74
CA CYS A 478 8.12 -28.23 27.38
C CYS A 478 7.22 -27.20 26.71
N ILE A 479 5.91 -27.25 27.00
CA ILE A 479 5.00 -26.24 26.46
C ILE A 479 5.37 -24.86 26.98
N SER A 480 5.62 -24.75 28.29
CA SER A 480 6.01 -23.48 28.88
C SER A 480 7.27 -22.93 28.24
N THR A 481 8.31 -23.78 28.13
CA THR A 481 9.58 -23.28 27.61
C THR A 481 9.50 -22.98 26.12
N VAL A 482 8.68 -23.72 25.36
CA VAL A 482 8.57 -23.44 23.93
C VAL A 482 7.79 -22.16 23.70
N VAL A 483 6.77 -21.89 24.54
CA VAL A 483 6.06 -20.62 24.43
C VAL A 483 6.99 -19.46 24.79
N HIS A 484 7.79 -19.64 25.85
CA HIS A 484 8.73 -18.60 26.24
C HIS A 484 9.75 -18.32 25.13
N GLN A 485 10.31 -19.36 24.54
CA GLN A 485 11.32 -19.16 23.50
C GLN A 485 10.69 -18.58 22.24
N GLY A 486 9.47 -18.98 21.90
CA GLY A 486 8.80 -18.38 20.76
C GLY A 486 8.50 -16.91 20.97
N LEU A 487 8.08 -16.54 22.18
CA LEU A 487 7.85 -15.13 22.48
C LEU A 487 9.16 -14.33 22.43
N ILE A 488 10.25 -14.93 22.92
CA ILE A 488 11.55 -14.28 22.82
C ILE A 488 11.94 -14.06 21.35
N ARG A 489 11.73 -15.09 20.52
CA ARG A 489 12.07 -14.97 19.10
C ARG A 489 11.22 -13.90 18.42
N ILE A 490 9.94 -13.80 18.79
CA ILE A 490 9.07 -12.79 18.21
C ILE A 490 9.51 -11.40 18.64
N CYS A 491 9.86 -11.24 19.92
CA CYS A 491 10.31 -9.94 20.41
C CYS A 491 11.66 -9.55 19.83
N SER A 492 12.45 -10.53 19.39
CA SER A 492 13.75 -10.23 18.79
C SER A 492 13.65 -9.58 17.42
N LYS A 493 12.45 -9.56 16.83
CA LYS A 493 12.27 -8.95 15.52
C LYS A 493 12.47 -7.44 15.61
N PRO A 494 12.81 -6.78 14.49
CA PRO A 494 12.98 -5.33 14.50
C PRO A 494 11.70 -4.61 14.86
N VAL A 495 11.86 -3.35 15.27
CA VAL A 495 10.74 -2.53 15.71
C VAL A 495 10.04 -1.93 14.49
N VAL A 496 8.72 -1.86 14.55
CA VAL A 496 7.94 -1.27 13.47
C VAL A 496 8.06 0.24 13.55
N LEU A 497 8.68 0.85 12.55
CA LEU A 497 8.83 2.30 12.49
C LEU A 497 7.52 2.93 12.02
N PRO A 498 7.34 4.24 12.28
CA PRO A 498 6.13 4.92 11.79
C PRO A 498 5.97 4.79 10.27
N LYS A 499 6.99 5.18 9.54
CA LYS A 499 7.05 4.94 8.10
C LYS A 499 8.00 3.79 7.82
N GLY A 500 7.90 3.24 6.61
CA GLY A 500 8.72 2.12 6.21
C GLY A 500 10.20 2.40 6.36
N PRO A 501 10.97 1.36 6.70
CA PRO A 501 12.42 1.55 6.84
C PRO A 501 13.05 2.01 5.54
N GLU A 502 14.20 2.68 5.66
CA GLU A 502 14.86 3.21 4.48
C GLU A 502 15.35 2.10 3.56
N SER A 503 15.68 0.94 4.11
CA SER A 503 16.06 -0.20 3.27
C SER A 503 14.88 -0.70 2.46
N GLU A 504 13.78 -1.03 3.14
CA GLU A 504 12.54 -1.44 2.46
C GLU A 504 11.60 -0.27 2.23
N SER A 505 12.12 0.79 1.60
CA SER A 505 11.36 2.00 1.34
C SER A 505 10.68 1.90 -0.02
N GLU A 506 10.17 3.04 -0.50
CA GLU A 506 9.39 3.04 -1.74
C GLU A 506 10.29 2.90 -2.96
N ASP A 507 11.36 3.69 -3.04
CA ASP A 507 12.18 3.72 -4.25
C ASP A 507 13.67 3.65 -3.95
N HIS A 508 14.06 2.87 -2.95
CA HIS A 508 15.47 2.63 -2.65
C HIS A 508 15.85 1.17 -2.81
N ARG A 509 15.25 0.49 -3.79
CA ARG A 509 15.58 -0.90 -4.07
C ARG A 509 17.02 -1.04 -4.53
N ALA A 510 17.82 -1.80 -3.78
CA ALA A 510 19.22 -1.97 -4.11
C ALA A 510 19.37 -2.74 -5.42
N SER A 511 20.55 -2.61 -6.03
CA SER A 511 20.82 -3.31 -7.28
C SER A 511 20.83 -4.81 -7.06
N GLY A 512 20.08 -5.54 -7.89
CA GLY A 512 19.99 -6.98 -7.76
C GLY A 512 19.01 -7.45 -6.71
N GLU A 513 18.06 -6.62 -6.31
CA GLU A 513 17.06 -6.97 -5.31
C GLU A 513 15.72 -7.17 -6.00
N VAL A 514 15.06 -8.27 -5.69
CA VAL A 514 13.76 -8.62 -6.27
C VAL A 514 12.72 -8.61 -5.16
N ARG A 515 11.78 -7.67 -5.24
CA ARG A 515 10.74 -7.53 -4.23
C ARG A 515 9.45 -8.17 -4.74
N THR A 516 9.43 -9.50 -4.68
CA THR A 516 8.26 -10.28 -5.08
C THR A 516 7.87 -11.22 -3.95
N GLY A 517 6.57 -11.45 -3.84
CA GLY A 517 6.07 -12.31 -2.77
C GLY A 517 6.16 -11.62 -1.42
N LYS A 518 6.67 -12.36 -0.44
CA LYS A 518 6.84 -11.84 0.92
C LYS A 518 8.30 -11.39 1.06
N TRP A 519 8.60 -10.23 0.48
CA TRP A 519 9.96 -9.73 0.44
C TRP A 519 10.34 -8.93 1.67
N LYS A 520 9.37 -8.40 2.40
CA LYS A 520 9.65 -7.56 3.57
C LYS A 520 9.94 -8.43 4.79
N VAL A 521 10.82 -7.95 5.65
CA VAL A 521 11.18 -8.71 6.85
C VAL A 521 9.98 -8.77 7.78
N PRO A 522 9.64 -9.92 8.35
CA PRO A 522 8.49 -10.00 9.24
C PRO A 522 8.72 -9.24 10.54
N THR A 523 7.61 -8.88 11.18
CA THR A 523 7.60 -8.19 12.46
C THR A 523 6.68 -8.93 13.42
N TYR A 524 6.41 -8.30 14.57
CA TYR A 524 5.53 -8.92 15.55
C TYR A 524 4.10 -9.00 15.05
N LYS A 525 3.72 -8.12 14.11
CA LYS A 525 2.34 -8.06 13.64
C LYS A 525 1.95 -9.28 12.83
N ASP A 526 2.90 -10.11 12.43
CA ASP A 526 2.59 -11.30 11.64
C ASP A 526 2.28 -12.52 12.48
N TYR A 527 2.69 -12.53 13.74
CA TYR A 527 2.43 -13.65 14.64
C TYR A 527 1.19 -13.46 15.49
N VAL A 528 0.52 -12.30 15.38
CA VAL A 528 -0.68 -12.06 16.17
C VAL A 528 -1.79 -13.02 15.76
N ASP A 529 -1.91 -13.30 14.48
CA ASP A 529 -2.92 -14.25 14.01
C ASP A 529 -2.60 -15.66 14.51
N LEU A 530 -1.33 -16.04 14.48
CA LEU A 530 -0.92 -17.35 15.02
C LEU A 530 -1.29 -17.47 16.49
N PHE A 531 -0.99 -16.44 17.28
CA PHE A 531 -1.28 -16.52 18.71
C PHE A 531 -2.78 -16.46 18.98
N ARG A 532 -3.54 -15.74 18.15
CA ARG A 532 -5.00 -15.73 18.31
C ARG A 532 -5.58 -17.10 17.99
N HIS A 533 -5.04 -17.78 16.97
CA HIS A 533 -5.49 -19.13 16.66
C HIS A 533 -5.10 -20.10 17.77
N LEU A 534 -3.93 -19.91 18.38
CA LEU A 534 -3.50 -20.78 19.46
C LEU A 534 -4.38 -20.60 20.70
N LEU A 535 -4.69 -19.35 21.04
CA LEU A 535 -5.50 -19.07 22.21
C LEU A 535 -6.98 -19.34 21.99
N SER A 536 -7.40 -19.62 20.75
CA SER A 536 -8.79 -19.92 20.44
C SER A 536 -8.93 -21.24 19.69
N SER A 537 -8.10 -22.23 20.02
CA SER A 537 -8.10 -23.52 19.32
C SER A 537 -9.05 -24.47 20.04
N ASP A 538 -10.33 -24.41 19.66
CA ASP A 538 -11.34 -25.33 20.17
C ASP A 538 -11.91 -26.19 19.06
N GLN A 539 -12.37 -25.58 17.96
CA GLN A 539 -12.83 -26.37 16.82
C GLN A 539 -11.67 -27.08 16.14
N MET A 540 -10.45 -26.51 16.23
CA MET A 540 -9.28 -27.18 15.69
C MET A 540 -8.96 -28.44 16.49
N MET A 541 -9.09 -28.36 17.81
CA MET A 541 -8.90 -29.55 18.64
C MET A 541 -9.92 -30.63 18.32
N ASP A 542 -11.15 -30.22 18.02
CA ASP A 542 -12.17 -31.19 17.63
C ASP A 542 -11.81 -31.87 16.30
N SER A 543 -11.24 -31.10 15.37
CA SER A 543 -10.83 -31.69 14.10
C SER A 543 -9.64 -32.63 14.28
N ILE A 544 -8.75 -32.30 15.23
CA ILE A 544 -7.59 -33.15 15.48
C ILE A 544 -8.03 -34.47 16.13
N LEU A 545 -8.85 -34.38 17.18
CA LEU A 545 -9.25 -35.58 17.92
C LEU A 545 -10.09 -36.50 17.04
N ALA A 546 -10.97 -35.94 16.21
CA ALA A 546 -11.86 -36.75 15.38
C ALA A 546 -11.15 -37.39 14.20
N ASP A 547 -9.89 -37.05 13.94
CA ASP A 547 -9.19 -37.61 12.80
C ASP A 547 -8.61 -39.00 13.12
N GLU A 548 -7.75 -39.08 14.13
CA GLU A 548 -7.12 -40.32 14.53
C GLU A 548 -7.88 -40.93 15.70
N ALA A 549 -7.89 -42.27 15.74
CA ALA A 549 -8.65 -42.98 16.77
C ALA A 549 -8.00 -42.90 18.14
N PHE A 550 -6.67 -42.82 18.21
CA PHE A 550 -5.98 -42.79 19.49
C PHE A 550 -6.07 -41.43 20.17
N PHE A 551 -6.33 -40.36 19.40
CA PHE A 551 -6.45 -39.04 19.99
C PHE A 551 -7.67 -38.95 20.91
N SER A 552 -8.74 -39.66 20.58
CA SER A 552 -9.94 -39.66 21.41
C SER A 552 -9.81 -40.58 22.62
N VAL A 553 -8.72 -41.33 22.73
CA VAL A 553 -8.52 -42.26 23.84
C VAL A 553 -7.77 -41.60 24.99
N ASN A 554 -6.74 -40.82 24.69
CA ASN A 554 -5.94 -40.17 25.73
C ASN A 554 -6.71 -38.98 26.31
N SER A 555 -6.05 -38.24 27.20
CA SER A 555 -6.69 -37.10 27.84
C SER A 555 -6.87 -35.96 26.83
N SER A 556 -8.11 -35.51 26.66
CA SER A 556 -8.43 -34.41 25.75
C SER A 556 -8.59 -33.14 26.57
N SER A 557 -7.51 -32.37 26.66
CA SER A 557 -7.51 -31.14 27.45
C SER A 557 -8.28 -30.03 26.77
N GLU A 558 -9.56 -29.86 27.14
CA GLU A 558 -10.35 -28.78 26.57
C GLU A 558 -9.88 -27.41 27.07
N SER A 559 -9.14 -27.38 28.17
CA SER A 559 -8.68 -26.13 28.75
C SER A 559 -7.32 -25.72 28.17
N LEU A 560 -7.03 -26.16 26.96
CA LEU A 560 -5.78 -25.80 26.31
C LEU A 560 -5.69 -24.29 26.10
N ASN A 561 -6.81 -23.62 25.84
CA ASN A 561 -6.80 -22.18 25.69
C ASN A 561 -6.37 -21.49 26.97
N HIS A 562 -6.97 -21.89 28.10
CA HIS A 562 -6.60 -21.31 29.39
C HIS A 562 -5.15 -21.63 29.73
N LEU A 563 -4.71 -22.84 29.43
CA LEU A 563 -3.31 -23.21 29.68
C LEU A 563 -2.36 -22.32 28.90
N LEU A 564 -2.60 -22.16 27.59
CA LEU A 564 -1.74 -21.33 26.77
C LEU A 564 -1.79 -19.86 27.18
N TYR A 565 -2.96 -19.39 27.63
CA TYR A 565 -3.06 -18.02 28.10
C TYR A 565 -2.21 -17.80 29.36
N ASP A 566 -2.31 -18.72 30.32
CA ASP A 566 -1.48 -18.62 31.52
C ASP A 566 0.00 -18.72 31.17
N GLU A 567 0.37 -19.59 30.23
CA GLU A 567 1.77 -19.70 29.84
C GLU A 567 2.26 -18.42 29.18
N PHE A 568 1.43 -17.80 28.34
CA PHE A 568 1.81 -16.54 27.71
C PHE A 568 1.98 -15.45 28.77
N VAL A 569 1.10 -15.40 29.75
CA VAL A 569 1.20 -14.37 30.78
C VAL A 569 2.46 -14.55 31.60
N LYS A 570 2.75 -15.79 32.02
CA LYS A 570 3.95 -16.02 32.82
C LYS A 570 5.22 -15.81 32.00
N SER A 571 5.18 -16.11 30.69
CA SER A 571 6.33 -15.84 29.85
C SER A 571 6.57 -14.34 29.69
N VAL A 572 5.48 -13.57 29.56
CA VAL A 572 5.60 -12.11 29.51
C VAL A 572 6.22 -11.61 30.80
N LEU A 573 5.77 -12.13 31.94
CA LEU A 573 6.33 -11.71 33.22
C LEU A 573 7.81 -12.05 33.30
N LYS A 574 8.19 -13.26 32.88
CA LYS A 574 9.60 -13.67 32.93
C LYS A 574 10.46 -12.80 32.02
N ILE A 575 9.95 -12.45 30.84
CA ILE A 575 10.71 -11.59 29.94
C ILE A 575 10.85 -10.19 30.54
N VAL A 576 9.80 -9.69 31.18
CA VAL A 576 9.85 -8.36 31.78
C VAL A 576 10.89 -8.33 32.90
N GLU A 577 10.87 -9.34 33.78
CA GLU A 577 11.81 -9.35 34.89
C GLU A 577 13.22 -9.74 34.49
N LYS A 578 13.47 -10.02 33.20
CA LYS A 578 14.78 -10.43 32.74
C LYS A 578 15.53 -9.33 31.98
N LEU A 579 14.81 -8.41 31.36
CA LEU A 579 15.44 -7.37 30.55
C LEU A 579 16.20 -6.38 31.43
N ASP A 580 17.06 -5.60 30.78
CA ASP A 580 17.89 -4.59 31.44
C ASP A 580 17.58 -3.26 30.78
N LEU A 581 16.58 -2.55 31.30
CA LEU A 581 16.15 -1.27 30.76
C LEU A 581 16.78 -0.12 31.54
N THR A 582 18.11 -0.04 31.47
CA THR A 582 18.87 1.01 32.16
C THR A 582 19.43 1.98 31.12
N LEU A 583 19.28 3.26 31.39
CA LEU A 583 19.75 4.30 30.48
C LEU A 583 21.09 4.85 30.96
N GLU A 584 22.04 4.96 30.05
CA GLU A 584 23.38 5.46 30.37
C GLU A 584 23.77 6.53 29.36
N ILE A 585 24.92 7.15 29.61
CA ILE A 585 25.44 8.20 28.73
C ILE A 585 26.58 7.65 27.89
N ASP A 607 17.90 19.51 28.04
CA ASP A 607 19.34 19.25 28.01
C ASP A 607 19.74 17.91 28.67
N PRO A 608 19.26 17.62 29.89
CA PRO A 608 19.63 16.34 30.50
C PRO A 608 18.94 15.15 29.85
N ALA A 609 17.77 15.35 29.26
CA ALA A 609 17.01 14.28 28.62
C ALA A 609 17.41 14.05 27.17
N ALA A 610 18.59 14.50 26.76
CA ALA A 610 19.06 14.35 25.39
C ALA A 610 20.22 13.39 25.24
N ASN A 611 21.17 13.40 26.17
CA ASN A 611 22.35 12.54 26.12
C ASN A 611 22.12 11.19 26.78
N LEU A 612 20.87 10.77 26.93
CA LEU A 612 20.53 9.51 27.59
C LEU A 612 20.37 8.42 26.53
N HIS A 613 21.11 7.33 26.70
CA HIS A 613 21.11 6.22 25.76
C HIS A 613 20.84 4.92 26.49
N PRO A 614 20.16 3.97 25.85
CA PRO A 614 19.94 2.67 26.49
C PRO A 614 21.23 1.87 26.54
N ALA A 615 21.42 1.17 27.66
CA ALA A 615 22.62 0.34 27.83
C ALA A 615 22.64 -0.80 26.81
N LYS A 616 21.51 -1.48 26.65
CA LYS A 616 21.37 -2.57 25.69
C LYS A 616 20.20 -2.22 24.76
N PRO A 617 20.48 -1.68 23.58
CA PRO A 617 19.38 -1.30 22.66
C PRO A 617 18.53 -2.48 22.23
N LYS A 618 19.11 -3.68 22.11
CA LYS A 618 18.31 -4.85 21.77
C LYS A 618 17.28 -5.17 22.85
N ASP A 619 17.64 -4.97 24.12
CA ASP A 619 16.68 -5.16 25.19
C ASP A 619 15.53 -4.17 25.09
N PHE A 620 15.87 -2.92 24.74
CA PHE A 620 14.86 -1.84 24.58
C PHE A 620 13.90 -2.21 23.44
N SER A 621 14.45 -2.70 22.32
CA SER A 621 13.64 -3.09 21.17
C SER A 621 12.74 -4.29 21.51
N ALA A 622 13.31 -5.28 22.21
CA ALA A 622 12.52 -6.44 22.61
C ALA A 622 11.40 -6.03 23.56
N PHE A 623 11.67 -5.06 24.45
CA PHE A 623 10.63 -4.60 25.37
C PHE A 623 9.51 -3.88 24.62
N ILE A 624 9.86 -3.06 23.63
CA ILE A 624 8.84 -2.38 22.84
C ILE A 624 7.99 -3.39 22.08
N ASN A 625 8.64 -4.36 21.44
CA ASN A 625 7.90 -5.40 20.72
C ASN A 625 7.02 -6.21 21.67
N LEU A 626 7.50 -6.47 22.89
CA LEU A 626 6.70 -7.21 23.86
C LEU A 626 5.49 -6.41 24.29
N VAL A 627 5.65 -5.11 24.51
CA VAL A 627 4.52 -4.26 24.88
C VAL A 627 3.47 -4.26 23.77
N GLU A 628 3.92 -4.14 22.52
CA GLU A 628 2.97 -4.14 21.40
C GLU A 628 2.26 -5.50 21.28
N PHE A 629 3.02 -6.59 21.43
CA PHE A 629 2.42 -7.92 21.34
C PHE A 629 1.43 -8.15 22.47
N CYS A 630 1.72 -7.63 23.66
CA CYS A 630 0.78 -7.74 24.76
C CYS A 630 -0.48 -6.95 24.47
N ARG A 631 -0.34 -5.71 23.97
CA ARG A 631 -1.50 -4.94 23.55
C ARG A 631 -2.35 -5.71 22.56
N GLU A 632 -1.71 -6.46 21.66
CA GLU A 632 -2.46 -7.21 20.66
C GLU A 632 -3.10 -8.48 21.21
N ILE A 633 -2.49 -9.12 22.20
CA ILE A 633 -2.86 -10.48 22.61
C ILE A 633 -3.72 -10.48 23.87
N LEU A 634 -3.33 -9.73 24.89
CA LEU A 634 -3.97 -9.80 26.20
C LEU A 634 -5.49 -9.67 26.18
N PRO A 635 -6.12 -8.74 25.43
CA PRO A 635 -7.57 -8.61 25.50
C PRO A 635 -8.33 -9.71 24.78
N GLU A 636 -7.65 -10.77 24.38
CA GLU A 636 -8.31 -11.89 23.72
C GLU A 636 -9.23 -12.62 24.69
N LYS A 637 -10.24 -13.28 24.12
CA LYS A 637 -11.22 -14.07 24.87
C LYS A 637 -11.90 -13.23 25.96
N GLN A 638 -12.17 -11.97 25.63
CA GLN A 638 -12.84 -11.02 26.50
C GLN A 638 -12.13 -10.87 27.85
N ALA A 639 -10.82 -11.10 27.88
CA ALA A 639 -10.03 -11.03 29.12
C ALA A 639 -10.61 -11.95 30.20
N GLU A 640 -11.14 -13.09 29.78
CA GLU A 640 -11.79 -14.01 30.73
C GLU A 640 -10.77 -14.58 31.70
N PHE A 641 -9.65 -15.06 31.19
CA PHE A 641 -8.63 -15.71 32.00
C PHE A 641 -7.67 -14.74 32.66
N PHE A 642 -7.81 -13.44 32.40
CA PHE A 642 -6.90 -12.45 32.96
C PHE A 642 -7.26 -12.04 34.39
N GLU A 643 -8.44 -12.43 34.87
CA GLU A 643 -8.89 -11.99 36.19
C GLU A 643 -7.94 -12.41 37.31
N PRO A 644 -7.50 -13.67 37.42
CA PRO A 644 -6.58 -14.01 38.51
C PRO A 644 -5.20 -13.38 38.37
N TRP A 645 -4.81 -12.99 37.15
CA TRP A 645 -3.51 -12.39 36.93
C TRP A 645 -3.47 -10.89 37.16
N VAL A 646 -4.62 -10.28 37.50
CA VAL A 646 -4.68 -8.82 37.58
C VAL A 646 -3.72 -8.29 38.63
N TYR A 647 -3.83 -8.80 39.87
CA TYR A 647 -3.07 -8.23 40.98
C TYR A 647 -1.58 -8.45 40.81
N SER A 648 -1.17 -9.68 40.45
CA SER A 648 0.26 -9.97 40.33
C SER A 648 0.88 -9.19 39.17
N PHE A 649 0.24 -9.19 38.02
CA PHE A 649 0.73 -8.44 36.87
C PHE A 649 0.82 -6.95 37.19
N SER A 650 -0.21 -6.41 37.83
CA SER A 650 -0.22 -4.99 38.17
C SER A 650 0.89 -4.64 39.15
N TYR A 651 1.09 -5.49 40.16
CA TYR A 651 2.14 -5.23 41.15
C TYR A 651 3.52 -5.29 40.51
N GLU A 652 3.76 -6.29 39.65
CA GLU A 652 5.04 -6.40 38.98
C GLU A 652 5.31 -5.19 38.09
N LEU A 653 4.29 -4.78 37.32
CA LEU A 653 4.46 -3.63 36.44
C LEU A 653 4.69 -2.35 37.23
N ILE A 654 3.96 -2.17 38.32
CA ILE A 654 4.12 -0.96 39.13
C ILE A 654 5.49 -0.93 39.79
N LEU A 655 6.01 -2.10 40.21
CA LEU A 655 7.35 -2.14 40.77
C LEU A 655 8.39 -1.80 39.72
N GLN A 656 8.28 -2.39 38.53
CA GLN A 656 9.25 -2.10 37.47
C GLN A 656 9.13 -0.66 37.00
N SER A 657 7.97 -0.03 37.16
CA SER A 657 7.78 1.36 36.76
C SER A 657 8.28 2.34 37.82
N THR A 658 8.11 2.02 39.10
CA THR A 658 8.66 2.88 40.14
C THR A 658 10.15 2.71 40.30
N ARG A 659 10.73 1.61 39.80
CA ARG A 659 12.18 1.49 39.73
C ARG A 659 12.76 2.09 38.45
N LEU A 660 11.93 2.26 37.42
CA LEU A 660 12.35 2.87 36.16
C LEU A 660 11.26 3.84 35.70
N PRO A 661 11.22 5.04 36.28
CA PRO A 661 10.12 5.97 35.98
C PRO A 661 10.23 6.65 34.62
N LEU A 662 11.29 6.41 33.85
CA LEU A 662 11.48 7.07 32.57
C LEU A 662 11.19 6.15 31.39
N ILE A 663 10.54 5.01 31.64
CA ILE A 663 10.19 4.06 30.59
C ILE A 663 8.69 4.12 30.36
N SER A 664 8.29 4.29 29.10
CA SER A 664 6.88 4.44 28.75
C SER A 664 6.19 3.10 28.49
N GLY A 665 6.94 2.05 28.17
CA GLY A 665 6.34 0.75 27.96
C GLY A 665 5.67 0.21 29.20
N PHE A 666 6.22 0.52 30.38
CA PHE A 666 5.57 0.13 31.63
C PHE A 666 4.20 0.80 31.77
N TYR A 667 4.12 2.09 31.43
CA TYR A 667 2.84 2.78 31.49
C TYR A 667 1.86 2.22 30.46
N LYS A 668 2.36 1.85 29.28
CA LYS A 668 1.50 1.24 28.27
C LYS A 668 0.95 -0.09 28.76
N LEU A 669 1.80 -0.94 29.33
CA LEU A 669 1.35 -2.22 29.86
C LEU A 669 0.36 -2.03 31.00
N LEU A 670 0.60 -1.03 31.86
CA LEU A 670 -0.34 -0.74 32.94
C LEU A 670 -1.69 -0.27 32.39
N SER A 671 -1.68 0.54 31.33
CA SER A 671 -2.93 0.95 30.70
C SER A 671 -3.68 -0.24 30.14
N ILE A 672 -2.96 -1.15 29.48
CA ILE A 672 -3.58 -2.37 28.95
C ILE A 672 -4.19 -3.19 30.08
N THR A 673 -3.45 -3.33 31.18
CA THR A 673 -3.94 -4.11 32.31
C THR A 673 -5.19 -3.48 32.93
N VAL A 674 -5.20 -2.16 33.08
CA VAL A 674 -6.35 -1.49 33.67
C VAL A 674 -7.56 -1.59 32.75
N ARG A 675 -7.34 -1.48 31.43
CA ARG A 675 -8.46 -1.62 30.50
C ARG A 675 -9.01 -3.04 30.51
N ASN A 676 -8.14 -4.04 30.60
CA ASN A 676 -8.61 -5.42 30.69
C ASN A 676 -9.35 -5.67 31.99
N ALA A 677 -8.92 -5.03 33.08
CA ALA A 677 -9.60 -5.19 34.36
C ALA A 677 -10.98 -4.53 34.32
N LYS A 678 -11.07 -3.36 33.69
CA LYS A 678 -12.37 -2.70 33.56
C LYS A 678 -13.29 -3.48 32.63
N LYS A 679 -12.73 -4.16 31.63
CA LYS A 679 -13.55 -4.96 30.72
C LYS A 679 -14.27 -6.10 31.45
N ILE A 680 -13.69 -6.62 32.52
CA ILE A 680 -14.28 -7.73 33.26
C ILE A 680 -14.87 -7.25 34.59
N LYS A 681 -15.00 -5.94 34.76
CA LYS A 681 -15.59 -5.36 35.98
C LYS A 681 -14.85 -5.81 37.22
N TYR A 682 -13.53 -5.66 37.21
CA TYR A 682 -12.70 -6.11 38.32
C TYR A 682 -12.84 -5.18 39.53
N PHE A 683 -12.99 -3.88 39.30
CA PHE A 683 -13.05 -2.90 40.37
C PHE A 683 -14.48 -2.49 40.73
N GLU A 684 -15.49 -3.13 40.14
CA GLU A 684 -16.88 -2.80 40.45
C GLU A 684 -17.23 -3.25 41.85
N GLY A 685 -17.73 -2.32 42.67
CA GLY A 685 -18.13 -2.64 44.02
C GLY A 685 -16.97 -3.00 44.92
N VAL A 686 -16.03 -2.07 45.09
CA VAL A 686 -14.87 -2.28 45.95
C VAL A 686 -14.78 -1.22 47.04
N SER A 687 -14.92 0.05 46.69
CA SER A 687 -14.86 1.16 47.63
C SER A 687 -13.56 1.16 48.43
N ASP A 697 -13.04 -10.93 47.83
CA ASP A 697 -11.69 -11.29 48.25
C ASP A 697 -10.86 -10.04 48.53
N PRO A 698 -9.99 -10.11 49.55
CA PRO A 698 -9.14 -8.96 49.87
C PRO A 698 -8.12 -8.61 48.81
N GLU A 699 -7.89 -9.49 47.83
CA GLU A 699 -6.91 -9.20 46.79
C GLU A 699 -7.39 -8.07 45.88
N LYS A 700 -8.70 -8.05 45.63
CA LYS A 700 -9.32 -6.99 44.80
C LYS A 700 -9.13 -5.64 45.50
N TYR A 701 -9.36 -5.59 46.82
CA TYR A 701 -9.18 -4.36 47.57
C TYR A 701 -7.71 -3.96 47.66
N SER A 702 -6.81 -4.93 47.77
CA SER A 702 -5.38 -4.61 47.79
C SER A 702 -4.95 -4.00 46.46
N CYS A 703 -5.41 -4.56 45.34
CA CYS A 703 -5.10 -4.00 44.04
C CYS A 703 -5.69 -2.60 43.88
N PHE A 704 -6.91 -2.40 44.39
CA PHE A 704 -7.54 -1.08 44.35
C PHE A 704 -6.72 -0.06 45.12
N ALA A 705 -6.34 -0.39 46.35
CA ALA A 705 -5.54 0.53 47.15
C ALA A 705 -4.16 0.76 46.57
N LEU A 706 -3.61 -0.24 45.87
CA LEU A 706 -2.33 -0.05 45.19
C LEU A 706 -2.46 0.95 44.05
N PHE A 707 -3.48 0.77 43.20
CA PHE A 707 -3.67 1.69 42.09
C PHE A 707 -4.03 3.09 42.56
N VAL A 708 -4.74 3.21 43.69
CA VAL A 708 -5.09 4.53 44.20
C VAL A 708 -3.83 5.33 44.52
N LYS A 709 -2.87 4.72 45.19
CA LYS A 709 -1.62 5.41 45.51
C LYS A 709 -0.75 5.61 44.28
N PHE A 710 -0.71 4.62 43.37
CA PHE A 710 0.15 4.74 42.22
C PHE A 710 -0.34 5.84 41.28
N GLY A 711 -1.65 6.02 41.16
CA GLY A 711 -2.17 7.10 40.34
C GLY A 711 -1.77 8.46 40.87
N LYS A 712 -1.87 8.65 42.19
CA LYS A 712 -1.42 9.89 42.81
C LYS A 712 0.07 10.11 42.59
N GLU A 713 0.87 9.07 42.76
CA GLU A 713 2.31 9.21 42.56
C GLU A 713 2.64 9.59 41.12
N VAL A 714 1.97 8.97 40.16
CA VAL A 714 2.21 9.28 38.75
C VAL A 714 1.78 10.70 38.43
N ALA A 715 0.62 11.11 38.94
CA ALA A 715 0.13 12.46 38.68
C ALA A 715 1.07 13.50 39.27
N VAL A 716 1.65 13.20 40.44
CA VAL A 716 2.58 14.14 41.05
C VAL A 716 3.90 14.20 40.29
N LYS A 717 4.44 13.05 39.88
CA LYS A 717 5.77 13.02 39.28
C LYS A 717 5.77 13.27 37.77
N MET A 718 4.61 13.28 37.13
CA MET A 718 4.57 13.46 35.68
C MET A 718 4.68 14.92 35.26
N LYS A 719 4.85 15.86 36.18
CA LYS A 719 4.92 17.27 35.84
C LYS A 719 6.21 17.67 35.14
N GLN A 720 7.11 16.75 34.81
CA GLN A 720 8.36 17.11 34.15
C GLN A 720 8.69 16.19 32.98
N TYR A 721 7.71 15.44 32.47
CA TYR A 721 7.94 14.53 31.37
C TYR A 721 7.76 15.23 30.02
N LYS A 722 7.93 14.47 28.95
CA LYS A 722 7.85 15.03 27.61
C LYS A 722 7.08 14.08 26.71
N ASP A 723 7.12 14.36 25.40
CA ASP A 723 6.13 13.93 24.40
C ASP A 723 5.74 12.47 24.62
N GLU A 724 6.67 11.51 24.48
CA GLU A 724 6.28 10.11 24.56
C GLU A 724 5.95 9.71 25.99
N LEU A 725 6.82 10.08 26.94
CA LEU A 725 6.60 9.69 28.33
C LEU A 725 5.35 10.35 28.89
N LEU A 726 5.17 11.65 28.62
CA LEU A 726 3.98 12.34 29.11
C LEU A 726 2.71 11.81 28.43
N ALA A 727 2.80 11.45 27.15
CA ALA A 727 1.66 10.88 26.47
C ALA A 727 1.25 9.56 27.11
N SER A 728 2.23 8.68 27.36
CA SER A 728 1.92 7.41 28.01
C SER A 728 1.40 7.60 29.42
N CYS A 729 1.95 8.57 30.18
CA CYS A 729 1.48 8.81 31.54
C CYS A 729 0.04 9.32 31.53
N LEU A 730 -0.28 10.23 30.61
CA LEU A 730 -1.65 10.73 30.52
C LEU A 730 -2.61 9.63 30.09
N THR A 731 -2.19 8.77 29.15
CA THR A 731 -3.03 7.65 28.75
C THR A 731 -3.31 6.73 29.93
N PHE A 732 -2.28 6.42 30.72
CA PHE A 732 -2.47 5.57 31.88
C PHE A 732 -3.40 6.23 32.91
N LEU A 733 -3.17 7.50 33.21
CA LEU A 733 -3.98 8.19 34.21
C LEU A 733 -5.43 8.33 33.78
N LEU A 734 -5.70 8.48 32.48
CA LEU A 734 -7.06 8.57 31.98
C LEU A 734 -7.68 7.21 31.70
N SER A 735 -6.88 6.13 31.76
CA SER A 735 -7.40 4.79 31.62
C SER A 735 -7.93 4.21 32.92
N LEU A 736 -7.64 4.85 34.06
CA LEU A 736 -8.06 4.37 35.37
C LEU A 736 -9.58 4.31 35.47
N PRO A 737 -10.14 3.40 36.27
CA PRO A 737 -11.59 3.34 36.42
C PRO A 737 -12.12 4.53 37.19
N HIS A 738 -13.44 4.71 37.11
CA HIS A 738 -14.07 5.85 37.77
C HIS A 738 -14.08 5.70 39.29
N ASN A 739 -13.97 4.47 39.80
CA ASN A 739 -13.96 4.26 41.24
C ASN A 739 -12.78 4.96 41.90
N ILE A 740 -11.64 4.98 41.22
CA ILE A 740 -10.46 5.65 41.76
C ILE A 740 -10.57 7.16 41.57
N ILE A 741 -11.19 7.59 40.48
CA ILE A 741 -11.31 9.02 40.19
C ILE A 741 -12.26 9.69 41.17
N GLU A 742 -13.31 8.97 41.59
CA GLU A 742 -14.29 9.55 42.50
C GLU A 742 -13.67 9.96 43.83
N LEU A 743 -12.56 9.34 44.21
CA LEU A 743 -11.92 9.67 45.49
C LEU A 743 -11.40 11.10 45.49
N ASP A 744 -10.72 11.51 44.42
CA ASP A 744 -10.19 12.87 44.33
C ASP A 744 -10.11 13.23 42.85
N VAL A 745 -11.11 13.99 42.38
CA VAL A 745 -11.10 14.42 40.98
C VAL A 745 -10.14 15.58 40.78
N ARG A 746 -9.84 16.33 41.83
CA ARG A 746 -8.94 17.46 41.72
C ARG A 746 -7.54 17.02 41.28
N ALA A 747 -7.13 15.82 41.67
CA ALA A 747 -5.80 15.34 41.33
C ALA A 747 -5.69 14.88 39.88
N TYR A 748 -6.82 14.52 39.26
CA TYR A 748 -6.82 14.01 37.90
C TYR A 748 -7.36 15.01 36.89
N VAL A 749 -7.91 16.14 37.34
CA VAL A 749 -8.35 17.17 36.40
C VAL A 749 -7.19 17.76 35.60
N PRO A 750 -6.04 18.11 36.21
CA PRO A 750 -4.92 18.62 35.38
C PRO A 750 -4.46 17.63 34.33
N ALA A 751 -4.52 16.32 34.60
CA ALA A 751 -4.16 15.35 33.59
C ALA A 751 -5.07 15.43 32.38
N LEU A 752 -6.39 15.52 32.61
CA LEU A 752 -7.33 15.65 31.51
C LEU A 752 -7.13 16.97 30.77
N GLN A 753 -6.81 18.04 31.50
CA GLN A 753 -6.55 19.32 30.85
C GLN A 753 -5.32 19.24 29.95
N MET A 754 -4.24 18.63 30.44
CA MET A 754 -3.05 18.46 29.61
C MET A 754 -3.34 17.59 28.39
N ALA A 755 -4.14 16.54 28.58
CA ALA A 755 -4.51 15.69 27.44
C ALA A 755 -5.28 16.46 26.40
N PHE A 756 -6.26 17.27 26.83
CA PHE A 756 -7.04 18.05 25.87
C PHE A 756 -6.18 19.11 25.19
N LYS A 757 -5.21 19.67 25.91
CA LYS A 757 -4.35 20.69 25.30
C LYS A 757 -3.40 20.06 24.29
N LEU A 758 -2.89 18.87 24.58
CA LEU A 758 -1.98 18.20 23.65
C LEU A 758 -2.73 17.51 22.51
N GLY A 759 -4.04 17.29 22.65
CA GLY A 759 -4.80 16.65 21.59
C GLY A 759 -4.96 17.47 20.34
N LEU A 760 -4.64 18.76 20.38
CA LEU A 760 -4.74 19.58 19.18
C LEU A 760 -3.75 19.10 18.12
N SER A 761 -2.56 18.67 18.54
CA SER A 761 -1.57 18.16 17.61
C SER A 761 -1.55 16.64 17.57
N TYR A 762 -1.70 16.00 18.73
CA TYR A 762 -1.65 14.54 18.84
C TYR A 762 -3.06 14.02 19.05
N THR A 763 -3.63 13.43 18.00
CA THR A 763 -5.02 12.98 18.05
C THR A 763 -5.28 11.89 19.09
N PRO A 764 -4.43 10.86 19.26
CA PRO A 764 -4.74 9.83 20.26
C PRO A 764 -4.93 10.37 21.66
N LEU A 765 -4.18 11.40 22.06
CA LEU A 765 -4.40 12.00 23.37
C LEU A 765 -5.79 12.65 23.45
N ALA A 766 -6.23 13.30 22.37
CA ALA A 766 -7.58 13.85 22.35
C ALA A 766 -8.63 12.76 22.47
N GLU A 767 -8.41 11.63 21.79
CA GLU A 767 -9.38 10.53 21.88
C GLU A 767 -9.42 9.96 23.29
N VAL A 768 -8.25 9.78 23.91
CA VAL A 768 -8.20 9.27 25.28
C VAL A 768 -8.90 10.23 26.23
N GLY A 769 -8.68 11.53 26.05
CA GLY A 769 -9.32 12.52 26.89
C GLY A 769 -10.83 12.51 26.73
N LEU A 770 -11.31 12.39 25.48
CA LEU A 770 -12.75 12.34 25.25
C LEU A 770 -13.36 11.11 25.90
N ASN A 771 -12.70 9.96 25.77
CA ASN A 771 -13.21 8.74 26.40
C ASN A 771 -13.24 8.87 27.92
N ALA A 772 -12.18 9.45 28.50
CA ALA A 772 -12.15 9.62 29.95
C ALA A 772 -13.24 10.58 30.42
N LEU A 773 -13.44 11.67 29.69
CA LEU A 773 -14.49 12.64 30.06
C LEU A 773 -15.87 12.01 29.95
N GLU A 774 -16.11 11.21 28.91
CA GLU A 774 -17.39 10.52 28.77
C GLU A 774 -17.61 9.55 29.92
N GLU A 775 -16.59 8.77 30.26
CA GLU A 775 -16.72 7.82 31.37
C GLU A 775 -17.00 8.55 32.69
N TRP A 776 -16.31 9.67 32.92
CA TRP A 776 -16.50 10.41 34.17
C TRP A 776 -17.89 11.03 34.21
N SER A 777 -18.38 11.54 33.08
CA SER A 777 -19.71 12.16 33.07
C SER A 777 -20.80 11.10 33.21
N ILE A 778 -20.54 9.88 32.75
CA ILE A 778 -21.57 8.84 32.82
C ILE A 778 -21.62 8.21 34.20
N TYR A 779 -20.46 7.84 34.76
CA TYR A 779 -20.44 7.03 35.97
C TYR A 779 -20.25 7.80 37.26
N ILE A 780 -19.43 8.85 37.27
CA ILE A 780 -19.20 9.61 38.50
C ILE A 780 -20.43 10.42 38.85
N ASP A 781 -20.67 10.59 40.14
CA ASP A 781 -21.84 11.34 40.61
C ASP A 781 -21.83 12.76 40.07
N ARG A 782 -23.02 13.29 39.80
CA ARG A 782 -23.13 14.60 39.19
C ARG A 782 -22.67 15.71 40.14
N HIS A 783 -23.01 15.58 41.43
CA HIS A 783 -22.63 16.60 42.40
C HIS A 783 -21.12 16.67 42.61
N VAL A 784 -20.40 15.59 42.30
CA VAL A 784 -18.95 15.60 42.44
C VAL A 784 -18.30 16.22 41.21
N MET A 785 -18.80 15.88 40.02
CA MET A 785 -18.20 16.38 38.78
C MET A 785 -18.62 17.82 38.49
N GLN A 786 -19.69 18.30 39.13
CA GLN A 786 -20.23 19.63 38.84
C GLN A 786 -19.22 20.77 38.93
N PRO A 787 -18.42 20.92 40.00
CA PRO A 787 -17.51 22.06 40.08
C PRO A 787 -16.26 21.94 39.22
N TYR A 788 -16.10 20.87 38.45
CA TYR A 788 -14.91 20.68 37.63
C TYR A 788 -15.16 20.86 36.14
N TYR A 789 -16.42 20.96 35.71
CA TYR A 789 -16.69 21.20 34.30
C TYR A 789 -16.20 22.56 33.85
N LYS A 790 -16.32 23.58 34.71
CA LYS A 790 -15.83 24.92 34.38
C LYS A 790 -14.33 24.95 34.17
N ASP A 791 -13.59 23.91 34.59
CA ASP A 791 -12.17 23.80 34.31
C ASP A 791 -11.85 22.80 33.23
N ILE A 792 -12.69 21.80 33.02
CA ILE A 792 -12.44 20.78 32.00
C ILE A 792 -12.90 21.23 30.62
N LEU A 793 -14.15 21.67 30.50
CA LEU A 793 -14.77 21.96 29.20
C LEU A 793 -14.11 23.11 28.43
N PRO A 794 -13.67 24.20 29.07
CA PRO A 794 -12.98 25.26 28.29
C PRO A 794 -11.79 24.76 27.50
N CYS A 795 -11.19 23.63 27.88
CA CYS A 795 -10.10 23.06 27.09
C CYS A 795 -10.59 22.50 25.76
N LEU A 796 -11.88 22.16 25.65
CA LEU A 796 -12.44 21.63 24.42
C LEU A 796 -12.79 22.71 23.41
N ASP A 797 -12.62 23.98 23.75
CA ASP A 797 -12.96 25.06 22.83
C ASP A 797 -11.98 25.16 21.67
N GLY A 798 -10.74 24.72 21.87
CA GLY A 798 -9.74 24.80 20.82
C GLY A 798 -10.05 23.91 19.63
N TYR A 799 -10.85 22.86 19.83
CA TYR A 799 -11.20 21.97 18.72
C TYR A 799 -12.28 22.57 17.83
N LEU A 800 -13.13 23.44 18.39
CA LEU A 800 -14.21 24.05 17.62
C LEU A 800 -13.79 25.32 16.91
N LYS A 801 -12.70 25.95 17.35
CA LYS A 801 -12.21 27.18 16.73
C LYS A 801 -11.55 26.95 15.37
N THR A 802 -11.46 25.72 14.89
CA THR A 802 -10.84 25.45 13.60
C THR A 802 -11.72 24.54 12.75
N ASN A 812 -18.71 30.26 5.87
CA ASN A 812 -18.52 30.85 4.55
C ASN A 812 -19.75 31.64 4.13
N TRP A 813 -20.63 30.98 3.36
CA TRP A 813 -21.84 31.62 2.86
C TRP A 813 -22.96 31.54 3.89
N GLU A 814 -23.88 32.49 3.79
CA GLU A 814 -25.06 32.50 4.63
C GLU A 814 -26.19 33.21 3.89
N VAL A 815 -27.40 33.10 4.43
CA VAL A 815 -28.60 33.58 3.75
C VAL A 815 -28.47 35.04 3.35
N SER A 816 -27.78 35.84 4.16
CA SER A 816 -27.57 37.25 3.85
C SER A 816 -26.77 37.47 2.57
N ALA A 817 -26.09 36.44 2.07
CA ALA A 817 -25.36 36.51 0.80
C ALA A 817 -26.07 35.80 -0.34
N LEU A 818 -26.64 34.63 -0.08
CA LEU A 818 -27.36 33.92 -1.13
C LEU A 818 -28.69 34.60 -1.49
N SER A 819 -29.23 35.44 -0.59
CA SER A 819 -30.40 36.23 -0.95
C SER A 819 -30.05 37.34 -1.92
N ARG A 820 -28.86 37.93 -1.78
CA ARG A 820 -28.40 38.93 -2.74
C ARG A 820 -27.93 38.28 -4.03
N ALA A 821 -27.43 37.04 -3.95
CA ALA A 821 -26.96 36.35 -5.14
C ALA A 821 -28.08 36.11 -6.14
N ALA A 822 -29.32 36.02 -5.66
CA ALA A 822 -30.47 35.81 -6.53
C ALA A 822 -30.80 37.08 -7.31
N ALA A 845 -4.89 5.98 13.71
CA ALA A 845 -5.12 7.39 14.02
C ALA A 845 -6.30 7.94 13.23
N ILE A 846 -7.26 8.53 13.92
CA ILE A 846 -8.44 9.10 13.30
C ILE A 846 -8.17 10.55 12.95
N SER A 847 -8.95 11.07 12.00
CA SER A 847 -8.77 12.44 11.54
C SER A 847 -9.26 13.43 12.59
N LEU A 848 -8.86 14.69 12.41
CA LEU A 848 -9.30 15.75 13.32
C LEU A 848 -10.77 16.09 13.14
N GLU A 849 -11.34 15.85 11.95
CA GLU A 849 -12.76 16.07 11.75
C GLU A 849 -13.58 15.14 12.63
N GLU A 850 -13.14 13.87 12.75
CA GLU A 850 -13.81 12.95 13.66
C GLU A 850 -13.70 13.41 15.10
N ILE A 851 -12.57 14.02 15.46
CA ILE A 851 -12.41 14.55 16.81
C ILE A 851 -13.38 15.70 17.05
N ARG A 852 -13.55 16.58 16.06
CA ARG A 852 -14.49 17.68 16.21
C ARG A 852 -15.92 17.16 16.32
N ILE A 853 -16.27 16.14 15.52
CA ILE A 853 -17.61 15.56 15.59
C ILE A 853 -17.84 14.93 16.96
N ARG A 854 -16.84 14.24 17.49
CA ARG A 854 -16.97 13.65 18.82
C ARG A 854 -17.08 14.73 19.90
N VAL A 855 -16.38 15.86 19.74
CA VAL A 855 -16.50 16.94 20.71
C VAL A 855 -17.91 17.54 20.67
N VAL A 856 -18.45 17.72 19.47
CA VAL A 856 -19.82 18.25 19.35
C VAL A 856 -20.81 17.28 19.98
N GLN A 857 -20.66 15.98 19.72
CA GLN A 857 -21.57 15.00 20.30
C GLN A 857 -21.41 14.92 21.82
N MET A 858 -20.19 15.19 22.29
CA MET A 858 -19.90 15.19 23.75
C MET A 858 -20.63 16.37 24.40
N LEU A 859 -20.52 17.55 23.78
CA LEU A 859 -21.18 18.75 24.29
C LEU A 859 -22.70 18.62 24.23
N GLY A 860 -23.20 17.93 23.21
CA GLY A 860 -24.64 17.73 23.12
C GLY A 860 -25.16 16.71 24.12
N SER A 861 -24.39 15.62 24.35
CA SER A 861 -24.79 14.62 25.32
C SER A 861 -24.87 15.20 26.72
N LEU A 862 -23.91 16.05 27.08
CA LEU A 862 -24.01 16.80 28.32
C LEU A 862 -25.16 17.80 28.22
N GLY A 863 -25.96 17.88 29.28
CA GLY A 863 -27.12 18.74 29.26
C GLY A 863 -26.76 20.21 29.18
N GLY A 864 -27.80 21.03 29.04
CA GLY A 864 -27.61 22.47 29.01
C GLY A 864 -27.05 23.04 30.30
N GLN A 865 -27.14 22.31 31.40
CA GLN A 865 -26.59 22.77 32.67
C GLN A 865 -25.09 22.56 32.75
N ILE A 866 -24.51 21.79 31.84
CA ILE A 866 -23.09 21.44 31.88
C ILE A 866 -22.32 22.08 30.74
N ASN A 867 -22.81 21.92 29.49
CA ASN A 867 -22.08 22.39 28.33
C ASN A 867 -21.93 23.91 28.29
N LYS A 868 -22.64 24.61 29.18
CA LYS A 868 -22.56 26.09 29.25
C LYS A 868 -21.18 26.49 29.78
N ASN A 869 -20.48 25.56 30.45
CA ASN A 869 -19.15 25.82 30.98
C ASN A 869 -18.08 25.90 29.90
N LEU A 870 -18.42 25.56 28.66
CA LEU A 870 -17.48 25.76 27.56
C LEU A 870 -17.17 27.23 27.35
N LEU A 871 -18.10 28.11 27.70
CA LEU A 871 -17.95 29.55 27.55
C LEU A 871 -18.08 30.18 28.93
N THR A 872 -16.97 30.25 29.66
CA THR A 872 -16.94 30.89 30.97
C THR A 872 -16.40 32.31 30.85
N VAL A 873 -16.75 33.13 31.85
CA VAL A 873 -16.24 34.51 31.86
C VAL A 873 -14.74 34.53 32.06
N THR A 874 -14.20 33.56 32.81
CA THR A 874 -12.75 33.50 32.99
C THR A 874 -12.05 33.17 31.67
N SER A 875 -12.63 32.26 30.88
CA SER A 875 -12.06 31.94 29.58
C SER A 875 -12.07 33.16 28.67
N SER A 876 -13.15 33.93 28.69
CA SER A 876 -13.23 35.14 27.87
C SER A 876 -12.21 36.18 28.34
N ASP A 877 -12.03 36.33 29.65
CA ASP A 877 -11.05 37.27 30.17
C ASP A 877 -9.64 36.86 29.77
N GLU A 878 -9.37 35.55 29.78
CA GLU A 878 -8.06 35.05 29.36
C GLU A 878 -7.83 35.20 27.86
N MET A 879 -8.87 35.03 27.05
CA MET A 879 -8.72 35.13 25.60
C MET A 879 -8.77 36.56 25.09
N MET A 880 -9.26 37.51 25.89
CA MET A 880 -9.26 38.91 25.51
C MET A 880 -7.89 39.56 25.65
N LYS A 881 -6.90 38.84 26.17
CA LYS A 881 -5.56 39.39 26.33
C LYS A 881 -4.82 39.52 25.01
N SER A 882 -5.20 38.75 23.99
CA SER A 882 -4.56 38.80 22.68
C SER A 882 -5.19 39.83 21.77
N TYR A 883 -6.03 40.72 22.29
CA TYR A 883 -6.69 41.74 21.49
C TYR A 883 -6.39 43.15 21.95
N VAL A 884 -5.65 43.32 23.04
CA VAL A 884 -5.29 44.64 23.53
C VAL A 884 -4.06 45.14 22.79
N ALA A 885 -3.98 46.45 22.60
CA ALA A 885 -2.84 47.03 21.89
C ALA A 885 -1.58 46.91 22.72
N TRP A 886 -0.44 46.71 22.04
CA TRP A 886 0.84 46.63 22.74
C TRP A 886 1.16 47.95 23.42
N ASP A 887 1.05 49.05 22.68
CA ASP A 887 1.24 50.39 23.22
C ASP A 887 0.00 51.24 22.91
N ARG A 888 -0.33 52.12 23.84
CA ARG A 888 -1.52 52.95 23.73
C ARG A 888 -1.27 54.22 22.92
N GLU A 889 -0.11 54.34 22.29
CA GLU A 889 0.20 55.49 21.44
C GLU A 889 1.07 55.02 20.28
N LYS A 890 0.89 55.68 19.13
CA LYS A 890 1.65 55.34 17.94
C LYS A 890 3.07 55.89 18.05
N ARG A 891 4.05 55.03 17.86
CA ARG A 891 5.46 55.39 17.99
C ARG A 891 6.22 55.39 16.68
N LEU A 892 5.98 54.41 15.81
CA LEU A 892 6.75 54.23 14.58
C LEU A 892 6.06 54.97 13.45
N SER A 893 6.45 56.23 13.25
CA SER A 893 5.92 57.03 12.16
C SER A 893 6.85 56.93 10.95
N PHE A 894 6.34 56.34 9.88
CA PHE A 894 7.11 56.12 8.66
C PHE A 894 6.45 56.84 7.51
N ALA A 895 7.17 57.80 6.92
CA ALA A 895 6.66 58.57 5.78
C ALA A 895 7.07 57.88 4.50
N VAL A 896 6.09 57.30 3.80
CA VAL A 896 6.34 56.62 2.54
C VAL A 896 6.79 57.63 1.49
N PRO A 897 7.99 57.49 0.95
CA PRO A 897 8.49 58.51 0.01
C PRO A 897 7.91 58.39 -1.38
N PHE A 898 7.06 59.33 -1.77
CA PHE A 898 6.58 59.45 -3.13
C PHE A 898 7.22 60.66 -3.81
N ARG A 899 6.91 60.83 -5.09
CA ARG A 899 7.51 61.93 -5.85
C ARG A 899 6.93 63.29 -5.47
N GLU A 900 5.70 63.33 -4.94
CA GLU A 900 5.08 64.61 -4.64
C GLU A 900 4.38 64.63 -3.28
N MET A 901 4.49 63.58 -2.48
CA MET A 901 3.87 63.55 -1.16
C MET A 901 4.59 62.52 -0.31
N LYS A 902 4.33 62.58 0.99
CA LYS A 902 4.92 61.66 1.97
C LYS A 902 3.86 61.30 3.01
N PRO A 903 2.97 60.35 2.69
CA PRO A 903 1.99 59.92 3.68
C PRO A 903 2.66 59.22 4.85
N VAL A 904 2.11 59.45 6.04
CA VAL A 904 2.66 58.92 7.29
C VAL A 904 1.97 57.60 7.58
N ILE A 905 2.77 56.54 7.72
CA ILE A 905 2.28 55.20 8.00
C ILE A 905 2.85 54.75 9.34
N PHE A 906 1.99 54.21 10.20
CA PHE A 906 2.41 53.73 11.51
C PHE A 906 2.69 52.24 11.42
N LEU A 907 3.95 51.86 11.65
CA LEU A 907 4.36 50.47 11.49
C LEU A 907 4.00 49.60 12.68
N ASP A 908 3.70 50.19 13.84
CA ASP A 908 3.39 49.41 15.02
C ASP A 908 2.04 48.69 14.94
N VAL A 909 1.24 48.98 13.91
CA VAL A 909 -0.01 48.24 13.72
C VAL A 909 0.24 46.90 13.03
N PHE A 910 1.39 46.72 12.38
CA PHE A 910 1.73 45.45 11.75
C PHE A 910 2.58 44.57 12.65
N LEU A 911 3.18 45.13 13.69
CA LEU A 911 4.16 44.40 14.49
C LEU A 911 3.62 43.10 15.09
N PRO A 912 2.43 43.06 15.71
CA PRO A 912 1.96 41.77 16.24
C PRO A 912 1.74 40.71 15.18
N ARG A 913 1.08 41.05 14.08
CA ARG A 913 0.86 40.09 13.01
C ARG A 913 2.17 39.68 12.36
N VAL A 914 3.09 40.62 12.19
CA VAL A 914 4.38 40.29 11.60
C VAL A 914 5.15 39.33 12.48
N THR A 915 5.14 39.55 13.80
CA THR A 915 5.82 38.63 14.71
C THR A 915 5.15 37.26 14.71
N GLU A 916 3.81 37.23 14.70
CA GLU A 916 3.10 35.96 14.65
C GLU A 916 3.45 35.18 13.38
N LEU A 917 3.54 35.87 12.25
CA LEU A 917 3.96 35.22 11.01
C LEU A 917 5.38 34.70 11.11
N ALA A 918 6.33 35.59 11.46
CA ALA A 918 7.72 35.19 11.55
C ALA A 918 7.93 34.02 12.51
N LEU A 919 7.04 33.86 13.48
CA LEU A 919 7.17 32.73 14.40
C LEU A 919 6.53 31.46 13.86
N THR A 920 5.29 31.56 13.33
CA THR A 920 4.52 30.36 13.01
C THR A 920 3.98 30.37 11.58
N ALA A 921 4.73 30.89 10.61
CA ALA A 921 4.30 30.82 9.22
C ALA A 921 4.65 29.46 8.63
N SER A 922 3.65 28.79 8.04
CA SER A 922 3.90 27.52 7.40
C SER A 922 4.59 27.70 6.05
N ASP A 923 4.16 28.68 5.27
CA ASP A 923 4.77 28.95 3.97
C ASP A 923 6.18 29.49 4.16
N ARG A 924 7.13 28.92 3.43
CA ARG A 924 8.53 29.31 3.58
C ARG A 924 8.76 30.74 3.09
N GLN A 925 8.17 31.08 1.93
CA GLN A 925 8.33 32.44 1.41
C GLN A 925 7.68 33.46 2.33
N THR A 926 6.48 33.16 2.82
CA THR A 926 5.83 34.06 3.77
C THR A 926 6.68 34.22 5.03
N LYS A 927 7.24 33.12 5.52
CA LYS A 927 8.05 33.19 6.74
C LYS A 927 9.30 34.03 6.55
N VAL A 928 10.01 33.82 5.44
CA VAL A 928 11.25 34.58 5.23
C VAL A 928 10.94 36.05 4.97
N ALA A 929 9.83 36.33 4.28
CA ALA A 929 9.44 37.72 4.06
C ALA A 929 9.09 38.40 5.38
N ALA A 930 8.35 37.69 6.25
CA ALA A 930 8.03 38.25 7.56
C ALA A 930 9.27 38.44 8.41
N CYS A 931 10.25 37.54 8.30
CA CYS A 931 11.49 37.70 9.05
C CYS A 931 12.28 38.92 8.59
N GLU A 932 12.39 39.11 7.27
CA GLU A 932 13.07 40.30 6.77
C GLU A 932 12.33 41.57 7.16
N LEU A 933 11.00 41.54 7.09
CA LEU A 933 10.22 42.72 7.48
C LEU A 933 10.39 43.02 8.96
N LEU A 934 10.45 41.97 9.80
CA LEU A 934 10.63 42.19 11.23
C LEU A 934 12.02 42.73 11.53
N HIS A 935 13.04 42.25 10.81
CA HIS A 935 14.39 42.79 10.97
C HIS A 935 14.42 44.27 10.63
N SER A 936 13.86 44.64 9.48
CA SER A 936 13.77 46.05 9.09
C SER A 936 12.97 46.87 10.08
N MET A 937 11.89 46.32 10.65
CA MET A 937 11.09 47.07 11.60
C MET A 937 11.82 47.25 12.93
N VAL A 938 12.61 46.26 13.34
CA VAL A 938 13.42 46.43 14.55
C VAL A 938 14.49 47.50 14.32
N MET A 939 15.12 47.50 13.15
CA MET A 939 16.05 48.57 12.83
C MET A 939 15.38 49.93 12.84
N PHE A 940 14.16 50.01 12.31
CA PHE A 940 13.42 51.28 12.32
C PHE A 940 13.08 51.70 13.74
N MET A 941 12.72 50.74 14.60
CA MET A 941 12.45 51.04 16.01
C MET A 941 13.69 51.62 16.69
N LEU A 942 14.86 51.00 16.44
CA LEU A 942 16.09 51.51 17.02
C LEU A 942 16.38 52.92 16.51
N GLY A 943 16.22 53.15 15.21
CA GLY A 943 16.47 54.47 14.66
C GLY A 943 15.54 55.53 15.24
N LYS A 944 14.27 55.18 15.41
CA LYS A 944 13.30 56.12 15.98
C LYS A 944 13.60 56.41 17.43
N ALA A 945 13.97 55.37 18.19
CA ALA A 945 14.31 55.55 19.60
C ALA A 945 15.59 56.37 19.78
N THR A 946 16.51 56.32 18.82
CA THR A 946 17.74 57.08 18.92
C THR A 946 17.62 58.49 18.33
N GLN A 947 16.71 58.69 17.37
CA GLN A 947 16.49 60.02 16.82
C GLN A 947 15.93 60.96 17.88
N MET A 948 16.67 62.02 18.15
CA MET A 948 16.26 62.99 19.15
C MET A 948 15.47 64.12 18.48
N PRO A 949 14.19 64.32 18.81
CA PRO A 949 13.46 65.47 18.29
C PRO A 949 14.08 66.78 18.77
N GLU A 950 14.47 67.63 17.83
CA GLU A 950 15.17 68.88 18.17
C GLU A 950 14.28 69.84 18.94
N GLY A 951 12.97 69.58 18.94
CA GLY A 951 12.05 70.38 19.70
C GLY A 951 12.10 70.04 21.18
N GLY A 952 11.09 70.55 21.89
CA GLY A 952 10.98 70.30 23.32
C GLY A 952 10.56 68.91 23.71
N GLN A 953 10.16 68.08 22.75
CA GLN A 953 9.72 66.72 23.04
C GLN A 953 10.89 65.75 22.91
N GLY A 954 10.94 64.77 23.81
CA GLY A 954 11.99 63.79 23.79
C GLY A 954 11.69 62.64 22.84
N ALA A 955 12.57 61.65 22.88
CA ALA A 955 12.39 60.47 22.04
C ALA A 955 11.19 59.65 22.52
N PRO A 956 10.47 59.00 21.61
CA PRO A 956 9.31 58.22 22.01
C PRO A 956 9.74 56.96 22.74
N PRO A 957 9.09 56.63 23.87
CA PRO A 957 9.46 55.44 24.64
C PRO A 957 9.03 54.17 23.91
N MET A 958 9.99 53.29 23.63
CA MET A 958 9.72 52.03 22.97
C MET A 958 9.68 50.85 23.95
N TYR A 959 9.50 51.11 25.24
CA TYR A 959 9.51 50.04 26.24
C TYR A 959 8.36 49.07 26.02
N GLN A 960 7.15 49.60 25.77
CA GLN A 960 6.00 48.75 25.56
C GLN A 960 6.12 47.90 24.30
N LEU A 961 6.91 48.35 23.33
CA LEU A 961 7.15 47.55 22.12
C LEU A 961 8.32 46.59 22.31
N TYR A 962 9.38 47.03 23.01
CA TYR A 962 10.50 46.14 23.28
C TYR A 962 10.09 44.95 24.12
N LYS A 963 9.24 45.19 25.13
CA LYS A 963 8.83 44.13 26.04
C LYS A 963 8.18 42.95 25.32
N ARG A 964 7.51 43.18 24.20
CA ARG A 964 6.89 42.12 23.42
C ARG A 964 7.64 41.78 22.15
N THR A 965 8.63 42.58 21.75
CA THR A 965 9.43 42.25 20.59
C THR A 965 10.64 41.39 20.94
N PHE A 966 11.30 41.67 22.05
CA PHE A 966 12.50 40.93 22.43
C PHE A 966 12.28 39.42 22.60
N PRO A 967 11.21 38.94 23.22
CA PRO A 967 11.00 37.48 23.26
C PRO A 967 10.89 36.85 21.89
N VAL A 968 10.20 37.53 20.95
CA VAL A 968 10.09 37.01 19.59
C VAL A 968 11.46 36.93 18.93
N LEU A 969 12.30 37.96 19.13
CA LEU A 969 13.62 37.94 18.54
C LEU A 969 14.49 36.85 19.15
N LEU A 970 14.37 36.63 20.46
CA LEU A 970 15.13 35.57 21.12
C LEU A 970 14.71 34.20 20.59
N ARG A 971 13.40 33.99 20.43
CA ARG A 971 12.92 32.70 19.93
C ARG A 971 13.17 32.52 18.44
N LEU A 972 13.38 33.61 17.69
CA LEU A 972 13.75 33.50 16.29
C LEU A 972 15.24 33.28 16.10
N ALA A 973 16.08 33.80 17.00
CA ALA A 973 17.51 33.63 16.90
C ALA A 973 17.97 32.22 17.24
N CYS A 974 17.09 31.39 17.78
CA CYS A 974 17.38 29.99 18.08
C CYS A 974 16.39 29.07 17.37
N ASP A 975 15.95 29.48 16.19
CA ASP A 975 14.97 28.74 15.42
C ASP A 975 15.62 27.56 14.71
N VAL A 976 14.81 26.56 14.38
CA VAL A 976 15.31 25.39 13.67
C VAL A 976 15.70 25.74 12.25
N ASP A 977 15.17 26.83 11.70
CA ASP A 977 15.51 27.25 10.35
C ASP A 977 16.93 27.82 10.31
N GLN A 978 17.66 27.49 9.25
CA GLN A 978 19.05 27.94 9.14
C GLN A 978 19.12 29.44 8.85
N VAL A 979 18.36 29.90 7.85
CA VAL A 979 18.44 31.30 7.44
C VAL A 979 17.93 32.22 8.54
N THR A 980 16.81 31.86 9.18
CA THR A 980 16.27 32.70 10.24
C THR A 980 17.24 32.81 11.42
N ARG A 981 17.85 31.69 11.80
CA ARG A 981 18.81 31.71 12.90
C ARG A 981 20.04 32.53 12.54
N GLN A 982 20.60 32.32 11.35
CA GLN A 982 21.76 33.07 10.92
C GLN A 982 21.46 34.55 10.76
N LEU A 983 20.20 34.92 10.54
CA LEU A 983 19.84 36.32 10.41
C LEU A 983 19.60 36.98 11.77
N TYR A 984 19.01 36.24 12.70
CA TYR A 984 18.59 36.84 13.98
C TYR A 984 19.55 36.62 15.13
N GLU A 985 20.55 35.75 14.99
CA GLU A 985 21.51 35.60 16.08
C GLU A 985 22.45 36.80 16.15
N PRO A 986 23.07 37.24 15.04
CA PRO A 986 23.85 38.47 15.12
C PRO A 986 23.02 39.69 15.49
N LEU A 987 21.75 39.71 15.07
CA LEU A 987 20.87 40.81 15.46
C LEU A 987 20.67 40.85 16.96
N VAL A 988 20.40 39.70 17.58
CA VAL A 988 20.22 39.65 19.03
C VAL A 988 21.52 40.01 19.74
N MET A 989 22.66 39.55 19.22
CA MET A 989 23.93 39.89 19.84
C MET A 989 24.19 41.40 19.78
N GLN A 990 23.92 42.02 18.64
CA GLN A 990 24.10 43.47 18.51
C GLN A 990 23.11 44.23 19.39
N LEU A 991 21.89 43.73 19.54
CA LEU A 991 20.93 44.35 20.45
C LEU A 991 21.43 44.28 21.89
N ILE A 992 21.99 43.14 22.29
CA ILE A 992 22.56 43.03 23.63
C ILE A 992 23.73 43.98 23.79
N HIS A 993 24.55 44.14 22.76
CA HIS A 993 25.66 45.09 22.82
C HIS A 993 25.17 46.52 22.98
N TRP A 994 24.07 46.86 22.30
CA TRP A 994 23.59 48.23 22.31
C TRP A 994 22.85 48.56 23.61
N PHE A 995 22.11 47.61 24.15
CA PHE A 995 21.30 47.86 25.33
C PHE A 995 22.03 47.59 26.64
N THR A 996 23.36 47.62 26.65
CA THR A 996 24.13 47.40 27.86
C THR A 996 25.08 48.55 28.17
N ASN A 997 24.87 49.72 27.56
CA ASN A 997 25.70 50.89 27.80
C ASN A 997 24.90 52.01 28.48
N ASN A 998 23.91 51.63 29.27
CA ASN A 998 23.14 52.61 30.02
C ASN A 998 23.94 53.15 31.20
N LYS A 999 23.40 54.17 31.84
CA LYS A 999 24.07 54.82 32.97
C LYS A 999 23.25 54.82 34.25
N LYS A 1000 21.94 54.63 34.17
N LYS A 1000 21.94 54.62 34.17
CA LYS A 1000 21.08 54.61 35.35
CA LYS A 1000 21.11 54.61 35.36
C LYS A 1000 20.82 53.16 35.76
C LYS A 1000 20.78 53.18 35.76
N PHE A 1001 20.43 53.00 37.04
CA PHE A 1001 20.29 51.67 37.62
C PHE A 1001 19.29 50.80 36.85
N GLU A 1002 18.05 51.23 36.75
CA GLU A 1002 17.00 50.45 36.09
C GLU A 1002 16.54 51.20 34.84
N SER A 1003 17.22 50.91 33.73
CA SER A 1003 16.79 51.43 32.43
C SER A 1003 15.69 50.54 31.86
N GLN A 1004 14.64 51.18 31.34
CA GLN A 1004 13.47 50.44 30.90
C GLN A 1004 13.82 49.43 29.81
N ASP A 1005 14.59 49.85 28.81
CA ASP A 1005 14.94 48.95 27.71
C ASP A 1005 15.87 47.84 28.17
N THR A 1006 16.88 48.19 28.97
CA THR A 1006 17.82 47.18 29.47
C THR A 1006 17.10 46.18 30.37
N VAL A 1007 16.22 46.67 31.25
CA VAL A 1007 15.46 45.78 32.13
C VAL A 1007 14.54 44.88 31.30
N ALA A 1008 13.92 45.43 30.26
CA ALA A 1008 13.06 44.62 29.41
C ALA A 1008 13.84 43.52 28.72
N LEU A 1009 15.01 43.83 28.17
CA LEU A 1009 15.82 42.83 27.50
C LEU A 1009 16.29 41.77 28.50
N LEU A 1010 16.75 42.19 29.67
CA LEU A 1010 17.21 41.24 30.68
C LEU A 1010 16.08 40.32 31.13
N GLU A 1011 14.88 40.89 31.32
CA GLU A 1011 13.74 40.07 31.72
C GLU A 1011 13.34 39.10 30.62
N ALA A 1012 13.40 39.52 29.35
CA ALA A 1012 13.11 38.61 28.26
C ALA A 1012 14.09 37.44 28.24
N ILE A 1013 15.38 37.73 28.41
CA ILE A 1013 16.38 36.66 28.39
C ILE A 1013 16.21 35.74 29.58
N LEU A 1014 15.93 36.31 30.77
CA LEU A 1014 15.77 35.49 31.96
C LEU A 1014 14.48 34.69 31.96
N ASP A 1015 13.46 35.13 31.24
CA ASP A 1015 12.26 34.33 31.06
C ASP A 1015 12.44 33.27 29.98
N GLY A 1016 13.31 33.52 29.00
CA GLY A 1016 13.64 32.47 28.05
C GLY A 1016 14.56 31.41 28.62
N ILE A 1017 15.40 31.77 29.59
CA ILE A 1017 16.31 30.79 30.19
C ILE A 1017 15.61 29.88 31.19
N VAL A 1018 14.43 30.25 31.66
CA VAL A 1018 13.67 29.42 32.60
C VAL A 1018 12.54 28.67 31.90
N ASP A 1019 12.63 28.50 30.59
CA ASP A 1019 11.58 27.79 29.86
C ASP A 1019 11.60 26.31 30.20
N PRO A 1020 10.53 25.75 30.74
CA PRO A 1020 10.56 24.35 31.16
C PRO A 1020 10.59 23.36 30.01
N VAL A 1021 10.27 23.80 28.79
CA VAL A 1021 10.12 22.87 27.67
C VAL A 1021 11.34 22.91 26.75
N ASP A 1022 11.60 24.07 26.15
CA ASP A 1022 12.62 24.17 25.12
C ASP A 1022 14.00 24.29 25.76
N SER A 1023 14.95 23.49 25.27
CA SER A 1023 16.31 23.54 25.79
C SER A 1023 17.23 24.38 24.90
N THR A 1024 16.96 24.44 23.60
CA THR A 1024 17.76 25.28 22.71
C THR A 1024 17.63 26.74 23.07
N LEU A 1025 16.40 27.20 23.32
CA LEU A 1025 16.19 28.57 23.78
C LEU A 1025 16.88 28.80 25.12
N ARG A 1026 16.92 27.78 25.99
CA ARG A 1026 17.57 27.94 27.28
C ARG A 1026 19.08 28.12 27.11
N ASP A 1027 19.70 27.32 26.25
CA ASP A 1027 21.13 27.48 26.00
C ASP A 1027 21.43 28.81 25.33
N PHE A 1028 20.59 29.23 24.39
CA PHE A 1028 20.81 30.51 23.74
C PHE A 1028 20.65 31.67 24.72
N CYS A 1029 19.71 31.56 25.66
CA CYS A 1029 19.56 32.58 26.68
C CYS A 1029 20.72 32.57 27.67
N GLY A 1030 21.30 31.40 27.94
CA GLY A 1030 22.54 31.38 28.72
C GLY A 1030 23.66 32.12 28.02
N ARG A 1031 23.82 31.87 26.72
CA ARG A 1031 24.79 32.64 25.93
C ARG A 1031 24.47 34.12 25.94
N CYS A 1032 23.19 34.47 25.92
CA CYS A 1032 22.78 35.87 25.91
C CYS A 1032 23.10 36.54 27.25
N ILE A 1033 22.92 35.83 28.36
CA ILE A 1033 23.29 36.38 29.65
C ILE A 1033 24.81 36.54 29.74
N ARG A 1034 25.55 35.58 29.17
CA ARG A 1034 27.00 35.71 29.11
C ARG A 1034 27.41 36.99 28.37
N GLU A 1035 26.86 37.19 27.17
CA GLU A 1035 27.17 38.39 26.40
C GLU A 1035 26.70 39.65 27.13
N PHE A 1036 25.56 39.57 27.84
CA PHE A 1036 25.06 40.69 28.60
C PHE A 1036 26.06 41.13 29.65
N LEU A 1037 26.54 40.18 30.46
CA LEU A 1037 27.53 40.53 31.48
C LEU A 1037 28.83 41.01 30.85
N LYS A 1038 29.26 40.36 29.75
CA LYS A 1038 30.51 40.74 29.10
C LYS A 1038 30.47 42.18 28.63
N TRP A 1039 29.43 42.56 27.89
CA TRP A 1039 29.33 43.91 27.35
C TRP A 1039 28.82 44.92 28.37
N SER A 1040 28.32 44.47 29.53
CA SER A 1040 28.09 45.40 30.63
C SER A 1040 29.38 45.74 31.33
N ILE A 1041 30.33 44.79 31.38
CA ILE A 1041 31.65 45.09 31.92
C ILE A 1041 32.50 45.81 30.88
N LYS A 1042 32.33 45.44 29.60
CA LYS A 1042 33.20 45.98 28.55
C LYS A 1042 32.90 47.44 28.26
N GLN A 1043 31.69 47.89 28.53
CA GLN A 1043 31.24 49.25 28.20
C GLN A 1043 31.19 50.14 29.44
N ILE A 1044 32.15 49.97 30.35
CA ILE A 1044 32.24 50.81 31.54
C ILE A 1044 33.68 50.85 32.03
N THR A 1045 34.11 52.00 32.52
CA THR A 1045 35.47 52.14 33.02
C THR A 1045 35.62 51.45 34.37
N PRO A 1046 36.82 50.92 34.67
CA PRO A 1046 37.00 50.23 35.96
C PRO A 1046 36.78 51.12 37.17
N GLN A 1047 37.07 52.41 37.08
CA GLN A 1047 36.87 53.30 38.22
C GLN A 1047 35.38 53.59 38.43
N GLN A 1048 34.58 53.50 37.38
CA GLN A 1048 33.14 53.69 37.51
C GLN A 1048 32.42 52.42 37.96
N GLN A 1049 32.91 51.25 37.54
CA GLN A 1049 32.26 50.00 37.93
C GLN A 1049 32.43 49.73 39.43
N GLU A 1050 33.57 50.13 40.01
CA GLU A 1050 33.73 50.01 41.46
C GLU A 1050 32.79 50.96 42.19
N LYS A 1051 32.45 52.09 41.58
CA LYS A 1051 31.56 53.06 42.21
C LYS A 1051 30.11 52.58 42.17
N SER A 1052 29.68 52.07 41.02
CA SER A 1052 28.30 51.61 40.86
C SER A 1052 28.20 50.54 39.78
N PRO A 1053 28.17 49.26 40.17
CA PRO A 1053 27.95 48.20 39.18
C PRO A 1053 26.50 48.12 38.74
N VAL A 1054 26.13 48.95 37.76
CA VAL A 1054 24.73 49.15 37.43
C VAL A 1054 24.09 47.86 36.93
N ASN A 1055 24.58 47.31 35.82
CA ASN A 1055 23.94 46.14 35.24
C ASN A 1055 24.26 44.87 36.01
N THR A 1056 25.46 44.77 36.56
CA THR A 1056 25.83 43.60 37.35
C THR A 1056 24.93 43.44 38.56
N LYS A 1057 24.61 44.55 39.24
CA LYS A 1057 23.74 44.48 40.41
C LYS A 1057 22.35 43.97 40.02
N SER A 1058 21.78 44.50 38.94
CA SER A 1058 20.45 44.07 38.51
C SER A 1058 20.46 42.60 38.13
N LEU A 1059 21.46 42.17 37.35
CA LEU A 1059 21.55 40.78 36.95
C LEU A 1059 21.66 39.85 38.16
N PHE A 1060 22.51 40.22 39.12
CA PHE A 1060 22.71 39.37 40.28
C PHE A 1060 21.49 39.34 41.18
N LYS A 1061 20.79 40.48 41.33
CA LYS A 1061 19.58 40.48 42.15
C LYS A 1061 18.49 39.65 41.52
N ARG A 1062 18.36 39.69 40.19
CA ARG A 1062 17.38 38.84 39.53
C ARG A 1062 17.76 37.37 39.60
N LEU A 1063 19.07 37.05 39.54
CA LEU A 1063 19.50 35.67 39.70
C LEU A 1063 19.24 35.19 41.13
N TYR A 1064 19.39 36.07 42.12
CA TYR A 1064 19.08 35.70 43.49
C TYR A 1064 17.58 35.46 43.66
N SER A 1065 16.76 36.29 43.03
CA SER A 1065 15.32 36.09 43.08
C SER A 1065 14.90 34.80 42.40
N LEU A 1066 15.59 34.41 41.33
CA LEU A 1066 15.26 33.17 40.64
C LEU A 1066 15.79 31.95 41.39
N ALA A 1067 16.89 32.11 42.13
CA ALA A 1067 17.51 30.96 42.80
C ALA A 1067 16.72 30.53 44.03
N LEU A 1068 15.98 31.44 44.64
CA LEU A 1068 15.18 31.13 45.82
C LEU A 1068 13.72 30.87 45.49
N HIS A 1069 13.40 30.65 44.22
CA HIS A 1069 12.02 30.43 43.82
C HIS A 1069 11.62 28.98 44.08
N PRO A 1070 10.38 28.74 44.51
CA PRO A 1070 9.94 27.36 44.76
C PRO A 1070 9.88 26.51 43.49
N ASN A 1071 9.83 27.11 42.31
CA ASN A 1071 9.82 26.35 41.07
C ASN A 1071 11.23 25.86 40.75
N ALA A 1072 11.35 24.60 40.36
CA ALA A 1072 12.66 24.02 40.09
C ALA A 1072 13.28 24.56 38.82
N PHE A 1073 12.45 24.91 37.83
CA PHE A 1073 13.00 25.39 36.56
C PHE A 1073 13.64 26.76 36.70
N LYS A 1074 13.11 27.62 37.56
CA LYS A 1074 13.73 28.92 37.76
C LYS A 1074 15.08 28.80 38.46
N ARG A 1075 15.17 27.89 39.44
CA ARG A 1075 16.46 27.65 40.09
C ARG A 1075 17.46 27.04 39.11
N LEU A 1076 16.99 26.13 38.25
CA LEU A 1076 17.86 25.58 37.21
C LEU A 1076 18.34 26.66 36.26
N GLY A 1077 17.47 27.59 35.90
CA GLY A 1077 17.86 28.68 35.02
C GLY A 1077 18.87 29.61 35.67
N ALA A 1078 18.69 29.89 36.95
CA ALA A 1078 19.67 30.72 37.67
C ALA A 1078 21.02 30.02 37.74
N SER A 1079 21.02 28.72 38.02
CA SER A 1079 22.28 27.97 38.03
C SER A 1079 22.94 27.94 36.67
N LEU A 1080 22.16 27.79 35.60
CA LEU A 1080 22.74 27.80 34.26
C LEU A 1080 23.30 29.16 33.91
N ALA A 1081 22.60 30.23 34.29
CA ALA A 1081 23.12 31.58 34.06
C ALA A 1081 24.44 31.78 34.78
N PHE A 1082 24.55 31.32 36.03
CA PHE A 1082 25.82 31.47 36.73
C PHE A 1082 26.91 30.61 36.11
N ASN A 1083 26.57 29.39 35.69
CA ASN A 1083 27.55 28.53 35.03
C ASN A 1083 27.98 29.09 33.68
N ASN A 1084 27.20 29.98 33.09
CA ASN A 1084 27.60 30.65 31.86
C ASN A 1084 28.35 31.95 32.09
N ILE A 1085 28.13 32.64 33.21
CA ILE A 1085 28.75 33.93 33.45
C ILE A 1085 29.87 33.89 34.48
N TYR A 1086 30.22 32.72 35.04
CA TYR A 1086 31.25 32.69 36.06
C TYR A 1086 32.63 33.04 35.49
N ARG A 1087 32.88 32.72 34.22
CA ARG A 1087 34.18 33.01 33.63
C ARG A 1087 34.36 34.51 33.34
N GLU A 1088 33.28 35.25 33.14
CA GLU A 1088 33.37 36.69 32.97
C GLU A 1088 33.24 37.45 34.28
N PHE A 1089 32.60 36.85 35.27
CA PHE A 1089 32.42 37.52 36.56
C PHE A 1089 33.72 37.58 37.36
N ARG A 1090 34.56 36.55 37.24
CA ARG A 1090 35.78 36.47 38.05
C ARG A 1090 36.91 37.34 37.53
N GLU A 1091 36.76 37.98 36.37
CA GLU A 1091 37.79 38.83 35.82
C GLU A 1091 37.71 40.27 36.31
N GLU A 1092 36.81 40.56 37.24
CA GLU A 1092 36.64 41.89 37.82
C GLU A 1092 36.83 41.76 39.33
N GLU A 1093 37.84 42.45 39.86
CA GLU A 1093 38.16 42.36 41.28
C GLU A 1093 37.02 42.88 42.14
N SER A 1094 36.50 44.07 41.80
CA SER A 1094 35.43 44.67 42.60
C SER A 1094 34.15 43.86 42.55
N LEU A 1095 33.76 43.34 41.39
CA LEU A 1095 32.57 42.51 41.29
C LEU A 1095 32.68 41.29 42.20
N VAL A 1096 33.83 40.63 42.18
CA VAL A 1096 34.06 39.50 43.08
C VAL A 1096 33.92 39.95 44.53
N GLU A 1097 34.73 40.95 44.93
CA GLU A 1097 34.73 41.40 46.31
C GLU A 1097 33.33 41.78 46.79
N GLN A 1098 32.47 42.23 45.88
CA GLN A 1098 31.16 42.69 46.29
C GLN A 1098 30.11 41.57 46.29
N PHE A 1099 30.22 40.60 45.38
CA PHE A 1099 29.12 39.67 45.14
C PHE A 1099 29.44 38.22 45.48
N VAL A 1100 30.69 37.87 45.78
CA VAL A 1100 31.04 36.45 45.84
C VAL A 1100 30.38 35.77 47.05
N PHE A 1101 30.42 36.40 48.23
CA PHE A 1101 29.85 35.76 49.41
C PHE A 1101 28.33 35.70 49.32
N GLU A 1102 27.70 36.77 48.81
CA GLU A 1102 26.25 36.75 48.64
C GLU A 1102 25.82 35.67 47.66
N ALA A 1103 26.53 35.55 46.53
CA ALA A 1103 26.20 34.50 45.56
C ALA A 1103 26.41 33.12 46.17
N LEU A 1104 27.49 32.94 46.93
CA LEU A 1104 27.73 31.64 47.55
C LEU A 1104 26.61 31.26 48.51
N VAL A 1105 26.19 32.20 49.36
CA VAL A 1105 25.12 31.91 50.32
C VAL A 1105 23.81 31.63 49.58
N ILE A 1106 23.51 32.42 48.54
CA ILE A 1106 22.28 32.22 47.80
C ILE A 1106 22.25 30.86 47.13
N TYR A 1107 23.38 30.44 46.54
CA TYR A 1107 23.39 29.15 45.86
C TYR A 1107 23.46 27.99 46.84
N MET A 1108 24.03 28.18 48.03
CA MET A 1108 23.93 27.16 49.06
C MET A 1108 22.47 26.97 49.48
N GLU A 1109 21.74 28.07 49.68
CA GLU A 1109 20.32 27.97 50.01
C GLU A 1109 19.54 27.33 48.87
N SER A 1110 19.92 27.62 47.62
CA SER A 1110 19.26 27.00 46.48
C SER A 1110 19.52 25.50 46.43
N LEU A 1111 20.76 25.07 46.70
CA LEU A 1111 21.04 23.64 46.75
C LEU A 1111 20.29 22.97 47.90
N ALA A 1112 20.12 23.67 49.01
CA ALA A 1112 19.32 23.12 50.11
C ALA A 1112 17.86 22.97 49.71
N LEU A 1113 17.31 23.97 49.02
CA LEU A 1113 15.93 23.89 48.57
C LEU A 1113 15.74 22.82 47.51
N ALA A 1114 16.78 22.53 46.73
CA ALA A 1114 16.72 21.51 45.69
C ALA A 1114 16.79 20.09 46.24
N HIS A 1115 16.66 19.92 47.56
CA HIS A 1115 16.72 18.58 48.15
C HIS A 1115 15.53 17.73 47.73
N ALA A 1116 14.34 18.33 47.74
CA ALA A 1116 13.11 17.61 47.43
C ALA A 1116 12.89 17.42 45.92
N ASP A 1117 13.89 17.71 45.10
CA ASP A 1117 13.77 17.55 43.66
C ASP A 1117 14.21 16.14 43.24
N GLU A 1118 14.17 15.89 41.94
CA GLU A 1118 14.59 14.61 41.37
C GLU A 1118 15.95 14.76 40.69
N LYS A 1119 16.67 13.65 40.59
CA LYS A 1119 17.99 13.67 39.95
C LYS A 1119 17.91 13.77 38.43
N SER A 1120 16.72 13.65 37.84
CA SER A 1120 16.60 13.73 36.40
C SER A 1120 16.48 15.17 35.92
N LEU A 1121 16.11 16.10 36.80
CA LEU A 1121 15.99 17.50 36.41
C LEU A 1121 17.36 18.09 36.10
N GLY A 1122 18.30 17.97 37.04
CA GLY A 1122 19.62 18.55 36.87
C GLY A 1122 19.90 19.77 37.72
N THR A 1123 19.04 20.10 38.68
CA THR A 1123 19.28 21.26 39.53
C THR A 1123 20.46 21.03 40.46
N ILE A 1124 20.57 19.81 41.01
CA ILE A 1124 21.65 19.50 41.93
C ILE A 1124 23.00 19.64 41.25
N GLN A 1125 23.12 19.09 40.04
CA GLN A 1125 24.41 19.11 39.35
C GLN A 1125 24.83 20.53 39.00
N GLN A 1126 23.90 21.33 38.44
CA GLN A 1126 24.24 22.70 38.07
C GLN A 1126 24.54 23.55 39.30
N CYS A 1127 23.79 23.35 40.38
CA CYS A 1127 24.06 24.10 41.59
C CYS A 1127 25.41 23.73 42.20
N CYS A 1128 25.77 22.45 42.16
CA CYS A 1128 27.09 22.04 42.65
C CYS A 1128 28.19 22.60 41.78
N ASP A 1129 27.97 22.67 40.46
CA ASP A 1129 28.95 23.29 39.57
C ASP A 1129 29.14 24.77 39.90
N ALA A 1130 28.03 25.48 40.13
CA ALA A 1130 28.12 26.89 40.50
C ALA A 1130 28.85 27.07 41.83
N ILE A 1131 28.57 26.19 42.80
CA ILE A 1131 29.24 26.29 44.09
C ILE A 1131 30.73 25.97 43.96
N ASP A 1132 31.10 25.04 43.08
CA ASP A 1132 32.51 24.76 42.87
C ASP A 1132 33.21 25.93 42.20
N HIS A 1133 32.53 26.59 41.24
CA HIS A 1133 33.10 27.78 40.62
C HIS A 1133 33.33 28.87 41.65
N LEU A 1134 32.32 29.13 42.50
CA LEU A 1134 32.49 30.11 43.56
C LEU A 1134 33.59 29.72 44.52
N CYS A 1135 33.74 28.43 44.82
CA CYS A 1135 34.79 27.98 45.72
C CYS A 1135 36.16 28.23 45.12
N ARG A 1136 36.34 27.96 43.82
CA ARG A 1136 37.62 28.25 43.17
C ARG A 1136 37.89 29.75 43.17
N ILE A 1137 36.87 30.56 42.89
CA ILE A 1137 37.03 32.01 42.91
C ILE A 1137 37.48 32.49 44.29
N ILE A 1138 36.90 31.91 45.35
CA ILE A 1138 37.29 32.28 46.70
C ILE A 1138 38.71 31.82 47.01
N GLU A 1139 39.08 30.62 46.54
CA GLU A 1139 40.41 30.08 46.83
C GLU A 1139 41.50 30.92 46.19
N LYS A 1140 41.29 31.30 44.92
CA LYS A 1140 42.31 32.08 44.16
C LYS A 1140 42.49 33.48 44.76
N LYS A 1141 41.40 34.14 45.15
CA LYS A 1141 41.44 35.49 45.68
C LYS A 1141 41.16 35.53 47.18
N HIS A 1142 41.64 34.53 47.93
CA HIS A 1142 41.42 34.52 49.37
C HIS A 1142 42.25 35.57 50.11
N VAL A 1143 43.29 36.10 49.47
CA VAL A 1143 44.11 37.10 50.13
C VAL A 1143 43.34 38.40 50.31
N SER A 1144 42.48 38.76 49.36
CA SER A 1144 41.67 39.96 49.46
C SER A 1144 40.37 39.74 50.21
N LEU A 1145 39.90 38.50 50.30
CA LEU A 1145 38.67 38.19 51.04
C LEU A 1145 38.89 38.08 52.54
N ASN A 1146 40.14 37.98 53.00
CA ASN A 1146 40.43 37.95 54.42
C ASN A 1146 40.36 39.32 55.08
N LYS A 1147 40.22 40.38 54.31
CA LYS A 1147 40.16 41.72 54.85
C LYS A 1147 38.72 42.10 55.20
N ALA A 1148 38.58 43.01 56.16
CA ALA A 1148 37.26 43.45 56.62
C ALA A 1148 36.86 44.68 55.83
N LYS A 1149 36.20 44.46 54.69
CA LYS A 1149 35.71 45.53 53.83
C LYS A 1149 34.18 45.55 53.87
N LYS A 1150 33.60 46.56 53.23
CA LYS A 1150 32.15 46.72 53.17
C LYS A 1150 31.65 46.01 51.92
N ARG A 1151 31.20 44.77 52.07
CA ARG A 1151 30.66 43.97 50.99
C ARG A 1151 29.14 43.87 51.13
N ARG A 1152 28.52 43.26 50.13
CA ARG A 1152 27.08 43.06 50.17
C ARG A 1152 26.75 41.98 51.21
N LEU A 1153 25.85 42.32 52.13
CA LEU A 1153 25.50 41.41 53.21
C LEU A 1153 24.66 40.27 52.66
N PRO A 1154 25.08 39.01 52.79
CA PRO A 1154 24.29 37.89 52.26
C PRO A 1154 22.97 37.70 52.99
N ARG A 1155 22.17 36.75 52.51
CA ARG A 1155 20.83 36.47 53.09
C ARG A 1155 20.99 35.77 54.46
N GLY A 1156 20.21 36.22 55.46
CA GLY A 1156 20.24 35.63 56.78
C GLY A 1156 21.48 35.94 57.58
N PHE A 1157 22.06 37.13 57.41
CA PHE A 1157 23.23 37.53 58.16
C PHE A 1157 22.92 38.73 59.06
N PRO A 1158 23.49 38.78 60.25
CA PRO A 1158 23.26 39.93 61.13
C PRO A 1158 23.90 41.19 60.57
N PRO A 1159 23.32 42.36 60.85
CA PRO A 1159 23.87 43.59 60.30
C PRO A 1159 25.26 43.88 60.87
N SER A 1160 26.18 44.24 59.98
CA SER A 1160 27.55 44.56 60.37
C SER A 1160 28.12 45.57 59.39
N ALA A 1161 29.19 46.24 59.82
CA ALA A 1161 29.87 47.23 59.00
C ALA A 1161 31.01 46.63 58.20
N SER A 1162 31.20 45.32 58.24
CA SER A 1162 32.26 44.67 57.50
C SER A 1162 31.87 43.21 57.27
N LEU A 1163 32.59 42.57 56.35
CA LEU A 1163 32.35 41.18 56.02
C LEU A 1163 33.67 40.53 55.62
N CYS A 1164 34.07 39.50 56.35
CA CYS A 1164 35.32 38.79 56.12
C CYS A 1164 35.03 37.32 55.80
N LEU A 1165 36.10 36.57 55.56
CA LEU A 1165 36.01 35.14 55.32
C LEU A 1165 35.78 34.35 56.60
N LEU A 1166 36.15 34.90 57.75
CA LEU A 1166 35.88 34.22 59.03
C LEU A 1166 34.38 34.11 59.27
N ASP A 1167 33.61 35.15 58.93
CA ASP A 1167 32.17 35.05 59.03
C ASP A 1167 31.62 33.94 58.11
N LEU A 1168 32.19 33.81 56.91
CA LEU A 1168 31.73 32.78 55.99
C LEU A 1168 32.04 31.38 56.53
N VAL A 1169 33.23 31.18 57.11
CA VAL A 1169 33.53 29.86 57.63
C VAL A 1169 32.72 29.57 58.88
N LYS A 1170 32.40 30.60 59.67
CA LYS A 1170 31.51 30.41 60.81
C LYS A 1170 30.12 29.99 60.35
N TRP A 1171 29.61 30.63 59.30
CA TRP A 1171 28.30 30.25 58.76
C TRP A 1171 28.33 28.83 58.21
N LEU A 1172 29.40 28.47 57.51
CA LEU A 1172 29.52 27.11 56.97
C LEU A 1172 29.56 26.08 58.09
N LEU A 1173 30.29 26.38 59.17
CA LEU A 1173 30.33 25.46 60.31
C LEU A 1173 28.96 25.34 60.96
N ALA A 1174 28.28 26.47 61.17
CA ALA A 1174 26.96 26.46 61.78
C ALA A 1174 25.90 25.78 60.91
N HIS A 1175 26.11 25.70 59.60
CA HIS A 1175 25.18 25.03 58.70
C HIS A 1175 25.69 23.67 58.24
N CYS A 1176 26.46 22.98 59.07
CA CYS A 1176 26.95 21.65 58.73
C CYS A 1176 25.97 20.54 59.08
N GLY A 1177 25.16 20.70 60.12
CA GLY A 1177 24.27 19.64 60.56
C GLY A 1177 22.88 19.73 59.99
N ARG A 1178 22.75 20.28 58.78
CA ARG A 1178 21.45 20.39 58.16
C ARG A 1178 21.07 19.09 57.45
N PRO A 1179 19.77 18.78 57.38
CA PRO A 1179 19.37 17.47 56.83
C PRO A 1179 19.55 17.35 55.32
N GLN A 1180 19.76 18.46 54.61
CA GLN A 1180 19.95 18.41 53.16
C GLN A 1180 21.28 17.76 52.84
N THR A 1181 21.24 16.60 52.19
CA THR A 1181 22.43 15.79 51.95
C THR A 1181 23.47 16.51 51.10
N GLU A 1182 23.10 16.93 49.88
CA GLU A 1182 24.04 17.60 49.01
C GLU A 1182 24.52 18.91 49.61
N CYS A 1183 23.61 19.66 50.23
CA CYS A 1183 23.99 20.93 50.85
C CYS A 1183 24.94 20.71 52.01
N ARG A 1184 24.71 19.65 52.80
CA ARG A 1184 25.62 19.34 53.90
C ARG A 1184 27.00 18.93 53.39
N HIS A 1185 27.03 18.10 52.34
CA HIS A 1185 28.31 17.71 51.76
C HIS A 1185 29.08 18.93 51.24
N LYS A 1186 28.37 19.83 50.56
CA LYS A 1186 29.03 21.04 50.06
C LYS A 1186 29.49 21.94 51.20
N SER A 1187 28.70 22.03 52.27
CA SER A 1187 29.08 22.86 53.41
C SER A 1187 30.28 22.30 54.14
N ILE A 1188 30.44 20.98 54.17
CA ILE A 1188 31.62 20.38 54.77
C ILE A 1188 32.84 20.54 53.88
N GLU A 1189 32.68 20.34 52.57
CA GLU A 1189 33.79 20.51 51.65
C GLU A 1189 34.29 21.95 51.64
N LEU A 1190 33.37 22.92 51.58
CA LEU A 1190 33.76 24.31 51.57
C LEU A 1190 34.43 24.70 52.90
N PHE A 1191 33.96 24.13 54.01
CA PHE A 1191 34.59 24.38 55.29
C PHE A 1191 36.03 23.87 55.30
N TYR A 1192 36.23 22.61 54.90
CA TYR A 1192 37.57 22.03 54.89
C TYR A 1192 38.48 22.65 53.83
N LYS A 1193 37.91 23.34 52.84
CA LYS A 1193 38.73 24.05 51.86
C LYS A 1193 39.03 25.49 52.27
N PHE A 1194 38.15 26.12 53.05
CA PHE A 1194 38.32 27.52 53.41
C PHE A 1194 39.07 27.72 54.72
N VAL A 1195 38.99 26.75 55.65
CA VAL A 1195 39.72 26.89 56.92
C VAL A 1195 41.24 26.94 56.71
N PRO A 1196 41.86 26.05 55.90
CA PRO A 1196 43.33 26.08 55.81
C PRO A 1196 43.89 27.29 55.07
N LEU A 1197 43.03 28.21 54.63
CA LEU A 1197 43.48 29.43 53.98
C LEU A 1197 42.98 30.68 54.71
N LEU A 1198 42.66 30.56 55.99
CA LEU A 1198 42.28 31.70 56.81
C LEU A 1198 43.52 32.56 57.06
N PRO A 1199 43.33 33.79 57.58
CA PRO A 1199 44.50 34.61 57.95
C PRO A 1199 45.47 33.91 58.89
N GLY A 1200 44.97 33.03 59.75
CA GLY A 1200 45.86 32.26 60.61
C GLY A 1200 46.72 31.27 59.84
N ASN A 1201 46.19 30.73 58.74
CA ASN A 1201 46.91 29.78 57.88
C ASN A 1201 47.35 28.55 58.68
N ARG A 1202 46.35 27.85 59.22
CA ARG A 1202 46.58 26.68 60.05
C ARG A 1202 45.63 25.58 59.62
N SER A 1203 45.80 24.40 60.23
CA SER A 1203 44.96 23.26 59.89
C SER A 1203 43.59 23.40 60.54
N PRO A 1204 42.59 22.67 60.02
CA PRO A 1204 41.27 22.71 60.66
C PRO A 1204 41.28 22.26 62.11
N ASN A 1205 42.15 21.31 62.46
CA ASN A 1205 42.23 20.84 63.84
C ASN A 1205 42.64 21.97 64.78
N LEU A 1206 43.68 22.71 64.42
CA LEU A 1206 44.16 23.80 65.28
C LEU A 1206 43.10 24.89 65.42
N TRP A 1207 42.44 25.25 64.31
CA TRP A 1207 41.43 26.30 64.36
C TRP A 1207 40.23 25.87 65.21
N LEU A 1208 39.78 24.62 65.05
CA LEU A 1208 38.66 24.15 65.85
C LEU A 1208 39.04 24.05 67.32
N LYS A 1209 40.28 23.66 67.61
CA LYS A 1209 40.72 23.61 69.00
C LYS A 1209 40.76 25.01 69.61
N ASP A 1210 41.26 25.99 68.85
CA ASP A 1210 41.32 27.36 69.33
C ASP A 1210 39.95 28.02 69.42
N VAL A 1211 38.96 27.52 68.69
CA VAL A 1211 37.61 28.08 68.79
C VAL A 1211 36.75 27.35 69.82
N LEU A 1212 37.11 26.12 70.21
CA LEU A 1212 36.36 25.42 71.25
C LEU A 1212 36.72 25.88 72.65
N LYS A 1213 37.62 26.85 72.79
CA LYS A 1213 38.04 27.34 74.10
C LYS A 1213 37.26 28.57 74.56
N GLU A 1214 37.04 29.54 73.67
CA GLU A 1214 36.27 30.73 74.02
C GLU A 1214 34.80 30.44 74.29
N GLU A 1215 34.32 29.26 73.91
CA GLU A 1215 32.95 28.85 74.21
C GLU A 1215 32.92 27.33 74.35
N GLY A 1216 32.04 26.84 75.20
CA GLY A 1216 32.02 25.42 75.54
C GLY A 1216 31.82 24.52 74.34
N VAL A 1217 32.16 23.25 74.55
CA VAL A 1217 31.99 22.24 73.50
C VAL A 1217 30.51 21.99 73.23
N SER A 1218 29.64 22.45 74.13
CA SER A 1218 28.20 22.37 73.88
C SER A 1218 27.82 23.10 72.60
N PHE A 1219 28.56 24.15 72.24
CA PHE A 1219 28.34 24.82 70.97
C PHE A 1219 28.53 23.85 69.79
N LEU A 1220 29.65 23.14 69.77
CA LEU A 1220 29.91 22.18 68.70
C LEU A 1220 28.91 21.03 68.75
N ILE A 1221 28.47 20.65 69.95
CA ILE A 1221 27.50 19.56 70.07
C ILE A 1221 26.16 19.97 69.47
N ASN A 1222 25.69 21.17 69.81
CA ASN A 1222 24.44 21.66 69.24
C ASN A 1222 24.59 21.93 67.74
N THR A 1223 25.81 22.21 67.28
CA THR A 1223 26.03 22.35 65.84
C THR A 1223 25.91 21.01 65.13
N PHE A 1224 26.49 19.96 65.71
CA PHE A 1224 26.44 18.64 65.09
C PHE A 1224 25.03 18.07 65.13
N GLU A 1225 24.46 17.93 66.34
CA GLU A 1225 23.15 17.32 66.47
C GLU A 1225 22.01 18.24 66.04
N GLY A 1226 21.99 19.47 66.55
CA GLY A 1226 20.97 20.43 66.16
C GLY A 1226 21.04 20.77 64.69
N GLY A 1227 19.88 20.75 64.01
CA GLY A 1227 19.82 21.00 62.59
C GLY A 1227 20.40 22.33 62.17
N GLY A 1228 20.86 22.41 60.92
CA GLY A 1228 21.42 23.64 60.39
C GLY A 1228 20.36 24.65 60.03
N CYS A 1229 19.31 24.20 59.33
CA CYS A 1229 18.20 25.08 58.98
C CYS A 1229 17.51 25.61 60.24
N GLY A 1230 16.92 24.71 61.02
CA GLY A 1230 16.34 25.10 62.29
C GLY A 1230 17.26 24.72 63.44
N GLN A 1231 17.54 25.70 64.30
CA GLN A 1231 18.48 25.50 65.39
C GLN A 1231 17.94 24.51 66.41
N PRO A 1232 16.75 24.75 67.01
CA PRO A 1232 16.22 23.72 67.93
C PRO A 1232 15.32 22.72 67.22
N SER A 1233 15.87 22.07 66.18
CA SER A 1233 15.08 21.16 65.36
C SER A 1233 15.81 19.88 65.00
N GLY A 1234 17.02 19.66 65.51
CA GLY A 1234 17.75 18.45 65.24
C GLY A 1234 17.33 17.31 66.14
N ILE A 1235 18.14 16.24 66.11
CA ILE A 1235 17.88 15.10 66.99
C ILE A 1235 18.18 15.45 68.44
N LEU A 1236 18.83 16.59 68.69
CA LEU A 1236 19.07 17.03 70.06
C LEU A 1236 17.76 17.34 70.78
N ALA A 1237 16.76 17.81 70.05
CA ALA A 1237 15.45 18.09 70.61
C ALA A 1237 14.49 16.91 70.49
N GLN A 1238 14.90 15.83 69.81
CA GLN A 1238 14.09 14.63 69.66
C GLN A 1238 14.99 13.44 69.37
N PRO A 1239 15.60 12.84 70.39
CA PRO A 1239 16.56 11.76 70.13
C PRO A 1239 15.95 10.54 69.46
N THR A 1240 14.76 10.13 69.89
CA THR A 1240 14.10 8.95 69.34
C THR A 1240 12.87 9.37 68.54
N LEU A 1241 12.33 8.42 67.79
CA LEU A 1241 11.17 8.66 66.96
C LEU A 1241 9.88 8.86 67.77
N LEU A 1242 9.95 8.68 69.09
CA LEU A 1242 8.79 8.80 69.96
C LEU A 1242 8.49 10.23 70.38
N TYR A 1243 9.05 11.23 69.67
CA TYR A 1243 8.84 12.64 70.02
C TYR A 1243 8.06 13.39 68.95
N LEU A 1244 7.61 12.71 67.89
CA LEU A 1244 6.81 13.35 66.84
C LEU A 1244 5.35 13.21 67.22
N ARG A 1245 4.74 14.31 67.66
CA ARG A 1245 3.38 14.26 68.16
C ARG A 1245 2.35 14.09 67.06
N GLY A 1246 2.71 14.37 65.81
CA GLY A 1246 1.80 14.22 64.70
C GLY A 1246 1.52 12.75 64.39
N PRO A 1247 0.55 12.51 63.51
CA PRO A 1247 0.23 11.12 63.13
C PRO A 1247 1.31 10.50 62.26
N PHE A 1248 1.11 9.26 61.82
CA PHE A 1248 2.10 8.58 61.01
C PHE A 1248 2.18 9.21 59.63
N SER A 1249 3.40 9.40 59.15
CA SER A 1249 3.62 9.96 57.82
C SER A 1249 5.04 9.64 57.38
N LEU A 1250 5.18 9.09 56.16
CA LEU A 1250 6.51 8.79 55.64
C LEU A 1250 7.36 10.04 55.53
N GLN A 1251 6.75 11.19 55.23
CA GLN A 1251 7.50 12.43 55.14
C GLN A 1251 8.05 12.87 56.50
N ALA A 1252 7.38 12.49 57.59
CA ALA A 1252 7.89 12.79 58.93
C ALA A 1252 8.83 11.72 59.46
N THR A 1253 8.76 10.49 58.93
CA THR A 1253 9.77 9.50 59.30
C THR A 1253 11.08 9.75 58.57
N LEU A 1254 11.01 10.07 57.27
CA LEU A 1254 12.22 10.30 56.49
C LEU A 1254 12.96 11.56 56.93
N CYS A 1255 12.24 12.55 57.46
CA CYS A 1255 12.93 13.74 57.96
C CYS A 1255 13.76 13.43 59.18
N TRP A 1256 13.23 12.62 60.11
CA TRP A 1256 14.01 12.20 61.26
C TRP A 1256 15.18 11.31 60.83
N LEU A 1257 14.95 10.44 59.84
CA LEU A 1257 16.04 9.63 59.31
C LEU A 1257 17.15 10.50 58.72
N ASP A 1258 16.75 11.56 58.02
CA ASP A 1258 17.73 12.47 57.42
C ASP A 1258 18.48 13.28 58.48
N LEU A 1259 17.79 13.65 59.56
CA LEU A 1259 18.48 14.32 60.67
C LEU A 1259 19.50 13.41 61.31
N LEU A 1260 19.12 12.16 61.57
CA LEU A 1260 20.07 11.20 62.12
C LEU A 1260 21.25 10.98 61.18
N LEU A 1261 20.99 10.89 59.87
CA LEU A 1261 22.05 10.73 58.89
C LEU A 1261 22.96 11.95 58.85
N ALA A 1262 22.41 13.16 58.96
CA ALA A 1262 23.24 14.36 58.97
C ALA A 1262 24.13 14.42 60.20
N ALA A 1263 23.60 14.02 61.35
CA ALA A 1263 24.44 13.94 62.54
C ALA A 1263 25.53 12.89 62.41
N LEU A 1264 25.18 11.71 61.88
CA LEU A 1264 26.17 10.64 61.72
C LEU A 1264 27.27 11.05 60.76
N GLU A 1265 26.92 11.68 59.64
CA GLU A 1265 27.93 12.13 58.69
C GLU A 1265 28.82 13.22 59.24
N CYS A 1266 28.25 14.18 59.98
CA CYS A 1266 29.06 15.21 60.62
C CYS A 1266 30.06 14.60 61.59
N TYR A 1267 29.60 13.68 62.44
CA TYR A 1267 30.51 13.06 63.40
C TYR A 1267 31.58 12.24 62.68
N ASN A 1268 31.19 11.44 61.68
CA ASN A 1268 32.13 10.61 60.95
C ASN A 1268 33.16 11.43 60.18
N THR A 1269 32.78 12.62 59.73
CA THR A 1269 33.72 13.47 58.99
C THR A 1269 34.64 14.24 59.93
N PHE A 1270 34.13 14.67 61.08
CA PHE A 1270 34.97 15.44 62.00
C PHE A 1270 35.94 14.54 62.76
N ILE A 1271 35.44 13.45 63.34
CA ILE A 1271 36.32 12.55 64.07
C ILE A 1271 37.20 11.77 63.11
N GLY A 1272 36.71 11.50 61.90
CA GLY A 1272 37.47 10.72 60.93
C GLY A 1272 38.62 11.44 60.29
N GLU A 1273 38.65 12.78 60.35
CA GLU A 1273 39.73 13.58 59.78
C GLU A 1273 40.64 14.15 60.86
N ARG A 1274 40.61 13.56 62.06
CA ARG A 1274 41.41 13.97 63.21
C ARG A 1274 41.17 15.43 63.60
N THR A 1275 40.04 16.01 63.20
CA THR A 1275 39.76 17.40 63.54
C THR A 1275 39.47 17.56 65.02
N VAL A 1276 38.85 16.55 65.65
CA VAL A 1276 38.59 16.53 67.07
C VAL A 1276 38.95 15.15 67.62
N GLY A 1277 38.73 14.98 68.92
CA GLY A 1277 38.96 13.70 69.57
C GLY A 1277 37.65 12.96 69.74
N ALA A 1278 37.72 11.63 69.60
CA ALA A 1278 36.52 10.81 69.72
C ALA A 1278 35.96 10.85 71.14
N LEU A 1279 36.80 11.15 72.14
CA LEU A 1279 36.37 11.18 73.53
C LEU A 1279 36.05 12.58 74.03
N GLN A 1280 36.54 13.63 73.37
CA GLN A 1280 36.26 14.99 73.80
C GLN A 1280 34.95 15.55 73.26
N VAL A 1281 34.31 14.84 72.33
CA VAL A 1281 33.03 15.29 71.78
C VAL A 1281 31.89 14.31 72.06
N LEU A 1282 32.18 13.06 72.38
CA LEU A 1282 31.13 12.07 72.66
C LEU A 1282 31.24 11.45 74.05
N GLY A 1283 32.34 11.64 74.76
CA GLY A 1283 32.50 11.06 76.07
C GLY A 1283 32.58 12.09 77.18
N THR A 1284 31.91 13.22 76.99
CA THR A 1284 31.88 14.28 77.98
C THR A 1284 30.56 14.24 78.76
N GLU A 1285 30.36 15.23 79.61
CA GLU A 1285 29.16 15.31 80.44
C GLU A 1285 28.07 16.19 79.84
N ALA A 1286 28.28 16.71 78.63
CA ALA A 1286 27.27 17.55 77.99
C ALA A 1286 26.18 16.70 77.38
N GLN A 1287 25.04 17.33 77.10
CA GLN A 1287 23.89 16.64 76.54
C GLN A 1287 24.17 16.18 75.11
N SER A 1288 24.13 14.87 74.88
CA SER A 1288 24.31 14.29 73.57
C SER A 1288 23.18 13.31 73.28
N SER A 1289 22.69 13.32 72.05
CA SER A 1289 21.59 12.46 71.64
C SER A 1289 21.96 11.51 70.51
N LEU A 1290 23.25 11.38 70.20
CA LEU A 1290 23.66 10.51 69.10
C LEU A 1290 23.54 9.03 69.49
N LEU A 1291 24.08 8.67 70.65
CA LEU A 1291 24.11 7.28 71.06
C LEU A 1291 22.71 6.74 71.28
N LYS A 1292 21.86 7.51 71.96
CA LYS A 1292 20.47 7.07 72.17
C LYS A 1292 19.76 6.87 70.84
N ALA A 1293 19.95 7.80 69.90
CA ALA A 1293 19.29 7.71 68.61
C ALA A 1293 19.75 6.48 67.84
N VAL A 1294 21.07 6.25 67.78
CA VAL A 1294 21.57 5.11 67.02
C VAL A 1294 21.17 3.80 67.67
N ALA A 1295 21.14 3.76 69.01
CA ALA A 1295 20.70 2.55 69.69
C ALA A 1295 19.23 2.25 69.41
N PHE A 1296 18.37 3.28 69.51
CA PHE A 1296 16.97 3.10 69.21
C PHE A 1296 16.77 2.64 67.77
N PHE A 1297 17.51 3.23 66.84
CA PHE A 1297 17.40 2.85 65.43
C PHE A 1297 17.81 1.40 65.22
N LEU A 1298 18.91 0.98 65.84
CA LEU A 1298 19.40 -0.39 65.64
C LEU A 1298 18.48 -1.40 66.32
N GLU A 1299 17.79 -1.00 67.40
CA GLU A 1299 16.99 -1.96 68.13
C GLU A 1299 15.56 -2.05 67.61
N SER A 1300 15.05 -0.99 66.98
CA SER A 1300 13.64 -0.95 66.61
C SER A 1300 13.38 -0.86 65.11
N ILE A 1301 14.21 -0.15 64.35
CA ILE A 1301 13.92 0.12 62.94
C ILE A 1301 14.83 -0.70 62.03
N ALA A 1302 16.11 -0.82 62.39
CA ALA A 1302 17.11 -1.37 61.48
C ALA A 1302 16.83 -2.82 61.07
N MET A 1303 15.89 -3.49 61.73
CA MET A 1303 15.62 -4.90 61.43
C MET A 1303 14.31 -5.13 60.70
N HIS A 1304 13.31 -4.28 60.91
CA HIS A 1304 11.97 -4.54 60.40
C HIS A 1304 11.65 -3.57 59.26
N ASP A 1305 10.48 -3.79 58.65
CA ASP A 1305 10.02 -2.98 57.53
C ASP A 1305 9.39 -1.69 58.05
N ILE A 1306 8.67 -0.98 57.17
CA ILE A 1306 8.05 0.28 57.52
C ILE A 1306 7.06 0.15 58.68
N ILE A 1307 6.59 -1.06 58.95
CA ILE A 1307 5.67 -1.26 60.08
C ILE A 1307 6.35 -0.92 61.40
N ALA A 1308 7.66 -1.10 61.48
CA ALA A 1308 8.39 -0.73 62.70
C ALA A 1308 8.32 0.77 62.95
N ALA A 1309 8.44 1.57 61.89
CA ALA A 1309 8.30 3.01 62.04
C ALA A 1309 6.84 3.44 62.19
N GLU A 1310 5.89 2.60 61.77
CA GLU A 1310 4.48 2.93 61.90
C GLU A 1310 3.94 2.62 63.28
N LYS A 1311 4.50 1.62 63.96
CA LYS A 1311 4.03 1.22 65.27
C LYS A 1311 4.46 2.17 66.39
N CYS A 1312 5.04 3.33 66.05
CA CYS A 1312 5.47 4.28 67.06
C CYS A 1312 4.93 5.69 66.80
N PHE A 1313 3.97 5.84 65.89
CA PHE A 1313 3.30 7.11 65.62
C PHE A 1313 1.85 6.95 66.01
N GLY A 1314 1.55 7.18 67.29
CA GLY A 1314 0.21 6.92 67.78
C GLY A 1314 -0.21 5.49 67.52
N THR A 1315 0.38 4.56 68.25
CA THR A 1315 0.28 3.12 67.99
C THR A 1315 -1.16 2.67 67.72
N GLY A 1316 -2.14 3.32 68.34
CA GLY A 1316 -3.52 2.94 68.09
C GLY A 1316 -3.94 3.27 66.66
N ALA A 1317 -4.76 2.39 66.09
CA ALA A 1317 -5.27 2.54 64.72
C ALA A 1317 -4.12 2.62 63.71
N ALA A 1318 -3.38 1.52 63.62
CA ALA A 1318 -2.26 1.44 62.68
C ALA A 1318 -2.76 1.55 61.24
N GLY A 1319 -1.86 1.93 60.34
CA GLY A 1319 -2.20 2.14 58.95
C GLY A 1319 -2.44 0.86 58.16
N ASN A 1320 -2.47 0.97 56.84
CA ASN A 1320 -2.71 -0.13 55.94
C ASN A 1320 -1.50 -0.36 55.03
N ARG A 1321 -1.68 -1.21 54.02
CA ARG A 1321 -0.60 -1.52 53.10
C ARG A 1321 -0.09 -0.27 52.41
N THR A 1322 1.21 -0.24 52.13
CA THR A 1322 1.87 0.91 51.54
C THR A 1322 2.23 0.63 50.08
N SER A 1323 2.32 1.70 49.30
CA SER A 1323 2.71 1.57 47.90
C SER A 1323 4.16 1.12 47.80
N PRO A 1324 4.56 0.51 46.68
CA PRO A 1324 5.95 0.07 46.55
C PRO A 1324 6.96 1.20 46.57
N GLN A 1325 6.59 2.38 46.08
CA GLN A 1325 7.50 3.52 46.15
C GLN A 1325 7.66 4.02 47.58
N GLU A 1326 6.55 4.11 48.32
CA GLU A 1326 6.61 4.53 49.71
C GLU A 1326 7.45 3.55 50.54
N GLY A 1327 7.39 2.26 50.20
CA GLY A 1327 8.23 1.29 50.90
C GLY A 1327 9.68 1.36 50.47
N GLU A 1328 9.93 1.54 49.17
CA GLU A 1328 11.28 1.56 48.65
C GLU A 1328 12.07 2.79 49.10
N ARG A 1329 11.44 3.95 49.18
CA ARG A 1329 12.16 5.14 49.67
C ARG A 1329 12.54 4.97 51.14
N TYR A 1330 11.63 4.43 51.94
CA TYR A 1330 11.93 4.15 53.34
C TYR A 1330 13.06 3.13 53.46
N ASN A 1331 13.03 2.09 52.63
CA ASN A 1331 14.08 1.07 52.66
C ASN A 1331 15.42 1.65 52.25
N TYR A 1332 15.42 2.53 51.23
CA TYR A 1332 16.67 3.17 50.81
C TYR A 1332 17.23 4.05 51.92
N SER A 1333 16.36 4.82 52.58
CA SER A 1333 16.84 5.66 53.68
C SER A 1333 17.39 4.82 54.82
N LYS A 1334 16.71 3.72 55.17
CA LYS A 1334 17.19 2.88 56.26
C LYS A 1334 18.50 2.19 55.90
N CYS A 1335 18.63 1.75 54.65
CA CYS A 1335 19.87 1.12 54.20
C CYS A 1335 21.02 2.11 54.11
N THR A 1336 20.72 3.39 53.87
CA THR A 1336 21.77 4.40 53.93
C THR A 1336 22.17 4.67 55.38
N VAL A 1337 21.19 4.70 56.30
CA VAL A 1337 21.49 5.00 57.69
C VAL A 1337 22.31 3.87 58.33
N VAL A 1338 21.97 2.62 58.01
CA VAL A 1338 22.72 1.51 58.60
C VAL A 1338 24.16 1.50 58.08
N VAL A 1339 24.35 1.82 56.80
CA VAL A 1339 25.70 1.89 56.25
C VAL A 1339 26.47 3.04 56.89
N ARG A 1340 25.80 4.16 57.13
CA ARG A 1340 26.47 5.27 57.81
C ARG A 1340 26.85 4.91 59.23
N ILE A 1341 26.01 4.15 59.93
CA ILE A 1341 26.33 3.69 61.28
C ILE A 1341 27.54 2.76 61.24
N MET A 1342 27.57 1.84 60.28
CA MET A 1342 28.71 0.94 60.15
C MET A 1342 30.00 1.71 59.88
N GLU A 1343 29.94 2.70 58.99
CA GLU A 1343 31.13 3.50 58.71
C GLU A 1343 31.56 4.31 59.91
N PHE A 1344 30.61 4.85 60.67
CA PHE A 1344 30.95 5.62 61.85
C PHE A 1344 31.60 4.74 62.93
N THR A 1345 31.10 3.52 63.10
CA THR A 1345 31.71 2.61 64.06
C THR A 1345 33.11 2.18 63.60
N THR A 1346 33.27 1.92 62.31
CA THR A 1346 34.60 1.61 61.77
C THR A 1346 35.56 2.75 61.99
N THR A 1347 35.08 3.99 61.83
CA THR A 1347 35.92 5.15 62.08
C THR A 1347 36.30 5.26 63.55
N LEU A 1348 35.33 5.08 64.45
CA LEU A 1348 35.62 5.12 65.88
C LEU A 1348 36.64 4.06 66.27
N LEU A 1349 36.57 2.89 65.63
CA LEU A 1349 37.51 1.81 65.99
C LEU A 1349 38.89 2.08 65.42
N ASN A 1350 38.97 2.51 64.15
CA ASN A 1350 40.26 2.68 63.49
C ASN A 1350 41.02 3.92 63.96
N THR A 1351 40.34 4.92 64.53
CA THR A 1351 40.98 6.16 64.94
C THR A 1351 41.32 6.19 66.42
N SER A 1352 40.37 5.86 67.28
CA SER A 1352 40.59 5.92 68.72
C SER A 1352 40.85 4.53 69.26
N PRO A 1353 42.07 4.21 69.68
CA PRO A 1353 42.32 2.86 70.22
C PRO A 1353 41.63 2.62 71.55
N GLU A 1354 41.37 3.67 72.33
CA GLU A 1354 40.69 3.55 73.61
C GLU A 1354 39.24 4.03 73.55
N GLY A 1355 38.76 4.42 72.37
CA GLY A 1355 37.39 4.87 72.20
C GLY A 1355 36.36 3.77 72.15
N TRP A 1356 36.73 2.53 72.45
CA TRP A 1356 35.80 1.43 72.44
C TRP A 1356 34.96 1.35 73.71
N LYS A 1357 35.27 2.17 74.71
CA LYS A 1357 34.57 2.13 75.99
C LYS A 1357 33.16 2.71 75.87
N LEU A 1358 33.05 3.92 75.35
CA LEU A 1358 31.76 4.62 75.32
C LEU A 1358 30.76 4.01 74.34
N LEU A 1359 31.21 3.23 73.37
CA LEU A 1359 30.31 2.58 72.43
C LEU A 1359 29.82 1.23 72.94
N LYS A 1360 30.17 0.84 74.17
CA LYS A 1360 29.73 -0.44 74.72
C LYS A 1360 28.42 -0.31 75.46
N LYS A 1361 28.04 0.92 75.87
CA LYS A 1361 26.86 1.10 76.70
C LYS A 1361 25.58 0.69 75.96
N ASP A 1362 25.34 1.29 74.80
CA ASP A 1362 24.13 1.01 74.04
C ASP A 1362 24.35 0.81 72.54
N LEU A 1363 25.58 0.98 72.05
CA LEU A 1363 25.81 0.96 70.61
C LEU A 1363 26.18 -0.42 70.09
N CYS A 1364 27.01 -1.17 70.81
CA CYS A 1364 27.60 -2.39 70.30
C CYS A 1364 27.29 -3.64 71.11
N ASN A 1365 26.35 -3.59 72.06
CA ASN A 1365 26.08 -4.74 72.90
C ASN A 1365 25.60 -5.94 72.09
N THR A 1366 24.39 -5.85 71.52
CA THR A 1366 23.85 -6.92 70.69
C THR A 1366 23.23 -6.44 69.38
N HIS A 1367 22.71 -5.20 69.33
CA HIS A 1367 21.96 -4.77 68.15
C HIS A 1367 22.87 -4.60 66.95
N LEU A 1368 24.03 -3.95 67.15
CA LEU A 1368 24.95 -3.73 66.04
C LEU A 1368 25.50 -5.06 65.52
N MET A 1369 25.88 -5.96 66.42
CA MET A 1369 26.38 -7.26 65.99
C MET A 1369 25.31 -8.04 65.25
N ARG A 1370 24.06 -7.98 65.73
CA ARG A 1370 22.98 -8.70 65.09
C ARG A 1370 22.71 -8.16 63.69
N VAL A 1371 22.62 -6.84 63.54
CA VAL A 1371 22.35 -6.28 62.22
C VAL A 1371 23.55 -6.50 61.29
N LEU A 1372 24.77 -6.55 61.83
CA LEU A 1372 25.94 -6.80 60.99
C LEU A 1372 25.93 -8.23 60.47
N VAL A 1373 25.66 -9.21 61.35
CA VAL A 1373 25.66 -10.60 60.91
C VAL A 1373 24.45 -10.87 60.03
N GLN A 1374 23.40 -10.04 60.14
CA GLN A 1374 22.27 -10.17 59.23
C GLN A 1374 22.60 -9.61 57.86
N THR A 1375 23.28 -8.45 57.82
CA THR A 1375 23.69 -7.88 56.54
C THR A 1375 24.71 -8.77 55.84
N LEU A 1376 25.57 -9.44 56.60
CA LEU A 1376 26.54 -10.34 56.01
C LEU A 1376 25.86 -11.52 55.30
N CYS A 1377 24.91 -12.16 55.98
CA CYS A 1377 24.29 -13.37 55.43
C CYS A 1377 23.22 -13.02 54.40
N GLU A 1378 22.18 -12.30 54.82
CA GLU A 1378 21.03 -11.99 53.96
C GLU A 1378 20.81 -10.49 53.95
N PRO A 1379 21.42 -9.78 52.99
CA PRO A 1379 21.18 -8.33 52.91
C PRO A 1379 19.75 -7.97 52.55
N ALA A 1380 19.05 -8.85 51.83
CA ALA A 1380 17.69 -8.55 51.41
C ALA A 1380 16.72 -8.51 52.59
N SER A 1381 17.06 -9.13 53.71
CA SER A 1381 16.19 -9.11 54.89
C SER A 1381 16.14 -7.75 55.56
N ILE A 1382 17.14 -6.89 55.33
CA ILE A 1382 17.13 -5.52 55.85
C ILE A 1382 16.45 -4.55 54.90
N GLY A 1383 16.45 -4.83 53.61
CA GLY A 1383 15.87 -3.94 52.62
C GLY A 1383 16.80 -3.51 51.52
N PHE A 1384 18.04 -4.00 51.49
CA PHE A 1384 18.96 -3.67 50.42
C PHE A 1384 18.48 -4.28 49.11
N ASN A 1385 18.04 -3.42 48.19
CA ASN A 1385 17.62 -3.90 46.88
C ASN A 1385 18.81 -4.49 46.13
N ILE A 1386 18.58 -5.63 45.47
CA ILE A 1386 19.67 -6.34 44.82
C ILE A 1386 19.96 -5.75 43.44
N GLY A 1387 18.92 -5.38 42.72
CA GLY A 1387 19.07 -4.89 41.35
C GLY A 1387 19.65 -3.50 41.23
N ASP A 1388 20.83 -3.27 41.80
CA ASP A 1388 21.52 -1.99 41.70
C ASP A 1388 22.98 -2.20 42.08
N VAL A 1389 23.89 -1.80 41.20
CA VAL A 1389 25.30 -2.09 41.42
C VAL A 1389 26.01 -0.93 42.12
N GLN A 1390 25.37 0.25 42.19
CA GLN A 1390 26.04 1.42 42.76
C GLN A 1390 26.22 1.30 44.26
N VAL A 1391 25.40 0.48 44.92
CA VAL A 1391 25.51 0.29 46.36
C VAL A 1391 25.88 -1.15 46.74
N MET A 1392 25.57 -2.13 45.90
CA MET A 1392 25.96 -3.50 46.15
C MET A 1392 27.45 -3.74 45.87
N ALA A 1393 28.14 -2.76 45.30
CA ALA A 1393 29.59 -2.81 45.15
C ALA A 1393 30.30 -2.00 46.24
N HIS A 1394 29.56 -1.44 47.19
CA HIS A 1394 30.14 -0.67 48.28
C HIS A 1394 29.78 -1.30 49.62
N LEU A 1395 28.63 -1.97 49.67
CA LEU A 1395 28.24 -2.65 50.91
C LEU A 1395 29.22 -3.73 51.34
N PRO A 1396 29.72 -4.62 50.45
CA PRO A 1396 30.76 -5.56 50.91
C PRO A 1396 32.00 -4.86 51.43
N ASP A 1397 32.37 -3.72 50.86
CA ASP A 1397 33.54 -2.99 51.33
C ASP A 1397 33.38 -2.53 52.77
N VAL A 1398 32.28 -1.85 53.07
CA VAL A 1398 32.06 -1.38 54.44
C VAL A 1398 31.87 -2.56 55.39
N CYS A 1399 31.26 -3.65 54.91
CA CYS A 1399 31.09 -4.83 55.75
C CYS A 1399 32.45 -5.42 56.15
N VAL A 1400 33.33 -5.64 55.17
CA VAL A 1400 34.62 -6.25 55.49
C VAL A 1400 35.49 -5.26 56.28
N ASN A 1401 35.30 -3.95 56.07
CA ASN A 1401 36.05 -2.99 56.87
C ASN A 1401 35.61 -3.01 58.32
N LEU A 1402 34.30 -3.08 58.57
CA LEU A 1402 33.80 -3.17 59.94
C LEU A 1402 34.26 -4.47 60.59
N MET A 1403 34.26 -5.57 59.83
CA MET A 1403 34.71 -6.84 60.39
C MET A 1403 36.21 -6.82 60.71
N LYS A 1404 37.00 -6.19 59.84
CA LYS A 1404 38.44 -6.07 60.10
C LYS A 1404 38.73 -5.13 61.26
N ALA A 1405 37.86 -4.15 61.48
CA ALA A 1405 38.01 -3.29 62.65
C ALA A 1405 37.59 -4.00 63.93
N LEU A 1406 36.60 -4.88 63.85
CA LEU A 1406 36.16 -5.62 65.04
C LEU A 1406 37.16 -6.71 65.40
N LYS A 1407 37.79 -7.34 64.41
CA LYS A 1407 38.77 -8.38 64.69
C LYS A 1407 40.03 -7.82 65.34
N MET A 1408 40.22 -6.50 65.31
CA MET A 1408 41.33 -5.84 65.99
C MET A 1408 40.86 -5.11 67.25
N SER A 1409 39.86 -5.63 67.93
CA SER A 1409 39.25 -4.98 69.08
C SER A 1409 38.81 -6.05 70.06
N PRO A 1410 38.59 -5.68 71.34
CA PRO A 1410 38.13 -6.66 72.32
C PRO A 1410 36.76 -7.25 72.00
N TYR A 1411 36.05 -6.66 71.04
CA TYR A 1411 34.74 -7.15 70.62
C TYR A 1411 34.83 -8.35 69.67
N LYS A 1412 35.99 -9.01 69.59
CA LYS A 1412 36.14 -10.13 68.67
C LYS A 1412 35.25 -11.31 69.08
N ASP A 1413 35.13 -11.54 70.39
CA ASP A 1413 34.46 -12.74 70.88
C ASP A 1413 32.97 -12.73 70.51
N ILE A 1414 32.30 -11.60 70.74
CA ILE A 1414 30.86 -11.53 70.45
C ILE A 1414 30.62 -11.62 68.95
N LEU A 1415 31.51 -11.02 68.15
CA LEU A 1415 31.39 -11.14 66.70
C LEU A 1415 31.54 -12.59 66.26
N GLU A 1416 32.53 -13.30 66.80
CA GLU A 1416 32.72 -14.69 66.45
C GLU A 1416 31.52 -15.53 66.85
N THR A 1417 30.96 -15.29 68.04
CA THR A 1417 29.81 -16.05 68.49
C THR A 1417 28.61 -15.82 67.57
N HIS A 1418 28.30 -14.56 67.26
CA HIS A 1418 27.17 -14.27 66.38
C HIS A 1418 27.38 -14.86 64.99
N LEU A 1419 28.61 -14.76 64.47
CA LEU A 1419 28.88 -15.24 63.12
C LEU A 1419 28.77 -16.76 63.07
N ARG A 1420 29.27 -17.44 64.10
CA ARG A 1420 29.17 -18.91 64.12
C ARG A 1420 27.73 -19.35 64.30
N GLU A 1421 26.96 -18.68 65.15
CA GLU A 1421 25.57 -19.07 65.33
C GLU A 1421 24.73 -18.70 64.12
N LYS A 1422 25.23 -17.82 63.24
CA LYS A 1422 24.52 -17.50 62.00
C LYS A 1422 24.89 -18.41 60.84
N ILE A 1423 26.17 -18.74 60.68
CA ILE A 1423 26.63 -19.58 59.57
C ILE A 1423 27.63 -20.60 60.11
N THR A 1424 27.48 -21.85 59.68
CA THR A 1424 28.40 -22.93 60.05
C THR A 1424 28.67 -23.78 58.81
N ALA A 1425 29.49 -24.81 58.99
CA ALA A 1425 29.77 -25.74 57.89
C ALA A 1425 28.59 -26.67 57.66
N GLN A 1426 27.96 -27.13 58.74
CA GLN A 1426 26.80 -27.99 58.61
C GLN A 1426 25.65 -27.29 57.90
N SER A 1427 25.55 -25.97 58.06
CA SER A 1427 24.56 -25.21 57.31
C SER A 1427 24.84 -25.29 55.82
N ILE A 1428 26.10 -25.11 55.42
CA ILE A 1428 26.47 -25.24 54.01
C ILE A 1428 26.15 -26.65 53.51
N GLU A 1429 26.42 -27.66 54.35
CA GLU A 1429 26.18 -29.04 53.94
C GLU A 1429 24.69 -29.28 53.70
N GLU A 1430 23.85 -28.88 54.65
CA GLU A 1430 22.41 -29.10 54.49
C GLU A 1430 21.83 -28.20 53.39
N LEU A 1431 22.52 -27.12 53.04
CA LEU A 1431 22.04 -26.26 51.96
C LEU A 1431 22.38 -26.85 50.59
N CYS A 1432 23.60 -27.38 50.44
CA CYS A 1432 24.06 -27.91 49.16
C CYS A 1432 23.98 -29.43 49.09
N ALA A 1433 23.20 -30.04 49.98
CA ALA A 1433 23.03 -31.49 49.94
C ALA A 1433 22.33 -31.92 48.66
N VAL A 1434 21.19 -31.30 48.35
CA VAL A 1434 20.43 -31.59 47.13
C VAL A 1434 20.63 -30.44 46.17
N ASN A 1435 21.08 -30.75 44.95
CA ASN A 1435 21.39 -29.75 43.94
C ASN A 1435 20.82 -30.03 42.56
N LEU A 1436 19.92 -31.00 42.41
CA LEU A 1436 19.35 -31.35 41.12
C LEU A 1436 18.14 -30.49 40.76
N TYR A 1437 18.01 -29.31 41.36
CA TYR A 1437 16.90 -28.43 41.05
C TYR A 1437 16.97 -27.94 39.60
N GLY A 1438 15.83 -27.48 39.09
CA GLY A 1438 15.74 -26.97 37.75
C GLY A 1438 15.51 -25.47 37.72
N PRO A 1439 14.59 -25.03 36.86
CA PRO A 1439 14.31 -23.59 36.74
C PRO A 1439 13.26 -23.05 37.70
N ASP A 1440 12.84 -23.81 38.71
CA ASP A 1440 11.79 -23.38 39.62
C ASP A 1440 12.27 -23.13 41.04
N ALA A 1441 13.37 -23.72 41.47
CA ALA A 1441 13.88 -23.53 42.84
C ALA A 1441 14.92 -22.41 42.87
N GLN A 1442 14.43 -21.18 42.83
CA GLN A 1442 15.32 -20.02 42.81
C GLN A 1442 15.70 -19.58 44.22
N VAL A 1443 14.85 -19.86 45.21
CA VAL A 1443 15.13 -19.42 46.57
C VAL A 1443 16.35 -20.14 47.14
N ASP A 1444 16.47 -21.43 46.86
CA ASP A 1444 17.60 -22.21 47.37
C ASP A 1444 18.92 -21.70 46.81
N ARG A 1445 18.99 -21.54 45.48
CA ARG A 1445 20.20 -21.04 44.86
C ARG A 1445 20.49 -19.58 45.22
N SER A 1446 19.46 -18.78 45.46
CA SER A 1446 19.67 -17.41 45.93
C SER A 1446 20.28 -17.38 47.32
N ARG A 1447 19.75 -18.19 48.24
CA ARG A 1447 20.35 -18.28 49.57
C ARG A 1447 21.77 -18.83 49.51
N LEU A 1448 22.01 -19.78 48.59
CA LEU A 1448 23.35 -20.31 48.42
C LEU A 1448 24.32 -19.23 47.93
N ALA A 1449 23.90 -18.45 46.95
CA ALA A 1449 24.75 -17.35 46.46
C ALA A 1449 24.98 -16.32 47.56
N ALA A 1450 23.96 -16.05 48.37
CA ALA A 1450 24.12 -15.09 49.47
C ALA A 1450 25.14 -15.59 50.49
N VAL A 1451 25.04 -16.86 50.88
CA VAL A 1451 25.98 -17.37 51.87
C VAL A 1451 27.38 -17.50 51.29
N VAL A 1452 27.48 -17.73 49.98
CA VAL A 1452 28.79 -17.78 49.33
C VAL A 1452 29.42 -16.40 49.31
N SER A 1453 28.62 -15.37 49.02
CA SER A 1453 29.13 -14.01 49.09
C SER A 1453 29.55 -13.66 50.51
N ALA A 1454 28.80 -14.12 51.50
CA ALA A 1454 29.18 -13.91 52.90
C ALA A 1454 30.52 -14.57 53.21
N CYS A 1455 30.71 -15.80 52.74
CA CYS A 1455 31.97 -16.50 52.96
C CYS A 1455 33.13 -15.79 52.26
N LYS A 1456 32.90 -15.27 51.06
CA LYS A 1456 33.95 -14.53 50.36
C LYS A 1456 34.30 -13.25 51.10
N GLN A 1457 33.30 -12.57 51.66
CA GLN A 1457 33.57 -11.38 52.46
C GLN A 1457 34.36 -11.74 53.71
N LEU A 1458 34.02 -12.87 54.35
CA LEU A 1458 34.81 -13.32 55.50
C LEU A 1458 36.24 -13.63 55.11
N HIS A 1459 36.44 -14.24 53.93
CA HIS A 1459 37.78 -14.57 53.47
C HIS A 1459 38.60 -13.31 53.22
N ARG A 1460 38.04 -12.36 52.46
CA ARG A 1460 38.77 -11.13 52.19
C ARG A 1460 38.93 -10.26 53.43
N ALA A 1461 38.11 -10.49 54.46
CA ALA A 1461 38.30 -9.81 55.73
C ALA A 1461 39.25 -10.57 56.66
N GLY A 1462 39.52 -11.84 56.37
CA GLY A 1462 40.43 -12.62 57.19
C GLY A 1462 39.76 -13.41 58.30
N LEU A 1463 38.51 -13.83 58.09
CA LEU A 1463 37.78 -14.60 59.09
C LEU A 1463 37.20 -15.90 58.57
N LEU A 1464 37.53 -16.29 57.34
CA LEU A 1464 36.99 -17.54 56.80
C LEU A 1464 37.55 -18.75 57.57
N HIS A 1465 38.84 -18.72 57.90
CA HIS A 1465 39.43 -19.79 58.68
C HIS A 1465 38.96 -19.78 60.12
N ASN A 1466 38.43 -18.66 60.60
CA ASN A 1466 37.96 -18.57 61.98
C ASN A 1466 36.49 -18.90 62.15
N ILE A 1467 35.70 -18.81 61.07
CA ILE A 1467 34.27 -19.13 61.11
C ILE A 1467 34.03 -20.58 60.70
N LEU A 1468 34.40 -20.94 59.48
CA LEU A 1468 34.34 -22.33 59.07
C LEU A 1468 35.47 -23.10 59.76
N PRO A 1469 35.22 -24.33 60.22
CA PRO A 1469 36.23 -25.02 61.01
C PRO A 1469 37.49 -25.33 60.21
N SER A 1470 38.63 -24.92 60.75
CA SER A 1470 39.94 -25.16 60.15
C SER A 1470 40.94 -25.57 61.22
N GLN A 1471 40.52 -26.45 62.13
CA GLN A 1471 41.34 -26.89 63.25
C GLN A 1471 41.72 -28.36 63.13
N SER A 1472 42.05 -28.80 61.92
CA SER A 1472 42.52 -30.16 61.69
C SER A 1472 43.57 -30.13 60.60
N THR A 1473 44.01 -31.32 60.19
CA THR A 1473 45.04 -31.41 59.16
C THR A 1473 44.54 -30.91 57.81
N ASP A 1474 43.31 -31.29 57.44
CA ASP A 1474 42.77 -30.94 56.13
C ASP A 1474 41.31 -30.52 56.25
N LEU A 1475 40.96 -29.81 57.31
CA LEU A 1475 39.57 -29.44 57.54
C LEU A 1475 39.08 -28.43 56.51
N HIS A 1476 39.75 -27.27 56.44
CA HIS A 1476 39.47 -26.34 55.36
C HIS A 1476 39.72 -26.96 54.00
N HIS A 1477 40.76 -27.80 53.90
CA HIS A 1477 40.95 -28.61 52.70
C HIS A 1477 39.76 -29.51 52.44
N SER A 1478 39.17 -30.08 53.51
CA SER A 1478 38.01 -30.95 53.33
C SER A 1478 36.83 -30.19 52.75
N VAL A 1479 36.53 -29.02 53.31
CA VAL A 1479 35.38 -28.26 52.83
C VAL A 1479 35.64 -27.72 51.42
N GLY A 1480 36.88 -27.31 51.13
CA GLY A 1480 37.20 -26.85 49.80
C GLY A 1480 37.08 -27.94 48.75
N THR A 1481 37.63 -29.12 49.05
CA THR A 1481 37.50 -30.26 48.14
C THR A 1481 36.06 -30.71 48.01
N GLU A 1482 35.27 -30.58 49.08
CA GLU A 1482 33.85 -30.91 48.99
C GLU A 1482 33.13 -29.98 48.02
N LEU A 1483 33.36 -28.67 48.16
CA LEU A 1483 32.74 -27.71 47.25
C LEU A 1483 33.20 -27.94 45.81
N LEU A 1484 34.50 -28.23 45.62
CA LEU A 1484 35.02 -28.45 44.28
C LEU A 1484 34.44 -29.71 43.66
N SER A 1485 34.37 -30.80 44.44
CA SER A 1485 33.77 -32.04 43.94
C SER A 1485 32.30 -31.84 43.63
N LEU A 1486 31.60 -31.03 44.43
CA LEU A 1486 30.19 -30.75 44.18
C LEU A 1486 30.03 -29.99 42.86
N VAL A 1487 30.79 -28.92 42.67
CA VAL A 1487 30.64 -28.12 41.46
C VAL A 1487 31.14 -28.89 40.24
N TYR A 1488 31.99 -29.91 40.45
CA TYR A 1488 32.50 -30.68 39.33
C TYR A 1488 31.53 -31.80 38.94
N LYS A 1489 30.93 -32.45 39.93
CA LYS A 1489 30.04 -33.58 39.70
C LYS A 1489 28.56 -33.20 39.80
N GLY A 1490 28.24 -31.91 39.75
CA GLY A 1490 26.85 -31.52 39.67
C GLY A 1490 26.31 -31.39 38.27
N ILE A 1491 27.19 -31.33 37.27
CA ILE A 1491 26.74 -31.06 35.91
C ILE A 1491 26.13 -32.31 35.28
N ALA A 1492 26.95 -33.34 35.04
CA ALA A 1492 26.39 -34.59 34.53
C ALA A 1492 27.34 -35.80 34.64
N PRO A 1493 27.79 -36.19 35.84
CA PRO A 1493 28.45 -37.49 35.95
C PRO A 1493 27.49 -38.62 36.30
N GLY A 1494 26.36 -38.26 36.92
CA GLY A 1494 25.40 -39.22 37.43
C GLY A 1494 24.14 -39.37 36.61
N ASP A 1495 24.02 -38.65 35.50
CA ASP A 1495 22.88 -38.76 34.59
C ASP A 1495 23.37 -39.10 33.19
N GLU A 1496 24.29 -40.06 33.12
CA GLU A 1496 24.86 -40.55 31.87
C GLU A 1496 23.88 -41.35 31.02
N ARG A 1497 22.62 -41.45 31.44
CA ARG A 1497 21.62 -42.25 30.73
C ARG A 1497 20.74 -41.39 29.81
N GLN A 1498 20.13 -40.33 30.33
CA GLN A 1498 19.18 -39.57 29.54
C GLN A 1498 19.84 -38.38 28.83
N CYS A 1499 20.36 -37.42 29.61
CA CYS A 1499 20.91 -36.20 29.05
C CYS A 1499 21.53 -35.31 30.14
N LEU A 1500 22.35 -34.35 29.73
CA LEU A 1500 22.89 -33.38 30.68
C LEU A 1500 21.91 -32.22 30.84
N PRO A 1501 21.73 -31.71 32.05
CA PRO A 1501 20.80 -30.58 32.24
C PRO A 1501 21.40 -29.27 31.74
N SER A 1502 20.51 -28.35 31.40
CA SER A 1502 20.92 -27.05 30.89
C SER A 1502 21.28 -26.12 32.05
N LEU A 1503 22.40 -25.41 31.93
CA LEU A 1503 22.86 -24.47 32.94
C LEU A 1503 22.43 -23.06 32.52
N ASP A 1504 21.51 -22.49 33.29
CA ASP A 1504 20.99 -21.16 33.00
C ASP A 1504 21.89 -20.09 33.62
N LEU A 1505 21.49 -18.83 33.45
CA LEU A 1505 22.28 -17.72 33.96
C LEU A 1505 22.33 -17.72 35.49
N SER A 1506 21.29 -18.26 36.14
CA SER A 1506 21.29 -18.30 37.60
C SER A 1506 22.42 -19.18 38.13
N CYS A 1507 22.65 -20.33 37.49
CA CYS A 1507 23.71 -21.23 37.89
C CYS A 1507 25.05 -20.89 37.26
N LYS A 1508 25.04 -20.21 36.12
CA LYS A 1508 26.29 -19.87 35.43
C LYS A 1508 27.18 -18.99 36.31
N GLN A 1509 26.58 -18.09 37.09
CA GLN A 1509 27.32 -17.28 38.05
C GLN A 1509 27.40 -17.92 39.42
N LEU A 1510 26.42 -18.73 39.80
CA LEU A 1510 26.47 -19.43 41.08
C LEU A 1510 27.68 -20.35 41.15
N ALA A 1511 27.86 -21.19 40.13
CA ALA A 1511 29.00 -22.09 40.10
C ALA A 1511 30.32 -21.32 39.96
N SER A 1512 30.31 -20.22 39.21
CA SER A 1512 31.49 -19.39 39.09
C SER A 1512 31.90 -18.75 40.41
N GLY A 1513 30.94 -18.45 41.29
CA GLY A 1513 31.26 -17.95 42.61
C GLY A 1513 31.69 -19.06 43.55
N LEU A 1514 31.04 -20.23 43.41
CA LEU A 1514 31.43 -21.39 44.22
C LEU A 1514 32.87 -21.80 43.93
N LEU A 1515 33.31 -21.67 42.67
CA LEU A 1515 34.68 -22.02 42.33
C LEU A 1515 35.67 -21.11 43.05
N GLU A 1516 35.44 -19.79 43.01
CA GLU A 1516 36.31 -18.86 43.72
C GLU A 1516 36.26 -19.10 45.22
N LEU A 1517 35.09 -19.44 45.76
CA LEU A 1517 34.99 -19.73 47.19
C LEU A 1517 35.83 -20.95 47.56
N ALA A 1518 35.73 -22.01 46.75
CA ALA A 1518 36.51 -23.22 47.03
C ALA A 1518 38.00 -22.96 46.89
N PHE A 1519 38.38 -22.12 45.93
CA PHE A 1519 39.80 -21.81 45.72
C PHE A 1519 40.33 -20.83 46.76
N ALA A 1520 39.46 -20.11 47.48
CA ALA A 1520 39.92 -19.15 48.46
C ALA A 1520 40.46 -19.84 49.71
N PHE A 1521 40.06 -21.09 49.94
CA PHE A 1521 40.48 -21.79 51.17
C PHE A 1521 41.98 -22.05 51.17
N GLY A 1522 42.48 -22.72 50.13
CA GLY A 1522 43.88 -23.07 50.09
C GLY A 1522 44.37 -23.22 48.67
N GLY A 1523 45.63 -23.63 48.54
CA GLY A 1523 46.25 -23.82 47.25
C GLY A 1523 46.04 -25.19 46.67
N LEU A 1524 44.81 -25.48 46.24
CA LEU A 1524 44.46 -26.76 45.63
C LEU A 1524 44.51 -26.69 44.10
N CYS A 1525 45.38 -25.83 43.56
CA CYS A 1525 45.49 -25.70 42.11
C CYS A 1525 45.94 -26.99 41.47
N GLU A 1526 46.78 -27.76 42.17
CA GLU A 1526 47.22 -29.05 41.63
C GLU A 1526 46.05 -30.02 41.52
N ARG A 1527 45.21 -30.09 42.54
CA ARG A 1527 44.03 -30.96 42.48
C ARG A 1527 43.08 -30.50 41.39
N LEU A 1528 42.93 -29.18 41.22
CA LEU A 1528 42.06 -28.67 40.16
C LEU A 1528 42.58 -29.05 38.78
N VAL A 1529 43.88 -28.85 38.55
CA VAL A 1529 44.44 -29.15 37.23
C VAL A 1529 44.48 -30.66 37.00
N SER A 1530 44.52 -31.45 38.07
CA SER A 1530 44.38 -32.90 37.91
C SER A 1530 42.96 -33.28 37.51
N LEU A 1531 41.97 -32.62 38.12
CA LEU A 1531 40.58 -32.81 37.69
C LEU A 1531 40.33 -32.26 36.29
N LEU A 1532 41.21 -31.40 35.78
CA LEU A 1532 41.01 -30.84 34.45
C LEU A 1532 41.16 -31.91 33.38
N LEU A 1533 42.27 -32.65 33.41
CA LEU A 1533 42.48 -33.73 32.44
C LEU A 1533 41.75 -34.96 32.95
N ASN A 1534 40.49 -35.09 32.56
CA ASN A 1534 39.63 -36.21 32.96
C ASN A 1534 39.13 -36.89 31.69
N PRO A 1535 39.80 -37.94 31.24
CA PRO A 1535 39.44 -38.57 29.97
C PRO A 1535 38.13 -39.36 30.04
N ALA A 1536 37.05 -38.69 30.40
CA ALA A 1536 35.73 -39.32 30.41
C ALA A 1536 35.05 -39.07 29.07
N VAL A 1537 33.80 -39.54 28.94
CA VAL A 1537 33.03 -39.37 27.71
C VAL A 1537 31.62 -38.93 28.10
N LEU A 1538 31.25 -37.72 27.73
CA LEU A 1538 29.90 -37.24 28.01
C LEU A 1538 28.90 -37.89 27.06
N SER A 1539 27.82 -38.42 27.62
CA SER A 1539 26.77 -39.09 26.85
C SER A 1539 25.62 -38.11 26.64
N THR A 1540 25.51 -37.57 25.44
CA THR A 1540 24.46 -36.62 25.12
C THR A 1540 24.02 -36.75 23.67
N SER A 1549 23.33 -32.59 18.98
CA SER A 1549 22.98 -32.85 20.38
C SER A 1549 23.95 -33.86 20.98
N VAL A 1550 24.54 -34.70 20.15
CA VAL A 1550 25.48 -35.73 20.59
C VAL A 1550 26.88 -35.15 20.37
N ILE A 1551 27.51 -34.74 21.47
CA ILE A 1551 28.88 -34.21 21.45
C ILE A 1551 29.63 -34.92 22.57
N HIS A 1552 30.36 -35.98 22.23
CA HIS A 1552 31.10 -36.76 23.21
C HIS A 1552 32.53 -36.25 23.32
N PHE A 1553 32.94 -35.91 24.53
CA PHE A 1553 34.29 -35.41 24.77
C PHE A 1553 34.57 -35.49 26.27
N SER A 1554 35.76 -35.03 26.65
CA SER A 1554 36.21 -35.15 28.04
C SER A 1554 35.34 -34.30 28.97
N HIS A 1555 35.07 -34.84 30.16
CA HIS A 1555 34.28 -34.11 31.14
C HIS A 1555 35.02 -32.88 31.66
N GLY A 1556 36.35 -32.98 31.82
CA GLY A 1556 37.11 -31.82 32.25
C GLY A 1556 37.09 -30.70 31.24
N GLU A 1557 37.04 -31.04 29.95
CA GLU A 1557 36.92 -30.02 28.91
C GLU A 1557 35.61 -29.25 29.06
N TYR A 1558 34.51 -29.96 29.36
CA TYR A 1558 33.24 -29.29 29.57
C TYR A 1558 33.29 -28.43 30.83
N PHE A 1559 33.88 -28.96 31.91
CA PHE A 1559 34.01 -28.19 33.14
C PHE A 1559 34.80 -26.91 32.91
N TYR A 1560 35.83 -26.98 32.06
CA TYR A 1560 36.62 -25.78 31.76
C TYR A 1560 35.83 -24.81 30.89
N SER A 1561 35.19 -25.32 29.84
CA SER A 1561 34.46 -24.46 28.91
C SER A 1561 33.29 -23.76 29.60
N LEU A 1562 32.73 -24.36 30.64
CA LEU A 1562 31.64 -23.71 31.36
C LEU A 1562 32.13 -22.49 32.14
N PHE A 1563 33.29 -22.59 32.78
CA PHE A 1563 33.78 -21.55 33.68
C PHE A 1563 35.23 -21.21 33.37
N SER A 1564 35.54 -20.97 32.09
CA SER A 1564 36.91 -20.69 31.68
C SER A 1564 37.46 -19.37 32.21
N GLU A 1565 36.63 -18.55 32.84
CA GLU A 1565 37.07 -17.26 33.38
C GLU A 1565 37.44 -17.33 34.86
N THR A 1566 37.49 -18.52 35.45
CA THR A 1566 37.79 -18.69 36.86
C THR A 1566 39.12 -19.40 37.11
N ILE A 1567 39.36 -20.50 36.40
CA ILE A 1567 40.60 -21.25 36.58
C ILE A 1567 41.81 -20.39 36.20
N ASN A 1568 41.73 -19.74 35.04
CA ASN A 1568 42.82 -18.85 34.63
C ASN A 1568 42.92 -17.64 35.54
N THR A 1569 41.79 -17.20 36.11
CA THR A 1569 41.81 -16.06 37.03
C THR A 1569 42.54 -16.41 38.31
N GLU A 1570 42.38 -17.64 38.80
CA GLU A 1570 43.00 -18.04 40.05
C GLU A 1570 44.41 -18.62 39.88
N LEU A 1571 44.76 -19.08 38.68
CA LEU A 1571 46.08 -19.69 38.49
C LEU A 1571 47.20 -18.67 38.35
N LEU A 1572 46.89 -17.40 38.11
CA LEU A 1572 47.95 -16.41 37.89
C LEU A 1572 48.72 -16.13 39.18
N LYS A 1573 48.09 -16.33 40.35
CA LYS A 1573 48.77 -16.08 41.60
C LYS A 1573 49.68 -17.23 42.01
N ASN A 1574 49.36 -18.46 41.61
CA ASN A 1574 50.18 -19.64 41.87
C ASN A 1574 50.60 -20.21 40.51
N LEU A 1575 51.71 -19.71 39.98
CA LEU A 1575 52.09 -20.00 38.60
C LEU A 1575 52.82 -21.32 38.46
N ASP A 1576 54.01 -21.42 39.07
CA ASP A 1576 54.96 -22.47 38.69
C ASP A 1576 54.44 -23.86 39.05
N LEU A 1577 54.06 -24.07 40.32
CA LEU A 1577 53.69 -25.40 40.79
C LEU A 1577 52.52 -26.01 40.01
N ALA A 1578 51.75 -25.18 39.30
CA ALA A 1578 50.65 -25.69 38.50
C ALA A 1578 51.05 -25.88 37.03
N VAL A 1579 51.71 -24.89 36.44
CA VAL A 1579 52.01 -24.95 35.02
C VAL A 1579 53.08 -26.01 34.74
N LEU A 1580 54.05 -26.17 35.64
CA LEU A 1580 55.05 -27.21 35.46
C LEU A 1580 54.40 -28.59 35.40
N GLU A 1581 53.49 -28.87 36.33
CA GLU A 1581 52.85 -30.17 36.36
C GLU A 1581 51.92 -30.36 35.17
N LEU A 1582 51.16 -29.33 34.79
CA LEU A 1582 50.25 -29.47 33.66
C LEU A 1582 50.99 -29.53 32.34
N MET A 1583 52.25 -29.07 32.32
CA MET A 1583 53.06 -29.23 31.11
C MET A 1583 53.68 -30.62 31.06
N GLN A 1584 54.13 -31.13 32.20
CA GLN A 1584 54.83 -32.41 32.22
C GLN A 1584 53.86 -33.59 32.11
N SER A 1585 52.90 -33.69 33.03
CA SER A 1585 52.08 -34.87 33.17
C SER A 1585 50.79 -34.82 32.35
N SER A 1586 50.77 -34.08 31.24
CA SER A 1586 49.57 -34.01 30.42
C SER A 1586 49.87 -34.11 28.93
N VAL A 1587 51.05 -34.60 28.52
CA VAL A 1587 51.38 -34.71 27.11
C VAL A 1587 50.62 -35.83 26.41
N ASP A 1588 49.88 -36.65 27.16
CA ASP A 1588 49.15 -37.75 26.53
C ASP A 1588 47.93 -37.24 25.79
N ASN A 1589 47.24 -36.23 26.33
CA ASN A 1589 46.04 -35.71 25.70
C ASN A 1589 46.35 -34.66 24.64
N THR A 1590 47.33 -33.79 24.90
CA THR A 1590 47.82 -32.75 23.99
C THR A 1590 46.74 -31.75 23.61
N LYS A 1591 45.58 -31.76 24.25
CA LYS A 1591 44.49 -30.85 23.92
C LYS A 1591 44.10 -29.97 25.10
N MET A 1592 43.91 -30.56 26.28
CA MET A 1592 43.46 -29.79 27.44
C MET A 1592 44.54 -28.82 27.92
N VAL A 1593 45.80 -29.27 27.94
CA VAL A 1593 46.89 -28.42 28.37
C VAL A 1593 47.05 -27.22 27.42
N SER A 1594 46.80 -27.43 26.13
CA SER A 1594 46.84 -26.32 25.18
C SER A 1594 45.72 -25.32 25.47
N ALA A 1595 44.52 -25.83 25.77
CA ALA A 1595 43.39 -24.94 26.04
C ALA A 1595 43.59 -24.12 27.30
N VAL A 1596 44.08 -24.74 28.38
CA VAL A 1596 44.29 -23.99 29.61
C VAL A 1596 45.40 -22.97 29.43
N LEU A 1597 46.42 -23.30 28.63
CA LEU A 1597 47.48 -22.33 28.36
C LEU A 1597 46.96 -21.16 27.54
N ASN A 1598 46.11 -21.42 26.56
CA ASN A 1598 45.50 -20.35 25.78
C ASN A 1598 44.63 -19.47 26.67
N GLY A 1599 43.88 -20.09 27.59
CA GLY A 1599 43.08 -19.31 28.51
C GLY A 1599 43.91 -18.44 29.42
N MET A 1600 45.02 -18.98 29.94
CA MET A 1600 45.91 -18.20 30.78
C MET A 1600 46.54 -17.05 30.00
N LEU A 1601 46.89 -17.29 28.73
CA LEU A 1601 47.45 -16.23 27.91
C LEU A 1601 46.43 -15.14 27.65
N ASP A 1602 45.18 -15.52 27.39
CA ASP A 1602 44.13 -14.52 27.21
C ASP A 1602 43.91 -13.71 28.47
N GLN A 1603 43.91 -14.38 29.63
CA GLN A 1603 43.77 -13.67 30.89
C GLN A 1603 44.91 -12.68 31.11
N SER A 1604 46.14 -13.11 30.83
CA SER A 1604 47.29 -12.21 30.98
C SER A 1604 47.20 -11.05 30.01
N PHE A 1605 46.70 -11.30 28.79
CA PHE A 1605 46.50 -10.22 27.84
C PHE A 1605 45.46 -9.22 28.36
N ARG A 1606 44.45 -9.72 29.05
CA ARG A 1606 43.49 -8.84 29.70
C ARG A 1606 44.01 -8.26 31.01
N GLU A 1607 45.03 -8.89 31.61
CA GLU A 1607 45.61 -8.43 32.85
C GLU A 1607 46.81 -7.52 32.63
N ARG A 1608 46.88 -6.83 31.50
CA ARG A 1608 47.98 -5.89 31.25
C ARG A 1608 47.84 -4.61 32.04
N ALA A 1609 46.76 -4.44 32.82
CA ALA A 1609 46.55 -3.22 33.59
C ALA A 1609 47.46 -3.17 34.80
N ASN A 1610 48.60 -2.49 34.66
CA ASN A 1610 49.58 -2.25 35.72
C ASN A 1610 50.15 -3.53 36.31
N GLN A 1611 49.92 -4.68 35.68
CA GLN A 1611 50.44 -5.96 36.16
C GLN A 1611 50.99 -6.78 35.00
N LYS A 1612 51.75 -6.14 34.11
CA LYS A 1612 52.33 -6.85 32.98
C LYS A 1612 53.47 -7.77 33.42
N HIS A 1613 53.91 -7.65 34.67
CA HIS A 1613 54.99 -8.50 35.15
C HIS A 1613 54.57 -9.96 35.20
N GLN A 1614 53.28 -10.23 35.46
CA GLN A 1614 52.81 -11.61 35.45
C GLN A 1614 52.91 -12.21 34.05
N GLY A 1615 52.64 -11.41 33.01
CA GLY A 1615 52.81 -11.90 31.66
C GLY A 1615 54.26 -12.22 31.33
N LEU A 1616 55.18 -11.39 31.81
CA LEU A 1616 56.61 -11.68 31.63
C LEU A 1616 57.00 -12.95 32.36
N LYS A 1617 56.41 -13.18 33.55
CA LYS A 1617 56.68 -14.42 34.27
C LYS A 1617 56.16 -15.62 33.50
N LEU A 1618 54.97 -15.50 32.92
CA LEU A 1618 54.46 -16.57 32.06
C LEU A 1618 55.41 -16.83 30.90
N ALA A 1619 55.87 -15.76 30.26
CA ALA A 1619 56.79 -15.90 29.12
C ALA A 1619 58.07 -16.61 29.53
N THR A 1620 58.62 -16.25 30.69
CA THR A 1620 59.85 -16.88 31.16
C THR A 1620 59.62 -18.36 31.46
N THR A 1621 58.53 -18.67 32.17
CA THR A 1621 58.29 -20.05 32.56
C THR A 1621 57.89 -20.93 31.38
N ILE A 1622 57.44 -20.34 30.27
CA ILE A 1622 57.19 -21.16 29.09
C ILE A 1622 58.41 -21.25 28.18
N LEU A 1623 59.26 -20.21 28.15
CA LEU A 1623 60.48 -20.31 27.35
C LEU A 1623 61.50 -21.24 28.01
N GLN A 1624 61.47 -21.35 29.34
CA GLN A 1624 62.32 -22.31 30.02
C GLN A 1624 61.70 -23.70 30.10
N HIS A 1625 60.56 -23.92 29.44
CA HIS A 1625 59.92 -25.23 29.42
C HIS A 1625 59.55 -25.68 28.01
N TRP A 1626 59.80 -24.86 26.99
CA TRP A 1626 59.65 -25.31 25.60
C TRP A 1626 60.38 -26.62 25.35
N LYS A 1627 61.50 -26.85 26.05
CA LYS A 1627 62.22 -28.11 25.90
C LYS A 1627 61.43 -29.29 26.45
N LYS A 1628 60.46 -29.05 27.33
CA LYS A 1628 59.68 -30.11 27.94
C LYS A 1628 58.47 -30.52 27.11
N CYS A 1629 58.25 -29.90 25.96
CA CYS A 1629 57.09 -30.16 25.11
C CYS A 1629 57.53 -30.38 23.67
N ASP A 1630 58.53 -31.22 23.47
CA ASP A 1630 59.06 -31.53 22.15
C ASP A 1630 58.27 -32.64 21.45
N SER A 1631 57.08 -32.96 21.95
CA SER A 1631 56.24 -33.99 21.33
C SER A 1631 55.02 -33.43 20.62
N TRP A 1632 54.75 -32.13 20.75
CA TRP A 1632 53.57 -31.55 20.13
C TRP A 1632 53.72 -31.48 18.61
N TRP A 1633 54.93 -31.11 18.18
CA TRP A 1633 55.24 -30.93 16.73
C TRP A 1633 56.00 -32.14 16.18
N ALA A 1634 55.27 -33.07 15.55
CA ALA A 1634 55.88 -34.23 14.92
C ALA A 1634 55.26 -34.43 13.54
N LYS A 1635 55.83 -35.39 12.80
CA LYS A 1635 55.34 -35.69 11.46
C LYS A 1635 54.04 -36.50 11.48
N ASP A 1636 53.60 -36.97 12.64
CA ASP A 1636 52.39 -37.76 12.75
C ASP A 1636 51.37 -37.17 13.72
N SER A 1637 51.68 -36.02 14.32
CA SER A 1637 50.75 -35.41 15.26
C SER A 1637 49.51 -34.92 14.51
N PRO A 1638 48.32 -35.02 15.11
CA PRO A 1638 47.11 -34.55 14.42
C PRO A 1638 47.12 -33.04 14.24
N LEU A 1639 46.22 -32.56 13.40
CA LEU A 1639 46.15 -31.13 13.11
C LEU A 1639 45.66 -30.31 14.30
N GLU A 1640 45.00 -30.95 15.27
CA GLU A 1640 44.50 -30.23 16.43
C GLU A 1640 45.64 -29.62 17.24
N THR A 1641 46.64 -30.45 17.60
CA THR A 1641 47.78 -29.93 18.34
C THR A 1641 48.62 -28.97 17.49
N LYS A 1642 48.60 -29.12 16.16
CA LYS A 1642 49.30 -28.17 15.30
C LYS A 1642 48.66 -26.79 15.40
N MET A 1643 47.34 -26.73 15.26
CA MET A 1643 46.64 -25.46 15.42
C MET A 1643 46.84 -24.91 16.83
N ALA A 1644 46.87 -25.79 17.83
CA ALA A 1644 47.06 -25.34 19.21
C ALA A 1644 48.42 -24.69 19.38
N VAL A 1645 49.48 -25.33 18.90
CA VAL A 1645 50.82 -24.78 19.07
C VAL A 1645 51.00 -23.53 18.19
N LEU A 1646 50.28 -23.46 17.07
CA LEU A 1646 50.34 -22.25 16.26
C LEU A 1646 49.69 -21.07 16.98
N ALA A 1647 48.52 -21.28 17.58
CA ALA A 1647 47.90 -20.23 18.37
C ALA A 1647 48.78 -19.85 19.56
N LEU A 1648 49.45 -20.84 20.15
CA LEU A 1648 50.36 -20.56 21.25
C LEU A 1648 51.52 -19.67 20.79
N LEU A 1649 52.15 -20.04 19.68
CA LEU A 1649 53.23 -19.23 19.12
C LEU A 1649 52.76 -17.82 18.78
N ALA A 1650 51.53 -17.70 18.29
CA ALA A 1650 50.99 -16.39 17.96
C ALA A 1650 50.82 -15.55 19.22
N LYS A 1651 50.21 -16.12 20.26
CA LYS A 1651 49.90 -15.35 21.46
C LYS A 1651 51.13 -15.04 22.31
N ILE A 1652 52.15 -15.91 22.31
CA ILE A 1652 53.30 -15.67 23.18
C ILE A 1652 54.10 -14.47 22.70
N LEU A 1653 54.16 -14.26 21.37
CA LEU A 1653 54.96 -13.16 20.85
C LEU A 1653 54.39 -11.81 21.26
N GLN A 1654 53.07 -11.72 21.41
CA GLN A 1654 52.47 -10.51 21.94
C GLN A 1654 52.38 -10.48 23.46
N ILE A 1655 52.48 -11.64 24.12
CA ILE A 1655 52.55 -11.67 25.57
C ILE A 1655 54.00 -11.62 26.08
N ASP A 1656 54.98 -11.89 25.22
CA ASP A 1656 56.39 -11.79 25.55
C ASP A 1656 56.95 -10.58 24.81
N SER A 1657 57.25 -9.53 25.55
CA SER A 1657 57.81 -8.33 24.95
C SER A 1657 59.21 -8.61 24.37
N SER A 1658 59.65 -7.73 23.48
CA SER A 1658 60.95 -7.91 22.84
C SER A 1658 62.10 -7.78 23.83
N VAL A 1659 61.86 -7.17 25.00
CA VAL A 1659 62.94 -6.96 25.97
C VAL A 1659 63.56 -8.29 26.37
N SER A 1660 62.74 -9.33 26.54
CA SER A 1660 63.26 -10.62 26.96
C SER A 1660 63.61 -11.52 25.77
N PHE A 1661 63.07 -11.23 24.59
CA PHE A 1661 63.28 -12.08 23.41
C PHE A 1661 63.48 -11.17 22.19
N ASN A 1662 64.75 -10.86 21.90
CA ASN A 1662 65.11 -10.13 20.68
C ASN A 1662 65.92 -10.99 19.72
N THR A 1663 67.05 -11.51 20.19
CA THR A 1663 67.94 -12.32 19.35
C THR A 1663 68.73 -13.25 20.27
N SER A 1664 68.31 -14.52 20.32
CA SER A 1664 68.99 -15.54 21.12
C SER A 1664 69.01 -15.17 22.61
N HIS A 1665 67.95 -14.49 23.06
CA HIS A 1665 67.81 -14.13 24.46
C HIS A 1665 66.84 -15.02 25.22
N GLY A 1666 65.84 -15.58 24.55
CA GLY A 1666 64.85 -16.42 25.20
C GLY A 1666 64.87 -17.85 24.71
N SER A 1667 66.07 -18.41 24.54
CA SER A 1667 66.28 -19.78 24.05
C SER A 1667 65.65 -19.96 22.67
N PHE A 1668 66.21 -19.20 21.71
CA PHE A 1668 65.79 -19.28 20.31
C PHE A 1668 65.88 -20.67 19.69
N PRO A 1669 66.96 -21.49 19.91
CA PRO A 1669 67.05 -22.79 19.24
C PRO A 1669 65.84 -23.70 19.41
N GLU A 1670 65.00 -23.44 20.42
CA GLU A 1670 63.80 -24.22 20.62
C GLU A 1670 62.62 -23.66 19.83
N VAL A 1671 62.28 -22.39 20.06
CA VAL A 1671 61.10 -21.79 19.43
C VAL A 1671 61.29 -21.70 17.92
N PHE A 1672 62.49 -21.32 17.47
CA PHE A 1672 62.73 -21.18 16.04
C PHE A 1672 62.64 -22.51 15.32
N THR A 1673 63.25 -23.56 15.89
CA THR A 1673 63.13 -24.89 15.30
C THR A 1673 61.70 -25.41 15.33
N THR A 1674 60.96 -25.11 16.40
CA THR A 1674 59.55 -25.48 16.44
C THR A 1674 58.79 -24.82 15.29
N TYR A 1675 58.99 -23.52 15.09
CA TYR A 1675 58.27 -22.80 14.04
C TYR A 1675 58.70 -23.30 12.66
N ILE A 1676 59.98 -23.65 12.50
CA ILE A 1676 60.46 -24.18 11.21
C ILE A 1676 59.81 -25.52 10.92
N SER A 1677 59.72 -26.39 11.94
CA SER A 1677 59.04 -27.67 11.76
C SER A 1677 57.55 -27.46 11.47
N LEU A 1678 56.96 -26.41 12.04
CA LEU A 1678 55.56 -26.11 11.76
C LEU A 1678 55.38 -25.68 10.30
N LEU A 1679 56.29 -24.85 9.79
CA LEU A 1679 56.19 -24.42 8.40
C LEU A 1679 56.43 -25.58 7.44
N ALA A 1680 57.34 -26.50 7.81
CA ALA A 1680 57.68 -27.59 6.92
C ALA A 1680 56.61 -28.68 6.88
N ASP A 1681 55.55 -28.55 7.69
CA ASP A 1681 54.49 -29.55 7.70
C ASP A 1681 53.71 -29.47 6.38
N THR A 1682 53.78 -30.54 5.58
CA THR A 1682 53.10 -30.55 4.30
C THR A 1682 51.62 -30.89 4.45
N LYS A 1683 51.29 -31.78 5.39
CA LYS A 1683 49.89 -32.15 5.61
C LYS A 1683 49.06 -30.98 6.12
N LEU A 1684 49.69 -29.93 6.62
CA LEU A 1684 48.97 -28.77 7.12
C LEU A 1684 48.36 -27.98 5.96
N ASP A 1685 47.20 -27.37 6.22
CA ASP A 1685 46.52 -26.58 5.22
C ASP A 1685 47.22 -25.24 5.02
N LEU A 1686 46.66 -24.42 4.14
CA LEU A 1686 47.25 -23.13 3.81
C LEU A 1686 46.61 -21.98 4.58
N HIS A 1687 45.34 -22.12 4.98
CA HIS A 1687 44.68 -21.04 5.71
C HIS A 1687 45.36 -20.78 7.05
N LEU A 1688 45.87 -21.83 7.68
CA LEU A 1688 46.60 -21.66 8.93
C LEU A 1688 48.04 -21.25 8.68
N LYS A 1689 48.65 -21.72 7.58
CA LYS A 1689 49.94 -21.19 7.17
C LYS A 1689 49.88 -19.70 6.90
N GLY A 1690 48.69 -19.17 6.60
CA GLY A 1690 48.49 -17.73 6.52
C GLY A 1690 48.90 -17.02 7.79
N GLN A 1691 48.35 -17.43 8.94
CA GLN A 1691 48.78 -16.85 10.21
C GLN A 1691 50.22 -17.23 10.53
N ALA A 1692 50.65 -18.44 10.15
CA ALA A 1692 52.01 -18.87 10.41
C ALA A 1692 53.02 -17.92 9.77
N VAL A 1693 52.73 -17.45 8.55
CA VAL A 1693 53.60 -16.46 7.91
C VAL A 1693 53.22 -15.04 8.31
N THR A 1694 52.04 -14.85 8.90
CA THR A 1694 51.70 -13.53 9.45
C THR A 1694 52.54 -13.21 10.68
N LEU A 1695 52.92 -14.23 11.45
CA LEU A 1695 53.80 -14.04 12.60
C LEU A 1695 55.28 -14.05 12.21
N LEU A 1696 55.57 -13.77 10.94
CA LEU A 1696 56.96 -13.73 10.47
C LEU A 1696 57.78 -12.57 11.04
N PRO A 1697 57.27 -11.31 11.12
CA PRO A 1697 58.14 -10.18 11.51
C PRO A 1697 58.90 -10.35 12.82
N PHE A 1698 58.55 -11.37 13.61
CA PHE A 1698 59.28 -11.60 14.85
C PHE A 1698 60.62 -12.28 14.59
N PHE A 1699 60.72 -13.06 13.51
CA PHE A 1699 61.93 -13.79 13.18
C PHE A 1699 62.75 -13.14 12.08
N THR A 1700 62.46 -11.88 11.72
CA THR A 1700 63.18 -11.23 10.64
C THR A 1700 64.50 -10.65 11.11
N SER A 1701 64.61 -10.33 12.41
CA SER A 1701 65.79 -9.67 12.96
C SER A 1701 66.98 -10.61 13.14
N LEU A 1702 66.98 -11.83 12.63
CA LEU A 1702 68.10 -12.73 12.82
C LEU A 1702 69.28 -12.31 11.94
N THR A 1703 70.46 -12.84 12.28
CA THR A 1703 71.69 -12.50 11.58
C THR A 1703 72.49 -13.70 11.08
N GLY A 1704 72.35 -14.87 11.70
CA GLY A 1704 73.11 -16.04 11.32
C GLY A 1704 72.43 -16.86 10.24
N GLY A 1705 72.82 -18.13 10.17
CA GLY A 1705 72.24 -19.04 9.19
C GLY A 1705 70.78 -19.36 9.43
N SER A 1706 70.22 -18.96 10.56
CA SER A 1706 68.80 -19.19 10.82
C SER A 1706 67.94 -18.45 9.82
N LEU A 1707 68.33 -17.22 9.46
CA LEU A 1707 67.59 -16.50 8.44
C LEU A 1707 67.70 -17.20 7.09
N GLU A 1708 68.85 -17.85 6.82
CA GLU A 1708 68.99 -18.61 5.59
C GLU A 1708 68.07 -19.82 5.58
N GLU A 1709 67.95 -20.52 6.72
CA GLU A 1709 67.03 -21.64 6.81
C GLU A 1709 65.59 -21.18 6.65
N LEU A 1710 65.25 -20.03 7.23
CA LEU A 1710 63.91 -19.47 7.05
C LEU A 1710 63.65 -19.13 5.59
N ARG A 1711 64.65 -18.58 4.90
CA ARG A 1711 64.54 -18.33 3.47
C ARG A 1711 64.29 -19.61 2.70
N ARG A 1712 65.04 -20.67 3.04
CA ARG A 1712 64.87 -21.95 2.34
C ARG A 1712 63.48 -22.50 2.55
N VAL A 1713 62.97 -22.45 3.78
CA VAL A 1713 61.66 -23.03 4.05
C VAL A 1713 60.56 -22.18 3.41
N LEU A 1714 60.75 -20.86 3.35
CA LEU A 1714 59.77 -20.01 2.66
C LEU A 1714 59.75 -20.30 1.16
N GLU A 1715 60.93 -20.51 0.57
CA GLU A 1715 60.98 -20.85 -0.85
C GLU A 1715 60.32 -22.20 -1.12
N GLN A 1716 60.61 -23.19 -0.27
CA GLN A 1716 59.97 -24.50 -0.40
C GLN A 1716 58.47 -24.44 -0.17
N LEU A 1717 57.99 -23.47 0.61
CA LEU A 1717 56.56 -23.30 0.80
C LEU A 1717 55.91 -22.65 -0.42
N ILE A 1718 56.54 -21.59 -0.96
CA ILE A 1718 55.92 -20.86 -2.05
C ILE A 1718 56.00 -21.66 -3.34
N VAL A 1719 57.01 -22.53 -3.48
CA VAL A 1719 57.10 -23.36 -4.68
C VAL A 1719 56.09 -24.49 -4.63
N ALA A 1720 55.69 -24.89 -3.43
CA ALA A 1720 54.73 -25.98 -3.29
C ALA A 1720 53.29 -25.48 -3.23
N HIS A 1721 53.07 -24.22 -2.89
CA HIS A 1721 51.72 -23.68 -2.74
C HIS A 1721 51.32 -22.76 -3.87
N PHE A 1722 52.17 -21.80 -4.24
CA PHE A 1722 51.78 -20.80 -5.23
C PHE A 1722 51.77 -21.40 -6.63
N PRO A 1723 50.84 -21.00 -7.48
CA PRO A 1723 50.83 -21.46 -8.87
C PRO A 1723 51.80 -20.64 -9.71
N MET A 1724 51.79 -20.91 -11.02
CA MET A 1724 52.71 -20.24 -11.93
C MET A 1724 52.07 -19.02 -12.58
N GLN A 1725 50.77 -19.08 -12.88
CA GLN A 1725 50.07 -17.99 -13.56
C GLN A 1725 49.00 -17.32 -12.71
N SER A 1726 48.62 -17.90 -11.58
CA SER A 1726 47.63 -17.33 -10.67
C SER A 1726 46.28 -17.08 -11.35
N ARG A 1727 46.05 -17.72 -12.50
CA ARG A 1727 44.80 -17.56 -13.22
C ARG A 1727 43.96 -18.84 -13.22
N GLU A 1728 44.51 -19.96 -12.76
CA GLU A 1728 43.74 -21.20 -12.66
C GLU A 1728 42.70 -21.16 -11.55
N PHE A 1729 42.73 -20.14 -10.70
CA PHE A 1729 41.79 -20.02 -9.59
C PHE A 1729 40.86 -18.84 -9.84
N PRO A 1730 39.69 -19.05 -10.43
CA PRO A 1730 38.77 -17.94 -10.71
C PRO A 1730 38.22 -17.36 -9.41
N PRO A 1731 37.70 -16.13 -9.45
CA PRO A 1731 37.07 -15.56 -8.26
C PRO A 1731 35.89 -16.40 -7.80
N GLY A 1732 35.79 -16.58 -6.48
CA GLY A 1732 34.80 -17.43 -5.87
C GLY A 1732 35.30 -18.79 -5.47
N THR A 1733 36.30 -19.32 -6.17
CA THR A 1733 36.90 -20.59 -5.79
C THR A 1733 37.62 -20.42 -4.46
N PRO A 1734 37.43 -21.34 -3.50
CA PRO A 1734 38.12 -21.18 -2.21
C PRO A 1734 39.64 -21.14 -2.33
N ARG A 1735 40.20 -21.80 -3.34
CA ARG A 1735 41.64 -21.70 -3.58
C ARG A 1735 42.05 -20.26 -3.88
N PHE A 1736 41.24 -19.56 -4.69
CA PHE A 1736 41.53 -18.17 -4.99
C PHE A 1736 41.46 -17.30 -3.73
N ASN A 1737 40.48 -17.56 -2.87
CA ASN A 1737 40.37 -16.80 -1.63
C ASN A 1737 41.57 -17.06 -0.72
N ASN A 1738 41.96 -18.32 -0.55
CA ASN A 1738 43.14 -18.63 0.26
C ASN A 1738 44.39 -17.99 -0.33
N TYR A 1739 44.51 -18.00 -1.67
CA TYR A 1739 45.67 -17.41 -2.32
C TYR A 1739 45.75 -15.92 -2.05
N VAL A 1740 44.65 -15.19 -2.30
CA VAL A 1740 44.67 -13.75 -2.11
C VAL A 1740 44.86 -13.40 -0.64
N ASP A 1741 44.31 -14.22 0.26
CA ASP A 1741 44.48 -13.96 1.68
C ASP A 1741 45.93 -14.13 2.11
N CYS A 1742 46.56 -15.24 1.70
CA CYS A 1742 47.97 -15.43 2.05
C CYS A 1742 48.85 -14.38 1.40
N MET A 1743 48.51 -13.94 0.19
CA MET A 1743 49.30 -12.90 -0.46
C MET A 1743 49.21 -11.58 0.30
N LYS A 1744 47.99 -11.16 0.65
CA LYS A 1744 47.86 -9.92 1.40
C LYS A 1744 48.45 -10.02 2.80
N LYS A 1745 48.44 -11.21 3.40
CA LYS A 1745 49.10 -11.37 4.69
C LYS A 1745 50.60 -11.30 4.56
N PHE A 1746 51.17 -11.86 3.49
CA PHE A 1746 52.60 -11.68 3.23
C PHE A 1746 52.94 -10.20 3.04
N LEU A 1747 52.09 -9.48 2.29
CA LEU A 1747 52.34 -8.06 2.07
C LEU A 1747 52.27 -7.27 3.37
N ASP A 1748 51.28 -7.57 4.21
CA ASP A 1748 51.16 -6.89 5.50
C ASP A 1748 52.32 -7.24 6.43
N ALA A 1749 52.81 -8.48 6.40
CA ALA A 1749 53.98 -8.83 7.21
C ALA A 1749 55.22 -8.09 6.72
N LEU A 1750 55.39 -7.98 5.40
CA LEU A 1750 56.50 -7.21 4.86
C LEU A 1750 56.40 -5.74 5.23
N GLU A 1751 55.17 -5.22 5.27
CA GLU A 1751 54.98 -3.81 5.63
C GLU A 1751 55.28 -3.57 7.10
N LEU A 1752 54.82 -4.46 7.98
CA LEU A 1752 55.08 -4.29 9.41
C LEU A 1752 56.55 -4.52 9.73
N SER A 1753 57.21 -5.45 9.04
CA SER A 1753 58.60 -5.75 9.35
C SER A 1753 59.55 -4.79 8.63
N GLN A 1754 59.21 -4.41 7.40
CA GLN A 1754 60.10 -3.61 6.55
C GLN A 1754 61.46 -4.29 6.41
N SER A 1755 61.44 -5.62 6.38
CA SER A 1755 62.68 -6.38 6.42
C SER A 1755 63.25 -6.57 5.02
N PRO A 1756 64.57 -6.54 4.85
CA PRO A 1756 65.16 -6.88 3.55
C PRO A 1756 65.21 -8.38 3.34
N MET A 1757 64.48 -9.13 4.16
CA MET A 1757 64.53 -10.59 4.18
C MET A 1757 63.65 -11.24 3.12
N LEU A 1758 62.38 -10.81 3.00
CA LEU A 1758 61.44 -11.48 2.11
C LEU A 1758 60.97 -10.61 0.95
N LEU A 1759 61.42 -9.35 0.85
CA LEU A 1759 61.05 -8.55 -0.30
C LEU A 1759 61.60 -9.11 -1.59
N GLU A 1760 62.72 -9.84 -1.54
CA GLU A 1760 63.22 -10.52 -2.72
C GLU A 1760 62.22 -11.56 -3.21
N LEU A 1761 61.70 -12.38 -2.30
CA LEU A 1761 60.71 -13.38 -2.68
C LEU A 1761 59.42 -12.73 -3.15
N MET A 1762 59.05 -11.61 -2.53
CA MET A 1762 57.85 -10.90 -2.96
C MET A 1762 58.00 -10.40 -4.40
N THR A 1763 59.12 -9.74 -4.68
CA THR A 1763 59.38 -9.26 -6.04
C THR A 1763 59.48 -10.41 -7.03
N GLU A 1764 60.04 -11.55 -6.61
CA GLU A 1764 60.18 -12.70 -7.50
C GLU A 1764 58.81 -13.28 -7.85
N VAL A 1765 57.94 -13.44 -6.85
CA VAL A 1765 56.61 -13.99 -7.11
C VAL A 1765 55.75 -12.97 -7.85
N LEU A 1766 56.10 -11.69 -7.74
CA LEU A 1766 55.39 -10.67 -8.50
C LEU A 1766 55.79 -10.73 -9.97
N CYS A 1767 57.09 -10.81 -10.25
CA CYS A 1767 57.59 -10.63 -11.61
C CYS A 1767 57.71 -11.94 -12.38
N ARG A 1768 57.55 -13.08 -11.73
CA ARG A 1768 57.49 -14.34 -12.47
C ARG A 1768 56.20 -14.48 -13.28
N GLU A 1769 55.28 -13.53 -13.14
CA GLU A 1769 54.06 -13.46 -13.92
C GLU A 1769 53.99 -12.10 -14.61
N GLN A 1770 53.50 -12.09 -15.85
CA GLN A 1770 53.47 -10.85 -16.61
C GLN A 1770 52.61 -9.78 -15.94
N GLN A 1771 51.39 -10.13 -15.54
CA GLN A 1771 50.50 -9.19 -14.88
C GLN A 1771 49.76 -9.93 -13.77
N HIS A 1772 49.96 -9.50 -12.52
CA HIS A 1772 49.35 -10.13 -11.36
C HIS A 1772 48.13 -9.31 -10.92
N VAL A 1773 47.14 -10.00 -10.35
CA VAL A 1773 45.91 -9.34 -9.94
C VAL A 1773 46.10 -8.49 -8.70
N MET A 1774 47.14 -8.78 -7.90
CA MET A 1774 47.41 -8.05 -6.67
C MET A 1774 48.41 -6.91 -6.88
N GLU A 1775 48.52 -6.40 -8.11
CA GLU A 1775 49.56 -5.42 -8.42
C GLU A 1775 49.37 -4.13 -7.63
N GLU A 1776 48.12 -3.69 -7.47
CA GLU A 1776 47.86 -2.42 -6.78
C GLU A 1776 48.28 -2.49 -5.32
N LEU A 1777 47.89 -3.57 -4.62
CA LEU A 1777 48.31 -3.72 -3.23
C LEU A 1777 49.83 -3.89 -3.12
N PHE A 1778 50.45 -4.54 -4.10
CA PHE A 1778 51.91 -4.65 -4.11
C PHE A 1778 52.57 -3.27 -4.18
N GLN A 1779 52.08 -2.42 -5.10
CA GLN A 1779 52.65 -1.08 -5.23
C GLN A 1779 52.39 -0.24 -3.98
N SER A 1780 51.19 -0.39 -3.39
CA SER A 1780 50.90 0.33 -2.16
C SER A 1780 51.85 -0.09 -1.03
N SER A 1781 52.08 -1.40 -0.88
CA SER A 1781 53.01 -1.89 0.13
C SER A 1781 54.41 -1.40 -0.14
N PHE A 1782 54.82 -1.35 -1.41
CA PHE A 1782 56.15 -0.84 -1.75
C PHE A 1782 56.29 0.61 -1.34
N ARG A 1783 55.31 1.45 -1.71
CA ARG A 1783 55.36 2.86 -1.33
C ARG A 1783 55.38 3.03 0.18
N ARG A 1784 54.59 2.21 0.89
CA ARG A 1784 54.53 2.35 2.35
C ARG A 1784 55.84 1.94 3.00
N ILE A 1785 56.42 0.81 2.60
CA ILE A 1785 57.69 0.40 3.17
C ILE A 1785 58.82 1.34 2.76
N ALA A 1786 58.66 2.05 1.64
CA ALA A 1786 59.66 3.05 1.26
C ALA A 1786 59.54 4.30 2.14
N ARG A 1787 58.32 4.67 2.50
CA ARG A 1787 58.11 5.90 3.26
C ARG A 1787 58.13 5.71 4.77
N ARG A 1788 58.10 4.47 5.26
CA ARG A 1788 57.97 4.25 6.71
C ARG A 1788 59.29 4.39 7.44
N GLY A 1789 60.25 3.53 7.13
CA GLY A 1789 61.45 3.44 7.94
C GLY A 1789 62.44 4.54 7.67
N SER A 1790 63.52 4.52 8.44
CA SER A 1790 64.59 5.50 8.29
C SER A 1790 65.34 5.29 6.98
N CYS A 1791 66.23 6.22 6.67
CA CYS A 1791 66.96 6.19 5.40
C CYS A 1791 67.70 4.87 5.19
N VAL A 1792 68.29 4.34 6.26
CA VAL A 1792 69.07 3.10 6.13
C VAL A 1792 68.19 1.93 5.72
N THR A 1793 66.93 1.92 6.14
CA THR A 1793 66.04 0.83 5.78
C THR A 1793 65.78 0.78 4.28
N GLN A 1794 65.33 1.90 3.71
CA GLN A 1794 65.10 1.93 2.27
C GLN A 1794 66.39 1.80 1.49
N VAL A 1795 67.51 2.28 2.04
CA VAL A 1795 68.80 2.08 1.38
C VAL A 1795 69.13 0.59 1.28
N GLY A 1796 68.89 -0.14 2.37
CA GLY A 1796 69.13 -1.57 2.34
C GLY A 1796 68.19 -2.30 1.40
N LEU A 1797 66.92 -1.87 1.36
CA LEU A 1797 65.97 -2.49 0.44
C LEU A 1797 66.39 -2.26 -1.02
N LEU A 1798 66.79 -1.02 -1.34
CA LEU A 1798 67.25 -0.71 -2.69
C LEU A 1798 68.51 -1.49 -3.03
N GLU A 1799 69.44 -1.62 -2.08
CA GLU A 1799 70.65 -2.39 -2.32
C GLU A 1799 70.33 -3.86 -2.56
N SER A 1800 69.37 -4.39 -1.81
CA SER A 1800 68.98 -5.78 -1.99
C SER A 1800 68.37 -6.01 -3.37
N VAL A 1801 67.44 -5.16 -3.78
CA VAL A 1801 66.81 -5.35 -5.08
C VAL A 1801 67.82 -5.09 -6.20
N TYR A 1802 68.79 -4.20 -5.96
CA TYR A 1802 69.83 -3.94 -6.95
C TYR A 1802 70.74 -5.15 -7.12
N GLU A 1803 71.13 -5.78 -6.02
CA GLU A 1803 71.91 -7.01 -6.09
C GLU A 1803 71.10 -8.12 -6.76
N MET A 1804 69.80 -8.16 -6.50
CA MET A 1804 68.95 -9.18 -7.10
C MET A 1804 68.88 -9.03 -8.61
N PHE A 1805 68.66 -7.81 -9.09
CA PHE A 1805 68.47 -7.58 -10.52
C PHE A 1805 69.76 -7.41 -11.29
N ARG A 1806 70.89 -7.17 -10.62
CA ARG A 1806 72.15 -6.91 -11.32
C ARG A 1806 72.97 -8.17 -11.55
N LYS A 1807 72.88 -9.15 -10.65
CA LYS A 1807 73.72 -10.33 -10.76
C LYS A 1807 73.42 -11.11 -12.03
N ASP A 1808 74.32 -12.05 -12.36
CA ASP A 1808 74.28 -12.80 -13.60
C ASP A 1808 73.49 -14.10 -13.49
N ASP A 1809 72.50 -14.17 -12.61
CA ASP A 1809 71.66 -15.36 -12.49
C ASP A 1809 71.04 -15.70 -13.83
N PRO A 1810 71.02 -16.98 -14.24
CA PRO A 1810 70.47 -17.33 -15.55
C PRO A 1810 68.96 -17.19 -15.61
N ARG A 1811 68.47 -15.96 -15.53
CA ARG A 1811 67.05 -15.66 -15.61
C ARG A 1811 66.72 -14.99 -16.94
N LEU A 1812 65.44 -15.02 -17.28
CA LEU A 1812 64.99 -14.41 -18.53
C LEU A 1812 65.17 -12.90 -18.48
N SER A 1813 65.46 -12.31 -19.65
CA SER A 1813 65.63 -10.87 -19.73
C SER A 1813 64.33 -10.15 -19.36
N PHE A 1814 63.19 -10.73 -19.73
CA PHE A 1814 61.91 -10.13 -19.35
C PHE A 1814 61.71 -10.17 -17.85
N THR A 1815 62.22 -11.21 -17.19
CA THR A 1815 62.09 -11.30 -15.73
C THR A 1815 62.90 -10.21 -15.05
N ARG A 1816 64.12 -9.95 -15.51
CA ARG A 1816 64.94 -8.90 -14.93
C ARG A 1816 64.33 -7.53 -15.18
N GLN A 1817 63.80 -7.31 -16.39
CA GLN A 1817 63.06 -6.09 -16.67
C GLN A 1817 61.94 -5.90 -15.68
N SER A 1818 60.97 -6.83 -15.67
CA SER A 1818 59.88 -6.79 -14.69
C SER A 1818 60.39 -6.48 -13.29
N PHE A 1819 61.44 -7.19 -12.86
CA PHE A 1819 62.05 -6.93 -11.56
C PHE A 1819 62.33 -5.45 -11.35
N VAL A 1820 63.19 -4.87 -12.20
CA VAL A 1820 63.65 -3.51 -11.97
C VAL A 1820 62.49 -2.53 -12.11
N ASP A 1821 61.76 -2.60 -13.23
CA ASP A 1821 60.76 -1.58 -13.54
C ASP A 1821 59.56 -1.66 -12.59
N ARG A 1822 59.36 -2.81 -11.93
CA ARG A 1822 58.20 -2.93 -11.06
C ARG A 1822 58.63 -2.57 -9.65
N SER A 1823 59.74 -3.13 -9.15
CA SER A 1823 60.21 -2.75 -7.82
C SER A 1823 61.08 -1.52 -7.62
N LEU A 1824 62.23 -1.43 -8.30
CA LEU A 1824 63.20 -0.38 -7.97
C LEU A 1824 62.71 0.97 -8.47
N LEU A 1825 62.07 1.01 -9.63
CA LEU A 1825 61.52 2.26 -10.13
C LEU A 1825 60.51 2.84 -9.15
N THR A 1826 59.56 2.03 -8.69
CA THR A 1826 58.56 2.51 -7.75
C THR A 1826 59.18 2.90 -6.41
N LEU A 1827 60.16 2.11 -5.94
CA LEU A 1827 60.81 2.43 -4.68
C LEU A 1827 61.52 3.79 -4.77
N LEU A 1828 62.27 4.03 -5.84
CA LEU A 1828 62.93 5.32 -6.00
C LEU A 1828 61.94 6.45 -6.25
N TRP A 1829 60.77 6.14 -6.83
CA TRP A 1829 59.74 7.16 -6.99
C TRP A 1829 59.12 7.55 -5.66
N HIS A 1830 59.06 6.62 -4.71
CA HIS A 1830 58.45 6.90 -3.41
C HIS A 1830 59.42 6.74 -2.25
N CYS A 1831 60.72 6.85 -2.48
CA CYS A 1831 61.68 6.82 -1.38
C CYS A 1831 61.81 8.21 -0.76
N SER A 1832 62.27 8.23 0.48
CA SER A 1832 62.45 9.50 1.20
C SER A 1832 63.73 10.17 0.73
N LEU A 1833 64.01 11.34 1.31
CA LEU A 1833 65.18 12.12 0.95
C LEU A 1833 66.43 11.51 1.60
N ASP A 1834 67.57 12.18 1.39
CA ASP A 1834 68.88 11.81 1.98
C ASP A 1834 69.19 10.32 1.84
N ALA A 1835 68.65 9.69 0.80
CA ALA A 1835 68.98 8.32 0.43
C ALA A 1835 69.31 8.16 -1.04
N LEU A 1836 68.67 8.92 -1.92
CA LEU A 1836 68.96 8.85 -3.35
C LEU A 1836 70.41 9.20 -3.63
N ARG A 1837 70.96 10.17 -2.89
CA ARG A 1837 72.34 10.58 -3.09
C ARG A 1837 73.30 9.44 -2.77
N GLU A 1838 73.07 8.75 -1.64
CA GLU A 1838 73.93 7.64 -1.27
C GLU A 1838 73.80 6.49 -2.25
N PHE A 1839 72.56 6.16 -2.66
CA PHE A 1839 72.38 5.08 -3.62
C PHE A 1839 73.05 5.41 -4.95
N PHE A 1840 72.93 6.66 -5.39
CA PHE A 1840 73.67 7.16 -6.54
C PHE A 1840 75.16 6.88 -6.37
N SER A 1841 75.77 7.43 -5.31
CA SER A 1841 77.21 7.30 -5.10
C SER A 1841 77.64 5.84 -5.06
N THR A 1842 76.74 4.95 -4.63
CA THR A 1842 77.10 3.53 -4.58
C THR A 1842 77.02 2.87 -5.95
N ILE A 1843 75.97 3.14 -6.71
CA ILE A 1843 75.67 2.29 -7.87
C ILE A 1843 76.23 2.88 -9.17
N VAL A 1844 76.24 4.20 -9.32
CA VAL A 1844 76.42 4.79 -10.65
C VAL A 1844 77.82 4.51 -11.19
N VAL A 1845 78.79 4.28 -10.30
CA VAL A 1845 80.15 3.97 -10.74
C VAL A 1845 80.13 2.71 -11.61
N ASP A 1846 79.67 1.59 -11.03
CA ASP A 1846 79.60 0.35 -11.80
C ASP A 1846 78.57 0.45 -12.91
N ALA A 1847 77.50 1.23 -12.71
CA ALA A 1847 76.50 1.40 -13.75
C ALA A 1847 77.12 1.97 -15.02
N ILE A 1848 77.86 3.08 -14.90
CA ILE A 1848 78.48 3.70 -16.06
C ILE A 1848 79.68 2.89 -16.52
N ASP A 1849 80.30 2.09 -15.64
CA ASP A 1849 81.36 1.20 -16.10
C ASP A 1849 80.82 0.15 -17.05
N VAL A 1850 79.65 -0.41 -16.73
CA VAL A 1850 79.01 -1.37 -17.63
C VAL A 1850 78.39 -0.71 -18.85
N LEU A 1851 77.85 0.50 -18.71
CA LEU A 1851 77.11 1.16 -19.79
C LEU A 1851 78.02 1.58 -20.95
N LYS A 1852 79.29 1.83 -20.68
CA LYS A 1852 80.16 2.52 -21.62
C LYS A 1852 80.28 1.83 -22.98
N SER A 1853 80.82 0.59 -23.01
CA SER A 1853 81.09 -0.06 -24.28
C SER A 1853 80.88 -1.57 -24.27
N ARG A 1854 80.38 -2.15 -23.18
CA ARG A 1854 80.25 -3.60 -23.05
C ARG A 1854 79.06 -4.12 -23.87
N PHE A 1855 79.22 -4.05 -25.19
CA PHE A 1855 78.25 -4.56 -26.15
C PHE A 1855 78.95 -5.61 -27.00
N THR A 1856 78.94 -6.85 -26.53
CA THR A 1856 79.61 -7.96 -27.19
C THR A 1856 78.66 -9.15 -27.29
N LYS A 1857 79.18 -10.26 -27.82
CA LYS A 1857 78.46 -11.53 -27.94
C LYS A 1857 77.18 -11.36 -28.77
N LEU A 1858 77.39 -11.00 -30.04
CA LEU A 1858 76.32 -10.84 -31.00
C LEU A 1858 75.99 -12.14 -31.73
N ASN A 1859 76.38 -13.29 -31.18
CA ASN A 1859 76.18 -14.58 -31.83
C ASN A 1859 75.33 -15.53 -31.01
N GLU A 1860 75.51 -15.57 -29.69
CA GLU A 1860 74.79 -16.51 -28.84
C GLU A 1860 73.35 -16.09 -28.57
N SER A 1861 72.90 -14.98 -29.14
CA SER A 1861 71.55 -14.43 -28.99
C SER A 1861 71.21 -14.08 -27.54
N THR A 1862 72.19 -14.07 -26.64
CA THR A 1862 71.99 -13.70 -25.25
C THR A 1862 72.14 -12.20 -25.03
N PHE A 1863 72.24 -11.41 -26.10
CA PHE A 1863 72.38 -9.96 -26.04
C PHE A 1863 71.22 -9.32 -25.27
N ASP A 1864 70.09 -10.03 -25.22
CA ASP A 1864 68.91 -9.50 -24.55
C ASP A 1864 69.20 -9.17 -23.08
N THR A 1865 69.98 -10.02 -22.40
CA THR A 1865 70.31 -9.75 -21.00
C THR A 1865 71.14 -8.48 -20.87
N GLN A 1866 72.15 -8.32 -21.72
CA GLN A 1866 72.97 -7.12 -21.68
C GLN A 1866 72.15 -5.86 -21.92
N ILE A 1867 71.32 -5.85 -22.97
CA ILE A 1867 70.57 -4.64 -23.27
C ILE A 1867 69.47 -4.41 -22.23
N THR A 1868 68.98 -5.48 -21.59
CA THR A 1868 68.03 -5.30 -20.50
C THR A 1868 68.69 -4.63 -19.31
N LYS A 1869 69.91 -5.06 -18.96
CA LYS A 1869 70.64 -4.38 -17.90
C LYS A 1869 70.94 -2.92 -18.26
N LYS A 1870 71.26 -2.67 -19.53
CA LYS A 1870 71.52 -1.30 -19.97
C LYS A 1870 70.28 -0.42 -19.80
N MET A 1871 69.13 -0.90 -20.29
CA MET A 1871 67.90 -0.12 -20.17
C MET A 1871 67.48 0.02 -18.71
N GLY A 1872 67.77 -0.98 -17.88
CA GLY A 1872 67.49 -0.85 -16.46
C GLY A 1872 68.32 0.24 -15.82
N TYR A 1873 69.62 0.29 -16.15
CA TYR A 1873 70.46 1.37 -15.66
C TYR A 1873 69.97 2.73 -16.16
N TYR A 1874 69.51 2.79 -17.41
CA TYR A 1874 68.99 4.04 -17.94
C TYR A 1874 67.73 4.49 -17.18
N LYS A 1875 66.85 3.53 -16.87
CA LYS A 1875 65.65 3.86 -16.10
C LYS A 1875 66.00 4.30 -14.69
N ILE A 1876 67.02 3.67 -14.08
CA ILE A 1876 67.46 4.08 -12.75
C ILE A 1876 67.97 5.51 -12.79
N LEU A 1877 68.80 5.84 -13.79
CA LEU A 1877 69.28 7.20 -13.94
C LEU A 1877 68.13 8.19 -14.16
N ASP A 1878 67.15 7.79 -14.97
CA ASP A 1878 65.98 8.64 -15.21
C ASP A 1878 65.24 8.93 -13.91
N VAL A 1879 64.94 7.90 -13.13
CA VAL A 1879 64.14 8.09 -11.93
C VAL A 1879 64.93 8.82 -10.86
N MET A 1880 66.26 8.69 -10.84
CA MET A 1880 67.05 9.40 -9.83
C MET A 1880 67.23 10.86 -10.22
N TYR A 1881 67.31 11.15 -11.52
CA TYR A 1881 67.41 12.54 -11.95
C TYR A 1881 66.08 13.26 -11.94
N SER A 1882 64.97 12.52 -11.97
CA SER A 1882 63.65 13.14 -11.96
C SER A 1882 63.32 13.79 -10.62
N ARG A 1883 64.08 13.48 -9.57
CA ARG A 1883 63.77 13.98 -8.22
C ARG A 1883 64.85 14.89 -7.65
N LEU A 1884 66.09 14.77 -8.10
CA LEU A 1884 67.16 15.59 -7.55
C LEU A 1884 67.01 17.03 -7.99
N PRO A 1885 67.16 18.01 -7.09
CA PRO A 1885 67.05 19.43 -7.50
C PRO A 1885 68.19 19.88 -8.38
N LYS A 1886 68.18 21.17 -8.74
CA LYS A 1886 69.18 21.73 -9.65
C LYS A 1886 70.59 21.65 -9.08
N ASP A 1887 70.83 22.33 -7.96
CA ASP A 1887 72.17 22.40 -7.38
C ASP A 1887 72.58 21.11 -6.68
N ASP A 1888 71.65 20.20 -6.43
CA ASP A 1888 71.99 18.98 -5.72
C ASP A 1888 72.82 18.05 -6.60
N VAL A 1889 72.65 18.14 -7.92
CA VAL A 1889 73.32 17.23 -8.84
C VAL A 1889 74.24 17.94 -9.83
N HIS A 1890 74.18 19.27 -9.93
CA HIS A 1890 74.98 19.99 -10.90
C HIS A 1890 75.93 21.02 -10.27
N ALA A 1891 75.82 21.27 -8.97
CA ALA A 1891 76.71 22.19 -8.30
C ALA A 1891 77.83 21.40 -7.63
N LYS A 1892 78.66 22.05 -6.81
CA LYS A 1892 79.77 21.40 -6.12
C LYS A 1892 79.20 20.53 -5.00
N GLU A 1893 79.06 19.23 -5.26
CA GLU A 1893 78.54 18.29 -4.28
C GLU A 1893 79.52 17.14 -4.11
N SER A 1894 79.25 16.32 -3.08
CA SER A 1894 80.18 15.26 -2.72
C SER A 1894 80.10 14.09 -3.69
N LYS A 1895 78.89 13.71 -4.09
CA LYS A 1895 78.74 12.55 -4.96
C LYS A 1895 79.34 12.78 -6.34
N ILE A 1896 79.37 14.03 -6.81
CA ILE A 1896 80.06 14.33 -8.07
C ILE A 1896 81.54 14.01 -7.94
N ASN A 1897 82.14 14.37 -6.79
CA ASN A 1897 83.52 13.99 -6.55
C ASN A 1897 83.68 12.49 -6.39
N GLN A 1898 82.65 11.82 -5.86
CA GLN A 1898 82.70 10.36 -5.74
C GLN A 1898 82.71 9.69 -7.11
N VAL A 1899 81.99 10.28 -8.07
CA VAL A 1899 82.01 9.74 -9.43
C VAL A 1899 83.40 9.87 -10.04
N PHE A 1900 84.02 11.03 -9.88
CA PHE A 1900 85.36 11.27 -10.39
C PHE A 1900 86.39 10.71 -9.40
N HIS A 1901 87.66 11.03 -9.60
CA HIS A 1901 88.74 10.59 -8.72
C HIS A 1901 89.03 11.72 -7.74
N GLY A 1902 88.58 11.55 -6.50
CA GLY A 1902 88.80 12.58 -5.50
C GLY A 1902 87.94 13.81 -5.76
N SER A 1903 88.36 14.93 -5.16
CA SER A 1903 87.64 16.17 -5.31
C SER A 1903 87.86 16.75 -6.72
N CYS A 1904 86.77 17.10 -7.39
CA CYS A 1904 86.83 17.70 -8.72
C CYS A 1904 86.41 19.16 -8.60
N ILE A 1905 87.33 20.07 -8.93
CA ILE A 1905 87.06 21.50 -8.82
C ILE A 1905 86.03 21.95 -9.84
N THR A 1906 85.84 21.19 -10.93
CA THR A 1906 84.88 21.56 -11.95
C THR A 1906 83.45 21.54 -11.39
N GLU A 1907 82.55 22.19 -12.12
CA GLU A 1907 81.15 22.24 -11.70
C GLU A 1907 80.49 20.87 -11.71
N GLY A 1908 81.07 19.90 -12.43
CA GLY A 1908 80.49 18.58 -12.50
C GLY A 1908 80.21 18.13 -13.92
N ASN A 1909 80.89 18.73 -14.89
CA ASN A 1909 80.69 18.39 -16.28
C ASN A 1909 81.53 17.18 -16.68
N GLU A 1910 81.48 16.12 -15.88
CA GLU A 1910 82.06 14.84 -16.25
C GLU A 1910 81.03 13.72 -16.26
N LEU A 1911 80.25 13.58 -15.19
CA LEU A 1911 79.21 12.56 -15.16
C LEU A 1911 78.06 12.92 -16.10
N THR A 1912 77.66 14.19 -16.10
CA THR A 1912 76.61 14.62 -17.02
C THR A 1912 77.06 14.49 -18.47
N LYS A 1913 78.32 14.85 -18.75
CA LYS A 1913 78.82 14.75 -20.11
C LYS A 1913 78.89 13.28 -20.56
N THR A 1914 79.39 12.40 -19.70
CA THR A 1914 79.46 10.98 -20.06
C THR A 1914 78.06 10.40 -20.24
N LEU A 1915 77.12 10.78 -19.38
CA LEU A 1915 75.75 10.28 -19.52
C LEU A 1915 75.12 10.77 -20.83
N ILE A 1916 75.36 12.04 -21.17
CA ILE A 1916 74.83 12.58 -22.42
C ILE A 1916 75.40 11.84 -23.61
N LYS A 1917 76.73 11.64 -23.62
CA LYS A 1917 77.36 10.90 -24.71
C LYS A 1917 76.80 9.48 -24.82
N LEU A 1918 76.67 8.80 -23.69
CA LEU A 1918 76.19 7.42 -23.71
C LEU A 1918 74.76 7.34 -24.23
N CYS A 1919 73.86 8.18 -23.69
CA CYS A 1919 72.47 8.12 -24.11
C CYS A 1919 72.32 8.54 -25.57
N TYR A 1920 73.10 9.52 -26.02
CA TYR A 1920 73.02 9.95 -27.41
C TYR A 1920 73.48 8.84 -28.34
N ASP A 1921 74.64 8.24 -28.07
CA ASP A 1921 75.10 7.13 -28.89
C ASP A 1921 74.16 5.94 -28.78
N ALA A 1922 73.38 5.87 -27.70
CA ALA A 1922 72.42 4.79 -27.54
C ALA A 1922 71.22 4.97 -28.47
N PHE A 1923 70.48 6.06 -28.29
CA PHE A 1923 69.26 6.23 -29.07
C PHE A 1923 69.51 6.72 -30.49
N THR A 1924 70.75 7.10 -30.83
CA THR A 1924 71.10 7.42 -32.21
C THR A 1924 71.74 6.24 -32.93
N GLU A 1925 71.97 5.13 -32.23
CA GLU A 1925 72.57 3.94 -32.83
C GLU A 1925 71.68 3.41 -33.95
N ASN A 1926 72.20 3.40 -35.18
CA ASN A 1926 71.42 2.92 -36.31
C ASN A 1926 71.31 1.39 -36.28
N MET A 1927 70.15 0.90 -36.72
CA MET A 1927 69.86 -0.52 -36.74
C MET A 1927 69.81 -1.09 -38.15
N ALA A 1928 70.57 -0.52 -39.08
CA ALA A 1928 70.55 -1.00 -40.46
C ALA A 1928 71.17 -2.40 -40.56
N GLY A 1929 72.17 -2.68 -39.73
CA GLY A 1929 72.84 -3.97 -39.77
C GLY A 1929 72.31 -4.95 -38.75
N GLU A 1930 72.05 -4.48 -37.53
CA GLU A 1930 71.59 -5.36 -36.46
C GLU A 1930 70.10 -5.67 -36.65
N ASN A 1931 69.80 -6.96 -36.85
CA ASN A 1931 68.43 -7.40 -37.07
C ASN A 1931 68.16 -8.70 -36.30
N GLN A 1932 68.57 -8.73 -35.03
CA GLN A 1932 68.42 -9.92 -34.21
C GLN A 1932 67.51 -9.70 -33.01
N LEU A 1933 67.58 -8.53 -32.38
CA LEU A 1933 66.81 -8.20 -31.18
C LEU A 1933 66.18 -6.83 -31.32
N LEU A 1934 65.49 -6.61 -32.45
CA LEU A 1934 64.97 -5.30 -32.78
C LEU A 1934 64.03 -4.75 -31.70
N GLU A 1935 63.20 -5.62 -31.12
CA GLU A 1935 62.22 -5.14 -30.14
C GLU A 1935 62.89 -4.77 -28.82
N ARG A 1936 63.80 -5.62 -28.32
CA ARG A 1936 64.49 -5.32 -27.09
C ARG A 1936 65.38 -4.10 -27.24
N ARG A 1937 66.06 -3.97 -28.39
CA ARG A 1937 66.89 -2.80 -28.63
C ARG A 1937 66.04 -1.55 -28.85
N ARG A 1938 64.81 -1.68 -29.34
CA ARG A 1938 63.92 -0.54 -29.43
C ARG A 1938 63.48 -0.08 -28.05
N LEU A 1939 63.17 -1.02 -27.16
CA LEU A 1939 62.89 -0.68 -25.78
C LEU A 1939 64.10 -0.02 -25.12
N TYR A 1940 65.31 -0.49 -25.44
CA TYR A 1940 66.52 0.13 -24.94
C TYR A 1940 66.66 1.57 -25.44
N HIS A 1941 66.36 1.79 -26.72
CA HIS A 1941 66.38 3.14 -27.27
C HIS A 1941 65.39 4.03 -26.54
N CYS A 1942 64.18 3.53 -26.29
CA CYS A 1942 63.17 4.32 -25.60
C CYS A 1942 63.61 4.66 -24.18
N ALA A 1943 64.18 3.70 -23.47
CA ALA A 1943 64.67 3.95 -22.12
C ALA A 1943 65.79 4.98 -22.11
N ALA A 1944 66.71 4.87 -23.07
CA ALA A 1944 67.80 5.84 -23.17
C ALA A 1944 67.28 7.23 -23.48
N TYR A 1945 66.27 7.32 -24.34
CA TYR A 1945 65.70 8.62 -24.69
C TYR A 1945 65.00 9.24 -23.49
N ASN A 1946 64.28 8.42 -22.72
CA ASN A 1946 63.64 8.93 -21.51
C ASN A 1946 64.67 9.41 -20.50
N CYS A 1947 65.75 8.65 -20.32
CA CYS A 1947 66.82 9.07 -19.41
C CYS A 1947 67.44 10.37 -19.88
N ALA A 1948 67.64 10.52 -21.19
CA ALA A 1948 68.19 11.76 -21.72
C ALA A 1948 67.25 12.93 -21.45
N ILE A 1949 65.95 12.74 -21.70
CA ILE A 1949 64.97 13.78 -21.41
C ILE A 1949 65.06 14.21 -19.95
N SER A 1950 65.15 13.23 -19.05
CA SER A 1950 65.21 13.54 -17.62
C SER A 1950 66.46 14.32 -17.28
N VAL A 1951 67.63 13.83 -17.71
CA VAL A 1951 68.89 14.44 -17.29
C VAL A 1951 69.06 15.80 -17.96
N ILE A 1952 68.35 16.05 -19.06
CA ILE A 1952 68.46 17.36 -19.70
C ILE A 1952 67.48 18.35 -19.07
N CYS A 1953 66.26 17.91 -18.79
CA CYS A 1953 65.29 18.79 -18.13
C CYS A 1953 65.64 19.04 -16.67
N CYS A 1954 66.54 18.25 -16.08
CA CYS A 1954 66.87 18.43 -14.67
C CYS A 1954 67.61 19.74 -14.43
N VAL A 1955 68.66 20.02 -15.21
CA VAL A 1955 69.57 21.12 -14.87
C VAL A 1955 69.70 22.13 -16.00
N PHE A 1956 69.35 21.74 -17.21
CA PHE A 1956 69.49 22.61 -18.37
C PHE A 1956 68.26 23.47 -18.55
N ASN A 1957 68.48 24.79 -18.69
CA ASN A 1957 67.41 25.74 -18.92
C ASN A 1957 67.50 26.48 -20.25
N GLU A 1958 68.63 26.42 -20.94
CA GLU A 1958 68.81 27.09 -22.22
C GLU A 1958 68.21 26.23 -23.32
N LEU A 1959 67.43 26.86 -24.22
CA LEU A 1959 66.81 26.15 -25.32
C LEU A 1959 67.80 25.66 -26.35
N LYS A 1960 69.06 26.13 -26.32
CA LYS A 1960 70.06 25.63 -27.24
C LYS A 1960 70.36 24.16 -26.99
N PHE A 1961 70.54 23.78 -25.72
CA PHE A 1961 70.79 22.38 -25.39
C PHE A 1961 69.60 21.50 -25.77
N TYR A 1962 68.38 22.00 -25.59
CA TYR A 1962 67.19 21.24 -25.97
C TYR A 1962 67.29 20.76 -27.41
N GLN A 1963 67.43 21.70 -28.35
CA GLN A 1963 67.59 21.31 -29.75
C GLN A 1963 68.83 20.45 -29.93
N GLY A 1964 70.00 20.97 -29.53
CA GLY A 1964 71.27 20.32 -29.79
C GLY A 1964 71.39 18.90 -29.26
N PHE A 1965 70.52 18.50 -28.33
CA PHE A 1965 70.56 17.14 -27.80
C PHE A 1965 69.33 16.33 -28.19
N LEU A 1966 68.12 16.81 -27.88
CA LEU A 1966 66.93 16.00 -28.11
C LEU A 1966 66.40 16.11 -29.54
N PHE A 1967 66.85 17.09 -30.33
CA PHE A 1967 66.32 17.26 -31.68
C PHE A 1967 67.37 17.44 -32.75
N SER A 1968 68.65 17.52 -32.41
CA SER A 1968 69.70 17.72 -33.40
C SER A 1968 69.99 16.43 -34.16
N GLU A 1969 69.03 15.97 -34.95
CA GLU A 1969 69.24 14.77 -35.76
C GLU A 1969 70.04 15.11 -37.00
N LYS A 1970 71.14 14.38 -37.21
CA LYS A 1970 72.06 14.62 -38.32
C LYS A 1970 72.06 13.41 -39.23
N PRO A 1971 71.24 13.40 -40.28
CA PRO A 1971 71.14 12.23 -41.17
C PRO A 1971 72.31 12.15 -42.14
N GLU A 1972 73.52 11.94 -41.60
CA GLU A 1972 74.69 11.79 -42.46
C GLU A 1972 74.57 10.55 -43.33
N LYS A 1973 74.58 9.37 -42.72
CA LYS A 1973 74.27 8.13 -43.42
C LYS A 1973 73.02 7.46 -42.88
N ASN A 1974 72.99 7.13 -41.59
CA ASN A 1974 71.80 6.55 -40.96
C ASN A 1974 71.63 7.04 -39.52
N LEU A 1975 72.10 8.27 -39.23
CA LEU A 1975 72.06 8.78 -37.86
C LEU A 1975 70.74 9.51 -37.62
N LEU A 1976 69.68 8.69 -37.53
CA LEU A 1976 68.30 9.15 -37.25
C LEU A 1976 67.99 8.81 -35.79
N ILE A 1977 67.09 9.56 -35.16
CA ILE A 1977 66.76 9.33 -33.76
C ILE A 1977 65.32 8.89 -33.56
N PHE A 1978 64.39 9.24 -34.46
CA PHE A 1978 62.99 8.94 -34.22
C PHE A 1978 62.62 7.55 -34.72
N GLU A 1979 63.15 7.15 -35.87
CA GLU A 1979 62.83 5.83 -36.41
C GLU A 1979 63.37 4.70 -35.55
N ASN A 1980 64.32 4.98 -34.65
CA ASN A 1980 64.85 3.95 -33.77
C ASN A 1980 63.87 3.62 -32.65
N LEU A 1981 63.27 4.65 -32.05
CA LEU A 1981 62.36 4.47 -30.92
C LEU A 1981 60.91 4.25 -31.35
N ILE A 1982 60.68 3.91 -32.61
CA ILE A 1982 59.35 3.61 -33.13
C ILE A 1982 59.41 2.26 -33.84
N ASP A 1983 58.29 1.54 -33.80
CA ASP A 1983 58.24 0.20 -34.37
C ASP A 1983 58.35 0.24 -35.89
N LEU A 1984 57.58 1.11 -36.54
CA LEU A 1984 57.50 1.24 -38.00
C LEU A 1984 56.95 -0.01 -38.68
N LYS A 1985 56.53 -1.02 -37.92
CA LYS A 1985 56.04 -2.25 -38.51
C LYS A 1985 54.76 -2.77 -37.88
N ARG A 1986 54.29 -2.18 -36.78
CA ARG A 1986 53.07 -2.63 -36.12
C ARG A 1986 51.86 -1.96 -36.77
N ARG A 1987 50.89 -2.78 -37.18
CA ARG A 1987 49.64 -2.26 -37.72
C ARG A 1987 48.82 -1.68 -36.57
N TYR A 1988 48.86 -0.36 -36.43
CA TYR A 1988 48.14 0.32 -35.35
C TYR A 1988 46.65 0.28 -35.63
N ASN A 1989 45.93 -0.56 -34.89
CA ASN A 1989 44.49 -0.67 -35.05
C ASN A 1989 43.80 0.56 -34.52
N PHE A 1990 43.04 1.24 -35.37
CA PHE A 1990 42.24 2.40 -34.98
C PHE A 1990 40.78 2.09 -35.23
N PRO A 1991 40.02 1.69 -34.21
CA PRO A 1991 38.60 1.38 -34.41
C PRO A 1991 37.73 2.61 -34.39
N VAL A 1992 36.59 2.50 -35.08
CA VAL A 1992 35.61 3.57 -35.11
C VAL A 1992 34.99 3.69 -33.72
N GLU A 1993 35.16 4.87 -33.12
CA GLU A 1993 34.61 5.15 -31.77
C GLU A 1993 33.09 4.93 -31.80
N VAL A 1994 32.57 4.11 -30.88
CA VAL A 1994 31.14 3.81 -30.85
C VAL A 1994 30.47 4.52 -29.69
N GLU A 1995 31.04 4.41 -28.50
CA GLU A 1995 30.46 4.94 -27.28
C GLU A 1995 30.99 6.35 -27.06
N VAL A 1996 30.29 7.32 -27.66
CA VAL A 1996 30.70 8.73 -27.59
C VAL A 1996 30.48 9.26 -26.18
N PRO A 1997 31.50 9.85 -25.57
CA PRO A 1997 31.33 10.41 -24.22
C PRO A 1997 30.57 11.72 -24.26
N MET A 1998 30.27 12.24 -23.06
CA MET A 1998 29.49 13.47 -22.96
C MET A 1998 30.30 14.69 -23.35
N GLU A 1999 31.61 14.71 -23.05
CA GLU A 1999 32.42 15.87 -23.39
C GLU A 1999 32.68 15.95 -24.89
N ARG A 2000 32.60 14.82 -25.59
CA ARG A 2000 32.82 14.80 -27.03
C ARG A 2000 31.79 15.63 -27.78
N LYS A 2001 30.63 15.89 -27.18
CA LYS A 2001 29.62 16.74 -27.79
C LYS A 2001 29.82 18.20 -27.41
N LYS A 2002 30.05 18.48 -26.12
CA LYS A 2002 30.23 19.84 -25.67
C LYS A 2002 31.49 20.48 -26.23
N LYS A 2003 32.50 19.69 -26.60
CA LYS A 2003 33.68 20.27 -27.22
C LYS A 2003 33.34 20.88 -28.58
N TYR A 2004 32.57 20.15 -29.40
CA TYR A 2004 32.15 20.72 -30.67
C TYR A 2004 31.14 21.86 -30.45
N ILE A 2005 30.32 21.75 -29.41
CA ILE A 2005 29.40 22.84 -29.09
C ILE A 2005 30.16 24.13 -28.82
N GLU A 2006 31.20 24.06 -27.96
CA GLU A 2006 31.99 25.25 -27.67
C GLU A 2006 32.85 25.67 -28.85
N ILE A 2007 33.26 24.74 -29.70
CA ILE A 2007 33.97 25.10 -30.92
C ILE A 2007 33.09 25.97 -31.81
N ARG A 2008 31.84 25.56 -31.99
CA ARG A 2008 30.90 26.38 -32.76
C ARG A 2008 30.62 27.70 -32.06
N LYS A 2009 30.49 27.67 -30.73
CA LYS A 2009 30.30 28.89 -29.96
C LYS A 2009 31.43 29.90 -30.16
N GLU A 2010 32.67 29.43 -30.26
CA GLU A 2010 33.81 30.32 -30.45
C GLU A 2010 33.91 30.77 -31.92
N ALA A 2011 33.78 29.84 -32.86
CA ALA A 2011 33.90 30.19 -34.27
C ALA A 2011 32.71 31.01 -34.78
N ARG A 2012 31.63 31.09 -34.00
CA ARG A 2012 30.44 31.81 -34.43
C ARG A 2012 30.37 33.23 -33.89
N GLU A 2013 30.97 33.51 -32.75
CA GLU A 2013 30.89 34.85 -32.17
C GLU A 2013 32.25 35.48 -31.90
N ALA A 2014 33.25 34.69 -31.47
CA ALA A 2014 34.56 35.25 -31.20
C ALA A 2014 35.27 35.66 -32.49
N ALA A 2015 34.89 35.06 -33.62
CA ALA A 2015 35.50 35.37 -34.90
C ALA A 2015 34.51 35.95 -35.91
N ASN A 2016 33.22 35.97 -35.60
CA ASN A 2016 32.23 36.50 -36.52
C ASN A 2016 31.37 37.57 -35.86
N GLY A 2017 31.05 37.36 -34.58
CA GLY A 2017 30.27 38.34 -33.83
C GLY A 2017 28.86 38.55 -34.36
N ASP A 2018 28.07 37.49 -34.37
CA ASP A 2018 26.69 37.56 -34.85
C ASP A 2018 25.69 37.01 -33.83
N SER A 2019 26.05 35.95 -33.12
CA SER A 2019 25.25 35.38 -32.02
C SER A 2019 23.89 34.88 -32.49
N ASP A 2020 23.72 34.62 -33.78
CA ASP A 2020 22.48 34.06 -34.34
C ASP A 2020 22.85 32.75 -35.02
N GLY A 2021 22.78 31.65 -34.26
CA GLY A 2021 23.11 30.34 -34.77
C GLY A 2021 22.17 29.92 -35.88
N PRO A 2022 22.67 29.13 -36.83
CA PRO A 2022 21.83 28.67 -37.93
C PRO A 2022 20.72 27.75 -37.44
N SER A 2023 19.51 27.98 -37.91
CA SER A 2023 18.34 27.20 -37.50
C SER A 2023 18.29 25.95 -38.36
N TYR A 2024 18.73 24.83 -37.80
CA TYR A 2024 18.73 23.57 -38.52
C TYR A 2024 17.32 22.96 -38.54
N MET A 2025 17.10 22.06 -39.50
CA MET A 2025 15.79 21.45 -39.67
C MET A 2025 15.47 20.53 -38.49
N SER A 2026 14.23 20.02 -38.48
CA SER A 2026 13.79 19.16 -37.38
C SER A 2026 14.60 17.87 -37.33
N SER A 2027 14.99 17.34 -38.48
CA SER A 2027 15.79 16.12 -38.51
C SER A 2027 17.19 16.35 -37.96
N LEU A 2028 17.66 17.59 -37.93
CA LEU A 2028 18.96 17.92 -37.38
C LEU A 2028 18.91 18.43 -35.95
N SER A 2029 17.74 18.36 -35.31
CA SER A 2029 17.65 18.72 -33.90
C SER A 2029 18.26 17.61 -33.05
N TYR A 2030 19.20 17.99 -32.19
CA TYR A 2030 19.99 17.03 -31.43
C TYR A 2030 19.71 17.15 -29.93
N LEU A 2031 19.79 16.01 -29.25
CA LEU A 2031 19.67 15.93 -27.81
C LEU A 2031 20.92 15.29 -27.22
N ALA A 2032 21.19 15.60 -25.95
CA ALA A 2032 22.37 15.03 -25.29
C ALA A 2032 22.24 13.51 -25.17
N ASP A 2033 21.13 13.04 -24.61
CA ASP A 2033 20.89 11.62 -24.46
C ASP A 2033 20.08 11.10 -25.65
N SER A 2034 19.65 9.85 -25.56
CA SER A 2034 18.85 9.21 -26.60
C SER A 2034 17.38 9.23 -26.22
N THR A 2035 16.52 9.17 -27.23
CA THR A 2035 15.09 9.16 -27.01
C THR A 2035 14.65 7.84 -26.36
N LEU A 2036 13.41 7.81 -25.91
CA LEU A 2036 12.89 6.60 -25.27
C LEU A 2036 12.79 5.44 -26.25
N SER A 2037 12.49 5.74 -27.52
CA SER A 2037 12.42 4.68 -28.52
C SER A 2037 13.78 4.03 -28.73
N GLU A 2038 14.85 4.82 -28.69
CA GLU A 2038 16.20 4.27 -28.82
C GLU A 2038 16.52 3.34 -27.65
N GLU A 2039 16.11 3.72 -26.44
CA GLU A 2039 16.41 2.89 -25.27
C GLU A 2039 15.57 1.60 -25.29
N MET A 2040 14.31 1.70 -25.71
CA MET A 2040 13.45 0.52 -25.72
C MET A 2040 13.72 -0.37 -26.93
N SER A 2041 14.44 0.15 -27.93
CA SER A 2041 14.78 -0.64 -29.10
C SER A 2041 15.68 -1.82 -28.77
N GLN A 2042 16.29 -1.84 -27.58
CA GLN A 2042 17.13 -2.97 -27.20
C GLN A 2042 16.30 -4.22 -26.96
N PHE A 2043 14.99 -4.08 -26.75
CA PHE A 2043 14.12 -5.20 -26.44
C PHE A 2043 13.14 -5.56 -27.55
N ASP A 2044 12.59 -4.58 -28.26
CA ASP A 2044 11.63 -4.84 -29.33
C ASP A 2044 12.23 -4.67 -30.71
N PHE A 2045 13.44 -4.12 -30.82
CA PHE A 2045 14.15 -3.98 -32.09
C PHE A 2045 13.30 -3.25 -33.13
N SER A 2046 12.84 -2.05 -32.75
CA SER A 2046 12.02 -1.26 -33.67
C SER A 2046 12.79 -0.91 -34.94
N THR A 2047 14.10 -0.64 -34.80
CA THR A 2047 14.97 -0.40 -35.94
C THR A 2047 15.72 -1.66 -36.37
N GLY A 2048 15.14 -2.84 -36.12
CA GLY A 2048 15.86 -4.07 -36.42
C GLY A 2048 15.88 -4.40 -37.89
N VAL A 2049 14.77 -4.12 -38.59
CA VAL A 2049 14.67 -4.45 -40.01
C VAL A 2049 15.71 -3.66 -40.79
N GLN A 2050 16.51 -4.37 -41.59
CA GLN A 2050 17.56 -3.76 -42.40
C GLN A 2050 16.92 -2.91 -43.49
N SER A 2051 16.97 -1.59 -43.33
CA SER A 2051 16.43 -0.66 -44.32
C SER A 2051 17.48 -0.02 -45.20
N TYR A 2052 18.67 0.23 -44.67
CA TYR A 2052 19.74 0.82 -45.47
C TYR A 2052 20.38 -0.25 -46.37
N SER A 2053 21.30 0.21 -47.22
CA SER A 2053 22.01 -0.70 -48.11
C SER A 2053 23.49 -0.38 -48.22
N TYR A 2054 24.01 0.56 -47.42
CA TYR A 2054 25.41 0.92 -47.49
C TYR A 2054 26.27 -0.17 -46.84
N SER A 2055 27.44 -0.41 -47.42
CA SER A 2055 28.38 -1.39 -46.91
C SER A 2055 29.31 -0.71 -45.90
N SER A 2056 29.30 -1.19 -44.66
CA SER A 2056 30.10 -0.60 -43.60
C SER A 2056 30.65 -1.70 -42.71
N GLN A 2057 31.63 -1.34 -41.88
CA GLN A 2057 32.24 -2.29 -40.96
C GLN A 2057 31.79 -2.01 -39.52
N LEU A 2083 41.17 0.98 -22.17
CA LEU A 2083 40.87 1.47 -23.50
C LEU A 2083 41.93 1.03 -24.51
N GLU A 2084 41.52 0.26 -25.50
CA GLU A 2084 42.41 -0.22 -26.54
C GLU A 2084 42.54 0.74 -27.72
N MET A 2085 42.14 2.00 -27.53
CA MET A 2085 42.24 3.00 -28.59
C MET A 2085 43.52 3.83 -28.45
N ASP A 2086 43.82 4.31 -27.25
CA ASP A 2086 44.97 5.17 -27.03
C ASP A 2086 46.26 4.37 -26.84
N GLU A 2087 46.57 3.50 -27.80
CA GLU A 2087 47.84 2.76 -27.72
C GLU A 2087 49.03 3.67 -28.00
N LEU A 2088 48.82 4.75 -28.74
CA LEU A 2088 49.88 5.74 -28.92
C LEU A 2088 50.15 6.50 -27.64
N ASN A 2089 49.10 6.76 -26.85
CA ASN A 2089 49.28 7.40 -25.56
C ASN A 2089 49.96 6.49 -24.55
N ARG A 2090 49.96 5.18 -24.80
CA ARG A 2090 50.62 4.19 -23.94
C ARG A 2090 52.03 3.87 -24.44
N HIS A 2091 52.67 4.82 -25.09
CA HIS A 2091 54.03 4.65 -25.59
C HIS A 2091 55.03 4.94 -24.48
N GLU A 2092 56.24 4.38 -24.64
CA GLU A 2092 57.26 4.53 -23.60
C GLU A 2092 57.66 5.99 -23.43
N CYS A 2093 57.97 6.68 -24.53
CA CYS A 2093 58.43 8.05 -24.50
C CYS A 2093 57.33 9.07 -24.73
N MET A 2094 56.07 8.64 -24.79
CA MET A 2094 54.96 9.55 -25.05
C MET A 2094 54.82 10.58 -23.93
N ALA A 2095 54.55 10.11 -22.72
CA ALA A 2095 54.45 11.01 -21.58
C ALA A 2095 55.73 11.77 -21.29
N PRO A 2096 56.93 11.17 -21.38
CA PRO A 2096 58.15 12.00 -21.25
C PRO A 2096 58.25 13.09 -22.28
N LEU A 2097 57.88 12.81 -23.54
CA LEU A 2097 57.92 13.84 -24.57
C LEU A 2097 56.92 14.96 -24.27
N THR A 2098 55.71 14.60 -23.83
CA THR A 2098 54.72 15.63 -23.50
C THR A 2098 55.19 16.48 -22.33
N ALA A 2099 55.79 15.85 -21.31
CA ALA A 2099 56.32 16.61 -20.18
C ALA A 2099 57.45 17.53 -20.63
N LEU A 2100 58.33 17.04 -21.50
CA LEU A 2100 59.41 17.85 -22.03
C LEU A 2100 58.87 19.08 -22.77
N VAL A 2101 57.87 18.87 -23.62
CA VAL A 2101 57.31 20.00 -24.38
C VAL A 2101 56.62 20.99 -23.45
N LYS A 2102 55.86 20.49 -22.48
CA LYS A 2102 55.17 21.38 -21.54
C LYS A 2102 56.16 22.16 -20.70
N HIS A 2103 57.30 21.56 -20.36
CA HIS A 2103 58.32 22.28 -19.59
C HIS A 2103 59.03 23.32 -20.45
N MET A 2104 59.44 22.95 -21.66
CA MET A 2104 60.19 23.85 -22.51
C MET A 2104 59.34 24.98 -23.06
N HIS A 2105 58.01 24.83 -23.10
CA HIS A 2105 57.16 25.95 -23.53
C HIS A 2105 57.14 27.05 -22.48
N ARG A 2106 57.02 26.68 -21.21
CA ARG A 2106 56.99 27.65 -20.12
C ARG A 2106 58.38 28.01 -19.62
N SER A 2107 59.43 27.36 -20.11
CA SER A 2107 60.79 27.68 -19.71
C SER A 2107 61.19 29.08 -20.15
N PRO A 2119 52.41 36.39 -35.57
CA PRO A 2119 53.44 36.15 -36.58
C PRO A 2119 54.71 35.55 -36.00
N ARG A 2120 54.60 34.92 -34.84
CA ARG A 2120 55.75 34.29 -34.20
C ARG A 2120 56.21 33.09 -35.02
N ASP A 2121 57.52 33.01 -35.25
CA ASP A 2121 58.10 31.94 -36.05
C ASP A 2121 58.37 30.71 -35.18
N LEU A 2122 58.52 29.57 -35.84
CA LEU A 2122 58.72 28.31 -35.13
C LEU A 2122 60.16 28.22 -34.65
N PRO A 2123 60.40 27.78 -33.41
CA PRO A 2123 61.77 27.53 -32.95
C PRO A 2123 62.38 26.33 -33.67
N SER A 2124 63.61 26.01 -33.25
CA SER A 2124 64.35 24.93 -33.91
C SER A 2124 63.67 23.59 -33.68
N TRP A 2125 63.24 23.30 -32.45
CA TRP A 2125 62.56 22.04 -32.17
C TRP A 2125 61.21 21.97 -32.88
N MET A 2126 60.47 23.08 -32.90
CA MET A 2126 59.22 23.11 -33.66
C MET A 2126 59.48 22.96 -35.15
N LYS A 2127 60.60 23.52 -35.64
CA LYS A 2127 60.97 23.33 -37.03
C LYS A 2127 61.23 21.87 -37.34
N PHE A 2128 61.94 21.17 -36.43
CA PHE A 2128 62.20 19.75 -36.62
C PHE A 2128 60.90 18.95 -36.62
N LEU A 2129 60.01 19.25 -35.67
CA LEU A 2129 58.73 18.55 -35.60
C LEU A 2129 57.91 18.79 -36.86
N HIS A 2130 57.91 20.03 -37.37
CA HIS A 2130 57.17 20.33 -38.59
C HIS A 2130 57.76 19.61 -39.79
N GLY A 2131 59.09 19.57 -39.88
CA GLY A 2131 59.72 18.85 -40.98
C GLY A 2131 59.44 17.36 -40.94
N LYS A 2132 59.32 16.80 -39.74
CA LYS A 2132 59.05 15.37 -39.64
C LYS A 2132 57.57 15.05 -39.83
N LEU A 2133 56.69 15.98 -39.48
CA LEU A 2133 55.25 15.69 -39.56
C LEU A 2133 54.69 16.01 -40.94
N GLY A 2134 55.00 17.20 -41.47
CA GLY A 2134 54.43 17.60 -42.75
C GLY A 2134 54.89 16.77 -43.92
N ASN A 2135 56.06 16.15 -43.81
CA ASN A 2135 56.60 15.34 -44.89
C ASN A 2135 55.74 14.08 -45.08
N PRO A 2136 55.13 13.89 -46.24
CA PRO A 2136 54.31 12.68 -46.46
C PRO A 2136 55.11 11.42 -46.71
N ILE A 2137 56.44 11.50 -46.75
CA ILE A 2137 57.28 10.31 -46.95
C ILE A 2137 57.69 9.67 -45.63
N VAL A 2138 57.69 10.42 -44.53
CA VAL A 2138 57.95 9.90 -43.20
C VAL A 2138 56.96 8.77 -42.91
N PRO A 2139 57.41 7.65 -42.33
CA PRO A 2139 56.49 6.53 -42.08
C PRO A 2139 55.28 6.96 -41.26
N LEU A 2140 54.19 6.19 -41.42
CA LEU A 2140 52.92 6.57 -40.83
C LEU A 2140 52.98 6.60 -39.30
N ASN A 2141 53.76 5.69 -38.71
CA ASN A 2141 53.81 5.59 -37.25
C ASN A 2141 54.40 6.85 -36.62
N ILE A 2142 55.47 7.38 -37.21
CA ILE A 2142 56.08 8.60 -36.67
C ILE A 2142 55.12 9.77 -36.78
N ARG A 2143 54.43 9.90 -37.90
CA ARG A 2143 53.49 10.99 -38.08
C ARG A 2143 52.31 10.87 -37.11
N LEU A 2144 51.84 9.64 -36.86
CA LEU A 2144 50.77 9.44 -35.90
C LEU A 2144 51.24 9.79 -34.48
N PHE A 2145 52.47 9.42 -34.14
CA PHE A 2145 53.01 9.76 -32.82
C PHE A 2145 53.12 11.28 -32.66
N LEU A 2146 53.60 11.96 -33.70
CA LEU A 2146 53.72 13.41 -33.62
C LEU A 2146 52.34 14.07 -33.55
N ALA A 2147 51.35 13.51 -34.25
CA ALA A 2147 50.00 14.05 -34.17
C ALA A 2147 49.43 13.89 -32.77
N LYS A 2148 49.63 12.72 -32.16
CA LYS A 2148 49.17 12.52 -30.79
C LYS A 2148 49.88 13.45 -29.82
N LEU A 2149 51.18 13.70 -30.05
CA LEU A 2149 51.92 14.63 -29.20
C LEU A 2149 51.37 16.04 -29.33
N VAL A 2150 51.05 16.47 -30.55
CA VAL A 2150 50.46 17.78 -30.75
C VAL A 2150 49.08 17.86 -30.10
N ILE A 2151 48.32 16.78 -30.16
CA ILE A 2151 46.99 16.74 -29.55
C ILE A 2151 47.10 16.91 -28.04
N ASN A 2152 47.96 16.11 -27.41
CA ASN A 2152 48.11 16.17 -25.96
C ASN A 2152 48.73 17.49 -25.49
N THR A 2153 49.37 18.22 -26.39
CA THR A 2153 49.99 19.51 -26.07
C THR A 2153 49.49 20.60 -27.02
N GLU A 2154 48.17 20.64 -27.24
CA GLU A 2154 47.62 21.65 -28.14
C GLU A 2154 47.70 23.04 -27.54
N GLU A 2155 47.72 23.14 -26.19
CA GLU A 2155 47.76 24.43 -25.54
C GLU A 2155 49.07 25.17 -25.82
N VAL A 2156 50.17 24.42 -26.02
CA VAL A 2156 51.46 25.04 -26.31
C VAL A 2156 51.70 25.18 -27.80
N PHE A 2157 50.80 24.68 -28.65
CA PHE A 2157 50.88 24.85 -30.09
C PHE A 2157 49.92 25.89 -30.65
N ARG A 2158 48.99 26.40 -29.83
CA ARG A 2158 48.03 27.40 -30.27
C ARG A 2158 48.68 28.68 -30.78
N PRO A 2159 49.65 29.30 -30.09
CA PRO A 2159 50.27 30.52 -30.64
C PRO A 2159 51.01 30.29 -31.94
N TYR A 2160 51.33 29.04 -32.27
CA TYR A 2160 51.99 28.70 -33.53
C TYR A 2160 51.11 27.84 -34.43
N ALA A 2161 49.82 27.78 -34.14
CA ALA A 2161 48.93 26.87 -34.86
C ALA A 2161 48.79 27.23 -36.33
N LYS A 2162 49.18 28.45 -36.70
CA LYS A 2162 49.11 28.86 -38.11
C LYS A 2162 49.99 27.98 -38.99
N HIS A 2163 51.07 27.45 -38.43
CA HIS A 2163 51.95 26.58 -39.21
C HIS A 2163 51.51 25.12 -39.14
N TRP A 2164 51.00 24.69 -37.97
CA TRP A 2164 50.62 23.29 -37.78
C TRP A 2164 49.26 22.96 -38.37
N LEU A 2165 48.61 23.91 -39.05
CA LEU A 2165 47.29 23.64 -39.62
C LEU A 2165 47.41 22.71 -40.84
N SER A 2166 48.36 22.98 -41.72
CA SER A 2166 48.51 22.19 -42.93
C SER A 2166 48.93 20.74 -42.67
N PRO A 2167 49.90 20.45 -41.79
CA PRO A 2167 50.27 19.04 -41.58
C PRO A 2167 49.13 18.16 -41.10
N LEU A 2168 48.37 18.61 -40.09
CA LEU A 2168 47.25 17.81 -39.61
C LEU A 2168 46.18 17.68 -40.68
N LEU A 2169 45.97 18.73 -41.47
CA LEU A 2169 44.99 18.68 -42.56
C LEU A 2169 45.37 17.61 -43.57
N GLN A 2170 46.63 17.63 -44.04
CA GLN A 2170 47.04 16.65 -45.04
C GLN A 2170 47.16 15.25 -44.45
N LEU A 2171 47.35 15.14 -43.14
CA LEU A 2171 47.33 13.84 -42.50
C LEU A 2171 45.92 13.27 -42.46
N ALA A 2172 44.94 14.13 -42.16
CA ALA A 2172 43.55 13.67 -42.15
C ALA A 2172 43.04 13.40 -43.56
N ALA A 2173 43.34 14.29 -44.51
CA ALA A 2173 42.88 14.14 -45.87
C ALA A 2173 43.60 13.02 -46.62
N SER A 2174 44.68 12.49 -46.07
CA SER A 2174 45.41 11.43 -46.73
C SER A 2174 44.56 10.17 -46.82
N GLU A 2175 44.61 9.51 -47.99
CA GLU A 2175 43.83 8.30 -48.18
C GLU A 2175 44.35 7.14 -47.35
N ASN A 2176 45.65 7.13 -47.06
CA ASN A 2176 46.28 6.08 -46.26
C ASN A 2176 46.45 6.61 -44.84
N ASN A 2177 45.38 6.57 -44.07
CA ASN A 2177 45.38 6.99 -42.68
C ASN A 2177 45.57 5.76 -41.80
N GLY A 2178 45.43 5.94 -40.49
CA GLY A 2178 45.55 4.84 -39.54
C GLY A 2178 44.56 3.72 -39.79
N GLY A 2179 43.26 4.02 -39.62
CA GLY A 2179 42.21 3.06 -39.85
C GLY A 2179 41.29 3.49 -41.00
N GLU A 2180 40.36 2.60 -41.30
CA GLU A 2180 39.37 2.84 -42.35
C GLU A 2180 38.13 3.49 -41.77
N GLY A 2181 37.62 4.51 -42.46
CA GLY A 2181 36.48 5.25 -41.97
C GLY A 2181 36.88 6.44 -41.13
N ILE A 2182 35.90 6.94 -40.38
CA ILE A 2182 36.12 8.10 -39.51
C ILE A 2182 36.37 7.56 -38.11
N HIS A 2183 37.64 7.32 -37.81
CA HIS A 2183 38.04 6.80 -36.50
C HIS A 2183 38.31 7.94 -35.53
N TYR A 2184 38.68 7.58 -34.30
CA TYR A 2184 38.80 8.57 -33.24
C TYR A 2184 39.96 9.53 -33.46
N MET A 2185 41.03 9.09 -34.13
CA MET A 2185 42.12 10.00 -34.44
C MET A 2185 41.67 11.12 -35.38
N VAL A 2186 40.86 10.76 -36.38
CA VAL A 2186 40.38 11.77 -37.32
C VAL A 2186 39.51 12.80 -36.61
N VAL A 2187 38.55 12.34 -35.81
CA VAL A 2187 37.67 13.28 -35.11
C VAL A 2187 38.45 14.10 -34.10
N GLU A 2188 39.49 13.51 -33.50
CA GLU A 2188 40.28 14.25 -32.52
C GLU A 2188 41.09 15.36 -33.17
N ILE A 2189 41.77 15.05 -34.27
CA ILE A 2189 42.55 16.08 -34.95
C ILE A 2189 41.63 17.13 -35.56
N VAL A 2190 40.44 16.72 -36.01
CA VAL A 2190 39.49 17.69 -36.55
C VAL A 2190 38.99 18.62 -35.44
N ALA A 2191 38.71 18.08 -34.26
CA ALA A 2191 38.30 18.93 -33.14
C ALA A 2191 39.41 19.89 -32.75
N THR A 2192 40.66 19.40 -32.74
CA THR A 2192 41.79 20.27 -32.42
C THR A 2192 41.91 21.41 -33.42
N ILE A 2193 41.82 21.09 -34.72
CA ILE A 2193 41.96 22.12 -35.75
C ILE A 2193 40.81 23.12 -35.67
N LEU A 2194 39.59 22.62 -35.46
CA LEU A 2194 38.44 23.51 -35.35
C LEU A 2194 38.47 24.35 -34.08
N SER A 2195 39.16 23.88 -33.04
CA SER A 2195 39.42 24.75 -31.89
C SER A 2195 40.49 25.77 -32.23
N TRP A 2196 41.40 25.43 -33.14
CA TRP A 2196 42.41 26.38 -33.60
C TRP A 2196 41.87 27.38 -34.62
N THR A 2197 40.63 27.22 -35.07
CA THR A 2197 40.11 28.08 -36.13
C THR A 2197 39.87 29.51 -35.66
N GLY A 2198 39.92 29.75 -34.34
CA GLY A 2198 39.70 31.10 -33.85
C GLY A 2198 40.82 32.06 -34.22
N LEU A 2199 42.01 31.53 -34.48
CA LEU A 2199 43.16 32.35 -34.82
C LEU A 2199 43.68 32.10 -36.23
N ALA A 2200 43.65 30.86 -36.70
CA ALA A 2200 44.13 30.52 -38.03
C ALA A 2200 43.09 29.69 -38.76
N THR A 2201 42.82 30.06 -40.00
CA THR A 2201 41.85 29.39 -40.84
C THR A 2201 42.46 29.06 -42.19
N PRO A 2202 42.10 27.90 -42.77
CA PRO A 2202 42.61 27.55 -44.11
C PRO A 2202 41.95 28.37 -45.21
N THR A 2203 42.37 29.64 -45.32
CA THR A 2203 41.79 30.57 -46.28
C THR A 2203 42.82 31.24 -47.18
N GLY A 2204 44.09 31.33 -46.76
CA GLY A 2204 45.08 32.06 -47.51
C GLY A 2204 45.80 31.27 -48.57
N VAL A 2205 46.24 30.05 -48.22
CA VAL A 2205 47.03 29.22 -49.11
C VAL A 2205 46.09 28.24 -49.81
N PRO A 2206 46.08 28.17 -51.15
CA PRO A 2206 45.19 27.24 -51.83
C PRO A 2206 45.45 25.77 -51.49
N LYS A 2207 46.66 25.44 -51.04
CA LYS A 2207 46.92 24.08 -50.57
C LYS A 2207 46.03 23.74 -49.39
N ASP A 2208 45.90 24.66 -48.44
CA ASP A 2208 44.99 24.43 -47.32
C ASP A 2208 43.54 24.32 -47.79
N GLU A 2209 43.16 25.09 -48.82
CA GLU A 2209 41.81 24.99 -49.34
C GLU A 2209 41.53 23.61 -49.93
N VAL A 2210 42.46 23.10 -50.74
CA VAL A 2210 42.22 21.80 -51.34
C VAL A 2210 42.31 20.69 -50.29
N LEU A 2211 43.15 20.86 -49.27
CA LEU A 2211 43.18 19.90 -48.17
C LEU A 2211 41.84 19.87 -47.43
N ALA A 2212 41.29 21.05 -47.14
CA ALA A 2212 39.99 21.10 -46.46
C ALA A 2212 38.88 20.52 -47.33
N ASN A 2213 38.94 20.77 -48.65
CA ASN A 2213 37.94 20.20 -49.54
C ASN A 2213 38.02 18.69 -49.59
N ARG A 2214 39.22 18.13 -49.68
CA ARG A 2214 39.36 16.67 -49.66
C ARG A 2214 38.94 16.09 -48.32
N LEU A 2215 39.20 16.80 -47.22
CA LEU A 2215 38.76 16.34 -45.91
C LEU A 2215 37.25 16.31 -45.83
N LEU A 2216 36.59 17.35 -46.33
CA LEU A 2216 35.13 17.38 -46.32
C LEU A 2216 34.55 16.28 -47.18
N ASN A 2217 35.17 16.03 -48.34
CA ASN A 2217 34.71 14.95 -49.21
C ASN A 2217 34.87 13.60 -48.52
N PHE A 2218 35.99 13.39 -47.84
CA PHE A 2218 36.20 12.14 -47.10
C PHE A 2218 35.20 11.99 -45.97
N LEU A 2219 34.88 13.09 -45.28
CA LEU A 2219 33.91 13.02 -44.19
C LEU A 2219 32.53 12.67 -44.70
N MET A 2220 32.07 13.37 -45.74
CA MET A 2220 30.75 13.07 -46.30
C MET A 2220 30.73 11.74 -47.05
N LYS A 2221 31.89 11.16 -47.36
CA LYS A 2221 31.92 9.88 -48.04
C LYS A 2221 31.62 8.73 -47.07
N HIS A 2222 32.16 8.80 -45.86
CA HIS A 2222 32.01 7.76 -44.86
C HIS A 2222 31.24 8.27 -43.65
N VAL A 2223 30.17 9.02 -43.89
CA VAL A 2223 29.40 9.58 -42.78
C VAL A 2223 28.43 8.55 -42.20
N PHE A 2224 27.97 7.60 -43.01
CA PHE A 2224 26.97 6.64 -42.55
C PHE A 2224 27.58 5.59 -41.64
N HIS A 2225 26.79 5.15 -40.66
CA HIS A 2225 27.16 4.09 -39.73
C HIS A 2225 25.88 3.54 -39.11
N PRO A 2226 25.66 2.22 -39.17
CA PRO A 2226 24.40 1.66 -38.66
C PRO A 2226 24.05 2.06 -37.23
N LYS A 2227 25.05 2.27 -36.37
CA LYS A 2227 24.79 2.76 -35.03
C LYS A 2227 24.34 4.21 -35.09
N ARG A 2228 23.20 4.50 -34.45
CA ARG A 2228 22.62 5.84 -34.55
C ARG A 2228 23.46 6.89 -33.85
N ALA A 2229 24.10 6.52 -32.74
CA ALA A 2229 24.87 7.50 -31.97
C ALA A 2229 26.08 7.98 -32.74
N VAL A 2230 26.86 7.06 -33.31
CA VAL A 2230 28.05 7.47 -34.04
C VAL A 2230 27.67 8.15 -35.35
N PHE A 2231 26.52 7.78 -35.93
CA PHE A 2231 26.05 8.47 -37.12
C PHE A 2231 25.70 9.92 -36.80
N ARG A 2232 25.00 10.15 -35.68
CA ARG A 2232 24.72 11.52 -35.26
C ARG A 2232 26.00 12.27 -34.94
N HIS A 2233 26.99 11.58 -34.37
CA HIS A 2233 28.27 12.23 -34.08
C HIS A 2233 28.98 12.64 -35.36
N ASN A 2234 28.95 11.80 -36.39
CA ASN A 2234 29.56 12.15 -37.66
C ASN A 2234 28.83 13.32 -38.31
N LEU A 2235 27.50 13.32 -38.25
CA LEU A 2235 26.75 14.47 -38.76
C LEU A 2235 27.12 15.73 -37.98
N GLU A 2236 27.34 15.60 -36.66
CA GLU A 2236 27.69 16.75 -35.85
C GLU A 2236 29.07 17.30 -36.22
N ILE A 2237 30.04 16.42 -36.45
CA ILE A 2237 31.38 16.89 -36.79
C ILE A 2237 31.38 17.51 -38.19
N ILE A 2238 30.62 16.94 -39.13
CA ILE A 2238 30.52 17.55 -40.45
C ILE A 2238 29.83 18.91 -40.35
N LYS A 2239 28.82 19.01 -39.50
CA LYS A 2239 28.10 20.27 -39.31
C LYS A 2239 29.01 21.35 -38.76
N THR A 2240 29.77 21.03 -37.70
CA THR A 2240 30.65 22.04 -37.13
C THR A 2240 31.80 22.37 -38.08
N LEU A 2241 32.26 21.40 -38.88
CA LEU A 2241 33.33 21.69 -39.84
C LEU A 2241 32.84 22.63 -40.93
N VAL A 2242 31.64 22.39 -41.46
CA VAL A 2242 31.11 23.27 -42.51
C VAL A 2242 30.68 24.61 -41.92
N GLU A 2243 30.41 24.66 -40.61
CA GLU A 2243 30.07 25.93 -39.98
C GLU A 2243 31.31 26.77 -39.75
N CYS A 2244 32.42 26.14 -39.35
CA CYS A 2244 33.66 26.88 -39.13
C CYS A 2244 34.24 27.38 -40.44
N TRP A 2245 34.53 26.46 -41.36
CA TRP A 2245 35.13 26.82 -42.65
C TRP A 2245 34.07 27.06 -43.71
N LYS A 2246 33.15 27.99 -43.43
CA LYS A 2246 32.05 28.26 -44.35
C LYS A 2246 32.53 29.04 -45.58
N ASP A 2247 33.58 29.84 -45.44
CA ASP A 2247 34.08 30.67 -46.51
C ASP A 2247 35.31 30.07 -47.21
N CYS A 2248 35.54 28.77 -47.06
CA CYS A 2248 36.71 28.12 -47.64
C CYS A 2248 36.41 26.80 -48.34
N LEU A 2249 35.19 26.30 -48.28
CA LEU A 2249 34.86 24.98 -48.78
C LEU A 2249 33.96 25.07 -50.00
N SER A 2250 34.19 24.16 -50.95
CA SER A 2250 33.31 23.96 -52.09
C SER A 2250 32.54 22.66 -51.86
N ILE A 2251 31.21 22.76 -51.77
CA ILE A 2251 30.41 21.60 -51.39
C ILE A 2251 30.43 20.58 -52.51
N PRO A 2252 30.76 19.32 -52.23
CA PRO A 2252 30.68 18.26 -53.27
C PRO A 2252 29.25 17.86 -53.56
N TYR A 2253 28.58 18.66 -54.41
CA TYR A 2253 27.18 18.42 -54.72
C TYR A 2253 26.97 17.11 -55.49
N ARG A 2254 28.02 16.59 -56.14
CA ARG A 2254 27.87 15.34 -56.88
C ARG A 2254 27.70 14.16 -55.93
N LEU A 2255 28.44 14.16 -54.82
CA LEU A 2255 28.31 13.08 -53.84
C LEU A 2255 26.95 13.12 -53.17
N ILE A 2256 26.48 14.31 -52.81
CA ILE A 2256 25.17 14.44 -52.16
C ILE A 2256 24.07 13.97 -53.08
N PHE A 2257 24.16 14.31 -54.37
CA PHE A 2257 23.16 13.86 -55.33
C PHE A 2257 23.07 12.34 -55.37
N GLU A 2258 24.22 11.67 -55.48
CA GLU A 2258 24.24 10.22 -55.42
C GLU A 2258 23.78 9.70 -54.06
N LYS A 2259 23.85 10.53 -53.02
CA LYS A 2259 23.40 10.10 -51.70
C LYS A 2259 21.88 10.08 -51.59
N PHE A 2260 21.22 11.14 -52.06
CA PHE A 2260 19.77 11.23 -51.91
C PHE A 2260 19.00 10.74 -53.14
N SER A 2261 19.68 10.12 -54.10
CA SER A 2261 19.04 9.57 -55.30
C SER A 2261 19.24 8.05 -55.28
N GLY A 2262 18.30 7.33 -54.69
CA GLY A 2262 18.39 5.89 -54.61
C GLY A 2262 17.33 5.18 -55.43
N LYS A 2263 16.17 5.82 -55.58
CA LYS A 2263 15.04 5.27 -56.33
C LYS A 2263 14.60 3.91 -55.80
N ASP A 2264 14.60 3.75 -54.47
CA ASP A 2264 14.14 2.52 -53.83
C ASP A 2264 13.06 2.90 -52.83
N PRO A 2265 11.81 2.47 -53.03
CA PRO A 2265 10.73 2.92 -52.13
C PRO A 2265 10.86 2.39 -50.71
N ASN A 2266 11.54 1.26 -50.51
CA ASN A 2266 11.63 0.62 -49.20
C ASN A 2266 13.03 0.73 -48.60
N SER A 2267 13.70 1.87 -48.76
CA SER A 2267 15.03 2.07 -48.21
C SER A 2267 15.15 3.47 -47.64
N LYS A 2268 16.12 3.63 -46.74
CA LYS A 2268 16.39 4.92 -46.10
C LYS A 2268 17.73 5.51 -46.55
N ASP A 2269 18.22 5.11 -47.72
CA ASP A 2269 19.52 5.61 -48.18
C ASP A 2269 19.47 7.09 -48.50
N ASN A 2270 18.33 7.59 -48.97
CA ASN A 2270 18.22 8.99 -49.34
C ASN A 2270 18.21 9.91 -48.13
N SER A 2271 17.95 9.37 -46.94
CA SER A 2271 17.91 10.21 -45.74
C SER A 2271 19.26 10.85 -45.46
N VAL A 2272 20.35 10.12 -45.71
CA VAL A 2272 21.68 10.66 -45.48
C VAL A 2272 21.93 11.85 -46.40
N GLY A 2273 21.60 11.70 -47.68
CA GLY A 2273 21.77 12.81 -48.61
C GLY A 2273 20.89 14.00 -48.28
N ILE A 2274 19.66 13.74 -47.84
CA ILE A 2274 18.76 14.84 -47.49
C ILE A 2274 19.30 15.58 -46.27
N GLN A 2275 19.83 14.85 -45.29
CA GLN A 2275 20.39 15.51 -44.11
C GLN A 2275 21.65 16.29 -44.45
N LEU A 2276 22.48 15.76 -45.37
CA LEU A 2276 23.65 16.51 -45.81
C LEU A 2276 23.24 17.80 -46.53
N LEU A 2277 22.23 17.71 -47.39
CA LEU A 2277 21.75 18.90 -48.08
C LEU A 2277 21.16 19.91 -47.10
N GLY A 2278 20.49 19.42 -46.05
CA GLY A 2278 19.98 20.32 -45.04
C GLY A 2278 21.08 21.01 -44.26
N ILE A 2279 22.14 20.27 -43.92
CA ILE A 2279 23.30 20.87 -43.27
C ILE A 2279 23.92 21.94 -44.17
N VAL A 2280 23.98 21.67 -45.47
CA VAL A 2280 24.55 22.64 -46.40
C VAL A 2280 23.67 23.89 -46.46
N MET A 2281 22.35 23.70 -46.55
CA MET A 2281 21.42 24.81 -46.68
C MET A 2281 21.25 25.63 -45.42
N ALA A 2282 21.49 25.05 -44.24
CA ALA A 2282 21.32 25.79 -42.99
C ALA A 2282 22.37 26.89 -42.83
N ASN A 2283 23.52 26.77 -43.48
CA ASN A 2283 24.58 27.76 -43.41
C ASN A 2283 24.46 28.82 -44.49
N ASP A 2284 23.31 28.92 -45.16
CA ASP A 2284 23.07 29.90 -46.21
C ASP A 2284 24.05 29.70 -47.37
N LEU A 2285 24.05 28.48 -47.90
CA LEU A 2285 24.87 28.09 -49.04
C LEU A 2285 24.00 27.73 -50.23
N PRO A 2286 24.53 27.86 -51.45
CA PRO A 2286 23.74 27.52 -52.64
C PRO A 2286 23.39 26.04 -52.65
N PRO A 2287 22.14 25.70 -53.01
CA PRO A 2287 21.75 24.27 -53.04
C PRO A 2287 22.30 23.50 -54.21
N TYR A 2288 22.91 24.17 -55.20
CA TYR A 2288 23.38 23.50 -56.39
C TYR A 2288 24.38 24.39 -57.10
N ASP A 2289 25.39 23.77 -57.71
CA ASP A 2289 26.39 24.47 -58.50
C ASP A 2289 26.50 23.76 -59.84
N PRO A 2290 26.34 24.47 -60.97
CA PRO A 2290 26.34 23.80 -62.27
C PRO A 2290 27.69 23.21 -62.68
N GLN A 2291 28.72 23.29 -61.83
CA GLN A 2291 30.02 22.75 -62.21
C GLN A 2291 30.01 21.24 -62.28
N CYS A 2292 29.13 20.59 -61.52
CA CYS A 2292 29.06 19.14 -61.52
C CYS A 2292 28.40 18.62 -62.79
N GLY A 2293 28.57 17.33 -63.04
CA GLY A 2293 28.02 16.70 -64.23
C GLY A 2293 26.52 16.52 -64.22
N ILE A 2294 25.86 16.82 -63.09
CA ILE A 2294 24.42 16.67 -62.97
C ILE A 2294 23.78 18.03 -63.23
N GLN A 2295 22.84 18.07 -64.16
CA GLN A 2295 22.14 19.31 -64.49
C GLN A 2295 21.08 19.61 -63.43
N SER A 2296 20.50 20.81 -63.55
CA SER A 2296 19.51 21.24 -62.56
C SER A 2296 18.21 20.45 -62.67
N SER A 2297 17.89 19.96 -63.87
CA SER A 2297 16.64 19.24 -64.07
C SER A 2297 16.60 17.95 -63.25
N GLU A 2298 17.50 17.02 -63.54
CA GLU A 2298 17.45 15.71 -62.88
C GLU A 2298 17.84 15.79 -61.42
N TYR A 2299 18.71 16.72 -61.04
CA TYR A 2299 19.10 16.92 -59.65
C TYR A 2299 17.88 17.20 -58.78
N PHE A 2300 17.20 18.32 -59.07
CA PHE A 2300 16.02 18.67 -58.29
C PHE A 2300 14.88 17.68 -58.52
N GLN A 2301 14.82 17.04 -59.68
CA GLN A 2301 13.80 16.02 -59.91
C GLN A 2301 13.96 14.85 -58.95
N ALA A 2302 15.17 14.31 -58.85
CA ALA A 2302 15.42 13.22 -57.92
C ALA A 2302 15.30 13.68 -56.47
N LEU A 2303 15.61 14.95 -56.20
CA LEU A 2303 15.42 15.47 -54.85
C LEU A 2303 13.94 15.49 -54.47
N VAL A 2304 13.08 15.96 -55.39
CA VAL A 2304 11.66 16.06 -55.09
C VAL A 2304 10.99 14.69 -55.10
N ASN A 2305 11.53 13.75 -55.89
CA ASN A 2305 10.93 12.41 -55.96
C ASN A 2305 10.98 11.68 -54.62
N ASN A 2306 11.77 12.16 -53.66
CA ASN A 2306 11.82 11.51 -52.35
C ASN A 2306 10.51 11.65 -51.60
N MET A 2307 9.70 12.65 -51.93
CA MET A 2307 8.41 12.83 -51.28
C MET A 2307 7.41 11.74 -51.65
N SER A 2308 7.67 10.96 -52.71
CA SER A 2308 6.82 9.84 -53.06
C SER A 2308 7.10 8.61 -52.20
N PHE A 2309 8.25 8.55 -51.53
CA PHE A 2309 8.57 7.45 -50.63
C PHE A 2309 7.92 7.76 -49.28
N VAL A 2310 6.70 7.24 -49.11
CA VAL A 2310 5.86 7.61 -47.97
C VAL A 2310 5.92 6.54 -46.89
N ARG A 2311 6.98 5.74 -46.90
CA ARG A 2311 7.13 4.71 -45.88
C ARG A 2311 7.82 5.26 -44.62
N TYR A 2312 9.01 5.80 -44.78
CA TYR A 2312 9.78 6.35 -43.66
C TYR A 2312 9.65 7.87 -43.66
N LYS A 2313 9.29 8.43 -42.50
CA LYS A 2313 9.13 9.87 -42.41
C LYS A 2313 10.46 10.60 -42.61
N GLU A 2314 11.56 10.01 -42.14
CA GLU A 2314 12.88 10.60 -42.27
C GLU A 2314 13.31 10.81 -43.72
N VAL A 2315 12.55 10.28 -44.68
CA VAL A 2315 12.82 10.49 -46.10
C VAL A 2315 11.92 11.59 -46.68
N TYR A 2316 10.61 11.36 -46.69
CA TYR A 2316 9.72 12.31 -47.38
C TYR A 2316 9.54 13.59 -46.59
N ALA A 2317 9.43 13.51 -45.26
CA ALA A 2317 9.28 14.73 -44.48
C ALA A 2317 10.55 15.58 -44.54
N ALA A 2318 11.71 14.93 -44.42
CA ALA A 2318 12.97 15.65 -44.50
C ALA A 2318 13.17 16.24 -45.89
N ALA A 2319 12.78 15.51 -46.94
CA ALA A 2319 12.89 16.05 -48.29
C ALA A 2319 11.98 17.26 -48.48
N ALA A 2320 10.74 17.18 -47.98
CA ALA A 2320 9.84 18.32 -48.08
C ALA A 2320 10.40 19.53 -47.34
N GLU A 2321 10.96 19.32 -46.15
CA GLU A 2321 11.51 20.45 -45.40
C GLU A 2321 12.72 21.05 -46.10
N VAL A 2322 13.61 20.22 -46.63
CA VAL A 2322 14.82 20.75 -47.25
C VAL A 2322 14.48 21.45 -48.57
N LEU A 2323 13.40 20.99 -49.22
CA LEU A 2323 12.93 21.55 -50.51
C LEU A 2323 12.34 22.92 -50.20
N GLY A 2324 11.57 22.99 -49.11
CA GLY A 2324 11.01 24.26 -48.68
C GLY A 2324 12.08 25.27 -48.34
N LEU A 2325 13.15 24.81 -47.67
CA LEU A 2325 14.29 25.69 -47.41
C LEU A 2325 14.93 26.17 -48.70
N ILE A 2326 15.06 25.27 -49.69
CA ILE A 2326 15.65 25.64 -50.97
C ILE A 2326 14.77 26.68 -51.68
N LEU A 2327 13.46 26.50 -51.62
CA LEU A 2327 12.54 27.46 -52.21
C LEU A 2327 12.67 28.82 -51.54
N ARG A 2328 12.71 28.84 -50.21
CA ARG A 2328 12.88 30.09 -49.49
C ARG A 2328 14.21 30.75 -49.85
N TYR A 2329 15.26 29.96 -50.07
CA TYR A 2329 16.56 30.52 -50.44
C TYR A 2329 16.51 31.14 -51.83
N VAL A 2330 15.95 30.42 -52.80
CA VAL A 2330 15.93 30.90 -54.18
C VAL A 2330 14.90 32.00 -54.33
N MET A 2331 14.06 32.19 -53.31
CA MET A 2331 13.09 33.29 -53.34
C MET A 2331 13.79 34.64 -53.20
N GLU A 2332 14.66 34.77 -52.20
CA GLU A 2332 15.36 36.04 -52.00
C GLU A 2332 16.40 36.28 -53.07
N ARG A 2333 17.08 35.22 -53.52
CA ARG A 2333 18.12 35.37 -54.53
C ARG A 2333 17.56 35.61 -55.93
N LYS A 2334 16.23 35.52 -56.10
CA LYS A 2334 15.56 35.81 -57.37
C LYS A 2334 16.08 34.95 -58.52
N ASN A 2335 16.31 33.66 -58.24
CA ASN A 2335 16.78 32.76 -59.28
C ASN A 2335 15.65 32.42 -60.25
N ILE A 2336 16.03 31.95 -61.44
CA ILE A 2336 15.06 31.66 -62.48
C ILE A 2336 14.53 30.22 -62.41
N LEU A 2337 14.96 29.44 -61.41
CA LEU A 2337 14.46 28.09 -61.24
C LEU A 2337 13.38 27.98 -60.18
N GLU A 2338 12.92 29.11 -59.63
CA GLU A 2338 11.89 29.06 -58.59
C GLU A 2338 10.56 28.58 -59.16
N GLU A 2339 10.25 28.95 -60.40
CA GLU A 2339 8.98 28.53 -61.00
C GLU A 2339 8.94 27.02 -61.24
N SER A 2340 10.01 26.47 -61.82
CA SER A 2340 10.03 25.04 -62.10
C SER A 2340 10.02 24.22 -60.81
N LEU A 2341 10.77 24.66 -59.80
CA LEU A 2341 10.78 23.94 -58.52
C LEU A 2341 9.42 23.97 -57.86
N CYS A 2342 8.78 25.14 -57.84
CA CYS A 2342 7.44 25.24 -57.25
C CYS A 2342 6.44 24.38 -58.01
N GLU A 2343 6.56 24.33 -59.34
CA GLU A 2343 5.66 23.49 -60.13
C GLU A 2343 5.88 22.02 -59.81
N LEU A 2344 7.13 21.58 -59.72
CA LEU A 2344 7.41 20.19 -59.38
C LEU A 2344 6.87 19.84 -58.00
N VAL A 2345 7.06 20.74 -57.03
CA VAL A 2345 6.57 20.48 -55.67
C VAL A 2345 5.05 20.42 -55.64
N ALA A 2346 4.40 21.35 -56.34
CA ALA A 2346 2.94 21.33 -56.40
C ALA A 2346 2.42 20.06 -57.06
N LYS A 2347 3.12 19.60 -58.10
CA LYS A 2347 2.71 18.36 -58.77
C LYS A 2347 2.86 17.17 -57.83
N GLN A 2348 4.00 17.06 -57.14
CA GLN A 2348 4.21 15.95 -56.23
C GLN A 2348 3.22 15.98 -55.07
N LEU A 2349 2.81 17.19 -54.65
CA LEU A 2349 1.83 17.30 -53.58
C LEU A 2349 0.45 16.87 -54.07
N LYS A 2350 0.01 17.42 -55.20
CA LYS A 2350 -1.30 17.06 -55.73
C LYS A 2350 -1.38 15.60 -56.15
N GLN A 2351 -0.22 14.94 -56.38
CA GLN A 2351 -0.24 13.54 -56.76
C GLN A 2351 -0.84 12.68 -55.67
N HIS A 2352 -0.52 12.96 -54.40
CA HIS A 2352 -1.05 12.21 -53.27
C HIS A 2352 -2.02 13.04 -52.43
N GLN A 2353 -2.40 14.21 -52.93
CA GLN A 2353 -3.44 14.99 -52.26
C GLN A 2353 -4.74 14.20 -52.14
N ASN A 2354 -5.07 13.37 -53.13
CA ASN A 2354 -6.31 12.61 -53.14
C ASN A 2354 -6.13 11.11 -52.93
N THR A 2355 -4.94 10.57 -53.12
CA THR A 2355 -4.73 9.13 -52.95
C THR A 2355 -4.64 8.77 -51.47
N MET A 2356 -3.67 9.35 -50.76
CA MET A 2356 -3.46 9.07 -49.34
C MET A 2356 -3.93 10.21 -48.43
N GLU A 2357 -3.64 11.46 -48.82
CA GLU A 2357 -4.14 12.67 -48.18
C GLU A 2357 -3.69 12.82 -46.73
N ASP A 2358 -2.90 11.86 -46.23
CA ASP A 2358 -2.29 11.98 -44.91
C ASP A 2358 -0.81 12.32 -44.97
N LYS A 2359 -0.09 11.86 -45.99
CA LYS A 2359 1.26 12.33 -46.22
C LYS A 2359 1.27 13.68 -46.92
N PHE A 2360 0.19 13.99 -47.65
CA PHE A 2360 0.10 15.28 -48.34
C PHE A 2360 0.13 16.44 -47.36
N ILE A 2361 -0.66 16.35 -46.29
CA ILE A 2361 -0.72 17.45 -45.34
C ILE A 2361 0.60 17.59 -44.59
N VAL A 2362 1.27 16.46 -44.29
CA VAL A 2362 2.55 16.52 -43.60
C VAL A 2362 3.60 17.17 -44.49
N CYS A 2363 3.64 16.78 -45.77
CA CYS A 2363 4.59 17.37 -46.69
C CYS A 2363 4.31 18.86 -46.89
N LEU A 2364 3.03 19.24 -46.96
CA LEU A 2364 2.69 20.64 -47.14
C LEU A 2364 3.06 21.46 -45.91
N ASN A 2365 2.87 20.90 -44.71
CA ASN A 2365 3.26 21.60 -43.50
C ASN A 2365 4.78 21.72 -43.41
N LYS A 2366 5.51 20.72 -43.89
CA LYS A 2366 6.97 20.82 -43.89
C LYS A 2366 7.45 21.84 -44.90
N VAL A 2367 6.78 21.94 -46.04
CA VAL A 2367 7.19 22.91 -47.06
C VAL A 2367 6.88 24.33 -46.61
N THR A 2368 5.64 24.58 -46.18
CA THR A 2368 5.21 25.90 -45.78
C THR A 2368 5.80 26.33 -44.44
N LYS A 2369 6.56 25.47 -43.76
CA LYS A 2369 7.24 25.88 -42.54
C LYS A 2369 8.28 26.95 -42.82
N SER A 2370 8.85 26.97 -44.02
CA SER A 2370 9.79 28.01 -44.42
C SER A 2370 9.40 28.75 -45.70
N PHE A 2371 8.48 28.21 -46.50
CA PHE A 2371 8.02 28.85 -47.73
C PHE A 2371 6.50 28.98 -47.68
N PRO A 2372 6.00 30.03 -47.03
CA PRO A 2372 4.55 30.24 -46.94
C PRO A 2372 3.87 30.38 -48.30
N PRO A 2373 4.44 31.15 -49.28
CA PRO A 2373 3.68 31.44 -50.50
C PRO A 2373 3.22 30.23 -51.31
N LEU A 2374 3.57 29.02 -50.89
CA LEU A 2374 3.15 27.82 -51.61
C LEU A 2374 1.77 27.33 -51.18
N ALA A 2375 1.30 27.71 -50.00
CA ALA A 2375 0.02 27.22 -49.50
C ALA A 2375 -1.17 27.94 -50.11
N ASP A 2376 -0.93 28.99 -50.91
CA ASP A 2376 -2.05 29.73 -51.50
C ASP A 2376 -2.82 28.90 -52.52
N ARG A 2377 -2.17 27.91 -53.13
CA ARG A 2377 -2.84 27.05 -54.11
C ARG A 2377 -3.46 25.81 -53.49
N PHE A 2378 -3.10 25.46 -52.25
CA PHE A 2378 -3.68 24.34 -51.54
C PHE A 2378 -4.53 24.74 -50.35
N MET A 2379 -4.78 26.05 -50.16
CA MET A 2379 -5.65 26.49 -49.08
C MET A 2379 -7.04 25.86 -49.18
N ASN A 2380 -7.61 25.81 -50.38
CA ASN A 2380 -8.91 25.19 -50.55
C ASN A 2380 -8.88 23.70 -50.22
N ALA A 2381 -7.81 23.02 -50.63
CA ALA A 2381 -7.69 21.59 -50.33
C ALA A 2381 -7.59 21.36 -48.82
N VAL A 2382 -6.81 22.18 -48.13
CA VAL A 2382 -6.64 21.96 -46.69
C VAL A 2382 -7.92 22.35 -45.95
N PHE A 2383 -8.67 23.34 -46.45
CA PHE A 2383 -9.95 23.65 -45.84
C PHE A 2383 -10.94 22.52 -46.06
N PHE A 2384 -10.86 21.84 -47.20
CA PHE A 2384 -11.73 20.69 -47.43
C PHE A 2384 -11.34 19.52 -46.54
N LEU A 2385 -10.03 19.34 -46.30
CA LEU A 2385 -9.55 18.20 -45.53
C LEU A 2385 -9.62 18.43 -44.02
N LEU A 2386 -9.75 19.68 -43.57
CA LEU A 2386 -9.77 19.98 -42.14
C LEU A 2386 -10.84 19.22 -41.36
N PRO A 2387 -12.11 19.15 -41.80
CA PRO A 2387 -13.09 18.42 -40.97
C PRO A 2387 -12.86 16.93 -40.91
N LYS A 2388 -12.07 16.37 -41.84
CA LYS A 2388 -11.86 14.94 -41.92
C LYS A 2388 -10.60 14.47 -41.20
N PHE A 2389 -9.87 15.38 -40.57
CA PHE A 2389 -8.63 15.01 -39.90
C PHE A 2389 -8.83 14.89 -38.39
N HIS A 2390 -7.97 14.10 -37.77
CA HIS A 2390 -7.97 13.91 -36.33
C HIS A 2390 -6.53 13.86 -35.84
N GLY A 2391 -6.35 14.06 -34.53
CA GLY A 2391 -5.03 13.97 -33.94
C GLY A 2391 -4.13 15.11 -34.40
N VAL A 2392 -2.87 14.75 -34.68
CA VAL A 2392 -1.87 15.73 -35.06
C VAL A 2392 -2.09 16.24 -36.49
N LEU A 2393 -2.81 15.49 -37.31
CA LEU A 2393 -3.04 15.93 -38.69
C LEU A 2393 -3.88 17.19 -38.73
N LYS A 2394 -4.89 17.28 -37.84
CA LYS A 2394 -5.70 18.49 -37.78
C LYS A 2394 -4.87 19.67 -37.30
N THR A 2395 -3.94 19.43 -36.37
CA THR A 2395 -3.05 20.50 -35.92
C THR A 2395 -2.14 20.96 -37.06
N LEU A 2396 -1.63 20.03 -37.86
CA LEU A 2396 -0.81 20.41 -39.00
C LEU A 2396 -1.61 21.20 -40.02
N CYS A 2397 -2.86 20.81 -40.26
CA CYS A 2397 -3.71 21.57 -41.18
C CYS A 2397 -3.98 22.96 -40.65
N LEU A 2398 -4.23 23.09 -39.34
CA LEU A 2398 -4.44 24.42 -38.77
C LEU A 2398 -3.17 25.27 -38.84
N GLU A 2399 -2.00 24.65 -38.72
CA GLU A 2399 -0.75 25.39 -38.87
C GLU A 2399 -0.57 25.85 -40.31
N VAL A 2400 -0.93 25.00 -41.28
CA VAL A 2400 -0.87 25.41 -42.69
C VAL A 2400 -1.80 26.57 -42.94
N VAL A 2401 -2.99 26.56 -42.32
CA VAL A 2401 -3.90 27.70 -42.43
C VAL A 2401 -3.29 28.93 -41.77
N LEU A 2402 -2.59 28.74 -40.66
CA LEU A 2402 -2.01 29.86 -39.91
C LEU A 2402 -0.89 30.53 -40.69
N CYS A 2403 -0.08 29.77 -41.43
CA CYS A 2403 1.04 30.36 -42.13
C CYS A 2403 0.60 31.36 -43.19
N ARG A 2404 -0.65 31.31 -43.64
CA ARG A 2404 -1.22 32.25 -44.62
C ARG A 2404 -2.54 32.78 -44.06
N VAL A 2405 -2.46 33.87 -43.31
CA VAL A 2405 -3.63 34.51 -42.73
C VAL A 2405 -3.79 35.96 -43.22
N GLU A 2406 -2.70 36.73 -43.20
CA GLU A 2406 -2.79 38.12 -43.65
C GLU A 2406 -3.07 38.20 -45.14
N GLY A 2407 -2.55 37.24 -45.91
CA GLY A 2407 -2.74 37.27 -47.35
C GLY A 2407 -4.16 36.94 -47.78
N MET A 2408 -4.89 36.21 -46.96
CA MET A 2408 -6.26 35.84 -47.32
C MET A 2408 -7.19 37.04 -47.27
N THR A 2409 -8.13 37.09 -48.21
CA THR A 2409 -9.04 38.23 -48.30
C THR A 2409 -10.04 38.23 -47.15
N GLU A 2410 -10.83 37.15 -47.05
CA GLU A 2410 -11.85 37.03 -46.01
C GLU A 2410 -11.78 35.61 -45.47
N LEU A 2411 -11.27 35.45 -44.25
CA LEU A 2411 -11.01 34.15 -43.67
C LEU A 2411 -12.09 33.69 -42.70
N TYR A 2412 -12.77 34.63 -42.04
CA TYR A 2412 -13.66 34.27 -40.93
C TYR A 2412 -14.83 33.41 -41.39
N PHE A 2413 -15.25 33.53 -42.65
CA PHE A 2413 -16.38 32.76 -43.13
C PHE A 2413 -16.01 31.29 -43.27
N GLN A 2414 -14.81 31.01 -43.78
CA GLN A 2414 -14.38 29.63 -43.93
C GLN A 2414 -14.23 28.94 -42.58
N LEU A 2415 -13.67 29.65 -41.59
CA LEU A 2415 -13.53 29.07 -40.26
C LEU A 2415 -14.89 28.81 -39.62
N LYS A 2416 -15.84 29.73 -39.80
CA LYS A 2416 -17.18 29.53 -39.28
C LYS A 2416 -17.84 28.32 -39.94
N SER A 2417 -17.64 28.16 -41.25
CA SER A 2417 -18.24 27.03 -41.96
C SER A 2417 -17.57 25.72 -41.56
N LYS A 2418 -16.34 25.78 -41.05
CA LYS A 2418 -15.60 24.59 -40.65
C LYS A 2418 -15.58 24.40 -39.14
N ASP A 2419 -16.65 24.82 -38.46
CA ASP A 2419 -16.85 24.63 -37.02
C ASP A 2419 -15.59 24.89 -36.21
N PHE A 2420 -15.05 26.10 -36.36
CA PHE A 2420 -13.79 26.46 -35.71
C PHE A 2420 -13.95 26.59 -34.20
N VAL A 2421 -15.13 27.03 -33.74
CA VAL A 2421 -15.33 27.28 -32.32
C VAL A 2421 -15.24 25.96 -31.53
N GLN A 2422 -15.92 24.92 -32.00
CA GLN A 2422 -15.81 23.63 -31.30
C GLN A 2422 -14.45 22.99 -31.49
N VAL A 2423 -13.73 23.33 -32.57
CA VAL A 2423 -12.33 22.91 -32.67
C VAL A 2423 -11.51 23.53 -31.55
N MET A 2424 -11.78 24.79 -31.23
CA MET A 2424 -11.13 25.40 -30.07
C MET A 2424 -11.61 24.76 -28.76
N ARG A 2425 -12.88 24.35 -28.73
CA ARG A 2425 -13.41 23.74 -27.50
C ARG A 2425 -12.72 22.41 -27.20
N HIS A 2426 -12.24 21.72 -28.23
CA HIS A 2426 -11.56 20.45 -28.02
C HIS A 2426 -10.30 20.65 -27.20
N ARG A 2427 -10.09 19.75 -26.23
CA ARG A 2427 -8.97 19.87 -25.29
C ARG A 2427 -7.70 19.34 -25.95
N ASP A 2428 -6.89 20.27 -26.47
CA ASP A 2428 -5.60 19.93 -27.07
C ASP A 2428 -4.73 21.16 -27.01
N ASP A 2429 -3.57 21.06 -26.34
CA ASP A 2429 -2.75 22.23 -26.09
C ASP A 2429 -2.23 22.85 -27.38
N GLU A 2430 -1.62 22.04 -28.25
CA GLU A 2430 -1.07 22.57 -29.48
C GLU A 2430 -2.17 23.05 -30.42
N ARG A 2431 -3.27 22.31 -30.50
CA ARG A 2431 -4.38 22.70 -31.36
C ARG A 2431 -4.99 24.02 -30.92
N GLN A 2432 -5.29 24.15 -29.63
CA GLN A 2432 -5.83 25.40 -29.12
C GLN A 2432 -4.83 26.53 -29.25
N LYS A 2433 -3.53 26.24 -29.11
CA LYS A 2433 -2.51 27.28 -29.26
C LYS A 2433 -2.48 27.81 -30.69
N VAL A 2434 -2.50 26.92 -31.68
CA VAL A 2434 -2.48 27.39 -33.06
C VAL A 2434 -3.81 28.05 -33.43
N CYS A 2435 -4.91 27.63 -32.80
CA CYS A 2435 -6.19 28.32 -33.01
C CYS A 2435 -6.14 29.75 -32.48
N LEU A 2436 -5.59 29.93 -31.28
CA LEU A 2436 -5.45 31.28 -30.73
C LEU A 2436 -4.49 32.11 -31.57
N ASP A 2437 -3.46 31.49 -32.12
CA ASP A 2437 -2.56 32.22 -33.03
C ASP A 2437 -3.30 32.68 -34.27
N ILE A 2438 -4.11 31.80 -34.87
CA ILE A 2438 -4.90 32.17 -36.04
C ILE A 2438 -5.83 33.34 -35.69
N ILE A 2439 -6.46 33.27 -34.52
CA ILE A 2439 -7.38 34.34 -34.10
C ILE A 2439 -6.62 35.65 -33.92
N TYR A 2440 -5.46 35.60 -33.28
CA TYR A 2440 -4.69 36.82 -33.05
C TYR A 2440 -4.18 37.41 -34.36
N LYS A 2441 -3.90 36.58 -35.36
CA LYS A 2441 -3.44 37.09 -36.65
C LYS A 2441 -4.59 37.62 -37.50
N MET A 2442 -5.79 37.07 -37.36
CA MET A 2442 -6.93 37.51 -38.15
C MET A 2442 -7.74 38.62 -37.48
N MET A 2443 -7.49 38.89 -36.20
CA MET A 2443 -8.23 39.88 -35.43
C MET A 2443 -8.19 41.30 -35.99
N PRO A 2444 -7.03 41.82 -36.46
CA PRO A 2444 -7.01 43.23 -36.92
C PRO A 2444 -7.81 43.47 -38.19
N LYS A 2445 -8.50 42.46 -38.71
CA LYS A 2445 -9.35 42.61 -39.88
C LYS A 2445 -10.70 41.93 -39.63
N LEU A 2446 -11.25 42.11 -38.44
CA LEU A 2446 -12.55 41.55 -38.07
C LEU A 2446 -13.53 42.66 -37.74
N LYS A 2447 -14.81 42.33 -37.84
CA LYS A 2447 -15.92 43.24 -37.54
C LYS A 2447 -16.33 43.09 -36.08
N PRO A 2448 -16.94 44.14 -35.50
CA PRO A 2448 -17.33 44.07 -34.08
C PRO A 2448 -18.22 42.88 -33.73
N VAL A 2449 -19.23 42.59 -34.54
CA VAL A 2449 -20.09 41.44 -34.24
C VAL A 2449 -19.31 40.13 -34.37
N GLU A 2450 -18.50 40.02 -35.43
CA GLU A 2450 -17.67 38.83 -35.61
C GLU A 2450 -16.67 38.70 -34.48
N LEU A 2451 -16.01 39.80 -34.10
CA LEU A 2451 -15.06 39.75 -33.01
C LEU A 2451 -15.72 39.37 -31.69
N ARG A 2452 -16.95 39.82 -31.47
CA ARG A 2452 -17.65 39.49 -30.23
C ARG A 2452 -18.01 38.01 -30.20
N GLU A 2453 -18.60 37.50 -31.29
CA GLU A 2453 -18.99 36.09 -31.32
C GLU A 2453 -17.79 35.16 -31.39
N LEU A 2454 -16.61 35.67 -31.76
CA LEU A 2454 -15.40 34.86 -31.72
C LEU A 2454 -14.66 34.97 -30.39
N LEU A 2455 -14.86 36.08 -29.67
CA LEU A 2455 -14.25 36.25 -28.36
C LEU A 2455 -15.05 35.57 -27.27
N ASN A 2456 -16.35 35.37 -27.47
CA ASN A 2456 -17.15 34.63 -26.50
C ASN A 2456 -16.54 33.29 -26.10
N PRO A 2457 -15.98 32.47 -27.00
CA PRO A 2457 -15.27 31.26 -26.56
C PRO A 2457 -13.80 31.48 -26.23
N VAL A 2458 -13.20 32.61 -26.64
CA VAL A 2458 -11.79 32.85 -26.35
C VAL A 2458 -11.57 33.05 -24.86
N VAL A 2459 -12.51 33.73 -24.19
CA VAL A 2459 -12.36 34.03 -22.77
C VAL A 2459 -12.48 32.81 -21.89
N GLU A 2460 -12.75 31.64 -22.47
CA GLU A 2460 -12.83 30.40 -21.71
C GLU A 2460 -11.45 29.82 -21.38
N PHE A 2461 -10.38 30.41 -21.88
CA PHE A 2461 -9.04 29.95 -21.58
C PHE A 2461 -8.47 30.56 -20.30
N VAL A 2462 -9.27 31.33 -19.56
CA VAL A 2462 -8.79 31.91 -18.31
C VAL A 2462 -8.57 30.81 -17.27
N SER A 2463 -9.27 29.69 -17.41
CA SER A 2463 -9.14 28.55 -16.50
C SER A 2463 -8.54 27.34 -17.21
N HIS A 2464 -7.56 27.58 -18.08
CA HIS A 2464 -6.92 26.54 -18.83
C HIS A 2464 -5.61 26.13 -18.16
N PRO A 2465 -5.31 24.82 -18.07
CA PRO A 2465 -4.09 24.40 -17.38
C PRO A 2465 -2.82 24.79 -18.10
N SER A 2466 -2.85 24.91 -19.43
CA SER A 2466 -1.64 25.24 -20.18
C SER A 2466 -1.29 26.71 -20.00
N THR A 2467 -0.05 26.96 -19.58
CA THR A 2467 0.42 28.33 -19.38
C THR A 2467 0.81 29.01 -20.67
N THR A 2468 0.71 28.34 -21.82
CA THR A 2468 1.05 28.93 -23.10
C THR A 2468 -0.17 29.40 -23.89
N CYS A 2469 -1.33 28.80 -23.66
CA CYS A 2469 -2.55 29.29 -24.32
C CYS A 2469 -3.09 30.53 -23.62
N ARG A 2470 -2.97 30.58 -22.29
CA ARG A 2470 -3.41 31.77 -21.55
C ARG A 2470 -2.57 32.99 -21.95
N GLU A 2471 -1.29 32.77 -22.28
CA GLU A 2471 -0.46 33.88 -22.74
C GLU A 2471 -0.99 34.46 -24.04
N GLN A 2472 -1.35 33.60 -25.01
CA GLN A 2472 -1.88 34.09 -26.26
C GLN A 2472 -3.25 34.75 -26.07
N MET A 2473 -4.08 34.18 -25.18
CA MET A 2473 -5.36 34.81 -24.88
C MET A 2473 -5.17 36.20 -24.29
N TYR A 2474 -4.21 36.35 -23.38
CA TYR A 2474 -3.95 37.66 -22.78
C TYR A 2474 -3.37 38.63 -23.80
N ASN A 2475 -2.57 38.13 -24.75
CA ASN A 2475 -2.12 38.99 -25.84
C ASN A 2475 -3.29 39.49 -26.68
N ILE A 2476 -4.21 38.60 -27.02
CA ILE A 2476 -5.40 38.98 -27.77
C ILE A 2476 -6.20 40.03 -26.99
N LEU A 2477 -6.37 39.81 -25.69
CA LEU A 2477 -7.17 40.73 -24.88
C LEU A 2477 -6.49 42.08 -24.73
N MET A 2478 -5.15 42.09 -24.63
CA MET A 2478 -4.43 43.36 -24.54
C MET A 2478 -4.53 44.12 -25.86
N TRP A 2479 -4.46 43.42 -26.99
CA TRP A 2479 -4.67 44.08 -28.27
C TRP A 2479 -6.07 44.67 -28.35
N ILE A 2480 -7.08 43.90 -27.93
CA ILE A 2480 -8.46 44.39 -27.96
C ILE A 2480 -8.60 45.63 -27.09
N HIS A 2481 -8.01 45.60 -25.89
CA HIS A 2481 -8.09 46.73 -24.98
C HIS A 2481 -7.42 47.96 -25.58
N ASP A 2482 -6.24 47.78 -26.17
CA ASP A 2482 -5.51 48.92 -26.72
C ASP A 2482 -6.14 49.46 -28.00
N ASN A 2483 -6.94 48.65 -28.70
CA ASN A 2483 -7.57 49.10 -29.94
C ASN A 2483 -9.06 49.37 -29.81
N TYR A 2484 -9.61 49.30 -28.60
CA TYR A 2484 -11.00 49.64 -28.34
C TYR A 2484 -11.15 50.59 -27.16
N ARG A 2485 -10.20 51.49 -26.96
CA ARG A 2485 -10.24 52.39 -25.81
C ARG A 2485 -11.40 53.37 -25.91
N ASP A 2486 -11.74 53.81 -27.12
CA ASP A 2486 -12.73 54.85 -27.37
C ASP A 2486 -14.09 54.49 -26.77
N PRO A 2487 -14.51 55.18 -25.70
CA PRO A 2487 -15.82 54.86 -25.10
C PRO A 2487 -16.97 55.59 -25.76
N GLU A 2488 -16.71 56.78 -26.32
CA GLU A 2488 -17.73 57.59 -26.96
C GLU A 2488 -17.78 57.40 -28.47
N SER A 2489 -16.65 57.60 -29.16
CA SER A 2489 -16.60 57.31 -30.58
C SER A 2489 -16.60 55.80 -30.81
N GLU A 2490 -17.10 55.39 -31.97
CA GLU A 2490 -17.23 53.97 -32.33
C GLU A 2490 -18.15 53.25 -31.33
N THR A 2491 -19.31 53.86 -31.10
CA THR A 2491 -20.31 53.33 -30.18
C THR A 2491 -21.39 52.63 -31.00
N ASP A 2492 -21.32 51.29 -31.02
CA ASP A 2492 -22.28 50.48 -31.77
C ASP A 2492 -22.88 49.36 -30.94
N ASN A 2493 -22.76 49.43 -29.62
CA ASN A 2493 -23.27 48.45 -28.65
C ASN A 2493 -22.56 47.11 -28.75
N ASP A 2494 -21.62 46.93 -29.69
CA ASP A 2494 -20.81 45.73 -29.79
C ASP A 2494 -19.39 45.95 -29.31
N SER A 2495 -18.76 47.06 -29.70
CA SER A 2495 -17.43 47.39 -29.18
C SER A 2495 -17.47 47.61 -27.68
N GLN A 2496 -18.59 48.11 -27.16
CA GLN A 2496 -18.70 48.32 -25.71
C GLN A 2496 -18.65 47.00 -24.96
N GLU A 2497 -19.44 46.01 -25.40
CA GLU A 2497 -19.46 44.72 -24.73
C GLU A 2497 -18.13 43.99 -24.89
N ILE A 2498 -17.52 44.11 -26.07
CA ILE A 2498 -16.20 43.51 -26.30
C ILE A 2498 -15.18 44.10 -25.33
N PHE A 2499 -15.16 45.42 -25.22
CA PHE A 2499 -14.23 46.09 -24.30
C PHE A 2499 -14.50 45.69 -22.86
N LYS A 2500 -15.78 45.60 -22.47
CA LYS A 2500 -16.11 45.21 -21.11
C LYS A 2500 -15.62 43.80 -20.81
N LEU A 2501 -15.86 42.86 -21.72
CA LEU A 2501 -15.44 41.48 -21.49
C LEU A 2501 -13.91 41.38 -21.45
N ALA A 2502 -13.23 42.07 -22.37
CA ALA A 2502 -11.78 42.04 -22.38
C ALA A 2502 -11.21 42.63 -21.10
N LYS A 2503 -11.77 43.74 -20.62
CA LYS A 2503 -11.31 44.33 -19.38
C LYS A 2503 -11.56 43.41 -18.20
N ASP A 2504 -12.71 42.74 -18.17
CA ASP A 2504 -13.02 41.82 -17.08
C ASP A 2504 -12.02 40.67 -17.04
N VAL A 2505 -11.72 40.09 -18.20
CA VAL A 2505 -10.79 38.96 -18.19
C VAL A 2505 -9.36 39.43 -17.92
N LEU A 2506 -8.98 40.61 -18.38
CA LEU A 2506 -7.66 41.13 -18.05
C LEU A 2506 -7.53 41.42 -16.56
N ILE A 2507 -8.63 41.85 -15.92
CA ILE A 2507 -8.62 42.06 -14.48
C ILE A 2507 -8.50 40.72 -13.75
N GLN A 2508 -9.24 39.71 -14.23
CA GLN A 2508 -9.12 38.38 -13.64
C GLN A 2508 -7.71 37.82 -13.82
N GLY A 2509 -7.01 38.24 -14.89
CA GLY A 2509 -5.66 37.76 -15.11
C GLY A 2509 -4.64 38.25 -14.10
N LEU A 2510 -5.05 39.14 -13.20
CA LEU A 2510 -4.12 39.64 -12.19
C LEU A 2510 -3.84 38.62 -11.10
N ILE A 2511 -4.59 37.51 -11.05
CA ILE A 2511 -4.37 36.49 -10.05
C ILE A 2511 -3.98 35.18 -10.74
N ASP A 2512 -3.30 35.30 -11.89
CA ASP A 2512 -2.87 34.12 -12.63
C ASP A 2512 -1.90 33.29 -11.81
N GLU A 2513 -1.99 31.97 -11.97
CA GLU A 2513 -1.16 31.06 -11.19
C GLU A 2513 0.31 31.17 -11.57
N ASN A 2514 0.59 31.30 -12.87
CA ASN A 2514 1.96 31.42 -13.33
C ASN A 2514 2.52 32.77 -12.90
N PRO A 2515 3.65 32.82 -12.19
CA PRO A 2515 4.20 34.13 -11.79
C PRO A 2515 4.65 34.99 -12.94
N GLY A 2516 5.19 34.39 -14.01
CA GLY A 2516 5.62 35.19 -15.15
C GLY A 2516 4.46 35.82 -15.89
N LEU A 2517 3.40 35.06 -16.13
CA LEU A 2517 2.22 35.60 -16.80
C LEU A 2517 1.55 36.67 -15.94
N GLN A 2518 1.49 36.44 -14.62
CA GLN A 2518 0.93 37.45 -13.72
C GLN A 2518 1.78 38.72 -13.73
N LEU A 2519 3.11 38.58 -13.81
CA LEU A 2519 3.98 39.74 -13.91
C LEU A 2519 3.75 40.48 -15.21
N ILE A 2520 3.58 39.76 -16.32
CA ILE A 2520 3.28 40.39 -17.60
C ILE A 2520 1.98 41.19 -17.51
N ILE A 2521 0.95 40.59 -16.90
CA ILE A 2521 -0.34 41.25 -16.81
C ILE A 2521 -0.25 42.50 -15.93
N ARG A 2522 0.44 42.39 -14.79
CA ARG A 2522 0.54 43.54 -13.90
C ARG A 2522 1.42 44.64 -14.48
N ASN A 2523 2.41 44.30 -15.32
CA ASN A 2523 3.16 45.33 -16.02
C ASN A 2523 2.31 45.97 -17.13
N PHE A 2524 1.43 45.19 -17.74
CA PHE A 2524 0.47 45.76 -18.68
C PHE A 2524 -0.44 46.78 -18.00
N TRP A 2525 -0.93 46.44 -16.81
CA TRP A 2525 -1.81 47.36 -16.09
C TRP A 2525 -1.04 48.53 -15.50
N SER A 2526 0.19 48.29 -15.04
CA SER A 2526 0.97 49.35 -14.40
C SER A 2526 1.56 50.35 -15.38
N HIS A 2527 1.19 50.35 -16.66
CA HIS A 2527 1.72 51.30 -17.62
C HIS A 2527 1.11 52.68 -17.37
N GLU A 2528 1.84 53.73 -17.79
CA GLU A 2528 1.39 55.09 -17.52
C GLU A 2528 0.14 55.44 -18.32
N THR A 2529 -0.10 54.76 -19.43
CA THR A 2529 -1.27 55.07 -20.25
C THR A 2529 -2.56 54.62 -19.57
N ARG A 2530 -2.52 53.49 -18.87
CA ARG A 2530 -3.72 52.92 -18.27
C ARG A 2530 -3.85 53.22 -16.79
N LEU A 2531 -2.74 53.46 -16.08
CA LEU A 2531 -2.77 53.87 -14.69
C LEU A 2531 -1.92 55.12 -14.54
N PRO A 2532 -2.45 56.19 -13.95
CA PRO A 2532 -1.68 57.44 -13.82
C PRO A 2532 -0.46 57.24 -12.93
N SER A 2533 0.49 58.17 -13.09
CA SER A 2533 1.71 58.15 -12.28
C SER A 2533 1.58 58.92 -10.98
N ASN A 2534 0.62 59.83 -10.86
CA ASN A 2534 0.40 60.54 -9.61
C ASN A 2534 -0.15 59.58 -8.57
N THR A 2535 0.23 59.80 -7.31
CA THR A 2535 -0.18 58.90 -6.23
C THR A 2535 -1.68 58.96 -6.01
N LEU A 2536 -2.23 60.16 -5.85
CA LEU A 2536 -3.67 60.31 -5.61
C LEU A 2536 -4.47 59.87 -6.83
N ASP A 2537 -3.98 60.20 -8.02
CA ASP A 2537 -4.67 59.77 -9.24
C ASP A 2537 -4.66 58.25 -9.39
N ARG A 2538 -3.55 57.59 -9.06
CA ARG A 2538 -3.52 56.14 -9.11
C ARG A 2538 -4.42 55.53 -8.05
N LEU A 2539 -4.48 56.14 -6.87
CA LEU A 2539 -5.39 55.65 -5.84
C LEU A 2539 -6.84 55.78 -6.29
N LEU A 2540 -7.17 56.85 -6.99
CA LEU A 2540 -8.52 57.01 -7.55
C LEU A 2540 -8.79 55.99 -8.64
N ALA A 2541 -7.79 55.70 -9.48
CA ALA A 2541 -7.99 54.81 -10.61
C ALA A 2541 -8.00 53.34 -10.20
N LEU A 2542 -7.40 52.99 -9.06
CA LEU A 2542 -7.38 51.60 -8.64
C LEU A 2542 -8.77 51.04 -8.38
N ASN A 2543 -9.73 51.91 -8.03
CA ASN A 2543 -11.09 51.45 -7.81
C ASN A 2543 -11.74 50.94 -9.08
N SER A 2544 -11.27 51.38 -10.25
CA SER A 2544 -11.80 50.88 -11.51
C SER A 2544 -11.26 49.51 -11.86
N LEU A 2545 -10.12 49.11 -11.29
CA LEU A 2545 -9.55 47.79 -11.53
C LEU A 2545 -10.17 46.71 -10.66
N TYR A 2546 -11.22 47.02 -9.92
CA TYR A 2546 -11.90 46.04 -9.07
C TYR A 2546 -12.95 45.29 -9.86
N SER A 2547 -13.15 44.02 -9.50
CA SER A 2547 -14.18 43.18 -10.06
C SER A 2547 -14.55 42.18 -8.99
N PRO A 2548 -15.82 41.74 -8.93
CA PRO A 2548 -16.21 40.75 -7.92
C PRO A 2548 -15.50 39.42 -8.06
N LYS A 2549 -14.72 39.21 -9.11
CA LYS A 2549 -13.90 38.01 -9.25
C LYS A 2549 -12.65 38.07 -8.38
N ILE A 2550 -11.85 39.13 -8.51
CA ILE A 2550 -10.65 39.27 -7.70
C ILE A 2550 -10.97 40.06 -6.44
N GLU A 2551 -11.44 39.37 -5.41
CA GLU A 2551 -11.73 40.01 -4.12
C GLU A 2551 -10.78 39.57 -3.02
N VAL A 2552 -10.30 38.32 -3.07
CA VAL A 2552 -9.36 37.84 -2.06
C VAL A 2552 -7.99 38.50 -2.24
N HIS A 2553 -7.64 38.91 -3.45
CA HIS A 2553 -6.33 39.46 -3.75
C HIS A 2553 -6.37 40.93 -4.12
N PHE A 2554 -7.53 41.59 -4.04
CA PHE A 2554 -7.62 42.98 -4.49
C PHE A 2554 -6.78 43.91 -3.62
N LEU A 2555 -6.79 43.69 -2.30
CA LEU A 2555 -6.04 44.57 -1.41
C LEU A 2555 -4.54 44.45 -1.65
N SER A 2556 -4.04 43.22 -1.86
CA SER A 2556 -2.61 43.04 -2.12
C SER A 2556 -2.21 43.70 -3.44
N LEU A 2557 -3.03 43.54 -4.47
CA LEU A 2557 -2.73 44.16 -5.76
C LEU A 2557 -2.74 45.69 -5.65
N ALA A 2558 -3.70 46.24 -4.90
CA ALA A 2558 -3.75 47.69 -4.73
C ALA A 2558 -2.54 48.20 -3.97
N THR A 2559 -2.16 47.50 -2.90
CA THR A 2559 -0.97 47.91 -2.14
C THR A 2559 0.29 47.82 -3.00
N ASN A 2560 0.41 46.79 -3.83
CA ASN A 2560 1.57 46.67 -4.71
C ASN A 2560 1.59 47.80 -5.74
N PHE A 2561 0.45 48.08 -6.36
CA PHE A 2561 0.38 49.17 -7.33
C PHE A 2561 0.68 50.52 -6.70
N LEU A 2562 0.33 50.70 -5.42
CA LEU A 2562 0.62 51.96 -4.75
C LEU A 2562 2.09 52.05 -4.35
N LEU A 2563 2.67 50.95 -3.88
CA LEU A 2563 4.04 50.99 -3.38
C LEU A 2563 5.08 50.90 -4.49
N GLU A 2564 4.71 50.45 -5.68
CA GLU A 2564 5.69 50.42 -6.76
C GLU A 2564 6.05 51.81 -7.27
N MET A 2565 5.29 52.84 -6.92
CA MET A 2565 5.64 54.20 -7.29
C MET A 2565 6.72 54.80 -6.40
N THR A 2566 7.09 54.13 -5.31
CA THR A 2566 8.12 54.66 -4.42
C THR A 2566 9.51 54.55 -5.03
N SER A 2567 9.73 53.62 -5.96
CA SER A 2567 11.04 53.45 -6.57
C SER A 2567 11.48 54.68 -7.34
N MET A 2568 10.50 55.40 -7.91
CA MET A 2568 10.77 56.64 -8.68
C MET A 2568 10.68 57.85 -7.73
N SER A 2569 11.54 57.87 -6.71
CA SER A 2569 11.56 58.93 -5.71
C SER A 2569 13.00 59.20 -5.33
N PRO A 2570 13.38 60.45 -5.08
CA PRO A 2570 14.77 60.74 -4.72
C PRO A 2570 15.16 60.17 -3.37
N ASP A 2571 14.24 60.13 -2.41
CA ASP A 2571 14.56 59.62 -1.09
C ASP A 2571 14.56 58.10 -1.02
N TYR A 2572 14.15 57.43 -2.10
CA TYR A 2572 14.08 55.96 -2.10
C TYR A 2572 15.43 55.29 -1.88
N PRO A 2573 16.51 55.64 -2.58
CA PRO A 2573 17.80 54.99 -2.33
C PRO A 2573 18.58 55.55 -1.16
N ASN A 2574 18.15 56.66 -0.58
CA ASN A 2574 18.86 57.27 0.54
C ASN A 2574 18.61 56.47 1.81
N PRO A 2575 19.54 56.52 2.77
CA PRO A 2575 19.33 55.83 4.05
C PRO A 2575 18.26 56.51 4.89
N MET A 2576 17.54 55.68 5.65
CA MET A 2576 16.44 56.17 6.46
C MET A 2576 16.91 56.97 7.66
N PHE A 2577 18.14 56.78 8.11
CA PHE A 2577 18.68 57.49 9.26
C PHE A 2577 20.09 57.97 8.95
N GLU A 2578 20.42 59.17 9.40
CA GLU A 2578 21.71 59.77 9.07
C GLU A 2578 22.85 59.15 9.87
N HIS A 2579 22.79 59.25 11.19
CA HIS A 2579 23.92 58.81 11.98
C HIS A 2579 23.72 57.37 12.46
N PRO A 2580 24.81 56.59 12.51
CA PRO A 2580 24.71 55.23 13.04
C PRO A 2580 24.67 55.23 14.57
N LEU A 2581 24.46 54.04 15.13
CA LEU A 2581 24.39 53.90 16.57
C LEU A 2581 25.75 54.15 17.22
N SER A 2582 26.83 54.09 16.45
CA SER A 2582 28.16 54.29 17.02
C SER A 2582 28.39 55.72 17.49
N GLU A 2583 27.58 56.67 17.04
CA GLU A 2583 27.75 58.07 17.40
C GLU A 2583 26.43 58.69 17.85
N CYS A 2584 25.53 57.90 18.41
CA CYS A 2584 24.28 58.39 18.95
C CYS A 2584 24.31 58.38 20.47
N GLU A 2585 23.27 58.96 21.07
CA GLU A 2585 23.13 59.05 22.51
C GLU A 2585 22.07 58.07 22.98
N PHE A 2586 22.40 57.30 24.02
CA PHE A 2586 21.46 56.35 24.60
C PHE A 2586 20.44 57.12 25.45
N GLN A 2587 19.19 57.14 24.99
CA GLN A 2587 18.16 57.93 25.64
C GLN A 2587 17.76 57.27 26.95
N GLU A 2588 17.94 58.01 28.06
CA GLU A 2588 17.58 57.54 29.39
C GLU A 2588 16.28 58.18 29.81
N TYR A 2589 15.23 57.37 29.94
CA TYR A 2589 13.91 57.85 30.35
C TYR A 2589 13.88 58.05 31.86
N THR A 2590 14.59 59.09 32.30
CA THR A 2590 14.71 59.37 33.72
C THR A 2590 13.45 59.95 34.34
N ILE A 2591 12.57 60.53 33.52
CA ILE A 2591 11.37 61.18 34.05
C ILE A 2591 10.42 60.12 34.59
N ASP A 2592 10.20 60.15 35.91
CA ASP A 2592 9.26 59.24 36.56
C ASP A 2592 7.87 59.86 36.47
N SER A 2593 7.35 59.92 35.25
CA SER A 2593 6.05 60.50 34.97
C SER A 2593 4.97 59.43 35.16
N ASP A 2594 3.76 59.71 34.67
CA ASP A 2594 2.67 58.76 34.75
C ASP A 2594 3.02 57.43 34.10
N TRP A 2595 4.00 57.41 33.20
CA TRP A 2595 4.45 56.16 32.61
C TRP A 2595 5.09 55.26 33.66
N ARG A 2596 5.74 55.86 34.66
CA ARG A 2596 6.44 55.08 35.69
C ARG A 2596 5.44 54.29 36.54
N PHE A 2597 4.28 54.89 36.83
CA PHE A 2597 3.26 54.18 37.60
C PHE A 2597 2.80 52.93 36.86
N ARG A 2598 2.54 53.06 35.56
CA ARG A 2598 2.12 51.91 34.76
C ARG A 2598 3.23 50.88 34.64
N SER A 2599 4.48 51.32 34.52
CA SER A 2599 5.60 50.39 34.45
C SER A 2599 5.78 49.63 35.76
N THR A 2600 5.51 50.27 36.89
CA THR A 2600 5.60 49.58 38.18
C THR A 2600 4.43 48.62 38.36
N VAL A 2601 3.24 49.03 37.93
CA VAL A 2601 2.06 48.15 38.03
C VAL A 2601 2.25 46.92 37.16
N LEU A 2602 2.82 47.09 35.97
CA LEU A 2602 3.08 45.96 35.08
C LEU A 2602 4.01 44.96 35.74
N THR A 2603 5.22 45.40 36.08
CA THR A 2603 6.19 44.58 36.78
C THR A 2603 7.12 45.46 37.61
N PRO A 2604 7.17 45.26 38.92
CA PRO A 2604 8.03 46.12 39.76
C PRO A 2604 9.50 45.90 39.44
N MET A 2605 10.27 46.98 39.52
CA MET A 2605 11.70 46.96 39.32
C MET A 2605 12.41 47.21 40.64
N PHE A 2606 13.65 46.73 40.73
CA PHE A 2606 14.43 46.89 41.95
C PHE A 2606 14.78 48.36 42.16
N VAL A 2607 14.68 48.80 43.41
CA VAL A 2607 14.99 50.17 43.80
C VAL A 2607 16.37 50.18 44.45
N GLU A 2608 17.14 51.23 44.17
CA GLU A 2608 18.47 51.38 44.74
C GLU A 2608 18.42 51.37 46.27
N GLN A 2610 19.02 52.45 49.87
CA GLN A 2610 19.23 53.73 50.53
C GLN A 2610 20.51 53.74 51.35
N ALA A 2611 21.29 54.80 51.21
CA ALA A 2611 22.53 54.93 51.96
C ALA A 2611 22.22 55.17 53.43
N SER A 2612 23.02 54.56 54.31
CA SER A 2612 22.83 54.72 55.75
C SER A 2612 23.01 56.17 56.17
N GLN A 2613 24.16 56.75 55.85
CA GLN A 2613 24.42 58.16 56.14
C GLN A 2613 25.51 58.66 55.21
N GLY A 2614 25.51 59.96 54.95
CA GLY A 2614 26.50 60.56 54.08
C GLY A 2614 26.33 60.20 52.62
N PRO A 2630 37.69 56.78 28.30
CA PRO A 2630 37.44 58.02 29.02
C PRO A 2630 36.68 59.04 28.18
N VAL A 2631 36.37 58.67 26.93
CA VAL A 2631 35.65 59.53 26.01
C VAL A 2631 34.33 58.84 25.65
N ALA A 2632 33.51 59.53 24.87
CA ALA A 2632 32.23 59.00 24.42
C ALA A 2632 32.43 58.03 23.28
N GLY A 2633 31.67 56.95 23.30
CA GLY A 2633 31.81 55.91 22.29
C GLY A 2633 33.14 55.19 22.33
N GLN A 2634 33.72 55.04 23.53
CA GLN A 2634 35.03 54.42 23.71
C GLN A 2634 34.87 53.26 24.69
N ILE A 2635 34.94 52.04 24.17
CA ILE A 2635 34.78 50.83 24.98
C ILE A 2635 36.14 50.17 25.16
N ARG A 2636 36.20 49.25 26.12
CA ARG A 2636 37.43 48.52 26.37
C ARG A 2636 37.79 47.65 25.19
N ALA A 2637 39.09 47.43 25.00
CA ALA A 2637 39.58 46.58 23.93
C ALA A 2637 39.68 45.14 24.41
N GLN A 2639 41.47 42.07 25.41
CA GLN A 2639 42.82 41.72 25.86
C GLN A 2639 42.98 40.21 25.97
N GLN A 2640 44.15 39.78 26.45
CA GLN A 2640 44.45 38.37 26.64
C GLN A 2640 44.88 38.02 28.05
N GLN A 2641 45.29 39.00 28.85
CA GLN A 2641 45.72 38.72 30.21
C GLN A 2641 44.54 38.31 31.08
N HIS A 2642 44.61 37.10 31.64
CA HIS A 2642 43.58 36.57 32.52
C HIS A 2642 44.25 36.07 33.79
N ASP A 2643 43.85 36.63 34.94
CA ASP A 2643 44.38 36.19 36.22
C ASP A 2643 43.92 34.79 36.59
N PHE A 2644 42.83 34.30 36.01
CA PHE A 2644 42.38 32.94 36.21
C PHE A 2644 42.76 32.06 35.02
N LEU A 2646 42.29 29.12 32.44
CA LEU A 2646 41.17 28.40 31.84
C LEU A 2646 41.20 26.94 32.23
N GLN A 2648 41.30 23.44 31.75
CA GLN A 2648 41.63 22.53 30.67
C GLN A 2648 40.85 21.22 30.80
N THR A 2649 40.07 20.91 29.77
CA THR A 2649 39.28 19.69 29.77
C THR A 2649 39.88 18.64 28.83
N GLN A 2768 48.85 46.15 34.91
CA GLN A 2768 48.14 46.16 33.64
C GLN A 2768 47.09 47.25 33.59
N VAL A 2769 47.19 48.13 32.60
CA VAL A 2769 46.23 49.19 32.37
C VAL A 2769 45.24 48.74 31.31
N VAL A 2770 44.01 49.20 31.43
CA VAL A 2770 42.94 48.82 30.52
C VAL A 2770 43.05 49.64 29.24
N LEU A 2771 43.09 48.95 28.10
CA LEU A 2771 43.16 49.61 26.81
C LEU A 2771 41.76 49.74 26.22
N TYR A 2772 41.48 50.92 25.64
CA TYR A 2772 40.19 51.20 25.06
C TYR A 2772 40.28 51.24 23.53
N ARG A 2773 39.12 51.26 22.90
CA ARG A 2773 39.03 51.36 21.44
C ARG A 2773 37.68 51.97 21.08
N SER A 2774 37.42 52.09 19.79
CA SER A 2774 36.18 52.64 19.28
C SER A 2774 35.26 51.53 18.76
N TYR A 2775 34.00 51.87 18.56
CA TYR A 2775 33.03 50.91 18.06
C TYR A 2775 33.37 50.50 16.63
N ARG A 2776 33.49 49.20 16.40
CA ARG A 2776 33.71 48.67 15.06
C ARG A 2776 32.39 48.54 14.31
N HIS A 2777 32.41 47.88 13.17
CA HIS A 2777 31.22 47.78 12.33
C HIS A 2777 30.17 46.85 12.95
N GLY A 2778 30.56 45.60 13.22
CA GLY A 2778 29.62 44.60 13.71
C GLY A 2778 29.37 44.64 15.21
N ASP A 2779 29.72 45.74 15.86
CA ASP A 2779 29.49 45.84 17.30
C ASP A 2779 28.06 46.23 17.62
N LEU A 2780 27.56 47.27 16.96
CA LEU A 2780 26.22 47.78 17.17
C LEU A 2780 25.34 47.50 15.95
N PRO A 2781 24.01 47.47 16.14
CA PRO A 2781 23.11 47.26 14.99
C PRO A 2781 23.24 48.38 13.97
N ASP A 2782 23.03 48.01 12.71
CA ASP A 2782 23.15 48.93 11.58
C ASP A 2782 21.76 49.47 11.27
N ILE A 2783 21.46 50.67 11.78
CA ILE A 2783 20.16 51.30 11.55
C ILE A 2783 20.12 52.08 10.24
N GLN A 2784 21.24 52.22 9.54
CA GLN A 2784 21.29 52.98 8.29
C GLN A 2784 20.84 52.10 7.12
N ILE A 2785 19.61 51.63 7.22
CA ILE A 2785 19.00 50.84 6.15
C ILE A 2785 18.37 51.80 5.14
N LYS A 2786 18.08 51.29 3.95
CA LYS A 2786 17.48 52.09 2.89
C LYS A 2786 15.96 51.92 2.91
N HIS A 2787 15.27 52.87 2.30
CA HIS A 2787 13.81 52.81 2.23
C HIS A 2787 13.35 51.57 1.49
N SER A 2788 14.13 51.13 0.49
CA SER A 2788 13.78 49.90 -0.22
C SER A 2788 13.82 48.70 0.69
N SER A 2789 14.80 48.64 1.60
CA SER A 2789 14.92 47.50 2.51
C SER A 2789 13.73 47.37 3.45
N LEU A 2790 12.91 48.41 3.56
CA LEU A 2790 11.68 48.34 4.35
C LEU A 2790 10.44 48.21 3.48
N ILE A 2791 10.44 48.82 2.29
CA ILE A 2791 9.25 48.80 1.44
C ILE A 2791 9.11 47.45 0.74
N THR A 2792 10.22 46.87 0.28
CA THR A 2792 10.13 45.61 -0.45
C THR A 2792 9.60 44.46 0.41
N PRO A 2793 10.13 44.19 1.61
CA PRO A 2793 9.54 43.11 2.42
C PRO A 2793 8.13 43.42 2.88
N LEU A 2794 7.78 44.68 3.08
CA LEU A 2794 6.42 45.03 3.47
C LEU A 2794 5.42 44.63 2.39
N GLN A 2795 5.66 45.05 1.15
CA GLN A 2795 4.78 44.66 0.06
C GLN A 2795 4.90 43.18 -0.27
N ALA A 2796 6.02 42.53 0.08
CA ALA A 2796 6.13 41.10 -0.12
C ALA A 2796 5.21 40.35 0.85
N VAL A 2797 5.20 40.76 2.11
CA VAL A 2797 4.31 40.16 3.10
C VAL A 2797 2.85 40.50 2.78
N ALA A 2798 2.60 41.70 2.26
CA ALA A 2798 1.23 42.10 1.96
C ALA A 2798 0.61 41.21 0.87
N GLN A 2799 1.44 40.69 -0.03
CA GLN A 2799 0.94 39.84 -1.11
C GLN A 2799 0.57 38.44 -0.64
N ARG A 2800 0.96 38.05 0.58
CA ARG A 2800 0.73 36.70 1.05
C ARG A 2800 -0.09 36.63 2.33
N ASP A 2801 -0.38 37.75 2.98
CA ASP A 2801 -1.19 37.76 4.20
C ASP A 2801 -2.32 38.76 3.99
N PRO A 2802 -3.59 38.33 4.05
CA PRO A 2802 -4.69 39.27 3.85
C PRO A 2802 -4.83 40.30 4.95
N ILE A 2803 -4.45 39.97 6.19
CA ILE A 2803 -4.57 40.93 7.28
C ILE A 2803 -3.55 42.05 7.14
N ILE A 2804 -2.30 41.69 6.81
CA ILE A 2804 -1.27 42.70 6.59
C ILE A 2804 -1.64 43.55 5.38
N ALA A 2805 -2.20 42.94 4.34
CA ALA A 2805 -2.63 43.70 3.17
C ALA A 2805 -3.74 44.69 3.54
N LYS A 2806 -4.68 44.22 4.37
CA LYS A 2806 -5.83 45.05 4.81
C LYS A 2806 -5.31 46.25 5.61
N GLN A 2807 -4.37 46.03 6.54
CA GLN A 2807 -3.84 47.10 7.36
C GLN A 2807 -3.01 48.07 6.53
N LEU A 2808 -2.17 47.56 5.63
CA LEU A 2808 -1.34 48.42 4.79
C LEU A 2808 -2.19 49.27 3.86
N PHE A 2809 -3.22 48.68 3.26
CA PHE A 2809 -4.08 49.44 2.37
C PHE A 2809 -4.84 50.52 3.12
N SER A 2810 -5.37 50.20 4.30
CA SER A 2810 -6.06 51.21 5.09
C SER A 2810 -5.12 52.34 5.52
N SER A 2811 -3.91 52.00 5.94
CA SER A 2811 -2.95 53.03 6.34
C SER A 2811 -2.58 53.93 5.17
N LEU A 2812 -2.28 53.33 4.01
CA LEU A 2812 -1.93 54.12 2.83
C LEU A 2812 -3.09 55.00 2.39
N PHE A 2813 -4.31 54.47 2.44
CA PHE A 2813 -5.48 55.24 2.05
C PHE A 2813 -5.67 56.45 2.96
N SER A 2814 -5.61 56.22 4.28
CA SER A 2814 -5.75 57.33 5.22
C SER A 2814 -4.64 58.34 5.05
N GLY A 2815 -3.40 57.90 4.84
CA GLY A 2815 -2.31 58.84 4.67
C GLY A 2815 -2.44 59.68 3.41
N ILE A 2816 -2.83 59.04 2.30
CA ILE A 2816 -2.99 59.79 1.04
C ILE A 2816 -4.15 60.76 1.14
N LEU A 2817 -5.24 60.36 1.80
CA LEU A 2817 -6.37 61.27 1.96
C LEU A 2817 -6.03 62.41 2.91
N LYS A 2818 -5.13 62.17 3.85
CA LYS A 2818 -4.71 63.24 4.76
C LYS A 2818 -3.74 64.20 4.07
N GLU A 2819 -2.91 63.70 3.16
CA GLU A 2819 -1.92 64.56 2.51
C GLU A 2819 -2.56 65.48 1.49
N MET A 2820 -3.70 65.07 0.92
CA MET A 2820 -4.34 65.88 -0.12
C MET A 2820 -4.98 67.14 0.43
N ASP A 2821 -5.13 67.27 1.75
CA ASP A 2821 -5.70 68.48 2.31
C ASP A 2821 -4.79 69.68 2.10
N LYS A 2822 -3.48 69.49 2.28
CA LYS A 2822 -2.50 70.54 2.04
C LYS A 2822 -2.05 70.61 0.59
N PHE A 2823 -2.77 69.96 -0.32
CA PHE A 2823 -2.35 69.90 -1.72
C PHE A 2823 -3.41 70.30 -2.71
N LYS A 2824 -4.70 70.21 -2.38
CA LYS A 2824 -5.77 70.55 -3.32
C LYS A 2824 -6.73 71.52 -2.64
N THR A 2825 -7.72 71.96 -3.41
CA THR A 2825 -8.72 72.91 -2.94
C THR A 2825 -9.96 72.16 -2.44
N LEU A 2826 -10.93 72.93 -1.95
CA LEU A 2826 -12.11 72.34 -1.33
C LEU A 2826 -12.97 71.61 -2.36
N SER A 2827 -13.16 72.21 -3.54
CA SER A 2827 -14.01 71.58 -4.55
C SER A 2827 -13.40 70.30 -5.07
N GLU A 2828 -12.07 70.29 -5.28
CA GLU A 2828 -11.41 69.07 -5.75
C GLU A 2828 -11.49 67.96 -4.70
N LYS A 2829 -11.30 68.31 -3.42
CA LYS A 2829 -11.44 67.32 -2.36
C LYS A 2829 -12.86 66.78 -2.29
N ASN A 2830 -13.85 67.66 -2.46
CA ASN A 2830 -15.24 67.20 -2.45
C ASN A 2830 -15.52 66.25 -3.60
N ASN A 2831 -15.03 66.57 -4.79
CA ASN A 2831 -15.24 65.68 -5.94
C ASN A 2831 -14.54 64.34 -5.71
N ILE A 2832 -13.33 64.36 -5.17
CA ILE A 2832 -12.60 63.12 -4.92
C ILE A 2832 -13.32 62.27 -3.88
N THR A 2833 -13.83 62.90 -2.82
CA THR A 2833 -14.56 62.15 -1.80
C THR A 2833 -15.87 61.60 -2.33
N GLN A 2834 -16.55 62.33 -3.21
CA GLN A 2834 -17.77 61.81 -3.83
C GLN A 2834 -17.46 60.60 -4.71
N LYS A 2835 -16.39 60.69 -5.49
CA LYS A 2835 -16.00 59.55 -6.31
C LYS A 2835 -15.63 58.34 -5.45
N LEU A 2836 -14.96 58.61 -4.33
CA LEU A 2836 -14.56 57.54 -3.39
C LEU A 2836 -15.83 56.89 -2.82
N LEU A 2837 -16.80 57.70 -2.40
CA LEU A 2837 -18.05 57.19 -1.86
C LEU A 2837 -18.79 56.34 -2.89
N GLN A 2838 -18.80 56.80 -4.15
N GLN A 2838 -18.82 56.80 -4.15
CA GLN A 2838 -19.46 56.04 -5.20
CA GLN A 2838 -19.46 56.04 -5.20
C GLN A 2838 -18.76 54.71 -5.45
C GLN A 2838 -18.76 54.70 -5.45
N ASP A 2839 -17.42 54.72 -5.46
CA ASP A 2839 -16.68 53.48 -5.66
C ASP A 2839 -16.90 52.51 -4.51
N PHE A 2840 -16.99 53.01 -3.28
CA PHE A 2840 -17.21 52.13 -2.14
C PHE A 2840 -18.63 51.57 -2.14
N ASN A 2841 -19.61 52.38 -2.55
CA ASN A 2841 -20.97 51.88 -2.70
C ASN A 2841 -21.04 50.80 -3.78
N ARG A 2842 -20.30 51.01 -4.88
CA ARG A 2842 -20.27 50.00 -5.93
C ARG A 2842 -19.59 48.72 -5.45
N PHE A 2843 -18.55 48.85 -4.62
CA PHE A 2843 -17.89 47.68 -4.06
C PHE A 2843 -18.84 46.90 -3.16
N LEU A 2844 -19.53 47.60 -2.25
CA LEU A 2844 -20.41 46.93 -1.30
C LEU A 2844 -21.66 46.38 -1.98
N ASN A 2845 -22.07 46.96 -3.11
CA ASN A 2845 -23.28 46.52 -3.77
C ASN A 2845 -23.03 45.40 -4.78
N THR A 2846 -21.84 45.35 -5.37
CA THR A 2846 -21.51 44.35 -6.39
C THR A 2846 -20.44 43.43 -5.81
N THR A 2847 -20.90 42.39 -5.11
CA THR A 2847 -20.01 41.39 -4.53
C THR A 2847 -20.84 40.17 -4.16
N PHE A 2848 -20.21 38.99 -4.23
CA PHE A 2848 -20.87 37.75 -3.88
C PHE A 2848 -20.08 36.86 -2.93
N SER A 2849 -18.76 37.08 -2.79
CA SER A 2849 -17.97 36.29 -1.87
C SER A 2849 -17.91 36.88 -0.47
N PHE A 2850 -18.02 38.20 -0.34
CA PHE A 2850 -17.99 38.89 0.95
C PHE A 2850 -16.76 38.52 1.75
N PHE A 2851 -15.59 38.77 1.16
CA PHE A 2851 -14.32 38.51 1.82
C PHE A 2851 -14.23 39.37 3.07
N PRO A 2852 -14.12 38.77 4.26
CA PRO A 2852 -14.16 39.56 5.51
C PRO A 2852 -13.08 40.63 5.56
N PRO A 2853 -11.82 40.34 5.18
CA PRO A 2853 -10.83 41.42 5.19
C PRO A 2853 -11.17 42.57 4.27
N PHE A 2854 -11.69 42.30 3.08
CA PHE A 2854 -12.01 43.37 2.14
C PHE A 2854 -13.13 44.27 2.68
N VAL A 2855 -14.22 43.67 3.13
CA VAL A 2855 -15.35 44.44 3.64
C VAL A 2855 -14.95 45.22 4.89
N SER A 2856 -14.23 44.54 5.80
CA SER A 2856 -13.78 45.22 7.01
C SER A 2856 -12.85 46.38 6.70
N CYS A 2857 -11.96 46.22 5.71
CA CYS A 2857 -11.08 47.32 5.33
C CYS A 2857 -11.85 48.48 4.73
N ILE A 2858 -12.81 48.20 3.84
CA ILE A 2858 -13.59 49.27 3.25
C ILE A 2858 -14.34 50.04 4.33
N GLN A 2859 -14.98 49.32 5.25
CA GLN A 2859 -15.77 50.01 6.27
C GLN A 2859 -14.89 50.74 7.28
N ASP A 2860 -13.73 50.17 7.64
CA ASP A 2860 -12.82 50.87 8.54
C ASP A 2860 -12.23 52.11 7.89
N ILE A 2861 -12.00 52.08 6.58
CA ILE A 2861 -11.55 53.27 5.87
C ILE A 2861 -12.65 54.33 5.87
N SER A 2862 -13.89 53.90 5.63
CA SER A 2862 -15.00 54.84 5.64
C SER A 2862 -15.19 55.46 7.02
N CYS A 2863 -14.87 54.71 8.07
CA CYS A 2863 -15.02 55.23 9.43
C CYS A 2863 -14.09 56.40 9.73
N GLN A 2864 -12.89 56.41 9.13
CA GLN A 2864 -11.88 57.38 9.53
C GLN A 2864 -12.06 58.75 8.87
N HIS A 2865 -12.88 58.85 7.84
N HIS A 2865 -12.88 58.84 7.83
CA HIS A 2865 -13.09 60.09 7.11
CA HIS A 2865 -13.09 60.09 7.11
C HIS A 2865 -14.57 60.47 7.18
C HIS A 2865 -14.56 60.46 7.19
N ALA A 2866 -14.85 61.70 7.61
CA ALA A 2866 -16.22 62.16 7.74
C ALA A 2866 -16.93 62.30 6.40
N ALA A 2867 -16.21 62.35 5.29
CA ALA A 2867 -16.82 62.47 3.98
C ALA A 2867 -17.27 61.12 3.42
N LEU A 2868 -16.78 60.02 3.97
CA LEU A 2868 -17.16 58.69 3.53
C LEU A 2868 -18.16 58.01 4.46
N LEU A 2869 -18.61 58.69 5.51
CA LEU A 2869 -19.58 58.13 6.44
C LEU A 2869 -20.97 57.99 5.84
N SER A 2870 -21.20 58.51 4.62
CA SER A 2870 -22.51 58.47 3.99
C SER A 2870 -22.71 57.24 3.12
N LEU A 2871 -22.04 56.12 3.45
CA LEU A 2871 -22.25 54.88 2.73
C LEU A 2871 -23.71 54.44 2.85
N ASP A 2872 -24.14 53.62 1.90
CA ASP A 2872 -25.48 53.07 1.92
C ASP A 2872 -25.64 52.19 3.15
N PRO A 2873 -26.52 52.53 4.09
CA PRO A 2873 -26.64 51.71 5.31
C PRO A 2873 -27.09 50.28 5.03
N ALA A 2874 -27.99 50.10 4.07
CA ALA A 2874 -28.45 48.75 3.73
C ALA A 2874 -27.30 47.90 3.19
N ALA A 2875 -26.45 48.48 2.34
CA ALA A 2875 -25.32 47.73 1.80
C ALA A 2875 -24.33 47.36 2.90
N VAL A 2876 -24.04 48.31 3.80
CA VAL A 2876 -23.11 48.03 4.90
C VAL A 2876 -23.66 46.92 5.79
N SER A 2877 -24.95 47.00 6.12
CA SER A 2877 -25.55 45.97 6.97
C SER A 2877 -25.57 44.61 6.30
N ALA A 2878 -25.87 44.57 4.99
CA ALA A 2878 -25.87 43.29 4.28
C ALA A 2878 -24.47 42.70 4.21
N GLY A 2879 -23.46 43.53 3.97
CA GLY A 2879 -22.10 43.04 3.94
C GLY A 2879 -21.64 42.52 5.29
N CYS A 2880 -22.03 43.22 6.37
CA CYS A 2880 -21.64 42.76 7.70
C CYS A 2880 -22.38 41.50 8.11
N LEU A 2881 -23.63 41.33 7.67
CA LEU A 2881 -24.36 40.11 7.97
C LEU A 2881 -23.88 38.94 7.12
N ALA A 2882 -23.34 39.20 5.93
CA ALA A 2882 -22.86 38.13 5.08
C ALA A 2882 -21.42 37.74 5.41
N SER A 2883 -20.63 38.67 5.95
CA SER A 2883 -19.24 38.40 6.30
C SER A 2883 -19.02 38.22 7.79
N LEU A 2884 -20.09 38.24 8.59
CA LEU A 2884 -19.99 38.12 10.05
C LEU A 2884 -19.06 39.19 10.62
N GLN A 2885 -19.23 40.42 10.15
CA GLN A 2885 -18.46 41.57 10.58
C GLN A 2885 -19.38 42.63 11.18
N GLN A 2886 -20.29 42.21 12.05
CA GLN A 2886 -21.23 43.15 12.66
C GLN A 2886 -20.57 44.27 13.45
N PRO A 2887 -19.50 44.04 14.23
CA PRO A 2887 -18.94 45.16 15.01
C PRO A 2887 -18.42 46.32 14.17
N VAL A 2888 -17.76 46.05 13.04
CA VAL A 2888 -17.24 47.16 12.26
C VAL A 2888 -18.36 47.95 11.60
N GLY A 2889 -19.43 47.26 11.18
CA GLY A 2889 -20.60 47.98 10.68
C GLY A 2889 -21.31 48.77 11.75
N ILE A 2890 -21.36 48.25 12.98
CA ILE A 2890 -21.92 49.00 14.09
C ILE A 2890 -21.10 50.25 14.34
N ARG A 2891 -19.78 50.13 14.32
CA ARG A 2891 -18.91 51.30 14.47
C ARG A 2891 -19.15 52.32 13.37
N LEU A 2892 -19.27 51.85 12.12
CA LEU A 2892 -19.51 52.76 11.00
C LEU A 2892 -20.84 53.50 11.16
N LEU A 2893 -21.90 52.77 11.50
CA LEU A 2893 -23.21 53.40 11.65
C LEU A 2893 -23.23 54.35 12.84
N GLU A 2894 -22.52 54.02 13.93
CA GLU A 2894 -22.49 54.92 15.07
C GLU A 2894 -21.70 56.19 14.75
N GLU A 2895 -20.60 56.07 14.01
CA GLU A 2895 -19.85 57.25 13.61
C GLU A 2895 -20.65 58.09 12.63
N ALA A 2896 -21.47 57.45 11.79
CA ALA A 2896 -22.34 58.21 10.90
C ALA A 2896 -23.44 58.93 11.67
N LEU A 2897 -23.98 58.29 12.71
CA LEU A 2897 -25.01 58.94 13.52
C LEU A 2897 -24.45 60.03 14.41
N LEU A 2898 -23.16 59.97 14.75
CA LEU A 2898 -22.56 60.99 15.61
C LEU A 2898 -22.10 62.19 14.80
N ARG A 2899 -21.17 61.95 13.86
CA ARG A 2899 -20.55 63.02 13.04
C ARG A 2899 -21.59 63.71 12.15
N LEU A 2900 -22.43 62.95 11.45
CA LEU A 2900 -23.40 63.53 10.53
C LEU A 2900 -24.66 64.01 11.23
N LEU A 2901 -24.68 64.08 12.56
CA LEU A 2901 -25.85 64.58 13.27
C LEU A 2901 -26.17 66.03 12.93
N PRO A 2902 -25.22 66.98 12.96
CA PRO A 2902 -25.56 68.34 12.53
C PRO A 2902 -25.81 68.44 11.03
N ALA A 2903 -25.25 67.54 10.24
CA ALA A 2903 -25.45 67.55 8.79
C ALA A 2903 -26.83 67.01 8.43
N LEU A 2916 -38.06 57.95 3.87
CA LEU A 2916 -37.58 57.90 5.25
C LEU A 2916 -36.30 58.71 5.40
N PRO A 2917 -36.16 59.39 6.54
CA PRO A 2917 -34.94 60.17 6.80
C PRO A 2917 -33.72 59.26 6.83
N PRO A 2918 -32.53 59.79 6.53
CA PRO A 2918 -31.33 58.93 6.56
C PRO A 2918 -30.97 58.49 7.96
N ASP A 2919 -31.20 59.33 8.97
CA ASP A 2919 -30.90 58.94 10.34
C ASP A 2919 -31.78 57.78 10.79
N VAL A 2920 -33.05 57.79 10.39
CA VAL A 2920 -33.95 56.69 10.74
C VAL A 2920 -33.50 55.40 10.08
N LEU A 2921 -33.07 55.46 8.81
CA LEU A 2921 -32.57 54.27 8.14
C LEU A 2921 -31.31 53.74 8.80
N ARG A 2922 -30.39 54.64 9.18
CA ARG A 2922 -29.19 54.21 9.87
C ARG A 2922 -29.51 53.58 11.22
N TRP A 2923 -30.48 54.15 11.94
CA TRP A 2923 -30.88 53.56 13.23
C TRP A 2923 -31.49 52.19 13.03
N VAL A 2924 -32.30 52.01 11.98
CA VAL A 2924 -32.89 50.70 11.71
C VAL A 2924 -31.82 49.68 11.39
N GLU A 2925 -30.86 50.05 10.55
CA GLU A 2925 -29.79 49.11 10.20
C GLU A 2925 -28.92 48.79 11.42
N LEU A 2926 -28.68 49.78 12.27
CA LEU A 2926 -27.91 49.54 13.49
C LEU A 2926 -28.67 48.62 14.45
N ALA A 2927 -29.98 48.80 14.55
CA ALA A 2927 -30.79 47.92 15.38
C ALA A 2927 -30.74 46.48 14.84
N LYS A 2928 -30.80 46.33 13.52
CA LYS A 2928 -30.70 44.99 12.94
C LYS A 2928 -29.34 44.37 13.21
N LEU A 2929 -28.27 45.15 13.09
CA LEU A 2929 -26.94 44.63 13.38
C LEU A 2929 -26.80 44.23 14.85
N TYR A 2930 -27.39 45.01 15.75
CA TYR A 2930 -27.34 44.65 17.17
C TYR A 2930 -28.18 43.43 17.48
N ARG A 2931 -29.32 43.27 16.80
CA ARG A 2931 -30.13 42.06 16.98
C ARG A 2931 -29.39 40.83 16.47
N SER A 2932 -28.57 41.00 15.43
CA SER A 2932 -27.85 39.87 14.86
C SER A 2932 -26.78 39.32 15.80
N ILE A 2933 -26.39 40.05 16.84
CA ILE A 2933 -25.37 39.59 17.77
C ILE A 2933 -25.95 39.37 19.17
N GLY A 2934 -27.27 39.44 19.31
CA GLY A 2934 -27.91 39.13 20.58
C GLY A 2934 -27.87 40.24 21.61
N GLU A 2935 -27.61 41.48 21.20
CA GLU A 2935 -27.62 42.62 22.12
C GLU A 2935 -29.03 43.22 22.12
N TYR A 2936 -29.90 42.61 22.92
CA TYR A 2936 -31.30 43.01 22.97
C TYR A 2936 -31.55 44.22 23.87
N ASP A 2937 -30.69 44.45 24.86
CA ASP A 2937 -30.84 45.63 25.70
C ASP A 2937 -30.61 46.91 24.91
N VAL A 2938 -29.51 46.95 24.14
CA VAL A 2938 -29.26 48.09 23.27
C VAL A 2938 -30.34 48.20 22.21
N LEU A 2939 -30.87 47.05 21.76
CA LEU A 2939 -31.95 47.05 20.78
C LEU A 2939 -33.19 47.75 21.33
N ARG A 2940 -33.62 47.37 22.54
CA ARG A 2940 -34.77 48.02 23.16
C ARG A 2940 -34.48 49.48 23.47
N GLY A 2941 -33.25 49.81 23.84
CA GLY A 2941 -32.91 51.21 24.06
C GLY A 2941 -33.05 52.04 22.80
N ILE A 2942 -32.56 51.52 21.68
CA ILE A 2942 -32.72 52.21 20.40
C ILE A 2942 -34.20 52.36 20.05
N PHE A 2943 -34.97 51.29 20.21
CA PHE A 2943 -36.38 51.33 19.86
C PHE A 2943 -37.17 52.28 20.77
N THR A 2944 -36.70 52.49 22.00
CA THR A 2944 -37.39 53.43 22.89
C THR A 2944 -36.97 54.86 22.63
N SER A 2945 -35.71 55.09 22.25
CA SER A 2945 -35.20 56.45 22.17
C SER A 2945 -35.33 57.07 20.79
N GLU A 2946 -35.15 56.30 19.72
CA GLU A 2946 -35.08 56.88 18.38
C GLU A 2946 -36.22 56.41 17.48
N ILE A 2947 -36.50 55.12 17.48
CA ILE A 2947 -37.50 54.55 16.57
C ILE A 2947 -38.91 54.80 17.08
N GLY A 2948 -39.18 54.42 18.32
CA GLY A 2948 -40.53 54.58 18.85
C GLY A 2948 -40.84 56.03 19.16
N THR A 2949 -42.05 56.46 18.78
CA THR A 2949 -42.51 57.82 19.04
C THR A 2949 -43.83 57.88 19.80
N LYS A 2950 -44.59 56.78 19.86
CA LYS A 2950 -45.86 56.75 20.56
C LYS A 2950 -45.67 56.23 21.98
N GLN A 2951 -46.71 56.40 22.81
CA GLN A 2951 -46.70 55.86 24.16
C GLN A 2951 -47.05 54.38 24.18
N ILE A 2952 -47.82 53.91 23.20
CA ILE A 2952 -48.14 52.49 23.13
C ILE A 2952 -46.88 51.66 22.91
N THR A 2953 -45.94 52.18 22.12
CA THR A 2953 -44.67 51.49 21.92
C THR A 2953 -43.88 51.41 23.22
N GLN A 2954 -43.82 52.51 23.97
CA GLN A 2954 -43.12 52.51 25.24
C GLN A 2954 -43.75 51.51 26.21
N SER A 2955 -45.08 51.49 26.29
CA SER A 2955 -45.75 50.56 27.20
C SER A 2955 -45.51 49.11 26.78
N ALA A 2956 -45.57 48.83 25.48
CA ALA A 2956 -45.35 47.47 25.00
C ALA A 2956 -43.93 47.01 25.27
N LEU A 2957 -42.94 47.88 25.06
CA LEU A 2957 -41.56 47.50 25.33
C LEU A 2957 -41.32 47.34 26.82
N LEU A 2958 -41.97 48.17 27.65
CA LEU A 2958 -41.86 48.02 29.09
C LEU A 2958 -42.44 46.68 29.55
N ALA A 2959 -43.57 46.28 28.96
CA ALA A 2959 -44.16 45.00 29.31
C ALA A 2959 -43.31 43.84 28.81
N GLU A 2960 -42.68 44.00 27.64
CA GLU A 2960 -41.82 42.95 27.11
C GLU A 2960 -40.54 42.81 27.91
N ALA A 2961 -40.06 43.90 28.52
CA ALA A 2961 -38.86 43.82 29.35
C ALA A 2961 -39.07 42.96 30.60
N ARG A 2962 -40.29 42.91 31.12
CA ARG A 2962 -40.58 42.09 32.30
C ARG A 2962 -41.00 40.67 31.94
N SER A 2963 -40.69 40.20 30.73
CA SER A 2963 -41.07 38.87 30.26
C SER A 2963 -42.58 38.68 30.23
N ASP A 2964 -43.33 39.78 30.13
CA ASP A 2964 -44.79 39.73 30.00
C ASP A 2964 -45.15 39.84 28.52
N TYR A 2965 -44.91 38.76 27.80
CA TYR A 2965 -45.05 38.77 26.35
C TYR A 2965 -46.52 38.83 25.92
N SER A 2966 -47.44 38.39 26.78
CA SER A 2966 -48.85 38.44 26.41
C SER A 2966 -49.36 39.87 26.34
N GLU A 2967 -49.11 40.67 27.39
CA GLU A 2967 -49.51 42.06 27.37
C GLU A 2967 -48.79 42.83 26.27
N ALA A 2968 -47.51 42.52 26.04
CA ALA A 2968 -46.77 43.18 24.97
C ALA A 2968 -47.38 42.87 23.60
N ALA A 2969 -47.72 41.61 23.36
CA ALA A 2969 -48.35 41.24 22.10
C ALA A 2969 -49.70 41.90 21.93
N LYS A 2970 -50.47 42.00 23.02
CA LYS A 2970 -51.77 42.68 22.94
C LYS A 2970 -51.58 44.17 22.60
N GLN A 2971 -50.59 44.81 23.22
CA GLN A 2971 -50.34 46.23 22.93
C GLN A 2971 -49.88 46.40 21.49
N TYR A 2972 -49.02 45.49 20.99
CA TYR A 2972 -48.56 45.60 19.61
C TYR A 2972 -49.70 45.39 18.62
N ASP A 2973 -50.62 44.46 18.91
CA ASP A 2973 -51.76 44.25 18.05
C ASP A 2973 -52.68 45.47 18.06
N GLU A 2974 -52.89 46.05 19.25
CA GLU A 2974 -53.70 47.27 19.34
C GLU A 2974 -53.07 48.41 18.56
N ALA A 2975 -51.75 48.54 18.60
CA ALA A 2975 -51.08 49.60 17.86
C ALA A 2975 -51.14 49.36 16.36
N LEU A 2976 -51.00 48.11 15.92
CA LEU A 2976 -51.07 47.80 14.50
C LEU A 2976 -52.47 47.95 13.94
N ASN A 2977 -53.50 47.69 14.75
CA ASN A 2977 -54.88 47.81 14.30
C ASN A 2977 -55.51 49.16 14.61
N LYS A 2978 -54.76 50.09 15.19
CA LYS A 2978 -55.31 51.40 15.50
C LYS A 2978 -55.45 52.23 14.23
N GLN A 2979 -56.46 53.10 14.22
CA GLN A 2979 -56.73 53.95 13.06
C GLN A 2979 -56.82 55.42 13.45
N ASP A 2980 -57.21 55.68 14.70
CA ASP A 2980 -57.43 57.05 15.16
C ASP A 2980 -56.22 57.53 15.96
N TRP A 2981 -55.24 58.07 15.21
CA TRP A 2981 -54.06 58.67 15.81
C TRP A 2981 -54.29 60.16 15.98
N VAL A 2982 -54.29 60.63 17.22
CA VAL A 2982 -54.61 62.03 17.48
C VAL A 2982 -53.44 62.92 17.08
N ASP A 2983 -52.21 62.54 17.43
CA ASP A 2983 -51.05 63.36 17.12
C ASP A 2983 -50.67 63.24 15.65
N GLY A 2984 -50.39 62.03 15.19
CA GLY A 2984 -50.01 61.82 13.80
C GLY A 2984 -49.83 60.34 13.53
N GLU A 2985 -49.73 60.02 12.24
CA GLU A 2985 -49.57 58.64 11.83
C GLU A 2985 -48.16 58.15 12.16
N PRO A 2986 -48.03 56.91 12.62
CA PRO A 2986 -46.69 56.37 12.90
C PRO A 2986 -45.91 56.15 11.61
N THR A 2987 -44.58 56.16 11.75
CA THR A 2987 -43.70 55.96 10.62
C THR A 2987 -43.71 54.49 10.19
N GLU A 2988 -43.11 54.22 9.04
CA GLU A 2988 -43.03 52.85 8.54
C GLU A 2988 -42.08 51.99 9.36
N ALA A 2989 -40.96 52.57 9.80
CA ALA A 2989 -40.01 51.81 10.63
C ALA A 2989 -40.65 51.39 11.94
N GLU A 2990 -41.46 52.28 12.53
CA GLU A 2990 -42.13 51.93 13.79
C GLU A 2990 -43.12 50.80 13.59
N LYS A 2991 -43.85 50.81 12.47
CA LYS A 2991 -44.80 49.73 12.21
C LYS A 2991 -44.08 48.41 11.92
N ASP A 2992 -42.96 48.46 11.21
CA ASP A 2992 -42.19 47.25 10.99
C ASP A 2992 -41.63 46.70 12.30
N PHE A 2993 -41.17 47.59 13.19
CA PHE A 2993 -40.73 47.15 14.51
C PHE A 2993 -41.88 46.53 15.29
N TRP A 2994 -43.07 47.13 15.19
CA TRP A 2994 -44.25 46.55 15.86
C TRP A 2994 -44.52 45.14 15.34
N GLU A 2995 -44.46 44.95 14.02
CA GLU A 2995 -44.72 43.62 13.45
C GLU A 2995 -43.68 42.62 13.91
N LEU A 2996 -42.40 42.99 13.85
CA LEU A 2996 -41.34 42.06 14.25
C LEU A 2996 -41.40 41.75 15.75
N ALA A 2997 -41.74 42.73 16.58
CA ALA A 2997 -41.83 42.49 18.01
C ALA A 2997 -43.04 41.63 18.35
N SER A 2998 -44.15 41.81 17.62
CA SER A 2998 -45.29 40.91 17.80
C SER A 2998 -44.94 39.48 17.39
N LEU A 2999 -44.18 39.33 16.30
CA LEU A 2999 -43.69 38.01 15.93
C LEU A 2999 -42.84 37.39 17.04
N ASP A 3000 -41.93 38.20 17.61
CA ASP A 3000 -41.09 37.69 18.70
C ASP A 3000 -41.92 37.29 19.91
N CYS A 3001 -42.92 38.11 20.26
CA CYS A 3001 -43.76 37.79 21.42
C CYS A 3001 -44.57 36.53 21.19
N TYR A 3002 -45.09 36.34 19.97
CA TYR A 3002 -45.83 35.12 19.68
C TYR A 3002 -44.91 33.91 19.65
N ASN A 3003 -43.64 34.11 19.27
CA ASN A 3003 -42.67 33.02 19.32
C ASN A 3003 -42.35 32.63 20.76
N HIS A 3004 -42.23 33.62 21.64
CA HIS A 3004 -41.93 33.33 23.04
C HIS A 3004 -43.12 32.67 23.74
N LEU A 3005 -44.34 33.07 23.40
CA LEU A 3005 -45.53 32.51 24.02
C LEU A 3005 -45.92 31.16 23.45
N ALA A 3006 -45.18 30.64 22.48
CA ALA A 3006 -45.47 29.35 21.85
C ALA A 3006 -46.88 29.34 21.23
N GLU A 3007 -47.26 30.48 20.64
CA GLU A 3007 -48.52 30.60 19.92
C GLU A 3007 -48.23 30.36 18.44
N TRP A 3008 -48.18 29.09 18.07
CA TRP A 3008 -47.74 28.73 16.72
C TRP A 3008 -48.75 29.12 15.65
N LYS A 3009 -50.05 29.05 15.96
CA LYS A 3009 -51.05 29.44 14.98
C LYS A 3009 -51.01 30.95 14.73
N SER A 3010 -50.96 31.75 15.80
CA SER A 3010 -50.83 33.19 15.63
C SER A 3010 -49.52 33.55 14.95
N LEU A 3011 -48.46 32.81 15.24
CA LEU A 3011 -47.17 33.09 14.62
C LEU A 3011 -47.20 32.81 13.12
N GLU A 3012 -47.75 31.67 12.72
CA GLU A 3012 -47.85 31.37 11.29
C GLU A 3012 -48.85 32.27 10.58
N TYR A 3013 -49.84 32.81 11.30
CA TYR A 3013 -50.74 33.78 10.69
C TYR A 3013 -50.04 35.12 10.46
N CYS A 3014 -49.29 35.59 11.46
CA CYS A 3014 -48.64 36.89 11.35
C CYS A 3014 -47.41 36.85 10.44
N SER A 3015 -46.78 35.69 10.28
CA SER A 3015 -45.62 35.59 9.40
C SER A 3015 -46.00 35.46 7.93
N THR A 3016 -47.27 35.26 7.61
CA THR A 3016 -47.72 35.12 6.23
C THR A 3016 -48.86 36.06 5.87
N ALA A 3017 -49.40 36.82 6.81
CA ALA A 3017 -50.52 37.71 6.51
C ALA A 3017 -50.08 38.97 5.77
N SER A 3018 -48.78 39.22 5.66
CA SER A 3018 -48.26 40.42 5.03
C SER A 3018 -47.20 40.09 3.98
N ILE A 3019 -47.49 39.11 3.12
CA ILE A 3019 -46.58 38.74 2.04
C ILE A 3019 -47.34 38.67 0.73
N ASP A 3020 -48.67 38.63 0.80
CA ASP A 3020 -49.51 38.51 -0.37
C ASP A 3020 -50.81 39.30 -0.14
N SER A 3021 -51.60 39.40 -1.21
CA SER A 3021 -52.90 40.07 -1.14
C SER A 3021 -54.06 39.12 -0.98
N GLU A 3022 -53.95 37.89 -1.46
CA GLU A 3022 -55.01 36.90 -1.29
C GLU A 3022 -55.12 36.51 0.18
N ASN A 3023 -56.35 36.18 0.59
CA ASN A 3023 -56.59 35.85 1.99
C ASN A 3023 -55.89 34.54 2.37
N PRO A 3024 -55.93 33.49 1.55
CA PRO A 3024 -54.97 32.40 1.72
C PRO A 3024 -53.65 32.76 1.09
N PRO A 3025 -52.61 32.98 1.90
CA PRO A 3025 -51.35 33.50 1.36
C PRO A 3025 -50.60 32.46 0.54
N ASP A 3026 -49.91 32.95 -0.50
CA ASP A 3026 -49.03 32.13 -1.32
C ASP A 3026 -47.66 32.10 -0.66
N LEU A 3027 -47.26 30.92 -0.18
CA LEU A 3027 -46.02 30.80 0.57
C LEU A 3027 -44.80 31.08 -0.30
N ASN A 3028 -44.92 30.90 -1.61
CA ASN A 3028 -43.78 31.12 -2.50
C ASN A 3028 -43.45 32.59 -2.67
N LYS A 3029 -44.31 33.49 -2.16
CA LYS A 3029 -44.00 34.92 -2.22
C LYS A 3029 -42.84 35.27 -1.31
N ILE A 3030 -42.49 34.39 -0.38
CA ILE A 3030 -41.36 34.65 0.52
C ILE A 3030 -40.07 34.76 -0.28
N TRP A 3031 -39.90 33.90 -1.28
CA TRP A 3031 -38.67 33.88 -2.08
C TRP A 3031 -38.53 35.08 -3.00
N SER A 3032 -39.49 36.01 -3.00
CA SER A 3032 -39.39 37.18 -3.86
C SER A 3032 -38.49 38.25 -3.25
N GLU A 3033 -38.75 38.62 -2.00
CA GLU A 3033 -38.01 39.72 -1.39
C GLU A 3033 -36.96 39.18 -0.42
N PRO A 3034 -35.71 39.66 -0.49
CA PRO A 3034 -34.71 39.30 0.53
C PRO A 3034 -35.07 39.81 1.91
N PHE A 3035 -35.87 40.86 2.02
CA PHE A 3035 -36.39 41.28 3.32
C PHE A 3035 -37.36 40.25 3.88
N TYR A 3036 -38.22 39.70 3.03
CA TYR A 3036 -39.08 38.60 3.44
C TYR A 3036 -38.26 37.40 3.88
N GLN A 3037 -37.28 37.01 3.06
CA GLN A 3037 -36.45 35.84 3.33
C GLN A 3037 -35.69 35.95 4.64
N GLU A 3038 -35.54 37.16 5.16
CA GLU A 3038 -34.85 37.38 6.42
C GLU A 3038 -35.77 37.66 7.60
N THR A 3039 -36.98 38.17 7.36
CA THR A 3039 -37.89 38.50 8.44
C THR A 3039 -38.94 37.43 8.70
N TYR A 3040 -39.62 36.95 7.65
CA TYR A 3040 -40.76 36.07 7.83
C TYR A 3040 -40.44 34.59 7.62
N LEU A 3041 -39.35 34.27 6.92
CA LEU A 3041 -39.04 32.87 6.66
C LEU A 3041 -38.74 32.06 7.92
N PRO A 3042 -37.85 32.50 8.83
CA PRO A 3042 -37.56 31.67 10.01
C PRO A 3042 -38.77 31.43 10.88
N TYR A 3043 -39.56 32.47 11.18
CA TYR A 3043 -40.72 32.30 12.04
C TYR A 3043 -41.78 31.43 11.38
N MET A 3044 -41.98 31.58 10.07
CA MET A 3044 -42.94 30.75 9.37
C MET A 3044 -42.53 29.29 9.41
N ILE A 3045 -41.26 29.01 9.09
CA ILE A 3045 -40.78 27.63 9.13
C ILE A 3045 -40.89 27.05 10.54
N ARG A 3046 -40.54 27.84 11.55
CA ARG A 3046 -40.61 27.36 12.93
C ARG A 3046 -42.04 27.03 13.33
N SER A 3047 -42.99 27.92 13.00
CA SER A 3047 -44.38 27.68 13.35
C SER A 3047 -44.93 26.46 12.63
N LYS A 3048 -44.64 26.33 11.33
CA LYS A 3048 -45.12 25.17 10.58
C LYS A 3048 -44.54 23.88 11.15
N LEU A 3049 -43.25 23.88 11.48
CA LEU A 3049 -42.62 22.67 12.01
C LEU A 3049 -43.19 22.32 13.38
N LYS A 3050 -43.43 23.33 14.22
CA LYS A 3050 -44.02 23.06 15.53
C LYS A 3050 -45.42 22.48 15.39
N LEU A 3051 -46.22 23.03 14.48
CA LEU A 3051 -47.56 22.50 14.27
C LEU A 3051 -47.51 21.06 13.75
N LEU A 3052 -46.58 20.78 12.83
CA LEU A 3052 -46.46 19.42 12.30
C LEU A 3052 -46.03 18.44 13.39
N LEU A 3053 -45.07 18.85 14.22
CA LEU A 3053 -44.56 17.95 15.26
C LEU A 3053 -45.59 17.74 16.37
N GLN A 3054 -46.42 18.74 16.66
CA GLN A 3054 -47.41 18.61 17.71
C GLN A 3054 -48.59 17.73 17.32
N GLY A 3055 -48.66 17.27 16.08
CA GLY A 3055 -49.70 16.37 15.65
C GLY A 3055 -50.67 16.91 14.62
N GLU A 3056 -50.52 18.14 14.19
CA GLU A 3056 -51.42 18.71 13.20
C GLU A 3056 -51.11 18.12 11.83
N ALA A 3057 -51.97 18.42 10.86
CA ALA A 3057 -51.82 17.91 9.49
C ALA A 3057 -52.02 19.08 8.53
N ASP A 3058 -50.94 19.48 7.86
CA ASP A 3058 -50.98 20.59 6.91
C ASP A 3058 -49.92 20.37 5.85
N GLN A 3059 -50.35 20.24 4.59
CA GLN A 3059 -49.41 20.05 3.50
C GLN A 3059 -48.75 21.35 3.03
N SER A 3060 -48.94 22.44 3.76
CA SER A 3060 -48.36 23.72 3.36
C SER A 3060 -46.83 23.68 3.41
N LEU A 3061 -46.28 23.28 4.56
CA LEU A 3061 -44.82 23.28 4.71
C LEU A 3061 -44.15 22.26 3.80
N LEU A 3062 -44.76 21.08 3.64
CA LEU A 3062 -44.16 20.06 2.78
C LEU A 3062 -44.14 20.50 1.32
N THR A 3063 -45.25 21.06 0.84
CA THR A 3063 -45.29 21.55 -0.54
C THR A 3063 -44.33 22.73 -0.71
N PHE A 3064 -44.21 23.58 0.31
CA PHE A 3064 -43.27 24.70 0.25
C PHE A 3064 -41.83 24.19 0.13
N ILE A 3065 -41.47 23.20 0.94
CA ILE A 3065 -40.11 22.65 0.89
C ILE A 3065 -39.87 21.95 -0.45
N ASP A 3066 -40.89 21.25 -0.96
CA ASP A 3066 -40.74 20.58 -2.25
C ASP A 3066 -40.51 21.59 -3.37
N LYS A 3067 -41.27 22.68 -3.36
CA LYS A 3067 -41.10 23.70 -4.39
C LYS A 3067 -39.76 24.43 -4.26
N ALA A 3068 -39.28 24.62 -3.02
CA ALA A 3068 -38.05 25.36 -2.83
C ALA A 3068 -36.81 24.53 -3.13
N MET A 3069 -36.78 23.28 -2.66
CA MET A 3069 -35.62 22.43 -2.85
C MET A 3069 -35.35 22.09 -4.31
N HIS A 3070 -36.32 22.31 -5.21
CA HIS A 3070 -36.13 22.12 -6.63
C HIS A 3070 -35.58 23.36 -7.32
N GLY A 3071 -34.92 24.24 -6.57
CA GLY A 3071 -34.31 25.44 -7.13
C GLY A 3071 -32.88 25.60 -6.64
N GLU A 3072 -31.98 26.00 -7.54
CA GLU A 3072 -30.56 26.11 -7.20
C GLU A 3072 -30.32 27.12 -6.07
N LEU A 3073 -31.18 28.12 -5.93
CA LEU A 3073 -30.97 29.17 -4.93
C LEU A 3073 -31.62 28.82 -3.60
N GLN A 3074 -32.87 28.37 -3.61
CA GLN A 3074 -33.60 28.12 -2.37
C GLN A 3074 -33.04 26.91 -1.63
N LYS A 3075 -32.70 25.86 -2.38
CA LYS A 3075 -32.17 24.63 -1.80
C LYS A 3075 -30.85 24.89 -1.09
N ALA A 3076 -30.01 25.75 -1.67
CA ALA A 3076 -28.71 26.03 -1.10
C ALA A 3076 -28.78 26.76 0.23
N ILE A 3077 -29.87 27.48 0.50
CA ILE A 3077 -30.04 28.11 1.80
C ILE A 3077 -30.88 27.26 2.74
N LEU A 3078 -31.71 26.36 2.20
CA LEU A 3078 -32.45 25.45 3.06
C LEU A 3078 -31.53 24.39 3.65
N GLU A 3079 -30.54 23.94 2.88
CA GLU A 3079 -29.59 22.97 3.40
C GLU A 3079 -28.55 23.61 4.31
N LEU A 3080 -28.56 24.93 4.44
CA LEU A 3080 -27.54 25.65 5.20
C LEU A 3080 -28.02 26.10 6.58
N HIS A 3081 -29.21 26.67 6.68
CA HIS A 3081 -29.71 27.21 7.93
C HIS A 3081 -30.89 26.44 8.51
N TYR A 3082 -31.49 25.52 7.75
CA TYR A 3082 -32.66 24.78 8.20
C TYR A 3082 -32.49 23.29 8.00
N SER A 3083 -31.24 22.81 8.09
CA SER A 3083 -30.99 21.38 7.92
C SER A 3083 -31.59 20.56 9.04
N GLN A 3084 -31.65 21.12 10.26
CA GLN A 3084 -32.33 20.43 11.35
C GLN A 3084 -33.82 20.28 11.08
N GLU A 3085 -34.44 21.34 10.53
CA GLU A 3085 -35.84 21.27 10.17
C GLU A 3085 -36.08 20.25 9.07
N LEU A 3086 -35.17 20.17 8.10
CA LEU A 3086 -35.29 19.16 7.05
C LEU A 3086 -35.15 17.75 7.61
N SER A 3087 -34.22 17.56 8.55
CA SER A 3087 -34.07 16.27 9.19
C SER A 3087 -35.34 15.87 9.95
N LEU A 3088 -35.94 16.83 10.66
CA LEU A 3088 -37.19 16.55 11.37
C LEU A 3088 -38.32 16.25 10.40
N LEU A 3089 -38.38 16.94 9.26
CA LEU A 3089 -39.42 16.66 8.27
C LEU A 3089 -39.24 15.27 7.66
N TYR A 3090 -38.00 14.86 7.44
CA TYR A 3090 -37.75 13.52 6.91
C TYR A 3090 -38.06 12.46 7.95
N LEU A 3091 -37.80 12.75 9.23
CA LEU A 3091 -38.22 11.84 10.29
C LEU A 3091 -39.73 11.74 10.35
N LEU A 3092 -40.43 12.83 10.03
CA LEU A 3092 -41.88 12.79 10.00
C LEU A 3092 -42.39 11.91 8.85
N GLN A 3093 -41.64 11.83 7.75
CA GLN A 3093 -42.02 11.03 6.60
C GLN A 3093 -41.42 9.63 6.62
N ASP A 3094 -40.91 9.19 7.78
CA ASP A 3094 -40.35 7.86 7.95
C ASP A 3094 -39.19 7.62 6.98
N ASP A 3095 -38.32 8.62 6.86
CA ASP A 3095 -37.12 8.53 6.01
C ASP A 3095 -35.91 8.72 6.93
N VAL A 3096 -35.34 7.60 7.37
CA VAL A 3096 -34.27 7.67 8.37
C VAL A 3096 -32.94 8.02 7.72
N ASP A 3097 -32.68 7.53 6.50
CA ASP A 3097 -31.38 7.77 5.87
C ASP A 3097 -31.19 9.25 5.54
N ARG A 3098 -32.20 9.83 4.90
CA ARG A 3098 -32.17 11.27 4.53
C ARG A 3098 -32.09 12.11 5.82
N ALA A 3099 -32.82 11.70 6.86
CA ALA A 3099 -32.81 12.41 8.13
C ALA A 3099 -31.42 12.41 8.76
N LYS A 3100 -30.74 11.26 8.73
CA LYS A 3100 -29.38 11.19 9.27
C LYS A 3100 -28.42 12.02 8.43
N TYR A 3101 -28.57 11.98 7.09
CA TYR A 3101 -27.74 12.81 6.23
C TYR A 3101 -27.90 14.28 6.57
N TYR A 3102 -29.14 14.74 6.74
CA TYR A 3102 -29.38 16.14 7.02
C TYR A 3102 -28.99 16.54 8.43
N ILE A 3103 -29.06 15.62 9.40
CA ILE A 3103 -28.60 15.99 10.74
C ILE A 3103 -27.08 16.04 10.79
N GLN A 3104 -26.39 15.21 10.00
CA GLN A 3104 -24.95 15.35 9.89
C GLN A 3104 -24.58 16.65 9.18
N ASN A 3105 -25.34 17.02 8.15
CA ASN A 3105 -25.12 18.30 7.49
C ASN A 3105 -25.35 19.46 8.47
N GLY A 3106 -26.34 19.32 9.36
CA GLY A 3106 -26.58 20.34 10.36
C GLY A 3106 -25.48 20.44 11.38
N ILE A 3107 -24.92 19.30 11.80
CA ILE A 3107 -23.76 19.32 12.69
C ILE A 3107 -22.60 20.04 12.02
N GLN A 3108 -22.34 19.72 10.75
CA GLN A 3108 -21.25 20.38 10.04
C GLN A 3108 -21.50 21.88 9.89
N SER A 3109 -22.76 22.27 9.64
CA SER A 3109 -23.09 23.68 9.51
C SER A 3109 -22.92 24.41 10.83
N PHE A 3110 -23.33 23.78 11.93
CA PHE A 3110 -23.10 24.38 13.24
C PHE A 3110 -21.61 24.56 13.52
N MET A 3111 -20.80 23.55 13.17
CA MET A 3111 -19.36 23.66 13.35
C MET A 3111 -18.80 24.82 12.53
N GLN A 3112 -19.22 24.94 11.27
CA GLN A 3112 -18.73 26.01 10.40
C GLN A 3112 -19.14 27.37 10.93
N ASN A 3113 -20.36 27.50 11.45
CA ASN A 3113 -20.83 28.79 11.95
C ASN A 3113 -20.11 29.16 13.24
N TYR A 3114 -20.03 28.22 14.18
CA TYR A 3114 -19.40 28.49 15.47
C TYR A 3114 -17.92 28.79 15.30
N SER A 3115 -17.26 28.13 14.34
CA SER A 3115 -15.85 28.39 14.10
C SER A 3115 -15.60 29.75 13.48
N SER A 3116 -16.63 30.42 12.99
CA SER A 3116 -16.50 31.73 12.35
C SER A 3116 -16.89 32.89 13.26
N ILE A 3117 -17.65 32.63 14.33
CA ILE A 3117 -18.02 33.70 15.25
C ILE A 3117 -16.79 34.13 16.04
N ASP A 3118 -16.63 35.43 16.22
CA ASP A 3118 -15.49 35.96 16.95
C ASP A 3118 -15.55 35.53 18.41
N VAL A 3119 -14.37 35.45 19.03
CA VAL A 3119 -14.28 34.99 20.41
C VAL A 3119 -14.90 36.00 21.36
N LEU A 3120 -14.81 37.29 21.05
CA LEU A 3120 -15.28 38.33 21.95
C LEU A 3120 -16.80 38.44 21.97
N LEU A 3121 -17.49 37.89 20.97
CA LEU A 3121 -18.95 37.90 20.93
C LEU A 3121 -19.45 36.72 21.77
N HIS A 3122 -19.51 36.93 23.08
CA HIS A 3122 -19.85 35.85 23.99
C HIS A 3122 -21.33 35.47 23.88
N GLN A 3123 -22.21 36.46 23.76
CA GLN A 3123 -23.64 36.16 23.69
C GLN A 3123 -23.99 35.39 22.43
N SER A 3124 -23.38 35.76 21.29
CA SER A 3124 -23.63 35.05 20.05
C SER A 3124 -23.12 33.60 20.12
N ARG A 3125 -21.95 33.41 20.72
CA ARG A 3125 -21.42 32.06 20.88
C ARG A 3125 -22.31 31.22 21.79
N LEU A 3126 -22.84 31.82 22.86
CA LEU A 3126 -23.75 31.09 23.74
C LEU A 3126 -25.05 30.73 23.03
N THR A 3127 -25.60 31.67 22.27
CA THR A 3127 -26.82 31.41 21.52
C THR A 3127 -26.60 30.29 20.51
N LYS A 3128 -25.44 30.26 19.87
CA LYS A 3128 -25.14 29.20 18.91
C LYS A 3128 -24.92 27.87 19.62
N LEU A 3129 -24.36 27.91 20.83
CA LEU A 3129 -24.09 26.67 21.57
C LEU A 3129 -25.37 26.09 22.16
N GLN A 3130 -26.40 26.91 22.35
CA GLN A 3130 -27.63 26.43 22.96
C GLN A 3130 -28.44 25.47 22.08
N SER A 3131 -27.93 25.09 20.91
CA SER A 3131 -28.64 24.16 20.03
C SER A 3131 -27.94 22.81 19.89
N VAL A 3132 -26.76 22.65 20.50
CA VAL A 3132 -26.01 21.41 20.38
C VAL A 3132 -26.78 20.27 21.03
N GLN A 3133 -27.47 20.53 22.14
CA GLN A 3133 -28.22 19.47 22.80
C GLN A 3133 -29.35 18.98 21.92
N ALA A 3134 -30.08 19.90 21.27
CA ALA A 3134 -31.16 19.48 20.37
C ALA A 3134 -30.62 18.70 19.18
N LEU A 3135 -29.54 19.18 18.57
CA LEU A 3135 -28.95 18.48 17.44
C LEU A 3135 -28.51 17.07 17.83
N THR A 3136 -27.85 16.95 18.98
CA THR A 3136 -27.34 15.66 19.41
C THR A 3136 -28.47 14.72 19.80
N GLU A 3137 -29.55 15.26 20.39
CA GLU A 3137 -30.68 14.40 20.70
C GLU A 3137 -31.39 13.91 19.44
N ILE A 3138 -31.48 14.76 18.41
CA ILE A 3138 -32.04 14.31 17.14
C ILE A 3138 -31.19 13.19 16.54
N GLN A 3139 -29.86 13.39 16.52
CA GLN A 3139 -28.97 12.36 15.99
C GLN A 3139 -29.06 11.08 16.82
N GLU A 3140 -29.20 11.20 18.13
CA GLU A 3140 -29.30 10.04 19.00
C GLU A 3140 -30.60 9.28 18.75
N PHE A 3141 -31.71 9.98 18.55
CA PHE A 3141 -32.95 9.30 18.21
C PHE A 3141 -32.86 8.62 16.85
N ILE A 3142 -32.20 9.26 15.88
CA ILE A 3142 -32.02 8.64 14.58
C ILE A 3142 -31.22 7.36 14.70
N SER A 3143 -30.17 7.38 15.52
CA SER A 3143 -29.37 6.18 15.72
C SER A 3143 -30.12 5.12 16.50
N PHE A 3144 -30.99 5.53 17.42
CA PHE A 3144 -31.73 4.56 18.24
C PHE A 3144 -32.82 3.86 17.44
N ILE A 3145 -33.57 4.62 16.61
CA ILE A 3145 -34.65 4.03 15.84
C ILE A 3145 -34.16 3.20 14.66
N SER A 3146 -32.87 3.28 14.33
CA SER A 3146 -32.35 2.53 13.19
C SER A 3146 -32.16 1.06 13.53
N LYS A 3147 -31.56 0.76 14.68
CA LYS A 3147 -31.33 -0.63 15.06
C LYS A 3147 -32.64 -1.34 15.35
N GLN A 3148 -32.61 -2.67 15.24
CA GLN A 3148 -33.80 -3.49 15.44
C GLN A 3148 -33.89 -4.09 16.83
N GLY A 3149 -32.78 -4.20 17.55
CA GLY A 3149 -32.81 -4.79 18.88
C GLY A 3149 -33.51 -3.93 19.92
N ASN A 3150 -33.75 -2.66 19.60
CA ASN A 3150 -34.39 -1.77 20.57
C ASN A 3150 -35.91 -1.92 20.57
N LEU A 3151 -36.48 -2.44 19.49
CA LEU A 3151 -37.92 -2.60 19.38
C LEU A 3151 -38.42 -3.93 19.93
N SER A 3152 -37.51 -4.85 20.29
CA SER A 3152 -37.92 -6.14 20.81
C SER A 3152 -38.25 -6.05 22.30
N SER A 3153 -37.27 -5.69 23.11
CA SER A 3153 -37.46 -5.57 24.55
C SER A 3153 -37.74 -4.11 24.91
N GLN A 3154 -37.77 -3.82 26.21
CA GLN A 3154 -38.00 -2.46 26.70
C GLN A 3154 -36.83 -1.93 27.51
N VAL A 3155 -35.76 -2.70 27.66
CA VAL A 3155 -34.58 -2.26 28.41
C VAL A 3155 -33.91 -1.08 27.72
N PRO A 3156 -33.65 -1.11 26.41
CA PRO A 3156 -33.08 0.08 25.77
C PRO A 3156 -34.01 1.28 25.79
N LEU A 3157 -35.33 1.06 25.70
CA LEU A 3157 -36.26 2.18 25.80
C LEU A 3157 -36.21 2.81 27.18
N LYS A 3158 -36.16 1.99 28.23
CA LYS A 3158 -36.04 2.52 29.58
C LYS A 3158 -34.71 3.24 29.78
N ARG A 3159 -33.64 2.73 29.16
CA ARG A 3159 -32.35 3.41 29.25
C ARG A 3159 -32.41 4.77 28.57
N LEU A 3160 -33.04 4.85 27.40
CA LEU A 3160 -33.18 6.12 26.70
C LEU A 3160 -34.01 7.10 27.51
N LEU A 3161 -35.11 6.63 28.10
CA LEU A 3161 -35.95 7.49 28.93
C LEU A 3161 -35.21 7.96 30.18
N ASN A 3162 -34.35 7.12 30.75
CA ASN A 3162 -33.56 7.54 31.90
C ASN A 3162 -32.48 8.54 31.52
N THR A 3163 -31.90 8.40 30.33
CA THR A 3163 -30.93 9.39 29.88
C THR A 3163 -31.58 10.72 29.51
N TRP A 3164 -32.84 10.69 29.04
CA TRP A 3164 -33.53 11.92 28.70
C TRP A 3164 -34.00 12.64 29.96
N THR A 3165 -34.55 11.91 30.93
CA THR A 3165 -35.02 12.52 32.16
C THR A 3165 -33.90 12.99 33.07
N ASN A 3166 -32.64 12.72 32.72
CA ASN A 3166 -31.49 13.25 33.47
C ASN A 3166 -30.67 14.23 32.65
N ARG A 3167 -31.16 14.63 31.47
CA ARG A 3167 -30.47 15.59 30.60
C ARG A 3167 -31.47 16.69 30.24
N TYR A 3168 -31.57 17.69 31.10
CA TYR A 3168 -32.45 18.82 30.88
C TYR A 3168 -31.65 20.08 30.62
N PRO A 3169 -32.25 21.07 29.93
CA PRO A 3169 -31.57 22.37 29.79
C PRO A 3169 -31.45 23.09 31.12
N ASP A 3170 -30.73 24.20 31.15
CA ASP A 3170 -30.59 24.95 32.39
C ASP A 3170 -31.92 25.61 32.73
N ALA A 3171 -32.35 25.44 33.98
CA ALA A 3171 -33.67 25.89 34.39
C ALA A 3171 -33.78 27.41 34.45
N LYS A 3172 -32.66 28.13 34.52
CA LYS A 3172 -32.68 29.57 34.67
C LYS A 3172 -31.77 30.32 33.70
N MET A 3173 -30.88 29.63 32.99
CA MET A 3173 -29.99 30.29 32.05
C MET A 3173 -30.30 29.95 30.59
N ASP A 3174 -31.20 28.99 30.35
CA ASP A 3174 -31.61 28.68 28.99
C ASP A 3174 -32.99 29.28 28.75
N PRO A 3175 -33.17 30.08 27.69
CA PRO A 3175 -34.49 30.67 27.44
C PRO A 3175 -35.55 29.63 27.11
N MET A 3176 -36.81 30.04 27.05
CA MET A 3176 -37.90 29.09 26.86
C MET A 3176 -37.96 28.53 25.45
N ASN A 3177 -37.31 29.15 24.47
CA ASN A 3177 -37.31 28.58 23.13
C ASN A 3177 -36.49 27.29 23.06
N ILE A 3178 -35.36 27.23 23.76
CA ILE A 3178 -34.57 26.00 23.80
C ILE A 3178 -35.36 24.89 24.49
N TRP A 3179 -35.99 25.21 25.62
CA TRP A 3179 -36.84 24.24 26.31
C TRP A 3179 -37.96 23.75 25.41
N ASP A 3180 -38.62 24.67 24.70
CA ASP A 3180 -39.72 24.28 23.82
C ASP A 3180 -39.23 23.37 22.71
N ASP A 3181 -38.11 23.73 22.06
CA ASP A 3181 -37.56 22.88 21.01
C ASP A 3181 -37.25 21.48 21.52
N ILE A 3182 -36.55 21.39 22.66
CA ILE A 3182 -36.13 20.10 23.17
C ILE A 3182 -37.32 19.25 23.58
N ILE A 3183 -38.29 19.86 24.27
CA ILE A 3183 -39.45 19.10 24.74
C ILE A 3183 -40.31 18.64 23.57
N THR A 3184 -40.50 19.52 22.57
CA THR A 3184 -41.28 19.13 21.40
C THR A 3184 -40.59 18.02 20.63
N ASN A 3185 -39.27 18.10 20.48
CA ASN A 3185 -38.54 17.04 19.78
C ASN A 3185 -38.64 15.72 20.54
N ARG A 3186 -38.51 15.76 21.87
CA ARG A 3186 -38.61 14.53 22.64
C ARG A 3186 -40.01 13.93 22.57
N CYS A 3187 -41.04 14.77 22.61
CA CYS A 3187 -42.40 14.26 22.48
C CYS A 3187 -42.64 13.66 21.11
N PHE A 3188 -42.15 14.31 20.05
CA PHE A 3188 -42.28 13.76 18.71
C PHE A 3188 -41.54 12.43 18.57
N PHE A 3189 -40.36 12.34 19.19
CA PHE A 3189 -39.60 11.09 19.13
C PHE A 3189 -40.34 9.97 19.86
N LEU A 3190 -40.90 10.27 21.03
CA LEU A 3190 -41.65 9.26 21.77
C LEU A 3190 -42.90 8.85 21.01
N SER A 3191 -43.55 9.79 20.32
CA SER A 3191 -44.70 9.46 19.50
C SER A 3191 -44.31 8.53 18.35
N LYS A 3192 -43.19 8.83 17.69
CA LYS A 3192 -42.73 7.96 16.61
C LYS A 3192 -42.34 6.58 17.13
N ILE A 3193 -41.80 6.51 18.34
CA ILE A 3193 -41.45 5.22 18.94
C ILE A 3193 -42.72 4.43 19.23
N GLU A 3194 -43.71 5.07 19.85
CA GLU A 3194 -44.97 4.40 20.14
C GLU A 3194 -45.69 3.97 18.87
N GLU A 3195 -45.49 4.71 17.77
CA GLU A 3195 -46.13 4.38 16.50
C GLU A 3195 -45.55 3.11 15.87
N LYS A 3196 -44.38 2.66 16.30
CA LYS A 3196 -43.77 1.45 15.74
C LYS A 3196 -44.13 0.21 16.55
N LEU A 3197 -44.16 0.33 17.88
CA LEU A 3197 -44.50 -0.82 18.71
C LEU A 3197 -45.96 -1.25 18.52
N THR A 3198 -46.83 -0.31 18.16
CA THR A 3198 -48.23 -0.62 17.94
C THR A 3198 -48.79 0.17 16.75
N GLU A 3225 -46.29 -3.27 33.51
CA GLU A 3225 -46.25 -1.90 33.00
C GLU A 3225 -45.70 -1.88 31.58
N ASP A 3226 -46.59 -1.65 30.60
CA ASP A 3226 -46.22 -1.68 29.21
C ASP A 3226 -45.40 -0.43 28.84
N ILE A 3227 -45.00 -0.36 27.58
CA ILE A 3227 -44.15 0.74 27.14
C ILE A 3227 -44.95 2.02 26.93
N SER A 3228 -46.24 1.90 26.63
CA SER A 3228 -47.07 3.08 26.41
C SER A 3228 -47.21 3.90 27.70
N SER A 3229 -47.43 3.23 28.82
CA SER A 3229 -47.52 3.94 30.10
C SER A 3229 -46.20 4.60 30.46
N LEU A 3230 -45.07 3.94 30.17
CA LEU A 3230 -43.77 4.56 30.40
C LEU A 3230 -43.60 5.83 29.57
N ILE A 3231 -44.01 5.77 28.29
CA ILE A 3231 -43.91 6.94 27.43
C ILE A 3231 -44.79 8.07 27.94
N ARG A 3232 -46.02 7.75 28.35
CA ARG A 3232 -46.91 8.79 28.87
C ARG A 3232 -46.36 9.41 30.13
N SER A 3233 -45.82 8.58 31.05
CA SER A 3233 -45.24 9.12 32.28
C SER A 3233 -44.03 9.99 31.98
N CYS A 3234 -43.18 9.58 31.04
CA CYS A 3234 -42.02 10.39 30.69
C CYS A 3234 -42.44 11.71 30.09
N LYS A 3235 -43.43 11.70 29.19
CA LYS A 3235 -43.92 12.95 28.61
C LYS A 3235 -44.49 13.87 29.67
N PHE A 3236 -45.27 13.32 30.61
CA PHE A 3236 -45.84 14.13 31.66
C PHE A 3236 -44.76 14.74 32.55
N SER A 3237 -43.74 13.94 32.89
CA SER A 3237 -42.67 14.44 33.74
C SER A 3237 -41.87 15.53 33.04
N MET A 3238 -41.59 15.35 31.73
CA MET A 3238 -40.86 16.37 31.00
C MET A 3238 -41.67 17.65 30.89
N LYS A 3239 -42.98 17.51 30.68
CA LYS A 3239 -43.91 18.67 30.56
C LYS A 3239 -43.93 19.42 31.89
N MET A 3240 -43.95 18.69 33.02
CA MET A 3240 -43.96 19.31 34.34
C MET A 3240 -42.63 20.01 34.62
N LYS A 3241 -41.51 19.40 34.20
CA LYS A 3241 -40.22 20.05 34.37
C LYS A 3241 -40.14 21.32 33.56
N MET A 3242 -40.69 21.31 32.34
CA MET A 3242 -40.72 22.52 31.52
C MET A 3242 -41.58 23.60 32.16
N ILE A 3243 -42.69 23.21 32.78
CA ILE A 3243 -43.54 24.18 33.46
C ILE A 3243 -42.80 24.78 34.66
N ASP A 3244 -42.06 23.96 35.40
CA ASP A 3244 -41.26 24.48 36.49
C ASP A 3244 -40.21 25.46 36.00
N SER A 3245 -39.52 25.12 34.90
CA SER A 3245 -38.51 26.02 34.35
C SER A 3245 -39.13 27.32 33.86
N ALA A 3246 -40.34 27.26 33.29
CA ALA A 3246 -41.02 28.48 32.86
C ALA A 3246 -41.44 29.32 34.05
N ARG A 3247 -41.84 28.68 35.15
CA ARG A 3247 -42.18 29.44 36.36
C ARG A 3247 -40.95 30.12 36.94
N LYS A 3248 -39.80 29.43 36.91
CA LYS A 3248 -38.57 30.02 37.46
C LYS A 3248 -38.03 31.15 36.61
N GLN A 3249 -38.49 31.31 35.38
CA GLN A 3249 -38.02 32.37 34.49
C GLN A 3249 -39.07 33.46 34.27
N ASN A 3250 -40.05 33.56 35.16
CA ASN A 3250 -41.09 34.58 35.11
C ASN A 3250 -41.93 34.52 33.84
N ASN A 3251 -41.98 33.36 33.19
CA ASN A 3251 -42.86 33.16 32.03
C ASN A 3251 -44.19 32.57 32.50
N PHE A 3252 -44.98 33.44 33.13
CA PHE A 3252 -46.21 33.00 33.76
C PHE A 3252 -47.29 32.64 32.74
N SER A 3253 -47.36 33.38 31.63
CA SER A 3253 -48.37 33.08 30.62
C SER A 3253 -48.11 31.74 29.96
N LEU A 3254 -46.85 31.47 29.58
CA LEU A 3254 -46.52 30.17 29.01
C LEU A 3254 -46.73 29.06 30.03
N ALA A 3255 -46.44 29.32 31.30
CA ALA A 3255 -46.66 28.31 32.33
C ALA A 3255 -48.13 27.98 32.47
N MET A 3256 -49.00 29.00 32.46
CA MET A 3256 -50.43 28.76 32.52
C MET A 3256 -50.92 28.01 31.29
N LYS A 3257 -50.42 28.38 30.11
CA LYS A 3257 -50.83 27.70 28.89
C LYS A 3257 -50.42 26.24 28.89
N LEU A 3258 -49.25 25.93 29.46
CA LEU A 3258 -48.80 24.54 29.53
C LEU A 3258 -49.51 23.77 30.63
N LEU A 3259 -49.92 24.45 31.71
CA LEU A 3259 -50.67 23.78 32.76
C LEU A 3259 -52.10 23.47 32.32
N LYS A 3260 -52.70 24.34 31.50
CA LYS A 3260 -54.06 24.09 31.04
C LYS A 3260 -54.13 22.88 30.12
N GLU A 3261 -53.06 22.63 29.36
CA GLU A 3261 -53.07 21.48 28.44
C GLU A 3261 -52.90 20.16 29.20
N LEU A 3262 -52.32 20.20 30.39
CA LEU A 3262 -52.10 19.00 31.18
C LEU A 3262 -53.17 18.77 32.24
N HIS A 3263 -54.17 19.66 32.34
CA HIS A 3263 -55.16 19.52 33.40
C HIS A 3263 -56.03 18.29 33.18
N LYS A 3264 -56.33 17.96 31.92
CA LYS A 3264 -57.23 16.84 31.63
C LYS A 3264 -56.56 15.50 31.97
N GLU A 3265 -55.35 15.29 31.45
CA GLU A 3265 -54.68 14.00 31.66
C GLU A 3265 -54.12 13.84 33.07
N SER A 3266 -53.98 14.93 33.82
CA SER A 3266 -53.50 14.81 35.20
C SER A 3266 -54.53 14.20 36.12
N LYS A 3267 -55.81 14.32 35.79
CA LYS A 3267 -56.86 13.73 36.62
C LYS A 3267 -57.09 12.25 36.33
N THR A 3268 -56.43 11.71 35.30
CA THR A 3268 -56.61 10.29 35.00
C THR A 3268 -55.98 9.42 36.08
N ARG A 3269 -54.74 9.72 36.47
CA ARG A 3269 -54.08 9.01 37.55
C ARG A 3269 -54.29 9.78 38.85
N ASP A 3270 -53.62 9.34 39.91
CA ASP A 3270 -53.78 9.94 41.23
C ASP A 3270 -52.60 10.83 41.61
N ASP A 3271 -51.37 10.35 41.42
CA ASP A 3271 -50.21 11.16 41.74
C ASP A 3271 -50.00 12.31 40.76
N TRP A 3272 -50.53 12.19 39.54
CA TRP A 3272 -50.41 13.27 38.57
C TRP A 3272 -51.26 14.47 38.99
N LEU A 3273 -52.43 14.21 39.57
CA LEU A 3273 -53.31 15.30 39.99
C LEU A 3273 -52.67 16.11 41.11
N VAL A 3274 -52.05 15.44 42.08
CA VAL A 3274 -51.42 16.15 43.18
C VAL A 3274 -50.25 16.99 42.68
N SER A 3275 -49.42 16.42 41.79
CA SER A 3275 -48.30 17.17 41.24
C SER A 3275 -48.77 18.37 40.44
N TRP A 3276 -49.83 18.19 39.65
CA TRP A 3276 -50.38 19.30 38.87
C TRP A 3276 -50.91 20.41 39.77
N VAL A 3277 -51.63 20.04 40.82
CA VAL A 3277 -52.17 21.04 41.75
C VAL A 3277 -51.04 21.78 42.45
N GLN A 3278 -49.99 21.04 42.85
CA GLN A 3278 -48.87 21.70 43.52
C GLN A 3278 -48.11 22.63 42.57
N SER A 3279 -47.95 22.23 41.31
CA SER A 3279 -47.31 23.13 40.34
C SER A 3279 -48.15 24.36 40.10
N TYR A 3280 -49.47 24.21 40.00
CA TYR A 3280 -50.35 25.36 39.83
C TYR A 3280 -50.27 26.30 41.03
N CYS A 3281 -50.20 25.74 42.24
CA CYS A 3281 -50.12 26.56 43.43
C CYS A 3281 -48.78 27.29 43.51
N ARG A 3282 -47.69 26.62 43.13
CA ARG A 3282 -46.39 27.28 43.09
C ARG A 3282 -46.38 28.41 42.05
N LEU A 3283 -47.04 28.18 40.90
CA LEU A 3283 -47.13 29.23 39.89
C LEU A 3283 -47.93 30.42 40.40
N SER A 3284 -49.05 30.15 41.09
CA SER A 3284 -49.85 31.25 41.63
C SER A 3284 -49.11 31.99 42.74
N HIS A 3285 -48.26 31.29 43.50
CA HIS A 3285 -47.47 31.96 44.52
C HIS A 3285 -46.39 32.84 43.91
N CYS A 3286 -45.70 32.32 42.89
CA CYS A 3286 -44.66 33.11 42.23
C CYS A 3286 -45.25 34.30 41.49
N ARG A 3287 -46.46 34.14 40.95
CA ARG A 3287 -47.12 35.24 40.26
C ARG A 3287 -47.55 36.32 41.25
N SER A 3288 -47.86 35.95 42.49
CA SER A 3288 -48.37 36.88 43.48
C SER A 3288 -47.24 37.57 44.26
N ARG A 3289 -46.29 38.13 43.53
CA ARG A 3289 -45.21 38.92 44.12
C ARG A 3289 -45.06 40.30 43.53
N SER A 3290 -45.32 40.46 42.23
CA SER A 3290 -45.24 41.76 41.56
C SER A 3290 -46.62 42.36 41.32
N GLN A 3291 -47.59 42.03 42.18
CA GLN A 3291 -48.95 42.52 42.06
C GLN A 3291 -49.34 43.28 43.32
N GLY A 3292 -50.45 44.01 43.23
CA GLY A 3292 -50.96 44.72 44.39
C GLY A 3292 -51.61 43.80 45.40
N CYS A 3293 -51.77 44.32 46.61
CA CYS A 3293 -52.35 43.52 47.69
C CYS A 3293 -53.78 43.11 47.37
N SER A 3294 -54.50 43.91 46.58
CA SER A 3294 -55.85 43.54 46.20
C SER A 3294 -55.88 42.43 45.15
N GLU A 3295 -54.83 42.33 44.34
CA GLU A 3295 -54.77 41.31 43.31
C GLU A 3295 -54.08 40.03 43.78
N GLN A 3296 -53.18 40.13 44.76
CA GLN A 3296 -52.54 38.93 45.29
C GLN A 3296 -53.56 38.00 45.94
N VAL A 3297 -54.47 38.57 46.74
CA VAL A 3297 -55.51 37.77 47.37
C VAL A 3297 -56.38 37.08 46.32
N LEU A 3298 -56.73 37.82 45.26
CA LEU A 3298 -57.54 37.25 44.20
C LEU A 3298 -56.83 36.12 43.49
N THR A 3299 -55.53 36.28 43.21
CA THR A 3299 -54.82 35.26 42.44
C THR A 3299 -54.43 34.06 43.29
N VAL A 3300 -54.40 34.21 44.62
CA VAL A 3300 -54.10 33.07 45.49
C VAL A 3300 -55.33 32.42 46.08
N LEU A 3301 -56.51 33.04 45.98
CA LEU A 3301 -57.72 32.41 46.49
C LEU A 3301 -58.10 31.18 45.68
N LYS A 3302 -57.64 31.10 44.43
CA LYS A 3302 -57.95 29.95 43.60
C LYS A 3302 -57.18 28.70 44.01
N THR A 3303 -56.23 28.83 44.94
CA THR A 3303 -55.38 27.71 45.31
C THR A 3303 -55.89 26.93 46.51
N VAL A 3304 -56.63 27.58 47.42
CA VAL A 3304 -57.04 26.89 48.64
C VAL A 3304 -58.03 25.77 48.33
N SER A 3305 -58.96 26.00 47.40
CA SER A 3305 -59.93 24.97 47.05
C SER A 3305 -59.25 23.74 46.48
N LEU A 3306 -58.15 23.93 45.74
CA LEU A 3306 -57.42 22.79 45.19
C LEU A 3306 -56.53 22.15 46.26
N LEU A 3307 -56.07 22.94 47.23
CA LEU A 3307 -55.16 22.42 48.24
C LEU A 3307 -55.88 21.58 49.28
N ASP A 3308 -56.96 22.11 49.87
CA ASP A 3308 -57.68 21.40 50.92
C ASP A 3308 -58.76 20.47 50.38
N GLU A 3309 -58.63 20.04 49.12
CA GLU A 3309 -59.58 19.09 48.57
C GLU A 3309 -59.53 17.77 49.33
N ASN A 3310 -60.66 17.07 49.37
CA ASN A 3310 -60.80 15.89 50.21
C ASN A 3310 -60.76 14.58 49.43
N ASN A 3311 -60.88 14.60 48.10
CA ASN A 3311 -60.87 13.35 47.35
C ASN A 3311 -59.46 12.77 47.23
N VAL A 3312 -58.43 13.62 47.29
CA VAL A 3312 -57.05 13.17 47.19
C VAL A 3312 -56.49 12.94 48.58
N SER A 3313 -57.34 13.07 49.60
CA SER A 3313 -56.89 12.82 50.97
C SER A 3313 -56.45 11.37 51.16
N SER A 3314 -57.03 10.44 50.41
CA SER A 3314 -56.61 9.05 50.48
C SER A 3314 -55.18 8.90 50.00
N TYR A 3315 -54.83 9.57 48.91
CA TYR A 3315 -53.46 9.53 48.42
C TYR A 3315 -52.52 10.26 49.37
N LEU A 3316 -52.96 11.38 49.93
CA LEU A 3316 -52.11 12.14 50.84
C LEU A 3316 -51.84 11.37 52.13
N SER A 3317 -52.79 10.55 52.56
CA SER A 3317 -52.62 9.75 53.77
C SER A 3317 -51.69 8.57 53.58
N LYS A 3318 -51.24 8.28 52.35
CA LYS A 3318 -50.31 7.20 52.09
C LYS A 3318 -48.96 7.68 51.56
N ASN A 3319 -48.85 8.92 51.12
CA ASN A 3319 -47.60 9.49 50.64
C ASN A 3319 -47.26 10.69 51.52
N ILE A 3320 -46.18 10.58 52.30
CA ILE A 3320 -45.84 11.61 53.27
C ILE A 3320 -45.12 12.79 52.64
N LEU A 3321 -44.69 12.67 51.39
CA LEU A 3321 -44.03 13.78 50.70
C LEU A 3321 -45.03 14.72 50.04
N ALA A 3322 -46.01 14.15 49.31
CA ALA A 3322 -47.04 14.98 48.71
C ALA A 3322 -47.88 15.70 49.76
N PHE A 3323 -48.16 15.03 50.88
CA PHE A 3323 -48.85 15.68 51.99
C PHE A 3323 -48.03 16.84 52.55
N ARG A 3324 -46.71 16.63 52.69
CA ARG A 3324 -45.84 17.69 53.16
C ARG A 3324 -45.87 18.89 52.22
N ASP A 3325 -45.78 18.64 50.92
CA ASP A 3325 -45.80 19.74 49.96
C ASP A 3325 -47.14 20.45 49.95
N GLN A 3326 -48.24 19.70 50.07
CA GLN A 3326 -49.56 20.31 50.14
C GLN A 3326 -49.68 21.23 51.35
N ASN A 3327 -49.21 20.74 52.50
CA ASN A 3327 -49.24 21.54 53.76
C ASN A 3327 -48.39 22.80 53.59
N ILE A 3328 -47.20 22.66 53.01
CA ILE A 3328 -46.31 23.79 52.79
C ILE A 3328 -46.99 24.85 51.92
N LEU A 3329 -47.59 24.41 50.81
CA LEU A 3329 -48.22 25.36 49.90
C LEU A 3329 -49.43 26.02 50.54
N LEU A 3330 -50.20 25.27 51.34
CA LEU A 3330 -51.36 25.86 52.00
C LEU A 3330 -50.94 26.89 53.05
N GLY A 3331 -49.92 26.57 53.84
CA GLY A 3331 -49.40 27.55 54.78
C GLY A 3331 -48.85 28.78 54.08
N THR A 3332 -48.19 28.59 52.95
CA THR A 3332 -47.67 29.73 52.19
C THR A 3332 -48.81 30.59 51.66
N THR A 3333 -49.89 29.97 51.17
CA THR A 3333 -51.03 30.73 50.69
C THR A 3333 -51.66 31.54 51.82
N TYR A 3334 -51.85 30.91 52.98
CA TYR A 3334 -52.41 31.64 54.12
C TYR A 3334 -51.51 32.78 54.56
N ARG A 3335 -50.19 32.55 54.54
CA ARG A 3335 -49.24 33.61 54.90
C ARG A 3335 -49.32 34.76 53.92
N ILE A 3336 -49.44 34.46 52.62
CA ILE A 3336 -49.53 35.51 51.62
C ILE A 3336 -50.81 36.32 51.80
N ILE A 3337 -51.93 35.64 52.07
CA ILE A 3337 -53.18 36.37 52.28
C ILE A 3337 -53.08 37.25 53.53
N ALA A 3338 -52.51 36.72 54.61
CA ALA A 3338 -52.40 37.50 55.83
C ALA A 3338 -51.48 38.70 55.65
N ASN A 3339 -50.37 38.53 54.91
CA ASN A 3339 -49.47 39.65 54.67
C ASN A 3339 -50.13 40.71 53.78
N ALA A 3340 -50.89 40.27 52.77
CA ALA A 3340 -51.60 41.21 51.92
C ALA A 3340 -52.63 42.00 52.71
N LEU A 3341 -53.31 41.34 53.65
CA LEU A 3341 -54.30 42.04 54.47
C LEU A 3341 -53.62 42.99 55.45
N SER A 3342 -52.49 42.58 56.01
CA SER A 3342 -51.78 43.42 56.97
C SER A 3342 -51.11 44.62 56.32
N SER A 3343 -50.69 44.51 55.05
CA SER A 3343 -50.08 45.63 54.37
C SER A 3343 -51.11 46.66 53.90
N GLU A 3344 -52.33 46.22 53.57
CA GLU A 3344 -53.42 47.12 53.18
C GLU A 3344 -54.71 46.60 53.79
N PRO A 3345 -55.06 47.05 54.99
CA PRO A 3345 -56.30 46.59 55.61
C PRO A 3345 -57.55 47.02 54.87
N ALA A 3346 -57.49 48.10 54.10
CA ALA A 3346 -58.66 48.55 53.36
C ALA A 3346 -58.84 47.77 52.05
N CYS A 3347 -57.85 46.96 51.68
CA CYS A 3347 -57.95 46.21 50.43
C CYS A 3347 -59.01 45.12 50.48
N LEU A 3348 -59.47 44.73 51.68
CA LEU A 3348 -60.52 43.72 51.78
C LEU A 3348 -61.84 44.23 51.22
N ALA A 3349 -62.09 45.54 51.34
CA ALA A 3349 -63.30 46.13 50.78
C ALA A 3349 -63.21 46.31 49.27
N GLU A 3350 -62.00 46.30 48.71
CA GLU A 3350 -61.81 46.43 47.27
C GLU A 3350 -62.10 45.13 46.52
N ILE A 3351 -62.38 44.06 47.24
CA ILE A 3351 -62.69 42.78 46.62
C ILE A 3351 -64.20 42.58 46.64
N GLU A 3352 -64.67 41.62 45.85
CA GLU A 3352 -66.10 41.30 45.82
C GLU A 3352 -66.54 40.77 47.17
N GLU A 3353 -67.80 41.04 47.53
CA GLU A 3353 -68.32 40.59 48.83
C GLU A 3353 -68.32 39.07 48.96
N ASP A 3354 -68.35 38.34 47.85
CA ASP A 3354 -68.27 36.89 47.92
C ASP A 3354 -66.87 36.44 48.30
N LYS A 3355 -65.85 37.02 47.67
CA LYS A 3355 -64.48 36.68 48.00
C LYS A 3355 -64.11 37.12 49.41
N ALA A 3356 -64.63 38.28 49.84
CA ALA A 3356 -64.38 38.73 51.20
C ALA A 3356 -65.01 37.79 52.22
N ARG A 3357 -66.23 37.32 51.94
CA ARG A 3357 -66.87 36.35 52.82
C ARG A 3357 -66.10 35.04 52.83
N ARG A 3358 -65.59 34.61 51.68
CA ARG A 3358 -64.75 33.41 51.63
C ARG A 3358 -63.50 33.57 52.49
N ILE A 3359 -62.85 34.74 52.40
CA ILE A 3359 -61.68 35.00 53.22
C ILE A 3359 -62.03 34.98 54.70
N LEU A 3360 -63.17 35.58 55.07
CA LEU A 3360 -63.60 35.60 56.46
C LEU A 3360 -63.88 34.19 56.97
N GLU A 3361 -64.45 33.33 56.12
CA GLU A 3361 -64.72 31.96 56.52
C GLU A 3361 -63.42 31.18 56.67
N LEU A 3362 -62.47 31.39 55.75
CA LEU A 3362 -61.20 30.67 55.82
C LEU A 3362 -60.38 31.12 57.02
N SER A 3363 -60.53 32.38 57.44
CA SER A 3363 -59.76 32.88 58.57
C SER A 3363 -60.18 32.23 59.89
N GLY A 3364 -61.42 31.76 60.00
CA GLY A 3364 -61.92 31.16 61.21
C GLY A 3364 -62.37 32.13 62.28
N SER A 3365 -62.16 33.43 62.09
CA SER A 3365 -62.60 34.42 63.07
C SER A 3365 -64.07 34.76 62.86
N SER A 3366 -64.65 35.41 63.88
CA SER A 3366 -66.05 35.81 63.85
C SER A 3366 -66.28 37.27 64.17
N SER A 3367 -65.27 37.97 64.72
CA SER A 3367 -65.45 39.37 65.10
C SER A 3367 -65.44 40.31 63.90
N GLU A 3368 -65.07 39.82 62.72
CA GLU A 3368 -65.04 40.58 61.48
C GLU A 3368 -64.00 41.71 61.53
N ASP A 3369 -63.26 41.79 62.64
CA ASP A 3369 -62.22 42.81 62.75
C ASP A 3369 -61.03 42.46 61.87
N SER A 3370 -60.35 43.49 61.36
CA SER A 3370 -59.19 43.27 60.50
C SER A 3370 -58.10 42.51 61.25
N GLU A 3371 -57.77 42.96 62.45
CA GLU A 3371 -56.74 42.28 63.24
C GLU A 3371 -57.16 40.86 63.58
N LYS A 3372 -58.44 40.62 63.83
CA LYS A 3372 -58.91 39.27 64.12
C LYS A 3372 -58.72 38.35 62.92
N VAL A 3373 -59.08 38.84 61.73
CA VAL A 3373 -58.91 38.04 60.51
C VAL A 3373 -57.43 37.78 60.25
N ILE A 3374 -56.59 38.78 60.47
CA ILE A 3374 -55.15 38.60 60.27
C ILE A 3374 -54.59 37.57 61.23
N ALA A 3375 -55.01 37.63 62.49
CA ALA A 3375 -54.54 36.66 63.48
C ALA A 3375 -55.02 35.26 63.16
N GLY A 3376 -56.26 35.12 62.70
CA GLY A 3376 -56.76 33.81 62.31
C GLY A 3376 -56.01 33.23 61.12
N LEU A 3377 -55.72 34.07 60.12
CA LEU A 3377 -54.97 33.60 58.97
C LEU A 3377 -53.54 33.21 59.36
N TYR A 3378 -52.92 34.00 60.25
CA TYR A 3378 -51.59 33.63 60.73
C TYR A 3378 -51.61 32.32 61.50
N GLN A 3379 -52.66 32.11 62.30
CA GLN A 3379 -52.78 30.85 63.04
C GLN A 3379 -52.94 29.67 62.09
N ARG A 3380 -53.78 29.82 61.06
CA ARG A 3380 -53.94 28.74 60.08
C ARG A 3380 -52.63 28.46 59.36
N ALA A 3381 -51.92 29.51 58.96
CA ALA A 3381 -50.64 29.32 58.28
C ALA A 3381 -49.64 28.61 59.17
N PHE A 3382 -49.57 29.01 60.44
CA PHE A 3382 -48.64 28.38 61.37
C PHE A 3382 -49.01 26.92 61.60
N GLN A 3383 -50.30 26.62 61.72
CA GLN A 3383 -50.73 25.24 61.89
C GLN A 3383 -50.34 24.39 60.69
N HIS A 3384 -50.57 24.91 59.48
CA HIS A 3384 -50.24 24.14 58.29
C HIS A 3384 -48.73 23.94 58.15
N LEU A 3385 -47.93 24.97 58.47
CA LEU A 3385 -46.49 24.84 58.37
C LEU A 3385 -45.95 23.86 59.42
N SER A 3386 -46.49 23.92 60.64
CA SER A 3386 -46.08 22.96 61.66
C SER A 3386 -46.46 21.53 61.28
N GLU A 3387 -47.64 21.34 60.69
CA GLU A 3387 -48.03 20.01 60.24
C GLU A 3387 -47.12 19.52 59.11
N ALA A 3388 -46.74 20.42 58.20
CA ALA A 3388 -45.80 20.05 57.14
C ALA A 3388 -44.45 19.64 57.72
N VAL A 3389 -43.96 20.38 58.71
CA VAL A 3389 -42.67 20.05 59.31
C VAL A 3389 -42.76 18.72 60.06
N GLN A 3390 -43.87 18.48 60.75
CA GLN A 3390 -44.06 17.20 61.43
C GLN A 3390 -44.07 16.05 60.44
N ALA A 3391 -44.76 16.22 59.31
CA ALA A 3391 -44.74 15.20 58.27
C ALA A 3391 -43.35 15.03 57.67
N ALA A 3392 -42.55 16.09 57.63
CA ALA A 3392 -41.18 15.98 57.12
C ALA A 3392 -40.26 15.28 58.10
N GLU A 3393 -40.55 15.35 59.40
CA GLU A 3393 -39.74 14.70 60.42
C GLU A 3393 -40.15 13.26 60.66
N GLU A 3394 -40.82 12.62 59.71
CA GLU A 3394 -41.31 11.26 59.86
C GLU A 3394 -40.92 10.44 58.64
N GLU A 3395 -40.18 9.36 58.87
CA GLU A 3395 -39.82 8.39 57.82
C GLU A 3395 -39.07 9.06 56.67
N ALA A 3396 -38.21 10.03 57.01
CA ALA A 3396 -37.32 10.66 56.03
C ALA A 3396 -35.92 10.73 56.64
N GLN A 3397 -35.17 9.66 56.49
CA GLN A 3397 -33.80 9.58 57.01
C GLN A 3397 -32.93 8.72 56.09
N PRO A 3398 -32.67 9.14 54.86
CA PRO A 3398 -31.81 8.36 53.98
C PRO A 3398 -30.37 8.39 54.46
N PRO A 3399 -29.67 7.26 54.41
CA PRO A 3399 -28.24 7.27 54.80
C PRO A 3399 -27.41 8.19 53.93
N SER A 3400 -27.66 8.21 52.63
CA SER A 3400 -26.94 9.09 51.70
C SER A 3400 -27.77 10.35 51.46
N TRP A 3401 -27.59 11.32 52.36
CA TRP A 3401 -28.30 12.60 52.26
C TRP A 3401 -27.75 13.38 51.07
N SER A 3402 -28.53 13.43 49.99
CA SER A 3402 -28.17 14.16 48.79
C SER A 3402 -29.02 15.42 48.68
N CYS A 3403 -28.80 16.19 47.61
CA CYS A 3403 -29.55 17.40 47.37
C CYS A 3403 -30.97 17.13 46.87
N GLY A 3404 -31.31 15.89 46.56
CA GLY A 3404 -32.63 15.54 46.08
C GLY A 3404 -33.62 15.27 47.20
N PRO A 3405 -33.33 14.29 48.06
CA PRO A 3405 -34.26 14.00 49.16
C PRO A 3405 -34.33 15.10 50.20
N ALA A 3406 -33.19 15.72 50.52
CA ALA A 3406 -33.16 16.78 51.51
C ALA A 3406 -33.84 18.06 51.05
N ALA A 3407 -34.21 18.14 49.77
CA ALA A 3407 -34.79 19.37 49.23
C ALA A 3407 -36.07 19.75 49.97
N GLY A 3408 -37.05 18.84 50.01
CA GLY A 3408 -38.31 19.14 50.66
C GLY A 3408 -38.19 19.33 52.16
N VAL A 3409 -37.30 18.58 52.81
CA VAL A 3409 -37.12 18.72 54.25
C VAL A 3409 -36.56 20.10 54.57
N ILE A 3410 -35.49 20.49 53.86
CA ILE A 3410 -34.92 21.82 54.05
C ILE A 3410 -35.95 22.89 53.71
N ASP A 3411 -36.77 22.66 52.68
CA ASP A 3411 -37.79 23.63 52.30
C ASP A 3411 -38.79 23.85 53.44
N ALA A 3412 -39.29 22.76 54.02
CA ALA A 3412 -40.24 22.88 55.12
C ALA A 3412 -39.60 23.55 56.32
N TYR A 3413 -38.39 23.12 56.69
CA TYR A 3413 -37.69 23.72 57.82
C TYR A 3413 -37.53 25.22 57.64
N MET A 3414 -37.00 25.64 56.48
CA MET A 3414 -36.75 27.05 56.25
C MET A 3414 -38.04 27.85 56.11
N THR A 3415 -39.10 27.25 55.57
CA THR A 3415 -40.37 27.94 55.47
C THR A 3415 -40.92 28.26 56.86
N LEU A 3416 -40.97 27.25 57.73
CA LEU A 3416 -41.46 27.49 59.09
C LEU A 3416 -40.56 28.46 59.83
N ALA A 3417 -39.24 28.33 59.66
CA ALA A 3417 -38.31 29.22 60.35
C ALA A 3417 -38.48 30.66 59.88
N ASP A 3418 -38.63 30.88 58.57
CA ASP A 3418 -38.79 32.23 58.05
C ASP A 3418 -40.12 32.83 58.47
N PHE A 3419 -41.18 32.02 58.49
CA PHE A 3419 -42.48 32.51 58.96
C PHE A 3419 -42.38 32.99 60.41
N CYS A 3420 -41.89 32.11 61.30
CA CYS A 3420 -41.80 32.50 62.70
C CYS A 3420 -40.81 33.65 62.91
N ASP A 3421 -39.76 33.72 62.08
CA ASP A 3421 -38.78 34.78 62.22
C ASP A 3421 -39.33 36.13 61.80
N GLN A 3422 -40.08 36.17 60.69
CA GLN A 3422 -40.71 37.43 60.30
C GLN A 3422 -41.78 37.84 61.30
N GLN A 3423 -42.47 36.87 61.91
CA GLN A 3423 -43.41 37.21 62.97
C GLN A 3423 -42.69 37.84 64.16
N LEU A 3424 -41.59 37.23 64.59
CA LEU A 3424 -40.81 37.80 65.69
C LEU A 3424 -40.26 39.18 65.34
N ARG A 3425 -39.86 39.38 64.08
CA ARG A 3425 -39.31 40.66 63.67
C ARG A 3425 -40.38 41.75 63.68
N LYS A 3426 -41.54 41.46 63.10
CA LYS A 3426 -42.62 42.43 63.13
C LYS A 3426 -43.17 42.64 64.53
N GLU A 3427 -42.92 41.70 65.45
CA GLU A 3427 -43.27 41.92 66.85
C GLU A 3427 -42.25 42.80 67.55
N GLU A 3428 -40.97 42.68 67.21
CA GLU A 3428 -39.90 43.47 67.82
C GLU A 3428 -39.88 44.91 67.33
N GLU A 3429 -40.73 45.28 66.38
CA GLU A 3429 -40.79 46.65 65.86
C GLU A 3429 -41.86 47.48 66.53
N ASN A 3430 -43.01 46.89 66.87
CA ASN A 3430 -44.09 47.62 67.52
C ASN A 3430 -43.94 47.51 69.03
N ALA A 3431 -44.04 48.65 69.72
CA ALA A 3431 -43.96 48.64 71.17
C ALA A 3431 -45.14 47.91 71.78
N SER A 3432 -46.35 48.25 71.36
CA SER A 3432 -47.54 47.54 71.81
C SER A 3432 -47.56 46.13 71.24
N VAL A 3433 -47.48 45.14 72.12
CA VAL A 3433 -47.38 43.74 71.72
C VAL A 3433 -48.60 43.01 72.29
N ILE A 3434 -49.61 42.81 71.46
CA ILE A 3434 -50.75 41.97 71.83
C ILE A 3434 -50.49 40.51 71.51
N ASP A 3435 -49.71 40.23 70.45
CA ASP A 3435 -49.37 38.86 70.09
C ASP A 3435 -48.27 38.32 70.99
N SER A 3436 -48.60 38.03 72.25
CA SER A 3436 -47.63 37.54 73.22
C SER A 3436 -47.78 36.04 73.47
N ALA A 3437 -48.98 35.57 73.78
CA ALA A 3437 -49.18 34.14 73.98
C ALA A 3437 -49.00 33.36 72.70
N GLU A 3438 -49.29 33.98 71.55
CA GLU A 3438 -49.10 33.31 70.27
C GLU A 3438 -47.62 33.15 69.95
N LEU A 3439 -46.86 34.23 70.05
CA LEU A 3439 -45.43 34.20 69.75
C LEU A 3439 -44.61 33.79 70.97
N GLN A 3440 -44.90 32.62 71.52
CA GLN A 3440 -44.19 32.10 72.68
C GLN A 3440 -43.15 31.04 72.32
N ALA A 3441 -43.55 30.01 71.58
CA ALA A 3441 -42.61 28.96 71.17
C ALA A 3441 -41.91 29.26 69.85
N TYR A 3442 -42.01 30.48 69.35
CA TYR A 3442 -41.41 30.83 68.06
C TYR A 3442 -39.89 30.90 68.10
N PRO A 3443 -39.26 31.50 69.12
CA PRO A 3443 -37.78 31.52 69.12
C PRO A 3443 -37.15 30.14 69.15
N ALA A 3444 -37.61 29.27 70.05
CA ALA A 3444 -37.08 27.92 70.13
C ALA A 3444 -37.34 27.15 68.83
N LEU A 3445 -38.52 27.33 68.25
CA LEU A 3445 -38.85 26.65 66.99
C LEU A 3445 -37.90 27.12 65.88
N VAL A 3446 -37.68 28.43 65.79
CA VAL A 3446 -36.76 28.97 64.79
C VAL A 3446 -35.37 28.39 64.96
N VAL A 3447 -34.86 28.42 66.20
CA VAL A 3447 -33.51 27.92 66.46
C VAL A 3447 -33.40 26.45 66.08
N GLU A 3448 -34.33 25.63 66.55
CA GLU A 3448 -34.27 24.19 66.28
C GLU A 3448 -34.36 23.91 64.79
N LYS A 3449 -35.32 24.52 64.09
CA LYS A 3449 -35.51 24.22 62.68
C LYS A 3449 -34.34 24.72 61.84
N MET A 3450 -33.82 25.90 62.20
CA MET A 3450 -32.67 26.51 61.48
C MET A 3450 -31.45 25.60 61.65
N LEU A 3451 -31.21 25.09 62.87
CA LEU A 3451 -30.06 24.23 63.11
C LEU A 3451 -30.23 22.88 62.44
N LYS A 3452 -31.44 22.33 62.43
CA LYS A 3452 -31.66 21.07 61.73
C LYS A 3452 -31.51 21.21 60.23
N ALA A 3453 -31.86 22.37 59.67
CA ALA A 3453 -31.63 22.61 58.25
C ALA A 3453 -30.16 22.81 57.94
N LEU A 3454 -29.43 23.48 58.83
CA LEU A 3454 -27.99 23.67 58.64
C LEU A 3454 -27.26 22.33 58.72
N LYS A 3455 -27.76 21.41 59.56
CA LYS A 3455 -27.18 20.08 59.61
C LYS A 3455 -27.34 19.36 58.27
N LEU A 3456 -28.36 19.71 57.51
CA LEU A 3456 -28.59 19.13 56.18
C LEU A 3456 -27.85 19.90 55.09
N ASN A 3457 -26.86 20.72 55.45
CA ASN A 3457 -26.07 21.49 54.48
C ASN A 3457 -26.95 22.43 53.66
N SER A 3458 -27.63 23.35 54.34
CA SER A 3458 -28.47 24.34 53.70
C SER A 3458 -27.75 25.67 53.62
N ASN A 3459 -27.70 26.26 52.42
CA ASN A 3459 -27.06 27.55 52.26
C ASN A 3459 -27.90 28.67 52.85
N GLU A 3460 -29.22 28.61 52.66
CA GLU A 3460 -30.10 29.61 53.22
C GLU A 3460 -30.06 29.61 54.74
N ALA A 3461 -29.91 28.43 55.36
CA ALA A 3461 -29.77 28.36 56.80
C ALA A 3461 -28.37 28.76 57.25
N ARG A 3462 -27.35 28.52 56.41
CA ARG A 3462 -26.00 28.93 56.75
C ARG A 3462 -25.84 30.44 56.73
N LEU A 3463 -26.53 31.12 55.82
CA LEU A 3463 -26.43 32.57 55.72
C LEU A 3463 -27.30 33.31 56.72
N LYS A 3464 -28.04 32.61 57.57
CA LYS A 3464 -28.89 33.23 58.57
C LYS A 3464 -28.55 32.80 59.99
N PHE A 3465 -27.30 32.43 60.25
CA PHE A 3465 -26.85 32.01 61.57
C PHE A 3465 -26.76 33.17 62.56
N PRO A 3466 -26.26 34.36 62.16
CA PRO A 3466 -26.32 35.50 63.08
C PRO A 3466 -27.73 35.86 63.52
N ARG A 3467 -28.75 35.50 62.74
CA ARG A 3467 -30.12 35.67 63.23
C ARG A 3467 -30.36 34.84 64.48
N LEU A 3468 -29.89 33.59 64.49
CA LEU A 3468 -29.97 32.79 65.71
C LEU A 3468 -29.09 33.37 66.80
N LEU A 3469 -27.92 33.88 66.44
CA LEU A 3469 -27.01 34.45 67.43
C LEU A 3469 -27.62 35.65 68.14
N GLN A 3470 -28.44 36.43 67.44
CA GLN A 3470 -29.12 37.58 68.02
C GLN A 3470 -30.48 37.23 68.61
N ILE A 3471 -31.06 36.09 68.22
CA ILE A 3471 -32.29 35.62 68.84
C ILE A 3471 -32.01 35.07 70.24
N ILE A 3472 -30.94 34.28 70.38
CA ILE A 3472 -30.58 33.72 71.67
C ILE A 3472 -30.16 34.79 72.67
N GLU A 3473 -29.94 36.02 72.21
CA GLU A 3473 -29.63 37.13 73.11
C GLU A 3473 -30.88 37.78 73.68
N ARG A 3474 -31.93 37.92 72.88
CA ARG A 3474 -33.19 38.49 73.34
C ARG A 3474 -34.04 37.49 74.11
N TYR A 3475 -34.01 36.21 73.72
CA TYR A 3475 -34.75 35.16 74.39
C TYR A 3475 -33.79 34.08 74.90
N PRO A 3476 -33.01 34.39 75.93
CA PRO A 3476 -32.05 33.38 76.42
C PRO A 3476 -32.68 32.19 77.09
N GLU A 3477 -33.65 32.42 78.00
CA GLU A 3477 -34.20 31.31 78.77
C GLU A 3477 -34.96 30.31 77.93
N GLU A 3478 -35.33 30.67 76.70
CA GLU A 3478 -36.05 29.73 75.84
C GLU A 3478 -35.13 29.04 74.82
N THR A 3479 -33.99 29.63 74.50
CA THR A 3479 -33.16 29.14 73.40
C THR A 3479 -31.70 28.89 73.75
N LEU A 3480 -31.23 29.29 74.93
CA LEU A 3480 -29.81 29.12 75.24
C LEU A 3480 -29.45 27.65 75.34
N SER A 3481 -30.11 26.90 76.23
CA SER A 3481 -29.79 25.49 76.40
C SER A 3481 -30.17 24.69 75.15
N LEU A 3482 -31.27 25.05 74.50
CA LEU A 3482 -31.68 24.34 73.29
C LEU A 3482 -30.62 24.45 72.21
N MET A 3483 -30.16 25.68 71.93
CA MET A 3483 -29.11 25.84 70.92
C MET A 3483 -27.80 25.21 71.37
N THR A 3484 -27.49 25.31 72.66
CA THR A 3484 -26.25 24.73 73.18
C THR A 3484 -26.22 23.21 72.95
N LYS A 3485 -27.37 22.56 73.12
CA LYS A 3485 -27.44 21.11 72.91
C LYS A 3485 -27.70 20.71 71.47
N GLU A 3486 -28.18 21.63 70.63
CA GLU A 3486 -28.49 21.30 69.25
C GLU A 3486 -27.33 21.57 68.29
N ILE A 3487 -26.54 22.61 68.56
CA ILE A 3487 -25.44 22.98 67.67
C ILE A 3487 -24.28 22.00 67.80
N SER A 3488 -24.32 21.14 68.82
CA SER A 3488 -23.24 20.19 69.07
C SER A 3488 -23.23 19.07 68.02
N SER A 3489 -24.24 19.05 67.16
CA SER A 3489 -24.33 18.03 66.11
C SER A 3489 -24.19 18.64 64.72
N VAL A 3490 -23.67 19.85 64.62
CA VAL A 3490 -23.48 20.52 63.34
C VAL A 3490 -22.00 20.50 62.99
N PRO A 3491 -21.64 20.20 61.73
CA PRO A 3491 -20.22 20.26 61.34
C PRO A 3491 -19.63 21.63 61.59
N CYS A 3492 -18.43 21.66 62.18
CA CYS A 3492 -17.79 22.91 62.56
C CYS A 3492 -17.47 23.79 61.36
N TRP A 3493 -17.25 23.21 60.19
CA TRP A 3493 -16.89 24.00 59.01
C TRP A 3493 -18.09 24.74 58.42
N GLN A 3494 -19.28 24.56 58.98
CA GLN A 3494 -20.44 25.35 58.57
C GLN A 3494 -20.47 26.73 59.22
N PHE A 3495 -19.49 27.04 60.07
CA PHE A 3495 -19.46 28.31 60.79
C PHE A 3495 -18.24 29.16 60.46
N ILE A 3496 -17.38 28.72 59.54
CA ILE A 3496 -16.18 29.45 59.16
C ILE A 3496 -16.57 30.83 58.62
N SER A 3497 -17.69 30.90 57.90
CA SER A 3497 -18.15 32.17 57.36
C SER A 3497 -18.52 33.15 58.45
N TRP A 3498 -19.03 32.66 59.58
CA TRP A 3498 -19.45 33.50 60.69
C TRP A 3498 -18.60 33.30 61.94
N ILE A 3499 -17.32 32.99 61.77
CA ILE A 3499 -16.46 32.74 62.93
C ILE A 3499 -16.19 34.03 63.69
N SER A 3500 -16.18 35.17 62.99
CA SER A 3500 -15.91 36.46 63.64
C SER A 3500 -17.03 36.87 64.59
N HIS A 3501 -18.26 36.42 64.33
CA HIS A 3501 -19.35 36.71 65.27
C HIS A 3501 -19.29 35.78 66.47
N MET A 3502 -18.89 34.52 66.25
CA MET A 3502 -18.84 33.57 67.35
C MET A 3502 -17.70 33.88 68.31
N VAL A 3503 -16.53 34.23 67.78
CA VAL A 3503 -15.40 34.56 68.64
C VAL A 3503 -15.54 35.91 69.31
N ALA A 3504 -16.51 36.72 68.89
CA ALA A 3504 -16.71 38.04 69.46
C ALA A 3504 -17.60 38.04 70.70
N LEU A 3505 -18.36 36.97 70.93
CA LEU A 3505 -19.25 36.87 72.08
C LEU A 3505 -18.79 35.80 73.06
N LEU A 3506 -17.51 35.45 73.03
CA LEU A 3506 -16.96 34.48 73.96
C LEU A 3506 -16.84 35.02 75.38
N ASP A 3507 -17.08 36.31 75.58
CA ASP A 3507 -17.09 36.93 76.90
C ASP A 3507 -18.49 37.27 77.39
N LYS A 3508 -19.52 37.05 76.58
CA LYS A 3508 -20.89 37.35 76.97
C LYS A 3508 -21.46 36.20 77.79
N ASP A 3509 -22.74 36.33 78.15
CA ASP A 3509 -23.41 35.29 78.93
C ASP A 3509 -23.77 34.08 78.08
N GLN A 3510 -24.08 34.30 76.80
CA GLN A 3510 -24.43 33.21 75.89
C GLN A 3510 -23.22 32.61 75.19
N ALA A 3511 -22.03 32.74 75.78
CA ALA A 3511 -20.83 32.20 75.15
C ALA A 3511 -20.85 30.68 75.10
N VAL A 3512 -21.51 30.05 76.08
CA VAL A 3512 -21.52 28.60 76.17
C VAL A 3512 -22.16 27.95 74.96
N ALA A 3513 -23.04 28.67 74.25
CA ALA A 3513 -23.72 28.07 73.11
C ALA A 3513 -22.77 27.83 71.94
N VAL A 3514 -21.68 28.59 71.85
CA VAL A 3514 -20.77 28.49 70.71
C VAL A 3514 -19.40 27.92 71.09
N GLN A 3515 -19.14 27.67 72.38
CA GLN A 3515 -17.81 27.22 72.80
C GLN A 3515 -17.44 25.89 72.15
N HIS A 3516 -18.41 24.98 72.03
CA HIS A 3516 -18.12 23.67 71.43
C HIS A 3516 -17.68 23.82 69.98
N SER A 3517 -18.43 24.58 69.18
CA SER A 3517 -18.07 24.78 67.78
C SER A 3517 -16.76 25.54 67.63
N VAL A 3518 -16.52 26.53 68.50
CA VAL A 3518 -15.27 27.28 68.44
C VAL A 3518 -14.09 26.35 68.73
N GLU A 3519 -14.21 25.50 69.74
CA GLU A 3519 -13.14 24.57 70.06
C GLU A 3519 -12.95 23.55 68.95
N GLU A 3520 -14.04 23.10 68.33
CA GLU A 3520 -13.92 22.14 67.23
C GLU A 3520 -13.20 22.77 66.04
N ILE A 3521 -13.51 24.03 65.74
CA ILE A 3521 -12.83 24.74 64.66
C ILE A 3521 -11.35 24.91 65.00
N THR A 3522 -11.06 25.29 66.25
CA THR A 3522 -9.68 25.45 66.68
C THR A 3522 -8.90 24.15 66.55
N ASP A 3523 -9.53 23.02 66.86
CA ASP A 3523 -8.85 21.73 66.75
C ASP A 3523 -8.69 21.29 65.30
N ASN A 3524 -9.66 21.58 64.46
CA ASN A 3524 -9.63 21.09 63.08
C ASN A 3524 -9.06 22.10 62.10
N TYR A 3525 -9.40 23.37 62.23
CA TYR A 3525 -8.95 24.41 61.28
C TYR A 3525 -8.46 25.62 62.07
N PRO A 3526 -7.24 25.56 62.60
CA PRO A 3526 -6.72 26.70 63.38
C PRO A 3526 -6.43 27.93 62.53
N GLN A 3527 -6.15 27.75 61.24
CA GLN A 3527 -5.84 28.90 60.40
C GLN A 3527 -7.07 29.74 60.09
N ALA A 3528 -8.26 29.15 60.18
CA ALA A 3528 -9.50 29.85 59.88
C ALA A 3528 -10.09 30.60 61.07
N ILE A 3529 -9.43 30.56 62.23
CA ILE A 3529 -9.98 31.17 63.43
C ILE A 3529 -8.91 32.03 64.10
N VAL A 3530 -7.66 31.90 63.66
CA VAL A 3530 -6.56 32.55 64.36
C VAL A 3530 -6.66 34.06 64.26
N TYR A 3531 -6.91 34.60 63.05
CA TYR A 3531 -6.98 36.04 62.87
C TYR A 3531 -8.22 36.63 63.53
N PRO A 3532 -9.41 36.05 63.37
CA PRO A 3532 -10.56 36.57 64.13
C PRO A 3532 -10.37 36.51 65.63
N PHE A 3533 -9.74 35.45 66.13
CA PHE A 3533 -9.49 35.35 67.57
C PHE A 3533 -8.50 36.40 68.03
N ILE A 3534 -7.49 36.71 67.22
CA ILE A 3534 -6.55 37.76 67.56
C ILE A 3534 -7.25 39.12 67.56
N ILE A 3535 -8.16 39.34 66.61
CA ILE A 3535 -8.90 40.60 66.56
C ILE A 3535 -9.81 40.74 67.77
N SER A 3536 -10.45 39.65 68.18
CA SER A 3536 -11.42 39.73 69.27
C SER A 3536 -10.75 39.73 70.63
N SER A 3537 -9.55 39.16 70.73
CA SER A 3537 -8.88 39.00 72.02
C SER A 3537 -8.40 40.32 72.61
N GLU A 3538 -8.28 41.38 71.81
CA GLU A 3538 -7.83 42.67 72.30
C GLU A 3538 -8.98 43.55 72.76
N SER A 3539 -10.17 42.98 72.93
CA SER A 3539 -11.32 43.74 73.41
C SER A 3539 -12.17 42.97 74.41
N TYR A 3540 -11.68 41.85 74.94
CA TYR A 3540 -12.46 41.07 75.88
C TYR A 3540 -12.56 41.76 77.23
N SER A 3541 -13.74 41.70 77.83
CA SER A 3541 -14.05 42.40 79.07
C SER A 3541 -14.78 41.47 80.03
N PHE A 3542 -14.21 40.28 80.25
CA PHE A 3542 -14.82 39.29 81.14
C PHE A 3542 -15.19 39.91 82.48
N LYS A 3543 -16.39 39.56 82.97
CA LYS A 3543 -16.88 40.05 84.23
C LYS A 3543 -16.45 39.13 85.37
N ASP A 3544 -16.62 39.62 86.60
CA ASP A 3544 -16.23 38.88 87.80
C ASP A 3544 -17.42 38.12 88.37
N THR A 3545 -17.84 37.09 87.64
CA THR A 3545 -18.92 36.21 88.05
C THR A 3545 -18.45 34.76 87.96
N SER A 3546 -19.35 33.83 88.30
CA SER A 3546 -19.00 32.41 88.22
C SER A 3546 -18.84 31.97 86.77
N THR A 3547 -19.71 32.47 85.87
CA THR A 3547 -19.61 32.14 84.46
C THR A 3547 -18.53 32.94 83.75
N GLY A 3548 -18.18 34.12 84.25
CA GLY A 3548 -17.14 34.94 83.64
C GLY A 3548 -15.78 34.29 83.73
N HIS A 3549 -15.46 33.71 84.89
CA HIS A 3549 -14.19 33.00 85.05
C HIS A 3549 -14.10 31.80 84.11
N LYS A 3550 -15.21 31.09 83.92
CA LYS A 3550 -15.22 29.95 83.00
C LYS A 3550 -14.97 30.41 81.56
N ASN A 3551 -15.61 31.51 81.15
CA ASN A 3551 -15.40 32.03 79.80
C ASN A 3551 -13.96 32.49 79.62
N LYS A 3552 -13.39 33.15 80.64
CA LYS A 3552 -12.01 33.59 80.54
C LYS A 3552 -11.05 32.41 80.48
N GLU A 3553 -11.33 31.34 81.22
CA GLU A 3553 -10.50 30.15 81.16
C GLU A 3553 -10.59 29.48 79.79
N PHE A 3554 -11.80 29.43 79.22
CA PHE A 3554 -11.96 28.87 77.87
C PHE A 3554 -11.20 29.70 76.85
N VAL A 3555 -11.28 31.02 76.95
CA VAL A 3555 -10.57 31.89 76.02
C VAL A 3555 -9.06 31.72 76.17
N ALA A 3556 -8.59 31.56 77.41
CA ALA A 3556 -7.16 31.34 77.64
C ALA A 3556 -6.71 30.02 77.04
N ARG A 3557 -7.53 28.97 77.18
CA ARG A 3557 -7.16 27.68 76.60
C ARG A 3557 -7.15 27.74 75.08
N ILE A 3558 -8.12 28.44 74.48
CA ILE A 3558 -8.14 28.59 73.03
C ILE A 3558 -6.92 29.37 72.56
N LYS A 3559 -6.54 30.40 73.31
CA LYS A 3559 -5.36 31.18 72.96
C LYS A 3559 -4.09 30.34 73.05
N SER A 3560 -3.98 29.52 74.10
CA SER A 3560 -2.82 28.65 74.24
C SER A 3560 -2.78 27.57 73.17
N LYS A 3561 -3.95 27.15 72.69
CA LYS A 3561 -4.00 26.14 71.63
C LYS A 3561 -3.76 26.73 70.25
N LEU A 3562 -4.07 28.01 70.05
CA LEU A 3562 -3.80 28.68 68.78
C LEU A 3562 -2.37 29.18 68.66
N ASP A 3563 -1.73 29.53 69.77
CA ASP A 3563 -0.32 29.94 69.77
C ASP A 3563 0.55 28.68 69.67
N GLN A 3564 0.50 28.04 68.50
CA GLN A 3564 1.22 26.81 68.26
C GLN A 3564 2.73 27.02 68.34
N GLY A 3565 3.26 27.94 67.55
CA GLY A 3565 4.67 28.24 67.59
C GLY A 3565 4.97 29.71 67.44
N GLY A 3566 3.93 30.54 67.61
CA GLY A 3566 4.08 31.97 67.45
C GLY A 3566 4.38 32.44 66.05
N VAL A 3567 4.23 31.56 65.04
CA VAL A 3567 4.53 31.95 63.66
C VAL A 3567 3.59 33.05 63.20
N ILE A 3568 2.31 32.95 63.57
CA ILE A 3568 1.35 33.99 63.21
C ILE A 3568 1.74 35.32 63.84
N GLN A 3569 2.22 35.29 65.09
CA GLN A 3569 2.54 36.53 65.78
C GLN A 3569 3.72 37.24 65.13
N ASP A 3570 4.82 36.52 64.86
CA ASP A 3570 5.94 37.15 64.19
C ASP A 3570 5.65 37.51 62.75
N PHE A 3571 4.75 36.78 62.08
CA PHE A 3571 4.32 37.17 60.74
C PHE A 3571 3.56 38.50 60.78
N ILE A 3572 2.67 38.66 61.76
CA ILE A 3572 1.95 39.92 61.91
C ILE A 3572 2.92 41.04 62.27
N ASN A 3573 3.92 40.75 63.11
CA ASN A 3573 4.92 41.76 63.43
C ASN A 3573 5.72 42.19 62.20
N ALA A 3574 6.12 41.22 61.37
CA ALA A 3574 6.86 41.54 60.16
C ALA A 3574 6.00 42.38 59.21
N LEU A 3575 4.72 42.03 59.08
CA LEU A 3575 3.84 42.85 58.25
C LEU A 3575 3.63 44.24 58.82
N ASP A 3576 3.67 44.37 60.16
CA ASP A 3576 3.55 45.67 60.78
C ASP A 3576 4.82 46.50 60.62
N GLN A 3577 5.97 45.85 60.43
CA GLN A 3577 7.20 46.59 60.19
C GLN A 3577 7.17 47.35 58.86
N LEU A 3578 6.19 47.03 58.00
CA LEU A 3578 6.09 47.68 56.66
C LEU A 3578 5.36 49.02 56.75
N SER A 3579 4.60 49.26 57.82
CA SER A 3579 3.85 50.50 57.95
C SER A 3579 4.79 51.66 58.28
N ASN A 3580 4.43 52.84 57.78
CA ASN A 3580 5.21 54.04 58.05
C ASN A 3580 5.09 54.42 59.52
N PRO A 3581 6.20 54.60 60.24
CA PRO A 3581 6.10 54.95 61.66
C PRO A 3581 5.55 56.35 61.89
N GLU A 3582 5.81 57.29 60.98
CA GLU A 3582 5.31 58.65 61.12
C GLU A 3582 3.79 58.74 60.98
N LEU A 3583 3.13 57.67 60.55
CA LEU A 3583 1.67 57.60 60.53
C LEU A 3583 1.11 56.87 61.75
N LEU A 3584 1.78 55.83 62.23
CA LEU A 3584 1.39 55.22 63.49
C LEU A 3584 1.52 56.24 64.63
N PHE A 3585 2.57 57.06 64.60
CA PHE A 3585 2.71 58.12 65.59
C PHE A 3585 1.57 59.13 65.49
N LYS A 3586 1.17 59.47 64.26
CA LYS A 3586 0.07 60.41 64.08
C LYS A 3586 -1.25 59.83 64.62
N ASP A 3587 -1.50 58.55 64.34
CA ASP A 3587 -2.72 57.91 64.86
C ASP A 3587 -2.69 57.85 66.38
N TRP A 3588 -1.53 57.51 66.96
CA TRP A 3588 -1.42 57.49 68.42
C TRP A 3588 -1.67 58.87 69.01
N SER A 3589 -1.09 59.91 68.41
CA SER A 3589 -1.32 61.27 68.89
C SER A 3589 -2.79 61.62 68.81
N ASN A 3590 -3.45 61.26 67.70
CA ASN A 3590 -4.87 61.56 67.54
C ASN A 3590 -5.71 60.87 68.62
N ASP A 3591 -5.44 59.58 68.89
CA ASP A 3591 -6.28 58.89 69.87
C ASP A 3591 -6.00 59.33 71.29
N VAL A 3592 -4.74 59.67 71.62
CA VAL A 3592 -4.47 60.15 72.97
C VAL A 3592 -5.00 61.57 73.15
N ARG A 3593 -5.07 62.30 72.02
CA ARG A 3593 -5.63 63.67 72.02
C ARG A 3593 -7.12 63.55 72.33
N ALA A 3594 -7.81 62.63 71.64
CA ALA A 3594 -9.21 62.35 71.91
C ALA A 3594 -9.42 61.86 73.33
N GLU A 3595 -8.43 61.14 73.88
CA GLU A 3595 -8.49 60.69 75.25
C GLU A 3595 -8.16 61.80 76.25
N LEU A 3596 -7.44 62.83 75.83
CA LEU A 3596 -6.98 63.90 76.71
C LEU A 3596 -7.96 65.04 76.81
N ALA A 3597 -9.06 65.00 76.04
CA ALA A 3597 -10.02 66.10 76.02
C ALA A 3597 -11.43 65.68 76.38
N LYS A 3598 -11.81 64.43 76.08
CA LYS A 3598 -13.16 63.95 76.36
C LYS A 3598 -13.47 63.98 77.84
N THR A 3599 -12.72 63.20 78.63
CA THR A 3599 -12.91 63.13 80.06
C THR A 3599 -11.79 63.87 80.77
N PRO A 3600 -12.01 64.25 82.05
CA PRO A 3600 -10.87 64.66 82.88
C PRO A 3600 -9.73 63.65 82.78
N VAL A 3601 -8.50 64.16 82.61
CA VAL A 3601 -7.35 63.35 82.20
C VAL A 3601 -7.26 62.05 82.97
N ASN A 3602 -7.19 60.94 82.25
CA ASN A 3602 -7.12 59.61 82.85
C ASN A 3602 -5.66 59.14 82.82
N LYS A 3603 -5.19 58.60 83.94
CA LYS A 3603 -3.79 58.22 84.05
C LYS A 3603 -3.53 56.86 83.41
N LYS A 3604 -4.34 55.86 83.77
CA LYS A 3604 -4.08 54.49 83.34
C LYS A 3604 -4.19 54.34 81.84
N ASN A 3605 -5.25 54.88 81.24
CA ASN A 3605 -5.43 54.73 79.80
C ASN A 3605 -4.37 55.47 79.01
N ILE A 3606 -3.99 56.68 79.45
CA ILE A 3606 -2.97 57.45 78.75
C ILE A 3606 -1.62 56.73 78.84
N GLU A 3607 -1.28 56.25 80.03
CA GLU A 3607 0.00 55.55 80.16
C GLU A 3607 0.01 54.24 79.40
N LYS A 3608 -1.14 53.56 79.31
CA LYS A 3608 -1.23 52.33 78.53
C LYS A 3608 -1.04 52.61 77.05
N MET A 3609 -1.69 53.66 76.53
CA MET A 3609 -1.51 54.05 75.14
C MET A 3609 -0.06 54.41 74.87
N TYR A 3610 0.56 55.16 75.78
CA TYR A 3610 1.95 55.56 75.58
C TYR A 3610 2.88 54.35 75.60
N GLU A 3611 2.60 53.37 76.46
CA GLU A 3611 3.41 52.16 76.50
C GLU A 3611 3.26 51.36 75.21
N ARG A 3612 2.02 51.17 74.75
CA ARG A 3612 1.80 50.42 73.52
C ARG A 3612 2.41 51.13 72.32
N MET A 3613 2.50 52.46 72.36
CA MET A 3613 3.13 53.20 71.27
C MET A 3613 4.65 53.08 71.34
N TYR A 3614 5.24 53.32 72.51
CA TYR A 3614 6.68 53.30 72.66
C TYR A 3614 7.27 51.92 72.50
N ALA A 3615 6.46 50.86 72.70
CA ALA A 3615 6.97 49.51 72.53
C ALA A 3615 7.38 49.23 71.09
N ALA A 3616 6.81 49.95 70.13
CA ALA A 3616 7.09 49.74 68.72
C ALA A 3616 7.89 50.85 68.08
N LEU A 3617 7.83 52.07 68.61
CA LEU A 3617 8.50 53.22 68.01
C LEU A 3617 9.53 53.87 68.93
N GLY A 3618 9.75 53.32 70.12
CA GLY A 3618 10.67 53.94 71.05
C GLY A 3618 11.83 53.08 71.47
N ASP A 3619 11.67 51.75 71.41
CA ASP A 3619 12.69 50.84 71.88
C ASP A 3619 13.51 50.34 70.70
N PRO A 3620 14.80 50.66 70.60
CA PRO A 3620 15.61 50.12 69.51
C PRO A 3620 15.85 48.63 69.62
N LYS A 3621 15.58 48.03 70.77
CA LYS A 3621 15.77 46.59 70.97
C LYS A 3621 14.50 45.80 70.69
N ALA A 3622 13.94 45.99 69.49
CA ALA A 3622 12.74 45.28 69.09
C ALA A 3622 13.08 43.91 68.52
N PRO A 3623 12.14 42.96 68.59
CA PRO A 3623 12.43 41.61 68.08
C PRO A 3623 12.74 41.59 66.59
N GLY A 3624 11.84 42.15 65.78
CA GLY A 3624 12.01 42.12 64.34
C GLY A 3624 12.19 43.49 63.71
N LEU A 3625 12.98 44.34 64.36
CA LEU A 3625 13.19 45.70 63.89
C LEU A 3625 13.97 45.70 62.58
N GLY A 3626 13.48 46.46 61.61
CA GLY A 3626 14.17 46.65 60.34
C GLY A 3626 14.78 48.05 60.25
N ALA A 3627 15.67 48.20 59.26
CA ALA A 3627 16.39 49.45 59.11
C ALA A 3627 15.46 50.63 58.87
N PHE A 3628 14.35 50.41 58.16
CA PHE A 3628 13.38 51.47 57.91
C PHE A 3628 12.90 52.08 59.22
N ARG A 3629 12.40 51.24 60.14
CA ARG A 3629 11.93 51.74 61.42
C ARG A 3629 13.09 51.99 62.38
N ARG A 3630 14.23 51.32 62.17
CA ARG A 3630 15.39 51.57 63.03
C ARG A 3630 15.92 52.98 62.89
N LYS A 3631 15.94 53.51 61.66
CA LYS A 3631 16.37 54.89 61.45
C LYS A 3631 15.42 55.85 62.14
N PHE A 3632 14.11 55.63 62.00
CA PHE A 3632 13.13 56.49 62.65
C PHE A 3632 13.28 56.45 64.17
N ILE A 3633 13.55 55.27 64.72
CA ILE A 3633 13.73 55.15 66.17
C ILE A 3633 14.99 55.89 66.60
N GLN A 3634 16.10 55.69 65.90
CA GLN A 3634 17.33 56.36 66.25
C GLN A 3634 17.19 57.87 66.15
N THR A 3635 16.34 58.36 65.25
CA THR A 3635 16.19 59.79 65.06
C THR A 3635 15.13 60.42 65.94
N PHE A 3636 14.17 59.66 66.46
CA PHE A 3636 13.07 60.25 67.23
C PHE A 3636 12.83 59.55 68.57
N GLY A 3637 13.81 58.80 69.09
CA GLY A 3637 13.66 58.26 70.42
C GLY A 3637 14.11 59.18 71.53
N LYS A 3638 14.92 60.18 71.21
CA LYS A 3638 15.34 61.17 72.20
C LYS A 3638 14.26 62.22 72.41
N GLU A 3639 13.47 62.50 71.38
CA GLU A 3639 12.38 63.46 71.52
C GLU A 3639 11.28 62.90 72.41
N PHE A 3640 11.02 61.60 72.35
CA PHE A 3640 10.02 60.95 73.20
C PHE A 3640 10.44 60.92 74.66
N ASP A 3641 11.68 61.31 74.97
CA ASP A 3641 12.13 61.47 76.35
C ASP A 3641 12.27 62.94 76.74
N LYS A 3642 12.64 63.79 75.77
CA LYS A 3642 12.76 65.22 76.01
C LYS A 3642 11.42 65.94 76.06
N HIS A 3643 10.36 65.35 75.51
CA HIS A 3643 9.04 65.97 75.54
C HIS A 3643 8.08 65.18 76.42
N PHE A 3644 8.22 63.86 76.41
CA PHE A 3644 7.39 62.98 77.22
C PHE A 3644 8.18 62.51 78.44
N GLY A 3645 7.45 62.11 79.48
CA GLY A 3645 8.07 61.84 80.76
C GLY A 3645 8.52 60.42 81.01
N LYS A 3646 9.40 59.91 80.15
CA LYS A 3646 10.06 58.62 80.33
C LYS A 3646 9.06 57.50 80.62
N GLY A 3647 7.90 57.54 79.96
CA GLY A 3647 6.87 56.56 80.21
C GLY A 3647 5.49 57.19 80.25
N GLY A 3648 5.44 58.51 80.17
CA GLY A 3648 4.17 59.23 80.13
C GLY A 3648 3.91 60.14 81.31
N SER A 3649 4.88 60.38 82.18
CA SER A 3649 4.66 61.24 83.34
C SER A 3649 4.39 62.67 82.91
N LYS A 3650 5.28 63.23 82.08
CA LYS A 3650 5.04 64.59 81.56
C LYS A 3650 3.83 64.64 80.65
N LEU A 3651 3.60 63.58 79.87
CA LEU A 3651 2.44 63.56 78.97
C LEU A 3651 1.14 63.58 79.76
N LEU A 3652 1.12 62.95 80.93
CA LEU A 3652 -0.09 62.92 81.74
C LEU A 3652 -0.43 64.30 82.28
N ARG A 3653 0.58 65.04 82.75
CA ARG A 3653 0.38 66.38 83.29
C ARG A 3653 0.42 67.45 82.20
N MET A 3654 0.54 67.06 80.94
CA MET A 3654 0.58 68.03 79.86
C MET A 3654 -0.82 68.52 79.52
N LYS A 3655 -0.88 69.74 78.97
CA LYS A 3655 -2.14 70.37 78.59
C LYS A 3655 -2.39 70.11 77.11
N LEU A 3656 -3.66 70.16 76.70
CA LEU A 3656 -4.03 69.88 75.32
C LEU A 3656 -3.42 70.89 74.36
N SER A 3657 -3.31 72.15 74.78
CA SER A 3657 -2.81 73.19 73.87
C SER A 3657 -1.33 73.00 73.55
N ASP A 3658 -0.52 72.66 74.54
CA ASP A 3658 0.90 72.46 74.29
C ASP A 3658 1.14 71.14 73.56
N PHE A 3659 0.34 70.13 73.89
CA PHE A 3659 0.46 68.83 73.23
C PHE A 3659 0.23 68.94 71.73
N ASN A 3660 -0.72 69.78 71.32
CA ASN A 3660 -0.99 69.98 69.90
C ASN A 3660 0.23 70.57 69.20
N ASP A 3661 0.86 71.58 69.79
CA ASP A 3661 2.04 72.18 69.18
C ASP A 3661 3.21 71.19 69.12
N ILE A 3662 3.41 70.42 70.20
CA ILE A 3662 4.48 69.44 70.22
C ILE A 3662 4.27 68.41 69.12
N THR A 3663 3.03 67.90 69.00
CA THR A 3663 2.74 66.90 67.99
C THR A 3663 2.85 67.47 66.58
N ASN A 3664 2.46 68.72 66.37
CA ASN A 3664 2.60 69.32 65.05
C ASN A 3664 4.06 69.47 64.67
N MET A 3665 4.90 69.93 65.61
CA MET A 3665 6.32 70.06 65.32
C MET A 3665 6.95 68.70 65.04
N LEU A 3666 6.57 67.69 65.82
CA LEU A 3666 7.11 66.35 65.60
C LEU A 3666 6.67 65.78 64.25
N LEU A 3667 5.40 65.98 63.89
CA LEU A 3667 4.93 65.50 62.60
C LEU A 3667 5.61 66.23 61.45
N LEU A 3668 5.87 67.53 61.59
CA LEU A 3668 6.60 68.26 60.57
C LEU A 3668 8.01 67.70 60.40
N LYS A 3669 8.74 67.57 61.52
CA LYS A 3669 10.11 67.08 61.43
C LYS A 3669 10.20 65.60 61.06
N MET A 3670 9.10 64.85 61.18
CA MET A 3670 9.07 63.46 60.70
C MET A 3670 8.77 63.38 59.22
N ASN A 3671 7.71 64.05 58.77
CA ASN A 3671 7.37 64.06 57.35
C ASN A 3671 8.41 64.80 56.51
N LYS A 3672 9.29 65.57 57.15
CA LYS A 3672 10.37 66.22 56.41
C LYS A 3672 11.27 65.19 55.74
N ASP A 3673 11.44 64.02 56.36
CA ASP A 3673 12.29 62.96 55.81
C ASP A 3673 11.70 61.61 56.23
N SER A 3674 11.02 60.97 55.28
CA SER A 3674 10.50 59.61 55.48
C SER A 3674 11.19 58.60 54.59
N LYS A 3675 11.16 58.80 53.27
CA LYS A 3675 11.87 57.96 52.31
C LYS A 3675 11.58 56.46 52.49
N PRO A 3676 10.38 56.02 52.14
CA PRO A 3676 10.04 54.59 52.24
C PRO A 3676 10.95 53.76 51.35
N PRO A 3677 11.49 52.66 51.86
CA PRO A 3677 12.42 51.85 51.06
C PRO A 3677 11.69 50.96 50.07
N GLY A 3678 12.43 50.53 49.06
CA GLY A 3678 11.92 49.64 48.04
C GLY A 3678 12.43 48.22 48.10
N ASN A 3679 13.22 47.86 49.11
CA ASN A 3679 13.75 46.52 49.27
C ASN A 3679 13.23 45.92 50.56
N LEU A 3680 12.90 44.62 50.52
CA LEU A 3680 12.30 43.91 51.68
C LEU A 3680 13.35 43.62 52.77
N LYS A 3681 14.64 43.63 52.41
CA LYS A 3681 15.67 43.34 53.39
C LYS A 3681 15.94 44.50 54.34
N GLU A 3682 15.53 45.71 53.97
CA GLU A 3682 15.82 46.90 54.77
C GLU A 3682 14.56 47.50 55.39
N CYS A 3683 13.44 46.79 55.36
CA CYS A 3683 12.22 47.27 55.98
C CYS A 3683 11.62 46.23 56.91
N SER A 3684 11.84 44.95 56.60
CA SER A 3684 11.36 43.85 57.43
C SER A 3684 12.29 42.66 57.21
N PRO A 3685 13.24 42.43 58.13
CA PRO A 3685 14.21 41.34 57.91
C PRO A 3685 13.58 39.96 57.92
N TRP A 3686 12.52 39.76 58.70
CA TRP A 3686 11.94 38.43 58.84
C TRP A 3686 11.42 37.89 57.52
N MET A 3687 10.72 38.73 56.74
CA MET A 3687 10.18 38.27 55.47
C MET A 3687 11.27 38.17 54.41
N SER A 3688 12.38 38.89 54.59
CA SER A 3688 13.47 38.83 53.61
C SER A 3688 14.14 37.46 53.62
N ASP A 3689 14.43 36.93 54.80
CA ASP A 3689 15.09 35.63 54.94
C ASP A 3689 14.11 34.56 55.38
N PHE A 3690 12.87 34.64 54.90
CA PHE A 3690 11.87 33.65 55.24
C PHE A 3690 12.26 32.29 54.69
N LYS A 3691 12.45 31.32 55.59
CA LYS A 3691 12.88 29.98 55.22
C LYS A 3691 11.95 28.97 55.87
N VAL A 3692 11.48 28.00 55.07
CA VAL A 3692 10.62 26.95 55.58
C VAL A 3692 11.47 26.03 56.45
N GLU A 3693 11.23 26.05 57.76
CA GLU A 3693 12.02 25.26 58.69
C GLU A 3693 11.63 23.78 58.59
N PHE A 3694 12.25 22.94 59.40
CA PHE A 3694 11.99 21.50 59.42
C PHE A 3694 11.15 21.17 60.63
N LEU A 3695 10.04 20.44 60.39
CA LEU A 3695 9.11 20.04 61.45
C LEU A 3695 8.58 21.26 62.21
N ARG A 3696 8.34 22.33 61.49
CA ARG A 3696 7.78 23.56 62.04
C ARG A 3696 6.38 23.79 61.46
N ASN A 3697 5.66 24.72 62.07
CA ASN A 3697 4.33 25.06 61.60
C ASN A 3697 4.40 25.71 60.22
N GLU A 3698 3.57 25.23 59.30
CA GLU A 3698 3.53 25.72 57.94
C GLU A 3698 2.60 26.92 57.85
N LEU A 3699 3.16 28.07 57.48
CA LEU A 3699 2.35 29.27 57.29
C LEU A 3699 1.46 29.10 56.05
N GLU A 3700 0.38 29.88 56.01
CA GLU A 3700 -0.60 29.76 54.94
C GLU A 3700 -1.05 31.15 54.52
N ILE A 3701 -1.20 31.35 53.21
CA ILE A 3701 -1.68 32.62 52.66
C ILE A 3701 -3.08 32.87 53.20
N PRO A 3702 -3.28 33.97 53.93
CA PRO A 3702 -4.59 34.21 54.55
C PRO A 3702 -5.67 34.49 53.50
N GLY A 3703 -6.90 34.17 53.87
CA GLY A 3703 -8.04 34.43 53.01
C GLY A 3703 -8.45 33.30 52.11
N GLN A 3704 -8.21 32.06 52.53
CA GLN A 3704 -8.55 30.89 51.66
C GLN A 3704 -9.67 30.03 52.28
N TYR A 3705 -10.09 30.35 53.51
CA TYR A 3705 -11.13 29.57 54.18
C TYR A 3705 -12.48 30.23 53.94
N ASP A 3706 -13.18 29.78 52.90
CA ASP A 3706 -14.55 30.21 52.69
C ASP A 3706 -15.53 29.21 53.30
N GLY A 3707 -16.58 29.74 53.91
CA GLY A 3707 -17.57 28.92 54.59
C GLY A 3707 -18.55 28.22 53.68
N ARG A 3708 -18.28 28.16 52.38
CA ARG A 3708 -19.19 27.55 51.42
C ARG A 3708 -19.36 26.06 51.69
N GLY A 3709 -18.28 25.30 51.60
CA GLY A 3709 -18.30 23.87 51.82
C GLY A 3709 -17.23 23.41 52.78
N LYS A 3710 -16.92 22.11 52.72
CA LYS A 3710 -15.89 21.55 53.58
C LYS A 3710 -14.51 21.92 53.04
N PRO A 3711 -13.67 22.58 53.84
CA PRO A 3711 -12.36 23.02 53.33
C PRO A 3711 -11.36 21.89 53.31
N LEU A 3712 -10.45 21.97 52.34
CA LEU A 3712 -9.35 21.02 52.20
C LEU A 3712 -8.04 21.75 52.46
N PRO A 3713 -7.54 21.76 53.70
CA PRO A 3713 -6.32 22.52 54.01
C PRO A 3713 -5.10 22.05 53.24
N GLU A 3714 -5.12 20.81 52.78
CA GLU A 3714 -3.99 20.27 52.03
C GLU A 3714 -3.88 20.86 50.62
N TYR A 3715 -4.95 21.47 50.12
CA TYR A 3715 -4.91 22.17 48.84
C TYR A 3715 -4.68 23.66 48.98
N HIS A 3716 -4.72 24.19 50.21
CA HIS A 3716 -4.50 25.61 50.43
C HIS A 3716 -3.04 25.97 50.18
N VAL A 3717 -2.82 27.10 49.54
CA VAL A 3717 -1.47 27.55 49.21
C VAL A 3717 -0.75 27.98 50.48
N ARG A 3718 0.46 27.47 50.68
CA ARG A 3718 1.29 27.80 51.83
C ARG A 3718 2.41 28.75 51.41
N ILE A 3719 2.78 29.64 52.31
CA ILE A 3719 3.79 30.65 52.00
C ILE A 3719 5.16 29.98 51.92
N ALA A 3720 5.82 30.13 50.77
CA ALA A 3720 7.15 29.59 50.56
C ALA A 3720 8.24 30.66 50.54
N GLY A 3721 7.88 31.93 50.45
CA GLY A 3721 8.85 33.00 50.42
C GLY A 3721 8.21 34.30 50.00
N PHE A 3722 8.93 35.39 50.24
CA PHE A 3722 8.49 36.74 49.92
C PHE A 3722 9.43 37.35 48.91
N ASP A 3723 8.88 38.00 47.89
CA ASP A 3723 9.69 38.69 46.91
C ASP A 3723 10.40 39.88 47.54
N GLU A 3724 11.52 40.26 46.95
CA GLU A 3724 12.37 41.31 47.50
C GLU A 3724 11.91 42.72 47.13
N ARG A 3725 11.04 42.85 46.14
CA ARG A 3725 10.61 44.16 45.65
C ARG A 3725 9.32 44.58 46.34
N VAL A 3726 9.36 45.78 46.94
CA VAL A 3726 8.19 46.37 47.66
C VAL A 3726 7.82 47.68 46.95
N THR A 3727 6.58 47.77 46.46
CA THR A 3727 6.10 48.95 45.74
C THR A 3727 5.24 49.79 46.67
N VAL A 3728 5.61 51.05 46.85
CA VAL A 3728 4.88 51.97 47.71
C VAL A 3728 3.92 52.79 46.86
N MET A 3729 2.66 52.83 47.27
CA MET A 3729 1.65 53.60 46.55
C MET A 3729 1.75 55.08 46.90
N ALA A 3730 1.39 55.92 45.93
CA ALA A 3730 1.48 57.36 46.08
C ALA A 3730 0.17 57.96 46.58
N SER A 3731 -0.33 57.44 47.70
CA SER A 3731 -1.53 57.96 48.33
C SER A 3731 -1.17 58.59 49.68
N LEU A 3732 -2.20 58.94 50.45
CA LEU A 3732 -1.98 59.57 51.75
C LEU A 3732 -1.36 58.60 52.74
N ARG A 3733 -1.98 57.43 52.92
CA ARG A 3733 -1.53 56.47 53.92
C ARG A 3733 -0.30 55.69 53.49
N ARG A 3734 0.15 55.82 52.24
CA ARG A 3734 1.32 55.12 51.73
C ARG A 3734 1.25 53.61 51.97
N PRO A 3735 0.33 52.89 51.35
CA PRO A 3735 0.29 51.43 51.52
C PRO A 3735 1.42 50.77 50.75
N LYS A 3736 1.75 49.56 51.18
CA LYS A 3736 2.86 48.78 50.56
C LYS A 3736 2.29 47.56 49.84
N ARG A 3737 2.91 47.20 48.71
CA ARG A 3737 2.52 46.06 47.90
C ARG A 3737 3.62 45.00 47.98
N ILE A 3738 3.30 43.87 48.58
CA ILE A 3738 4.24 42.76 48.70
C ILE A 3738 3.80 41.64 47.76
N ILE A 3739 4.75 40.79 47.40
CA ILE A 3739 4.50 39.64 46.54
C ILE A 3739 4.89 38.38 47.31
N ILE A 3740 3.89 37.59 47.68
CA ILE A 3740 4.10 36.37 48.46
C ILE A 3740 4.19 35.19 47.50
N ARG A 3741 5.31 34.48 47.54
CA ARG A 3741 5.51 33.31 46.72
C ARG A 3741 5.05 32.07 47.48
N GLY A 3742 4.05 31.39 46.93
CA GLY A 3742 3.47 30.22 47.57
C GLY A 3742 4.10 28.93 47.09
N HIS A 3743 3.76 27.83 47.76
CA HIS A 3743 4.29 26.53 47.39
C HIS A 3743 3.72 26.02 46.08
N ASP A 3744 2.68 26.67 45.54
CA ASP A 3744 2.11 26.32 44.25
C ASP A 3744 2.89 26.89 43.08
N GLU A 3745 4.10 27.43 43.34
CA GLU A 3745 4.99 27.95 42.32
C GLU A 3745 4.39 29.15 41.58
N ARG A 3746 3.53 29.91 42.25
CA ARG A 3746 2.96 31.13 41.69
C ARG A 3746 3.10 32.25 42.70
N GLU A 3747 2.94 33.48 42.22
CA GLU A 3747 3.05 34.68 43.04
C GLU A 3747 1.65 35.20 43.39
N HIS A 3748 1.54 35.78 44.58
CA HIS A 3748 0.29 36.32 45.08
C HIS A 3748 0.53 37.71 45.65
N PRO A 3749 0.25 38.76 44.88
CA PRO A 3749 0.47 40.12 45.39
C PRO A 3749 -0.64 40.56 46.32
N PHE A 3750 -0.26 41.28 47.36
CA PHE A 3750 -1.20 41.80 48.34
C PHE A 3750 -0.86 43.25 48.67
N LEU A 3751 -1.83 43.95 49.23
CA LEU A 3751 -1.68 45.35 49.64
C LEU A 3751 -1.67 45.39 51.16
N VAL A 3752 -0.57 45.86 51.73
CA VAL A 3752 -0.36 45.89 53.17
C VAL A 3752 -0.75 47.29 53.64
N LYS A 3753 -1.92 47.39 54.26
CA LYS A 3753 -2.40 48.65 54.83
C LYS A 3753 -2.35 48.55 56.35
N GLY A 3754 -1.45 49.31 56.96
CA GLY A 3754 -1.24 49.29 58.39
C GLY A 3754 -1.85 50.50 59.05
N GLY A 3755 -2.28 50.33 60.30
CA GLY A 3755 -2.91 51.41 61.03
C GLY A 3755 -4.31 51.74 60.56
N GLU A 3756 -5.02 50.76 59.99
CA GLU A 3756 -6.36 50.97 59.47
C GLU A 3756 -7.19 49.72 59.73
N ASP A 3757 -8.41 49.91 60.25
CA ASP A 3757 -9.31 48.81 60.53
C ASP A 3757 -10.00 48.39 59.24
N LEU A 3758 -9.71 47.19 58.77
CA LEU A 3758 -10.26 46.68 57.51
C LEU A 3758 -11.42 45.71 57.72
N ARG A 3759 -12.03 45.72 58.91
CA ARG A 3759 -13.15 44.82 59.17
C ARG A 3759 -14.40 45.26 58.42
N GLN A 3760 -14.66 46.57 58.37
CA GLN A 3760 -15.84 47.06 57.66
C GLN A 3760 -15.74 46.73 56.16
N ASP A 3761 -14.55 46.84 55.59
CA ASP A 3761 -14.38 46.46 54.19
C ASP A 3761 -14.62 44.98 53.98
N GLN A 3762 -14.21 44.14 54.94
CA GLN A 3762 -14.46 42.71 54.84
C GLN A 3762 -15.96 42.42 54.89
N ARG A 3763 -16.68 43.12 55.77
CA ARG A 3763 -18.12 42.91 55.86
C ARG A 3763 -18.83 43.41 54.59
N VAL A 3764 -18.33 44.50 54.00
CA VAL A 3764 -18.90 44.98 52.75
C VAL A 3764 -18.64 43.99 51.63
N GLU A 3765 -17.45 43.39 51.60
CA GLU A 3765 -17.18 42.35 50.61
C GLU A 3765 -18.05 41.12 50.82
N GLN A 3766 -18.36 40.79 52.07
CA GLN A 3766 -19.28 39.69 52.33
C GLN A 3766 -20.69 40.03 51.87
N LEU A 3767 -21.12 41.27 52.07
CA LEU A 3767 -22.40 41.72 51.53
C LEU A 3767 -22.42 41.61 50.01
N PHE A 3768 -21.30 41.96 49.37
CA PHE A 3768 -21.21 41.84 47.92
C PHE A 3768 -21.25 40.38 47.47
N GLN A 3769 -20.65 39.48 48.26
CA GLN A 3769 -20.76 38.06 47.94
C GLN A 3769 -22.19 37.57 48.06
N VAL A 3770 -22.91 38.04 49.08
CA VAL A 3770 -24.33 37.68 49.22
C VAL A 3770 -25.12 38.22 48.03
N MET A 3771 -24.81 39.44 47.59
CA MET A 3771 -25.49 40.02 46.43
C MET A 3771 -25.19 39.22 45.17
N ASN A 3772 -23.94 38.76 45.01
CA ASN A 3772 -23.60 37.93 43.86
C ASN A 3772 -24.34 36.61 43.90
N GLY A 3773 -24.48 36.02 45.09
CA GLY A 3773 -25.25 34.80 45.21
C GLY A 3773 -26.72 35.01 44.88
N ILE A 3774 -27.26 36.18 45.25
CA ILE A 3774 -28.65 36.49 44.91
C ILE A 3774 -28.79 36.68 43.40
N LEU A 3775 -27.85 37.39 42.77
CA LEU A 3775 -27.92 37.64 41.34
C LEU A 3775 -27.71 36.38 40.54
N ALA A 3776 -26.97 35.40 41.08
CA ALA A 3776 -26.74 34.15 40.38
C ALA A 3776 -27.97 33.27 40.32
N GLN A 3777 -28.97 33.52 41.16
CA GLN A 3777 -30.20 32.74 41.17
C GLN A 3777 -31.32 33.38 40.38
N ASP A 3778 -31.19 34.65 39.99
CA ASP A 3778 -32.20 35.30 39.18
C ASP A 3778 -31.94 35.01 37.70
N SER A 3779 -32.99 34.62 36.98
CA SER A 3779 -32.83 34.22 35.59
C SER A 3779 -32.38 35.39 34.72
N ALA A 3780 -33.03 36.55 34.87
CA ALA A 3780 -32.70 37.70 34.04
C ALA A 3780 -31.27 38.19 34.28
N CYS A 3781 -30.75 37.97 35.48
CA CYS A 3781 -29.38 38.39 35.78
C CYS A 3781 -28.38 37.28 35.43
N SER A 3782 -28.76 36.02 35.62
CA SER A 3782 -27.86 34.92 35.29
C SER A 3782 -27.66 34.78 33.79
N GLN A 3783 -28.70 35.09 33.00
CA GLN A 3783 -28.56 35.02 31.55
C GLN A 3783 -27.64 36.11 31.00
N ARG A 3784 -27.36 37.15 31.79
CA ARG A 3784 -26.47 38.23 31.39
C ARG A 3784 -25.16 38.22 32.16
N ALA A 3785 -24.98 37.27 33.08
CA ALA A 3785 -23.75 37.11 33.85
C ALA A 3785 -23.40 38.39 34.62
N LEU A 3786 -24.35 38.81 35.45
CA LEU A 3786 -24.16 39.99 36.29
C LEU A 3786 -23.56 39.56 37.62
N GLN A 3787 -22.28 39.89 37.83
CA GLN A 3787 -21.57 39.53 39.05
C GLN A 3787 -20.65 40.67 39.44
N LEU A 3788 -20.75 41.10 40.69
CA LEU A 3788 -19.86 42.14 41.20
C LEU A 3788 -18.44 41.60 41.37
N ARG A 3789 -17.47 42.39 40.91
CA ARG A 3789 -16.03 42.04 41.03
C ARG A 3789 -15.60 42.26 42.49
N THR A 3790 -15.31 41.18 43.20
CA THR A 3790 -14.92 41.26 44.60
C THR A 3790 -13.49 40.79 44.79
N TYR A 3791 -12.91 41.19 45.92
CA TYR A 3791 -11.56 40.79 46.29
C TYR A 3791 -11.54 40.41 47.77
N SER A 3792 -10.51 39.69 48.17
CA SER A 3792 -10.39 39.18 49.53
C SER A 3792 -9.75 40.22 50.43
N VAL A 3793 -10.44 40.56 51.52
CA VAL A 3793 -9.93 41.46 52.54
C VAL A 3793 -9.74 40.66 53.82
N VAL A 3794 -8.49 40.59 54.29
CA VAL A 3794 -8.17 39.78 55.46
C VAL A 3794 -7.60 40.66 56.56
N PRO A 3795 -8.42 41.09 57.52
CA PRO A 3795 -7.87 41.81 58.67
C PRO A 3795 -7.25 40.86 59.67
N MET A 3796 -6.03 41.19 60.11
CA MET A 3796 -5.31 40.40 61.10
C MET A 3796 -5.39 40.98 62.51
N THR A 3797 -5.21 42.30 62.65
CA THR A 3797 -5.41 42.97 63.92
C THR A 3797 -6.34 44.15 63.71
N SER A 3798 -6.53 44.98 64.74
CA SER A 3798 -7.31 46.19 64.61
C SER A 3798 -6.55 47.31 63.91
N ARG A 3799 -5.26 47.10 63.59
CA ARG A 3799 -4.45 48.13 62.95
C ARG A 3799 -3.64 47.56 61.78
N LEU A 3800 -4.02 46.40 61.25
CA LEU A 3800 -3.26 45.77 60.18
C LEU A 3800 -4.11 44.74 59.43
N GLY A 3801 -4.03 44.75 58.10
CA GLY A 3801 -4.74 43.78 57.30
C GLY A 3801 -4.20 43.74 55.89
N LEU A 3802 -4.53 42.65 55.19
CA LEU A 3802 -4.12 42.45 53.81
C LEU A 3802 -5.31 42.57 52.87
N ILE A 3803 -5.05 43.08 51.68
CA ILE A 3803 -6.06 43.23 50.63
C ILE A 3803 -5.51 42.64 49.34
N GLU A 3804 -6.32 41.82 48.68
CA GLU A 3804 -5.89 41.20 47.43
C GLU A 3804 -5.63 42.26 46.37
N TRP A 3805 -4.44 42.21 45.78
CA TRP A 3805 -4.07 43.16 44.74
C TRP A 3805 -4.67 42.73 43.40
N LEU A 3806 -5.40 43.64 42.77
CA LEU A 3806 -5.99 43.38 41.47
C LEU A 3806 -4.95 43.62 40.38
N GLU A 3807 -4.62 42.56 39.64
CA GLU A 3807 -3.56 42.63 38.65
C GLU A 3807 -4.01 43.39 37.41
N ASN A 3808 -3.12 44.25 36.90
CA ASN A 3808 -3.33 44.97 35.64
C ASN A 3808 -4.60 45.83 35.69
N THR A 3809 -4.74 46.59 36.77
CA THR A 3809 -5.87 47.49 36.94
C THR A 3809 -5.36 48.87 37.34
N VAL A 3810 -6.03 49.89 36.83
CA VAL A 3810 -5.71 51.28 37.15
C VAL A 3810 -7.01 51.99 37.52
N THR A 3811 -6.89 53.03 38.32
CA THR A 3811 -8.05 53.81 38.72
C THR A 3811 -8.63 54.56 37.53
N LEU A 3812 -9.90 54.94 37.65
CA LEU A 3812 -10.58 55.63 36.55
C LEU A 3812 -10.00 57.02 36.32
N LYS A 3813 -9.57 57.70 37.39
CA LYS A 3813 -8.99 59.03 37.22
C LYS A 3813 -7.67 58.95 36.46
N ASP A 3814 -6.85 57.92 36.74
CA ASP A 3814 -5.62 57.75 36.00
C ASP A 3814 -5.89 57.41 34.53
N LEU A 3815 -6.92 56.61 34.28
CA LEU A 3815 -7.28 56.28 32.90
C LEU A 3815 -7.74 57.53 32.15
N LEU A 3816 -8.45 58.43 32.84
CA LEU A 3816 -8.91 59.66 32.19
C LEU A 3816 -7.75 60.63 31.98
N LEU A 3817 -6.81 60.69 32.92
CA LEU A 3817 -5.70 61.63 32.79
C LEU A 3817 -4.65 61.14 31.78
N ASN A 3818 -4.42 59.84 31.69
CA ASN A 3818 -3.48 59.31 30.71
C ASN A 3818 -4.00 59.40 29.29
N THR A 3819 -5.29 59.69 29.11
CA THR A 3819 -5.85 59.83 27.77
C THR A 3819 -5.71 61.26 27.25
N MET A 3820 -5.71 62.25 28.13
CA MET A 3820 -5.53 63.64 27.70
C MET A 3820 -4.12 63.83 27.13
N SER A 3821 -4.01 64.72 26.15
CA SER A 3821 -2.71 65.06 25.62
C SER A 3821 -1.97 65.97 26.59
N GLN A 3822 -0.74 66.34 26.20
CA GLN A 3822 0.06 67.23 27.04
C GLN A 3822 -0.64 68.57 27.24
N GLU A 3823 -1.12 69.19 26.15
CA GLU A 3823 -1.78 70.47 26.26
C GLU A 3823 -3.11 70.36 27.02
N GLU A 3824 -3.88 69.30 26.76
CA GLU A 3824 -5.15 69.14 27.47
C GLU A 3824 -4.93 68.92 28.96
N LYS A 3825 -3.95 68.08 29.32
CA LYS A 3825 -3.67 67.85 30.73
C LYS A 3825 -3.14 69.12 31.41
N ALA A 3826 -2.28 69.87 30.71
CA ALA A 3826 -1.76 71.11 31.26
C ALA A 3826 -2.87 72.12 31.47
N ALA A 3827 -3.82 72.19 30.54
CA ALA A 3827 -4.94 73.11 30.69
C ALA A 3827 -5.85 72.70 31.83
N TYR A 3828 -6.11 71.40 31.95
CA TYR A 3828 -7.00 70.92 33.01
C TYR A 3828 -6.38 71.10 34.38
N LEU A 3829 -5.04 71.00 34.48
CA LEU A 3829 -4.40 71.04 35.78
C LEU A 3829 -3.90 72.43 36.16
N SER A 3830 -3.55 73.27 35.20
CA SER A 3830 -2.88 74.53 35.50
C SER A 3830 -3.65 75.77 35.07
N ASP A 3831 -4.42 75.69 33.97
CA ASP A 3831 -5.12 76.88 33.47
C ASP A 3831 -6.14 77.35 34.51
N PRO A 3832 -6.22 78.65 34.79
CA PRO A 3832 -7.15 79.14 35.81
C PRO A 3832 -8.61 79.06 35.37
N ARG A 3833 -8.84 78.81 34.09
CA ARG A 3833 -10.19 78.60 33.58
C ARG A 3833 -10.60 77.13 33.60
N ALA A 3834 -9.74 76.24 34.09
CA ALA A 3834 -10.08 74.84 34.18
C ALA A 3834 -11.18 74.63 35.23
N PRO A 3835 -11.95 73.55 35.09
CA PRO A 3835 -13.01 73.27 36.07
C PRO A 3835 -12.51 73.23 37.50
N PRO A 3836 -11.36 72.61 37.80
CA PRO A 3836 -10.90 72.59 39.20
C PRO A 3836 -10.75 73.96 39.82
N CYS A 3837 -10.33 74.96 39.05
CA CYS A 3837 -10.17 76.32 39.57
C CYS A 3837 -11.41 77.18 39.34
N GLU A 3838 -12.08 77.02 38.19
CA GLU A 3838 -13.28 77.79 37.92
C GLU A 3838 -14.39 77.46 38.90
N TYR A 3839 -14.46 76.20 39.36
CA TYR A 3839 -15.49 75.83 40.32
C TYR A 3839 -15.27 76.52 41.66
N LYS A 3840 -14.02 76.58 42.12
CA LYS A 3840 -13.74 77.29 43.37
C LYS A 3840 -13.96 78.79 43.22
N ASP A 3841 -13.62 79.34 42.04
CA ASP A 3841 -13.89 80.75 41.80
C ASP A 3841 -15.38 81.04 41.82
N TRP A 3842 -16.19 80.15 41.24
CA TRP A 3842 -17.64 80.32 41.26
C TRP A 3842 -18.20 80.18 42.67
N LEU A 3843 -17.66 79.25 43.46
CA LEU A 3843 -18.08 79.12 44.84
C LEU A 3843 -17.72 80.36 45.65
N THR A 3844 -16.59 80.98 45.34
CA THR A 3844 -16.21 82.21 46.02
C THR A 3844 -17.13 83.37 45.62
N LYS A 3845 -17.41 83.51 44.33
CA LYS A 3845 -18.26 84.60 43.87
C LYS A 3845 -19.72 84.41 44.30
N MET A 3846 -20.13 83.17 44.59
CA MET A 3846 -21.49 82.93 45.05
C MET A 3846 -21.61 82.90 46.57
N SER A 3847 -20.48 82.88 47.29
CA SER A 3847 -20.52 82.81 48.75
C SER A 3847 -19.65 83.85 49.46
N GLY A 3848 -18.58 84.34 48.84
CA GLY A 3848 -17.71 85.29 49.49
C GLY A 3848 -16.65 84.70 50.39
N LYS A 3849 -16.67 83.38 50.60
CA LYS A 3849 -15.71 82.71 51.47
C LYS A 3849 -14.80 81.82 50.64
N HIS A 3850 -13.71 81.38 51.28
CA HIS A 3850 -12.72 80.51 50.66
C HIS A 3850 -12.53 79.22 51.46
N ASP A 3851 -13.58 78.76 52.12
CA ASP A 3851 -13.49 77.59 53.00
C ASP A 3851 -14.71 76.71 52.74
N VAL A 3852 -14.93 75.75 53.64
CA VAL A 3852 -16.04 74.81 53.49
C VAL A 3852 -17.38 75.53 53.54
N GLY A 3853 -17.45 76.66 54.24
CA GLY A 3853 -18.68 77.43 54.31
C GLY A 3853 -19.13 77.98 52.97
N ALA A 3854 -18.27 77.89 51.94
CA ALA A 3854 -18.67 78.32 50.60
C ALA A 3854 -19.88 77.55 50.12
N TYR A 3855 -19.90 76.23 50.34
CA TYR A 3855 -21.06 75.43 49.94
C TYR A 3855 -22.29 75.80 50.76
N MET A 3856 -22.13 76.01 52.07
CA MET A 3856 -23.24 76.37 52.93
C MET A 3856 -23.89 77.68 52.47
N LEU A 3857 -23.06 78.64 52.05
CA LEU A 3857 -23.60 79.92 51.61
C LEU A 3857 -24.09 79.87 50.16
N MET A 3858 -23.53 78.99 49.34
CA MET A 3858 -23.96 78.88 47.95
C MET A 3858 -25.29 78.15 47.83
N TYR A 3859 -25.56 77.20 48.73
CA TYR A 3859 -26.87 76.54 48.72
C TYR A 3859 -27.99 77.52 49.00
N LYS A 3860 -27.70 78.64 49.68
CA LYS A 3860 -28.69 79.64 49.99
C LYS A 3860 -28.74 80.75 48.94
N GLY A 3861 -27.58 81.18 48.45
CA GLY A 3861 -27.52 82.29 47.52
C GLY A 3861 -27.90 81.93 46.09
N ALA A 3862 -27.15 81.02 45.48
CA ALA A 3862 -27.37 80.69 44.07
C ALA A 3862 -28.67 79.94 43.88
N ASN A 3863 -29.41 80.33 42.83
CA ASN A 3863 -30.66 79.67 42.48
C ASN A 3863 -30.37 78.52 41.52
N ARG A 3864 -31.41 77.95 40.94
CA ARG A 3864 -31.23 76.78 40.07
C ARG A 3864 -30.62 77.17 38.73
N THR A 3865 -31.18 78.19 38.07
CA THR A 3865 -30.76 78.52 36.72
C THR A 3865 -29.28 78.92 36.68
N GLU A 3866 -28.83 79.71 37.65
CA GLU A 3866 -27.45 80.18 37.66
C GLU A 3866 -26.48 79.02 37.76
N THR A 3867 -26.67 78.15 38.75
CA THR A 3867 -25.74 77.03 38.92
C THR A 3867 -25.85 76.02 37.78
N VAL A 3868 -27.04 75.86 37.19
CA VAL A 3868 -27.19 74.94 36.07
C VAL A 3868 -26.41 75.45 34.86
N THR A 3869 -26.55 76.75 34.55
CA THR A 3869 -25.80 77.31 33.44
C THR A 3869 -24.30 77.28 33.72
N SER A 3870 -23.89 77.54 34.96
CA SER A 3870 -22.48 77.49 35.31
C SER A 3870 -21.92 76.09 35.12
N PHE A 3871 -22.66 75.07 35.54
CA PHE A 3871 -22.20 73.69 35.39
C PHE A 3871 -22.17 73.27 33.93
N ARG A 3872 -23.18 73.68 33.15
CA ARG A 3872 -23.18 73.34 31.73
C ARG A 3872 -22.04 74.02 30.98
N LYS A 3873 -21.65 75.23 31.43
CA LYS A 3873 -20.50 75.88 30.81
C LYS A 3873 -19.19 75.24 31.27
N ARG A 3874 -19.12 74.80 32.52
CA ARG A 3874 -17.90 74.18 33.04
C ARG A 3874 -17.66 72.81 32.41
N GLU A 3875 -18.74 72.08 32.08
CA GLU A 3875 -18.59 70.78 31.44
C GLU A 3875 -17.98 70.91 30.06
N SER A 3876 -18.24 72.02 29.37
CA SER A 3876 -17.79 72.20 28.00
C SER A 3876 -16.27 72.31 27.88
N LYS A 3877 -15.57 72.63 28.96
CA LYS A 3877 -14.12 72.75 28.93
C LYS A 3877 -13.40 71.43 29.18
N VAL A 3878 -14.13 70.32 29.21
CA VAL A 3878 -13.55 68.99 29.38
C VAL A 3878 -13.75 68.22 28.08
N PRO A 3879 -12.74 67.49 27.60
CA PRO A 3879 -12.92 66.69 26.39
C PRO A 3879 -14.12 65.73 26.51
N ALA A 3880 -14.95 65.72 25.47
CA ALA A 3880 -16.19 64.95 25.52
C ALA A 3880 -15.93 63.45 25.48
N ASP A 3881 -15.33 62.97 24.40
CA ASP A 3881 -15.11 61.53 24.22
C ASP A 3881 -13.77 61.09 24.81
N LEU A 3882 -13.52 61.46 26.07
CA LEU A 3882 -12.27 61.09 26.72
C LEU A 3882 -12.22 59.60 26.98
N LEU A 3883 -13.29 59.04 27.56
CA LEU A 3883 -13.32 57.61 27.83
C LEU A 3883 -13.39 56.81 26.52
N LYS A 3884 -14.06 57.34 25.51
CA LYS A 3884 -14.10 56.66 24.22
C LYS A 3884 -12.72 56.62 23.57
N ARG A 3885 -11.97 57.72 23.65
CA ARG A 3885 -10.61 57.71 23.14
C ARG A 3885 -9.72 56.77 23.95
N ALA A 3886 -9.94 56.71 25.27
CA ALA A 3886 -9.20 55.77 26.10
C ALA A 3886 -9.48 54.33 25.71
N PHE A 3887 -10.72 54.03 25.33
CA PHE A 3887 -11.06 52.67 24.93
C PHE A 3887 -10.59 52.33 23.52
N VAL A 3888 -10.58 53.29 22.61
CA VAL A 3888 -10.09 53.00 21.27
C VAL A 3888 -8.56 52.96 21.23
N ARG A 3889 -7.90 53.59 22.22
CA ARG A 3889 -6.44 53.54 22.26
C ARG A 3889 -5.94 52.19 22.75
N MET A 3890 -6.71 51.49 23.57
CA MET A 3890 -6.30 50.21 24.12
C MET A 3890 -6.83 49.01 23.34
N SER A 3891 -7.57 49.24 22.26
CA SER A 3891 -8.12 48.18 21.44
C SER A 3891 -7.53 48.25 20.04
N THR A 3892 -7.50 47.10 19.37
CA THR A 3892 -7.01 46.98 18.01
C THR A 3892 -8.13 46.84 16.98
N SER A 3893 -9.01 45.89 17.20
CA SER A 3893 -10.15 45.64 16.33
C SER A 3893 -11.41 46.26 16.90
N PRO A 3894 -12.42 46.52 16.06
CA PRO A 3894 -13.68 47.08 16.58
C PRO A 3894 -14.40 46.12 17.53
N GLU A 3895 -14.16 44.82 17.35
CA GLU A 3895 -14.71 43.84 18.29
C GLU A 3895 -14.22 44.09 19.71
N ALA A 3896 -12.92 44.37 19.86
CA ALA A 3896 -12.37 44.62 21.17
C ALA A 3896 -12.96 45.88 21.80
N PHE A 3897 -13.09 46.94 21.01
CA PHE A 3897 -13.67 48.18 21.54
C PHE A 3897 -15.12 47.96 21.97
N LEU A 3898 -15.89 47.25 21.13
CA LEU A 3898 -17.29 46.99 21.47
C LEU A 3898 -17.39 46.18 22.75
N ALA A 3899 -16.58 45.14 22.89
CA ALA A 3899 -16.61 44.32 24.09
C ALA A 3899 -16.21 45.12 25.32
N LEU A 3900 -15.16 45.93 25.20
CA LEU A 3900 -14.71 46.75 26.32
C LEU A 3900 -15.79 47.72 26.76
N ARG A 3901 -16.43 48.40 25.81
CA ARG A 3901 -17.47 49.37 26.16
C ARG A 3901 -18.66 48.68 26.80
N SER A 3902 -19.08 47.53 26.24
CA SER A 3902 -20.22 46.81 26.82
C SER A 3902 -19.91 46.34 28.23
N HIS A 3903 -18.72 45.79 28.47
N HIS A 3903 -18.72 45.78 28.46
CA HIS A 3903 -18.36 45.33 29.81
CA HIS A 3903 -18.37 45.33 29.80
C HIS A 3903 -18.27 46.50 30.78
C HIS A 3903 -18.26 46.49 30.79
N PHE A 3904 -17.71 47.62 30.35
CA PHE A 3904 -17.62 48.79 31.21
C PHE A 3904 -19.01 49.27 31.61
N ALA A 3905 -19.91 49.39 30.64
CA ALA A 3905 -21.27 49.84 30.93
C ALA A 3905 -21.97 48.88 31.88
N SER A 3906 -21.88 47.58 31.62
CA SER A 3906 -22.56 46.60 32.48
C SER A 3906 -22.02 46.65 33.91
N SER A 3907 -20.70 46.60 34.06
CA SER A 3907 -20.11 46.61 35.39
C SER A 3907 -20.42 47.92 36.12
N HIS A 3908 -20.40 49.05 35.42
CA HIS A 3908 -20.69 50.32 36.06
C HIS A 3908 -22.13 50.40 36.52
N ALA A 3909 -23.07 49.92 35.69
CA ALA A 3909 -24.47 49.93 36.10
C ALA A 3909 -24.70 49.04 37.31
N LEU A 3910 -24.11 47.84 37.30
CA LEU A 3910 -24.26 46.94 38.44
C LEU A 3910 -23.66 47.54 39.70
N ILE A 3911 -22.48 48.15 39.59
CA ILE A 3911 -21.84 48.77 40.75
C ILE A 3911 -22.69 49.90 41.28
N CYS A 3912 -23.24 50.72 40.39
CA CYS A 3912 -24.07 51.85 40.81
C CYS A 3912 -25.30 51.37 41.57
N ILE A 3913 -26.02 50.39 41.02
CA ILE A 3913 -27.25 49.95 41.69
C ILE A 3913 -26.92 49.27 43.01
N SER A 3914 -25.84 48.48 43.06
CA SER A 3914 -25.48 47.81 44.29
C SER A 3914 -25.05 48.80 45.37
N HIS A 3915 -24.26 49.81 45.00
CA HIS A 3915 -23.83 50.81 45.97
C HIS A 3915 -24.98 51.68 46.43
N TRP A 3916 -25.99 51.90 45.57
CA TRP A 3916 -27.18 52.61 46.04
C TRP A 3916 -27.97 51.76 47.02
N ILE A 3917 -28.06 50.45 46.77
CA ILE A 3917 -28.74 49.56 47.71
C ILE A 3917 -28.03 49.58 49.06
N LEU A 3918 -26.70 49.51 49.05
CA LEU A 3918 -25.94 49.54 50.28
C LEU A 3918 -25.65 50.95 50.79
N GLY A 3919 -25.94 51.98 50.00
CA GLY A 3919 -25.73 53.34 50.45
C GLY A 3919 -24.29 53.79 50.49
N ILE A 3920 -23.49 53.40 49.49
CA ILE A 3920 -22.12 53.88 49.39
C ILE A 3920 -22.11 55.26 48.75
N GLY A 3921 -21.41 56.20 49.38
CA GLY A 3921 -21.49 57.59 48.94
C GLY A 3921 -20.21 58.20 48.40
N ASP A 3922 -19.07 57.78 48.92
CA ASP A 3922 -17.78 58.38 48.54
C ASP A 3922 -17.27 57.78 47.24
N ARG A 3923 -18.05 57.99 46.18
CA ARG A 3923 -17.72 57.44 44.86
C ARG A 3923 -17.06 58.47 43.95
N HIS A 3924 -15.86 58.91 44.31
CA HIS A 3924 -15.10 59.78 43.44
C HIS A 3924 -14.30 58.95 42.44
N LEU A 3925 -13.54 59.64 41.59
CA LEU A 3925 -12.87 58.98 40.47
C LEU A 3925 -11.79 58.00 40.92
N ASN A 3926 -11.20 58.20 42.10
CA ASN A 3926 -10.14 57.32 42.57
C ASN A 3926 -10.67 56.06 43.26
N ASN A 3927 -11.98 55.94 43.44
CA ASN A 3927 -12.57 54.74 44.04
C ASN A 3927 -13.11 53.77 43.00
N PHE A 3928 -12.82 54.01 41.72
CA PHE A 3928 -13.22 53.11 40.64
C PHE A 3928 -11.97 52.64 39.91
N MET A 3929 -11.82 51.33 39.80
CA MET A 3929 -10.69 50.73 39.08
C MET A 3929 -11.21 50.04 37.83
N VAL A 3930 -10.44 50.17 36.74
CA VAL A 3930 -10.80 49.61 35.45
C VAL A 3930 -9.74 48.58 35.06
N ALA A 3931 -10.18 47.38 34.74
CA ALA A 3931 -9.27 46.32 34.29
C ALA A 3931 -8.85 46.62 32.86
N MET A 3932 -7.55 46.84 32.66
CA MET A 3932 -7.01 47.20 31.34
C MET A 3932 -7.04 46.05 30.36
N GLU A 3933 -7.57 44.89 30.72
CA GLU A 3933 -7.69 43.75 29.81
C GLU A 3933 -9.11 43.34 29.51
N THR A 3934 -10.07 43.66 30.38
CA THR A 3934 -11.47 43.34 30.15
C THR A 3934 -12.38 44.56 30.13
N GLY A 3935 -11.96 45.69 30.69
CA GLY A 3935 -12.77 46.88 30.70
C GLY A 3935 -13.76 46.99 31.84
N GLY A 3936 -13.85 45.99 32.71
CA GLY A 3936 -14.80 46.03 33.79
C GLY A 3936 -14.41 47.03 34.87
N VAL A 3937 -15.41 47.45 35.64
CA VAL A 3937 -15.22 48.41 36.72
C VAL A 3937 -15.22 47.66 38.04
N ILE A 3938 -14.33 48.09 38.94
CA ILE A 3938 -14.19 47.46 40.28
C ILE A 3938 -14.26 48.56 41.35
N GLY A 3939 -15.17 48.41 42.31
CA GLY A 3939 -15.34 49.37 43.37
C GLY A 3939 -14.46 49.03 44.57
N ILE A 3940 -13.87 50.07 45.16
CA ILE A 3940 -12.99 49.94 46.31
C ILE A 3940 -13.26 51.08 47.27
N ASP A 3941 -12.54 51.05 48.41
CA ASP A 3941 -12.56 52.12 49.40
C ASP A 3941 -13.97 52.38 49.92
N PHE A 3942 -14.52 51.36 50.59
CA PHE A 3942 -15.86 51.41 51.16
C PHE A 3942 -15.74 51.93 52.59
N GLY A 3943 -15.63 53.25 52.73
CA GLY A 3943 -15.55 53.88 54.04
C GLY A 3943 -16.90 54.38 54.51
N HIS A 3944 -17.73 54.84 53.57
CA HIS A 3944 -19.08 55.31 53.87
C HIS A 3944 -20.08 54.24 53.46
N ALA A 3945 -21.06 53.98 54.33
CA ALA A 3945 -22.07 52.98 54.05
C ALA A 3945 -23.39 53.39 54.71
N PHE A 3946 -24.49 53.04 54.05
CA PHE A 3946 -25.83 53.31 54.54
C PHE A 3946 -26.04 54.81 54.78
N GLY A 3947 -25.79 55.59 53.74
CA GLY A 3947 -26.00 57.03 53.79
C GLY A 3947 -25.07 57.79 54.71
N SER A 3948 -23.93 57.20 55.10
CA SER A 3948 -23.00 57.89 55.99
C SER A 3948 -22.42 59.14 55.36
N ALA A 3949 -22.28 59.17 54.03
CA ALA A 3949 -21.74 60.34 53.35
C ALA A 3949 -22.77 61.46 53.22
N THR A 3950 -24.06 61.13 53.18
CA THR A 3950 -25.09 62.16 53.11
C THR A 3950 -25.46 62.68 54.49
N GLN A 3951 -25.18 61.92 55.54
CA GLN A 3951 -25.63 62.25 56.89
C GLN A 3951 -24.58 63.00 57.70
N PHE A 3952 -23.31 62.60 57.64
CA PHE A 3952 -22.30 63.14 58.52
C PHE A 3952 -21.26 64.04 57.85
N LEU A 3953 -21.28 64.15 56.53
CA LEU A 3953 -20.32 65.01 55.88
C LEU A 3953 -20.80 66.46 55.89
N PRO A 3954 -19.89 67.42 56.02
CA PRO A 3954 -20.30 68.84 56.01
C PRO A 3954 -20.87 69.27 54.67
N VAL A 3955 -20.33 68.77 53.57
CA VAL A 3955 -20.89 69.00 52.24
C VAL A 3955 -21.64 67.74 51.85
N PRO A 3956 -22.97 67.70 52.03
CA PRO A 3956 -23.71 66.46 51.78
C PRO A 3956 -23.68 66.07 50.31
N GLU A 3957 -23.53 64.77 50.07
CA GLU A 3957 -23.58 64.21 48.73
C GLU A 3957 -25.01 63.77 48.44
N LEU A 3958 -25.62 64.40 47.43
CA LEU A 3958 -27.02 64.16 47.11
C LEU A 3958 -27.23 63.20 45.95
N MET A 3959 -26.15 62.66 45.39
CA MET A 3959 -26.35 61.73 44.29
C MET A 3959 -26.33 60.28 44.79
N PRO A 3960 -27.11 59.40 44.17
CA PRO A 3960 -27.10 57.99 44.60
C PRO A 3960 -25.85 57.26 44.15
N PHE A 3961 -25.33 57.63 42.98
CA PHE A 3961 -24.12 57.02 42.43
C PHE A 3961 -23.50 58.03 41.45
N ARG A 3962 -22.47 57.58 40.73
CA ARG A 3962 -21.75 58.44 39.80
C ARG A 3962 -22.18 58.11 38.38
N LEU A 3963 -22.86 59.06 37.74
CA LEU A 3963 -23.32 58.92 36.36
C LEU A 3963 -22.99 60.20 35.59
N THR A 3964 -21.73 60.64 35.69
CA THR A 3964 -21.33 61.95 35.21
C THR A 3964 -21.30 61.98 33.68
N ARG A 3965 -20.78 63.08 33.13
CA ARG A 3965 -20.88 63.33 31.69
C ARG A 3965 -20.07 62.32 30.88
N GLN A 3966 -18.95 61.85 31.41
CA GLN A 3966 -18.11 60.92 30.67
C GLN A 3966 -18.83 59.60 30.42
N PHE A 3967 -19.54 59.09 31.43
CA PHE A 3967 -20.27 57.84 31.26
C PHE A 3967 -21.40 57.99 30.24
N ILE A 3968 -22.01 59.17 30.19
CA ILE A 3968 -23.09 59.40 29.22
C ILE A 3968 -22.51 59.50 27.82
N ASN A 3969 -21.40 60.21 27.66
CA ASN A 3969 -20.79 60.39 26.35
C ASN A 3969 -20.16 59.11 25.83
N LEU A 3970 -19.76 58.19 26.72
CA LEU A 3970 -19.20 56.93 26.26
C LEU A 3970 -20.22 56.10 25.48
N MET A 3971 -21.49 56.19 25.86
CA MET A 3971 -22.52 55.36 25.24
C MET A 3971 -23.10 55.95 23.97
N LEU A 3972 -22.76 57.20 23.64
CA LEU A 3972 -23.28 57.87 22.45
C LEU A 3972 -22.99 57.04 21.20
N PRO A 3973 -23.88 57.06 20.20
CA PRO A 3973 -25.11 57.85 20.11
C PRO A 3973 -26.28 57.29 20.92
N MET A 3974 -26.07 56.19 21.63
CA MET A 3974 -27.13 55.64 22.46
C MET A 3974 -27.38 56.54 23.67
N LYS A 3975 -28.56 56.40 24.25
CA LYS A 3975 -28.94 57.16 25.43
C LYS A 3975 -28.76 56.32 26.69
N GLU A 3976 -28.96 56.97 27.83
CA GLU A 3976 -28.84 56.26 29.12
C GLU A 3976 -29.96 55.27 29.33
N THR A 3977 -31.02 55.31 28.52
CA THR A 3977 -32.13 54.39 28.64
C THR A 3977 -31.89 53.07 27.90
N GLY A 3978 -30.64 52.73 27.60
CA GLY A 3978 -30.35 51.52 26.85
C GLY A 3978 -29.83 50.39 27.70
N LEU A 3979 -28.51 50.16 27.67
CA LEU A 3979 -27.92 49.03 28.36
C LEU A 3979 -27.87 49.24 29.87
N MET A 3980 -27.36 50.40 30.29
CA MET A 3980 -27.24 50.68 31.72
C MET A 3980 -28.60 50.64 32.41
N TYR A 3981 -29.61 51.24 31.77
CA TYR A 3981 -30.95 51.24 32.34
C TYR A 3981 -31.48 49.83 32.53
N SER A 3982 -31.34 48.98 31.50
CA SER A 3982 -31.83 47.61 31.61
C SER A 3982 -31.09 46.82 32.67
N ILE A 3983 -29.76 47.01 32.76
CA ILE A 3983 -28.98 46.31 33.77
C ILE A 3983 -29.41 46.73 35.16
N MET A 3984 -29.60 48.04 35.37
CA MET A 3984 -30.03 48.53 36.67
C MET A 3984 -31.42 48.00 37.03
N VAL A 3985 -32.33 48.00 36.06
CA VAL A 3985 -33.69 47.50 36.32
C VAL A 3985 -33.66 46.03 36.70
N HIS A 3986 -32.90 45.22 35.96
CA HIS A 3986 -32.82 43.79 36.25
C HIS A 3986 -32.19 43.54 37.62
N ALA A 3987 -31.12 44.26 37.94
CA ALA A 3987 -30.46 44.07 39.22
C ALA A 3987 -31.37 44.48 40.37
N LEU A 3988 -32.11 45.59 40.21
CA LEU A 3988 -33.01 46.04 41.25
C LEU A 3988 -34.17 45.07 41.43
N ARG A 3989 -34.69 44.51 40.33
CA ARG A 3989 -35.75 43.52 40.44
C ARG A 3989 -35.25 42.26 41.13
N ALA A 3990 -34.03 41.84 40.82
CA ALA A 3990 -33.46 40.66 41.49
C ALA A 3990 -33.25 40.91 42.97
N PHE A 3991 -32.85 42.13 43.34
CA PHE A 3991 -32.64 42.44 44.75
C PHE A 3991 -33.97 42.57 45.50
N ARG A 3992 -35.01 43.06 44.84
CA ARG A 3992 -36.30 43.26 45.50
C ARG A 3992 -37.19 42.02 45.45
N SER A 3993 -36.84 41.02 44.64
CA SER A 3993 -37.66 39.82 44.56
C SER A 3993 -37.74 39.13 45.92
N ASP A 3994 -36.60 38.70 46.43
CA ASP A 3994 -36.53 38.10 47.78
C ASP A 3994 -35.50 38.86 48.59
N PRO A 3995 -35.86 39.98 49.22
CA PRO A 3995 -34.89 40.77 50.00
C PRO A 3995 -34.69 40.29 51.44
N GLY A 3996 -35.33 39.20 51.85
CA GLY A 3996 -35.21 38.76 53.24
C GLY A 3996 -33.78 38.45 53.62
N LEU A 3997 -33.07 37.73 52.76
CA LEU A 3997 -31.68 37.38 53.04
C LEU A 3997 -30.79 38.61 53.08
N LEU A 3998 -30.92 39.49 52.08
CA LEU A 3998 -30.11 40.70 52.05
C LEU A 3998 -30.46 41.62 53.21
N THR A 3999 -31.74 41.71 53.56
CA THR A 3999 -32.13 42.54 54.69
C THR A 3999 -31.57 41.99 56.00
N ASN A 4000 -31.63 40.67 56.18
CA ASN A 4000 -31.05 40.06 57.37
C ASN A 4000 -29.55 40.31 57.45
N THR A 4001 -28.85 40.18 56.32
CA THR A 4001 -27.40 40.39 56.33
C THR A 4001 -27.06 41.84 56.62
N MET A 4002 -27.81 42.79 56.06
CA MET A 4002 -27.56 44.20 56.34
C MET A 4002 -27.87 44.53 57.78
N ASP A 4003 -28.90 43.91 58.35
CA ASP A 4003 -29.24 44.14 59.76
C ASP A 4003 -28.15 43.59 60.67
N VAL A 4004 -27.57 42.44 60.31
CA VAL A 4004 -26.44 41.91 61.06
C VAL A 4004 -25.24 42.83 60.93
N PHE A 4005 -25.05 43.41 59.74
CA PHE A 4005 -23.96 44.35 59.52
C PHE A 4005 -24.09 45.57 60.43
N VAL A 4006 -25.24 46.26 60.36
CA VAL A 4006 -25.41 47.52 61.08
C VAL A 4006 -25.47 47.36 62.58
N LYS A 4007 -25.64 46.13 63.09
CA LYS A 4007 -25.71 45.89 64.51
C LYS A 4007 -24.39 45.38 65.09
N GLU A 4008 -23.31 45.45 64.35
CA GLU A 4008 -22.01 45.04 64.87
C GLU A 4008 -21.52 46.03 65.91
N PRO A 4009 -20.97 45.57 67.04
CA PRO A 4009 -20.48 46.49 68.05
C PRO A 4009 -19.26 47.28 67.61
N SER A 4010 -18.53 46.84 66.59
CA SER A 4010 -17.38 47.56 66.08
C SER A 4010 -17.75 48.62 65.05
N PHE A 4011 -19.03 48.74 64.69
N PHE A 4011 -19.03 48.74 64.70
CA PHE A 4011 -19.47 49.73 63.71
CA PHE A 4011 -19.52 49.70 63.72
C PHE A 4011 -20.20 50.89 64.36
C PHE A 4011 -20.23 50.87 64.39
N ASP A 4012 -19.74 51.32 65.54
CA ASP A 4012 -20.35 52.43 66.25
C ASP A 4012 -19.81 53.74 65.70
N TRP A 4013 -20.11 54.85 66.39
CA TRP A 4013 -19.66 56.17 65.97
C TRP A 4013 -18.18 56.39 66.28
N LYS A 4014 -17.66 55.75 67.34
CA LYS A 4014 -16.26 55.95 67.70
C LYS A 4014 -15.32 55.44 66.61
N ASN A 4015 -15.63 54.29 66.01
CA ASN A 4015 -14.80 53.77 64.93
C ASN A 4015 -14.90 54.64 63.69
N PHE A 4016 -16.11 55.15 63.39
CA PHE A 4016 -16.27 56.05 62.25
C PHE A 4016 -15.48 57.33 62.43
N GLU A 4017 -15.38 57.81 63.67
CA GLU A 4017 -14.58 59.01 63.94
C GLU A 4017 -13.14 58.82 63.49
N GLN A 4018 -12.47 57.77 63.98
CA GLN A 4018 -11.08 57.55 63.61
C GLN A 4018 -10.94 57.16 62.15
N LYS A 4019 -11.94 56.48 61.58
CA LYS A 4019 -11.89 56.15 60.16
C LYS A 4019 -11.88 57.40 59.31
N MET A 4020 -12.69 58.41 59.69
CA MET A 4020 -12.67 59.66 58.95
C MET A 4020 -11.43 60.50 59.27
N LEU A 4021 -10.89 60.37 60.48
CA LEU A 4021 -9.71 61.13 60.84
C LEU A 4021 -8.47 60.63 60.09
N LYS A 4022 -8.40 59.31 59.85
CA LYS A 4022 -7.26 58.76 59.13
C LYS A 4022 -7.21 59.17 57.66
N LYS A 4023 -8.26 59.80 57.14
CA LYS A 4023 -8.29 60.27 55.76
C LYS A 4023 -8.35 61.78 55.66
N GLY A 4024 -9.32 62.42 56.32
CA GLY A 4024 -9.44 63.86 56.28
C GLY A 4024 -9.75 64.42 54.91
N GLY A 4025 -10.42 63.64 54.07
CA GLY A 4025 -10.75 64.07 52.72
C GLY A 4025 -11.78 65.18 52.68
N SER A 4026 -13.00 64.88 53.12
CA SER A 4026 -14.09 65.84 53.11
C SER A 4026 -14.72 66.10 54.48
N TRP A 4027 -14.45 65.24 55.46
CA TRP A 4027 -15.00 65.45 56.79
C TRP A 4027 -14.44 66.73 57.41
N ILE A 4028 -15.24 67.35 58.27
CA ILE A 4028 -14.92 68.68 58.78
C ILE A 4028 -13.67 68.65 59.66
N GLN A 4029 -13.78 68.01 60.82
CA GLN A 4029 -12.66 67.89 61.75
C GLN A 4029 -13.00 66.98 62.93
N GLU A 4030 -12.09 66.88 63.88
CA GLU A 4030 -12.27 66.03 65.07
C GLU A 4030 -13.47 66.47 65.91
N ILE A 4031 -13.41 67.70 66.45
CA ILE A 4031 -14.36 68.13 67.48
C ILE A 4031 -15.56 68.86 66.92
N ASN A 4032 -15.80 68.81 65.60
CA ASN A 4032 -16.96 69.48 65.04
C ASN A 4032 -18.26 68.79 65.49
N VAL A 4033 -18.34 67.47 65.29
CA VAL A 4033 -19.52 66.72 65.69
C VAL A 4033 -19.31 66.18 67.10
N ALA A 4034 -19.70 66.98 68.10
CA ALA A 4034 -19.54 66.54 69.49
C ALA A 4034 -20.56 65.48 69.86
N GLU A 4035 -21.77 65.55 69.30
CA GLU A 4035 -22.80 64.56 69.57
C GLU A 4035 -22.55 63.31 68.75
N LYS A 4036 -23.26 62.23 69.07
CA LYS A 4036 -23.09 60.97 68.35
C LYS A 4036 -23.99 60.92 67.12
N ASN A 4037 -25.30 61.00 67.34
CA ASN A 4037 -26.30 61.01 66.26
C ASN A 4037 -26.08 59.84 65.29
N TRP A 4038 -25.72 58.70 65.85
CA TRP A 4038 -25.47 57.48 65.07
C TRP A 4038 -26.65 56.54 65.31
N TYR A 4039 -27.59 56.54 64.36
CA TYR A 4039 -28.80 55.75 64.48
C TYR A 4039 -28.61 54.39 63.79
N PRO A 4040 -28.50 53.30 64.56
CA PRO A 4040 -28.29 51.99 63.94
C PRO A 4040 -29.54 51.37 63.33
N ARG A 4041 -30.73 51.80 63.74
CA ARG A 4041 -31.95 51.23 63.20
C ARG A 4041 -32.46 51.97 61.97
N GLN A 4042 -32.22 53.28 61.89
CA GLN A 4042 -32.67 54.05 60.74
C GLN A 4042 -31.97 53.61 59.47
N LYS A 4043 -30.73 53.12 59.59
CA LYS A 4043 -30.01 52.62 58.42
C LYS A 4043 -30.73 51.43 57.79
N ILE A 4044 -31.02 50.41 58.59
CA ILE A 4044 -31.72 49.25 58.06
C ILE A 4044 -33.16 49.59 57.69
N CYS A 4045 -33.77 50.56 58.37
CA CYS A 4045 -35.11 50.99 57.99
C CYS A 4045 -35.11 51.61 56.58
N TYR A 4046 -34.14 52.48 56.31
CA TYR A 4046 -34.05 53.08 54.98
C TYR A 4046 -33.65 52.04 53.93
N ALA A 4047 -32.85 51.06 54.32
CA ALA A 4047 -32.53 49.97 53.39
C ALA A 4047 -33.77 49.18 53.02
N LYS A 4048 -34.60 48.84 54.01
CA LYS A 4048 -35.84 48.14 53.72
C LYS A 4048 -36.79 49.00 52.91
N ARG A 4049 -36.80 50.31 53.14
CA ARG A 4049 -37.63 51.20 52.33
C ARG A 4049 -37.17 51.22 50.89
N LYS A 4050 -35.85 51.28 50.66
CA LYS A 4050 -35.32 51.20 49.31
C LYS A 4050 -35.72 49.89 48.65
N LEU A 4051 -35.56 48.77 49.37
CA LEU A 4051 -35.91 47.47 48.81
C LEU A 4051 -37.42 47.26 48.70
N ALA A 4052 -38.23 48.15 49.27
CA ALA A 4052 -39.68 48.05 49.19
C ALA A 4052 -40.28 48.90 48.08
N GLY A 4053 -39.51 49.82 47.50
CA GLY A 4053 -40.02 50.62 46.40
C GLY A 4053 -40.20 52.09 46.74
N ALA A 4054 -39.36 52.62 47.63
CA ALA A 4054 -39.46 54.01 48.02
C ALA A 4054 -38.79 54.92 47.00
N ASN A 4055 -39.15 56.19 47.04
CA ASN A 4055 -38.57 57.18 46.15
C ASN A 4055 -37.16 57.53 46.63
N PRO A 4056 -36.15 57.50 45.76
CA PRO A 4056 -34.79 57.85 46.21
C PRO A 4056 -34.68 59.25 46.77
N ALA A 4057 -35.41 60.21 46.21
CA ALA A 4057 -35.36 61.58 46.72
C ALA A 4057 -35.89 61.66 48.15
N VAL A 4058 -36.93 60.87 48.46
CA VAL A 4058 -37.46 60.88 49.81
C VAL A 4058 -36.45 60.30 50.80
N ILE A 4059 -35.74 59.24 50.40
CA ILE A 4059 -34.72 58.67 51.27
C ILE A 4059 -33.58 59.67 51.47
N THR A 4060 -33.19 60.38 50.41
CA THR A 4060 -32.15 61.39 50.54
C THR A 4060 -32.58 62.51 51.47
N CYS A 4061 -33.84 62.95 51.36
CA CYS A 4061 -34.34 63.99 52.26
C CYS A 4061 -34.40 63.50 53.70
N ASP A 4062 -34.75 62.24 53.92
CA ASP A 4062 -34.77 61.70 55.27
C ASP A 4062 -33.37 61.64 55.86
N GLU A 4063 -32.38 61.23 55.06
CA GLU A 4063 -31.01 61.20 55.53
C GLU A 4063 -30.50 62.62 55.83
N LEU A 4064 -30.89 63.58 55.00
CA LEU A 4064 -30.52 64.97 55.27
C LEU A 4064 -31.16 65.48 56.56
N LEU A 4065 -32.42 65.12 56.80
CA LEU A 4065 -33.08 65.53 58.03
C LEU A 4065 -32.42 64.90 59.24
N LEU A 4066 -31.97 63.65 59.10
CA LEU A 4066 -31.29 62.99 60.23
C LEU A 4066 -29.91 63.58 60.48
N GLY A 4067 -29.19 63.95 59.43
CA GLY A 4067 -27.83 64.43 59.59
C GLY A 4067 -27.70 65.92 59.88
N HIS A 4068 -28.22 66.75 58.97
CA HIS A 4068 -28.11 68.20 59.08
C HIS A 4068 -29.52 68.76 59.31
N GLU A 4069 -29.93 68.81 60.56
CA GLU A 4069 -31.23 69.35 60.93
C GLU A 4069 -31.14 70.80 61.38
N LYS A 4070 -30.08 71.16 62.10
CA LYS A 4070 -29.88 72.51 62.58
C LYS A 4070 -29.05 73.37 61.64
N ALA A 4071 -28.64 72.83 60.49
CA ALA A 4071 -27.87 73.60 59.53
C ALA A 4071 -28.73 74.70 58.92
N PRO A 4072 -28.18 75.87 58.62
CA PRO A 4072 -29.00 76.95 58.03
C PRO A 4072 -29.43 76.69 56.60
N ALA A 4073 -28.89 75.66 55.94
CA ALA A 4073 -29.25 75.35 54.56
C ALA A 4073 -29.99 74.02 54.43
N PHE A 4074 -30.59 73.53 55.52
CA PHE A 4074 -31.33 72.27 55.46
C PHE A 4074 -32.49 72.35 54.48
N ARG A 4075 -33.22 73.46 54.49
CA ARG A 4075 -34.32 73.64 53.54
C ARG A 4075 -33.80 73.65 52.11
N ASP A 4076 -32.70 74.35 51.85
CA ASP A 4076 -32.11 74.34 50.52
C ASP A 4076 -31.58 72.96 50.16
N TYR A 4077 -31.01 72.25 51.14
CA TYR A 4077 -30.54 70.89 50.92
C TYR A 4077 -31.68 70.00 50.42
N VAL A 4078 -32.81 70.00 51.13
CA VAL A 4078 -33.91 69.14 50.74
C VAL A 4078 -34.59 69.64 49.48
N ALA A 4079 -34.54 70.95 49.21
CA ALA A 4079 -35.12 71.46 47.97
C ALA A 4079 -34.31 71.03 46.77
N VAL A 4080 -32.98 70.97 46.92
CA VAL A 4080 -32.13 70.50 45.82
C VAL A 4080 -32.25 68.98 45.66
N ALA A 4081 -32.29 68.26 46.79
CA ALA A 4081 -32.36 66.80 46.73
C ALA A 4081 -33.71 66.32 46.21
N ARG A 4082 -34.78 67.07 46.46
CA ARG A 4082 -36.11 66.65 46.03
C ARG A 4082 -36.39 67.05 44.58
N GLY A 4083 -35.78 68.14 44.11
CA GLY A 4083 -35.98 68.59 42.75
C GLY A 4083 -37.27 69.36 42.56
N SER A 4084 -37.52 69.74 41.32
CA SER A 4084 -38.72 70.47 40.94
C SER A 4084 -39.54 69.62 39.98
N LYS A 4085 -40.86 69.81 40.02
CA LYS A 4085 -41.77 69.07 39.15
C LYS A 4085 -41.75 69.57 37.70
N ASP A 4086 -40.83 70.46 37.35
CA ASP A 4086 -40.77 71.03 36.01
C ASP A 4086 -39.71 70.38 35.12
N HIS A 4087 -38.58 69.97 35.69
CA HIS A 4087 -37.48 69.45 34.89
C HIS A 4087 -37.02 68.05 35.30
N ASN A 4088 -37.13 67.68 36.57
CA ASN A 4088 -36.62 66.41 37.06
C ASN A 4088 -37.80 65.54 37.49
N ILE A 4089 -37.89 64.35 36.91
CA ILE A 4089 -38.95 63.44 37.30
C ILE A 4089 -38.49 62.56 38.46
N ARG A 4090 -38.53 63.14 39.67
CA ARG A 4090 -38.43 62.37 40.90
C ARG A 4090 -39.42 62.94 41.90
N ALA A 4091 -39.92 64.13 41.61
CA ALA A 4091 -40.97 64.76 42.40
C ALA A 4091 -42.35 64.59 41.77
N GLN A 4092 -42.41 64.18 40.51
CA GLN A 4092 -43.67 63.89 39.82
C GLN A 4092 -44.14 62.46 40.10
N GLU A 4093 -43.54 61.78 41.06
CA GLU A 4093 -43.85 60.41 41.41
C GLU A 4093 -44.19 60.32 42.90
N PRO A 4094 -44.95 59.31 43.30
CA PRO A 4094 -45.25 59.14 44.74
C PRO A 4094 -44.01 58.86 45.56
N GLU A 4095 -44.16 58.85 46.89
CA GLU A 4095 -43.04 58.63 47.80
C GLU A 4095 -42.79 57.16 48.10
N SER A 4096 -43.66 56.27 47.65
CA SER A 4096 -43.51 54.85 47.91
C SER A 4096 -44.34 54.07 46.89
N GLY A 4097 -44.17 52.76 46.90
CA GLY A 4097 -44.90 51.91 45.99
C GLY A 4097 -44.43 51.98 44.55
N LEU A 4098 -43.28 52.58 44.29
CA LEU A 4098 -42.76 52.68 42.94
C LEU A 4098 -42.26 51.33 42.45
N SER A 4099 -42.34 51.12 41.14
CA SER A 4099 -41.81 49.92 40.54
C SER A 4099 -40.29 50.03 40.36
N GLU A 4100 -39.69 48.95 39.87
CA GLU A 4100 -38.25 48.97 39.64
C GLU A 4100 -37.88 49.95 38.54
N GLU A 4101 -38.69 50.00 37.48
CA GLU A 4101 -38.39 50.91 36.37
C GLU A 4101 -38.49 52.36 36.80
N THR A 4102 -39.54 52.70 37.56
CA THR A 4102 -39.68 54.06 38.04
C THR A 4102 -38.56 54.42 39.00
N GLN A 4103 -38.15 53.47 39.86
CA GLN A 4103 -37.04 53.73 40.76
C GLN A 4103 -35.74 53.99 40.00
N VAL A 4104 -35.48 53.20 38.95
CA VAL A 4104 -34.26 53.41 38.18
C VAL A 4104 -34.33 54.73 37.42
N LYS A 4105 -35.50 55.11 36.92
CA LYS A 4105 -35.64 56.40 36.25
C LYS A 4105 -35.37 57.54 37.22
N CYS A 4106 -35.91 57.46 38.45
CA CYS A 4106 -35.64 58.48 39.44
C CYS A 4106 -34.17 58.51 39.82
N LEU A 4107 -33.53 57.35 39.91
CA LEU A 4107 -32.11 57.30 40.22
C LEU A 4107 -31.27 57.97 39.14
N MET A 4108 -31.58 57.69 37.87
CA MET A 4108 -30.82 58.30 36.79
C MET A 4108 -31.13 59.79 36.66
N ASP A 4109 -32.33 60.21 37.06
CA ASP A 4109 -32.65 61.64 37.03
C ASP A 4109 -31.93 62.38 38.15
N GLN A 4110 -31.79 61.74 39.32
CA GLN A 4110 -31.12 62.39 40.43
C GLN A 4110 -29.60 62.38 40.28
N ALA A 4111 -29.04 61.31 39.71
CA ALA A 4111 -27.59 61.22 39.55
C ALA A 4111 -27.08 62.09 38.40
N THR A 4112 -27.95 62.48 37.47
CA THR A 4112 -27.55 63.32 36.35
C THR A 4112 -28.14 64.73 36.44
N ASP A 4113 -28.75 65.08 37.56
CA ASP A 4113 -29.32 66.41 37.74
C ASP A 4113 -28.20 67.45 37.76
N PRO A 4114 -28.19 68.41 36.84
CA PRO A 4114 -27.15 69.46 36.89
C PRO A 4114 -27.25 70.36 38.11
N ASN A 4115 -28.45 70.55 38.66
CA ASN A 4115 -28.58 71.37 39.87
C ASN A 4115 -27.91 70.71 41.06
N ILE A 4116 -27.84 69.38 41.08
CA ILE A 4116 -27.16 68.67 42.16
C ILE A 4116 -25.66 68.63 41.91
N LEU A 4117 -25.26 68.39 40.65
CA LEU A 4117 -23.84 68.29 40.33
C LEU A 4117 -23.13 69.63 40.44
N GLY A 4118 -23.84 70.73 40.20
CA GLY A 4118 -23.23 72.05 40.34
C GLY A 4118 -22.94 72.46 41.76
N ARG A 4119 -23.41 71.70 42.74
CA ARG A 4119 -23.20 72.02 44.16
C ARG A 4119 -22.40 70.93 44.88
N THR A 4120 -21.77 70.02 44.14
CA THR A 4120 -21.04 68.92 44.75
C THR A 4120 -19.66 69.37 45.23
N TRP A 4121 -19.16 68.69 46.25
CA TRP A 4121 -17.80 68.92 46.73
C TRP A 4121 -16.79 68.79 45.59
N GLU A 4122 -15.82 69.69 45.57
CA GLU A 4122 -14.91 69.79 44.42
C GLU A 4122 -14.02 68.57 44.27
N GLY A 4123 -13.74 67.84 45.35
CA GLY A 4123 -12.97 66.62 45.24
C GLY A 4123 -13.69 65.47 44.57
N TRP A 4124 -15.02 65.55 44.49
CA TRP A 4124 -15.78 64.51 43.80
C TRP A 4124 -15.71 64.66 42.29
N GLU A 4125 -15.37 65.86 41.80
CA GLU A 4125 -15.23 66.18 40.38
C GLU A 4125 -16.49 65.84 39.61
N PRO A 4126 -17.59 66.56 39.83
CA PRO A 4126 -18.82 66.24 39.09
C PRO A 4126 -18.77 66.61 37.62
N TRP A 4127 -17.84 67.47 37.21
CA TRP A 4127 -17.76 67.87 35.81
C TRP A 4127 -17.20 66.74 34.93
N MET A 4128 -16.44 65.83 35.53
CA MET A 4128 -15.86 64.73 34.78
C MET A 4128 -16.13 63.39 35.44
N TYR B 33 -10.33 -27.30 -55.18
CA TYR B 33 -9.12 -27.61 -54.44
C TYR B 33 -9.42 -28.47 -53.21
N LYS B 34 -10.03 -27.84 -52.21
CA LYS B 34 -10.36 -28.53 -50.97
C LYS B 34 -11.56 -29.44 -51.17
N TYR B 35 -11.59 -30.56 -50.44
CA TYR B 35 -12.68 -31.52 -50.57
C TYR B 35 -14.01 -30.92 -50.14
N SER B 36 -14.01 -30.05 -49.14
CA SER B 36 -15.23 -29.44 -48.64
C SER B 36 -15.70 -28.27 -49.48
N GLY B 37 -14.91 -27.85 -50.47
CA GLY B 37 -15.31 -26.72 -51.29
C GLY B 37 -16.42 -27.09 -52.26
N ARG B 38 -17.33 -26.15 -52.48
CA ARG B 38 -18.45 -26.30 -53.40
C ARG B 38 -18.39 -25.21 -54.46
N ASP B 39 -19.35 -25.26 -55.38
CA ASP B 39 -19.42 -24.31 -56.49
C ASP B 39 -20.51 -23.27 -56.23
N SER B 40 -20.32 -22.10 -56.85
CA SER B 40 -21.28 -21.01 -56.74
C SER B 40 -21.50 -20.41 -58.13
N LEU B 41 -22.76 -20.08 -58.42
CA LEU B 41 -23.12 -19.55 -59.72
C LEU B 41 -24.25 -18.54 -59.54
N ILE B 42 -24.05 -17.33 -60.04
CA ILE B 42 -25.03 -16.24 -59.93
C ILE B 42 -25.53 -15.92 -61.33
N PHE B 43 -26.84 -16.06 -61.54
CA PHE B 43 -27.46 -15.73 -62.80
C PHE B 43 -27.79 -14.24 -62.84
N LEU B 44 -27.23 -13.54 -63.82
CA LEU B 44 -27.40 -12.10 -63.97
C LEU B 44 -28.15 -11.85 -65.27
N VAL B 45 -29.46 -11.58 -65.17
CA VAL B 45 -30.32 -11.39 -66.32
C VAL B 45 -30.73 -9.93 -66.40
N ASP B 46 -30.64 -9.36 -67.60
CA ASP B 46 -31.07 -7.98 -67.82
C ASP B 46 -32.58 -7.90 -67.92
N ALA B 47 -33.12 -6.73 -67.59
CA ALA B 47 -34.56 -6.49 -67.63
C ALA B 47 -34.91 -5.22 -68.40
N SER B 48 -34.10 -4.85 -69.38
CA SER B 48 -34.37 -3.66 -70.17
C SER B 48 -35.48 -3.93 -71.18
N LYS B 49 -35.79 -2.90 -71.98
CA LYS B 49 -36.85 -3.05 -72.99
C LYS B 49 -36.44 -4.02 -74.09
N ALA B 50 -35.15 -4.02 -74.45
CA ALA B 50 -34.70 -4.92 -75.50
C ALA B 50 -34.79 -6.38 -75.07
N MET B 51 -34.78 -6.64 -73.77
CA MET B 51 -34.88 -8.02 -73.28
C MET B 51 -36.28 -8.58 -73.46
N PHE B 52 -37.29 -7.71 -73.50
CA PHE B 52 -38.67 -8.17 -73.62
C PHE B 52 -39.24 -8.02 -75.03
N GLU B 53 -38.63 -7.21 -75.89
CA GLU B 53 -39.13 -6.95 -77.23
C GLU B 53 -38.02 -7.23 -78.24
N SER B 54 -37.85 -8.51 -78.59
CA SER B 54 -36.91 -8.89 -79.64
C SER B 54 -37.48 -9.99 -80.54
N GLN B 55 -38.79 -10.19 -80.54
CA GLN B 55 -39.42 -11.26 -81.32
C GLN B 55 -39.46 -10.89 -82.80
N SER B 56 -38.38 -11.21 -83.53
CA SER B 56 -38.35 -10.95 -84.96
C SER B 56 -39.43 -11.73 -85.69
N GLU B 57 -39.52 -13.03 -85.43
CA GLU B 57 -40.55 -13.88 -86.01
C GLU B 57 -41.40 -14.57 -84.95
N ASP B 58 -41.43 -14.01 -83.73
CA ASP B 58 -42.25 -14.51 -82.63
C ASP B 58 -41.91 -15.97 -82.31
N GLU B 59 -40.66 -16.17 -81.87
CA GLU B 59 -40.18 -17.48 -81.48
C GLU B 59 -39.89 -17.56 -79.98
N LEU B 60 -39.08 -16.65 -79.44
CA LEU B 60 -38.74 -16.65 -78.03
C LEU B 60 -38.10 -15.31 -77.64
N THR B 61 -38.64 -14.67 -76.61
CA THR B 61 -38.06 -13.42 -76.15
C THR B 61 -36.77 -13.68 -75.38
N PRO B 62 -35.83 -12.73 -75.39
CA PRO B 62 -34.58 -12.94 -74.65
C PRO B 62 -34.79 -13.19 -73.16
N PHE B 63 -35.81 -12.60 -72.55
CA PHE B 63 -36.09 -12.86 -71.14
C PHE B 63 -36.62 -14.27 -70.93
N ASP B 64 -37.56 -14.70 -71.79
CA ASP B 64 -38.09 -16.06 -71.70
C ASP B 64 -36.99 -17.09 -71.95
N MET B 65 -36.12 -16.82 -72.91
CA MET B 65 -35.01 -17.73 -73.18
C MET B 65 -34.07 -17.82 -71.98
N SER B 66 -33.80 -16.69 -71.33
CA SER B 66 -32.95 -16.70 -70.14
C SER B 66 -33.61 -17.47 -69.01
N ILE B 67 -34.93 -17.32 -68.83
CA ILE B 67 -35.63 -18.07 -67.79
C ILE B 67 -35.58 -19.57 -68.08
N GLN B 68 -35.76 -19.94 -69.35
CA GLN B 68 -35.66 -21.36 -69.73
C GLN B 68 -34.28 -21.91 -69.44
N CYS B 69 -33.23 -21.13 -69.77
CA CYS B 69 -31.87 -21.59 -69.52
C CYS B 69 -31.59 -21.73 -68.03
N ILE B 70 -32.08 -20.77 -67.22
CA ILE B 70 -31.88 -20.84 -65.78
C ILE B 70 -32.59 -22.06 -65.20
N GLN B 71 -33.81 -22.32 -65.66
CA GLN B 71 -34.53 -23.50 -65.18
C GLN B 71 -33.83 -24.79 -65.59
N SER B 72 -33.29 -24.82 -66.82
CA SER B 72 -32.55 -26.00 -67.25
C SER B 72 -31.32 -26.23 -66.37
N VAL B 73 -30.59 -25.16 -66.06
CA VAL B 73 -29.41 -25.29 -65.21
C VAL B 73 -29.81 -25.74 -63.81
N TYR B 74 -30.89 -25.18 -63.27
CA TYR B 74 -31.36 -25.58 -61.95
C TYR B 74 -31.74 -27.06 -61.92
N ILE B 75 -32.44 -27.52 -62.94
CA ILE B 75 -32.87 -28.91 -62.99
C ILE B 75 -31.67 -29.84 -63.14
N SER B 76 -30.70 -29.45 -63.99
CA SER B 76 -29.53 -30.28 -64.22
C SER B 76 -28.59 -30.30 -63.01
N LYS B 77 -28.61 -29.26 -62.18
CA LYS B 77 -27.74 -29.21 -61.01
C LYS B 77 -28.38 -29.73 -59.74
N ILE B 78 -29.72 -29.73 -59.67
CA ILE B 78 -30.41 -30.21 -58.46
C ILE B 78 -30.29 -31.71 -58.29
N ILE B 79 -29.82 -32.43 -59.30
CA ILE B 79 -29.60 -33.87 -59.22
C ILE B 79 -28.12 -34.21 -59.26
N SER B 80 -27.37 -33.55 -60.13
CA SER B 80 -25.93 -33.78 -60.25
C SER B 80 -25.20 -33.42 -58.96
N SER B 81 -25.28 -32.15 -58.55
CA SER B 81 -24.63 -31.68 -57.33
C SER B 81 -25.63 -30.79 -56.59
N ASP B 82 -26.38 -31.39 -55.69
CA ASP B 82 -27.38 -30.68 -54.90
C ASP B 82 -26.80 -29.89 -53.74
N ARG B 83 -25.47 -29.79 -53.66
CA ARG B 83 -24.80 -29.05 -52.59
C ARG B 83 -24.21 -27.73 -53.07
N ASP B 84 -24.33 -27.42 -54.37
CA ASP B 84 -23.80 -26.16 -54.88
C ASP B 84 -24.76 -25.02 -54.55
N LEU B 85 -24.32 -23.80 -54.88
CA LEU B 85 -25.07 -22.59 -54.58
C LEU B 85 -25.46 -21.91 -55.87
N LEU B 86 -26.72 -21.46 -55.95
CA LEU B 86 -27.25 -20.77 -57.11
C LEU B 86 -28.00 -19.53 -56.68
N ALA B 87 -27.92 -18.49 -57.49
CA ALA B 87 -28.59 -17.23 -57.21
C ALA B 87 -29.02 -16.57 -58.51
N VAL B 88 -30.18 -15.94 -58.48
CA VAL B 88 -30.75 -15.26 -59.64
C VAL B 88 -30.95 -13.79 -59.28
N VAL B 89 -30.32 -12.90 -60.04
CA VAL B 89 -30.40 -11.46 -59.80
C VAL B 89 -30.80 -10.77 -61.09
N PHE B 90 -31.81 -9.92 -61.01
CA PHE B 90 -32.26 -9.11 -62.15
C PHE B 90 -31.89 -7.66 -61.93
N TYR B 91 -31.27 -7.05 -62.93
CA TYR B 91 -30.90 -5.64 -62.88
C TYR B 91 -31.66 -4.88 -63.95
N GLY B 92 -31.71 -3.56 -63.80
CA GLY B 92 -32.46 -2.71 -64.70
C GLY B 92 -33.94 -2.62 -64.42
N THR B 93 -34.42 -3.26 -63.35
CA THR B 93 -35.83 -3.22 -63.02
C THR B 93 -36.19 -1.88 -62.38
N GLU B 94 -37.46 -1.75 -61.97
CA GLU B 94 -37.95 -0.55 -61.30
C GLU B 94 -37.84 -0.64 -59.79
N LYS B 95 -38.20 -1.78 -59.20
CA LYS B 95 -38.10 -1.96 -57.76
C LYS B 95 -36.68 -2.41 -57.41
N ASP B 96 -36.42 -2.66 -56.13
CA ASP B 96 -35.09 -3.07 -55.70
C ASP B 96 -35.21 -3.86 -54.41
N LYS B 97 -34.33 -4.87 -54.28
CA LYS B 97 -34.26 -5.69 -53.07
C LYS B 97 -32.80 -6.12 -52.89
N ASN B 98 -32.08 -5.35 -52.08
CA ASN B 98 -30.66 -5.57 -51.86
C ASN B 98 -30.35 -5.45 -50.37
N SER B 99 -29.15 -5.89 -49.99
CA SER B 99 -28.68 -5.72 -48.62
C SER B 99 -28.15 -4.33 -48.35
N VAL B 100 -27.73 -3.61 -49.39
CA VAL B 100 -27.24 -2.24 -49.28
C VAL B 100 -28.21 -1.24 -49.88
N ASN B 101 -29.39 -1.69 -50.31
CA ASN B 101 -30.43 -0.83 -50.84
C ASN B 101 -29.96 -0.04 -52.07
N PHE B 102 -29.30 -0.73 -53.00
CA PHE B 102 -28.96 -0.11 -54.27
C PHE B 102 -30.22 0.03 -55.13
N LYS B 103 -30.13 0.89 -56.14
CA LYS B 103 -31.28 1.24 -56.96
C LYS B 103 -31.32 0.38 -58.22
N ASN B 104 -32.55 0.01 -58.61
CA ASN B 104 -32.84 -0.77 -59.86
C ASN B 104 -32.13 -2.13 -59.86
N ILE B 105 -31.91 -2.70 -58.67
CA ILE B 105 -31.30 -4.02 -58.56
C ILE B 105 -32.13 -4.87 -57.60
N TYR B 106 -32.71 -5.95 -58.11
CA TYR B 106 -33.60 -6.80 -57.32
C TYR B 106 -32.99 -8.20 -57.25
N VAL B 107 -32.63 -8.62 -56.03
CA VAL B 107 -32.09 -9.95 -55.80
C VAL B 107 -33.27 -10.89 -55.52
N LEU B 108 -33.65 -11.69 -56.52
CA LEU B 108 -34.77 -12.60 -56.35
C LEU B 108 -34.40 -13.76 -55.43
N GLN B 109 -33.27 -14.41 -55.69
CA GLN B 109 -32.83 -15.55 -54.90
C GLN B 109 -31.35 -15.37 -54.56
N GLU B 110 -31.01 -15.64 -53.30
CA GLU B 110 -29.64 -15.55 -52.85
C GLU B 110 -28.93 -16.89 -53.04
N LEU B 111 -27.62 -16.89 -52.79
CA LEU B 111 -26.81 -18.09 -52.95
C LEU B 111 -27.20 -19.16 -51.93
N ASP B 112 -27.85 -20.22 -52.39
CA ASP B 112 -28.27 -21.30 -51.53
C ASP B 112 -28.38 -22.56 -52.37
N ASN B 113 -28.65 -23.69 -51.69
CA ASN B 113 -28.80 -24.95 -52.40
C ASN B 113 -30.04 -24.91 -53.28
N PRO B 114 -29.97 -25.45 -54.49
CA PRO B 114 -31.14 -25.42 -55.40
C PRO B 114 -32.25 -26.32 -54.89
N GLY B 115 -33.47 -25.80 -54.91
CA GLY B 115 -34.64 -26.54 -54.47
C GLY B 115 -35.74 -26.51 -55.51
N ALA B 116 -36.85 -27.16 -55.17
CA ALA B 116 -37.99 -27.23 -56.08
C ALA B 116 -38.82 -25.95 -56.06
N LYS B 117 -38.86 -25.25 -54.92
CA LYS B 117 -39.67 -24.04 -54.84
C LYS B 117 -39.09 -22.91 -55.67
N ARG B 118 -37.75 -22.82 -55.74
CA ARG B 118 -37.13 -21.81 -56.59
C ARG B 118 -37.43 -22.06 -58.07
N ILE B 119 -37.51 -23.32 -58.46
CA ILE B 119 -37.87 -23.65 -59.84
C ILE B 119 -39.27 -23.14 -60.16
N LEU B 120 -40.20 -23.29 -59.22
CA LEU B 120 -41.55 -22.79 -59.44
C LEU B 120 -41.57 -21.26 -59.44
N GLU B 121 -40.79 -20.63 -58.56
CA GLU B 121 -40.72 -19.18 -58.53
C GLU B 121 -40.20 -18.63 -59.86
N LEU B 122 -39.24 -19.34 -60.47
CA LEU B 122 -38.78 -18.96 -61.80
C LEU B 122 -39.82 -19.29 -62.86
N ASP B 123 -40.59 -20.36 -62.66
CA ASP B 123 -41.68 -20.69 -63.57
C ASP B 123 -42.75 -19.61 -63.59
N GLN B 124 -42.87 -18.85 -62.50
CA GLN B 124 -43.84 -17.76 -62.45
C GLN B 124 -43.62 -16.76 -63.58
N PHE B 125 -42.38 -16.66 -64.08
CA PHE B 125 -42.05 -15.74 -65.15
C PHE B 125 -41.73 -16.44 -66.47
N LYS B 126 -41.96 -17.75 -66.58
CA LYS B 126 -41.56 -18.47 -67.77
C LYS B 126 -42.53 -18.24 -68.93
N GLY B 127 -43.83 -18.33 -68.67
CA GLY B 127 -44.82 -18.19 -69.71
C GLY B 127 -44.88 -16.79 -70.29
N GLN B 128 -45.71 -16.66 -71.33
CA GLN B 128 -45.91 -15.35 -71.94
C GLN B 128 -46.59 -14.39 -70.98
N GLN B 129 -47.61 -14.86 -70.28
CA GLN B 129 -48.19 -14.07 -69.19
C GLN B 129 -47.22 -13.92 -68.03
N GLY B 130 -46.18 -14.77 -67.98
CA GLY B 130 -45.14 -14.59 -66.99
C GLY B 130 -44.40 -13.26 -67.14
N GLN B 131 -44.31 -12.75 -68.37
CA GLN B 131 -43.71 -11.44 -68.57
C GLN B 131 -44.53 -10.34 -67.93
N LYS B 132 -45.86 -10.41 -68.08
CA LYS B 132 -46.73 -9.45 -67.42
C LYS B 132 -46.66 -9.59 -65.91
N ARG B 133 -46.61 -10.83 -65.42
CA ARG B 133 -46.46 -11.05 -63.98
C ARG B 133 -45.15 -10.46 -63.47
N PHE B 134 -44.07 -10.58 -64.24
CA PHE B 134 -42.79 -10.01 -63.86
C PHE B 134 -42.87 -8.48 -63.83
N GLN B 135 -43.39 -7.88 -64.90
CA GLN B 135 -43.49 -6.44 -64.98
C GLN B 135 -44.45 -5.85 -63.94
N ASP B 136 -45.39 -6.64 -63.43
CA ASP B 136 -46.25 -6.18 -62.35
C ASP B 136 -45.63 -6.41 -60.98
N MET B 137 -44.78 -7.43 -60.86
CA MET B 137 -44.13 -7.70 -59.58
C MET B 137 -42.87 -6.86 -59.39
N MET B 138 -42.03 -6.80 -60.42
CA MET B 138 -40.74 -6.12 -60.32
C MET B 138 -40.57 -4.97 -61.29
N GLY B 139 -41.34 -4.92 -62.37
CA GLY B 139 -41.19 -3.86 -63.36
C GLY B 139 -40.02 -4.12 -64.30
N HIS B 140 -39.81 -3.16 -65.20
CA HIS B 140 -38.74 -3.26 -66.19
C HIS B 140 -38.54 -1.87 -66.79
N GLY B 141 -37.60 -1.78 -67.73
CA GLY B 141 -37.34 -0.56 -68.46
C GLY B 141 -36.93 0.61 -67.58
N SER B 142 -35.77 0.52 -66.97
CA SER B 142 -35.24 1.58 -66.12
C SER B 142 -33.73 1.67 -66.29
N ASP B 143 -33.18 2.81 -65.87
CA ASP B 143 -31.74 3.00 -65.91
C ASP B 143 -31.06 2.18 -64.81
N TYR B 144 -29.75 2.06 -64.91
CA TYR B 144 -28.98 1.27 -63.96
C TYR B 144 -27.51 1.67 -64.07
N SER B 145 -26.71 1.14 -63.15
CA SER B 145 -25.26 1.32 -63.14
C SER B 145 -24.63 -0.06 -63.03
N LEU B 146 -23.89 -0.47 -64.07
CA LEU B 146 -23.30 -1.79 -64.10
C LEU B 146 -22.28 -2.01 -62.99
N SER B 147 -21.75 -0.94 -62.39
CA SER B 147 -20.86 -1.10 -61.25
C SER B 147 -21.60 -1.59 -60.02
N GLU B 148 -22.79 -1.02 -59.77
CA GLU B 148 -23.57 -1.44 -58.60
C GLU B 148 -24.08 -2.87 -58.76
N VAL B 149 -24.33 -3.33 -59.98
CA VAL B 149 -24.77 -4.70 -60.19
C VAL B 149 -23.67 -5.67 -59.79
N LEU B 150 -22.45 -5.43 -60.28
CA LEU B 150 -21.32 -6.25 -59.89
C LEU B 150 -21.03 -6.12 -58.40
N TRP B 151 -21.31 -4.95 -57.81
CA TRP B 151 -21.13 -4.79 -56.37
C TRP B 151 -22.10 -5.65 -55.59
N VAL B 152 -23.37 -5.70 -56.02
CA VAL B 152 -24.34 -6.57 -55.36
C VAL B 152 -23.95 -8.03 -55.54
N CYS B 153 -23.43 -8.38 -56.72
CA CYS B 153 -22.98 -9.75 -56.94
C CYS B 153 -21.84 -10.11 -56.00
N ALA B 154 -20.88 -9.19 -55.83
CA ALA B 154 -19.77 -9.44 -54.91
C ALA B 154 -20.26 -9.54 -53.46
N ASN B 155 -21.25 -8.72 -53.11
CA ASN B 155 -21.81 -8.79 -51.76
C ASN B 155 -22.48 -10.13 -51.52
N LEU B 156 -23.21 -10.63 -52.52
CA LEU B 156 -23.82 -11.96 -52.40
C LEU B 156 -22.75 -13.04 -52.29
N PHE B 157 -21.67 -12.90 -53.06
CA PHE B 157 -20.57 -13.86 -52.95
C PHE B 157 -19.89 -13.80 -51.58
N SER B 158 -19.92 -12.65 -50.93
CA SER B 158 -19.27 -12.46 -49.64
C SER B 158 -20.15 -12.85 -48.46
N ASP B 159 -21.39 -13.29 -48.71
CA ASP B 159 -22.29 -13.70 -47.65
C ASP B 159 -22.36 -15.22 -47.49
N VAL B 160 -21.55 -15.96 -48.23
CA VAL B 160 -21.56 -17.41 -48.15
C VAL B 160 -20.80 -17.86 -46.91
N GLN B 161 -21.38 -18.80 -46.16
CA GLN B 161 -20.77 -19.35 -44.96
C GLN B 161 -20.10 -20.70 -45.21
N PHE B 162 -19.78 -21.01 -46.46
CA PHE B 162 -19.10 -22.23 -46.83
C PHE B 162 -17.96 -21.89 -47.79
N LYS B 163 -17.03 -22.83 -47.93
CA LYS B 163 -15.93 -22.62 -48.86
C LYS B 163 -16.40 -22.82 -50.30
N MET B 164 -16.08 -21.86 -51.16
CA MET B 164 -16.50 -21.91 -52.58
C MET B 164 -15.29 -22.21 -53.46
N SER B 165 -15.33 -23.33 -54.19
CA SER B 165 -14.25 -23.72 -55.09
C SER B 165 -14.19 -22.81 -56.31
N HIS B 166 -15.33 -22.58 -56.95
CA HIS B 166 -15.41 -21.74 -58.14
C HIS B 166 -16.53 -20.73 -57.99
N LYS B 167 -16.25 -19.49 -58.38
CA LYS B 167 -17.23 -18.42 -58.38
C LYS B 167 -17.42 -17.93 -59.81
N ARG B 168 -18.65 -18.04 -60.31
CA ARG B 168 -18.93 -17.73 -61.71
C ARG B 168 -20.19 -16.90 -61.80
N ILE B 169 -20.15 -15.86 -62.63
CA ILE B 169 -21.29 -14.99 -62.90
C ILE B 169 -21.56 -15.02 -64.40
N MET B 170 -22.73 -15.53 -64.79
CA MET B 170 -23.14 -15.61 -66.18
C MET B 170 -24.13 -14.48 -66.44
N LEU B 171 -23.74 -13.55 -67.32
CA LEU B 171 -24.55 -12.38 -67.61
C LEU B 171 -25.45 -12.68 -68.81
N PHE B 172 -26.76 -12.61 -68.58
CA PHE B 172 -27.75 -12.81 -69.64
C PHE B 172 -28.27 -11.43 -70.05
N THR B 173 -27.76 -10.93 -71.17
CA THR B 173 -28.18 -9.62 -71.67
C THR B 173 -28.02 -9.58 -73.17
N ASN B 174 -28.66 -8.59 -73.79
CA ASN B 174 -28.59 -8.36 -75.23
C ASN B 174 -28.19 -6.92 -75.52
N GLU B 175 -27.24 -6.40 -74.74
CA GLU B 175 -26.75 -5.03 -74.89
C GLU B 175 -25.25 -5.10 -75.19
N ASP B 176 -24.89 -4.97 -76.47
CA ASP B 176 -23.48 -4.99 -76.85
C ASP B 176 -22.73 -3.80 -76.27
N ASN B 177 -23.44 -2.69 -76.03
CA ASN B 177 -22.85 -1.50 -75.42
C ASN B 177 -23.87 -0.92 -74.44
N PRO B 178 -23.93 -1.46 -73.22
CA PRO B 178 -24.96 -1.03 -72.28
C PRO B 178 -24.82 0.42 -71.83
N HIS B 179 -23.61 0.80 -71.40
CA HIS B 179 -23.36 2.15 -70.90
C HIS B 179 -22.97 3.09 -72.05
N GLY B 180 -23.91 3.25 -72.98
CA GLY B 180 -23.73 4.18 -74.07
C GLY B 180 -23.97 5.62 -73.65
N ASN B 181 -23.38 6.52 -74.43
CA ASN B 181 -23.47 7.97 -74.21
C ASN B 181 -22.92 8.40 -72.85
N ASP B 182 -22.06 7.58 -72.23
CA ASP B 182 -21.50 7.90 -70.93
C ASP B 182 -20.22 7.11 -70.71
N SER B 183 -19.12 7.82 -70.39
CA SER B 183 -17.84 7.18 -70.18
C SER B 183 -17.49 6.95 -68.72
N ALA B 184 -18.03 7.76 -67.81
CA ALA B 184 -17.73 7.60 -66.39
C ALA B 184 -18.26 6.26 -65.87
N LYS B 185 -19.52 5.94 -66.19
CA LYS B 185 -20.08 4.68 -65.75
C LYS B 185 -19.36 3.50 -66.41
N ALA B 186 -18.93 3.67 -67.66
CA ALA B 186 -18.19 2.60 -68.33
C ALA B 186 -16.85 2.34 -67.64
N SER B 187 -16.12 3.40 -67.31
CA SER B 187 -14.86 3.24 -66.61
C SER B 187 -15.06 2.65 -65.22
N ARG B 188 -16.12 3.06 -64.53
CA ARG B 188 -16.42 2.51 -63.21
C ARG B 188 -16.73 1.02 -63.30
N ALA B 189 -17.52 0.63 -64.30
CA ALA B 189 -17.84 -0.79 -64.48
C ALA B 189 -16.60 -1.59 -64.83
N ARG B 190 -15.71 -1.02 -65.66
CA ARG B 190 -14.47 -1.71 -65.99
C ARG B 190 -13.60 -1.91 -64.75
N THR B 191 -13.50 -0.88 -63.91
CA THR B 191 -12.72 -1.00 -62.69
C THR B 191 -13.32 -2.03 -61.74
N LYS B 192 -14.64 -2.05 -61.62
CA LYS B 192 -15.28 -3.02 -60.72
C LYS B 192 -15.13 -4.44 -61.25
N ALA B 193 -15.21 -4.61 -62.58
CA ALA B 193 -14.97 -5.93 -63.15
C ALA B 193 -13.54 -6.38 -62.93
N GLY B 194 -12.59 -5.45 -63.05
CA GLY B 194 -11.20 -5.78 -62.73
C GLY B 194 -11.03 -6.20 -61.28
N ASP B 195 -11.69 -5.49 -60.37
CA ASP B 195 -11.62 -5.85 -58.95
C ASP B 195 -12.21 -7.24 -58.72
N LEU B 196 -13.34 -7.54 -59.36
CA LEU B 196 -13.95 -8.86 -59.21
C LEU B 196 -13.05 -9.95 -59.76
N ARG B 197 -12.44 -9.72 -60.93
CA ARG B 197 -11.53 -10.71 -61.49
C ARG B 197 -10.28 -10.88 -60.63
N ASP B 198 -9.85 -9.81 -59.95
CA ASP B 198 -8.74 -9.95 -59.01
C ASP B 198 -9.17 -10.72 -57.77
N THR B 199 -10.44 -10.61 -57.37
CA THR B 199 -10.94 -11.40 -56.25
C THR B 199 -10.99 -12.89 -56.58
N GLY B 200 -11.15 -13.25 -57.85
CA GLY B 200 -11.21 -14.65 -58.25
C GLY B 200 -12.59 -15.07 -58.69
N ILE B 201 -13.31 -14.18 -59.34
CA ILE B 201 -14.68 -14.42 -59.78
C ILE B 201 -14.65 -14.58 -61.30
N PHE B 202 -14.96 -15.78 -61.78
CA PHE B 202 -15.09 -16.01 -63.21
C PHE B 202 -16.29 -15.24 -63.75
N LEU B 203 -16.05 -14.44 -64.80
CA LEU B 203 -17.08 -13.58 -65.38
C LEU B 203 -17.14 -13.87 -66.88
N ASP B 204 -18.05 -14.76 -67.28
CA ASP B 204 -18.30 -15.04 -68.68
C ASP B 204 -19.56 -14.32 -69.14
N LEU B 205 -19.74 -14.27 -70.46
CA LEU B 205 -20.85 -13.53 -71.06
C LEU B 205 -21.74 -14.48 -71.83
N MET B 206 -23.05 -14.42 -71.56
CA MET B 206 -24.06 -15.17 -72.29
C MET B 206 -24.89 -14.15 -73.07
N HIS B 207 -24.43 -13.81 -74.26
CA HIS B 207 -25.10 -12.81 -75.08
C HIS B 207 -26.29 -13.42 -75.81
N LEU B 208 -27.39 -12.69 -75.86
CA LEU B 208 -28.62 -13.15 -76.49
C LEU B 208 -28.70 -12.61 -77.91
N LYS B 209 -29.83 -12.82 -78.57
CA LYS B 209 -30.02 -12.45 -79.97
C LYS B 209 -30.24 -10.94 -80.05
N LYS B 210 -29.27 -10.22 -80.57
CA LYS B 210 -29.41 -8.78 -80.78
C LYS B 210 -29.95 -8.52 -82.18
N PRO B 211 -30.98 -7.68 -82.32
CA PRO B 211 -31.52 -7.38 -83.66
C PRO B 211 -30.48 -6.81 -84.60
N GLY B 212 -29.82 -5.71 -84.19
CA GLY B 212 -28.81 -5.12 -85.04
C GLY B 212 -27.53 -5.92 -85.08
N GLY B 213 -27.17 -6.56 -83.97
CA GLY B 213 -25.95 -7.33 -83.90
C GLY B 213 -25.20 -7.11 -82.59
N PHE B 214 -24.75 -8.18 -81.96
CA PHE B 214 -24.09 -8.11 -80.66
C PHE B 214 -22.58 -8.19 -80.90
N ASP B 215 -21.87 -7.11 -80.60
CA ASP B 215 -20.42 -7.05 -80.71
C ASP B 215 -19.85 -6.83 -79.32
N ILE B 216 -19.06 -7.80 -78.83
CA ILE B 216 -18.48 -7.70 -77.51
C ILE B 216 -17.22 -6.86 -77.47
N SER B 217 -16.65 -6.51 -78.62
CA SER B 217 -15.42 -5.74 -78.66
C SER B 217 -15.63 -4.31 -78.17
N LEU B 218 -16.84 -3.79 -78.23
CA LEU B 218 -17.13 -2.43 -77.80
C LEU B 218 -16.87 -2.25 -76.31
N PHE B 219 -17.65 -2.95 -75.48
CA PHE B 219 -17.57 -2.79 -74.03
C PHE B 219 -17.17 -4.07 -73.30
N TYR B 220 -17.85 -5.18 -73.57
CA TYR B 220 -17.65 -6.41 -72.81
C TYR B 220 -16.32 -7.10 -73.12
N ARG B 221 -15.54 -6.60 -74.07
CA ARG B 221 -14.22 -7.18 -74.32
C ARG B 221 -13.30 -6.98 -73.14
N ASP B 222 -13.40 -5.83 -72.47
CA ASP B 222 -12.57 -5.52 -71.31
C ASP B 222 -13.23 -5.91 -69.99
N ILE B 223 -14.41 -6.53 -70.03
CA ILE B 223 -15.12 -6.90 -68.82
C ILE B 223 -14.91 -8.38 -68.53
N ILE B 224 -15.15 -9.24 -69.54
CA ILE B 224 -15.00 -10.67 -69.35
C ILE B 224 -13.53 -11.02 -69.12
N SER B 225 -13.31 -12.18 -68.49
CA SER B 225 -11.95 -12.60 -68.17
C SER B 225 -11.24 -13.19 -69.38
N ILE B 226 -11.85 -14.19 -70.01
CA ILE B 226 -11.27 -14.86 -71.16
C ILE B 226 -12.15 -14.63 -72.38
N ALA B 227 -11.51 -14.45 -73.53
CA ALA B 227 -12.22 -14.26 -74.80
C ALA B 227 -12.19 -15.56 -75.59
N GLU B 228 -13.34 -15.91 -76.17
CA GLU B 228 -13.45 -17.15 -76.94
C GLU B 228 -12.73 -17.09 -78.28
N ASP B 229 -12.13 -15.95 -78.62
CA ASP B 229 -11.28 -15.80 -79.79
C ASP B 229 -12.00 -16.02 -81.11
N GLU B 230 -13.32 -16.19 -81.07
CA GLU B 230 -14.12 -16.33 -82.27
C GLU B 230 -15.14 -15.21 -82.46
N ASP B 231 -15.32 -14.35 -81.47
CA ASP B 231 -16.30 -13.26 -81.53
C ASP B 231 -15.65 -11.96 -81.99
N LEU B 232 -14.58 -12.05 -82.78
CA LEU B 232 -14.01 -10.85 -83.38
C LEU B 232 -15.00 -10.22 -84.34
N ARG B 233 -15.85 -11.03 -84.96
CA ARG B 233 -16.94 -10.57 -85.79
C ARG B 233 -18.15 -10.30 -84.89
N VAL B 234 -19.33 -10.08 -85.49
CA VAL B 234 -20.54 -9.80 -84.73
C VAL B 234 -21.47 -11.00 -84.80
N HIS B 235 -22.29 -11.15 -83.76
CA HIS B 235 -23.28 -12.21 -83.68
C HIS B 235 -24.67 -11.68 -83.98
N PHE B 236 -25.47 -12.52 -84.64
CA PHE B 236 -26.84 -12.18 -84.98
C PHE B 236 -27.85 -13.09 -84.31
N GLU B 237 -27.40 -14.01 -83.45
CA GLU B 237 -28.29 -14.94 -82.77
C GLU B 237 -27.82 -15.21 -81.35
N GLU B 238 -28.38 -16.23 -80.72
CA GLU B 238 -28.02 -16.57 -79.35
C GLU B 238 -26.57 -17.07 -79.28
N SER B 239 -26.09 -17.22 -78.04
CA SER B 239 -24.73 -17.69 -77.83
C SER B 239 -24.65 -19.21 -78.00
N SER B 240 -23.43 -19.69 -78.24
CA SER B 240 -23.22 -21.11 -78.46
C SER B 240 -23.26 -21.92 -77.17
N LYS B 241 -23.18 -21.26 -76.02
CA LYS B 241 -23.19 -21.97 -74.74
C LYS B 241 -24.59 -22.19 -74.20
N LEU B 242 -25.60 -21.47 -74.73
CA LEU B 242 -26.96 -21.64 -74.25
C LEU B 242 -27.49 -23.04 -74.59
N GLU B 243 -27.18 -23.52 -75.80
CA GLU B 243 -27.61 -24.87 -76.16
C GLU B 243 -26.88 -25.92 -75.35
N ASP B 244 -25.67 -25.62 -74.88
CA ASP B 244 -24.97 -26.54 -73.98
C ASP B 244 -25.62 -26.54 -72.60
N LEU B 245 -26.04 -25.37 -72.12
CA LEU B 245 -26.69 -25.30 -70.82
C LEU B 245 -28.12 -25.83 -70.83
N LEU B 246 -28.75 -25.89 -72.00
CA LEU B 246 -30.12 -26.39 -72.10
C LEU B 246 -30.20 -27.91 -72.08
N ARG B 247 -29.09 -28.61 -72.25
CA ARG B 247 -29.07 -30.07 -72.21
C ARG B 247 -28.95 -30.50 -70.75
N LYS B 248 -30.07 -30.90 -70.16
CA LYS B 248 -30.11 -31.29 -68.75
C LYS B 248 -29.43 -32.64 -68.58
N VAL B 249 -28.19 -32.63 -68.12
CA VAL B 249 -27.44 -33.85 -67.85
C VAL B 249 -27.66 -34.22 -66.39
N ARG B 250 -28.35 -35.33 -66.14
CA ARG B 250 -28.71 -35.77 -64.81
C ARG B 250 -27.84 -36.96 -64.42
N ALA B 251 -26.77 -36.68 -63.69
CA ALA B 251 -25.87 -37.72 -63.20
C ALA B 251 -25.17 -37.20 -61.96
N LYS B 252 -25.36 -37.87 -60.83
CA LYS B 252 -24.79 -37.40 -59.57
C LYS B 252 -23.26 -37.44 -59.64
N GLU B 253 -22.64 -36.31 -59.36
CA GLU B 253 -21.20 -36.16 -59.39
C GLU B 253 -20.64 -36.26 -57.98
N THR B 254 -19.53 -36.99 -57.82
CA THR B 254 -18.90 -37.19 -56.53
C THR B 254 -17.46 -36.70 -56.60
N ARG B 255 -17.03 -36.05 -55.53
CA ARG B 255 -15.67 -35.53 -55.42
C ARG B 255 -14.68 -36.66 -55.17
N LYS B 256 -13.43 -36.41 -55.51
CA LYS B 256 -12.38 -37.40 -55.32
C LYS B 256 -12.11 -37.61 -53.84
N ARG B 257 -12.18 -38.85 -53.39
CA ARG B 257 -11.90 -39.19 -52.00
C ARG B 257 -11.44 -40.64 -51.94
N ALA B 258 -10.31 -40.89 -51.28
CA ALA B 258 -9.79 -42.24 -51.16
C ALA B 258 -10.71 -43.08 -50.29
N LEU B 259 -10.92 -44.33 -50.70
CA LEU B 259 -11.74 -45.24 -49.91
C LEU B 259 -11.04 -45.58 -48.58
N SER B 260 -9.72 -45.73 -48.61
CA SER B 260 -8.95 -46.02 -47.42
C SER B 260 -7.51 -45.62 -47.67
N ARG B 261 -6.82 -45.28 -46.58
CA ARG B 261 -5.38 -44.96 -46.62
C ARG B 261 -4.66 -46.15 -46.01
N LEU B 262 -4.37 -47.15 -46.83
CA LEU B 262 -3.70 -48.35 -46.37
C LEU B 262 -2.19 -48.13 -46.42
N LYS B 263 -1.42 -49.20 -46.21
CA LYS B 263 0.04 -49.12 -46.20
C LYS B 263 0.58 -50.34 -46.92
N LEU B 264 1.09 -50.14 -48.13
CA LEU B 264 1.69 -51.23 -48.90
C LEU B 264 2.93 -51.73 -48.19
N LYS B 265 2.92 -52.98 -47.76
CA LYS B 265 4.00 -53.57 -46.97
C LYS B 265 4.85 -54.44 -47.89
N LEU B 266 5.92 -53.84 -48.44
CA LEU B 266 6.89 -54.62 -49.20
C LEU B 266 7.65 -55.60 -48.32
N ASN B 267 7.60 -55.40 -47.00
CA ASN B 267 8.27 -56.24 -46.01
C ASN B 267 7.75 -55.79 -44.65
N LYS B 268 8.14 -56.54 -43.61
CA LYS B 268 7.83 -56.12 -42.25
C LYS B 268 8.49 -54.81 -41.86
N ASP B 269 9.44 -54.32 -42.67
CA ASP B 269 10.12 -53.06 -42.42
C ASP B 269 9.84 -52.04 -43.52
N ILE B 270 10.01 -52.41 -44.78
CA ILE B 270 9.77 -51.51 -45.90
C ILE B 270 8.27 -51.38 -46.09
N VAL B 271 7.71 -50.24 -45.69
CA VAL B 271 6.28 -49.98 -45.81
C VAL B 271 6.09 -48.59 -46.39
N ILE B 272 5.18 -48.48 -47.35
CA ILE B 272 4.85 -47.21 -47.98
C ILE B 272 3.34 -46.99 -47.88
N SER B 273 2.95 -45.73 -47.89
CA SER B 273 1.55 -45.32 -47.75
C SER B 273 0.95 -45.06 -49.11
N VAL B 274 -0.18 -45.71 -49.40
CA VAL B 274 -0.87 -45.55 -50.67
C VAL B 274 -2.36 -45.30 -50.39
N GLY B 275 -2.99 -44.62 -51.33
CA GLY B 275 -4.42 -44.31 -51.25
C GLY B 275 -5.20 -45.16 -52.23
N ILE B 276 -6.31 -45.73 -51.75
CA ILE B 276 -7.16 -46.60 -52.55
C ILE B 276 -8.33 -45.76 -53.06
N TYR B 277 -8.46 -45.66 -54.38
CA TYR B 277 -9.51 -44.89 -55.02
C TYR B 277 -10.35 -45.79 -55.91
N ASN B 278 -11.64 -45.48 -56.01
CA ASN B 278 -12.56 -46.22 -56.86
C ASN B 278 -12.92 -45.37 -58.07
N LEU B 279 -12.68 -45.93 -59.26
CA LEU B 279 -12.98 -45.25 -60.52
C LEU B 279 -14.28 -45.72 -61.15
N VAL B 280 -14.81 -46.86 -60.74
CA VAL B 280 -16.07 -47.40 -61.26
C VAL B 280 -16.90 -47.83 -60.06
N GLN B 281 -17.96 -47.08 -59.77
CA GLN B 281 -18.83 -47.36 -58.64
C GLN B 281 -20.27 -47.44 -59.13
N LYS B 282 -21.00 -48.44 -58.66
CA LYS B 282 -22.39 -48.62 -59.06
C LYS B 282 -23.24 -47.45 -58.56
N ALA B 283 -24.03 -46.87 -59.45
CA ALA B 283 -24.91 -45.77 -59.09
C ALA B 283 -26.22 -46.31 -58.53
N LEU B 284 -26.63 -45.79 -57.37
CA LEU B 284 -27.84 -46.22 -56.69
C LEU B 284 -28.76 -45.02 -56.47
N LYS B 285 -30.06 -45.27 -56.51
CA LYS B 285 -31.02 -44.20 -56.28
C LYS B 285 -30.96 -43.79 -54.81
N PRO B 286 -31.33 -42.55 -54.47
CA PRO B 286 -31.31 -42.13 -53.07
C PRO B 286 -32.29 -42.94 -52.26
N PRO B 287 -31.96 -43.26 -51.02
CA PRO B 287 -32.86 -44.06 -50.20
C PRO B 287 -34.07 -43.24 -49.79
N PRO B 288 -35.22 -43.88 -49.59
CA PRO B 288 -36.43 -43.14 -49.19
C PRO B 288 -36.34 -42.60 -47.78
N ILE B 289 -37.29 -41.76 -47.40
CA ILE B 289 -37.35 -41.15 -46.07
C ILE B 289 -38.75 -41.34 -45.51
N LYS B 290 -38.83 -41.86 -44.28
CA LYS B 290 -40.12 -42.06 -43.62
C LYS B 290 -40.73 -40.71 -43.25
N LEU B 291 -41.97 -40.48 -43.65
CA LEU B 291 -42.62 -39.19 -43.49
C LEU B 291 -43.92 -39.32 -42.72
N TYR B 292 -44.39 -38.19 -42.21
CA TYR B 292 -45.73 -38.07 -41.63
C TYR B 292 -46.66 -37.54 -42.71
N ARG B 293 -47.69 -38.33 -43.06
CA ARG B 293 -48.53 -38.00 -44.20
C ARG B 293 -49.29 -36.69 -44.01
N GLU B 294 -49.45 -36.22 -42.78
CA GLU B 294 -50.19 -34.98 -42.55
C GLU B 294 -49.31 -33.75 -42.79
N THR B 295 -48.20 -33.64 -42.04
CA THR B 295 -47.35 -32.48 -42.13
C THR B 295 -46.21 -32.63 -43.14
N ASN B 296 -46.04 -33.81 -43.73
CA ASN B 296 -45.01 -34.06 -44.74
C ASN B 296 -43.60 -33.76 -44.20
N GLU B 297 -43.36 -34.17 -42.95
CA GLU B 297 -42.05 -33.99 -42.36
C GLU B 297 -41.41 -35.34 -42.04
N PRO B 298 -40.08 -35.42 -42.03
CA PRO B 298 -39.43 -36.68 -41.66
C PRO B 298 -39.68 -37.04 -40.20
N VAL B 299 -39.78 -38.34 -39.95
CA VAL B 299 -40.00 -38.86 -38.61
C VAL B 299 -38.72 -39.48 -38.10
N LYS B 300 -38.64 -39.61 -36.78
CA LYS B 300 -37.47 -40.19 -36.11
C LYS B 300 -37.73 -41.66 -35.82
N THR B 301 -36.91 -42.52 -36.41
CA THR B 301 -37.02 -43.97 -36.23
C THR B 301 -36.06 -44.43 -35.15
N LYS B 302 -36.59 -45.14 -34.15
CA LYS B 302 -35.79 -45.66 -33.03
C LYS B 302 -36.11 -47.13 -32.86
N THR B 303 -35.31 -47.99 -33.48
CA THR B 303 -35.44 -49.42 -33.27
C THR B 303 -35.05 -49.78 -31.84
N ARG B 304 -35.76 -50.75 -31.27
CA ARG B 304 -35.57 -51.10 -29.87
C ARG B 304 -35.97 -52.55 -29.66
N THR B 305 -35.14 -53.27 -28.89
CA THR B 305 -35.35 -54.69 -28.62
C THR B 305 -35.59 -54.88 -27.12
N PHE B 306 -36.63 -55.64 -26.79
CA PHE B 306 -36.98 -55.93 -25.41
C PHE B 306 -37.47 -57.36 -25.29
N ASN B 307 -37.50 -57.85 -24.05
CA ASN B 307 -38.01 -59.18 -23.79
C ASN B 307 -39.51 -59.23 -24.02
N THR B 308 -39.97 -60.28 -24.71
CA THR B 308 -41.39 -60.37 -25.05
C THR B 308 -42.24 -60.76 -23.85
N SER B 309 -41.68 -61.51 -22.89
CA SER B 309 -42.45 -61.96 -21.74
C SER B 309 -42.51 -60.89 -20.66
N THR B 310 -41.35 -60.48 -20.14
CA THR B 310 -41.32 -59.51 -19.05
C THR B 310 -41.64 -58.11 -19.53
N GLY B 311 -41.20 -57.76 -20.74
CA GLY B 311 -41.39 -56.42 -21.26
C GLY B 311 -40.26 -55.46 -20.99
N GLY B 312 -39.21 -55.89 -20.29
CA GLY B 312 -38.08 -55.03 -20.03
C GLY B 312 -37.13 -54.95 -21.22
N LEU B 313 -36.50 -53.78 -21.37
CA LEU B 313 -35.62 -53.56 -22.49
C LEU B 313 -34.34 -54.39 -22.35
N LEU B 314 -33.74 -54.73 -23.49
CA LEU B 314 -32.56 -55.58 -23.55
C LEU B 314 -31.42 -54.80 -24.20
N LEU B 315 -30.28 -54.77 -23.52
CA LEU B 315 -29.07 -54.13 -24.03
C LEU B 315 -28.22 -55.13 -24.79
N PRO B 316 -27.29 -54.65 -25.63
CA PRO B 316 -26.42 -55.58 -26.36
C PRO B 316 -25.58 -56.46 -25.44
N SER B 317 -25.26 -56.00 -24.24
CA SER B 317 -24.54 -56.84 -23.29
C SER B 317 -25.39 -57.97 -22.75
N ASP B 318 -26.70 -57.88 -22.89
CA ASP B 318 -27.62 -58.92 -22.42
C ASP B 318 -28.18 -59.73 -23.58
N THR B 319 -27.33 -59.98 -24.59
CA THR B 319 -27.76 -60.70 -25.78
C THR B 319 -26.60 -61.53 -26.29
N LYS B 320 -26.89 -62.76 -26.69
CA LYS B 320 -25.91 -63.68 -27.24
C LYS B 320 -26.21 -63.93 -28.71
N ARG B 321 -25.31 -64.69 -29.35
CA ARG B 321 -25.45 -65.07 -30.75
C ARG B 321 -25.40 -66.59 -30.86
N SER B 322 -26.41 -67.18 -31.49
CA SER B 322 -26.51 -68.62 -31.62
C SER B 322 -26.57 -69.01 -33.09
N GLN B 323 -26.30 -70.29 -33.35
CA GLN B 323 -26.35 -70.84 -34.71
C GLN B 323 -26.62 -72.32 -34.58
N ILE B 324 -27.88 -72.72 -34.80
CA ILE B 324 -28.31 -74.09 -34.55
C ILE B 324 -27.95 -74.96 -35.74
N TYR B 325 -27.16 -76.02 -35.49
CA TYR B 325 -26.84 -77.03 -36.49
C TYR B 325 -27.43 -78.35 -36.02
N GLY B 326 -28.51 -78.78 -36.66
CA GLY B 326 -29.19 -80.00 -36.26
C GLY B 326 -29.77 -79.91 -34.87
N SER B 327 -29.17 -80.63 -33.93
CA SER B 327 -29.61 -80.61 -32.54
C SER B 327 -28.76 -79.72 -31.65
N ARG B 328 -27.47 -79.57 -31.98
CA ARG B 328 -26.59 -78.71 -31.20
C ARG B 328 -26.96 -77.25 -31.38
N GLN B 329 -26.42 -76.41 -30.50
CA GLN B 329 -26.64 -74.96 -30.54
C GLN B 329 -25.37 -74.28 -30.05
N ILE B 330 -24.56 -73.79 -30.98
CA ILE B 330 -23.33 -73.11 -30.64
C ILE B 330 -23.66 -71.71 -30.15
N ILE B 331 -23.13 -71.35 -28.98
CA ILE B 331 -23.37 -70.05 -28.36
C ILE B 331 -22.07 -69.25 -28.41
N LEU B 332 -22.14 -68.05 -28.97
CA LEU B 332 -20.99 -67.17 -29.11
C LEU B 332 -21.36 -65.76 -28.70
N GLU B 333 -20.37 -65.05 -28.15
CA GLU B 333 -20.58 -63.67 -27.76
C GLU B 333 -20.59 -62.77 -28.99
N LYS B 334 -20.94 -61.49 -28.76
CA LYS B 334 -20.96 -60.51 -29.84
C LYS B 334 -19.57 -60.30 -30.41
N GLU B 335 -18.59 -60.03 -29.54
CA GLU B 335 -17.24 -59.71 -29.97
C GLU B 335 -16.46 -60.93 -30.46
N GLU B 336 -17.02 -62.13 -30.40
CA GLU B 336 -16.34 -63.32 -30.92
C GLU B 336 -16.54 -63.50 -32.42
N THR B 337 -17.69 -63.10 -32.96
CA THR B 337 -17.92 -63.16 -34.40
C THR B 337 -16.96 -62.28 -35.18
N GLU B 338 -16.38 -61.27 -34.55
CA GLU B 338 -15.33 -60.47 -35.19
C GLU B 338 -13.97 -61.16 -35.10
N GLU B 339 -13.71 -61.86 -33.99
CA GLU B 339 -12.53 -62.72 -33.93
C GLU B 339 -12.57 -63.83 -34.96
N LEU B 340 -13.76 -64.28 -35.34
CA LEU B 340 -13.88 -65.33 -36.34
C LEU B 340 -13.37 -64.88 -37.71
N LYS B 341 -13.48 -63.58 -38.00
CA LYS B 341 -13.20 -63.07 -39.34
C LYS B 341 -12.08 -62.03 -39.30
N ARG B 342 -11.02 -62.33 -38.54
CA ARG B 342 -9.83 -61.48 -38.54
C ARG B 342 -8.60 -62.36 -38.63
N PHE B 343 -7.68 -61.98 -39.52
CA PHE B 343 -6.42 -62.71 -39.71
C PHE B 343 -5.20 -61.84 -39.46
N ASP B 344 -5.15 -60.65 -40.03
CA ASP B 344 -3.99 -59.77 -39.89
C ASP B 344 -4.48 -58.33 -39.81
N ASP B 345 -3.54 -57.39 -39.93
CA ASP B 345 -3.82 -55.97 -39.85
C ASP B 345 -4.21 -55.42 -41.22
N PRO B 346 -4.98 -54.33 -41.24
CA PRO B 346 -5.34 -53.73 -42.53
C PRO B 346 -4.11 -53.18 -43.26
N GLY B 347 -4.09 -53.37 -44.56
CA GLY B 347 -2.97 -52.93 -45.38
C GLY B 347 -2.81 -53.84 -46.57
N LEU B 348 -1.64 -53.72 -47.21
CA LEU B 348 -1.31 -54.49 -48.41
C LEU B 348 0.03 -55.20 -48.18
N MET B 349 -0.03 -56.48 -47.82
CA MET B 349 1.18 -57.28 -47.70
C MET B 349 1.62 -57.74 -49.09
N LEU B 350 2.85 -57.39 -49.46
CA LEU B 350 3.35 -57.63 -50.81
C LEU B 350 3.87 -59.06 -50.93
N MET B 351 3.23 -59.84 -51.80
CA MET B 351 3.72 -61.15 -52.17
C MET B 351 4.62 -61.00 -53.40
N GLY B 352 4.95 -62.13 -54.04
CA GLY B 352 5.78 -62.09 -55.22
C GLY B 352 5.12 -61.47 -56.43
N PHE B 353 5.78 -61.52 -57.57
CA PHE B 353 5.28 -60.92 -58.81
C PHE B 353 4.86 -62.02 -59.78
N LYS B 354 3.87 -61.69 -60.61
CA LYS B 354 3.35 -62.62 -61.61
C LYS B 354 3.20 -61.91 -62.95
N PRO B 355 3.53 -62.59 -64.05
CA PRO B 355 3.31 -61.98 -65.37
C PRO B 355 1.84 -61.82 -65.67
N LEU B 356 1.53 -60.85 -66.53
CA LEU B 356 0.14 -60.61 -66.91
C LEU B 356 -0.39 -61.68 -67.84
N VAL B 357 0.49 -62.49 -68.43
CA VAL B 357 0.07 -63.50 -69.39
C VAL B 357 -0.75 -64.60 -68.73
N LEU B 358 -0.58 -64.81 -67.42
CA LEU B 358 -1.31 -65.85 -66.71
C LEU B 358 -2.49 -65.29 -65.92
N LEU B 359 -2.80 -64.00 -66.07
CA LEU B 359 -3.97 -63.40 -65.45
C LEU B 359 -5.13 -63.51 -66.43
N LYS B 360 -6.07 -64.41 -66.15
CA LYS B 360 -7.21 -64.63 -67.03
C LYS B 360 -8.21 -63.49 -66.90
N LYS B 361 -8.71 -63.04 -68.05
CA LYS B 361 -9.65 -61.91 -68.07
C LYS B 361 -11.03 -62.29 -67.55
N HIS B 362 -11.39 -63.58 -67.58
CA HIS B 362 -12.68 -64.03 -67.10
C HIS B 362 -12.68 -64.32 -65.60
N HIS B 363 -11.60 -64.01 -64.91
CA HIS B 363 -11.52 -64.19 -63.46
C HIS B 363 -11.85 -62.88 -62.75
N TYR B 364 -13.11 -62.45 -62.92
CA TYR B 364 -13.62 -61.22 -62.34
C TYR B 364 -14.47 -61.55 -61.12
N LEU B 365 -14.17 -60.90 -59.99
CA LEU B 365 -14.93 -61.07 -58.77
C LEU B 365 -15.55 -59.78 -58.28
N ARG B 366 -14.77 -58.70 -58.23
CA ARG B 366 -15.23 -57.41 -57.74
C ARG B 366 -14.69 -56.32 -58.65
N PRO B 367 -15.36 -55.17 -58.72
CA PRO B 367 -14.85 -54.06 -59.53
C PRO B 367 -13.47 -53.64 -59.07
N SER B 368 -12.60 -53.40 -60.04
CA SER B 368 -11.20 -53.07 -59.77
C SER B 368 -11.07 -51.67 -59.18
N LEU B 369 -10.22 -51.55 -58.17
CA LEU B 369 -9.94 -50.29 -57.52
C LEU B 369 -8.69 -49.66 -58.13
N PHE B 370 -8.23 -48.57 -57.53
CA PHE B 370 -7.06 -47.86 -58.02
C PHE B 370 -6.14 -47.53 -56.86
N VAL B 371 -4.85 -47.81 -57.02
CA VAL B 371 -3.83 -47.55 -56.00
C VAL B 371 -3.01 -46.34 -56.44
N TYR B 372 -2.73 -45.46 -55.47
CA TYR B 372 -1.97 -44.25 -55.75
C TYR B 372 -1.27 -43.82 -54.47
N PRO B 373 -0.01 -43.38 -54.54
CA PRO B 373 0.70 -42.99 -53.32
C PRO B 373 0.11 -41.73 -52.70
N GLU B 374 0.38 -41.57 -51.41
CA GLU B 374 -0.15 -40.45 -50.65
C GLU B 374 0.92 -39.43 -50.28
N GLU B 375 2.10 -39.89 -49.88
CA GLU B 375 3.20 -39.01 -49.45
C GLU B 375 2.78 -38.09 -48.30
N SER B 376 1.89 -38.60 -47.44
CA SER B 376 1.44 -37.84 -46.28
C SER B 376 1.55 -38.59 -44.97
N LEU B 377 1.58 -39.93 -44.98
CA LEU B 377 1.79 -40.73 -43.78
C LEU B 377 3.25 -41.09 -43.60
N VAL B 378 3.92 -41.55 -44.66
CA VAL B 378 5.34 -41.84 -44.64
C VAL B 378 6.01 -40.99 -45.72
N ILE B 379 7.27 -40.63 -45.47
CA ILE B 379 8.03 -39.81 -46.40
C ILE B 379 8.86 -40.71 -47.30
N GLY B 380 8.78 -40.47 -48.61
CA GLY B 380 9.51 -41.26 -49.58
C GLY B 380 8.72 -42.39 -50.21
N SER B 381 7.39 -42.31 -50.21
CA SER B 381 6.59 -43.37 -50.80
C SER B 381 6.38 -43.18 -52.30
N SER B 382 6.31 -41.93 -52.75
CA SER B 382 6.03 -41.67 -54.16
C SER B 382 7.18 -42.11 -55.06
N THR B 383 8.42 -41.92 -54.62
CA THR B 383 9.55 -42.35 -55.44
C THR B 383 9.58 -43.87 -55.62
N LEU B 384 9.41 -44.62 -54.53
CA LEU B 384 9.37 -46.06 -54.64
C LEU B 384 8.15 -46.53 -55.44
N PHE B 385 7.03 -45.83 -55.29
CA PHE B 385 5.83 -46.16 -56.08
C PHE B 385 6.10 -46.00 -57.56
N SER B 386 6.70 -44.88 -57.96
CA SER B 386 6.99 -44.64 -59.37
C SER B 386 8.02 -45.65 -59.89
N ALA B 387 9.02 -45.98 -59.07
CA ALA B 387 10.02 -46.97 -59.47
C ALA B 387 9.36 -48.32 -59.72
N LEU B 388 8.55 -48.79 -58.76
CA LEU B 388 7.84 -50.06 -58.93
C LEU B 388 6.94 -50.02 -60.15
N LEU B 389 6.25 -48.89 -60.38
CA LEU B 389 5.37 -48.78 -61.53
C LEU B 389 6.15 -48.93 -62.83
N ILE B 390 7.28 -48.22 -62.96
CA ILE B 390 8.07 -48.29 -64.18
C ILE B 390 8.60 -49.71 -64.39
N LYS B 391 9.14 -50.32 -63.33
CA LYS B 391 9.75 -51.63 -63.47
C LYS B 391 8.71 -52.69 -63.79
N CYS B 392 7.49 -52.54 -63.27
CA CYS B 392 6.43 -53.49 -63.59
C CYS B 392 5.84 -53.24 -64.96
N LEU B 393 5.89 -51.99 -65.44
CA LEU B 393 5.38 -51.71 -66.78
C LEU B 393 6.32 -52.24 -67.85
N GLU B 394 7.62 -52.03 -67.68
CA GLU B 394 8.55 -52.51 -68.70
C GLU B 394 8.72 -54.02 -68.65
N LYS B 395 8.32 -54.66 -67.56
CA LYS B 395 8.40 -56.11 -67.43
C LYS B 395 7.04 -56.79 -67.49
N GLU B 396 5.96 -56.01 -67.67
CA GLU B 396 4.58 -56.50 -67.69
C GLU B 396 4.33 -57.59 -66.64
N VAL B 397 4.67 -57.24 -65.40
CA VAL B 397 4.45 -58.12 -64.26
C VAL B 397 3.43 -57.47 -63.33
N ALA B 398 2.71 -58.30 -62.59
CA ALA B 398 1.66 -57.85 -61.69
C ALA B 398 2.01 -58.28 -60.27
N ALA B 399 2.24 -57.31 -59.39
CA ALA B 399 2.59 -57.60 -58.00
C ALA B 399 1.40 -58.18 -57.25
N LEU B 400 1.48 -59.45 -56.89
CA LEU B 400 0.42 -60.07 -56.10
C LEU B 400 0.54 -59.63 -54.65
N CYS B 401 -0.60 -59.39 -54.01
CA CYS B 401 -0.63 -58.91 -52.64
C CYS B 401 -1.78 -59.58 -51.89
N ARG B 402 -1.91 -59.24 -50.61
CA ARG B 402 -2.98 -59.72 -49.75
C ARG B 402 -3.76 -58.51 -49.26
N TYR B 403 -4.97 -58.32 -49.79
CA TYR B 403 -5.74 -57.11 -49.57
C TYR B 403 -6.62 -57.26 -48.33
N THR B 404 -6.36 -56.43 -47.34
CA THR B 404 -7.19 -56.34 -46.14
C THR B 404 -7.69 -54.92 -46.00
N PRO B 405 -8.93 -54.61 -46.44
CA PRO B 405 -9.35 -53.20 -46.46
C PRO B 405 -9.56 -52.60 -45.08
N ARG B 406 -10.26 -53.31 -44.19
CA ARG B 406 -10.62 -52.76 -42.89
C ARG B 406 -10.20 -53.74 -41.79
N ARG B 407 -10.29 -53.27 -40.54
CA ARG B 407 -9.98 -54.11 -39.41
C ARG B 407 -11.02 -55.21 -39.27
N ASN B 408 -10.55 -56.40 -38.85
CA ASN B 408 -11.40 -57.58 -38.68
C ASN B 408 -12.12 -57.94 -39.97
N ILE B 409 -11.32 -58.14 -41.01
CA ILE B 409 -11.83 -58.50 -42.34
C ILE B 409 -11.01 -59.64 -42.89
N PRO B 410 -11.63 -60.70 -43.40
CA PRO B 410 -10.87 -61.79 -44.02
C PRO B 410 -10.07 -61.30 -45.20
N PRO B 411 -8.84 -61.79 -45.37
CA PRO B 411 -7.96 -61.29 -46.43
C PRO B 411 -8.29 -61.85 -47.80
N TYR B 412 -8.04 -61.03 -48.81
CA TYR B 412 -8.21 -61.40 -50.21
C TYR B 412 -6.91 -61.21 -50.97
N PHE B 413 -6.75 -61.97 -52.03
CA PHE B 413 -5.58 -61.91 -52.89
C PHE B 413 -5.88 -61.02 -54.08
N VAL B 414 -5.03 -60.01 -54.29
CA VAL B 414 -5.18 -59.06 -55.38
C VAL B 414 -3.85 -58.93 -56.12
N ALA B 415 -3.92 -58.61 -57.40
CA ALA B 415 -2.74 -58.39 -58.23
C ALA B 415 -2.70 -56.92 -58.65
N LEU B 416 -1.63 -56.22 -58.26
CA LEU B 416 -1.48 -54.80 -58.58
C LEU B 416 -0.96 -54.68 -60.02
N VAL B 417 -1.91 -54.68 -60.95
CA VAL B 417 -1.61 -54.55 -62.37
C VAL B 417 -1.13 -53.13 -62.63
N PRO B 418 0.07 -52.96 -63.20
CA PRO B 418 0.57 -51.60 -63.45
C PRO B 418 -0.20 -50.93 -64.58
N GLN B 419 -0.46 -49.63 -64.41
CA GLN B 419 -1.21 -48.85 -65.37
C GLN B 419 -0.43 -47.58 -65.70
N GLU B 420 -0.19 -47.36 -66.99
CA GLU B 420 0.53 -46.18 -67.46
C GLU B 420 -0.47 -45.12 -67.90
N GLU B 421 -0.19 -43.87 -67.53
CA GLU B 421 -1.07 -42.76 -67.88
C GLU B 421 -1.04 -42.51 -69.38
N GLU B 422 -2.16 -42.01 -69.91
CA GLU B 422 -2.31 -41.71 -71.32
C GLU B 422 -2.74 -40.26 -71.47
N LEU B 423 -1.88 -39.44 -72.07
CA LEU B 423 -2.17 -38.03 -72.27
C LEU B 423 -2.67 -37.82 -73.70
N ASP B 424 -3.98 -37.61 -73.84
CA ASP B 424 -4.59 -37.38 -75.14
C ASP B 424 -5.48 -36.15 -75.04
N ASP B 425 -6.05 -35.76 -76.19
CA ASP B 425 -6.96 -34.61 -76.28
C ASP B 425 -6.26 -33.35 -75.78
N GLN B 426 -5.25 -32.94 -76.55
CA GLN B 426 -4.33 -31.84 -76.24
C GLN B 426 -3.90 -31.88 -74.77
N LYS B 427 -3.28 -33.01 -74.40
CA LYS B 427 -2.64 -33.19 -73.09
C LYS B 427 -3.66 -33.11 -71.95
N ILE B 428 -4.71 -33.93 -72.04
CA ILE B 428 -5.69 -34.09 -70.98
C ILE B 428 -5.59 -35.52 -70.45
N GLN B 429 -5.33 -35.63 -69.15
CA GLN B 429 -5.15 -36.94 -68.52
C GLN B 429 -6.48 -37.68 -68.46
N VAL B 430 -6.60 -38.74 -69.25
CA VAL B 430 -7.79 -39.59 -69.23
C VAL B 430 -7.60 -40.81 -68.33
N THR B 431 -6.37 -41.28 -68.18
CA THR B 431 -6.05 -42.40 -67.32
C THR B 431 -4.96 -41.98 -66.34
N PRO B 432 -5.17 -42.15 -65.04
CA PRO B 432 -4.15 -41.76 -64.06
C PRO B 432 -3.08 -42.83 -63.95
N PRO B 433 -1.85 -42.45 -63.61
CA PRO B 433 -0.78 -43.44 -63.42
C PRO B 433 -0.85 -44.08 -62.05
N GLY B 434 -0.53 -45.36 -62.01
CA GLY B 434 -0.56 -46.11 -60.78
C GLY B 434 -0.80 -47.58 -61.07
N PHE B 435 -1.17 -48.31 -60.02
CA PHE B 435 -1.46 -49.72 -60.11
C PHE B 435 -2.96 -49.97 -60.12
N GLN B 436 -3.36 -51.06 -60.77
CA GLN B 436 -4.77 -51.46 -60.89
C GLN B 436 -5.01 -52.63 -59.95
N LEU B 437 -5.72 -52.37 -58.86
CA LEU B 437 -6.03 -53.41 -57.87
C LEU B 437 -7.13 -54.29 -58.43
N VAL B 438 -6.79 -55.52 -58.79
CA VAL B 438 -7.72 -56.48 -59.35
C VAL B 438 -7.93 -57.61 -58.36
N PHE B 439 -9.18 -57.86 -57.99
CA PHE B 439 -9.50 -58.94 -57.06
C PHE B 439 -9.41 -60.29 -57.74
N LEU B 440 -8.88 -61.28 -57.01
CA LEU B 440 -8.74 -62.63 -57.52
C LEU B 440 -9.66 -63.57 -56.76
N PRO B 441 -10.50 -64.34 -57.44
CA PRO B 441 -11.41 -65.25 -56.72
C PRO B 441 -10.68 -66.47 -56.18
N PHE B 442 -11.19 -66.99 -55.07
CA PHE B 442 -10.63 -68.18 -54.47
C PHE B 442 -11.13 -69.44 -55.17
N ALA B 443 -10.84 -70.59 -54.56
CA ALA B 443 -11.26 -71.86 -55.14
C ALA B 443 -12.76 -72.08 -55.06
N ASP B 444 -13.40 -71.62 -53.98
CA ASP B 444 -14.84 -71.80 -53.81
C ASP B 444 -15.66 -70.71 -54.50
N ASP B 445 -15.02 -69.63 -54.95
CA ASP B 445 -15.74 -68.63 -55.73
C ASP B 445 -16.01 -69.13 -57.15
N LYS B 446 -15.07 -69.91 -57.71
CA LYS B 446 -15.27 -70.52 -59.01
C LYS B 446 -16.30 -71.63 -58.90
N ARG B 447 -17.35 -71.57 -59.72
CA ARG B 447 -18.38 -72.59 -59.72
C ARG B 447 -18.06 -73.66 -60.76
N LYS B 448 -18.81 -74.75 -60.72
CA LYS B 448 -18.60 -75.89 -61.59
C LYS B 448 -19.48 -75.75 -62.83
N MET B 449 -18.90 -76.10 -63.99
CA MET B 449 -19.62 -76.03 -65.25
C MET B 449 -20.04 -77.42 -65.67
N PRO B 450 -21.29 -77.63 -66.10
CA PRO B 450 -21.71 -78.97 -66.52
C PRO B 450 -20.97 -79.42 -67.77
N PHE B 451 -20.80 -80.74 -67.88
CA PHE B 451 -20.07 -81.30 -69.01
C PHE B 451 -20.90 -81.20 -70.28
N THR B 452 -20.23 -80.82 -71.38
CA THR B 452 -20.87 -80.70 -72.67
C THR B 452 -19.87 -81.06 -73.76
N GLU B 453 -20.38 -81.31 -74.95
CA GLU B 453 -19.57 -81.70 -76.10
C GLU B 453 -19.33 -80.50 -77.00
N LYS B 454 -18.09 -80.39 -77.49
CA LYS B 454 -17.69 -79.26 -78.35
C LYS B 454 -18.11 -79.57 -79.78
N ILE B 455 -19.23 -78.99 -80.19
CA ILE B 455 -19.67 -79.05 -81.57
C ILE B 455 -19.21 -77.79 -82.29
N MET B 456 -18.49 -77.97 -83.40
CA MET B 456 -17.86 -76.87 -84.12
C MET B 456 -18.67 -76.53 -85.36
N ALA B 457 -18.16 -75.59 -86.15
CA ALA B 457 -18.83 -75.12 -87.35
C ALA B 457 -17.87 -75.17 -88.53
N THR B 458 -18.44 -75.15 -89.73
CA THR B 458 -17.65 -75.24 -90.94
C THR B 458 -17.08 -73.87 -91.31
N PRO B 459 -16.01 -73.84 -92.10
CA PRO B 459 -15.46 -72.55 -92.55
C PRO B 459 -16.47 -71.65 -93.25
N GLU B 460 -17.40 -72.22 -94.02
CA GLU B 460 -18.43 -71.40 -94.65
C GLU B 460 -19.29 -70.70 -93.61
N GLN B 461 -19.72 -71.45 -92.58
CA GLN B 461 -20.55 -70.86 -91.53
C GLN B 461 -19.78 -69.81 -90.74
N VAL B 462 -18.51 -70.08 -90.42
CA VAL B 462 -17.75 -69.10 -89.65
C VAL B 462 -17.47 -67.86 -90.48
N GLY B 463 -17.29 -68.00 -91.80
CA GLY B 463 -17.12 -66.83 -92.64
C GLY B 463 -18.40 -66.02 -92.78
N LYS B 464 -19.54 -66.70 -92.88
CA LYS B 464 -20.81 -66.00 -92.91
C LYS B 464 -21.04 -65.22 -91.61
N MET B 465 -20.73 -65.85 -90.48
CA MET B 465 -20.87 -65.16 -89.19
C MET B 465 -19.89 -63.99 -89.09
N LYS B 466 -18.68 -64.17 -89.59
CA LYS B 466 -17.70 -63.07 -89.59
C LYS B 466 -18.21 -61.90 -90.42
N ALA B 467 -18.82 -62.19 -91.57
CA ALA B 467 -19.37 -61.13 -92.41
C ALA B 467 -20.52 -60.42 -91.72
N ILE B 468 -21.44 -61.17 -91.13
CA ILE B 468 -22.58 -60.54 -90.48
C ILE B 468 -22.17 -59.81 -89.21
N VAL B 469 -21.02 -60.14 -88.63
CA VAL B 469 -20.52 -59.40 -87.47
C VAL B 469 -19.82 -58.12 -87.91
N GLU B 470 -19.03 -58.20 -88.98
CA GLU B 470 -18.41 -57.00 -89.54
C GLU B 470 -19.46 -56.03 -90.07
N LYS B 471 -20.61 -56.53 -90.47
CA LYS B 471 -21.69 -55.64 -90.92
C LYS B 471 -22.26 -54.83 -89.77
N LEU B 472 -22.32 -55.42 -88.57
CA LEU B 472 -22.95 -54.78 -87.43
C LEU B 472 -21.96 -54.20 -86.43
N ARG B 473 -20.66 -54.29 -86.69
CA ARG B 473 -19.68 -53.74 -85.77
C ARG B 473 -19.83 -52.22 -85.67
N PHE B 474 -19.35 -51.67 -84.56
CA PHE B 474 -19.42 -50.22 -84.32
C PHE B 474 -18.33 -49.84 -83.33
N THR B 475 -18.33 -48.58 -82.93
CA THR B 475 -17.35 -48.05 -81.98
C THR B 475 -18.02 -47.84 -80.63
N TYR B 476 -17.43 -48.41 -79.59
CA TYR B 476 -18.00 -48.39 -78.25
C TYR B 476 -17.33 -47.30 -77.40
N ARG B 477 -18.16 -46.52 -76.71
CA ARG B 477 -17.70 -45.55 -75.73
C ARG B 477 -18.30 -45.89 -74.37
N SER B 478 -17.50 -45.76 -73.31
CA SER B 478 -17.97 -46.14 -71.98
C SER B 478 -19.12 -45.28 -71.48
N ASP B 479 -19.23 -44.04 -71.97
CA ASP B 479 -20.28 -43.13 -71.53
C ASP B 479 -21.41 -43.01 -72.54
N SER B 480 -21.58 -43.98 -73.42
CA SER B 480 -22.64 -43.92 -74.43
C SER B 480 -23.96 -44.50 -73.95
N PHE B 481 -23.98 -45.13 -72.78
CA PHE B 481 -25.19 -45.77 -72.26
C PHE B 481 -25.56 -45.17 -70.92
N GLU B 482 -26.86 -45.09 -70.66
CA GLU B 482 -27.39 -44.55 -69.42
C GLU B 482 -28.28 -45.58 -68.73
N ASN B 483 -28.34 -45.50 -67.40
CA ASN B 483 -29.21 -46.38 -66.64
C ASN B 483 -30.65 -45.93 -66.79
N PRO B 484 -31.49 -46.70 -67.47
CA PRO B 484 -32.87 -46.23 -67.72
C PRO B 484 -33.71 -46.12 -66.46
N VAL B 485 -33.51 -47.02 -65.49
CA VAL B 485 -34.29 -46.97 -64.25
C VAL B 485 -33.98 -45.70 -63.48
N LEU B 486 -32.69 -45.35 -63.39
CA LEU B 486 -32.29 -44.17 -62.63
C LEU B 486 -32.80 -42.90 -63.30
N GLN B 487 -32.69 -42.82 -64.63
CA GLN B 487 -33.18 -41.65 -65.35
C GLN B 487 -34.69 -41.53 -65.22
N GLN B 488 -35.41 -42.66 -65.29
CA GLN B 488 -36.86 -42.61 -65.12
C GLN B 488 -37.24 -42.19 -63.70
N HIS B 489 -36.47 -42.64 -62.70
CA HIS B 489 -36.72 -42.19 -61.34
C HIS B 489 -36.49 -40.69 -61.20
N PHE B 490 -35.44 -40.18 -61.84
CA PHE B 490 -35.20 -38.74 -61.82
C PHE B 490 -36.35 -37.97 -62.47
N ARG B 491 -36.82 -38.45 -63.62
CA ARG B 491 -37.95 -37.80 -64.29
C ARG B 491 -39.20 -37.84 -63.42
N ASN B 492 -39.47 -38.96 -62.77
CA ASN B 492 -40.64 -39.07 -61.91
C ASN B 492 -40.53 -38.14 -60.71
N LEU B 493 -39.34 -38.04 -60.12
CA LEU B 493 -39.15 -37.14 -59.00
C LEU B 493 -39.33 -35.69 -59.42
N GLU B 494 -38.85 -35.33 -60.61
CA GLU B 494 -39.07 -33.99 -61.13
C GLU B 494 -40.55 -33.72 -61.33
N ALA B 495 -41.27 -34.69 -61.91
CA ALA B 495 -42.69 -34.52 -62.17
C ALA B 495 -43.49 -34.39 -60.88
N LEU B 496 -43.10 -35.11 -59.84
CA LEU B 496 -43.79 -35.02 -58.56
C LEU B 496 -43.38 -33.82 -57.72
N ALA B 497 -42.20 -33.26 -57.98
CA ALA B 497 -41.78 -32.07 -57.24
C ALA B 497 -42.31 -30.79 -57.86
N LEU B 498 -42.22 -30.67 -59.19
CA LEU B 498 -42.70 -29.48 -59.88
C LEU B 498 -44.21 -29.51 -60.11
N ASP B 499 -44.89 -30.58 -59.68
CA ASP B 499 -46.35 -30.69 -59.80
C ASP B 499 -46.81 -30.60 -61.25
N LEU B 500 -46.04 -31.22 -62.14
CA LEU B 500 -46.43 -31.35 -63.54
C LEU B 500 -46.90 -32.79 -63.77
N MET B 501 -48.12 -32.94 -64.29
CA MET B 501 -48.74 -34.24 -64.46
C MET B 501 -48.36 -34.91 -65.78
N GLU B 502 -47.27 -34.47 -66.40
CA GLU B 502 -46.78 -35.06 -67.65
C GLU B 502 -45.34 -35.51 -67.44
N PRO B 503 -45.15 -36.65 -66.79
CA PRO B 503 -43.78 -37.13 -66.53
C PRO B 503 -43.05 -37.51 -67.81
N GLU B 504 -41.88 -36.91 -68.02
CA GLU B 504 -41.10 -37.20 -69.22
C GLU B 504 -40.63 -38.65 -69.22
N GLN B 505 -40.85 -39.33 -70.34
CA GLN B 505 -40.41 -40.72 -70.49
C GLN B 505 -39.06 -40.74 -71.17
N ALA B 506 -38.03 -41.10 -70.40
CA ALA B 506 -36.67 -41.16 -70.93
C ALA B 506 -36.55 -42.30 -71.94
N VAL B 507 -36.11 -41.98 -73.15
CA VAL B 507 -35.95 -42.99 -74.18
C VAL B 507 -34.87 -43.99 -73.77
N ASP B 508 -35.19 -45.27 -73.85
CA ASP B 508 -34.23 -46.31 -73.47
C ASP B 508 -33.09 -46.35 -74.48
N LEU B 509 -31.92 -45.91 -74.04
CA LEU B 509 -30.74 -45.89 -74.89
C LEU B 509 -30.03 -47.24 -74.96
N THR B 510 -30.46 -48.21 -74.17
CA THR B 510 -29.86 -49.54 -74.18
C THR B 510 -30.56 -50.50 -75.13
N LEU B 511 -31.65 -50.08 -75.76
CA LEU B 511 -32.35 -50.96 -76.69
C LEU B 511 -31.50 -51.17 -77.94
N PRO B 512 -31.53 -52.37 -78.54
CA PRO B 512 -30.70 -52.61 -79.73
C PRO B 512 -31.24 -51.96 -81.00
N LYS B 513 -32.48 -51.49 -81.01
CA LYS B 513 -33.10 -50.87 -82.18
C LYS B 513 -33.10 -51.85 -83.36
N VAL B 514 -33.83 -52.95 -83.19
CA VAL B 514 -33.85 -53.99 -84.21
C VAL B 514 -34.52 -53.50 -85.49
N GLU B 515 -35.32 -52.44 -85.38
CA GLU B 515 -35.97 -51.87 -86.57
C GLU B 515 -34.98 -51.21 -87.51
N ALA B 516 -33.73 -51.01 -87.09
CA ALA B 516 -32.69 -50.43 -87.94
C ALA B 516 -31.52 -51.37 -88.19
N MET B 517 -31.35 -52.43 -87.40
CA MET B 517 -30.25 -53.36 -87.61
C MET B 517 -30.52 -54.26 -88.81
N ASN B 518 -31.76 -54.69 -88.99
CA ASN B 518 -32.09 -55.58 -90.11
C ASN B 518 -31.91 -54.86 -91.44
N LYS B 519 -32.14 -53.56 -91.46
CA LYS B 519 -31.99 -52.78 -92.68
C LYS B 519 -30.53 -52.64 -93.12
N ARG B 520 -29.57 -52.93 -92.23
CA ARG B 520 -28.16 -52.85 -92.57
C ARG B 520 -27.60 -54.20 -92.99
N LEU B 521 -27.94 -55.27 -92.25
CA LEU B 521 -27.45 -56.60 -92.61
C LEU B 521 -28.09 -57.10 -93.90
N GLY B 522 -29.31 -56.66 -94.18
CA GLY B 522 -29.98 -57.04 -95.41
C GLY B 522 -30.62 -58.42 -95.35
N SER B 523 -30.12 -59.35 -96.17
CA SER B 523 -30.66 -60.69 -96.26
C SER B 523 -29.66 -61.75 -95.83
N LEU B 524 -28.78 -61.44 -94.88
CA LEU B 524 -27.81 -62.43 -94.43
C LEU B 524 -28.41 -63.35 -93.37
N VAL B 525 -29.45 -62.89 -92.68
CA VAL B 525 -29.97 -63.63 -91.53
C VAL B 525 -30.63 -64.94 -91.99
N ASP B 526 -31.53 -64.87 -92.97
CA ASP B 526 -32.22 -66.08 -93.41
C ASP B 526 -31.27 -67.04 -94.09
N GLU B 527 -30.28 -66.52 -94.81
CA GLU B 527 -29.28 -67.38 -95.42
C GLU B 527 -28.46 -68.11 -94.35
N PHE B 528 -28.02 -67.39 -93.33
CA PHE B 528 -27.28 -68.04 -92.24
C PHE B 528 -28.15 -69.07 -91.52
N LYS B 529 -29.43 -68.76 -91.35
CA LYS B 529 -30.34 -69.71 -90.70
C LYS B 529 -30.46 -70.99 -91.53
N GLU B 530 -30.76 -70.85 -92.82
CA GLU B 530 -30.84 -72.03 -93.68
C GLU B 530 -29.51 -72.77 -93.76
N LEU B 531 -28.40 -72.07 -93.50
CA LEU B 531 -27.10 -72.72 -93.53
C LEU B 531 -26.86 -73.54 -92.26
N VAL B 532 -27.26 -73.02 -91.10
CA VAL B 532 -26.93 -73.64 -89.82
C VAL B 532 -28.14 -74.27 -89.14
N TYR B 533 -29.37 -73.97 -89.58
CA TYR B 533 -30.53 -74.57 -88.94
C TYR B 533 -31.17 -75.61 -89.85
N PRO B 534 -31.88 -76.59 -89.30
CA PRO B 534 -32.60 -77.56 -90.12
C PRO B 534 -33.70 -76.89 -90.93
N PRO B 535 -34.28 -77.59 -91.91
CA PRO B 535 -35.40 -76.99 -92.67
C PRO B 535 -36.52 -76.49 -91.78
N ASP B 536 -36.98 -77.31 -90.85
CA ASP B 536 -37.98 -76.93 -89.87
C ASP B 536 -37.36 -76.94 -88.48
N TYR B 537 -37.57 -75.85 -87.74
CA TYR B 537 -36.97 -75.71 -86.41
C TYR B 537 -37.70 -74.64 -85.61
N ASN B 538 -37.98 -74.92 -84.34
CA ASN B 538 -38.64 -73.98 -83.46
C ASN B 538 -37.64 -73.41 -82.48
N PRO B 539 -37.12 -72.18 -82.70
CA PRO B 539 -36.14 -71.57 -81.80
C PRO B 539 -36.75 -71.11 -80.48
N ASN C 6 -30.72 -84.24 -55.24
CA ASN C 6 -29.52 -84.79 -55.86
C ASN C 6 -28.47 -85.13 -54.80
N LYS C 7 -28.66 -86.28 -54.15
CA LYS C 7 -27.72 -86.73 -53.12
C LYS C 7 -26.49 -87.35 -53.79
N ALA C 8 -25.53 -87.77 -52.96
CA ALA C 8 -24.30 -88.37 -53.46
C ALA C 8 -23.68 -89.21 -52.36
N ALA C 9 -23.38 -90.46 -52.65
CA ALA C 9 -22.75 -91.34 -51.67
C ALA C 9 -21.24 -91.19 -51.70
N VAL C 10 -20.63 -91.29 -50.53
CA VAL C 10 -19.17 -91.20 -50.39
C VAL C 10 -18.73 -91.95 -49.15
N VAL C 11 -17.71 -92.79 -49.29
CA VAL C 11 -17.19 -93.60 -48.19
C VAL C 11 -15.74 -93.21 -47.96
N LEU C 12 -15.43 -92.76 -46.74
CA LEU C 12 -14.08 -92.40 -46.36
C LEU C 12 -13.34 -93.65 -45.86
N CYS C 13 -12.19 -93.93 -46.47
CA CYS C 13 -11.39 -95.11 -46.14
C CYS C 13 -10.04 -94.64 -45.62
N MET C 14 -9.89 -94.64 -44.30
CA MET C 14 -8.67 -94.19 -43.64
C MET C 14 -7.90 -95.39 -43.09
N ASP C 15 -6.59 -95.36 -43.28
CA ASP C 15 -5.71 -96.39 -42.76
C ASP C 15 -5.25 -96.02 -41.36
N VAL C 16 -5.38 -96.95 -40.42
CA VAL C 16 -5.04 -96.71 -39.03
C VAL C 16 -3.92 -97.64 -38.61
N GLY C 17 -3.09 -98.05 -39.57
CA GLY C 17 -1.99 -98.95 -39.28
C GLY C 17 -0.87 -98.28 -38.51
N PHE C 18 0.08 -99.11 -38.09
CA PHE C 18 1.23 -98.61 -37.35
C PHE C 18 2.19 -97.83 -38.24
N THR C 19 2.11 -98.04 -39.55
CA THR C 19 3.01 -97.40 -40.51
C THR C 19 2.96 -95.88 -40.41
N MET C 20 1.75 -95.32 -40.45
CA MET C 20 1.58 -93.86 -40.43
C MET C 20 1.87 -93.29 -39.04
N SER C 21 1.99 -94.14 -38.04
CA SER C 21 2.24 -93.68 -36.67
C SER C 21 3.71 -93.40 -36.40
N ASN C 22 4.56 -93.43 -37.42
CA ASN C 22 6.00 -93.17 -37.25
C ASN C 22 6.21 -91.68 -37.05
N SER C 23 6.79 -91.31 -35.90
CA SER C 23 7.04 -89.91 -35.60
C SER C 23 8.29 -89.40 -36.32
N ILE C 24 8.13 -88.93 -37.54
CA ILE C 24 9.26 -88.36 -38.28
C ILE C 24 9.68 -87.05 -37.64
N PRO C 25 10.96 -86.83 -37.38
CA PRO C 25 11.38 -85.57 -36.76
C PRO C 25 11.14 -84.38 -37.68
N GLY C 26 10.45 -83.37 -37.16
CA GLY C 26 10.16 -82.16 -37.89
C GLY C 26 8.90 -82.20 -38.73
N ILE C 27 8.29 -83.37 -38.92
CA ILE C 27 7.09 -83.52 -39.73
C ILE C 27 6.06 -84.30 -38.94
N GLU C 28 4.82 -83.82 -38.97
CA GLU C 28 3.73 -84.54 -38.31
C GLU C 28 3.51 -85.89 -38.97
N SER C 29 2.92 -86.81 -38.22
CA SER C 29 2.70 -88.16 -38.73
C SER C 29 1.65 -88.13 -39.84
N PRO C 30 1.77 -89.01 -40.83
CA PRO C 30 0.73 -89.11 -41.88
C PRO C 30 -0.65 -89.39 -41.31
N PHE C 31 -0.73 -90.10 -40.19
CA PHE C 31 -2.01 -90.31 -39.52
C PHE C 31 -2.64 -88.97 -39.13
N GLU C 32 -1.82 -88.05 -38.60
CA GLU C 32 -2.34 -86.74 -38.19
C GLU C 32 -2.80 -85.94 -39.40
N GLN C 33 -2.06 -86.01 -40.50
CA GLN C 33 -2.45 -85.28 -41.71
C GLN C 33 -3.75 -85.84 -42.29
N ALA C 34 -3.89 -87.16 -42.31
CA ALA C 34 -5.14 -87.76 -42.78
C ALA C 34 -6.30 -87.38 -41.86
N LYS C 35 -6.03 -87.32 -40.54
CA LYS C 35 -7.06 -86.85 -39.61
C LYS C 35 -7.46 -85.42 -39.91
N LYS C 36 -6.49 -84.55 -40.20
CA LYS C 36 -6.81 -83.17 -40.55
C LYS C 36 -7.67 -83.09 -41.80
N VAL C 37 -7.29 -83.85 -42.83
CA VAL C 37 -8.04 -83.82 -44.09
C VAL C 37 -9.47 -84.32 -43.88
N ILE C 38 -9.62 -85.44 -43.18
CA ILE C 38 -10.95 -85.99 -42.95
C ILE C 38 -11.78 -85.07 -42.06
N THR C 39 -11.14 -84.41 -41.09
CA THR C 39 -11.87 -83.46 -40.25
C THR C 39 -12.38 -82.29 -41.05
N MET C 40 -11.52 -81.73 -41.92
CA MET C 40 -11.97 -80.65 -42.79
C MET C 40 -13.11 -81.09 -43.69
N PHE C 41 -13.01 -82.29 -44.25
CA PHE C 41 -14.06 -82.79 -45.13
C PHE C 41 -15.39 -82.92 -44.37
N VAL C 42 -15.36 -83.59 -43.21
CA VAL C 42 -16.60 -83.85 -42.49
C VAL C 42 -17.18 -82.55 -41.92
N GLN C 43 -16.32 -81.59 -41.55
CA GLN C 43 -16.87 -80.34 -41.01
C GLN C 43 -17.47 -79.48 -42.12
N ARG C 44 -16.88 -79.47 -43.32
CA ARG C 44 -17.52 -78.76 -44.41
C ARG C 44 -18.78 -79.46 -44.86
N GLN C 45 -18.87 -80.79 -44.69
CA GLN C 45 -20.10 -81.49 -45.02
C GLN C 45 -21.18 -81.27 -43.97
N VAL C 46 -20.80 -81.08 -42.72
CA VAL C 46 -21.79 -80.90 -41.65
C VAL C 46 -22.29 -79.46 -41.63
N PHE C 47 -21.38 -78.49 -41.57
CA PHE C 47 -21.78 -77.09 -41.41
C PHE C 47 -22.46 -76.53 -42.66
N ALA C 48 -22.27 -77.15 -43.82
CA ALA C 48 -23.00 -76.71 -45.01
C ALA C 48 -24.45 -77.16 -45.01
N GLU C 49 -24.80 -78.18 -44.23
CA GLU C 49 -26.17 -78.69 -44.14
C GLU C 49 -26.69 -79.09 -45.51
N ASN C 50 -25.86 -79.79 -46.27
CA ASN C 50 -26.24 -80.33 -47.57
C ASN C 50 -26.68 -81.78 -47.39
N LYS C 51 -27.83 -82.12 -47.97
CA LYS C 51 -28.34 -83.49 -47.88
C LYS C 51 -27.35 -84.47 -48.50
N ASP C 52 -26.75 -85.31 -47.66
CA ASP C 52 -25.72 -86.24 -48.10
C ASP C 52 -25.51 -87.26 -46.98
N GLU C 53 -25.03 -88.44 -47.37
CA GLU C 53 -24.75 -89.53 -46.44
C GLU C 53 -23.35 -90.04 -46.68
N ILE C 54 -22.54 -90.08 -45.62
CA ILE C 54 -21.15 -90.51 -45.71
C ILE C 54 -20.94 -91.72 -44.80
N ALA C 55 -19.83 -92.42 -45.04
CA ALA C 55 -19.47 -93.59 -44.26
C ALA C 55 -17.97 -93.60 -44.03
N LEU C 56 -17.57 -94.08 -42.86
CA LEU C 56 -16.16 -94.15 -42.47
C LEU C 56 -15.78 -95.60 -42.25
N VAL C 57 -14.75 -96.05 -42.97
CA VAL C 57 -14.25 -97.42 -42.87
C VAL C 57 -12.81 -97.35 -42.38
N LEU C 58 -12.59 -97.77 -41.14
CA LEU C 58 -11.25 -97.81 -40.55
C LEU C 58 -10.68 -99.20 -40.72
N PHE C 59 -9.56 -99.30 -41.43
CA PHE C 59 -8.89 -100.58 -41.66
C PHE C 59 -7.45 -100.49 -41.19
N GLY C 60 -6.95 -101.61 -40.68
CA GLY C 60 -5.63 -101.64 -40.08
C GLY C 60 -5.66 -101.32 -38.61
N THR C 61 -6.72 -101.75 -37.93
CA THR C 61 -6.91 -101.48 -36.51
C THR C 61 -6.71 -102.76 -35.71
N ASP C 62 -6.77 -102.61 -34.38
CA ASP C 62 -6.62 -103.77 -33.49
C ASP C 62 -7.82 -104.70 -33.61
N GLY C 63 -9.02 -104.16 -33.57
CA GLY C 63 -10.24 -104.95 -33.65
C GLY C 63 -10.59 -105.35 -35.07
N THR C 64 -11.81 -105.86 -35.24
CA THR C 64 -12.28 -106.31 -36.54
C THR C 64 -13.80 -106.27 -36.54
N ASP C 65 -14.37 -105.57 -37.53
CA ASP C 65 -15.82 -105.46 -37.64
C ASP C 65 -16.16 -105.22 -39.11
N ASN C 66 -16.76 -106.20 -39.76
CA ASN C 66 -17.10 -106.11 -41.17
C ASN C 66 -18.19 -107.11 -41.48
N PRO C 67 -19.15 -106.76 -42.35
CA PRO C 67 -20.19 -107.72 -42.71
C PRO C 67 -19.65 -109.00 -43.33
N LEU C 68 -18.51 -108.94 -44.03
CA LEU C 68 -17.88 -110.10 -44.63
C LEU C 68 -16.67 -110.59 -43.82
N SER C 69 -16.62 -110.24 -42.53
CA SER C 69 -15.51 -110.68 -41.69
C SER C 69 -15.58 -112.18 -41.40
N GLY C 70 -16.74 -112.80 -41.53
CA GLY C 70 -16.89 -114.22 -41.27
C GLY C 70 -16.07 -115.08 -42.22
N GLY C 71 -15.30 -116.00 -41.67
CA GLY C 71 -14.44 -116.85 -42.46
C GLY C 71 -12.97 -116.50 -42.44
N ASP C 72 -12.50 -115.78 -41.42
CA ASP C 72 -11.11 -115.36 -41.31
C ASP C 72 -10.68 -114.55 -42.53
N GLN C 73 -11.58 -113.69 -43.01
CA GLN C 73 -11.32 -112.82 -44.14
C GLN C 73 -11.54 -111.36 -43.74
N TYR C 74 -10.79 -110.48 -44.40
CA TYR C 74 -10.86 -109.04 -44.14
C TYR C 74 -10.56 -108.73 -42.68
N GLN C 75 -9.36 -109.07 -42.23
CA GLN C 75 -8.96 -108.84 -40.86
C GLN C 75 -8.51 -107.40 -40.65
N ASN C 76 -8.66 -106.91 -39.42
CA ASN C 76 -8.31 -105.55 -39.03
C ASN C 76 -9.09 -104.50 -39.81
N ILE C 77 -10.30 -104.83 -40.26
CA ILE C 77 -11.18 -103.91 -40.95
C ILE C 77 -12.35 -103.62 -40.02
N THR C 78 -12.55 -102.35 -39.69
CA THR C 78 -13.60 -101.92 -38.77
C THR C 78 -14.41 -100.81 -39.42
N VAL C 79 -15.67 -101.08 -39.72
CA VAL C 79 -16.57 -100.06 -40.25
C VAL C 79 -17.02 -99.19 -39.07
N HIS C 80 -16.37 -98.05 -38.89
CA HIS C 80 -16.63 -97.17 -37.76
C HIS C 80 -17.86 -96.30 -37.96
N ARG C 81 -18.39 -96.20 -39.18
CA ARG C 81 -19.55 -95.38 -39.46
C ARG C 81 -20.25 -95.84 -40.72
N HIS C 82 -21.53 -96.17 -40.62
CA HIS C 82 -22.30 -96.60 -41.78
C HIS C 82 -22.73 -95.38 -42.60
N LEU C 83 -23.44 -95.65 -43.69
CA LEU C 83 -23.90 -94.59 -44.59
C LEU C 83 -25.03 -93.83 -43.93
N MET C 84 -24.69 -92.73 -43.25
CA MET C 84 -25.67 -91.91 -42.56
C MET C 84 -25.29 -90.44 -42.73
N LEU C 85 -26.22 -89.57 -42.36
CA LEU C 85 -25.96 -88.14 -42.44
C LEU C 85 -24.87 -87.76 -41.44
N PRO C 86 -23.86 -87.00 -41.86
CA PRO C 86 -22.80 -86.61 -40.92
C PRO C 86 -23.32 -85.64 -39.87
N ASP C 87 -22.77 -85.77 -38.67
CA ASP C 87 -23.20 -84.96 -37.53
C ASP C 87 -22.02 -84.79 -36.57
N PHE C 88 -22.31 -84.22 -35.40
CA PHE C 88 -21.26 -83.96 -34.43
C PHE C 88 -20.72 -85.24 -33.80
N ASP C 89 -21.46 -86.35 -33.89
CA ASP C 89 -20.95 -87.61 -33.38
C ASP C 89 -19.72 -88.06 -34.15
N LEU C 90 -19.79 -88.00 -35.49
CA LEU C 90 -18.64 -88.35 -36.31
C LEU C 90 -17.48 -87.39 -36.06
N LEU C 91 -17.79 -86.11 -35.80
CA LEU C 91 -16.75 -85.14 -35.48
C LEU C 91 -16.03 -85.51 -34.19
N GLU C 92 -16.79 -85.81 -33.14
CA GLU C 92 -16.19 -86.24 -31.88
C GLU C 92 -15.37 -87.52 -32.08
N ASP C 93 -15.88 -88.45 -32.88
CA ASP C 93 -15.15 -89.68 -33.15
C ASP C 93 -13.81 -89.39 -33.80
N ILE C 94 -13.80 -88.62 -34.88
CA ILE C 94 -12.56 -88.30 -35.59
C ILE C 94 -11.60 -87.56 -34.68
N GLU C 95 -12.14 -86.67 -33.83
CA GLU C 95 -11.27 -85.81 -33.03
C GLU C 95 -10.62 -86.57 -31.89
N SER C 96 -11.40 -87.35 -31.13
CA SER C 96 -10.95 -87.88 -29.85
C SER C 96 -10.70 -89.39 -29.87
N LYS C 97 -11.68 -90.19 -30.25
CA LYS C 97 -11.63 -91.64 -30.03
C LYS C 97 -11.13 -92.42 -31.24
N ILE C 98 -10.25 -91.83 -32.06
CA ILE C 98 -9.57 -92.55 -33.12
C ILE C 98 -8.11 -92.71 -32.72
N GLN C 99 -7.70 -93.94 -32.46
CA GLN C 99 -6.36 -94.26 -32.01
C GLN C 99 -5.68 -95.17 -33.02
N PRO C 100 -4.35 -95.07 -33.17
CA PRO C 100 -3.65 -95.90 -34.14
C PRO C 100 -3.73 -97.38 -33.78
N GLY C 101 -3.50 -98.22 -34.78
CA GLY C 101 -3.55 -99.66 -34.61
C GLY C 101 -2.19 -100.29 -34.88
N SER C 102 -1.97 -101.47 -34.30
CA SER C 102 -0.69 -102.15 -34.46
C SER C 102 -0.59 -102.86 -35.80
N GLN C 103 -1.56 -103.71 -36.11
CA GLN C 103 -1.52 -104.47 -37.34
C GLN C 103 -1.74 -103.56 -38.54
N GLN C 104 -1.05 -103.92 -39.62
CA GLN C 104 -1.18 -103.16 -40.87
C GLN C 104 -2.01 -104.01 -41.84
N ALA C 105 -3.21 -103.53 -42.19
CA ALA C 105 -4.02 -104.13 -43.23
C ALA C 105 -3.60 -103.55 -44.58
N ASP C 106 -4.34 -103.89 -45.63
CA ASP C 106 -4.02 -103.42 -46.98
C ASP C 106 -5.20 -102.63 -47.54
N PHE C 107 -4.91 -101.77 -48.51
CA PHE C 107 -5.92 -100.91 -49.10
C PHE C 107 -6.82 -101.64 -50.09
N LEU C 108 -6.41 -102.83 -50.57
CA LEU C 108 -7.23 -103.55 -51.53
C LEU C 108 -8.44 -104.18 -50.87
N ASP C 109 -8.25 -104.87 -49.75
CA ASP C 109 -9.40 -105.38 -49.01
C ASP C 109 -10.25 -104.24 -48.45
N ALA C 110 -9.63 -103.10 -48.16
CA ALA C 110 -10.39 -101.93 -47.75
C ALA C 110 -11.27 -101.42 -48.89
N LEU C 111 -10.75 -101.42 -50.12
CA LEU C 111 -11.57 -101.06 -51.27
C LEU C 111 -12.68 -102.08 -51.48
N ILE C 112 -12.39 -103.36 -51.23
CA ILE C 112 -13.41 -104.39 -51.35
C ILE C 112 -14.56 -104.12 -50.38
N VAL C 113 -14.23 -103.86 -49.12
CA VAL C 113 -15.29 -103.64 -48.12
C VAL C 113 -15.98 -102.30 -48.36
N SER C 114 -15.28 -101.33 -48.95
CA SER C 114 -15.93 -100.07 -49.31
C SER C 114 -16.97 -100.29 -50.42
N MET C 115 -16.61 -101.08 -51.43
CA MET C 115 -17.58 -101.45 -52.45
C MET C 115 -18.75 -102.21 -51.85
N ASP C 116 -18.45 -103.09 -50.88
CA ASP C 116 -19.49 -103.83 -50.19
C ASP C 116 -20.48 -102.90 -49.50
N VAL C 117 -19.95 -101.92 -48.76
CA VAL C 117 -20.80 -100.95 -48.07
C VAL C 117 -21.62 -100.15 -49.08
N ILE C 118 -20.98 -99.70 -50.16
CA ILE C 118 -21.67 -98.89 -51.16
C ILE C 118 -22.82 -99.67 -51.80
N GLN C 119 -22.58 -100.95 -52.11
CA GLN C 119 -23.53 -101.75 -52.86
C GLN C 119 -24.54 -102.47 -51.97
N HIS C 120 -24.34 -102.46 -50.65
CA HIS C 120 -25.29 -103.10 -49.74
C HIS C 120 -25.96 -102.11 -48.79
N GLU C 121 -25.60 -100.82 -48.84
CA GLU C 121 -26.27 -99.82 -48.04
C GLU C 121 -26.99 -98.76 -48.86
N THR C 122 -26.65 -98.60 -50.13
CA THR C 122 -27.38 -97.70 -51.04
C THR C 122 -28.46 -98.45 -51.80
N ILE C 123 -29.33 -99.15 -51.07
CA ILE C 123 -30.35 -99.99 -51.68
C ILE C 123 -31.63 -99.19 -51.90
N GLY C 124 -32.21 -98.69 -50.82
CA GLY C 124 -33.45 -97.94 -50.90
C GLY C 124 -33.30 -96.47 -51.18
N LYS C 125 -32.09 -96.00 -51.39
CA LYS C 125 -31.83 -94.58 -51.64
C LYS C 125 -31.50 -94.35 -53.11
N LYS C 126 -31.68 -93.10 -53.54
CA LYS C 126 -31.40 -92.68 -54.91
C LYS C 126 -30.19 -91.75 -54.87
N PHE C 127 -29.05 -92.26 -55.33
CA PHE C 127 -27.79 -91.50 -55.33
C PHE C 127 -27.29 -91.39 -56.76
N GLU C 128 -27.20 -90.16 -57.26
CA GLU C 128 -26.69 -89.93 -58.61
C GLU C 128 -25.18 -90.07 -58.69
N LYS C 129 -24.47 -89.95 -57.57
CA LYS C 129 -23.02 -90.03 -57.53
C LYS C 129 -22.58 -90.93 -56.38
N ARG C 130 -21.53 -91.70 -56.61
CA ARG C 130 -20.94 -92.57 -55.60
C ARG C 130 -19.43 -92.42 -55.66
N HIS C 131 -18.81 -92.16 -54.52
CA HIS C 131 -17.39 -91.85 -54.46
C HIS C 131 -16.74 -92.61 -53.31
N ILE C 132 -15.44 -92.86 -53.46
CA ILE C 132 -14.64 -93.52 -52.43
C ILE C 132 -13.30 -92.82 -52.35
N GLU C 133 -12.92 -92.41 -51.14
CA GLU C 133 -11.64 -91.77 -50.88
C GLU C 133 -10.75 -92.70 -50.06
N ILE C 134 -9.45 -92.63 -50.33
CA ILE C 134 -8.48 -93.53 -49.72
C ILE C 134 -7.36 -92.69 -49.09
N PHE C 135 -7.02 -93.00 -47.84
CA PHE C 135 -5.94 -92.32 -47.11
C PHE C 135 -4.98 -93.40 -46.60
N THR C 136 -3.98 -93.74 -47.41
CA THR C 136 -3.04 -94.79 -47.08
C THR C 136 -1.60 -94.29 -47.25
N ASP C 137 -0.67 -95.15 -46.87
CA ASP C 137 0.76 -94.90 -47.02
C ASP C 137 1.42 -95.79 -48.04
N LEU C 138 0.74 -96.84 -48.50
CA LEU C 138 1.23 -97.79 -49.50
C LEU C 138 2.48 -98.54 -49.05
N SER C 139 2.72 -98.63 -47.75
CA SER C 139 3.86 -99.36 -47.21
C SER C 139 3.46 -100.67 -46.55
N SER C 140 2.29 -101.20 -46.91
CA SER C 140 1.80 -102.45 -46.35
C SER C 140 1.74 -103.53 -47.44
N ARG C 141 1.71 -104.78 -47.02
CA ARG C 141 1.66 -105.89 -47.96
C ARG C 141 0.24 -106.14 -48.43
N PHE C 142 0.12 -106.60 -49.67
CA PHE C 142 -1.17 -106.88 -50.28
C PHE C 142 -0.93 -107.90 -51.40
N SER C 143 -2.01 -108.27 -52.10
CA SER C 143 -1.96 -109.24 -53.18
C SER C 143 -2.19 -108.54 -54.53
N LYS C 144 -2.22 -109.35 -55.59
CA LYS C 144 -2.39 -108.86 -56.94
C LYS C 144 -3.53 -109.55 -57.68
N SER C 145 -4.39 -110.28 -56.98
CA SER C 145 -5.40 -111.11 -57.64
C SER C 145 -6.68 -110.35 -57.90
N GLN C 146 -7.22 -109.69 -56.87
CA GLN C 146 -8.55 -109.09 -56.95
C GLN C 146 -8.58 -107.81 -57.76
N LEU C 147 -7.51 -107.46 -58.47
CA LEU C 147 -7.46 -106.17 -59.17
C LEU C 147 -8.48 -106.11 -60.29
N ASP C 148 -8.56 -107.15 -61.12
CA ASP C 148 -9.49 -107.14 -62.25
C ASP C 148 -10.94 -107.12 -61.76
N ILE C 149 -11.23 -107.84 -60.68
CA ILE C 149 -12.58 -107.83 -60.12
C ILE C 149 -12.95 -106.43 -59.65
N ILE C 150 -12.01 -105.75 -59.00
CA ILE C 150 -12.25 -104.38 -58.54
C ILE C 150 -12.49 -103.46 -59.73
N ILE C 151 -11.68 -103.62 -60.78
CA ILE C 151 -11.85 -102.78 -61.97
C ILE C 151 -13.22 -102.99 -62.59
N HIS C 152 -13.65 -104.25 -62.73
CA HIS C 152 -14.94 -104.52 -63.33
C HIS C 152 -16.08 -104.01 -62.46
N SER C 153 -15.98 -104.18 -61.14
CA SER C 153 -17.02 -103.69 -60.25
C SER C 153 -17.10 -102.17 -60.26
N LEU C 154 -15.96 -101.50 -60.43
CA LEU C 154 -15.96 -100.04 -60.51
C LEU C 154 -16.56 -99.57 -61.83
N LYS C 155 -16.25 -100.26 -62.92
CA LYS C 155 -16.77 -99.87 -64.23
C LYS C 155 -18.24 -100.24 -64.42
N LYS C 156 -18.78 -101.18 -63.63
CA LYS C 156 -20.17 -101.56 -63.77
C LYS C 156 -21.07 -100.83 -62.78
N CYS C 157 -20.53 -100.40 -61.64
CA CYS C 157 -21.30 -99.69 -60.64
C CYS C 157 -21.11 -98.18 -60.70
N ASP C 158 -20.22 -97.68 -61.56
CA ASP C 158 -19.95 -96.26 -61.73
C ASP C 158 -19.52 -95.62 -60.40
N ILE C 159 -18.37 -96.11 -59.91
CA ILE C 159 -17.79 -95.67 -58.65
C ILE C 159 -16.57 -94.82 -58.96
N SER C 160 -16.51 -93.63 -58.37
CA SER C 160 -15.37 -92.74 -58.52
C SER C 160 -14.43 -92.89 -57.34
N LEU C 161 -13.13 -92.86 -57.61
CA LEU C 161 -12.11 -93.09 -56.60
C LEU C 161 -11.09 -91.94 -56.59
N GLN C 162 -10.59 -91.66 -55.40
CA GLN C 162 -9.50 -90.71 -55.21
C GLN C 162 -8.56 -91.26 -54.14
N PHE C 163 -7.27 -91.00 -54.31
CA PHE C 163 -6.24 -91.49 -53.41
C PHE C 163 -5.48 -90.31 -52.82
N PHE C 164 -5.25 -90.37 -51.51
CA PHE C 164 -4.52 -89.33 -50.79
C PHE C 164 -3.37 -89.98 -50.04
N LEU C 165 -2.15 -89.52 -50.29
CA LEU C 165 -0.94 -90.12 -49.77
C LEU C 165 -0.13 -89.09 -48.99
N PRO C 166 0.77 -89.53 -48.11
CA PRO C 166 1.65 -88.58 -47.41
C PRO C 166 2.70 -87.94 -48.29
N PHE C 167 2.69 -88.21 -49.60
CA PHE C 167 3.69 -87.70 -50.51
C PHE C 167 3.08 -87.55 -51.89
N SER C 168 3.64 -86.61 -52.67
CA SER C 168 3.15 -86.37 -54.02
C SER C 168 3.67 -87.43 -54.98
N LEU C 169 3.27 -87.33 -56.24
CA LEU C 169 3.68 -88.26 -57.26
C LEU C 169 5.12 -88.00 -57.70
N PRO C 182 13.09 -77.50 -45.19
CA PRO C 182 12.12 -77.80 -44.13
C PRO C 182 10.82 -78.41 -44.66
N PHE C 183 9.76 -78.35 -43.87
CA PHE C 183 8.47 -78.88 -44.26
C PHE C 183 7.37 -78.13 -43.54
N ARG C 184 6.45 -77.53 -44.30
CA ARG C 184 5.30 -76.84 -43.74
C ARG C 184 4.03 -77.50 -44.28
N LEU C 185 3.10 -77.79 -43.37
CA LEU C 185 1.86 -78.45 -43.76
C LEU C 185 1.03 -77.51 -44.64
N GLY C 186 0.93 -77.84 -45.92
CA GLY C 186 0.20 -77.02 -46.87
C GLY C 186 0.82 -75.65 -47.05
N GLY C 187 2.07 -75.61 -47.51
CA GLY C 187 2.77 -74.36 -47.69
C GLY C 187 3.31 -74.16 -49.09
N HIS C 188 2.68 -74.79 -50.08
CA HIS C 188 3.04 -74.67 -51.48
C HIS C 188 4.51 -75.07 -51.70
N GLY C 189 4.78 -76.34 -51.41
CA GLY C 189 6.10 -76.90 -51.56
C GLY C 189 6.08 -78.40 -51.74
N PRO C 190 7.23 -78.99 -52.07
CA PRO C 190 7.31 -80.45 -52.22
C PRO C 190 7.02 -81.17 -50.92
N SER C 191 5.92 -81.93 -50.88
CA SER C 191 5.52 -82.60 -49.66
C SER C 191 6.35 -83.87 -49.42
N PHE C 192 6.81 -84.51 -50.47
CA PHE C 192 7.53 -85.77 -50.32
C PHE C 192 8.94 -85.53 -49.81
N PRO C 193 9.42 -86.29 -48.84
CA PRO C 193 10.83 -86.18 -48.46
C PRO C 193 11.72 -86.86 -49.50
N LEU C 194 12.89 -86.28 -49.73
CA LEU C 194 13.81 -86.82 -50.74
C LEU C 194 14.30 -88.20 -50.33
N LYS C 195 14.12 -89.17 -51.23
CA LYS C 195 14.56 -90.55 -51.04
C LYS C 195 13.90 -91.21 -49.83
N GLY C 196 12.70 -90.77 -49.46
CA GLY C 196 11.95 -91.37 -48.37
C GLY C 196 10.92 -92.38 -48.78
N ILE C 197 10.88 -92.75 -50.06
CA ILE C 197 9.89 -93.70 -50.58
C ILE C 197 10.55 -95.07 -50.66
N THR C 198 9.94 -96.06 -50.01
CA THR C 198 10.47 -97.41 -50.01
C THR C 198 9.99 -98.17 -51.24
N GLU C 199 10.60 -99.34 -51.46
CA GLU C 199 10.25 -100.15 -52.62
C GLU C 199 8.81 -100.63 -52.56
N GLN C 200 8.33 -100.97 -51.36
CA GLN C 200 6.91 -101.29 -51.19
C GLN C 200 6.04 -100.11 -51.58
N GLN C 201 6.42 -98.90 -51.14
CA GLN C 201 5.69 -97.71 -51.54
C GLN C 201 5.84 -97.45 -53.04
N LYS C 202 6.98 -97.81 -53.62
CA LYS C 202 7.16 -97.66 -55.06
C LYS C 202 6.18 -98.53 -55.84
N GLU C 203 6.12 -99.82 -55.50
CA GLU C 203 5.20 -100.71 -56.21
C GLU C 203 3.75 -100.35 -55.91
N GLY C 204 3.47 -99.84 -54.70
CA GLY C 204 2.13 -99.33 -54.42
C GLY C 204 1.76 -98.15 -55.30
N LEU C 205 2.72 -97.24 -55.50
CA LEU C 205 2.50 -96.11 -56.41
C LEU C 205 2.25 -96.60 -57.83
N GLU C 206 3.04 -97.57 -58.29
CA GLU C 206 2.83 -98.11 -59.63
C GLU C 206 1.44 -98.72 -59.77
N ILE C 207 1.02 -99.52 -58.79
CA ILE C 207 -0.27 -100.20 -58.89
C ILE C 207 -1.42 -99.21 -58.78
N VAL C 208 -1.26 -98.17 -57.96
CA VAL C 208 -2.35 -97.21 -57.81
C VAL C 208 -2.45 -96.32 -59.05
N LYS C 209 -1.31 -96.01 -59.68
CA LYS C 209 -1.36 -95.29 -60.95
C LYS C 209 -2.03 -96.14 -62.02
N MET C 210 -1.71 -97.43 -62.05
CA MET C 210 -2.37 -98.33 -63.00
C MET C 210 -3.88 -98.38 -62.77
N VAL C 211 -4.30 -98.50 -61.52
CA VAL C 211 -5.73 -98.64 -61.22
C VAL C 211 -6.46 -97.34 -61.46
N MET C 212 -5.76 -96.20 -61.34
CA MET C 212 -6.40 -94.92 -61.63
C MET C 212 -6.51 -94.69 -63.14
N ILE C 213 -5.49 -95.11 -63.89
CA ILE C 213 -5.55 -94.97 -65.34
C ILE C 213 -6.61 -95.89 -65.92
N SER C 214 -6.75 -97.10 -65.36
CA SER C 214 -7.69 -98.07 -65.90
C SER C 214 -9.15 -97.73 -65.63
N LEU C 215 -9.42 -96.63 -64.91
CA LEU C 215 -10.80 -96.27 -64.59
C LEU C 215 -11.40 -95.29 -65.60
N GLU C 216 -10.79 -94.11 -65.76
CA GLU C 216 -11.35 -93.09 -66.62
C GLU C 216 -10.33 -92.52 -67.61
N GLY C 217 -9.19 -93.17 -67.78
CA GLY C 217 -8.19 -92.73 -68.71
C GLY C 217 -6.99 -92.08 -68.02
N GLU C 218 -6.30 -91.23 -68.78
CA GLU C 218 -5.10 -90.57 -68.28
C GLU C 218 -5.41 -89.55 -67.19
N ASP C 219 -6.57 -88.90 -67.26
CA ASP C 219 -6.92 -87.90 -66.26
C ASP C 219 -7.12 -88.51 -64.88
N GLY C 220 -7.27 -89.84 -64.79
CA GLY C 220 -7.42 -90.47 -63.49
C GLY C 220 -6.16 -90.36 -62.65
N LEU C 221 -5.00 -90.30 -63.29
CA LEU C 221 -3.74 -90.16 -62.56
C LEU C 221 -3.66 -88.82 -61.83
N ASP C 222 -4.35 -87.79 -62.33
CA ASP C 222 -4.36 -86.49 -61.67
C ASP C 222 -5.22 -86.49 -60.41
N GLU C 223 -5.90 -87.59 -60.10
CA GLU C 223 -6.75 -87.70 -58.92
C GLU C 223 -5.99 -88.24 -57.71
N ILE C 224 -4.67 -88.11 -57.71
CA ILE C 224 -3.82 -88.55 -56.61
C ILE C 224 -3.16 -87.32 -56.01
N TYR C 225 -3.55 -86.95 -54.80
CA TYR C 225 -3.07 -85.76 -54.15
C TYR C 225 -2.35 -86.11 -52.86
N SER C 226 -1.48 -85.21 -52.40
CA SER C 226 -0.79 -85.39 -51.14
C SER C 226 -1.70 -84.97 -49.99
N PHE C 227 -1.23 -85.20 -48.76
CA PHE C 227 -1.99 -84.78 -47.59
C PHE C 227 -1.94 -83.27 -47.40
N SER C 228 -0.74 -82.70 -47.45
CA SER C 228 -0.60 -81.24 -47.38
C SER C 228 -1.22 -80.58 -48.61
N GLU C 229 -1.12 -81.25 -49.76
CA GLU C 229 -1.70 -80.72 -50.99
C GLU C 229 -3.22 -80.67 -50.91
N SER C 230 -3.84 -81.64 -50.24
CA SER C 230 -5.30 -81.70 -50.16
C SER C 230 -5.90 -80.71 -49.18
N LEU C 231 -5.07 -80.04 -48.37
CA LEU C 231 -5.58 -79.11 -47.37
C LEU C 231 -5.76 -77.70 -47.91
N ARG C 232 -5.19 -77.37 -49.07
CA ARG C 232 -5.28 -76.04 -49.66
C ARG C 232 -5.62 -76.12 -51.13
N LYS C 233 -6.39 -77.13 -51.53
CA LYS C 233 -6.79 -77.28 -52.93
C LYS C 233 -8.27 -77.59 -53.12
N LEU C 234 -9.01 -77.94 -52.07
CA LEU C 234 -10.44 -78.26 -52.19
C LEU C 234 -10.69 -79.42 -53.15
N CYS C 235 -9.78 -80.40 -53.15
CA CYS C 235 -9.88 -81.51 -54.09
C CYS C 235 -10.82 -82.60 -53.59
N VAL C 236 -11.04 -82.68 -52.27
CA VAL C 236 -11.89 -83.71 -51.72
C VAL C 236 -13.36 -83.47 -52.07
N PHE C 237 -13.72 -82.23 -52.40
CA PHE C 237 -15.08 -81.89 -52.79
C PHE C 237 -15.23 -81.75 -54.31
N LYS C 238 -14.36 -82.39 -55.08
CA LYS C 238 -14.36 -82.19 -56.53
C LYS C 238 -15.44 -83.03 -57.21
N LYS C 239 -15.65 -84.26 -56.74
CA LYS C 239 -16.57 -85.19 -57.37
C LYS C 239 -17.90 -85.30 -56.62
N ILE C 240 -18.20 -84.31 -55.78
CA ILE C 240 -19.47 -84.30 -55.05
C ILE C 240 -20.22 -82.98 -55.16
N GLU C 241 -19.61 -81.92 -55.68
CA GLU C 241 -20.31 -80.64 -55.79
C GLU C 241 -21.36 -80.69 -56.88
N ARG C 242 -22.47 -80.01 -56.64
CA ARG C 242 -23.59 -79.99 -57.57
C ARG C 242 -23.37 -78.93 -58.64
N HIS C 243 -23.87 -79.19 -59.84
CA HIS C 243 -23.73 -78.26 -60.95
C HIS C 243 -24.63 -77.03 -60.73
N SER C 244 -24.43 -76.03 -61.58
CA SER C 244 -25.18 -74.79 -61.47
C SER C 244 -26.53 -74.91 -62.16
N ILE C 245 -27.39 -73.92 -61.91
CA ILE C 245 -28.70 -73.85 -62.54
C ILE C 245 -28.60 -73.08 -63.84
N HIS C 246 -29.15 -73.64 -64.90
CA HIS C 246 -29.10 -73.03 -66.22
C HIS C 246 -30.12 -71.92 -66.35
N TRP C 247 -29.76 -70.88 -67.09
CA TRP C 247 -30.67 -69.77 -67.37
C TRP C 247 -31.06 -69.81 -68.84
N PRO C 248 -32.20 -70.43 -69.19
CA PRO C 248 -32.56 -70.55 -70.61
C PRO C 248 -33.06 -69.24 -71.19
N CYS C 249 -32.51 -68.84 -72.33
CA CYS C 249 -32.89 -67.61 -72.99
C CYS C 249 -32.53 -67.73 -74.47
N ARG C 250 -32.56 -66.61 -75.19
CA ARG C 250 -32.28 -66.56 -76.61
C ARG C 250 -31.30 -65.45 -76.90
N LEU C 251 -30.24 -65.78 -77.65
CA LEU C 251 -29.22 -64.82 -78.07
C LEU C 251 -29.64 -64.26 -79.43
N THR C 252 -30.32 -63.12 -79.42
CA THR C 252 -30.81 -62.53 -80.65
C THR C 252 -29.76 -61.60 -81.26
N ILE C 253 -29.81 -61.47 -82.59
CA ILE C 253 -28.97 -60.55 -83.33
C ILE C 253 -29.78 -59.40 -83.91
N GLY C 254 -30.90 -59.72 -84.56
CA GLY C 254 -31.81 -58.71 -85.05
C GLY C 254 -33.22 -58.91 -84.53
N SER C 255 -34.21 -58.79 -85.42
CA SER C 255 -35.59 -59.03 -85.00
C SER C 255 -36.00 -60.48 -85.20
N ASN C 256 -35.30 -61.20 -86.08
CA ASN C 256 -35.63 -62.59 -86.39
C ASN C 256 -34.53 -63.57 -85.98
N LEU C 257 -33.28 -63.24 -86.29
CA LEU C 257 -32.18 -64.16 -85.98
C LEU C 257 -31.99 -64.28 -84.48
N SER C 258 -31.91 -65.51 -83.99
CA SER C 258 -31.73 -65.77 -82.57
C SER C 258 -31.11 -67.15 -82.40
N ILE C 259 -30.52 -67.36 -81.23
CA ILE C 259 -29.86 -68.62 -80.89
C ILE C 259 -30.28 -69.04 -79.48
N ARG C 260 -30.72 -70.28 -79.35
CA ARG C 260 -31.05 -70.84 -78.05
C ARG C 260 -29.77 -71.05 -77.24
N ILE C 261 -29.68 -70.36 -76.10
CA ILE C 261 -28.48 -70.40 -75.27
C ILE C 261 -28.85 -70.72 -73.84
N ALA C 262 -27.88 -71.24 -73.10
CA ALA C 262 -27.99 -71.49 -71.67
C ALA C 262 -26.78 -70.89 -70.97
N ALA C 263 -27.05 -70.11 -69.92
CA ALA C 263 -26.00 -69.38 -69.22
C ALA C 263 -25.90 -69.87 -67.79
N TYR C 264 -24.67 -70.07 -67.33
CA TYR C 264 -24.38 -70.50 -65.97
C TYR C 264 -23.48 -69.47 -65.29
N LYS C 265 -23.58 -69.40 -63.96
CA LYS C 265 -22.69 -68.54 -63.19
C LYS C 265 -21.38 -69.28 -62.93
N SER C 266 -20.29 -68.79 -63.54
CA SER C 266 -18.99 -69.43 -63.40
C SER C 266 -18.20 -68.93 -62.20
N ILE C 267 -18.33 -67.65 -61.86
CA ILE C 267 -17.63 -67.06 -60.72
C ILE C 267 -18.62 -66.20 -59.96
N LEU C 268 -18.68 -66.40 -58.63
CA LEU C 268 -19.60 -65.66 -57.79
C LEU C 268 -19.07 -65.58 -56.36
N GLN C 269 -19.29 -64.43 -55.71
CA GLN C 269 -18.85 -64.25 -54.33
C GLN C 269 -19.51 -65.27 -53.42
N GLU C 270 -18.70 -66.17 -52.86
CA GLU C 270 -19.21 -67.22 -51.99
C GLU C 270 -19.30 -66.72 -50.55
N ARG C 271 -20.51 -66.69 -50.02
CA ARG C 271 -20.77 -66.20 -48.67
C ARG C 271 -21.43 -67.28 -47.83
N VAL C 272 -21.45 -67.06 -46.52
CA VAL C 272 -22.10 -68.00 -45.62
C VAL C 272 -23.60 -67.96 -45.82
N LYS C 273 -24.25 -69.11 -45.58
CA LYS C 273 -25.70 -69.23 -45.74
C LYS C 273 -26.46 -69.20 -44.42
N LYS C 274 -25.82 -69.60 -43.33
CA LYS C 274 -26.46 -69.62 -42.02
C LYS C 274 -26.14 -68.33 -41.27
N THR C 275 -27.18 -67.55 -40.97
CA THR C 275 -27.00 -66.31 -40.25
C THR C 275 -26.78 -66.59 -38.76
N TRP C 276 -26.51 -65.50 -38.02
CA TRP C 276 -26.32 -65.58 -36.57
C TRP C 276 -27.60 -65.12 -35.89
N THR C 277 -28.27 -66.06 -35.23
CA THR C 277 -29.55 -65.77 -34.60
C THR C 277 -29.34 -64.94 -33.33
N VAL C 278 -30.29 -64.06 -33.07
CA VAL C 278 -30.28 -63.19 -31.89
C VAL C 278 -31.12 -63.86 -30.82
N VAL C 279 -30.48 -64.30 -29.74
CA VAL C 279 -31.15 -64.99 -28.66
C VAL C 279 -30.83 -64.28 -27.34
N ASP C 280 -31.66 -64.56 -26.33
CA ASP C 280 -31.45 -63.97 -25.02
C ASP C 280 -30.20 -64.56 -24.37
N ALA C 281 -29.59 -63.80 -23.47
CA ALA C 281 -28.37 -64.26 -22.80
C ALA C 281 -28.67 -65.43 -21.87
N LYS C 282 -29.75 -65.34 -21.09
CA LYS C 282 -30.11 -66.38 -20.15
C LYS C 282 -30.76 -67.58 -20.85
N THR C 283 -31.89 -67.34 -21.53
CA THR C 283 -32.56 -68.38 -22.29
C THR C 283 -32.01 -68.38 -23.71
N LEU C 284 -31.48 -69.51 -24.16
CA LEU C 284 -30.86 -69.60 -25.47
C LEU C 284 -31.91 -69.74 -26.58
N LYS C 285 -33.17 -69.50 -26.25
CA LYS C 285 -34.27 -69.61 -27.20
C LYS C 285 -34.49 -68.26 -27.87
N LYS C 286 -34.65 -68.28 -29.21
CA LYS C 286 -34.84 -67.04 -29.96
C LYS C 286 -36.26 -66.50 -29.83
N GLU C 287 -37.22 -67.31 -29.43
CA GLU C 287 -38.60 -66.86 -29.31
C GLU C 287 -38.77 -65.83 -28.20
N ASP C 288 -37.81 -65.71 -27.28
CA ASP C 288 -37.88 -64.76 -26.19
C ASP C 288 -37.35 -63.38 -26.58
N ILE C 289 -37.13 -63.13 -27.86
CA ILE C 289 -36.60 -61.86 -28.35
C ILE C 289 -37.62 -61.25 -29.31
N GLN C 290 -37.92 -59.97 -29.12
CA GLN C 290 -38.86 -59.25 -29.96
C GLN C 290 -38.21 -57.95 -30.42
N LYS C 291 -38.12 -57.77 -31.74
CA LYS C 291 -37.51 -56.58 -32.33
C LYS C 291 -38.64 -55.65 -32.79
N GLU C 292 -38.88 -54.59 -32.03
CA GLU C 292 -39.94 -53.63 -32.31
C GLU C 292 -39.35 -52.34 -32.87
N THR C 293 -39.98 -51.82 -33.93
CA THR C 293 -39.58 -50.57 -34.54
C THR C 293 -40.67 -49.54 -34.30
N VAL C 294 -40.30 -48.43 -33.67
CA VAL C 294 -41.25 -47.38 -33.30
C VAL C 294 -40.85 -46.09 -34.00
N TYR C 295 -41.83 -45.42 -34.61
CA TYR C 295 -41.61 -44.16 -35.30
C TYR C 295 -42.23 -43.04 -34.47
N CYS C 296 -41.50 -41.93 -34.34
CA CYS C 296 -41.96 -40.81 -33.53
C CYS C 296 -41.49 -39.51 -34.15
N LEU C 297 -42.24 -38.44 -33.89
CA LEU C 297 -41.87 -37.13 -34.38
C LEU C 297 -40.72 -36.55 -33.57
N ASN C 298 -40.01 -35.59 -34.16
CA ASN C 298 -38.87 -34.94 -33.50
C ASN C 298 -39.37 -33.72 -32.75
N ASP C 299 -40.19 -33.97 -31.74
CA ASP C 299 -40.77 -32.93 -30.89
C ASP C 299 -40.34 -33.15 -29.45
N ASP C 300 -40.73 -32.21 -28.59
CA ASP C 300 -40.39 -32.31 -27.17
C ASP C 300 -41.15 -33.45 -26.51
N ASP C 301 -42.45 -33.57 -26.80
CA ASP C 301 -43.25 -34.60 -26.18
C ASP C 301 -43.00 -35.96 -26.81
N GLU C 302 -42.47 -35.98 -28.04
CA GLU C 302 -42.14 -37.20 -28.77
C GLU C 302 -43.39 -38.09 -28.93
N THR C 303 -44.34 -37.55 -29.68
CA THR C 303 -45.59 -38.27 -29.94
C THR C 303 -45.32 -39.50 -30.79
N GLU C 304 -45.83 -40.65 -30.34
CA GLU C 304 -45.65 -41.89 -31.07
C GLU C 304 -46.51 -41.88 -32.34
N VAL C 305 -45.97 -42.45 -33.41
CA VAL C 305 -46.63 -42.49 -34.71
C VAL C 305 -46.85 -43.94 -35.11
N LEU C 306 -48.01 -44.21 -35.71
CA LEU C 306 -48.35 -45.56 -36.13
C LEU C 306 -47.57 -45.93 -37.39
N LYS C 307 -47.92 -47.08 -37.96
CA LYS C 307 -47.25 -47.57 -39.16
C LYS C 307 -48.02 -47.30 -40.44
N GLU C 308 -49.35 -47.27 -40.38
CA GLU C 308 -50.17 -47.07 -41.57
C GLU C 308 -50.32 -45.59 -41.94
N ASP C 309 -49.78 -44.67 -41.14
CA ASP C 309 -49.83 -43.25 -41.44
C ASP C 309 -48.47 -42.69 -41.83
N ILE C 310 -47.65 -43.50 -42.50
CA ILE C 310 -46.32 -43.11 -42.96
C ILE C 310 -46.26 -43.34 -44.46
N ILE C 311 -45.87 -42.30 -45.20
CA ILE C 311 -45.79 -42.35 -46.65
C ILE C 311 -44.33 -42.25 -47.06
N GLN C 312 -43.94 -43.07 -48.03
CA GLN C 312 -42.57 -43.06 -48.54
C GLN C 312 -42.29 -41.75 -49.27
N GLY C 313 -41.12 -41.18 -49.04
CA GLY C 313 -40.72 -39.95 -49.69
C GLY C 313 -39.22 -39.90 -49.90
N PHE C 314 -38.82 -39.28 -51.00
CA PHE C 314 -37.42 -39.12 -51.35
C PHE C 314 -36.97 -37.68 -51.04
N ARG C 315 -35.73 -37.36 -51.43
CA ARG C 315 -35.17 -36.03 -51.24
C ARG C 315 -34.78 -35.46 -52.59
N TYR C 316 -35.29 -34.27 -52.89
CA TYR C 316 -35.08 -33.61 -54.18
C TYR C 316 -34.57 -32.19 -53.93
N GLY C 317 -33.25 -32.06 -53.82
CA GLY C 317 -32.63 -30.76 -53.65
C GLY C 317 -33.06 -30.02 -52.41
N SER C 318 -32.69 -30.54 -51.23
CA SER C 318 -33.01 -29.99 -49.91
C SER C 318 -34.51 -30.00 -49.64
N ASP C 319 -35.31 -30.59 -50.50
CA ASP C 319 -36.75 -30.72 -50.31
C ASP C 319 -37.09 -32.21 -50.18
N ILE C 320 -38.33 -32.48 -49.77
CA ILE C 320 -38.81 -33.84 -49.57
C ILE C 320 -40.09 -34.00 -50.36
N VAL C 321 -40.09 -34.92 -51.33
CA VAL C 321 -41.25 -35.14 -52.21
C VAL C 321 -41.86 -36.48 -51.84
N PRO C 322 -43.11 -36.52 -51.36
CA PRO C 322 -43.75 -37.80 -51.04
C PRO C 322 -43.95 -38.64 -52.29
N PHE C 323 -43.34 -39.83 -52.32
CA PHE C 323 -43.43 -40.76 -53.44
C PHE C 323 -43.87 -42.11 -52.88
N SER C 324 -45.17 -42.37 -52.92
CA SER C 324 -45.72 -43.57 -52.31
C SER C 324 -45.29 -44.82 -53.10
N LYS C 325 -45.45 -45.97 -52.46
CA LYS C 325 -45.02 -47.23 -53.07
C LYS C 325 -45.84 -47.55 -54.31
N VAL C 326 -47.16 -47.37 -54.24
CA VAL C 326 -48.00 -47.69 -55.39
C VAL C 326 -47.70 -46.74 -56.55
N ASP C 327 -47.46 -45.46 -56.25
CA ASP C 327 -47.13 -44.51 -57.30
C ASP C 327 -45.77 -44.83 -57.93
N GLU C 328 -44.81 -45.26 -57.10
CA GLU C 328 -43.52 -45.65 -57.66
C GLU C 328 -43.63 -46.92 -58.50
N GLU C 329 -44.53 -47.83 -58.11
CA GLU C 329 -44.71 -49.07 -58.88
C GLU C 329 -45.37 -48.79 -60.22
N GLN C 330 -46.46 -48.01 -60.22
CA GLN C 330 -47.18 -47.75 -61.46
C GLN C 330 -46.38 -46.86 -62.41
N MET C 331 -45.47 -46.06 -61.88
CA MET C 331 -44.61 -45.21 -62.70
C MET C 331 -43.22 -45.80 -62.90
N LYS C 332 -42.98 -47.02 -62.42
CA LYS C 332 -41.67 -47.63 -62.54
C LYS C 332 -41.37 -47.97 -64.01
N TYR C 333 -40.08 -48.04 -64.32
CA TYR C 333 -39.63 -48.39 -65.67
C TYR C 333 -39.94 -49.86 -65.94
N LYS C 334 -40.81 -50.10 -66.92
CA LYS C 334 -41.21 -51.45 -67.30
C LYS C 334 -40.38 -51.90 -68.49
N SER C 335 -39.85 -53.11 -68.42
CA SER C 335 -39.03 -53.68 -69.47
C SER C 335 -39.44 -55.12 -69.73
N GLU C 336 -39.19 -55.58 -70.95
CA GLU C 336 -39.50 -56.95 -71.33
C GLU C 336 -38.42 -57.88 -70.78
N GLY C 337 -38.77 -58.69 -69.80
CA GLY C 337 -37.82 -59.58 -69.18
C GLY C 337 -37.40 -60.71 -70.10
N LYS C 338 -36.37 -61.45 -69.65
CA LYS C 338 -35.83 -62.59 -70.38
C LYS C 338 -35.38 -62.17 -71.78
N CYS C 339 -34.48 -61.19 -71.85
CA CYS C 339 -33.97 -60.66 -73.10
C CYS C 339 -32.45 -60.69 -73.10
N PHE C 340 -31.86 -61.06 -74.23
CA PHE C 340 -30.42 -61.07 -74.41
C PHE C 340 -30.15 -60.75 -75.88
N SER C 341 -29.92 -59.47 -76.16
CA SER C 341 -29.76 -58.98 -77.53
C SER C 341 -28.40 -58.31 -77.68
N VAL C 342 -27.67 -58.69 -78.73
CA VAL C 342 -26.36 -58.09 -78.99
C VAL C 342 -26.56 -56.69 -79.53
N LEU C 343 -25.98 -55.70 -78.85
CA LEU C 343 -26.07 -54.32 -79.31
C LEU C 343 -25.16 -54.06 -80.51
N GLY C 344 -24.04 -54.77 -80.59
CA GLY C 344 -23.13 -54.58 -81.70
C GLY C 344 -21.81 -55.28 -81.44
N PHE C 345 -20.77 -54.83 -82.11
CA PHE C 345 -19.45 -55.42 -81.98
C PHE C 345 -18.40 -54.32 -82.05
N CYS C 346 -17.25 -54.60 -81.43
CA CYS C 346 -16.14 -53.66 -81.39
C CYS C 346 -14.88 -54.42 -81.02
N LYS C 347 -13.74 -53.82 -81.30
CA LYS C 347 -12.47 -54.47 -81.03
C LYS C 347 -12.27 -54.66 -79.53
N SER C 348 -11.57 -55.74 -79.18
CA SER C 348 -11.33 -56.04 -77.77
C SER C 348 -10.33 -55.07 -77.13
N SER C 349 -9.61 -54.29 -77.94
CA SER C 349 -8.62 -53.36 -77.41
C SER C 349 -9.24 -52.08 -76.88
N GLN C 350 -10.47 -51.74 -77.28
CA GLN C 350 -11.13 -50.53 -76.82
C GLN C 350 -12.02 -50.78 -75.62
N VAL C 351 -11.95 -51.98 -75.03
CA VAL C 351 -12.71 -52.29 -73.82
C VAL C 351 -11.79 -53.05 -72.85
N GLN C 352 -11.42 -52.39 -71.77
CA GLN C 352 -10.50 -52.97 -70.80
C GLN C 352 -11.26 -53.66 -69.68
N ARG C 353 -10.56 -54.54 -68.96
CA ARG C 353 -11.15 -55.24 -67.84
C ARG C 353 -11.23 -54.38 -66.58
N ARG C 354 -10.57 -53.22 -66.56
CA ARG C 354 -10.60 -52.33 -65.41
C ARG C 354 -11.93 -51.59 -65.27
N PHE C 355 -12.83 -51.71 -66.24
CA PHE C 355 -14.15 -51.10 -66.16
C PHE C 355 -15.25 -52.10 -65.81
N PHE C 356 -14.89 -53.36 -65.61
CA PHE C 356 -15.89 -54.37 -65.27
C PHE C 356 -16.57 -54.02 -63.95
N MET C 357 -17.91 -54.05 -63.96
CA MET C 357 -18.69 -53.67 -62.78
C MET C 357 -19.79 -54.72 -62.60
N GLY C 358 -19.59 -55.61 -61.65
CA GLY C 358 -20.58 -56.63 -61.38
C GLY C 358 -20.18 -57.46 -60.19
N ASN C 359 -20.98 -58.50 -59.92
CA ASN C 359 -20.73 -59.40 -58.81
C ASN C 359 -20.73 -60.87 -59.22
N GLN C 360 -20.91 -61.17 -60.51
CA GLN C 360 -20.95 -62.55 -60.97
C GLN C 360 -20.58 -62.59 -62.44
N VAL C 361 -19.94 -63.69 -62.84
CA VAL C 361 -19.52 -63.90 -64.22
C VAL C 361 -20.38 -64.99 -64.84
N LEU C 362 -20.88 -64.74 -66.04
CA LEU C 362 -21.73 -65.68 -66.76
C LEU C 362 -20.98 -66.28 -67.93
N LYS C 363 -21.07 -67.60 -68.07
CA LYS C 363 -20.58 -68.32 -69.24
C LYS C 363 -21.76 -68.73 -70.10
N VAL C 364 -21.82 -68.19 -71.31
CA VAL C 364 -22.94 -68.42 -72.22
C VAL C 364 -22.63 -69.66 -73.05
N PHE C 365 -23.35 -70.74 -72.77
CA PHE C 365 -23.24 -71.98 -73.52
C PHE C 365 -24.40 -72.11 -74.49
N ALA C 366 -24.35 -73.18 -75.29
CA ALA C 366 -25.37 -73.41 -76.29
C ALA C 366 -26.64 -73.97 -75.64
N ALA C 367 -27.57 -74.40 -76.48
CA ALA C 367 -28.81 -74.99 -75.99
C ALA C 367 -28.51 -76.32 -75.31
N ARG C 368 -29.56 -76.94 -74.76
CA ARG C 368 -29.37 -78.14 -73.95
C ARG C 368 -28.95 -79.33 -74.82
N ASP C 369 -29.77 -79.69 -75.80
CA ASP C 369 -29.55 -80.91 -76.57
C ASP C 369 -29.45 -80.70 -78.07
N ASP C 370 -30.16 -79.72 -78.63
CA ASP C 370 -30.15 -79.53 -80.08
C ASP C 370 -28.77 -79.08 -80.56
N GLU C 371 -28.47 -79.41 -81.81
CA GLU C 371 -27.15 -79.17 -82.38
C GLU C 371 -27.08 -77.90 -83.23
N ALA C 372 -28.21 -77.40 -83.73
CA ALA C 372 -28.19 -76.22 -84.59
C ALA C 372 -27.71 -75.00 -83.82
N ALA C 373 -28.28 -74.77 -82.64
CA ALA C 373 -27.84 -73.65 -81.81
C ALA C 373 -26.38 -73.82 -81.40
N ALA C 374 -25.96 -75.06 -81.17
CA ALA C 374 -24.57 -75.32 -80.83
C ALA C 374 -23.63 -74.89 -81.96
N VAL C 375 -23.94 -75.31 -83.18
CA VAL C 375 -23.12 -74.95 -84.33
C VAL C 375 -23.13 -73.44 -84.53
N ALA C 376 -24.30 -72.80 -84.37
CA ALA C 376 -24.38 -71.35 -84.54
C ALA C 376 -23.53 -70.62 -83.52
N LEU C 377 -23.61 -71.04 -82.25
CA LEU C 377 -22.84 -70.38 -81.21
C LEU C 377 -21.35 -70.63 -81.38
N SER C 378 -20.98 -71.82 -81.85
CA SER C 378 -19.57 -72.10 -82.13
C SER C 378 -19.05 -71.22 -83.26
N SER C 379 -19.84 -71.06 -84.32
CA SER C 379 -19.46 -70.16 -85.40
C SER C 379 -19.31 -68.73 -84.90
N LEU C 380 -20.23 -68.29 -84.03
CA LEU C 380 -20.13 -66.95 -83.47
C LEU C 380 -18.86 -66.78 -82.64
N ILE C 381 -18.55 -67.78 -81.81
CA ILE C 381 -17.36 -67.72 -80.97
C ILE C 381 -16.10 -67.66 -81.84
N HIS C 382 -16.04 -68.51 -82.86
CA HIS C 382 -14.84 -68.54 -83.71
C HIS C 382 -14.71 -67.25 -84.52
N ALA C 383 -15.83 -66.67 -84.94
CA ALA C 383 -15.77 -65.41 -85.67
C ALA C 383 -15.30 -64.28 -84.77
N LEU C 384 -15.80 -64.24 -83.52
CA LEU C 384 -15.34 -63.22 -82.59
C LEU C 384 -13.87 -63.41 -82.23
N ASP C 385 -13.40 -64.65 -82.24
CA ASP C 385 -11.99 -64.91 -81.93
C ASP C 385 -11.09 -64.49 -83.07
N ASP C 386 -11.45 -64.86 -84.31
CA ASP C 386 -10.61 -64.54 -85.46
C ASP C 386 -10.47 -63.04 -85.65
N LEU C 387 -11.55 -62.29 -85.42
CA LEU C 387 -11.53 -60.84 -85.55
C LEU C 387 -11.14 -60.15 -84.24
N ASP C 388 -10.78 -60.91 -83.21
CA ASP C 388 -10.47 -60.41 -81.87
C ASP C 388 -11.39 -59.28 -81.44
N MET C 389 -12.69 -59.44 -81.65
CA MET C 389 -13.68 -58.45 -81.27
C MET C 389 -14.65 -59.05 -80.26
N VAL C 390 -15.36 -58.17 -79.56
CA VAL C 390 -16.30 -58.56 -78.52
C VAL C 390 -17.71 -58.25 -78.99
N ALA C 391 -18.69 -58.67 -78.18
CA ALA C 391 -20.12 -58.49 -78.50
C ALA C 391 -20.80 -57.82 -77.32
N ILE C 392 -21.03 -56.52 -77.43
CA ILE C 392 -21.77 -55.79 -76.40
C ILE C 392 -23.23 -56.20 -76.45
N VAL C 393 -23.75 -56.70 -75.34
CA VAL C 393 -25.11 -57.24 -75.32
C VAL C 393 -25.96 -56.43 -74.34
N ARG C 394 -27.24 -56.79 -74.25
CA ARG C 394 -28.20 -56.14 -73.34
C ARG C 394 -28.87 -57.25 -72.53
N TYR C 395 -28.34 -57.51 -71.34
CA TYR C 395 -28.76 -58.63 -70.52
C TYR C 395 -29.74 -58.18 -69.45
N ALA C 396 -30.76 -59.02 -69.21
CA ALA C 396 -31.72 -58.80 -68.14
C ALA C 396 -32.15 -60.17 -67.61
N TYR C 397 -32.18 -60.32 -66.28
CA TYR C 397 -32.46 -61.62 -65.71
C TYR C 397 -33.92 -62.03 -65.91
N ASP C 398 -34.84 -61.16 -65.55
CA ASP C 398 -36.27 -61.47 -65.65
C ASP C 398 -37.05 -60.16 -65.78
N LYS C 399 -38.37 -60.25 -65.60
CA LYS C 399 -39.24 -59.09 -65.74
C LYS C 399 -38.91 -57.98 -64.73
N ARG C 400 -38.41 -58.35 -63.54
CA ARG C 400 -38.16 -57.38 -62.49
C ARG C 400 -36.72 -56.89 -62.41
N ALA C 401 -35.75 -57.64 -62.92
CA ALA C 401 -34.36 -57.22 -62.84
C ALA C 401 -34.11 -56.00 -63.73
N ASN C 402 -33.19 -55.15 -63.28
CA ASN C 402 -32.87 -53.95 -64.03
C ASN C 402 -32.03 -54.31 -65.26
N PRO C 403 -32.29 -53.71 -66.41
CA PRO C 403 -31.50 -54.04 -67.60
C PRO C 403 -30.07 -53.54 -67.46
N GLN C 404 -29.15 -54.26 -68.09
CA GLN C 404 -27.73 -53.94 -68.01
C GLN C 404 -27.04 -54.36 -69.30
N VAL C 405 -25.94 -53.69 -69.60
CA VAL C 405 -25.11 -54.01 -70.76
C VAL C 405 -23.80 -54.58 -70.28
N GLY C 406 -23.16 -55.37 -71.15
CA GLY C 406 -21.91 -56.01 -70.76
C GLY C 406 -21.19 -56.58 -71.96
N VAL C 407 -19.97 -57.06 -71.70
CA VAL C 407 -19.14 -57.64 -72.74
C VAL C 407 -19.45 -59.13 -72.87
N ALA C 408 -19.34 -59.63 -74.10
CA ALA C 408 -19.47 -61.06 -74.39
C ALA C 408 -18.34 -61.43 -75.35
N PHE C 409 -17.20 -61.84 -74.79
CA PHE C 409 -16.03 -62.17 -75.58
C PHE C 409 -15.84 -63.68 -75.65
N PRO C 410 -15.25 -64.18 -76.74
CA PRO C 410 -15.12 -65.64 -76.90
C PRO C 410 -14.09 -66.23 -75.96
N HIS C 411 -14.40 -67.43 -75.48
CA HIS C 411 -13.51 -68.21 -74.62
C HIS C 411 -13.36 -69.59 -75.22
N ILE C 412 -12.25 -69.82 -75.93
CA ILE C 412 -12.01 -71.07 -76.64
C ILE C 412 -11.05 -71.92 -75.81
N LYS C 413 -11.48 -73.15 -75.51
CA LYS C 413 -10.65 -74.11 -74.81
C LYS C 413 -10.64 -75.42 -75.58
N HIS C 414 -9.75 -76.33 -75.16
CA HIS C 414 -9.59 -77.59 -75.86
C HIS C 414 -10.73 -78.56 -75.57
N ASN C 415 -11.62 -78.24 -74.63
CA ASN C 415 -12.69 -79.14 -74.23
C ASN C 415 -14.08 -78.62 -74.52
N TYR C 416 -14.29 -77.30 -74.50
CA TYR C 416 -15.62 -76.74 -74.63
C TYR C 416 -15.53 -75.36 -75.25
N GLU C 417 -16.69 -74.83 -75.62
CA GLU C 417 -16.82 -73.48 -76.18
C GLU C 417 -17.94 -72.75 -75.46
N CYS C 418 -17.68 -71.48 -75.12
CA CYS C 418 -18.67 -70.67 -74.41
C CYS C 418 -18.30 -69.21 -74.54
N LEU C 419 -19.28 -68.35 -74.24
CA LEU C 419 -19.08 -66.91 -74.22
C LEU C 419 -19.14 -66.42 -72.78
N VAL C 420 -18.13 -65.66 -72.39
CA VAL C 420 -18.04 -65.11 -71.03
C VAL C 420 -18.70 -63.74 -71.03
N TYR C 421 -19.58 -63.52 -70.05
CA TYR C 421 -20.32 -62.28 -69.95
C TYR C 421 -19.97 -61.56 -68.65
N VAL C 422 -19.54 -60.31 -68.75
CA VAL C 422 -19.26 -59.45 -67.61
C VAL C 422 -19.97 -58.12 -67.83
N GLN C 423 -20.67 -57.65 -66.80
CA GLN C 423 -21.46 -56.44 -66.92
C GLN C 423 -20.57 -55.20 -67.10
N LEU C 424 -21.05 -54.26 -67.89
CA LEU C 424 -20.39 -53.00 -68.16
C LEU C 424 -21.03 -51.86 -67.37
N PRO C 425 -20.27 -50.80 -67.08
CA PRO C 425 -20.84 -49.69 -66.31
C PRO C 425 -21.57 -48.69 -67.20
N PHE C 426 -22.56 -48.02 -66.61
CA PHE C 426 -23.29 -46.98 -67.33
C PHE C 426 -22.53 -45.66 -67.25
N MET C 427 -23.19 -44.59 -67.70
CA MET C 427 -22.58 -43.27 -67.67
C MET C 427 -22.44 -42.76 -66.25
N GLU C 428 -23.44 -43.04 -65.40
CA GLU C 428 -23.41 -42.57 -64.02
C GLU C 428 -22.43 -43.36 -63.14
N ASP C 429 -21.83 -44.42 -63.67
CA ASP C 429 -20.88 -45.22 -62.92
C ASP C 429 -19.44 -44.84 -63.19
N LEU C 430 -19.20 -43.90 -64.10
CA LEU C 430 -17.85 -43.46 -64.42
C LEU C 430 -17.50 -42.22 -63.61
N ARG C 431 -16.29 -42.20 -63.06
CA ARG C 431 -15.81 -41.09 -62.25
C ARG C 431 -14.44 -40.66 -62.75
N GLN C 432 -14.29 -39.36 -63.00
CA GLN C 432 -13.07 -38.79 -63.57
C GLN C 432 -12.30 -38.09 -62.46
N TYR C 433 -11.43 -38.84 -61.79
CA TYR C 433 -10.57 -38.30 -60.74
C TYR C 433 -9.22 -37.92 -61.34
N MET C 434 -8.79 -36.69 -61.07
CA MET C 434 -7.54 -36.16 -61.60
C MET C 434 -6.44 -36.36 -60.57
N PHE C 435 -5.43 -37.15 -60.94
CA PHE C 435 -4.28 -37.42 -60.10
C PHE C 435 -3.04 -36.77 -60.71
N SER C 436 -2.10 -36.37 -59.85
CA SER C 436 -0.86 -35.78 -60.32
C SER C 436 -0.02 -36.82 -61.05
N SER C 437 0.81 -36.34 -61.98
CA SER C 437 1.64 -37.24 -62.77
C SER C 437 2.88 -37.66 -61.98
N LEU C 438 3.36 -38.87 -62.27
CA LEU C 438 4.54 -39.41 -61.64
C LEU C 438 5.74 -39.53 -62.57
N LYS C 439 5.53 -39.52 -63.89
CA LYS C 439 6.65 -39.63 -64.82
C LYS C 439 7.52 -38.38 -64.76
N ASN C 440 6.91 -37.19 -64.71
CA ASN C 440 7.62 -35.93 -64.63
C ASN C 440 7.66 -35.38 -63.21
N SER C 441 7.49 -36.26 -62.22
CA SER C 441 7.54 -35.87 -60.81
C SER C 441 8.99 -35.64 -60.43
N LYS C 442 9.46 -34.40 -60.61
CA LYS C 442 10.85 -34.06 -60.32
C LYS C 442 11.15 -34.14 -58.83
N LYS C 443 10.14 -34.01 -57.97
CA LYS C 443 10.34 -34.14 -56.53
C LYS C 443 10.50 -35.59 -56.09
N TYR C 444 10.09 -36.55 -56.92
CA TYR C 444 10.13 -37.96 -56.55
C TYR C 444 10.75 -38.86 -57.62
N ALA C 445 11.44 -38.30 -58.61
CA ALA C 445 12.05 -39.11 -59.65
C ALA C 445 13.14 -39.99 -59.05
N PRO C 446 13.03 -41.31 -59.16
CA PRO C 446 14.04 -42.20 -58.59
C PRO C 446 15.30 -42.28 -59.44
N THR C 447 16.41 -42.57 -58.77
CA THR C 447 17.70 -42.68 -59.44
C THR C 447 17.82 -44.03 -60.15
N GLU C 448 18.88 -44.15 -60.95
CA GLU C 448 19.10 -45.37 -61.73
C GLU C 448 19.51 -46.53 -60.82
N ALA C 449 20.26 -46.26 -59.75
CA ALA C 449 20.62 -47.31 -58.81
C ALA C 449 19.38 -47.87 -58.11
N GLN C 450 18.43 -47.00 -57.78
CA GLN C 450 17.17 -47.46 -57.20
C GLN C 450 16.39 -48.30 -58.20
N LEU C 451 16.43 -47.93 -59.48
CA LEU C 451 15.78 -48.73 -60.52
C LEU C 451 16.41 -50.12 -60.60
N ASN C 452 17.74 -50.20 -60.54
CA ASN C 452 18.40 -51.49 -60.56
C ASN C 452 18.09 -52.32 -59.32
N ALA C 453 17.98 -51.67 -58.17
CA ALA C 453 17.63 -52.39 -56.94
C ALA C 453 16.21 -52.95 -57.04
N VAL C 454 15.27 -52.16 -57.55
CA VAL C 454 13.91 -52.65 -57.73
C VAL C 454 13.87 -53.77 -58.76
N ASP C 455 14.70 -53.67 -59.80
CA ASP C 455 14.81 -54.75 -60.79
C ASP C 455 15.26 -56.04 -60.13
N ALA C 456 16.31 -55.95 -59.30
CA ALA C 456 16.80 -57.14 -58.60
C ALA C 456 15.73 -57.71 -57.68
N LEU C 457 15.00 -56.84 -56.99
CA LEU C 457 13.94 -57.30 -56.09
C LEU C 457 12.84 -58.02 -56.86
N ILE C 458 12.45 -57.47 -58.01
CA ILE C 458 11.37 -58.08 -58.80
C ILE C 458 11.83 -59.42 -59.36
N ASP C 459 13.06 -59.46 -59.89
CA ASP C 459 13.58 -60.73 -60.42
C ASP C 459 13.78 -61.76 -59.31
N SER C 460 14.00 -61.31 -58.07
CA SER C 460 14.15 -62.26 -56.98
C SER C 460 12.81 -62.76 -56.48
N MET C 461 11.79 -61.90 -56.49
CA MET C 461 10.46 -62.25 -56.01
C MET C 461 9.55 -62.80 -57.10
N SER C 462 10.11 -63.40 -58.15
CA SER C 462 9.28 -63.98 -59.20
C SER C 462 8.57 -65.23 -58.68
N LEU C 463 7.26 -65.27 -58.94
CA LEU C 463 6.44 -66.42 -58.57
C LEU C 463 6.21 -67.39 -59.72
N ALA C 464 6.73 -67.09 -60.90
CA ALA C 464 6.59 -67.96 -62.07
C ALA C 464 7.95 -68.50 -62.46
N LYS C 465 7.93 -69.67 -63.11
CA LYS C 465 9.15 -70.32 -63.55
C LYS C 465 8.90 -71.00 -64.89
N LYS C 466 9.98 -71.18 -65.65
CA LYS C 466 9.93 -71.80 -66.96
C LYS C 466 10.55 -73.19 -66.86
N ASP C 467 9.76 -74.21 -67.19
CA ASP C 467 10.17 -75.60 -67.00
C ASP C 467 9.90 -76.39 -68.27
N GLU C 468 10.32 -77.65 -68.26
CA GLU C 468 10.15 -78.62 -69.34
C GLU C 468 10.88 -78.22 -70.61
N LYS C 469 11.79 -77.25 -70.54
CA LYS C 469 12.62 -76.77 -71.64
C LYS C 469 11.82 -76.08 -72.73
N THR C 470 10.49 -76.01 -72.61
CA THR C 470 9.66 -75.27 -73.54
C THR C 470 9.40 -73.84 -73.10
N ASP C 471 9.84 -73.48 -71.89
CA ASP C 471 9.76 -72.11 -71.38
C ASP C 471 8.31 -71.63 -71.27
N THR C 472 7.47 -72.46 -70.65
CA THR C 472 6.11 -72.08 -70.37
C THR C 472 5.97 -71.58 -68.94
N LEU C 473 4.94 -70.76 -68.71
CA LEU C 473 4.73 -70.17 -67.39
C LEU C 473 4.14 -71.20 -66.45
N GLU C 474 4.66 -71.23 -65.22
CA GLU C 474 4.21 -72.14 -64.18
C GLU C 474 4.29 -71.39 -62.85
N ASP C 475 3.16 -70.84 -62.42
CA ASP C 475 3.13 -70.02 -61.21
C ASP C 475 3.32 -70.90 -59.97
N LEU C 476 4.16 -70.43 -59.05
CA LEU C 476 4.41 -71.14 -57.80
C LEU C 476 3.38 -70.82 -56.73
N PHE C 477 2.44 -69.92 -57.01
CA PHE C 477 1.43 -69.54 -56.02
C PHE C 477 0.06 -69.48 -56.68
N PRO C 478 -0.59 -70.62 -56.92
CA PRO C 478 -1.91 -70.61 -57.54
C PRO C 478 -3.00 -70.14 -56.59
N THR C 479 -3.13 -68.83 -56.43
CA THR C 479 -4.13 -68.27 -55.52
C THR C 479 -5.56 -68.54 -55.97
N THR C 480 -5.76 -68.90 -57.24
CA THR C 480 -7.08 -69.22 -57.75
C THR C 480 -7.52 -70.65 -57.41
N LYS C 481 -6.73 -71.36 -56.61
CA LYS C 481 -7.07 -72.72 -56.20
C LYS C 481 -7.10 -72.89 -54.69
N ILE C 482 -6.80 -71.85 -53.91
CA ILE C 482 -6.83 -71.97 -52.45
C ILE C 482 -8.24 -71.69 -51.95
N PRO C 483 -8.79 -72.53 -51.08
CA PRO C 483 -10.11 -72.23 -50.51
C PRO C 483 -10.08 -71.00 -49.62
N ASN C 484 -11.26 -70.44 -49.39
CA ASN C 484 -11.38 -69.26 -48.55
C ASN C 484 -11.04 -69.61 -47.10
N PRO C 485 -10.02 -69.01 -46.51
CA PRO C 485 -9.64 -69.40 -45.14
C PRO C 485 -10.67 -69.02 -44.09
N ARG C 486 -11.51 -68.02 -44.35
CA ARG C 486 -12.52 -67.64 -43.37
C ARG C 486 -13.52 -68.75 -43.11
N PHE C 487 -13.88 -69.53 -44.13
CA PHE C 487 -14.79 -70.65 -43.96
C PHE C 487 -14.18 -71.73 -43.08
N GLN C 488 -12.92 -72.09 -43.31
CA GLN C 488 -12.26 -73.09 -42.47
C GLN C 488 -12.11 -72.58 -41.03
N ARG C 489 -11.79 -71.30 -40.86
CA ARG C 489 -11.70 -70.73 -39.52
C ARG C 489 -13.04 -70.79 -38.80
N LEU C 490 -14.12 -70.39 -39.48
CA LEU C 490 -15.44 -70.45 -38.88
C LEU C 490 -15.82 -71.88 -38.52
N PHE C 491 -15.52 -72.83 -39.41
CA PHE C 491 -15.86 -74.23 -39.15
C PHE C 491 -15.11 -74.76 -37.94
N GLN C 492 -13.80 -74.50 -37.86
CA GLN C 492 -13.03 -75.01 -36.73
C GLN C 492 -13.44 -74.34 -35.43
N CYS C 493 -13.80 -73.05 -35.47
CA CYS C 493 -14.24 -72.38 -34.26
C CYS C 493 -15.58 -72.91 -33.79
N LEU C 494 -16.52 -73.13 -34.72
CA LEU C 494 -17.81 -73.71 -34.36
C LEU C 494 -17.64 -75.11 -33.80
N LEU C 495 -16.73 -75.89 -34.39
CA LEU C 495 -16.48 -77.23 -33.88
C LEU C 495 -15.88 -77.19 -32.48
N HIS C 496 -14.93 -76.28 -32.25
CA HIS C 496 -14.32 -76.17 -30.92
C HIS C 496 -15.35 -75.74 -29.89
N ARG C 497 -16.24 -74.81 -30.25
CA ARG C 497 -17.25 -74.36 -29.29
C ARG C 497 -18.33 -75.41 -29.05
N ALA C 498 -18.65 -76.22 -30.06
CA ALA C 498 -19.65 -77.27 -29.89
C ALA C 498 -19.12 -78.49 -29.16
N LEU C 499 -17.80 -78.71 -29.20
CA LEU C 499 -17.19 -79.82 -28.47
C LEU C 499 -16.51 -79.37 -27.19
N HIS C 500 -16.29 -78.07 -27.00
CA HIS C 500 -15.77 -77.52 -25.75
C HIS C 500 -16.63 -76.32 -25.39
N PRO C 501 -17.69 -76.54 -24.60
CA PRO C 501 -18.70 -75.47 -24.40
C PRO C 501 -18.16 -74.24 -23.70
N ARG C 502 -17.19 -74.36 -22.79
CA ARG C 502 -16.70 -73.22 -22.02
C ARG C 502 -15.17 -73.17 -22.15
N GLU C 503 -14.71 -72.55 -23.23
CA GLU C 503 -13.28 -72.40 -23.52
C GLU C 503 -13.13 -71.29 -24.54
N PRO C 504 -12.02 -70.55 -24.50
CA PRO C 504 -11.81 -69.48 -25.48
C PRO C 504 -11.61 -70.04 -26.89
N LEU C 505 -11.80 -69.17 -27.87
CA LEU C 505 -11.65 -69.58 -29.25
C LEU C 505 -10.19 -69.97 -29.53
N PRO C 506 -9.95 -71.10 -30.18
CA PRO C 506 -8.57 -71.52 -30.46
C PRO C 506 -7.94 -70.64 -31.53
N PRO C 507 -6.62 -70.51 -31.53
CA PRO C 507 -5.96 -69.69 -32.56
C PRO C 507 -6.03 -70.35 -33.92
N ILE C 508 -5.61 -69.58 -34.93
CA ILE C 508 -5.62 -70.08 -36.30
C ILE C 508 -4.63 -71.22 -36.44
N GLN C 509 -5.07 -72.32 -37.05
CA GLN C 509 -4.20 -73.46 -37.26
C GLN C 509 -3.04 -73.07 -38.15
N GLN C 510 -1.94 -73.84 -38.03
CA GLN C 510 -0.71 -73.51 -38.74
C GLN C 510 -0.79 -73.74 -40.23
N HIS C 511 -1.52 -74.77 -40.68
CA HIS C 511 -1.63 -75.02 -42.12
C HIS C 511 -2.44 -73.93 -42.81
N ILE C 512 -3.47 -73.40 -42.15
CA ILE C 512 -4.25 -72.31 -42.72
C ILE C 512 -3.39 -71.06 -42.84
N TRP C 513 -2.59 -70.76 -41.81
CA TRP C 513 -1.72 -69.59 -41.85
C TRP C 513 -0.50 -69.80 -42.75
N ASN C 514 -0.20 -71.03 -43.14
CA ASN C 514 0.91 -71.31 -44.06
C ASN C 514 0.47 -71.37 -45.51
N MET C 515 -0.78 -71.74 -45.79
CA MET C 515 -1.27 -71.75 -47.16
C MET C 515 -1.53 -70.35 -47.69
N LEU C 516 -1.59 -69.34 -46.81
CA LEU C 516 -1.76 -67.95 -47.22
C LEU C 516 -0.44 -67.22 -47.38
N ASN C 517 0.65 -67.95 -47.60
CA ASN C 517 1.98 -67.37 -47.74
C ASN C 517 2.68 -67.97 -48.94
N PRO C 518 3.59 -67.22 -49.57
CA PRO C 518 4.34 -67.76 -50.71
C PRO C 518 5.33 -68.83 -50.24
N PRO C 519 5.90 -69.60 -51.16
CA PRO C 519 6.90 -70.59 -50.77
C PRO C 519 8.10 -69.94 -50.09
N ALA C 520 8.71 -70.66 -49.17
CA ALA C 520 9.81 -70.10 -48.38
C ALA C 520 11.03 -69.80 -49.24
N GLU C 521 11.17 -70.48 -50.37
CA GLU C 521 12.31 -70.22 -51.25
C GLU C 521 12.30 -68.78 -51.77
N VAL C 522 11.12 -68.27 -52.11
CA VAL C 522 11.04 -66.89 -52.59
C VAL C 522 11.49 -65.91 -51.51
N THR C 523 11.04 -66.14 -50.27
CA THR C 523 11.43 -65.26 -49.17
C THR C 523 12.93 -65.33 -48.91
N THR C 524 13.49 -66.54 -48.93
CA THR C 524 14.92 -66.69 -48.67
C THR C 524 15.74 -66.03 -49.78
N LYS C 525 15.27 -66.11 -51.02
CA LYS C 525 15.98 -65.48 -52.12
C LYS C 525 15.80 -63.96 -52.12
N SER C 526 14.69 -63.46 -51.59
CA SER C 526 14.43 -62.02 -51.55
C SER C 526 14.90 -61.35 -50.28
N GLN C 527 15.42 -62.11 -49.31
CA GLN C 527 15.98 -61.53 -48.10
C GLN C 527 16.94 -60.38 -48.40
N ILE C 528 17.93 -60.63 -49.27
CA ILE C 528 18.96 -59.65 -49.57
C ILE C 528 18.41 -58.49 -50.40
N PRO C 529 17.64 -58.72 -51.47
CA PRO C 529 17.07 -57.57 -52.19
C PRO C 529 16.17 -56.70 -51.33
N LEU C 530 15.51 -57.28 -50.32
CA LEU C 530 14.68 -56.48 -49.41
C LEU C 530 15.54 -55.49 -48.63
N SER C 531 16.66 -55.96 -48.08
CA SER C 531 17.57 -55.05 -47.38
C SER C 531 18.19 -54.03 -48.33
N LYS C 532 18.46 -54.45 -49.57
CA LYS C 532 19.00 -53.52 -50.55
C LYS C 532 18.01 -52.40 -50.86
N ILE C 533 16.73 -52.74 -50.98
CA ILE C 533 15.70 -51.73 -51.17
C ILE C 533 15.59 -50.83 -49.94
N LYS C 534 15.70 -51.43 -48.74
CA LYS C 534 15.69 -50.64 -47.52
C LYS C 534 16.83 -49.63 -47.46
N THR C 535 18.01 -50.00 -47.97
CA THR C 535 19.17 -49.12 -47.86
C THR C 535 18.99 -47.84 -48.67
N LEU C 536 18.61 -47.98 -49.95
CA LEU C 536 18.54 -46.82 -50.83
C LEU C 536 17.33 -45.94 -50.52
N PHE C 537 16.14 -46.55 -50.47
CA PHE C 537 14.91 -45.78 -50.30
C PHE C 537 14.75 -45.34 -48.85
N PRO C 538 14.69 -44.04 -48.56
CA PRO C 538 14.44 -43.60 -47.19
C PRO C 538 12.95 -43.55 -46.90
N LEU C 539 12.55 -44.15 -45.78
CA LEU C 539 11.15 -44.20 -45.37
C LEU C 539 11.05 -43.70 -43.94
N ILE C 540 10.51 -42.49 -43.77
CA ILE C 540 10.32 -41.88 -42.47
C ILE C 540 8.83 -41.84 -42.17
N GLU C 541 8.43 -42.42 -41.05
CA GLU C 541 7.03 -42.49 -40.66
C GLU C 541 6.70 -41.36 -39.68
N ALA C 542 5.59 -40.69 -39.94
CA ALA C 542 5.20 -39.51 -39.16
C ALA C 542 4.94 -39.85 -37.70
N LYS C 543 3.92 -40.67 -37.45
CA LYS C 543 3.56 -41.04 -36.07
C LYS C 543 2.83 -42.36 -36.11
N LYS C 544 3.42 -43.40 -35.52
CA LYS C 544 2.84 -44.73 -35.51
C LYS C 544 2.01 -44.91 -34.24
N LYS C 545 0.69 -45.03 -34.40
CA LYS C 545 -0.24 -45.23 -33.30
C LYS C 545 -1.05 -46.50 -33.62
N ASP C 546 -0.52 -47.65 -33.21
CA ASP C 546 -1.20 -48.91 -33.47
C ASP C 546 -2.44 -49.03 -32.60
N GLN C 547 -3.56 -49.40 -33.21
CA GLN C 547 -4.83 -49.54 -32.50
C GLN C 547 -4.80 -50.83 -31.69
N VAL C 548 -4.46 -50.71 -30.41
CA VAL C 548 -4.41 -51.86 -29.51
C VAL C 548 -5.80 -52.07 -28.91
N THR C 549 -6.23 -53.32 -28.83
CA THR C 549 -7.54 -53.64 -28.32
C THR C 549 -7.60 -53.42 -26.81
N ALA C 550 -8.82 -53.49 -26.27
CA ALA C 550 -9.02 -53.25 -24.84
C ALA C 550 -8.38 -54.35 -23.99
N GLN C 551 -8.36 -55.58 -24.50
CA GLN C 551 -7.77 -56.68 -23.72
C GLN C 551 -6.27 -56.50 -23.55
N GLU C 552 -5.60 -55.95 -24.57
CA GLU C 552 -4.16 -55.71 -24.48
C GLU C 552 -3.81 -54.59 -23.52
N ILE C 553 -4.77 -53.75 -23.13
CA ILE C 553 -4.52 -52.65 -22.22
C ILE C 553 -4.94 -52.98 -20.79
N PHE C 554 -5.99 -53.78 -20.60
CA PHE C 554 -6.54 -54.10 -19.29
C PHE C 554 -6.58 -55.61 -19.08
N GLN C 555 -5.49 -56.29 -19.38
CA GLN C 555 -5.40 -57.73 -19.22
C GLN C 555 -5.57 -58.15 -17.76
N ALA C 595 51.85 -30.98 -12.46
CA ALA C 595 51.71 -32.40 -12.78
C ALA C 595 50.75 -33.08 -11.81
N GLU C 596 51.08 -33.01 -10.52
CA GLU C 596 50.23 -33.64 -9.51
C GLU C 596 48.87 -32.96 -9.43
N ASN C 597 48.79 -31.70 -9.87
CA ASN C 597 47.53 -30.97 -9.81
C ASN C 597 46.70 -31.19 -11.08
N PHE C 598 47.35 -31.28 -12.23
CA PHE C 598 46.67 -31.41 -13.51
C PHE C 598 46.65 -32.85 -14.04
N ARG C 599 47.01 -33.82 -13.21
CA ARG C 599 46.99 -35.22 -13.61
C ARG C 599 45.66 -35.91 -13.32
N VAL C 600 44.74 -35.22 -12.65
CA VAL C 600 43.45 -35.83 -12.34
C VAL C 600 42.47 -35.71 -13.50
N LEU C 601 42.66 -34.71 -14.36
CA LEU C 601 41.73 -34.48 -15.47
C LEU C 601 41.83 -35.59 -16.51
N VAL C 602 43.00 -36.19 -16.67
CA VAL C 602 43.21 -37.17 -17.74
C VAL C 602 42.57 -38.51 -17.42
N LYS C 603 42.06 -38.71 -16.21
CA LYS C 603 41.54 -40.02 -15.81
C LYS C 603 40.32 -40.40 -16.64
N GLN C 604 39.20 -39.72 -16.42
CA GLN C 604 37.96 -40.07 -17.13
C GLN C 604 37.28 -38.83 -17.70
N LYS C 605 37.59 -37.66 -17.14
CA LYS C 605 36.88 -36.44 -17.54
C LYS C 605 37.22 -36.04 -18.97
N LYS C 606 38.50 -35.78 -19.24
CA LYS C 606 38.96 -35.36 -20.56
C LYS C 606 39.55 -36.59 -21.26
N ALA C 607 38.73 -37.23 -22.10
CA ALA C 607 39.16 -38.43 -22.81
C ALA C 607 40.21 -38.14 -23.88
N SER C 608 40.44 -36.87 -24.21
CA SER C 608 41.46 -36.48 -25.19
C SER C 608 42.69 -36.01 -24.43
N PHE C 609 43.75 -36.82 -24.45
CA PHE C 609 44.97 -36.48 -23.74
C PHE C 609 45.73 -35.34 -24.44
N GLU C 610 45.34 -35.02 -25.67
CA GLU C 610 45.99 -33.93 -26.40
C GLU C 610 45.75 -32.59 -25.70
N GLU C 611 44.55 -32.40 -25.15
CA GLU C 611 44.20 -31.12 -24.55
C GLU C 611 44.98 -30.91 -23.25
N ALA C 612 44.96 -31.88 -22.35
CA ALA C 612 45.62 -31.75 -21.05
C ALA C 612 47.14 -31.83 -21.16
N SER C 613 47.67 -32.24 -22.31
CA SER C 613 49.12 -32.34 -22.46
C SER C 613 49.77 -30.96 -22.57
N ASN C 614 49.05 -29.99 -23.14
CA ASN C 614 49.61 -28.67 -23.35
C ASN C 614 49.91 -27.97 -22.03
N GLN C 615 48.95 -27.98 -21.11
CA GLN C 615 49.19 -27.37 -19.80
C GLN C 615 50.23 -28.14 -19.00
N LEU C 616 50.29 -29.47 -19.13
CA LEU C 616 51.32 -30.23 -18.44
C LEU C 616 52.71 -29.88 -18.97
N ILE C 617 52.82 -29.64 -20.27
CA ILE C 617 54.08 -29.20 -20.85
C ILE C 617 54.43 -27.80 -20.38
N ASN C 618 53.43 -26.90 -20.34
CA ASN C 618 53.70 -25.53 -19.91
C ASN C 618 54.05 -25.45 -18.42
N HIS C 619 53.62 -26.44 -17.63
CA HIS C 619 53.89 -26.47 -16.20
C HIS C 619 55.36 -26.49 -15.85
N ILE C 620 56.24 -26.86 -16.78
CA ILE C 620 57.67 -26.91 -16.51
C ILE C 620 58.46 -25.84 -17.25
N GLU C 621 57.84 -25.16 -18.23
CA GLU C 621 58.51 -24.11 -18.99
C GLU C 621 59.07 -23.04 -18.06
N GLN C 622 58.20 -22.37 -17.30
CA GLN C 622 58.65 -21.36 -16.36
C GLN C 622 59.47 -21.95 -15.23
N PHE C 623 59.28 -23.24 -14.91
CA PHE C 623 60.13 -23.90 -13.93
C PHE C 623 61.58 -24.01 -14.41
N LEU C 624 61.79 -24.07 -15.73
CA LEU C 624 63.16 -24.17 -16.24
C LEU C 624 63.88 -22.82 -16.17
N ASP C 625 63.14 -21.71 -16.23
CA ASP C 625 63.77 -20.41 -16.31
C ASP C 625 64.33 -19.98 -14.95
N THR C 626 63.58 -20.19 -13.88
CA THR C 626 63.99 -19.74 -12.56
C THR C 626 65.25 -20.48 -12.12
N ASN C 627 66.29 -19.71 -11.76
CA ASN C 627 67.58 -20.30 -11.39
C ASN C 627 67.59 -20.88 -9.98
N GLU C 628 66.50 -20.72 -9.21
CA GLU C 628 66.49 -21.20 -7.84
C GLU C 628 66.46 -22.73 -7.82
N THR C 629 67.11 -23.32 -6.81
CA THR C 629 67.29 -24.77 -6.80
C THR C 629 66.00 -25.55 -6.58
N PRO C 630 65.07 -25.18 -5.68
CA PRO C 630 63.83 -25.96 -5.55
C PRO C 630 63.06 -26.12 -6.85
N TYR C 631 63.05 -25.09 -7.70
CA TYR C 631 62.41 -25.24 -9.00
C TYR C 631 63.11 -26.28 -9.85
N PHE C 632 64.44 -26.30 -9.82
CA PHE C 632 65.19 -27.33 -10.54
C PHE C 632 64.92 -28.71 -9.94
N MET C 633 64.76 -28.78 -8.62
CA MET C 633 64.52 -30.05 -7.96
C MET C 633 63.11 -30.57 -8.19
N LYS C 634 62.15 -29.70 -8.48
CA LYS C 634 60.77 -30.11 -8.71
C LYS C 634 60.38 -30.16 -10.18
N SER C 635 61.25 -29.65 -11.07
CA SER C 635 60.99 -29.80 -12.51
C SER C 635 61.09 -31.26 -12.92
N ILE C 636 62.15 -31.94 -12.46
CA ILE C 636 62.29 -33.37 -12.71
C ILE C 636 61.19 -34.18 -12.07
N ASP C 637 60.64 -33.73 -10.95
CA ASP C 637 59.51 -34.43 -10.33
C ASP C 637 58.29 -34.39 -11.22
N CYS C 638 58.05 -33.26 -11.89
CA CYS C 638 56.93 -33.18 -12.82
C CYS C 638 57.23 -33.93 -14.11
N ILE C 639 58.48 -33.93 -14.56
CA ILE C 639 58.87 -34.73 -15.71
C ILE C 639 58.68 -36.22 -15.45
N ARG C 640 58.92 -36.68 -14.22
CA ARG C 640 58.69 -38.08 -13.89
C ARG C 640 57.20 -38.42 -13.95
N ALA C 641 56.34 -37.53 -13.48
CA ALA C 641 54.90 -37.76 -13.63
C ALA C 641 54.45 -37.71 -15.08
N PHE C 642 55.10 -36.88 -15.91
CA PHE C 642 54.81 -36.87 -17.33
C PHE C 642 55.27 -38.16 -18.01
N ARG C 643 56.36 -38.75 -17.51
CA ARG C 643 56.80 -40.05 -18.01
C ARG C 643 55.91 -41.18 -17.53
N GLU C 644 55.32 -41.04 -16.35
CA GLU C 644 54.52 -42.11 -15.76
C GLU C 644 53.30 -42.48 -16.58
N GLU C 645 52.79 -41.57 -17.43
CA GLU C 645 51.57 -41.83 -18.18
C GLU C 645 51.76 -42.85 -19.29
N ALA C 646 52.96 -42.95 -19.87
CA ALA C 646 53.20 -43.85 -20.99
C ALA C 646 53.37 -45.30 -20.57
N ILE C 647 53.43 -45.58 -19.27
CA ILE C 647 53.59 -46.96 -18.83
C ILE C 647 52.24 -47.65 -18.65
N LYS C 648 51.16 -46.87 -18.54
CA LYS C 648 49.84 -47.44 -18.30
C LYS C 648 48.82 -46.95 -19.32
N PHE C 649 49.14 -45.88 -20.05
CA PHE C 649 48.23 -45.33 -21.05
C PHE C 649 48.64 -45.63 -22.48
N SER C 650 49.87 -46.13 -22.70
CA SER C 650 50.42 -46.35 -24.03
C SER C 650 50.48 -45.03 -24.82
N GLU C 651 51.31 -44.12 -24.29
CA GLU C 651 51.53 -42.81 -24.88
C GLU C 651 52.67 -42.79 -25.89
N GLU C 652 53.44 -43.88 -25.98
CA GLU C 652 54.68 -43.88 -26.76
C GLU C 652 54.51 -43.51 -28.22
N GLN C 653 53.28 -43.57 -28.77
CA GLN C 653 53.08 -43.11 -30.14
C GLN C 653 53.28 -41.60 -30.27
N ARG C 654 53.17 -40.86 -29.17
CA ARG C 654 53.42 -39.43 -29.16
C ARG C 654 54.37 -39.01 -28.05
N PHE C 655 54.91 -39.96 -27.29
CA PHE C 655 55.77 -39.63 -26.16
C PHE C 655 57.17 -39.24 -26.60
N ASN C 656 57.79 -40.07 -27.45
CA ASN C 656 59.14 -39.79 -27.91
C ASN C 656 59.20 -38.56 -28.80
N ASN C 657 58.08 -38.11 -29.34
CA ASN C 657 58.06 -36.89 -30.15
C ASN C 657 58.36 -35.67 -29.29
N PHE C 658 58.01 -35.71 -28.00
CA PHE C 658 58.31 -34.62 -27.08
C PHE C 658 59.49 -34.93 -26.16
N LEU C 659 59.79 -36.21 -25.94
CA LEU C 659 60.96 -36.56 -25.13
C LEU C 659 62.23 -36.01 -25.75
N LYS C 660 62.33 -36.02 -27.07
CA LYS C 660 63.50 -35.45 -27.74
C LYS C 660 63.40 -33.94 -27.86
N ALA C 661 62.18 -33.39 -27.99
CA ALA C 661 62.02 -31.96 -28.14
C ALA C 661 62.36 -31.22 -26.84
N LEU C 662 62.03 -31.82 -25.69
CA LEU C 662 62.35 -31.20 -24.42
C LEU C 662 63.85 -31.11 -24.20
N GLN C 663 64.61 -32.09 -24.71
CA GLN C 663 66.06 -32.04 -24.57
C GLN C 663 66.69 -31.19 -25.67
N GLU C 664 66.03 -31.07 -26.82
CA GLU C 664 66.54 -30.21 -27.88
C GLU C 664 66.32 -28.74 -27.57
N LYS C 665 65.29 -28.43 -26.77
CA LYS C 665 65.12 -27.07 -26.27
C LYS C 665 66.30 -26.64 -25.41
N VAL C 666 67.04 -27.59 -24.85
CA VAL C 666 68.26 -27.26 -24.11
C VAL C 666 69.39 -26.86 -25.03
N GLU C 667 69.38 -27.32 -26.29
CA GLU C 667 70.44 -26.98 -27.22
C GLU C 667 70.49 -25.48 -27.51
N ILE C 668 69.34 -24.81 -27.49
CA ILE C 668 69.33 -23.37 -27.70
C ILE C 668 69.89 -22.64 -26.50
N LYS C 669 69.44 -23.02 -25.30
CA LYS C 669 69.99 -22.46 -24.07
C LYS C 669 71.34 -23.09 -23.77
N GLN C 670 71.89 -22.77 -22.60
CA GLN C 670 73.12 -23.43 -22.15
C GLN C 670 72.76 -24.62 -21.28
N LEU C 671 72.12 -24.35 -20.13
CA LEU C 671 71.54 -25.34 -19.23
C LEU C 671 72.34 -26.62 -19.12
N ASN C 672 73.65 -26.51 -18.85
CA ASN C 672 74.47 -27.69 -18.69
C ASN C 672 74.20 -28.43 -17.39
N HIS C 673 73.55 -27.79 -16.42
CA HIS C 673 73.19 -28.41 -15.16
C HIS C 673 71.85 -29.12 -15.21
N PHE C 674 71.04 -28.90 -16.24
CA PHE C 674 69.76 -29.59 -16.36
C PHE C 674 69.95 -31.01 -16.91
N TRP C 675 70.99 -31.22 -17.70
CA TRP C 675 71.29 -32.55 -18.22
C TRP C 675 71.89 -33.46 -17.15
N GLU C 676 72.25 -32.92 -15.99
CA GLU C 676 72.84 -33.72 -14.92
C GLU C 676 71.92 -34.83 -14.46
N ILE C 677 70.60 -34.65 -14.55
CA ILE C 677 69.67 -35.70 -14.18
C ILE C 677 69.53 -36.77 -15.26
N VAL C 678 69.65 -36.41 -16.53
CA VAL C 678 69.53 -37.36 -17.62
C VAL C 678 70.68 -38.35 -17.60
N ASP C 724 80.44 25.68 -20.05
CA ASP C 724 80.25 24.29 -20.46
C ASP C 724 79.35 24.21 -21.70
N VAL C 725 79.38 25.25 -22.52
CA VAL C 725 78.55 25.31 -23.71
C VAL C 725 79.37 25.14 -24.98
N ASP C 726 80.51 25.83 -25.05
CA ASP C 726 81.34 25.78 -26.26
C ASP C 726 81.92 24.40 -26.48
N ASP C 727 82.30 23.71 -25.41
CA ASP C 727 82.86 22.36 -25.56
C ASP C 727 81.80 21.37 -26.05
N LEU C 728 80.56 21.53 -25.59
CA LEU C 728 79.48 20.67 -26.06
C LEU C 728 79.04 21.05 -27.47
N LEU C 729 79.24 22.30 -27.89
CA LEU C 729 78.89 22.70 -29.25
C LEU C 729 79.76 21.98 -30.27
N ASP C 730 80.93 21.50 -29.87
CA ASP C 730 81.84 20.86 -30.82
C ASP C 730 81.32 19.50 -31.26
N MET C 731 80.93 18.65 -30.30
CA MET C 731 80.51 17.29 -30.62
C MET C 731 79.15 17.23 -31.30
N ILE C 732 78.46 18.36 -31.47
CA ILE C 732 77.17 18.38 -32.13
C ILE C 732 77.35 18.33 -33.64
N MET D 1 -1.58 -14.90 -20.87
CA MET D 1 -2.84 -15.07 -21.59
C MET D 1 -3.34 -13.70 -22.04
N SER D 2 -4.42 -13.68 -22.82
CA SER D 2 -5.04 -12.41 -23.32
C SER D 2 -6.55 -12.50 -23.13
N SER D 3 -7.08 -11.88 -22.07
CA SER D 3 -8.54 -11.89 -21.79
C SER D 3 -9.25 -10.84 -22.65
N PHE D 4 -8.52 -10.22 -23.58
CA PHE D 4 -9.11 -9.19 -24.47
C PHE D 4 -9.99 -9.87 -25.53
N GLU D 5 -11.12 -9.25 -25.85
CA GLU D 5 -12.07 -9.81 -26.86
C GLU D 5 -11.79 -9.14 -28.21
N GLY D 6 -10.60 -8.55 -28.35
CA GLY D 6 -10.19 -7.88 -29.61
C GLY D 6 -11.27 -6.98 -30.17
N GLN D 7 -11.78 -6.05 -29.36
CA GLN D 7 -12.85 -5.12 -29.80
C GLN D 7 -12.98 -3.97 -28.78
N MET D 8 -12.53 -2.77 -29.16
CA MET D 8 -12.61 -1.59 -28.26
C MET D 8 -14.06 -1.13 -28.17
N ALA D 9 -14.44 -0.52 -27.05
CA ALA D 9 -15.84 -0.04 -26.85
C ALA D 9 -16.08 1.22 -27.68
N GLU D 10 -15.04 2.03 -27.90
CA GLU D 10 -15.18 3.26 -28.68
C GLU D 10 -15.22 2.98 -30.17
N TYR D 11 -14.38 2.06 -30.65
CA TYR D 11 -14.29 1.72 -32.07
C TYR D 11 -14.51 0.23 -32.24
N PRO D 12 -15.78 -0.21 -32.33
CA PRO D 12 -16.07 -1.64 -32.48
C PRO D 12 -15.82 -2.19 -33.88
N THR D 13 -15.49 -1.34 -34.85
CA THR D 13 -15.24 -1.79 -36.21
C THR D 13 -13.83 -2.30 -36.43
N ILE D 14 -12.96 -2.21 -35.42
CA ILE D 14 -11.59 -2.70 -35.51
C ILE D 14 -11.35 -3.66 -34.36
N SER D 15 -10.61 -4.74 -34.65
CA SER D 15 -10.29 -5.76 -33.66
C SER D 15 -8.78 -5.89 -33.54
N ILE D 16 -8.30 -6.00 -32.31
CA ILE D 16 -6.87 -6.03 -32.00
C ILE D 16 -6.56 -7.32 -31.26
N ASP D 17 -5.55 -8.04 -31.74
CA ASP D 17 -4.99 -9.23 -31.08
C ASP D 17 -6.04 -10.33 -30.86
N ARG D 18 -7.13 -10.32 -31.62
CA ARG D 18 -8.17 -11.33 -31.47
C ARG D 18 -9.02 -11.32 -32.73
N PHE D 19 -9.16 -12.48 -33.37
CA PHE D 19 -9.91 -12.62 -34.61
C PHE D 19 -10.76 -13.89 -34.60
N ASP D 20 -11.44 -14.17 -33.49
CA ASP D 20 -12.04 -15.48 -33.31
C ASP D 20 -13.51 -15.56 -33.73
N ARG D 21 -14.39 -14.81 -33.07
CA ARG D 21 -15.83 -15.01 -33.24
C ARG D 21 -16.53 -13.81 -33.84
N GLU D 22 -16.47 -12.63 -33.21
CA GLU D 22 -17.17 -11.46 -33.70
C GLU D 22 -16.27 -10.54 -34.51
N ASN D 23 -14.98 -10.83 -34.58
CA ASN D 23 -14.04 -10.01 -35.32
C ASN D 23 -14.00 -10.35 -36.81
N LEU D 24 -14.79 -11.34 -37.25
CA LEU D 24 -14.90 -11.64 -38.66
C LEU D 24 -15.68 -10.58 -39.44
N ARG D 25 -16.33 -9.66 -38.74
CA ARG D 25 -17.03 -8.55 -39.35
C ARG D 25 -16.27 -7.23 -39.25
N ALA D 26 -15.05 -7.26 -38.73
CA ALA D 26 -14.27 -6.05 -38.56
C ALA D 26 -13.80 -5.51 -39.90
N ARG D 27 -13.44 -4.23 -39.91
CA ARG D 27 -12.98 -3.55 -41.12
C ARG D 27 -11.47 -3.39 -41.17
N ALA D 28 -10.77 -3.67 -40.07
CA ALA D 28 -9.31 -3.56 -40.03
C ALA D 28 -8.80 -4.37 -38.86
N TYR D 29 -7.69 -5.09 -39.09
CA TYR D 29 -7.09 -5.94 -38.08
C TYR D 29 -5.75 -5.35 -37.65
N PHE D 30 -5.48 -5.40 -36.34
CA PHE D 30 -4.22 -4.93 -35.78
C PHE D 30 -3.60 -6.04 -34.95
N LEU D 31 -2.27 -6.13 -35.02
CA LEU D 31 -1.51 -7.17 -34.30
C LEU D 31 -0.39 -6.48 -33.54
N SER D 32 -0.46 -6.56 -32.21
CA SER D 32 0.56 -5.95 -31.35
C SER D 32 1.92 -6.60 -31.56
N HIS D 33 2.03 -7.89 -31.26
CA HIS D 33 3.28 -8.62 -31.45
C HIS D 33 2.95 -10.03 -31.91
N CYS D 34 3.95 -10.91 -31.92
CA CYS D 34 3.84 -12.23 -32.53
C CYS D 34 3.81 -13.34 -31.48
N HIS D 35 3.11 -13.11 -30.37
CA HIS D 35 2.89 -14.15 -29.38
C HIS D 35 1.59 -14.90 -29.69
N LYS D 36 1.57 -16.17 -29.32
CA LYS D 36 0.44 -17.03 -29.69
C LYS D 36 -0.84 -16.64 -28.98
N ASP D 37 -0.75 -16.14 -27.74
CA ASP D 37 -1.96 -15.74 -27.02
C ASP D 37 -2.59 -14.50 -27.62
N HIS D 38 -1.87 -13.75 -28.46
CA HIS D 38 -2.40 -12.59 -29.15
C HIS D 38 -2.67 -12.87 -30.63
N MET D 39 -2.78 -14.15 -31.01
CA MET D 39 -2.98 -14.52 -32.40
C MET D 39 -4.08 -15.58 -32.55
N LYS D 40 -5.08 -15.53 -31.68
CA LYS D 40 -6.18 -16.48 -31.78
C LYS D 40 -7.07 -16.12 -32.96
N GLY D 41 -7.38 -17.12 -33.79
CA GLY D 41 -8.21 -16.91 -34.96
C GLY D 41 -7.51 -16.33 -36.17
N LEU D 42 -6.22 -16.00 -36.06
CA LEU D 42 -5.48 -15.44 -37.19
C LEU D 42 -5.30 -16.45 -38.31
N ARG D 43 -5.39 -17.75 -38.02
CA ARG D 43 -5.24 -18.79 -39.03
C ARG D 43 -6.53 -19.57 -39.21
N ALA D 44 -7.67 -18.99 -38.85
CA ALA D 44 -8.93 -19.71 -38.89
C ALA D 44 -9.39 -19.94 -40.34
N PRO D 45 -10.07 -21.05 -40.60
CA PRO D 45 -10.60 -21.26 -41.96
C PRO D 45 -11.62 -20.22 -42.37
N THR D 46 -12.43 -19.73 -41.43
CA THR D 46 -13.39 -18.69 -41.76
C THR D 46 -12.69 -17.40 -42.16
N LEU D 47 -11.61 -17.04 -41.45
CA LEU D 47 -10.85 -15.86 -41.83
C LEU D 47 -10.15 -16.06 -43.16
N LYS D 48 -9.65 -17.27 -43.42
CA LYS D 48 -9.07 -17.56 -44.72
C LYS D 48 -10.10 -17.39 -45.84
N ARG D 49 -11.33 -17.86 -45.61
CA ARG D 49 -12.38 -17.72 -46.62
C ARG D 49 -12.79 -16.27 -46.79
N ARG D 50 -12.75 -15.48 -45.72
CA ARG D 50 -13.12 -14.08 -45.82
C ARG D 50 -12.06 -13.28 -46.56
N LEU D 51 -10.78 -13.59 -46.36
CA LEU D 51 -9.72 -12.82 -47.00
C LEU D 51 -9.78 -12.95 -48.52
N GLU D 52 -10.09 -14.14 -49.03
CA GLU D 52 -10.18 -14.36 -50.46
C GLU D 52 -11.47 -13.84 -51.07
N CYS D 53 -12.34 -13.21 -50.27
CA CYS D 53 -13.58 -12.63 -50.75
C CYS D 53 -13.67 -11.14 -50.50
N SER D 54 -12.57 -10.51 -50.06
CA SER D 54 -12.56 -9.08 -49.78
C SER D 54 -11.27 -8.47 -50.33
N LEU D 55 -11.27 -7.15 -50.44
CA LEU D 55 -10.12 -6.43 -50.98
C LEU D 55 -9.70 -5.21 -50.15
N LYS D 56 -10.53 -4.74 -49.21
CA LYS D 56 -10.23 -3.54 -48.47
C LYS D 56 -9.86 -3.81 -47.02
N VAL D 57 -9.86 -5.06 -46.57
CA VAL D 57 -9.49 -5.40 -45.21
C VAL D 57 -8.00 -5.76 -45.18
N TYR D 58 -7.28 -5.19 -44.20
CA TYR D 58 -5.85 -5.40 -44.09
C TYR D 58 -5.49 -5.69 -42.64
N LEU D 59 -4.23 -6.11 -42.45
CA LEU D 59 -3.68 -6.40 -41.13
C LEU D 59 -2.51 -5.47 -40.89
N TYR D 60 -2.65 -4.55 -39.94
CA TYR D 60 -1.61 -3.58 -39.62
C TYR D 60 -0.80 -4.07 -38.43
N CYS D 61 0.52 -3.91 -38.53
CA CYS D 61 1.44 -4.34 -37.49
C CYS D 61 2.79 -3.69 -37.73
N SER D 62 3.72 -3.96 -36.82
CA SER D 62 5.08 -3.45 -36.95
C SER D 62 5.81 -4.21 -38.06
N PRO D 63 6.79 -3.56 -38.69
CA PRO D 63 7.57 -4.28 -39.72
C PRO D 63 8.26 -5.52 -39.20
N VAL D 64 8.80 -5.47 -37.98
CA VAL D 64 9.39 -6.66 -37.38
C VAL D 64 8.34 -7.73 -37.16
N THR D 65 7.14 -7.34 -36.74
CA THR D 65 6.04 -8.28 -36.61
C THR D 65 5.67 -8.90 -37.96
N LYS D 66 5.68 -8.09 -39.02
CA LYS D 66 5.41 -8.63 -40.35
C LYS D 66 6.47 -9.64 -40.77
N GLU D 67 7.75 -9.32 -40.51
CA GLU D 67 8.83 -10.24 -40.85
C GLU D 67 8.70 -11.54 -40.08
N LEU D 68 8.35 -11.46 -38.78
CA LEU D 68 8.22 -12.67 -37.97
C LEU D 68 6.99 -13.47 -38.35
N LEU D 69 5.94 -12.81 -38.85
CA LEU D 69 4.71 -13.49 -39.20
C LEU D 69 4.77 -14.16 -40.57
N LEU D 70 5.35 -13.48 -41.57
CA LEU D 70 5.43 -14.04 -42.91
C LEU D 70 6.44 -15.18 -43.00
N THR D 71 7.34 -15.32 -42.03
CA THR D 71 8.29 -16.42 -42.05
C THR D 71 7.59 -17.75 -41.85
N SER D 72 6.59 -17.79 -40.96
CA SER D 72 5.85 -19.01 -40.71
C SER D 72 5.07 -19.41 -41.96
N PRO D 73 5.15 -20.68 -42.39
CA PRO D 73 4.40 -21.07 -43.60
C PRO D 73 2.90 -21.08 -43.41
N LYS D 74 2.42 -21.22 -42.17
CA LYS D 74 0.98 -21.26 -41.92
C LYS D 74 0.33 -19.90 -42.05
N TYR D 75 1.10 -18.82 -41.96
CA TYR D 75 0.56 -17.47 -42.04
C TYR D 75 0.98 -16.74 -43.31
N ARG D 76 1.52 -17.46 -44.30
CA ARG D 76 1.99 -16.81 -45.52
C ARG D 76 0.85 -16.36 -46.42
N PHE D 77 -0.41 -16.70 -46.11
CA PHE D 77 -1.52 -16.21 -46.92
C PHE D 77 -1.84 -14.75 -46.63
N TRP D 78 -1.27 -14.18 -45.58
CA TRP D 78 -1.40 -12.76 -45.27
C TRP D 78 -0.39 -11.89 -46.01
N LYS D 79 0.39 -12.47 -46.94
CA LYS D 79 1.49 -11.73 -47.54
C LYS D 79 1.00 -10.52 -48.32
N LYS D 80 -0.17 -10.61 -48.95
CA LYS D 80 -0.70 -9.53 -49.75
C LYS D 80 -1.69 -8.65 -49.00
N ARG D 81 -1.93 -8.94 -47.72
CA ARG D 81 -2.93 -8.20 -46.94
C ARG D 81 -2.35 -7.52 -45.71
N ILE D 82 -1.04 -7.60 -45.50
CA ILE D 82 -0.39 -7.00 -44.34
C ILE D 82 0.20 -5.66 -44.76
N ILE D 83 -0.08 -4.62 -43.99
CA ILE D 83 0.46 -3.28 -44.21
C ILE D 83 1.24 -2.89 -42.96
N SER D 84 2.56 -2.85 -43.07
CA SER D 84 3.40 -2.47 -41.94
C SER D 84 3.43 -0.95 -41.80
N ILE D 85 3.49 -0.50 -40.54
CA ILE D 85 3.49 0.92 -40.20
C ILE D 85 4.68 1.20 -39.31
N GLU D 86 5.42 2.26 -39.63
CA GLU D 86 6.54 2.68 -38.80
C GLU D 86 6.05 3.20 -37.45
N ILE D 87 6.92 3.09 -36.45
CA ILE D 87 6.59 3.58 -35.12
C ILE D 87 6.68 5.10 -35.09
N GLU D 88 5.91 5.71 -34.18
CA GLU D 88 5.91 7.16 -33.98
C GLU D 88 5.57 7.93 -35.27
N THR D 89 4.80 7.30 -36.15
CA THR D 89 4.39 7.92 -37.41
C THR D 89 2.87 7.92 -37.50
N PRO D 90 2.21 9.04 -37.18
CA PRO D 90 0.74 9.07 -37.25
C PRO D 90 0.26 8.90 -38.68
N THR D 91 -0.43 7.78 -38.92
CA THR D 91 -1.00 7.46 -40.22
C THR D 91 -2.52 7.42 -40.13
N GLN D 92 -3.16 7.65 -41.27
CA GLN D 92 -4.61 7.64 -41.36
C GLN D 92 -5.08 6.33 -41.96
N ILE D 93 -5.98 5.64 -41.26
CA ILE D 93 -6.51 4.37 -41.69
C ILE D 93 -7.95 4.56 -42.17
N SER D 94 -8.27 3.96 -43.31
CA SER D 94 -9.60 4.06 -43.90
C SER D 94 -10.41 2.82 -43.53
N LEU D 95 -11.46 3.01 -42.74
CA LEU D 95 -12.34 1.91 -42.34
C LEU D 95 -13.53 1.80 -43.29
N VAL D 96 -13.21 1.52 -44.56
CA VAL D 96 -14.24 1.45 -45.59
C VAL D 96 -14.98 0.13 -45.48
N ASP D 97 -16.31 0.19 -45.58
CA ASP D 97 -17.13 -1.02 -45.53
C ASP D 97 -17.05 -1.74 -46.86
N GLU D 98 -17.12 -3.07 -46.82
CA GLU D 98 -17.04 -3.86 -48.04
C GLU D 98 -18.36 -3.80 -48.81
N ALA D 99 -19.47 -4.14 -48.15
CA ALA D 99 -20.77 -4.16 -48.80
C ALA D 99 -21.18 -2.78 -49.30
N SER D 100 -21.34 -1.83 -48.39
CA SER D 100 -21.72 -0.48 -48.74
C SER D 100 -20.48 0.39 -48.90
N GLY D 101 -20.61 1.45 -49.70
CA GLY D 101 -19.49 2.33 -49.97
C GLY D 101 -19.20 3.32 -48.86
N GLU D 102 -19.70 3.05 -47.65
CA GLU D 102 -19.45 3.93 -46.52
C GLU D 102 -17.98 3.88 -46.14
N LYS D 103 -17.48 4.95 -45.52
CA LYS D 103 -16.07 5.06 -45.19
C LYS D 103 -15.91 5.82 -43.88
N GLU D 104 -14.81 5.56 -43.18
CA GLU D 104 -14.51 6.21 -41.92
C GLU D 104 -13.02 6.26 -41.69
N GLU D 105 -12.48 7.45 -41.42
CA GLU D 105 -11.05 7.65 -41.25
C GLU D 105 -10.69 7.70 -39.77
N ILE D 106 -9.59 7.04 -39.41
CA ILE D 106 -9.08 7.02 -38.05
C ILE D 106 -7.57 7.14 -38.11
N VAL D 107 -6.99 7.80 -37.11
CA VAL D 107 -5.55 8.03 -37.03
C VAL D 107 -4.99 7.10 -35.97
N VAL D 108 -4.01 6.30 -36.36
CA VAL D 108 -3.35 5.35 -35.46
C VAL D 108 -1.88 5.72 -35.35
N THR D 109 -1.31 5.50 -34.17
CA THR D 109 0.09 5.76 -33.92
C THR D 109 0.69 4.57 -33.17
N LEU D 110 1.81 4.06 -33.69
CA LEU D 110 2.48 2.91 -33.11
C LEU D 110 3.58 3.38 -32.16
N LEU D 111 3.52 2.92 -30.91
CA LEU D 111 4.50 3.26 -29.90
C LEU D 111 5.26 2.03 -29.44
N PRO D 112 6.56 2.14 -29.18
CA PRO D 112 7.33 0.96 -28.77
C PRO D 112 6.88 0.45 -27.42
N ALA D 113 6.94 -0.88 -27.26
CA ALA D 113 6.49 -1.54 -26.05
C ALA D 113 7.61 -2.13 -25.22
N GLY D 114 8.75 -2.45 -25.83
CA GLY D 114 9.87 -3.01 -25.09
C GLY D 114 9.60 -4.38 -24.52
N HIS D 115 8.92 -5.24 -25.28
CA HIS D 115 8.53 -6.57 -24.82
C HIS D 115 9.21 -7.67 -25.61
N CYS D 116 9.07 -7.67 -26.92
CA CYS D 116 9.64 -8.68 -27.80
C CYS D 116 9.82 -8.07 -29.19
N PRO D 117 10.63 -8.67 -30.07
CA PRO D 117 10.79 -8.11 -31.41
C PRO D 117 9.47 -7.89 -32.13
N GLY D 118 9.15 -6.62 -32.39
CA GLY D 118 7.93 -6.25 -33.08
C GLY D 118 6.79 -5.83 -32.18
N SER D 119 6.98 -5.77 -30.87
CA SER D 119 5.91 -5.38 -29.96
C SER D 119 5.75 -3.87 -29.95
N VAL D 120 4.52 -3.42 -30.23
CA VAL D 120 4.22 -1.99 -30.29
C VAL D 120 2.88 -1.75 -29.61
N MET D 121 2.61 -0.47 -29.35
CA MET D 121 1.32 -0.02 -28.83
C MET D 121 0.47 0.55 -29.96
N PHE D 122 -0.81 0.76 -29.66
CA PHE D 122 -1.75 1.32 -30.62
C PHE D 122 -2.47 2.50 -29.99
N LEU D 123 -2.30 3.68 -30.56
CA LEU D 123 -2.95 4.91 -30.09
C LEU D 123 -3.89 5.39 -31.18
N PHE D 124 -5.19 5.22 -30.96
CA PHE D 124 -6.20 5.58 -31.93
C PHE D 124 -6.79 6.95 -31.60
N GLN D 125 -7.09 7.72 -32.65
CA GLN D 125 -7.71 9.04 -32.50
C GLN D 125 -8.75 9.19 -33.59
N GLY D 126 -10.01 9.33 -33.18
CA GLY D 126 -11.12 9.45 -34.12
C GLY D 126 -12.21 10.32 -33.56
N ASN D 127 -13.46 9.96 -33.86
CA ASN D 127 -14.59 10.78 -33.43
C ASN D 127 -14.95 10.52 -31.98
N ASN D 128 -14.67 9.31 -31.48
CA ASN D 128 -15.03 8.92 -30.12
C ASN D 128 -13.89 9.12 -29.13
N GLY D 129 -13.02 10.10 -29.38
CA GLY D 129 -11.93 10.39 -28.47
C GLY D 129 -10.70 9.55 -28.76
N THR D 130 -9.72 9.68 -27.86
CA THR D 130 -8.45 9.00 -27.98
C THR D 130 -8.41 7.80 -27.05
N VAL D 131 -8.06 6.64 -27.60
CA VAL D 131 -7.92 5.41 -26.83
C VAL D 131 -6.52 4.85 -27.04
N LEU D 132 -6.05 4.08 -26.06
CA LEU D 132 -4.71 3.52 -26.08
C LEU D 132 -4.78 2.04 -25.77
N TYR D 133 -4.05 1.23 -26.54
CA TYR D 133 -3.97 -0.21 -26.34
C TYR D 133 -2.51 -0.59 -26.15
N THR D 134 -2.12 -0.85 -24.90
CA THR D 134 -0.76 -1.26 -24.57
C THR D 134 -0.77 -2.77 -24.34
N GLY D 135 -0.68 -3.54 -25.42
CA GLY D 135 -0.72 -4.97 -25.33
C GLY D 135 0.63 -5.59 -24.98
N ASP D 136 0.76 -6.06 -23.75
CA ASP D 136 1.98 -6.71 -23.26
C ASP D 136 3.19 -5.80 -23.42
N PHE D 137 3.16 -4.71 -22.67
CA PHE D 137 4.23 -3.73 -22.67
C PHE D 137 5.12 -3.90 -21.44
N ARG D 138 6.19 -3.09 -21.39
CA ARG D 138 7.15 -3.14 -20.26
C ARG D 138 7.82 -1.76 -20.12
N LEU D 139 7.40 -0.99 -19.10
CA LEU D 139 7.95 0.34 -18.88
C LEU D 139 8.40 0.48 -17.43
N ALA D 140 9.60 1.01 -17.24
CA ALA D 140 10.10 1.27 -15.90
C ALA D 140 9.45 2.53 -15.33
N GLN D 141 9.61 2.72 -14.03
CA GLN D 141 9.04 3.87 -13.37
C GLN D 141 9.73 5.15 -13.82
N GLY D 142 8.93 6.13 -14.24
CA GLY D 142 9.46 7.38 -14.72
C GLY D 142 9.74 7.43 -16.20
N GLU D 143 9.28 6.45 -16.96
CA GLU D 143 9.44 6.45 -18.41
C GLU D 143 8.19 6.84 -19.16
N ALA D 144 7.02 6.83 -18.53
CA ALA D 144 5.80 7.27 -19.19
C ALA D 144 5.86 8.76 -19.52
N ALA D 145 6.63 9.53 -18.76
CA ALA D 145 6.80 10.96 -19.01
C ALA D 145 7.82 11.25 -20.10
N ARG D 146 8.30 10.23 -20.82
CA ARG D 146 9.28 10.42 -21.86
C ARG D 146 8.75 10.04 -23.24
N MET D 147 7.49 9.62 -23.35
CA MET D 147 6.91 9.27 -24.64
C MET D 147 6.44 10.55 -25.32
N GLU D 148 7.06 10.87 -26.47
CA GLU D 148 6.75 12.12 -27.15
C GLU D 148 5.32 12.12 -27.68
N LEU D 149 4.87 11.01 -28.24
CA LEU D 149 3.56 10.95 -28.89
C LEU D 149 2.41 10.88 -27.90
N LEU D 150 2.67 10.64 -26.62
CA LEU D 150 1.64 10.68 -25.59
C LEU D 150 1.54 12.03 -24.90
N HIS D 151 2.29 13.03 -25.38
CA HIS D 151 2.27 14.37 -24.83
C HIS D 151 1.84 15.36 -25.90
N SER D 152 1.03 16.34 -25.49
CA SER D 152 0.58 17.41 -26.38
C SER D 152 0.93 18.73 -25.70
N GLY D 153 2.03 19.36 -26.15
CA GLY D 153 2.47 20.61 -25.58
C GLY D 153 2.92 20.49 -24.13
N GLY D 154 3.74 19.49 -23.83
CA GLY D 154 4.29 19.32 -22.52
C GLY D 154 3.37 18.67 -21.49
N ARG D 155 2.13 18.35 -21.86
CA ARG D 155 1.19 17.71 -20.96
C ARG D 155 0.62 16.45 -21.61
N VAL D 156 0.12 15.55 -20.76
CA VAL D 156 -0.43 14.29 -21.26
C VAL D 156 -1.69 14.57 -22.05
N LYS D 157 -1.87 13.83 -23.15
CA LYS D 157 -3.04 13.99 -23.98
C LYS D 157 -4.29 13.49 -23.27
N ASP D 158 -5.45 13.96 -23.73
CA ASP D 158 -6.72 13.53 -23.17
C ASP D 158 -7.05 12.15 -23.69
N ILE D 159 -6.84 11.13 -22.85
CA ILE D 159 -7.07 9.73 -23.22
C ILE D 159 -8.39 9.30 -22.62
N GLN D 160 -9.26 8.70 -23.45
CA GLN D 160 -10.56 8.26 -23.00
C GLN D 160 -10.53 6.87 -22.37
N SER D 161 -9.79 5.93 -22.94
CA SER D 161 -9.74 4.58 -22.41
C SER D 161 -8.34 4.02 -22.62
N VAL D 162 -7.95 3.12 -21.73
CA VAL D 162 -6.64 2.47 -21.78
C VAL D 162 -6.84 0.98 -21.56
N TYR D 163 -6.53 0.18 -22.58
CA TYR D 163 -6.59 -1.28 -22.48
C TYR D 163 -5.17 -1.77 -22.20
N LEU D 164 -4.79 -1.69 -20.93
CA LEU D 164 -3.42 -1.95 -20.50
C LEU D 164 -3.22 -3.42 -20.16
N ASP D 165 -1.95 -3.82 -20.11
CA ASP D 165 -1.56 -5.18 -19.79
C ASP D 165 -1.52 -5.32 -18.27
N THR D 166 -2.32 -6.24 -17.73
CA THR D 166 -2.37 -6.45 -16.26
C THR D 166 -1.90 -7.88 -15.94
N THR D 167 -0.81 -8.31 -16.56
CA THR D 167 -0.29 -9.65 -16.30
C THR D 167 0.20 -9.78 -14.86
N PHE D 168 0.91 -8.78 -14.36
CA PHE D 168 1.45 -8.78 -13.00
C PHE D 168 0.83 -7.65 -12.18
N CYS D 169 -0.48 -7.44 -12.34
CA CYS D 169 -1.18 -6.38 -11.61
C CYS D 169 -1.72 -6.98 -10.31
N ASP D 170 -0.82 -7.16 -9.35
CA ASP D 170 -1.15 -7.71 -8.05
C ASP D 170 0.00 -7.41 -7.10
N PRO D 171 -0.27 -7.28 -5.80
CA PRO D 171 0.79 -6.94 -4.84
C PRO D 171 1.87 -8.01 -4.69
N ARG D 172 1.72 -9.18 -5.32
CA ARG D 172 2.76 -10.19 -5.24
C ARG D 172 3.99 -9.76 -6.03
N PHE D 173 3.80 -9.20 -7.22
CA PHE D 173 4.90 -8.72 -8.05
C PHE D 173 5.03 -7.21 -7.84
N TYR D 174 5.61 -6.85 -6.69
CA TYR D 174 5.70 -5.45 -6.28
C TYR D 174 6.71 -4.68 -7.12
N GLN D 175 7.98 -5.10 -7.11
CA GLN D 175 9.03 -4.42 -7.87
C GLN D 175 9.94 -5.48 -8.48
N ILE D 176 9.68 -5.81 -9.74
CA ILE D 176 10.51 -6.74 -10.49
C ILE D 176 11.77 -6.01 -10.94
N PRO D 177 12.95 -6.59 -10.76
CA PRO D 177 14.18 -5.91 -11.18
C PRO D 177 14.21 -5.66 -12.68
N SER D 178 14.96 -4.63 -13.06
CA SER D 178 15.14 -4.33 -14.47
C SER D 178 15.87 -5.48 -15.17
N ARG D 179 15.64 -5.58 -16.47
CA ARG D 179 16.25 -6.66 -17.25
C ARG D 179 17.77 -6.52 -17.36
N GLU D 180 18.31 -5.33 -17.12
CA GLU D 180 19.76 -5.16 -17.12
C GLU D 180 20.41 -5.87 -15.94
N GLU D 181 19.78 -5.85 -14.77
CA GLU D 181 20.32 -6.54 -13.61
C GLU D 181 20.33 -8.05 -13.82
N CYS D 182 19.21 -8.60 -14.30
CA CYS D 182 19.15 -10.02 -14.61
C CYS D 182 20.16 -10.38 -15.70
N LEU D 183 20.33 -9.51 -16.70
CA LEU D 183 21.31 -9.75 -17.74
C LEU D 183 22.71 -9.82 -17.16
N SER D 184 23.06 -8.88 -16.28
CA SER D 184 24.39 -8.87 -15.67
C SER D 184 24.61 -10.12 -14.83
N GLY D 185 23.59 -10.53 -14.06
CA GLY D 185 23.73 -11.74 -13.26
C GLY D 185 23.93 -12.98 -14.11
N VAL D 186 23.11 -13.15 -15.14
CA VAL D 186 23.24 -14.29 -16.03
C VAL D 186 24.58 -14.27 -16.75
N LEU D 187 25.04 -13.08 -17.14
CA LEU D 187 26.33 -12.96 -17.80
C LEU D 187 27.46 -13.39 -16.88
N GLU D 188 27.44 -12.93 -15.63
CA GLU D 188 28.47 -13.32 -14.68
C GLU D 188 28.46 -14.83 -14.45
N LEU D 189 27.26 -15.41 -14.29
CA LEU D 189 27.17 -16.84 -14.05
C LEU D 189 27.70 -17.65 -15.23
N VAL D 190 27.25 -17.31 -16.45
CA VAL D 190 27.67 -18.05 -17.62
C VAL D 190 29.16 -17.88 -17.86
N ARG D 191 29.70 -16.68 -17.60
CA ARG D 191 31.13 -16.47 -17.75
C ARG D 191 31.91 -17.35 -16.77
N SER D 192 31.57 -17.28 -15.49
CA SER D 192 32.26 -18.08 -14.49
C SER D 192 32.11 -19.57 -14.72
N TRP D 193 31.05 -20.00 -15.41
CA TRP D 193 30.89 -21.43 -15.71
C TRP D 193 31.71 -21.85 -16.93
N ILE D 194 31.49 -21.20 -18.07
CA ILE D 194 32.12 -21.63 -19.31
C ILE D 194 33.58 -21.21 -19.43
N THR D 195 34.07 -20.35 -18.53
CA THR D 195 35.47 -19.96 -18.60
C THR D 195 36.42 -21.04 -18.11
N ARG D 196 35.90 -22.15 -17.57
CA ARG D 196 36.75 -23.20 -17.03
C ARG D 196 37.27 -24.12 -18.13
N SER D 197 36.37 -24.78 -18.84
CA SER D 197 36.75 -25.73 -19.88
C SER D 197 35.87 -25.53 -21.11
N PRO D 198 36.36 -25.88 -22.30
CA PRO D 198 35.54 -25.73 -23.51
C PRO D 198 34.37 -26.70 -23.56
N TYR D 199 34.27 -27.59 -22.58
CA TYR D 199 33.20 -28.57 -22.52
C TYR D 199 32.08 -28.16 -21.56
N HIS D 200 32.20 -27.03 -20.89
CA HIS D 200 31.13 -26.53 -20.03
C HIS D 200 30.15 -25.72 -20.87
N VAL D 201 28.90 -26.19 -20.93
CA VAL D 201 27.86 -25.54 -21.71
C VAL D 201 26.79 -25.00 -20.76
N VAL D 202 26.00 -24.07 -21.26
CA VAL D 202 24.94 -23.42 -20.49
C VAL D 202 23.65 -23.47 -21.31
N TRP D 203 22.62 -24.08 -20.75
CA TRP D 203 21.32 -24.09 -21.39
C TRP D 203 20.49 -22.89 -20.92
N LEU D 204 19.60 -22.43 -21.78
CA LEU D 204 18.72 -21.30 -21.48
C LEU D 204 17.28 -21.75 -21.77
N ASN D 205 16.59 -22.21 -20.74
CA ASN D 205 15.21 -22.71 -20.88
C ASN D 205 14.29 -21.50 -21.03
N CYS D 206 14.13 -21.06 -22.28
CA CYS D 206 13.26 -19.94 -22.61
C CYS D 206 11.93 -20.48 -23.13
N LYS D 207 10.86 -20.20 -22.39
CA LYS D 207 9.55 -20.72 -22.75
C LYS D 207 8.97 -19.99 -23.95
N ALA D 208 8.97 -18.66 -23.90
CA ALA D 208 8.42 -17.87 -24.99
C ALA D 208 9.30 -17.96 -26.23
N ALA D 209 8.67 -17.84 -27.40
CA ALA D 209 9.40 -17.89 -28.65
C ALA D 209 10.21 -16.63 -28.88
N TYR D 210 9.63 -15.48 -28.57
CA TYR D 210 10.30 -14.19 -28.73
C TYR D 210 10.25 -13.41 -27.43
N GLY D 211 11.30 -12.63 -27.19
CA GLY D 211 11.39 -11.83 -25.98
C GLY D 211 12.72 -11.96 -25.28
N TYR D 212 13.45 -13.03 -25.56
CA TYR D 212 14.74 -13.28 -24.97
C TYR D 212 15.90 -12.99 -25.91
N GLU D 213 15.64 -12.33 -27.04
CA GLU D 213 16.71 -12.00 -27.98
C GLU D 213 17.70 -11.01 -27.37
N TYR D 214 17.23 -10.17 -26.44
CA TYR D 214 18.13 -9.24 -25.76
C TYR D 214 19.22 -9.98 -25.01
N LEU D 215 18.82 -10.99 -24.22
CA LEU D 215 19.79 -11.78 -23.48
C LEU D 215 20.78 -12.46 -24.43
N PHE D 216 20.28 -13.06 -25.51
CA PHE D 216 21.14 -13.76 -26.45
C PHE D 216 22.16 -12.81 -27.07
N THR D 217 21.69 -11.65 -27.56
CA THR D 217 22.59 -10.70 -28.22
C THR D 217 23.62 -10.17 -27.25
N ASN D 218 23.22 -9.83 -26.03
CA ASN D 218 24.18 -9.27 -25.08
C ASN D 218 25.17 -10.32 -24.58
N LEU D 219 24.72 -11.55 -24.37
CA LEU D 219 25.66 -12.61 -24.00
C LEU D 219 26.65 -12.88 -25.13
N SER D 220 26.18 -12.82 -26.37
CA SER D 220 27.08 -13.04 -27.50
C SER D 220 28.08 -11.90 -27.61
N GLU D 221 27.65 -10.66 -27.37
CA GLU D 221 28.56 -9.53 -27.45
C GLU D 221 29.56 -9.49 -26.30
N GLU D 222 29.18 -10.00 -25.12
CA GLU D 222 30.06 -9.97 -23.97
C GLU D 222 30.88 -11.24 -23.79
N LEU D 223 30.59 -12.30 -24.55
CA LEU D 223 31.34 -13.54 -24.44
C LEU D 223 31.92 -14.03 -25.76
N GLY D 224 31.54 -13.45 -26.89
CA GLY D 224 32.02 -13.89 -28.18
C GLY D 224 31.47 -15.21 -28.67
N VAL D 225 30.67 -15.91 -27.85
CA VAL D 225 30.08 -17.17 -28.26
C VAL D 225 28.72 -16.90 -28.87
N GLN D 226 28.29 -17.80 -29.76
CA GLN D 226 27.02 -17.66 -30.47
C GLN D 226 26.02 -18.65 -29.91
N VAL D 227 24.83 -18.16 -29.57
CA VAL D 227 23.80 -19.01 -28.99
C VAL D 227 23.19 -19.91 -30.06
N HIS D 228 22.81 -21.12 -29.66
CA HIS D 228 22.22 -22.09 -30.57
C HIS D 228 20.71 -22.07 -30.42
N VAL D 229 20.01 -22.00 -31.56
CA VAL D 229 18.55 -22.00 -31.59
C VAL D 229 18.10 -22.98 -32.66
N ASN D 230 16.82 -23.35 -32.59
CA ASN D 230 16.25 -24.28 -33.57
C ASN D 230 16.17 -23.64 -34.95
N LYS D 231 15.46 -22.52 -35.05
CA LYS D 231 15.27 -21.82 -36.32
C LYS D 231 15.77 -20.39 -36.19
N LEU D 232 16.45 -19.91 -37.22
CA LEU D 232 16.96 -18.54 -37.25
C LEU D 232 16.68 -17.85 -38.58
N ASP D 233 15.96 -18.50 -39.49
CA ASP D 233 15.63 -17.87 -40.77
C ASP D 233 14.67 -16.70 -40.59
N MET D 234 13.96 -16.67 -39.46
CA MET D 234 13.03 -15.58 -39.21
C MET D 234 13.74 -14.25 -39.02
N PHE D 235 15.02 -14.26 -38.63
CA PHE D 235 15.80 -13.05 -38.47
C PHE D 235 16.75 -12.80 -39.65
N ARG D 236 16.38 -13.27 -40.84
CA ARG D 236 17.25 -13.12 -42.00
C ARG D 236 17.40 -11.66 -42.43
N ASN D 237 16.39 -10.83 -42.16
CA ASN D 237 16.43 -9.42 -42.51
C ASN D 237 16.81 -8.54 -41.32
N MET D 238 17.26 -9.14 -40.22
CA MET D 238 17.65 -8.42 -39.01
C MET D 238 19.12 -8.77 -38.74
N PRO D 239 20.05 -8.00 -39.29
CA PRO D 239 21.48 -8.35 -39.13
C PRO D 239 21.96 -8.32 -37.69
N GLU D 240 21.48 -7.37 -36.88
CA GLU D 240 21.95 -7.24 -35.51
C GLU D 240 21.57 -8.43 -34.63
N ILE D 241 20.61 -9.26 -35.06
CA ILE D 241 20.23 -10.44 -34.32
C ILE D 241 20.72 -11.71 -34.99
N LEU D 242 20.78 -11.72 -36.32
CA LEU D 242 21.13 -12.93 -37.05
C LEU D 242 22.58 -13.33 -36.79
N HIS D 243 23.47 -12.36 -36.64
CA HIS D 243 24.89 -12.64 -36.45
C HIS D 243 25.23 -13.01 -35.01
N HIS D 244 24.22 -13.24 -34.17
CA HIS D 244 24.42 -13.73 -32.81
C HIS D 244 23.86 -15.12 -32.60
N LEU D 245 23.13 -15.68 -33.55
CA LEU D 245 22.56 -17.01 -33.45
C LEU D 245 23.23 -17.95 -34.45
N THR D 246 23.15 -19.24 -34.16
CA THR D 246 23.78 -20.25 -35.00
C THR D 246 23.00 -21.55 -34.86
N THR D 247 22.94 -22.31 -35.96
CA THR D 247 22.31 -23.61 -35.97
C THR D 247 23.27 -24.74 -35.59
N ASP D 248 24.57 -24.48 -35.57
CA ASP D 248 25.54 -25.50 -35.19
C ASP D 248 25.41 -25.82 -33.70
N ARG D 249 25.56 -27.11 -33.37
CA ARG D 249 25.45 -27.58 -32.00
C ARG D 249 26.81 -27.62 -31.29
N ASN D 250 27.88 -27.17 -31.94
CA ASN D 250 29.21 -27.18 -31.35
C ASN D 250 29.52 -25.91 -30.58
N THR D 251 28.51 -25.20 -30.09
CA THR D 251 28.68 -23.99 -29.31
C THR D 251 28.37 -24.27 -27.85
N GLN D 252 28.87 -23.39 -26.98
CA GLN D 252 28.69 -23.56 -25.54
C GLN D 252 27.30 -23.11 -25.10
N ILE D 253 26.95 -21.85 -25.37
CA ILE D 253 25.65 -21.34 -24.98
C ILE D 253 24.58 -21.91 -25.90
N HIS D 254 23.50 -22.42 -25.30
CA HIS D 254 22.41 -23.02 -26.06
C HIS D 254 21.08 -22.45 -25.56
N ALA D 255 20.13 -22.29 -26.50
CA ALA D 255 18.80 -21.84 -26.16
C ALA D 255 17.74 -22.62 -26.95
N CYS D 256 18.06 -23.84 -27.35
CA CYS D 256 17.13 -24.67 -28.10
C CYS D 256 15.96 -25.10 -27.21
N ARG D 257 14.85 -25.44 -27.85
CA ARG D 257 13.62 -25.81 -27.15
C ARG D 257 13.18 -27.19 -27.59
N HIS D 258 12.44 -27.86 -26.69
CA HIS D 258 11.88 -29.18 -26.96
C HIS D 258 10.80 -29.47 -25.92
N PRO D 259 9.70 -30.13 -26.31
CA PRO D 259 8.65 -30.43 -25.33
C PRO D 259 9.12 -31.29 -24.17
N LYS D 260 10.07 -32.20 -24.41
CA LYS D 260 10.61 -33.08 -23.39
C LYS D 260 12.07 -32.76 -23.09
N ALA D 261 12.40 -31.46 -23.08
CA ALA D 261 13.78 -31.06 -22.83
C ALA D 261 14.16 -31.24 -21.36
N GLU D 262 13.17 -31.29 -20.46
CA GLU D 262 13.47 -31.45 -19.04
C GLU D 262 14.12 -32.79 -18.76
N GLU D 263 13.51 -33.87 -19.25
CA GLU D 263 14.11 -35.20 -19.06
C GLU D 263 15.46 -35.30 -19.75
N TYR D 264 15.58 -34.68 -20.92
CA TYR D 264 16.87 -34.69 -21.63
C TYR D 264 17.96 -34.03 -20.78
N PHE D 265 17.65 -32.88 -20.19
CA PHE D 265 18.61 -32.22 -19.31
C PHE D 265 18.89 -33.06 -18.08
N GLN D 266 17.88 -33.75 -17.56
CA GLN D 266 18.10 -34.65 -16.43
C GLN D 266 19.06 -35.77 -16.79
N TRP D 267 19.02 -36.23 -18.04
CA TRP D 267 19.97 -37.21 -18.54
C TRP D 267 21.27 -36.59 -19.04
N SER D 268 21.56 -35.34 -18.66
CA SER D 268 22.75 -34.63 -19.08
C SER D 268 22.84 -34.55 -20.61
N LYS D 269 21.79 -33.98 -21.20
CA LYS D 269 21.70 -33.85 -22.65
C LYS D 269 20.91 -32.60 -22.98
N LEU D 270 21.44 -31.77 -23.88
CA LEU D 270 20.74 -30.60 -24.34
C LEU D 270 19.50 -31.00 -25.15
N PRO D 271 18.57 -30.07 -25.36
CA PRO D 271 17.43 -30.39 -26.25
C PRO D 271 17.86 -30.87 -27.62
N CYS D 272 18.93 -30.33 -28.17
CA CYS D 272 19.50 -30.88 -29.40
C CYS D 272 20.11 -32.24 -29.12
N GLY D 273 20.03 -33.14 -30.09
CA GLY D 273 20.42 -34.52 -29.91
C GLY D 273 21.84 -34.77 -29.44
N ILE D 274 22.69 -33.76 -29.52
CA ILE D 274 24.08 -33.92 -29.10
C ILE D 274 24.15 -33.97 -27.57
N THR D 275 24.92 -34.92 -27.05
CA THR D 275 25.17 -35.04 -25.62
C THR D 275 26.63 -34.91 -25.24
N SER D 276 27.56 -35.09 -26.18
CA SER D 276 28.98 -34.97 -25.90
C SER D 276 29.71 -34.77 -27.22
N ARG D 277 30.81 -34.02 -27.15
CA ARG D 277 31.66 -33.76 -28.30
C ARG D 277 32.99 -34.49 -28.13
N ASN D 278 33.44 -35.15 -29.20
CA ASN D 278 34.68 -35.92 -29.21
C ASN D 278 34.69 -37.00 -28.12
N ARG D 279 33.52 -37.52 -27.77
CA ARG D 279 33.34 -38.54 -26.75
C ARG D 279 33.74 -38.09 -25.36
N ILE D 280 33.85 -36.78 -25.14
CA ILE D 280 34.11 -36.23 -23.82
C ILE D 280 32.79 -35.70 -23.26
N PRO D 281 32.35 -36.12 -22.08
CA PRO D 281 31.04 -35.70 -21.57
C PRO D 281 30.99 -34.21 -21.31
N LEU D 282 29.78 -33.66 -21.43
CA LEU D 282 29.52 -32.25 -21.24
C LEU D 282 28.92 -32.00 -19.86
N HIS D 283 29.33 -30.89 -19.24
CA HIS D 283 28.81 -30.47 -17.94
C HIS D 283 27.81 -29.35 -18.18
N ILE D 284 26.54 -29.64 -17.94
CA ILE D 284 25.45 -28.74 -18.30
C ILE D 284 24.84 -28.13 -17.04
N ILE D 285 24.54 -26.83 -17.14
CA ILE D 285 23.76 -26.13 -16.13
C ILE D 285 22.60 -25.45 -16.85
N SER D 286 21.45 -25.41 -16.19
CA SER D 286 20.22 -24.87 -16.76
C SER D 286 19.85 -23.57 -16.07
N ILE D 287 19.63 -22.53 -16.86
CA ILE D 287 19.16 -21.24 -16.38
C ILE D 287 17.81 -20.97 -17.01
N LYS D 288 16.76 -20.89 -16.18
CA LYS D 288 15.42 -20.67 -16.68
C LYS D 288 14.94 -19.28 -16.33
N PRO D 289 14.97 -18.33 -17.26
CA PRO D 289 14.45 -16.99 -16.97
C PRO D 289 12.93 -16.97 -16.93
N SER D 290 12.36 -16.62 -15.78
CA SER D 290 10.92 -16.60 -15.59
C SER D 290 10.61 -15.61 -14.47
N THR D 291 9.33 -15.35 -14.28
CA THR D 291 8.89 -14.38 -13.28
C THR D 291 7.85 -14.93 -12.32
N MET D 292 6.99 -15.85 -12.77
CA MET D 292 5.94 -16.36 -11.90
C MET D 292 6.51 -17.13 -10.70
N TRP D 293 7.68 -17.73 -10.86
CA TRP D 293 8.28 -18.46 -9.76
C TRP D 293 8.71 -17.53 -8.64
N PHE D 294 9.23 -16.35 -9.00
CA PHE D 294 9.66 -15.39 -8.00
C PHE D 294 8.48 -14.75 -7.27
N GLY D 295 7.31 -14.70 -7.89
CA GLY D 295 6.14 -14.14 -7.27
C GLY D 295 5.49 -15.01 -6.22
N GLU D 296 6.10 -16.14 -5.88
CA GLU D 296 5.56 -17.04 -4.86
C GLU D 296 6.52 -17.23 -3.70
N ARG D 297 7.65 -16.51 -3.69
CA ARG D 297 8.61 -16.64 -2.60
C ARG D 297 8.05 -16.07 -1.31
N SER D 298 8.53 -16.60 -0.19
CA SER D 298 8.06 -16.21 1.13
C SER D 298 9.08 -15.40 1.92
N ARG D 299 10.27 -15.17 1.38
CA ARG D 299 11.31 -14.43 2.07
C ARG D 299 12.14 -13.67 1.05
N LYS D 300 13.20 -13.03 1.53
CA LYS D 300 14.09 -12.26 0.67
C LYS D 300 14.81 -13.18 -0.30
N THR D 301 14.66 -12.92 -1.59
CA THR D 301 15.30 -13.70 -2.64
C THR D 301 16.19 -12.81 -3.48
N ASN D 302 16.97 -13.43 -4.35
CA ASN D 302 17.93 -12.76 -5.21
C ASN D 302 17.50 -12.92 -6.67
N VAL D 303 18.15 -12.16 -7.56
CA VAL D 303 17.83 -12.25 -8.98
C VAL D 303 18.25 -13.60 -9.53
N ILE D 304 19.44 -14.07 -9.16
CA ILE D 304 19.96 -15.36 -9.61
C ILE D 304 19.93 -16.30 -8.41
N VAL D 305 18.99 -17.24 -8.41
CA VAL D 305 18.88 -18.22 -7.34
C VAL D 305 19.35 -19.57 -7.86
N ARG D 306 19.74 -20.43 -6.94
CA ARG D 306 20.26 -21.76 -7.25
C ARG D 306 19.31 -22.80 -6.66
N THR D 307 18.54 -23.46 -7.53
CA THR D 307 17.57 -24.46 -7.13
C THR D 307 18.10 -25.88 -7.27
N GLY D 308 19.38 -26.05 -7.52
CA GLY D 308 19.96 -27.38 -7.68
C GLY D 308 21.43 -27.28 -7.96
N GLU D 309 22.07 -28.45 -8.01
CA GLU D 309 23.51 -28.49 -8.25
C GLU D 309 23.86 -28.01 -9.65
N SER D 310 22.94 -28.14 -10.60
CA SER D 310 23.15 -27.67 -11.97
C SER D 310 21.89 -27.00 -12.49
N SER D 311 21.23 -26.22 -11.63
CA SER D 311 19.99 -25.56 -12.00
C SER D 311 19.96 -24.17 -11.39
N TYR D 312 19.52 -23.19 -12.19
CA TYR D 312 19.42 -21.81 -11.74
C TYR D 312 18.14 -21.21 -12.32
N ARG D 313 17.69 -20.12 -11.70
CA ARG D 313 16.53 -19.38 -12.15
C ARG D 313 16.85 -17.89 -12.16
N ALA D 314 16.37 -17.20 -13.18
CA ALA D 314 16.64 -15.78 -13.37
C ALA D 314 15.32 -15.02 -13.46
N CYS D 315 15.28 -13.84 -12.86
CA CYS D 315 14.09 -12.99 -12.86
C CYS D 315 14.15 -12.09 -14.09
N PHE D 316 13.62 -12.58 -15.20
CA PHE D 316 13.63 -11.85 -16.47
C PHE D 316 12.17 -11.72 -16.93
N SER D 317 11.59 -10.54 -16.75
CA SER D 317 10.19 -10.28 -17.09
C SER D 317 10.13 -9.28 -18.23
N PHE D 318 9.32 -9.60 -19.24
CA PHE D 318 8.99 -8.66 -20.30
C PHE D 318 7.64 -7.99 -20.06
N HIS D 319 7.15 -8.03 -18.82
CA HIS D 319 5.90 -7.39 -18.43
C HIS D 319 6.18 -6.41 -17.29
N SER D 320 5.42 -5.33 -17.28
CA SER D 320 5.56 -4.32 -16.23
C SER D 320 4.98 -4.84 -14.92
N SER D 321 5.68 -4.53 -13.83
CA SER D 321 5.28 -5.00 -12.51
C SER D 321 4.11 -4.17 -11.99
N TYR D 322 3.67 -4.47 -10.77
CA TYR D 322 2.54 -3.78 -10.17
C TYR D 322 2.83 -2.31 -9.94
N SER D 323 4.01 -1.99 -9.41
CA SER D 323 4.37 -0.59 -9.17
C SER D 323 4.51 0.17 -10.49
N GLU D 324 5.11 -0.46 -11.50
CA GLU D 324 5.25 0.19 -12.80
C GLU D 324 3.90 0.40 -13.47
N ILE D 325 2.99 -0.57 -13.35
CA ILE D 325 1.65 -0.42 -13.90
C ILE D 325 0.92 0.73 -13.21
N LYS D 326 1.03 0.80 -11.88
CA LYS D 326 0.39 1.87 -11.15
C LYS D 326 0.95 3.23 -11.55
N ASP D 327 2.27 3.34 -11.69
CA ASP D 327 2.89 4.60 -12.09
C ASP D 327 2.43 5.01 -13.48
N PHE D 328 2.42 4.06 -14.41
CA PHE D 328 2.00 4.35 -15.78
C PHE D 328 0.55 4.83 -15.83
N LEU D 329 -0.34 4.11 -15.14
CA LEU D 329 -1.75 4.46 -15.18
C LEU D 329 -2.03 5.76 -14.44
N SER D 330 -1.26 6.06 -13.40
CA SER D 330 -1.44 7.31 -12.69
C SER D 330 -0.91 8.49 -13.48
N TYR D 331 0.14 8.27 -14.27
CA TYR D 331 0.65 9.34 -15.12
C TYR D 331 -0.26 9.60 -16.31
N LEU D 332 -0.81 8.55 -16.92
CA LEU D 332 -1.75 8.76 -18.01
C LEU D 332 -3.03 9.43 -17.53
N CYS D 333 -3.55 8.97 -16.39
CA CYS D 333 -4.80 9.47 -15.80
C CYS D 333 -5.93 9.44 -16.81
N PRO D 334 -6.36 8.26 -17.25
CA PRO D 334 -7.43 8.18 -18.25
C PRO D 334 -8.81 8.11 -17.60
N VAL D 335 -9.83 8.31 -18.43
CA VAL D 335 -11.21 8.24 -17.94
C VAL D 335 -11.54 6.82 -17.52
N ASN D 336 -11.20 5.84 -18.34
CA ASN D 336 -11.45 4.43 -18.07
C ASN D 336 -10.14 3.64 -18.23
N ALA D 337 -10.17 2.40 -17.75
CA ALA D 337 -9.02 1.50 -17.88
C ALA D 337 -9.53 0.08 -17.76
N TYR D 338 -9.25 -0.74 -18.78
CA TYR D 338 -9.73 -2.11 -18.81
C TYR D 338 -8.56 -3.08 -18.80
N PRO D 339 -8.57 -4.07 -17.92
CA PRO D 339 -7.48 -5.06 -17.89
C PRO D 339 -7.56 -6.04 -19.05
N ASN D 340 -6.45 -6.20 -19.77
CA ASN D 340 -6.45 -7.11 -20.91
C ASN D 340 -6.39 -8.57 -20.45
N VAL D 341 -5.64 -8.84 -19.38
CA VAL D 341 -5.48 -10.19 -18.87
C VAL D 341 -5.59 -10.17 -17.35
N ILE D 342 -6.22 -11.19 -16.80
CA ILE D 342 -6.41 -11.35 -15.36
C ILE D 342 -5.31 -12.26 -14.84
N PRO D 343 -4.62 -11.89 -13.74
CA PRO D 343 -3.59 -12.78 -13.20
C PRO D 343 -4.16 -14.13 -12.77
N VAL D 344 -3.26 -15.10 -12.60
CA VAL D 344 -3.68 -16.45 -12.24
C VAL D 344 -4.30 -16.46 -10.84
N GLY D 345 -3.65 -15.83 -9.87
CA GLY D 345 -4.17 -15.77 -8.52
C GLY D 345 -5.30 -14.77 -8.38
N THR D 346 -5.08 -13.56 -8.86
CA THR D 346 -6.07 -12.50 -8.74
C THR D 346 -7.28 -12.81 -9.63
N THR D 347 -8.37 -12.09 -9.37
CA THR D 347 -9.61 -12.21 -10.13
C THR D 347 -9.92 -10.89 -10.81
N MET D 348 -11.08 -10.83 -11.47
CA MET D 348 -11.46 -9.63 -12.20
C MET D 348 -11.77 -8.47 -11.26
N ASP D 349 -12.53 -8.74 -10.19
CA ASP D 349 -12.99 -7.68 -9.31
C ASP D 349 -11.84 -6.99 -8.60
N LYS D 350 -10.84 -7.76 -8.15
CA LYS D 350 -9.71 -7.16 -7.47
C LYS D 350 -8.87 -6.30 -8.40
N VAL D 351 -8.64 -6.76 -9.63
CA VAL D 351 -7.90 -5.95 -10.60
C VAL D 351 -8.68 -4.68 -10.92
N VAL D 352 -10.00 -4.79 -11.02
CA VAL D 352 -10.81 -3.62 -11.33
C VAL D 352 -10.75 -2.61 -10.21
N GLU D 353 -10.87 -3.06 -8.95
CA GLU D 353 -10.81 -2.14 -7.82
C GLU D 353 -9.40 -1.66 -7.53
N ILE D 354 -8.37 -2.30 -8.10
CA ILE D 354 -7.03 -1.74 -8.05
C ILE D 354 -6.86 -0.64 -9.09
N LEU D 355 -7.38 -0.87 -10.30
CA LEU D 355 -7.17 0.08 -11.38
C LEU D 355 -8.08 1.30 -11.25
N LYS D 356 -9.22 1.15 -10.57
CA LYS D 356 -10.19 2.25 -10.51
C LYS D 356 -9.67 3.49 -9.79
N PRO D 357 -8.98 3.41 -8.64
CA PRO D 357 -8.48 4.65 -8.02
C PRO D 357 -7.47 5.41 -8.86
N LEU D 358 -6.92 4.78 -9.90
CA LEU D 358 -5.94 5.46 -10.76
C LEU D 358 -6.60 6.16 -11.94
N CYS D 359 -7.81 5.75 -12.31
CA CYS D 359 -8.49 6.38 -13.44
C CYS D 359 -8.92 7.80 -13.10
N ARG D 360 -9.15 8.60 -14.13
CA ARG D 360 -9.63 9.96 -13.94
C ARG D 360 -11.14 9.96 -13.70
N SER D 361 -11.55 9.55 -12.50
CA SER D 361 -12.96 9.53 -12.10
C SER D 361 -13.21 10.51 -10.96
N SER D 362 -12.50 11.63 -10.97
CA SER D 362 -12.61 12.63 -9.90
C SER D 362 -13.80 13.54 -10.16
N GLN D 363 -14.98 12.93 -10.19
CA GLN D 363 -16.23 13.66 -10.36
C GLN D 363 -17.28 13.03 -9.46
N SER D 364 -17.61 13.72 -8.38
CA SER D 364 -18.65 13.28 -7.45
C SER D 364 -19.86 14.20 -7.58
N THR D 365 -20.97 13.78 -6.96
CA THR D 365 -22.20 14.54 -7.03
C THR D 365 -23.05 14.22 -5.82
N GLU D 366 -23.76 15.24 -5.31
CA GLU D 366 -24.65 15.05 -4.20
C GLU D 366 -25.84 14.18 -4.62
N PRO D 367 -26.40 13.40 -3.70
CA PRO D 367 -27.54 12.54 -4.05
C PRO D 367 -28.75 13.37 -4.46
N LYS D 368 -29.56 12.79 -5.34
CA LYS D 368 -30.74 13.47 -5.83
C LYS D 368 -31.73 13.74 -4.71
N TYR D 369 -32.34 14.92 -4.72
CA TYR D 369 -33.28 15.32 -3.69
C TYR D 369 -34.51 14.43 -3.70
N LYS D 370 -34.69 13.65 -2.64
CA LYS D 370 -35.88 12.80 -2.51
C LYS D 370 -37.03 13.64 -1.98
N PRO D 371 -38.09 13.86 -2.74
CA PRO D 371 -39.17 14.74 -2.29
C PRO D 371 -39.97 14.10 -1.16
N LEU D 372 -40.63 14.96 -0.39
CA LEU D 372 -41.52 14.53 0.69
C LEU D 372 -42.88 15.20 0.50
N GLY D 373 -43.84 14.46 -0.01
CA GLY D 373 -45.18 14.96 -0.20
C GLY D 373 -46.20 13.92 0.22
N LYS D 374 -47.43 14.40 0.47
CA LYS D 374 -48.52 13.55 0.95
C LYS D 374 -48.12 12.85 2.25
N LEU D 375 -47.96 13.67 3.28
CA LEU D 375 -47.52 13.20 4.59
C LEU D 375 -48.32 11.98 5.03
N LYS D 376 -47.66 11.12 5.81
CA LYS D 376 -48.17 9.79 6.11
C LYS D 376 -49.30 9.78 7.14
N ARG D 377 -49.86 10.95 7.46
CA ARG D 377 -51.00 11.03 8.37
C ARG D 377 -52.01 12.02 7.81
N ALA D 378 -53.22 11.54 7.55
CA ALA D 378 -54.24 12.39 6.94
C ALA D 378 -55.04 13.16 7.99
N ARG D 379 -55.67 12.44 8.92
CA ARG D 379 -56.50 13.03 9.94
C ARG D 379 -55.69 13.33 11.18
N THR D 380 -56.04 14.42 11.86
CA THR D 380 -55.37 14.81 13.09
C THR D 380 -55.80 13.92 14.25
N VAL D 381 -55.05 12.84 14.48
CA VAL D 381 -55.38 11.88 15.53
C VAL D 381 -55.06 12.48 16.88
N HIS D 382 -54.28 13.56 16.89
CA HIS D 382 -53.86 14.22 18.13
C HIS D 382 -54.76 15.40 18.47
N ARG D 383 -56.03 15.32 18.13
CA ARG D 383 -56.98 16.39 18.40
C ARG D 383 -57.65 16.17 19.75
N ASP D 384 -57.91 17.28 20.45
CA ASP D 384 -58.49 17.23 21.78
C ASP D 384 -60.01 17.42 21.71
N SER D 385 -60.68 17.08 22.81
CA SER D 385 -62.13 17.21 22.91
C SER D 385 -62.57 18.55 23.46
N GLU D 386 -61.65 19.34 24.02
CA GLU D 386 -61.89 20.72 24.43
C GLU D 386 -62.99 20.81 25.50
N GLU D 387 -62.69 20.22 26.64
CA GLU D 387 -63.48 20.41 27.86
C GLU D 387 -62.58 20.96 28.96
N GLU D 388 -62.92 22.16 29.43
CA GLU D 388 -62.10 22.85 30.43
C GLU D 388 -62.99 23.46 31.49
N ASP D 389 -62.36 24.00 32.53
CA ASP D 389 -63.05 24.75 33.57
C ASP D 389 -63.09 26.25 33.30
N ASP D 390 -62.06 26.78 32.63
CA ASP D 390 -61.97 28.16 32.15
C ASP D 390 -61.89 29.19 33.25
N TYR D 391 -61.85 28.79 34.53
N TYR D 391 -61.84 28.78 34.53
CA TYR D 391 -61.75 29.73 35.63
CA TYR D 391 -61.77 29.71 35.65
C TYR D 391 -60.45 29.67 36.41
C TYR D 391 -60.45 29.66 36.40
N LEU D 392 -59.77 28.51 36.42
CA LEU D 392 -58.48 28.42 37.10
C LEU D 392 -57.39 29.14 36.32
N PHE D 393 -57.55 29.28 35.01
CA PHE D 393 -56.54 29.88 34.15
C PHE D 393 -57.01 31.24 33.66
N ASP D 394 -56.05 32.07 33.26
CA ASP D 394 -56.37 33.40 32.78
C ASP D 394 -57.07 33.34 31.42
N ASP D 395 -57.58 34.49 30.99
CA ASP D 395 -58.31 34.63 29.75
C ASP D 395 -57.44 34.23 28.56
N PRO D 396 -58.01 33.65 27.51
CA PRO D 396 -57.21 33.27 26.35
C PRO D 396 -56.76 34.48 25.55
N LEU D 397 -55.63 34.31 24.86
CA LEU D 397 -55.08 35.40 24.06
C LEU D 397 -55.93 35.58 22.80
N PRO D 398 -56.40 36.79 22.51
CA PRO D 398 -57.21 37.00 21.32
C PRO D 398 -56.40 36.81 20.05
N ILE D 399 -57.06 36.33 19.00
CA ILE D 399 -56.44 36.09 17.71
C ILE D 399 -56.00 37.43 17.12
N PRO D 400 -54.77 37.56 16.62
CA PRO D 400 -54.33 38.82 16.02
C PRO D 400 -54.95 39.05 14.65
N LEU D 401 -54.94 40.33 14.26
CA LEU D 401 -55.45 40.75 12.96
C LEU D 401 -54.38 41.59 12.26
N ARG D 402 -54.09 41.24 11.01
CA ARG D 402 -53.11 41.96 10.20
C ARG D 402 -53.75 42.34 8.88
N HIS D 403 -53.84 43.64 8.62
CA HIS D 403 -54.48 44.16 7.41
C HIS D 403 -53.47 44.69 6.40
N LYS D 404 -52.18 44.58 6.67
CA LYS D 404 -51.17 45.04 5.73
C LYS D 404 -51.16 44.17 4.49
N VAL D 405 -51.27 44.81 3.32
CA VAL D 405 -51.28 44.09 2.05
C VAL D 405 -50.20 44.68 1.15
N PRO D 406 -48.99 44.11 1.14
CA PRO D 406 -47.89 44.56 0.28
C PRO D 406 -47.91 43.89 -1.10
#